data_8TKF
#
_entry.id   8TKF
#
_cell.length_a   1.00
_cell.length_b   1.00
_cell.length_c   1.00
_cell.angle_alpha   90.00
_cell.angle_beta   90.00
_cell.angle_gamma   90.00
#
_symmetry.space_group_name_H-M   'P 1'
#
loop_
_entity.id
_entity.type
_entity.pdbx_description
1 polymer 'Inositol 1,4,5-trisphosphate receptor type 3'
2 non-polymer 'ZINC ION'
3 non-polymer D-MYO-INOSITOL-1,4,5-TRIPHOSPHATE
4 non-polymer 'CALCIUM ION'
5 non-polymer "ADENOSINE-5'-TRIPHOSPHATE"
6 non-polymer 1,2-DIOLEOYL-SN-GLYCERO-3-PHOSPHOCHOLINE
7 non-polymer '[(2R)-1-octadecanoyloxy-3-[oxidanyl-[(1R,2R,3S,4R,5R,6S)-2,3,6-tris(oxidanyl)-4,5-diphosphonooxy-cyclohexyl]oxy-phospho ryl]oxy-propan-2-yl] (8Z)-icosa-5,8,11,14-tetraenoate'
#
_entity_poly.entity_id   1
_entity_poly.type   'polypeptide(L)'
_entity_poly.pdbx_seq_one_letter_code
;MSEMSSFLHIGDIVSLYAEGSVNGFISTLGLVDDRCVVEPAAGDLDNPPKKFRDCLFKVCPMNRYSAQKQYWKAKQTKQD
KEKIADVVLLQKLQHAAQMEQKQNDTENKKVHGDVVKYGSVIQLLHMKSNKYLTVNKRLPALLEKNAMRVTLDATGNEGS
WLFIQPFWKLRSNGDNVVVGDKVILNPVNAGQPLHASNYELSDNAGCKEVNSVNCNTSWKINLFMQFRDHLEEVLKGGDV
VRLFHAEQEKFLTCDEYKGKLQVFLRTTLRQSATSATSSNALWEVEVVHHDPCRGGAGHWNGLYRFKHLATGNYLAAEEN
PSYKGDASDPKAAGMGAQGRTGRRNAGEKIKYCLVAVPHGNDIASLFELDPTTLQKTDSFVPRNSYVRLRHLCTNTWIQS
TNVPIDIEEERPIRLMLGTCPTKEDKEAFAIVSVPVSEIRDLDFANDASSMLASAVEKLNEGFISQNDRRFVIQLLEDLV
FFVSDVPNNGQNVLDIMVTKPNRERQKLMREQNILKQVFGILKAPFREKGGEGPLVRLEELSDQKNAPYQHMFRLCYRVL
RHSQEDYRKNQEHIAKQFGMMQSQIGYDILAEDTITALLHNNRKLLEKHITKTEVETFVSLVRKNREPRFLDYLSDLCVS
NHIAIPVTQELICKCVLDPKNSDILIRTELRPVKEMAQSHEYLSIEYSEEEVWLTWTDKNNEHHEKSVRQLAQEARAGNA
HDENVLSYYRYQLKLFARMCLDRQYLAIDEISQQLGVDLIFLCMADEMLPFDLRASFCHLMLHVHVDRDPQELVTPVKFA
RLWTEIPTAITIKDYDSNLNASRDDKKNKFANTMEFVEDYLNNVVSEAVPFANEEKNKLTFEVVSLAHNLIYFGFYSFSE
LLRLTRTLLGIIDCVQGPPAMLQAYEDPGGKNVRRSIQGVGHMMSTMVLSRKQSVFSAPSLSAGASAAEPLDRSKFEENE
DIVVMETKLKILEILQFILNVRLDYRISYLLSVFKKEFVEVFPMQDSGADGTAPAFDSTTANMNLDRIGEQAEAMFGVGK
TSSMLEVDDEGGRMFLRVLIHLTMHDYAPLVSGALQLLFKHFSQRQEAMHTFKQVQLLISAQDVENYKVIKSELDRLRTM
VEKSELWVDKKGSGKGEEVEAGAAKDKKERPTDEEGFLHPPGEKSSENYQIVKGILERLNKMCGVGEQMRKKQQRLLKNM
DAHKVMLDLLQIPYDKGDAKMMEILRYTHQFLQKFCAGNPGNQALLHKHLHLFLTPGLLEAETMQHIFLNNYQLCSEISE
PVLQHFVHLLATHGRHVQYLDFLHTVIKAEGKYVKKCQDMIMTELTNAGDDVVVFYNDKASLAHLLDMMKAARDGVEDHS
PLMYHISLVDLLAACAEGKNVYTEIKCTSLLPLEDVVSVVTHEDCITEVKMAYVNFVNHCYVDTEVEMKEIYTSNHIWTL
FENFTLDMARVCSKREKRVADPTLEKYVLSVVLDTINAFFSSPFSENSTSLQTHQTIVVQLLQSTTRLLECPWLQQQHKG
SVEACIRTLAMVAKGRAILLPMDLDAHISSMLSSGASCAAAAQRNASSYKATTRAFPRVTPTANQWDYKNIIEKLQDIIT
ALEERLKPLVQAELSVLVDVLHWPELLFLEGSEAYQRCESGGFLSKLIQHTKDLMESEEKLCIKVLRTLQQMLLKKTKYG
DRGNQLRKMLLQNYLQNRKSTSRGDLPDPIGTGLDPDWSAIAATQCRLDKEGATKLVCDLITSTKNEKIFQESIGLAIHL
LDGGNTEIQKSFHNLMMSDKKSERFFKVLHDRMKRAQQETKSTVAVNMNDLGSQPHEDREPVDPTTKGRVASFSIPGSSS
RYSLGPSLRRGHEVSERVQSSEMGTSVLIMQPILRFLQLLCENHNRDLQNFLRCQNNKTNYNLVCETLQFLDIMCGSTTG
GLGLLGLYINEDNVGLVIQTLETLTEYCQGPCHENQTCIVTHESNGIDIITALILNDISPLCKYRMDLVLQLKDNASKLL
LALMESRHDSENAERILISLRPQELVDVIKKAYLQEEERENSEVSPREVGHNIYILALQLSRHNKQLQHLLKPVKRIQEE
EAEGISSMLSLNNKQLSQMLKSSAPAQEEEEDPLAYYENHTSQIEIVRQDRSMEQIVFPVPGICQFLTEETKHRLFTTTE
QDEQGSKVSDFFDQSSFLHNEMEWQRKLRSMPLIYWFSRRMTLWGSISFNLAVFINIIIAFFYPYMEGASTGVLDSPLIS
LLFWILICFSIAALFTKRYSIRPLIVALILRSIYYLGIGPTLNILGALNLTNKIVFVVSFVGNRGTFIRGYKAMVMDMEF
LYHVGYILTSVLGLFAHELFYSILLFDLIYREETLFNVIKSVTRNGRSILLTALLALILVYLFSIVGFLFLKDDFILEVD
RLPNNHSTASPLGMPHGAAAFVDTCSGDKMDCVSGLSVPEVLEEDRELDSTERACDTLLMCIVTVMNHGLRNGGGVGDIL
RKPSKDESLFPARVVYDLLFFFIVIIIVLNLIFGVIIDTFADLRSEKQKKEEILKTTCFICGLERDKFDNKTVSFEEHIK
LEHNMWNYLYFIVLVRVKNKTDYTGPESYVAQMIKNKNLDWFPRMRAMSLVSNEGEGEQNEIRILQDKLNSTMKLVSHLT
AQLNELKEQMTEQRKRRQRLGFVDVQNCISR
;
_entity_poly.pdbx_strand_id   A,B,C,D
#
loop_
_chem_comp.id
_chem_comp.type
_chem_comp.name
_chem_comp.formula
ATP non-polymer ADENOSINE-5'-TRIPHOSPHATE 'C10 H16 N5 O13 P3'
CA non-polymer 'CALCIUM ION' 'Ca 2'
I3P non-polymer D-MYO-INOSITOL-1,4,5-TRIPHOSPHATE 'C6 H15 O15 P3'
PCW non-polymer 1,2-DIOLEOYL-SN-GLYCERO-3-PHOSPHOCHOLINE 'C44 H85 N O8 P 1'
PT5 non-polymer '[(2R)-1-octadecanoyloxy-3-[oxidanyl-[(1R,2R,3S,4R,5R,6S)-2,3,6-tris(oxidanyl)-4,5-diphosphonooxy-cyclohexyl]oxy-phospho ryl]oxy-propan-2-yl] (8Z)-icosa-5,8,11,14-tetraenoate' 'C47 H85 O19 P3'
ZN non-polymer 'ZINC ION' 'Zn 2'
#
# COMPACT_ATOMS: atom_id res chain seq x y z
N SER A 5 -2.44 38.02 16.73
CA SER A 5 -3.56 38.24 15.82
C SER A 5 -4.37 36.95 15.64
N SER A 6 -5.68 37.04 15.85
CA SER A 6 -6.55 35.89 15.72
C SER A 6 -7.95 36.36 15.35
N PHE A 7 -8.74 35.44 14.81
CA PHE A 7 -10.11 35.73 14.42
C PHE A 7 -11.05 35.52 15.61
N LEU A 8 -12.27 36.04 15.46
CA LEU A 8 -13.30 35.91 16.49
C LEU A 8 -14.13 34.66 16.17
N HIS A 9 -14.21 33.75 17.14
CA HIS A 9 -14.92 32.49 16.98
C HIS A 9 -16.13 32.46 17.90
N ILE A 10 -17.19 31.80 17.44
CA ILE A 10 -18.38 31.63 18.25
C ILE A 10 -18.03 30.79 19.47
N GLY A 11 -18.50 31.22 20.64
CA GLY A 11 -18.19 30.56 21.89
C GLY A 11 -17.08 31.21 22.68
N ASP A 12 -16.32 32.14 22.08
CA ASP A 12 -15.27 32.82 22.80
C ASP A 12 -15.84 33.79 23.82
N ILE A 13 -15.14 33.93 24.93
CA ILE A 13 -15.49 34.89 25.98
C ILE A 13 -14.71 36.16 25.71
N VAL A 14 -15.42 37.26 25.50
CA VAL A 14 -14.81 38.53 25.10
C VAL A 14 -15.35 39.65 25.99
N SER A 15 -14.64 40.77 25.97
CA SER A 15 -15.03 41.97 26.67
C SER A 15 -15.19 43.10 25.66
N LEU A 16 -16.15 43.98 25.93
CA LEU A 16 -16.44 45.12 25.05
C LEU A 16 -16.00 46.40 25.74
N TYR A 17 -15.14 47.16 25.08
CA TYR A 17 -14.65 48.44 25.60
C TYR A 17 -15.22 49.56 24.73
N ALA A 18 -16.10 50.36 25.32
CA ALA A 18 -16.69 51.48 24.58
C ALA A 18 -15.67 52.58 24.40
N GLU A 19 -15.57 53.10 23.17
CA GLU A 19 -14.72 54.26 22.86
C GLU A 19 -15.59 55.26 22.10
N GLY A 20 -16.29 56.11 22.84
CA GLY A 20 -17.12 57.14 22.26
C GLY A 20 -17.14 58.38 23.12
N SER A 21 -18.35 58.89 23.42
CA SER A 21 -18.46 60.02 24.33
C SER A 21 -17.89 59.68 25.70
N VAL A 22 -18.16 58.48 26.18
CA VAL A 22 -17.62 57.99 27.45
C VAL A 22 -16.90 56.68 27.18
N ASN A 23 -15.69 56.56 27.73
CA ASN A 23 -14.84 55.40 27.51
C ASN A 23 -14.88 54.49 28.72
N GLY A 24 -15.18 53.21 28.50
CA GLY A 24 -15.21 52.25 29.59
C GLY A 24 -15.80 50.94 29.12
N PHE A 25 -15.68 49.94 29.99
CA PHE A 25 -16.22 48.62 29.72
C PHE A 25 -17.71 48.59 30.02
N ILE A 26 -18.35 47.52 29.55
CA ILE A 26 -19.77 47.28 29.82
C ILE A 26 -19.87 46.49 31.12
N SER A 27 -20.63 47.03 32.08
CA SER A 27 -20.80 46.40 33.37
C SER A 27 -22.28 46.33 33.71
N THR A 28 -22.62 45.47 34.66
CA THR A 28 -23.99 45.27 35.10
C THR A 28 -24.06 45.45 36.60
N LEU A 29 -25.09 46.15 37.06
CA LEU A 29 -25.27 46.38 38.48
C LEU A 29 -25.56 45.05 39.18
N GLY A 30 -25.07 44.93 40.42
CA GLY A 30 -25.22 43.71 41.17
C GLY A 30 -26.67 43.35 41.44
N LEU A 31 -26.89 42.32 42.25
CA LEU A 31 -28.23 41.89 42.61
C LEU A 31 -28.98 41.39 41.37
N VAL A 32 -30.29 41.59 41.33
CA VAL A 32 -31.11 41.14 40.22
C VAL A 32 -31.38 42.29 39.23
N ASP A 33 -30.61 43.37 39.33
CA ASP A 33 -30.79 44.49 38.41
C ASP A 33 -30.45 44.06 36.99
N ASP A 34 -31.25 44.53 36.04
CA ASP A 34 -31.11 44.18 34.63
C ASP A 34 -30.74 45.40 33.78
N ARG A 35 -29.86 46.25 34.31
CA ARG A 35 -29.41 47.45 33.62
C ARG A 35 -27.94 47.34 33.30
N CYS A 36 -27.57 47.65 32.06
CA CYS A 36 -26.20 47.65 31.61
C CYS A 36 -25.64 49.07 31.67
N VAL A 37 -24.49 49.23 32.30
CA VAL A 37 -23.89 50.54 32.53
C VAL A 37 -22.41 50.49 32.16
N VAL A 38 -21.83 51.67 31.96
CA VAL A 38 -20.41 51.83 31.69
C VAL A 38 -19.83 52.72 32.77
N GLU A 39 -18.71 52.28 33.37
CA GLU A 39 -18.07 53.01 34.46
C GLU A 39 -16.68 53.44 34.00
N PRO A 40 -16.50 54.66 33.49
CA PRO A 40 -15.18 55.06 33.00
C PRO A 40 -14.10 55.06 34.08
N ALA A 41 -14.45 55.38 35.32
CA ALA A 41 -13.47 55.47 36.39
C ALA A 41 -13.06 54.10 36.93
N ALA A 42 -13.79 53.03 36.60
CA ALA A 42 -13.44 51.71 37.10
C ALA A 42 -12.08 51.27 36.61
N GLY A 43 -11.78 51.50 35.33
CA GLY A 43 -10.51 51.10 34.78
C GLY A 43 -10.47 51.35 33.28
N ASP A 44 -9.34 50.95 32.69
CA ASP A 44 -9.13 51.10 31.26
C ASP A 44 -8.47 49.84 30.69
N LEU A 45 -8.08 49.89 29.41
CA LEU A 45 -7.46 48.73 28.80
C LEU A 45 -6.15 48.37 29.48
N ASP A 46 -5.33 49.37 29.80
CA ASP A 46 -4.06 49.12 30.47
C ASP A 46 -4.26 48.72 31.92
N ASN A 47 -5.30 49.24 32.58
CA ASN A 47 -5.58 48.97 33.98
C ASN A 47 -7.03 48.53 34.10
N PRO A 48 -7.32 47.26 33.84
CA PRO A 48 -8.70 46.78 33.89
C PRO A 48 -9.28 46.88 35.29
N PRO A 49 -10.60 46.94 35.42
CA PRO A 49 -11.20 47.06 36.74
C PRO A 49 -10.93 45.81 37.59
N LYS A 50 -10.90 46.02 38.91
CA LYS A 50 -10.63 44.92 39.82
C LYS A 50 -11.67 43.82 39.68
N LYS A 51 -12.95 44.19 39.58
CA LYS A 51 -14.03 43.22 39.39
C LYS A 51 -14.18 42.93 37.89
N PHE A 52 -13.20 42.22 37.36
CA PHE A 52 -13.17 41.88 35.94
C PHE A 52 -13.87 40.55 35.68
N ARG A 53 -15.11 40.43 36.18
CA ARG A 53 -15.99 39.32 35.84
C ARG A 53 -17.37 39.76 35.42
N ASP A 54 -17.79 40.97 35.76
CA ASP A 54 -19.07 41.52 35.32
C ASP A 54 -19.01 42.06 33.90
N CYS A 55 -17.81 42.19 33.32
CA CYS A 55 -17.62 42.76 32.00
C CYS A 55 -17.31 41.71 30.94
N LEU A 56 -17.54 40.43 31.25
CA LEU A 56 -17.22 39.34 30.33
C LEU A 56 -18.50 38.87 29.64
N PHE A 57 -18.43 38.74 28.31
CA PHE A 57 -19.55 38.28 27.52
C PHE A 57 -19.09 37.14 26.61
N LYS A 58 -20.04 36.28 26.26
CA LYS A 58 -19.80 35.16 25.35
C LYS A 58 -20.59 35.37 24.07
N VAL A 59 -19.98 35.04 22.94
CA VAL A 59 -20.61 35.19 21.64
C VAL A 59 -21.40 33.94 21.31
N CYS A 60 -22.66 34.10 20.93
CA CYS A 60 -23.52 32.98 20.58
C CYS A 60 -24.21 33.25 19.25
N PRO A 61 -24.58 32.20 18.53
CA PRO A 61 -25.26 32.38 17.25
C PRO A 61 -26.71 32.77 17.42
N MET A 62 -27.34 33.09 16.30
CA MET A 62 -28.76 33.47 16.31
C MET A 62 -29.61 32.30 16.81
N ASN A 63 -30.64 32.64 17.58
CA ASN A 63 -31.60 31.67 18.07
C ASN A 63 -33.00 32.03 17.58
N ARG A 64 -33.85 31.02 17.47
CA ARG A 64 -35.21 31.18 17.00
C ARG A 64 -36.16 31.24 18.19
N TYR A 65 -37.00 32.28 18.22
CA TYR A 65 -37.92 32.49 19.34
C TYR A 65 -39.36 32.64 18.87
N SER A 66 -39.69 32.17 17.67
CA SER A 66 -41.06 32.32 17.18
C SER A 66 -42.05 31.55 18.05
N ALA A 67 -41.78 30.26 18.29
CA ALA A 67 -42.68 29.45 19.09
C ALA A 67 -42.76 29.96 20.51
N GLN A 68 -41.62 30.36 21.08
CA GLN A 68 -41.62 30.89 22.45
C GLN A 68 -42.44 32.17 22.53
N LYS A 69 -42.30 33.06 21.54
CA LYS A 69 -43.07 34.29 21.54
C LYS A 69 -44.55 34.00 21.41
N GLN A 70 -44.94 33.06 20.55
CA GLN A 70 -46.34 32.70 20.42
C GLN A 70 -46.88 32.12 21.72
N TYR A 71 -46.11 31.26 22.39
CA TYR A 71 -46.54 30.70 23.66
C TYR A 71 -46.71 31.79 24.72
N TRP A 72 -45.77 32.73 24.77
CA TRP A 72 -45.88 33.83 25.73
C TRP A 72 -47.12 34.67 25.44
N LYS A 73 -47.38 34.95 24.16
CA LYS A 73 -48.55 35.75 23.81
C LYS A 73 -49.84 35.03 24.20
N ALA A 74 -49.91 33.72 23.95
CA ALA A 74 -51.10 32.96 24.34
C ALA A 74 -51.26 32.94 25.85
N LYS A 75 -50.17 32.75 26.59
CA LYS A 75 -50.25 32.69 28.04
C LYS A 75 -50.69 34.03 28.62
N GLN A 76 -50.16 35.13 28.09
CA GLN A 76 -50.55 36.46 28.55
C GLN A 76 -51.94 36.81 28.04
N ASP A 86 -58.74 26.01 25.27
CA ASP A 86 -57.54 26.84 25.23
C ASP A 86 -56.40 26.19 26.00
N VAL A 87 -56.75 25.34 26.96
CA VAL A 87 -55.72 24.66 27.77
C VAL A 87 -54.88 23.76 26.89
N VAL A 88 -55.53 22.99 26.01
CA VAL A 88 -54.79 22.10 25.12
C VAL A 88 -53.88 22.90 24.19
N LEU A 89 -54.39 24.01 23.65
CA LEU A 89 -53.58 24.85 22.78
C LEU A 89 -52.37 25.40 23.53
N LEU A 90 -52.57 25.85 24.76
CA LEU A 90 -51.45 26.37 25.56
C LEU A 90 -50.43 25.27 25.83
N GLN A 91 -50.89 24.08 26.16
CA GLN A 91 -49.96 22.97 26.42
C GLN A 91 -49.16 22.62 25.17
N LYS A 92 -49.82 22.58 24.02
CA LYS A 92 -49.10 22.27 22.78
C LYS A 92 -48.11 23.38 22.42
N LEU A 93 -48.49 24.64 22.68
CA LEU A 93 -47.55 25.74 22.45
C LEU A 93 -46.35 25.62 23.37
N GLN A 94 -46.57 25.23 24.63
CA GLN A 94 -45.45 25.03 25.54
C GLN A 94 -44.53 23.92 25.06
N HIS A 95 -45.11 22.81 24.59
CA HIS A 95 -44.30 21.73 24.05
C HIS A 95 -43.50 22.18 22.84
N ALA A 96 -44.12 22.95 21.95
CA ALA A 96 -43.42 23.47 20.79
C ALA A 96 -42.28 24.39 21.21
N ALA A 97 -42.50 25.23 22.22
CA ALA A 97 -41.45 26.11 22.70
C ALA A 97 -40.29 25.31 23.27
N GLN A 98 -40.58 24.25 24.04
CA GLN A 98 -39.51 23.41 24.57
C GLN A 98 -38.73 22.74 23.44
N MET A 99 -39.44 22.25 22.42
CA MET A 99 -38.75 21.63 21.29
C MET A 99 -37.88 22.65 20.56
N GLU A 100 -38.37 23.89 20.41
CA GLU A 100 -37.58 24.93 19.78
C GLU A 100 -36.33 25.26 20.60
N GLN A 101 -36.46 25.27 21.93
CA GLN A 101 -35.30 25.50 22.78
C GLN A 101 -34.27 24.38 22.62
N LYS A 102 -34.74 23.13 22.57
CA LYS A 102 -33.80 22.03 22.34
C LYS A 102 -33.12 22.16 20.99
N GLN A 103 -33.87 22.52 19.96
CA GLN A 103 -33.30 22.68 18.63
C GLN A 103 -32.26 23.81 18.62
N ASN A 104 -32.55 24.91 19.32
CA ASN A 104 -31.60 26.01 19.41
C ASN A 104 -30.33 25.57 20.12
N ASP A 105 -30.47 24.78 21.19
CA ASP A 105 -29.28 24.28 21.88
C ASP A 105 -28.46 23.38 20.97
N THR A 106 -29.12 22.51 20.22
CA THR A 106 -28.41 21.64 19.28
C THR A 106 -27.71 22.45 18.21
N GLU A 107 -28.38 23.48 17.69
CA GLU A 107 -27.76 24.33 16.66
C GLU A 107 -26.56 25.07 17.21
N ASN A 108 -26.65 25.57 18.45
CA ASN A 108 -25.51 26.21 19.08
C ASN A 108 -24.34 25.24 19.22
N LYS A 109 -24.63 24.01 19.66
CA LYS A 109 -23.56 23.01 19.79
C LYS A 109 -22.92 22.71 18.44
N LYS A 110 -23.73 22.62 17.38
CA LYS A 110 -23.19 22.29 16.06
C LYS A 110 -22.39 23.43 15.47
N VAL A 111 -22.83 24.67 15.68
CA VAL A 111 -22.18 25.84 15.08
C VAL A 111 -21.06 26.34 15.98
N HIS A 112 -20.90 25.69 17.15
CA HIS A 112 -19.83 26.08 18.07
C HIS A 112 -18.47 26.03 17.38
N GLY A 113 -17.67 27.06 17.59
CA GLY A 113 -16.34 27.13 17.03
C GLY A 113 -16.24 27.79 15.67
N ASP A 114 -17.36 28.16 15.05
CA ASP A 114 -17.31 28.79 13.74
C ASP A 114 -16.86 30.25 13.85
N VAL A 115 -16.26 30.74 12.78
CA VAL A 115 -15.74 32.10 12.77
C VAL A 115 -16.88 33.10 12.55
N VAL A 116 -16.74 34.28 13.15
CA VAL A 116 -17.74 35.33 13.02
C VAL A 116 -17.29 36.30 11.92
N LYS A 117 -18.21 36.62 11.02
CA LYS A 117 -17.94 37.52 9.90
C LYS A 117 -18.73 38.80 10.07
N TYR A 118 -18.18 39.89 9.54
CA TYR A 118 -18.85 41.18 9.63
C TYR A 118 -20.20 41.12 8.91
N GLY A 119 -21.18 41.81 9.47
CA GLY A 119 -22.54 41.78 8.96
C GLY A 119 -23.37 40.63 9.46
N SER A 120 -22.81 39.75 10.28
CA SER A 120 -23.53 38.59 10.79
C SER A 120 -24.25 38.93 12.09
N VAL A 121 -25.24 38.11 12.41
CA VAL A 121 -26.08 38.29 13.60
C VAL A 121 -25.53 37.43 14.72
N ILE A 122 -25.34 38.02 15.89
CA ILE A 122 -24.82 37.33 17.07
C ILE A 122 -25.64 37.73 18.29
N GLN A 123 -25.36 37.06 19.40
CA GLN A 123 -25.93 37.38 20.70
C GLN A 123 -24.81 37.43 21.73
N LEU A 124 -24.97 38.30 22.72
CA LEU A 124 -23.97 38.50 23.77
C LEU A 124 -24.56 38.00 25.09
N LEU A 125 -24.03 36.88 25.57
CA LEU A 125 -24.46 36.29 26.83
C LEU A 125 -23.54 36.75 27.96
N HIS A 126 -24.07 37.58 28.85
CA HIS A 126 -23.38 37.95 30.08
C HIS A 126 -23.33 36.74 30.99
N MET A 127 -22.10 36.26 31.26
CA MET A 127 -21.94 34.96 31.92
C MET A 127 -22.29 35.05 33.40
N LYS A 128 -21.85 36.12 34.07
CA LYS A 128 -22.07 36.21 35.52
C LYS A 128 -23.55 36.13 35.86
N SER A 129 -24.38 36.86 35.13
CA SER A 129 -25.82 36.76 35.27
C SER A 129 -26.43 35.67 34.40
N ASN A 130 -25.66 35.10 33.47
CA ASN A 130 -26.17 34.09 32.55
C ASN A 130 -27.39 34.60 31.80
N LYS A 131 -27.29 35.83 31.29
CA LYS A 131 -28.40 36.50 30.63
C LYS A 131 -27.98 37.10 29.30
N TYR A 132 -28.83 36.98 28.29
CA TYR A 132 -28.56 37.57 26.99
C TYR A 132 -28.86 39.07 27.01
N LEU A 133 -28.02 39.84 26.33
CA LEU A 133 -28.22 41.28 26.23
C LEU A 133 -29.27 41.56 25.16
N THR A 134 -30.34 42.28 25.52
CA THR A 134 -31.47 42.51 24.64
C THR A 134 -31.76 44.00 24.55
N VAL A 135 -32.36 44.39 23.44
CA VAL A 135 -32.79 45.78 23.20
C VAL A 135 -34.27 45.74 22.86
N ASN A 136 -35.05 46.53 23.59
CA ASN A 136 -36.51 46.57 23.40
C ASN A 136 -36.87 47.83 22.64
N LYS A 137 -37.54 47.66 21.50
CA LYS A 137 -37.97 48.79 20.68
C LYS A 137 -39.28 49.40 21.15
N ARG A 138 -39.96 48.77 22.12
CA ARG A 138 -41.24 49.25 22.62
C ARG A 138 -41.12 49.84 24.03
N LEU A 139 -39.90 50.14 24.48
CA LEU A 139 -39.68 50.69 25.80
C LEU A 139 -38.60 51.77 25.73
N PRO A 140 -38.93 53.03 26.04
CA PRO A 140 -37.89 54.06 26.06
C PRO A 140 -36.95 53.88 27.25
N ALA A 141 -35.74 54.40 27.08
CA ALA A 141 -34.74 54.30 28.12
C ALA A 141 -35.17 55.11 29.35
N LEU A 142 -34.68 54.68 30.52
CA LEU A 142 -35.12 55.28 31.77
C LEU A 142 -34.76 56.77 31.81
N LEU A 143 -33.53 57.12 31.43
CA LEU A 143 -33.06 58.49 31.50
C LEU A 143 -33.22 59.22 30.17
N GLU A 144 -32.62 58.70 29.10
CA GLU A 144 -32.68 59.34 27.79
C GLU A 144 -33.97 58.89 27.11
N LYS A 145 -35.00 59.73 27.21
CA LYS A 145 -36.31 59.38 26.68
C LYS A 145 -36.33 59.25 25.17
N ASN A 146 -35.31 59.75 24.46
CA ASN A 146 -35.25 59.65 23.01
C ASN A 146 -34.52 58.40 22.54
N ALA A 147 -34.13 57.52 23.47
CA ALA A 147 -33.43 56.28 23.13
C ALA A 147 -34.16 55.10 23.75
N MET A 148 -34.05 53.95 23.09
CA MET A 148 -34.71 52.75 23.57
C MET A 148 -33.90 52.10 24.70
N ARG A 149 -34.45 51.02 25.23
CA ARG A 149 -33.97 50.42 26.47
C ARG A 149 -33.19 49.14 26.20
N VAL A 150 -31.99 49.05 26.77
CA VAL A 150 -31.14 47.87 26.69
C VAL A 150 -31.11 47.22 28.07
N THR A 151 -31.41 45.93 28.12
CA THR A 151 -31.49 45.21 29.38
C THR A 151 -30.91 43.81 29.19
N LEU A 152 -31.07 42.97 30.21
CA LEU A 152 -30.63 41.59 30.19
C LEU A 152 -31.84 40.69 30.42
N ASP A 153 -31.97 39.65 29.59
CA ASP A 153 -33.09 38.71 29.69
C ASP A 153 -32.54 37.30 29.79
N ALA A 154 -33.12 36.50 30.68
CA ALA A 154 -32.65 35.13 30.87
C ALA A 154 -32.95 34.29 29.64
N THR A 155 -34.23 34.13 29.30
CA THR A 155 -34.60 33.31 28.16
C THR A 155 -34.16 33.96 26.85
N GLY A 156 -34.29 35.29 26.74
CA GLY A 156 -33.95 35.99 25.53
C GLY A 156 -35.15 36.12 24.59
N ASN A 157 -35.03 37.07 23.66
CA ASN A 157 -36.06 37.32 22.67
C ASN A 157 -35.38 37.77 21.38
N GLU A 158 -36.19 38.22 20.42
CA GLU A 158 -35.66 38.68 19.14
C GLU A 158 -34.80 39.93 19.27
N GLY A 159 -34.87 40.63 20.41
CA GLY A 159 -34.04 41.80 20.62
C GLY A 159 -32.59 41.50 20.94
N SER A 160 -32.27 40.24 21.21
CA SER A 160 -30.88 39.86 21.48
C SER A 160 -30.03 39.84 20.22
N TRP A 161 -30.66 39.76 19.05
CA TRP A 161 -29.91 39.72 17.79
C TRP A 161 -29.16 41.04 17.60
N LEU A 162 -27.91 40.93 17.17
CA LEU A 162 -27.07 42.10 16.93
C LEU A 162 -26.25 41.87 15.67
N PHE A 163 -26.44 42.71 14.67
CA PHE A 163 -25.52 42.75 13.54
C PHE A 163 -24.17 43.28 14.01
N ILE A 164 -23.11 42.57 13.64
CA ILE A 164 -21.74 42.95 13.98
C ILE A 164 -21.20 43.67 12.75
N GLN A 165 -21.35 45.03 12.73
CA GLN A 165 -21.00 45.81 11.57
C GLN A 165 -19.62 46.45 11.74
N PRO A 166 -18.92 46.69 10.63
CA PRO A 166 -17.61 47.35 10.74
C PRO A 166 -17.73 48.79 11.21
N PHE A 167 -16.67 49.25 11.87
CA PHE A 167 -16.51 50.66 12.23
C PHE A 167 -15.45 51.35 11.39
N TRP A 168 -14.36 50.65 11.08
CA TRP A 168 -13.34 51.16 10.19
C TRP A 168 -13.71 50.88 8.74
N LYS A 169 -13.11 51.66 7.83
CA LYS A 169 -13.37 51.50 6.41
C LYS A 169 -12.47 50.47 5.75
N LEU A 170 -11.48 49.94 6.46
CA LEU A 170 -10.63 48.88 5.92
C LEU A 170 -11.25 47.50 6.07
N ARG A 171 -12.42 47.40 6.72
CA ARG A 171 -13.13 46.15 6.88
C ARG A 171 -14.42 46.20 6.07
N SER A 172 -14.77 45.08 5.44
CA SER A 172 -15.93 45.00 4.59
C SER A 172 -16.79 43.81 5.00
N ASN A 173 -18.07 43.87 4.63
CA ASN A 173 -18.98 42.79 4.95
C ASN A 173 -18.49 41.48 4.34
N GLY A 174 -18.65 40.39 5.09
CA GLY A 174 -18.15 39.09 4.68
C GLY A 174 -16.74 38.80 5.12
N ASP A 175 -16.02 39.77 5.69
CA ASP A 175 -14.68 39.56 6.18
C ASP A 175 -14.70 39.09 7.62
N ASN A 176 -13.73 38.24 7.96
CA ASN A 176 -13.65 37.69 9.30
C ASN A 176 -13.32 38.79 10.32
N VAL A 177 -13.91 38.69 11.50
CA VAL A 177 -13.68 39.67 12.55
C VAL A 177 -12.38 39.31 13.27
N VAL A 178 -11.49 40.29 13.41
CA VAL A 178 -10.19 40.11 14.03
C VAL A 178 -10.24 40.65 15.45
N VAL A 179 -9.68 39.88 16.39
CA VAL A 179 -9.65 40.32 17.78
C VAL A 179 -8.98 41.68 17.88
N GLY A 180 -9.48 42.50 18.81
CA GLY A 180 -8.97 43.83 19.00
C GLY A 180 -9.60 44.90 18.13
N ASP A 181 -10.49 44.51 17.22
CA ASP A 181 -11.11 45.47 16.33
C ASP A 181 -12.22 46.23 17.04
N LYS A 182 -12.49 47.44 16.53
CA LYS A 182 -13.62 48.24 16.95
C LYS A 182 -14.78 48.00 15.98
N VAL A 183 -15.94 47.66 16.53
CA VAL A 183 -17.10 47.26 15.75
C VAL A 183 -18.31 48.05 16.23
N ILE A 184 -19.43 47.84 15.54
CA ILE A 184 -20.72 48.43 15.89
C ILE A 184 -21.71 47.30 16.07
N LEU A 185 -22.45 47.33 17.18
CA LEU A 185 -23.45 46.31 17.48
C LEU A 185 -24.83 46.92 17.21
N ASN A 186 -25.38 46.60 16.04
CA ASN A 186 -26.64 47.20 15.61
C ASN A 186 -27.79 46.22 15.80
N PRO A 187 -28.75 46.49 16.68
CA PRO A 187 -29.87 45.55 16.84
C PRO A 187 -30.62 45.35 15.54
N VAL A 188 -31.04 44.10 15.31
CA VAL A 188 -31.75 43.77 14.07
C VAL A 188 -33.09 44.49 14.00
N ASN A 189 -33.85 44.47 15.10
CA ASN A 189 -35.19 45.03 15.11
C ASN A 189 -35.18 46.53 15.36
N ALA A 190 -34.51 46.97 16.43
CA ALA A 190 -34.46 48.41 16.72
C ALA A 190 -33.78 49.17 15.61
N GLY A 191 -32.66 48.63 15.08
CA GLY A 191 -31.98 49.24 13.97
C GLY A 191 -31.15 50.46 14.32
N GLN A 192 -30.85 50.69 15.59
CA GLN A 192 -30.06 51.84 16.01
C GLN A 192 -28.92 51.36 16.88
N PRO A 193 -27.67 51.73 16.58
CA PRO A 193 -26.52 51.15 17.29
C PRO A 193 -26.55 51.47 18.78
N LEU A 194 -25.98 50.55 19.57
CA LEU A 194 -25.83 50.77 20.99
C LEU A 194 -25.01 52.02 21.26
N HIS A 195 -25.43 52.80 22.26
CA HIS A 195 -24.80 54.06 22.59
C HIS A 195 -24.51 54.09 24.09
N ALA A 196 -23.29 54.48 24.45
CA ALA A 196 -22.90 54.67 25.85
C ALA A 196 -23.17 56.12 26.19
N SER A 197 -24.36 56.39 26.71
CA SER A 197 -24.76 57.77 26.96
C SER A 197 -23.97 58.36 28.11
N ASN A 198 -23.94 59.69 28.16
CA ASN A 198 -23.24 60.42 29.21
C ASN A 198 -24.10 60.62 30.46
N TYR A 199 -25.37 60.21 30.42
CA TYR A 199 -26.23 60.34 31.58
C TYR A 199 -25.73 59.48 32.73
N GLU A 200 -25.79 60.00 33.94
CA GLU A 200 -25.32 59.32 35.14
C GLU A 200 -26.51 58.88 35.98
N LEU A 201 -26.51 57.61 36.39
CA LEU A 201 -27.59 57.09 37.21
C LEU A 201 -27.55 57.72 38.60
N SER A 202 -28.73 58.11 39.09
CA SER A 202 -28.80 58.70 40.43
C SER A 202 -28.43 57.69 41.50
N ASP A 203 -28.91 56.45 41.36
CA ASP A 203 -28.67 55.44 42.39
C ASP A 203 -27.18 55.14 42.53
N ASN A 204 -26.47 55.00 41.41
CA ASN A 204 -25.05 54.68 41.40
C ASN A 204 -24.27 55.81 40.76
N ALA A 205 -23.28 56.32 41.49
CA ALA A 205 -22.46 57.41 41.00
C ALA A 205 -21.28 56.87 40.18
N GLY A 206 -20.90 57.64 39.16
CA GLY A 206 -19.80 57.26 38.30
C GLY A 206 -20.14 56.24 37.24
N CYS A 207 -21.39 55.85 37.11
CA CYS A 207 -21.83 54.88 36.12
C CYS A 207 -22.66 55.58 35.05
N LYS A 208 -22.50 55.14 33.80
CA LYS A 208 -23.17 55.74 32.66
C LYS A 208 -24.06 54.70 31.99
N GLU A 209 -25.20 55.16 31.46
CA GLU A 209 -26.20 54.26 30.91
C GLU A 209 -25.81 53.81 29.50
N VAL A 210 -26.33 52.65 29.13
CA VAL A 210 -26.20 52.11 27.77
C VAL A 210 -27.60 52.00 27.19
N ASN A 211 -27.80 52.60 26.01
CA ASN A 211 -29.12 52.61 25.38
C ASN A 211 -28.98 52.32 23.89
N SER A 212 -30.07 52.47 23.14
CA SER A 212 -30.08 52.22 21.70
C SER A 212 -30.52 53.51 20.99
N VAL A 213 -29.57 54.18 20.34
CA VAL A 213 -29.86 55.40 19.60
C VAL A 213 -28.70 55.67 18.67
N ASN A 214 -28.96 56.35 17.56
CA ASN A 214 -27.92 56.65 16.59
C ASN A 214 -26.82 57.48 17.24
N CYS A 215 -25.57 57.08 16.99
CA CYS A 215 -24.41 57.75 17.55
C CYS A 215 -23.19 57.33 16.75
N ASN A 216 -22.01 57.68 17.26
CA ASN A 216 -20.74 57.30 16.66
C ASN A 216 -19.94 56.38 17.58
N THR A 217 -20.63 55.73 18.52
CA THR A 217 -19.95 54.88 19.49
C THR A 217 -19.40 53.64 18.82
N SER A 218 -18.23 53.20 19.27
CA SER A 218 -17.59 51.99 18.80
C SER A 218 -17.23 51.11 19.99
N TRP A 219 -17.23 49.80 19.76
CA TRP A 219 -16.92 48.83 20.81
C TRP A 219 -15.70 48.03 20.38
N LYS A 220 -14.61 48.16 21.14
CA LYS A 220 -13.41 47.36 20.90
C LYS A 220 -13.60 45.99 21.54
N ILE A 221 -13.29 44.94 20.78
CA ILE A 221 -13.48 43.56 21.23
C ILE A 221 -12.13 43.09 21.76
N ASN A 222 -12.09 42.77 23.05
CA ASN A 222 -10.88 42.24 23.69
C ASN A 222 -11.09 40.77 24.04
N LEU A 223 -10.16 39.92 23.61
CA LEU A 223 -10.28 38.49 23.82
C LEU A 223 -9.83 38.14 25.24
N PHE A 224 -10.64 37.36 25.94
CA PHE A 224 -10.33 36.88 27.28
C PHE A 224 -10.03 35.39 27.30
N MET A 225 -10.82 34.58 26.60
CA MET A 225 -10.62 33.14 26.53
C MET A 225 -11.22 32.63 25.23
N GLN A 226 -10.74 31.48 24.77
CA GLN A 226 -11.19 30.90 23.52
C GLN A 226 -12.06 29.67 23.77
N PHE A 227 -12.79 29.26 22.73
CA PHE A 227 -13.68 28.11 22.86
C PHE A 227 -12.88 26.84 23.15
N ARG A 228 -11.74 26.66 22.50
CA ARG A 228 -10.91 25.49 22.75
C ARG A 228 -10.34 25.47 24.16
N ASP A 229 -10.14 26.65 24.76
CA ASP A 229 -9.70 26.74 26.15
C ASP A 229 -10.87 26.74 27.13
N HIS A 230 -12.11 26.80 26.64
CA HIS A 230 -13.29 26.79 27.49
C HIS A 230 -13.67 25.39 27.97
N LEU A 231 -12.73 24.44 27.93
CA LEU A 231 -13.00 23.10 28.39
C LEU A 231 -13.31 23.09 29.89
N GLU A 232 -14.28 22.27 30.27
CA GLU A 232 -14.68 22.17 31.67
C GLU A 232 -13.81 21.20 32.46
N GLU A 233 -12.91 20.48 31.81
CA GLU A 233 -12.07 19.49 32.46
C GLU A 233 -10.68 20.03 32.81
N VAL A 234 -10.46 21.33 32.64
CA VAL A 234 -9.17 21.95 32.90
C VAL A 234 -9.37 23.19 33.75
N LEU A 235 -8.29 23.63 34.39
CA LEU A 235 -8.31 24.82 35.22
C LEU A 235 -8.24 26.05 34.34
N LYS A 236 -9.20 26.95 34.50
CA LYS A 236 -9.31 28.16 33.69
C LYS A 236 -9.28 29.40 34.56
N GLY A 237 -8.86 30.50 33.95
CA GLY A 237 -8.85 31.77 34.67
C GLY A 237 -10.26 32.21 35.03
N GLY A 238 -10.39 32.81 36.20
CA GLY A 238 -11.69 33.26 36.68
C GLY A 238 -12.51 32.19 37.36
N ASP A 239 -12.02 30.95 37.41
CA ASP A 239 -12.76 29.88 38.07
C ASP A 239 -12.72 30.05 39.58
N VAL A 240 -13.80 29.66 40.24
CA VAL A 240 -13.91 29.73 41.69
C VAL A 240 -13.74 28.33 42.25
N VAL A 241 -12.73 28.14 43.11
CA VAL A 241 -12.38 26.84 43.64
C VAL A 241 -12.04 26.97 45.11
N ARG A 242 -11.98 25.82 45.78
CA ARG A 242 -11.60 25.73 47.18
C ARG A 242 -10.26 24.99 47.29
N LEU A 243 -9.40 25.46 48.17
CA LEU A 243 -8.08 24.87 48.39
C LEU A 243 -8.13 24.04 49.67
N PHE A 244 -8.16 22.73 49.52
CA PHE A 244 -8.30 21.81 50.64
C PHE A 244 -6.97 21.13 50.92
N HIS A 245 -6.38 21.45 52.07
CA HIS A 245 -5.16 20.81 52.55
C HIS A 245 -5.54 19.43 53.08
N ALA A 246 -5.05 18.38 52.43
CA ALA A 246 -5.48 17.02 52.77
C ALA A 246 -4.87 16.55 54.08
N GLU A 247 -3.57 16.83 54.30
CA GLU A 247 -2.91 16.33 55.49
C GLU A 247 -3.59 16.83 56.74
N GLN A 248 -3.88 18.14 56.79
CA GLN A 248 -4.68 18.68 57.88
C GLN A 248 -6.16 18.42 57.70
N GLU A 249 -6.59 18.09 56.48
CA GLU A 249 -8.00 17.90 56.16
C GLU A 249 -8.80 19.16 56.49
N LYS A 250 -8.35 20.29 55.95
CA LYS A 250 -8.93 21.58 56.24
C LYS A 250 -8.92 22.47 55.01
N PHE A 251 -9.91 23.37 54.93
CA PHE A 251 -10.01 24.30 53.82
C PHE A 251 -9.27 25.59 54.14
N LEU A 252 -8.75 26.24 53.10
CA LEU A 252 -8.06 27.52 53.25
C LEU A 252 -9.09 28.64 53.30
N THR A 253 -9.07 29.43 54.38
CA THR A 253 -10.04 30.49 54.60
C THR A 253 -9.32 31.79 54.90
N CYS A 254 -10.01 32.90 54.64
CA CYS A 254 -9.51 34.24 54.95
C CYS A 254 -10.63 34.99 55.65
N ASP A 255 -10.43 35.33 56.92
CA ASP A 255 -11.45 35.96 57.73
C ASP A 255 -10.86 37.10 58.54
N GLU A 256 -11.72 38.01 58.97
CA GLU A 256 -11.33 39.15 59.80
C GLU A 256 -11.43 38.72 61.26
N TYR A 257 -10.30 38.67 61.94
CA TYR A 257 -10.27 38.26 63.34
C TYR A 257 -10.40 39.47 64.28
N LYS A 258 -9.42 40.38 64.24
CA LYS A 258 -9.47 41.63 64.98
C LYS A 258 -9.15 42.79 64.02
N GLY A 259 -10.17 43.31 63.36
CA GLY A 259 -10.02 44.47 62.51
C GLY A 259 -8.98 44.31 61.42
N LYS A 260 -8.73 43.07 61.00
CA LYS A 260 -7.72 42.81 59.99
C LYS A 260 -7.96 41.44 59.37
N LEU A 261 -7.73 41.35 58.06
CA LEU A 261 -7.93 40.10 57.34
C LEU A 261 -6.73 39.18 57.52
N GLN A 262 -7.00 37.93 57.90
CA GLN A 262 -5.97 36.93 58.10
C GLN A 262 -6.37 35.63 57.42
N VAL A 263 -5.39 34.96 56.82
CA VAL A 263 -5.59 33.68 56.15
C VAL A 263 -5.15 32.57 57.09
N PHE A 264 -5.82 31.42 56.98
CA PHE A 264 -5.58 30.32 57.90
C PHE A 264 -6.30 29.07 57.37
N LEU A 265 -6.22 28.00 58.15
CA LEU A 265 -6.97 26.78 57.91
C LEU A 265 -7.97 26.60 59.04
N ARG A 266 -9.25 26.43 58.68
CA ARG A 266 -10.32 26.38 59.67
C ARG A 266 -10.52 24.94 60.13
N THR A 267 -10.58 24.76 61.45
CA THR A 267 -10.81 23.44 62.04
C THR A 267 -12.32 23.21 62.17
N THR A 268 -12.77 22.03 61.77
CA THR A 268 -14.17 21.67 61.80
C THR A 268 -14.37 20.41 62.62
N LEU A 269 -15.42 20.40 63.44
CA LEU A 269 -15.77 19.25 64.26
C LEU A 269 -16.61 18.23 63.50
N ARG A 270 -17.00 18.54 62.26
CA ARG A 270 -17.81 17.63 61.47
C ARG A 270 -17.05 16.34 61.19
N GLN A 271 -17.78 15.23 61.14
CA GLN A 271 -17.17 13.94 60.84
C GLN A 271 -16.56 13.95 59.44
N SER A 272 -17.28 14.51 58.47
CA SER A 272 -16.79 14.63 57.10
C SER A 272 -16.11 15.98 56.95
N ALA A 273 -14.78 15.97 56.91
CA ALA A 273 -14.02 17.21 56.81
C ALA A 273 -14.24 17.92 55.49
N THR A 274 -14.62 17.20 54.44
CA THR A 274 -14.83 17.79 53.13
C THR A 274 -16.18 18.50 53.01
N SER A 275 -17.08 18.32 53.97
CA SER A 275 -18.39 18.95 53.95
C SER A 275 -18.42 20.28 54.69
N ALA A 276 -17.29 20.72 55.24
CA ALA A 276 -17.22 21.99 55.96
C ALA A 276 -16.97 23.14 54.98
N THR A 277 -17.91 23.30 54.06
CA THR A 277 -17.81 24.34 53.04
C THR A 277 -18.31 25.67 53.57
N SER A 278 -17.55 26.73 53.30
CA SER A 278 -17.90 28.07 53.72
C SER A 278 -17.68 29.04 52.57
N SER A 279 -18.43 30.14 52.59
CA SER A 279 -18.31 31.13 51.52
C SER A 279 -16.99 31.88 51.57
N ASN A 280 -16.32 31.91 52.72
CA ASN A 280 -15.03 32.59 52.84
C ASN A 280 -13.87 31.75 52.34
N ALA A 281 -14.11 30.49 51.99
CA ALA A 281 -13.09 29.60 51.47
C ALA A 281 -13.02 29.60 49.94
N LEU A 282 -13.81 30.43 49.28
CA LEU A 282 -13.84 30.49 47.83
C LEU A 282 -12.75 31.42 47.33
N TRP A 283 -11.93 30.92 46.40
CA TRP A 283 -10.83 31.67 45.82
C TRP A 283 -10.96 31.69 44.31
N GLU A 284 -10.62 32.81 43.70
CA GLU A 284 -10.65 32.98 42.26
C GLU A 284 -9.24 32.83 41.69
N VAL A 285 -9.10 32.01 40.66
CA VAL A 285 -7.82 31.74 40.04
C VAL A 285 -7.64 32.67 38.85
N GLU A 286 -6.53 33.41 38.83
CA GLU A 286 -6.22 34.34 37.76
C GLU A 286 -4.88 33.94 37.15
N VAL A 287 -4.86 33.74 35.84
CA VAL A 287 -3.64 33.42 35.12
C VAL A 287 -3.01 34.72 34.62
N VAL A 288 -1.71 34.87 34.87
CA VAL A 288 -1.00 36.11 34.54
C VAL A 288 -0.46 36.01 33.13
N HIS A 289 -0.85 36.95 32.28
CA HIS A 289 -0.33 37.07 30.92
C HIS A 289 0.16 38.49 30.70
N HIS A 290 0.82 38.70 29.56
CA HIS A 290 1.27 40.05 29.22
C HIS A 290 0.09 41.00 29.05
N ASP A 291 -0.96 40.54 28.39
CA ASP A 291 -2.16 41.36 28.22
C ASP A 291 -3.01 41.26 29.48
N PRO A 292 -3.24 42.35 30.22
CA PRO A 292 -4.03 42.25 31.46
C PRO A 292 -5.48 41.85 31.24
N CYS A 293 -6.01 41.98 30.02
CA CYS A 293 -7.40 41.69 29.73
C CYS A 293 -7.62 40.26 29.23
N ARG A 294 -6.55 39.45 29.18
CA ARG A 294 -6.65 38.09 28.67
C ARG A 294 -6.36 37.09 29.79
N GLY A 295 -7.11 35.99 29.79
CA GLY A 295 -6.90 34.93 30.76
C GLY A 295 -6.32 33.70 30.12
N GLY A 296 -7.16 32.70 29.86
CA GLY A 296 -6.73 31.49 29.19
C GLY A 296 -6.55 30.33 30.17
N ALA A 297 -6.51 29.13 29.60
CA ALA A 297 -6.33 27.93 30.41
C ALA A 297 -4.96 27.94 31.06
N GLY A 298 -4.89 27.43 32.29
CA GLY A 298 -3.65 27.44 33.03
C GLY A 298 -2.68 26.38 32.57
N HIS A 299 -1.40 26.62 32.83
CA HIS A 299 -0.33 25.69 32.53
C HIS A 299 0.52 25.47 33.78
N TRP A 300 1.12 24.29 33.88
CA TRP A 300 1.93 23.97 35.04
C TRP A 300 3.12 24.90 35.17
N ASN A 301 3.60 25.45 34.06
CA ASN A 301 4.75 26.34 34.05
C ASN A 301 4.36 27.81 34.12
N GLY A 302 3.06 28.11 34.24
CA GLY A 302 2.60 29.48 34.27
C GLY A 302 2.59 30.06 35.69
N LEU A 303 2.12 31.30 35.77
CA LEU A 303 1.98 32.02 37.03
C LEU A 303 0.52 32.22 37.35
N TYR A 304 0.18 32.16 38.63
CA TYR A 304 -1.21 32.23 39.09
C TYR A 304 -1.33 33.23 40.22
N ARG A 305 -2.50 33.87 40.28
CA ARG A 305 -2.88 34.72 41.40
C ARG A 305 -4.20 34.24 41.96
N PHE A 306 -4.34 34.35 43.29
CA PHE A 306 -5.54 33.93 43.99
C PHE A 306 -6.18 35.13 44.67
N LYS A 307 -7.45 35.37 44.37
CA LYS A 307 -8.20 36.49 44.91
C LYS A 307 -9.35 35.96 45.78
N HIS A 308 -9.51 36.55 46.96
CA HIS A 308 -10.61 36.19 47.84
C HIS A 308 -11.91 36.72 47.26
N LEU A 309 -12.76 35.82 46.77
CA LEU A 309 -13.97 36.24 46.08
C LEU A 309 -14.93 37.00 46.99
N ALA A 310 -14.92 36.70 48.29
CA ALA A 310 -15.84 37.34 49.22
C ALA A 310 -15.32 38.66 49.76
N THR A 311 -14.06 39.00 49.51
CA THR A 311 -13.47 40.21 50.05
C THR A 311 -12.70 40.99 48.99
N GLY A 312 -12.16 40.29 47.99
CA GLY A 312 -11.39 40.91 46.94
C GLY A 312 -9.90 40.99 47.18
N ASN A 313 -9.44 40.62 48.37
CA ASN A 313 -8.02 40.66 48.66
C ASN A 313 -7.29 39.53 47.93
N TYR A 314 -5.98 39.74 47.72
CA TYR A 314 -5.14 38.80 47.02
C TYR A 314 -4.19 38.11 47.99
N LEU A 315 -4.06 36.80 47.84
CA LEU A 315 -3.16 36.03 48.70
C LEU A 315 -1.72 36.43 48.43
N ALA A 316 -0.93 36.55 49.50
CA ALA A 316 0.47 36.95 49.40
C ALA A 316 1.18 36.52 50.67
N ALA A 317 2.50 36.76 50.70
CA ALA A 317 3.35 36.41 51.83
C ALA A 317 4.12 37.63 52.30
N GLU A 318 4.39 37.68 53.60
CA GLU A 318 5.13 38.77 54.21
C GLU A 318 6.09 38.22 55.26
N GLU A 319 7.05 39.06 55.63
CA GLU A 319 8.05 38.66 56.62
C GLU A 319 7.39 38.21 57.92
N ASN A 320 7.90 37.13 58.48
CA ASN A 320 7.39 36.64 59.75
C ASN A 320 7.75 37.62 60.87
N PRO A 321 6.79 38.10 61.66
CA PRO A 321 7.15 39.06 62.72
C PRO A 321 8.16 38.51 63.70
N SER A 322 8.10 37.23 64.03
CA SER A 322 8.99 36.64 65.03
C SER A 322 10.19 35.96 64.38
N TYR A 323 9.96 34.88 63.64
CA TYR A 323 11.04 34.12 63.02
C TYR A 323 12.02 33.60 64.06
N GLU A 348 9.89 31.46 64.65
CA GLU A 348 9.80 30.01 64.51
C GLU A 348 10.41 29.55 63.19
N LYS A 349 10.09 28.32 62.79
CA LYS A 349 10.61 27.77 61.54
C LYS A 349 10.10 28.53 60.33
N ILE A 350 8.98 29.25 60.45
CA ILE A 350 8.39 29.96 59.32
C ILE A 350 9.20 31.23 59.07
N LYS A 351 9.58 31.43 57.80
CA LYS A 351 10.28 32.65 57.41
C LYS A 351 9.32 33.74 56.95
N TYR A 352 8.30 33.37 56.16
CA TYR A 352 7.25 34.29 55.75
C TYR A 352 5.90 33.66 56.02
N CYS A 353 4.92 34.49 56.36
CA CYS A 353 3.57 34.05 56.68
C CYS A 353 2.60 34.58 55.63
N LEU A 354 1.68 33.71 55.21
CA LEU A 354 0.68 34.09 54.23
C LEU A 354 -0.27 35.13 54.81
N VAL A 355 -0.62 36.11 53.98
CA VAL A 355 -1.54 37.18 54.35
C VAL A 355 -2.39 37.54 53.14
N ALA A 356 -3.31 38.48 53.32
CA ALA A 356 -4.22 38.93 52.27
C ALA A 356 -3.99 40.42 52.06
N VAL A 357 -3.25 40.75 51.00
CA VAL A 357 -2.95 42.15 50.67
C VAL A 357 -4.15 42.74 49.92
N PRO A 358 -4.36 44.05 49.96
CA PRO A 358 -5.52 44.62 49.25
C PRO A 358 -5.35 44.63 47.74
N HIS A 359 -4.16 44.95 47.24
CA HIS A 359 -3.91 45.07 45.82
C HIS A 359 -3.04 43.91 45.34
N GLY A 360 -3.37 43.39 44.16
CA GLY A 360 -2.65 42.26 43.60
C GLY A 360 -1.81 42.63 42.40
N ASN A 361 -1.42 43.89 42.29
CA ASN A 361 -0.59 44.35 41.19
C ASN A 361 0.91 44.19 41.46
N ASP A 362 1.28 43.78 42.68
CA ASP A 362 2.67 43.59 43.03
C ASP A 362 3.10 42.15 42.75
N ILE A 363 4.41 41.90 42.78
CA ILE A 363 4.94 40.57 42.51
C ILE A 363 4.89 39.66 43.73
N ALA A 364 4.50 40.18 44.89
CA ALA A 364 4.43 39.38 46.10
C ALA A 364 3.23 38.44 46.13
N SER A 365 2.31 38.57 45.18
CA SER A 365 1.11 37.74 45.12
C SER A 365 1.16 36.72 43.99
N LEU A 366 2.35 36.43 43.47
CA LEU A 366 2.53 35.50 42.37
C LEU A 366 2.88 34.13 42.92
N PHE A 367 2.16 33.11 42.44
CA PHE A 367 2.39 31.73 42.84
C PHE A 367 2.48 30.86 41.59
N GLU A 368 3.18 29.73 41.73
CA GLU A 368 3.29 28.74 40.67
C GLU A 368 3.01 27.35 41.24
N LEU A 369 2.47 26.48 40.40
CA LEU A 369 2.03 25.16 40.81
C LEU A 369 3.11 24.12 40.51
N ASP A 370 3.13 23.07 41.34
CA ASP A 370 4.05 21.95 41.18
C ASP A 370 3.24 20.67 41.26
N PRO A 371 3.18 19.86 40.21
CA PRO A 371 2.39 18.64 40.28
C PRO A 371 2.97 17.64 41.28
N THR A 372 2.08 16.84 41.86
CA THR A 372 2.47 15.82 42.83
C THR A 372 2.72 14.46 42.19
N THR A 373 2.53 14.34 40.87
CA THR A 373 2.70 13.07 40.18
C THR A 373 3.26 13.35 38.80
N LEU A 374 3.25 12.32 37.95
CA LEU A 374 3.76 12.43 36.58
C LEU A 374 2.60 12.78 35.66
N GLN A 375 2.59 14.02 35.17
CA GLN A 375 1.53 14.49 34.30
C GLN A 375 1.92 14.30 32.83
N LYS A 376 0.92 14.48 31.96
CA LYS A 376 1.12 14.33 30.52
C LYS A 376 1.71 15.62 29.95
N THR A 377 2.96 15.88 30.33
CA THR A 377 3.67 17.09 29.91
C THR A 377 2.98 18.34 30.45
N ASP A 378 3.64 19.49 30.32
CA ASP A 378 3.11 20.75 30.82
C ASP A 378 2.12 21.33 29.81
N SER A 379 1.04 20.59 29.58
CA SER A 379 0.01 21.00 28.63
C SER A 379 -1.13 21.74 29.31
N PHE A 380 -1.79 21.09 30.26
CA PHE A 380 -2.93 21.68 30.95
C PHE A 380 -2.94 21.22 32.40
N VAL A 381 -3.71 21.93 33.22
CA VAL A 381 -3.86 21.60 34.63
C VAL A 381 -5.25 21.06 34.86
N PRO A 382 -5.43 19.74 34.97
CA PRO A 382 -6.77 19.20 35.20
C PRO A 382 -7.35 19.67 36.52
N ARG A 383 -8.67 19.86 36.53
CA ARG A 383 -9.36 20.22 37.76
C ARG A 383 -9.40 19.03 38.71
N ASN A 384 -9.53 19.33 40.00
CA ASN A 384 -9.55 18.30 41.04
C ASN A 384 -8.24 17.51 41.03
N SER A 385 -7.13 18.24 41.02
CA SER A 385 -5.80 17.65 41.04
C SER A 385 -4.98 18.28 42.15
N TYR A 386 -4.26 17.45 42.89
CA TYR A 386 -3.41 17.94 43.97
C TYR A 386 -2.25 18.74 43.41
N VAL A 387 -1.93 19.86 44.06
CA VAL A 387 -0.86 20.74 43.63
C VAL A 387 -0.13 21.27 44.86
N ARG A 388 1.09 21.75 44.63
CA ARG A 388 1.88 22.41 45.65
C ARG A 388 2.16 23.84 45.21
N LEU A 389 2.06 24.78 46.15
CA LEU A 389 2.18 26.21 45.87
C LEU A 389 3.56 26.71 46.28
N ARG A 390 4.19 27.47 45.39
CA ARG A 390 5.48 28.07 45.65
C ARG A 390 5.40 29.58 45.44
N HIS A 391 6.08 30.33 46.30
CA HIS A 391 6.13 31.79 46.20
C HIS A 391 7.31 32.16 45.30
N LEU A 392 7.00 32.72 44.13
CA LEU A 392 8.04 33.00 43.15
C LEU A 392 9.05 34.03 43.66
N CYS A 393 8.56 35.08 44.32
CA CYS A 393 9.44 36.17 44.73
C CYS A 393 10.51 35.68 45.69
N THR A 394 10.13 34.85 46.67
CA THR A 394 11.07 34.35 47.67
C THR A 394 11.53 32.92 47.39
N ASN A 395 10.94 32.24 46.41
CA ASN A 395 11.29 30.86 46.10
C ASN A 395 11.17 29.97 47.33
N THR A 396 9.95 29.92 47.86
CA THR A 396 9.65 29.15 49.06
C THR A 396 8.37 28.35 48.84
N TRP A 397 8.24 27.24 49.57
CA TRP A 397 7.10 26.35 49.47
C TRP A 397 6.20 26.51 50.68
N ILE A 398 4.90 26.47 50.45
CA ILE A 398 3.91 26.69 51.51
C ILE A 398 3.72 25.41 52.31
N GLN A 399 3.40 25.56 53.59
CA GLN A 399 3.12 24.44 54.46
C GLN A 399 2.25 24.93 55.61
N SER A 400 1.65 23.97 56.32
CA SER A 400 0.75 24.25 57.42
C SER A 400 1.45 24.06 58.75
N THR A 401 0.90 24.72 59.78
CA THR A 401 1.44 24.63 61.12
C THR A 401 0.29 24.55 62.11
N ASN A 402 0.60 24.07 63.31
CA ASN A 402 -0.40 23.90 64.36
C ASN A 402 -0.52 25.12 65.27
N VAL A 403 0.21 26.20 64.98
CA VAL A 403 0.16 27.40 65.81
C VAL A 403 -1.20 28.06 65.61
N PRO A 404 -2.01 28.23 66.66
CA PRO A 404 -3.31 28.91 66.48
C PRO A 404 -3.13 30.42 66.45
N ILE A 405 -3.71 31.05 65.42
CA ILE A 405 -3.69 32.51 65.36
C ILE A 405 -4.51 33.11 66.50
N ASP A 406 -5.70 32.56 66.74
CA ASP A 406 -6.57 33.06 67.80
C ASP A 406 -6.31 32.25 69.08
N ILE A 407 -5.07 32.34 69.55
CA ILE A 407 -4.68 31.58 70.73
C ILE A 407 -5.39 32.09 71.97
N GLU A 408 -5.69 33.39 72.04
CA GLU A 408 -6.32 33.98 73.21
C GLU A 408 -7.85 33.88 73.15
N GLU A 409 -8.34 32.67 72.87
CA GLU A 409 -9.78 32.41 72.84
C GLU A 409 -10.01 30.93 73.08
N GLU A 410 -11.23 30.60 73.47
CA GLU A 410 -11.62 29.20 73.64
C GLU A 410 -11.90 28.58 72.28
N ARG A 411 -11.54 27.30 72.14
CA ARG A 411 -11.77 26.56 70.91
C ARG A 411 -11.09 27.26 69.73
N PRO A 412 -9.75 27.30 69.69
CA PRO A 412 -9.08 27.84 68.51
C PRO A 412 -9.45 27.07 67.26
N ILE A 413 -9.63 27.79 66.16
CA ILE A 413 -10.04 27.19 64.90
C ILE A 413 -9.17 27.67 63.74
N ARG A 414 -8.40 28.73 63.98
CA ARG A 414 -7.58 29.34 62.94
C ARG A 414 -6.13 28.87 63.09
N LEU A 415 -5.59 28.31 62.02
CA LEU A 415 -4.22 27.78 62.02
C LEU A 415 -3.39 28.54 61.00
N MET A 416 -2.20 28.98 61.42
CA MET A 416 -1.33 29.75 60.56
C MET A 416 -0.61 28.85 59.56
N LEU A 417 -0.42 29.36 58.35
CA LEU A 417 0.42 28.74 57.34
C LEU A 417 1.71 29.54 57.20
N GLY A 418 2.71 28.92 56.58
CA GLY A 418 4.00 29.57 56.42
C GLY A 418 4.78 28.98 55.26
N THR A 419 5.65 29.81 54.68
CA THR A 419 6.50 29.38 53.58
C THR A 419 7.91 29.13 54.09
N CYS A 420 8.49 28.01 53.65
CA CYS A 420 9.84 27.63 54.03
C CYS A 420 10.68 27.37 52.79
N PRO A 421 11.99 27.59 52.88
CA PRO A 421 12.85 27.34 51.70
C PRO A 421 12.90 25.88 51.30
N THR A 422 12.60 24.96 52.21
CA THR A 422 12.69 23.53 51.94
C THR A 422 11.32 22.99 51.53
N LYS A 423 11.31 22.19 50.47
CA LYS A 423 10.07 21.62 49.96
C LYS A 423 9.63 20.44 50.80
N GLU A 424 8.31 20.33 51.01
CA GLU A 424 7.70 19.19 51.69
C GLU A 424 6.71 18.54 50.72
N ASP A 425 6.84 17.22 50.56
CA ASP A 425 6.02 16.51 49.60
C ASP A 425 4.58 16.33 50.10
N LYS A 426 4.38 16.18 51.41
CA LYS A 426 3.05 15.95 51.94
C LYS A 426 2.20 17.22 51.95
N GLU A 427 2.82 18.40 51.84
CA GLU A 427 2.09 19.66 51.85
C GLU A 427 1.52 19.90 50.46
N ALA A 428 0.31 19.40 50.23
CA ALA A 428 -0.36 19.52 48.95
C ALA A 428 -1.79 20.01 49.17
N PHE A 429 -2.30 20.74 48.19
CA PHE A 429 -3.65 21.28 48.21
C PHE A 429 -4.46 20.71 47.06
N ALA A 430 -5.66 20.23 47.36
CA ALA A 430 -6.60 19.79 46.33
C ALA A 430 -7.51 20.94 45.94
N ILE A 431 -7.88 20.99 44.66
CA ILE A 431 -8.72 22.04 44.12
C ILE A 431 -10.11 21.47 43.97
N VAL A 432 -11.06 21.96 44.76
CA VAL A 432 -12.43 21.48 44.75
C VAL A 432 -13.30 22.49 44.02
N SER A 433 -14.14 22.00 43.11
CA SER A 433 -15.01 22.87 42.33
C SER A 433 -16.10 23.45 43.21
N VAL A 434 -16.67 24.56 42.75
CA VAL A 434 -17.69 25.30 43.50
C VAL A 434 -18.90 25.54 42.59
N PRO A 435 -20.12 25.26 43.04
CA PRO A 435 -21.27 25.43 42.16
C PRO A 435 -21.57 26.89 41.82
N VAL A 436 -22.11 27.08 40.61
CA VAL A 436 -22.49 28.42 40.17
C VAL A 436 -23.58 28.97 41.08
N SER A 437 -24.43 28.11 41.63
CA SER A 437 -25.44 28.57 42.58
C SER A 437 -24.79 29.22 43.79
N GLU A 438 -23.78 28.57 44.37
CA GLU A 438 -23.07 29.16 45.49
C GLU A 438 -22.34 30.43 45.09
N ILE A 439 -21.75 30.45 43.88
CA ILE A 439 -21.05 31.66 43.44
C ILE A 439 -22.01 32.83 43.37
N ARG A 440 -23.17 32.64 42.74
CA ARG A 440 -24.15 33.71 42.61
C ARG A 440 -24.68 34.13 43.98
N ASP A 441 -24.93 33.16 44.86
CA ASP A 441 -25.39 33.49 46.20
C ASP A 441 -24.37 34.35 46.94
N LEU A 442 -23.09 34.00 46.82
CA LEU A 442 -22.05 34.80 47.48
C LEU A 442 -22.00 36.20 46.90
N ASP A 443 -22.10 36.33 45.58
CA ASP A 443 -22.07 37.66 44.98
C ASP A 443 -23.24 38.50 45.48
N PHE A 444 -24.44 37.92 45.50
CA PHE A 444 -25.60 38.65 45.98
C PHE A 444 -25.44 39.05 47.45
N ALA A 445 -24.92 38.13 48.27
CA ALA A 445 -24.75 38.42 49.68
C ALA A 445 -23.74 39.54 49.89
N ASN A 446 -22.64 39.52 49.12
CA ASN A 446 -21.64 40.59 49.25
C ASN A 446 -22.23 41.94 48.86
N ASP A 447 -22.97 41.98 47.75
CA ASP A 447 -23.57 43.24 47.34
C ASP A 447 -24.55 43.76 48.39
N ALA A 448 -25.39 42.85 48.91
CA ALA A 448 -26.36 43.25 49.92
C ALA A 448 -25.67 43.74 51.19
N SER A 449 -24.60 43.06 51.60
CA SER A 449 -23.87 43.48 52.79
C SER A 449 -23.26 44.86 52.60
N SER A 450 -22.68 45.12 51.43
CA SER A 450 -22.11 46.44 51.17
C SER A 450 -23.18 47.52 51.23
N MET A 451 -24.32 47.26 50.58
CA MET A 451 -25.39 48.26 50.58
C MET A 451 -25.94 48.50 51.98
N LEU A 452 -26.11 47.43 52.76
CA LEU A 452 -26.61 47.59 54.12
C LEU A 452 -25.60 48.32 54.99
N ALA A 453 -24.30 48.07 54.78
CA ALA A 453 -23.29 48.81 55.53
C ALA A 453 -23.36 50.30 55.21
N SER A 454 -23.52 50.63 53.92
CA SER A 454 -23.66 52.04 53.55
C SER A 454 -24.89 52.65 54.19
N ALA A 455 -26.02 51.93 54.17
CA ALA A 455 -27.24 52.46 54.77
C ALA A 455 -27.07 52.65 56.27
N VAL A 456 -26.40 51.71 56.95
CA VAL A 456 -26.16 51.84 58.38
C VAL A 456 -25.27 53.05 58.66
N GLU A 457 -24.25 53.25 57.83
CA GLU A 457 -23.38 54.41 58.01
C GLU A 457 -24.17 55.70 57.87
N LYS A 458 -25.05 55.78 56.86
CA LYS A 458 -25.87 56.98 56.70
C LYS A 458 -26.80 57.17 57.89
N LEU A 459 -27.43 56.10 58.36
CA LEU A 459 -28.33 56.21 59.50
C LEU A 459 -27.60 56.66 60.75
N ASN A 460 -26.39 56.13 60.98
CA ASN A 460 -25.61 56.56 62.12
C ASN A 460 -25.18 58.02 61.99
N GLU A 461 -24.87 58.46 60.76
CA GLU A 461 -24.60 59.87 60.54
C GLU A 461 -25.82 60.71 60.93
N GLY A 462 -27.02 60.28 60.55
CA GLY A 462 -28.23 60.88 61.04
C GLY A 462 -29.26 61.22 59.98
N PHE A 463 -28.81 61.52 58.76
CA PHE A 463 -29.70 61.96 57.69
C PHE A 463 -29.72 60.92 56.58
N ILE A 464 -30.93 60.50 56.22
CA ILE A 464 -31.16 59.55 55.14
C ILE A 464 -32.20 60.14 54.21
N SER A 465 -31.91 60.14 52.91
CA SER A 465 -32.82 60.69 51.93
C SER A 465 -33.97 59.72 51.65
N GLN A 466 -35.04 60.26 51.06
CA GLN A 466 -36.18 59.41 50.71
C GLN A 466 -35.79 58.33 49.72
N ASN A 467 -34.98 58.69 48.72
CA ASN A 467 -34.53 57.70 47.74
C ASN A 467 -33.70 56.62 48.40
N ASP A 468 -32.78 57.01 49.30
CA ASP A 468 -31.96 56.03 50.00
C ASP A 468 -32.83 55.11 50.85
N ARG A 469 -33.83 55.66 51.54
CA ARG A 469 -34.72 54.85 52.35
C ARG A 469 -35.49 53.85 51.49
N ARG A 470 -35.99 54.30 50.35
CA ARG A 470 -36.72 53.41 49.45
C ARG A 470 -35.80 52.31 48.93
N PHE A 471 -34.55 52.66 48.59
CA PHE A 471 -33.60 51.65 48.13
C PHE A 471 -33.32 50.63 49.22
N VAL A 472 -33.18 51.09 50.48
CA VAL A 472 -32.95 50.18 51.58
C VAL A 472 -34.14 49.24 51.76
N ILE A 473 -35.36 49.78 51.65
CA ILE A 473 -36.55 48.94 51.79
C ILE A 473 -36.59 47.89 50.69
N GLN A 474 -36.29 48.29 49.45
CA GLN A 474 -36.28 47.34 48.36
C GLN A 474 -35.22 46.27 48.56
N LEU A 475 -34.05 46.67 49.05
CA LEU A 475 -32.99 45.69 49.32
C LEU A 475 -33.42 44.71 50.41
N LEU A 476 -34.09 45.20 51.44
CA LEU A 476 -34.57 44.31 52.50
C LEU A 476 -35.60 43.33 51.96
N GLU A 477 -36.52 43.81 51.10
CA GLU A 477 -37.48 42.91 50.49
C GLU A 477 -36.78 41.84 49.64
N ASP A 478 -35.77 42.26 48.87
CA ASP A 478 -35.03 41.30 48.05
C ASP A 478 -34.32 40.28 48.93
N LEU A 479 -33.74 40.72 50.05
CA LEU A 479 -33.10 39.79 50.97
C LEU A 479 -34.11 38.81 51.55
N VAL A 480 -35.30 39.29 51.91
CA VAL A 480 -36.33 38.41 52.43
C VAL A 480 -36.67 37.34 51.41
N PHE A 481 -36.89 37.76 50.16
CA PHE A 481 -37.22 36.80 49.11
C PHE A 481 -36.09 35.80 48.89
N PHE A 482 -34.84 36.28 48.88
CA PHE A 482 -33.70 35.40 48.65
C PHE A 482 -33.57 34.37 49.77
N VAL A 483 -33.71 34.80 51.02
CA VAL A 483 -33.60 33.86 52.14
C VAL A 483 -34.75 32.87 52.11
N SER A 484 -35.97 33.34 51.85
CA SER A 484 -37.11 32.42 51.79
C SER A 484 -36.98 31.44 50.63
N ASP A 485 -36.26 31.81 49.58
CA ASP A 485 -36.05 30.95 48.42
C ASP A 485 -37.37 30.62 47.72
N VAL A 486 -38.31 31.56 47.75
CA VAL A 486 -39.61 31.37 47.10
C VAL A 486 -39.71 32.35 45.93
N PRO A 487 -40.24 31.93 44.77
CA PRO A 487 -40.40 32.88 43.67
C PRO A 487 -41.28 34.06 44.04
N ASN A 488 -40.94 35.23 43.53
CA ASN A 488 -41.70 36.44 43.79
C ASN A 488 -42.85 36.51 42.79
N ASN A 489 -44.06 36.16 43.25
CA ASN A 489 -45.25 36.15 42.41
C ASN A 489 -46.27 37.18 42.88
N GLY A 490 -45.80 38.28 43.46
CA GLY A 490 -46.68 39.34 43.91
C GLY A 490 -47.25 39.16 45.30
N GLN A 491 -46.97 38.05 45.98
CA GLN A 491 -47.48 37.86 47.33
C GLN A 491 -46.81 38.83 48.29
N ASN A 492 -47.52 39.17 49.36
CA ASN A 492 -46.99 40.10 50.35
C ASN A 492 -45.69 39.57 50.93
N VAL A 493 -44.66 40.41 50.91
CA VAL A 493 -43.36 40.01 51.44
C VAL A 493 -43.44 39.81 52.95
N LEU A 494 -44.24 40.63 53.63
CA LEU A 494 -44.32 40.58 55.08
C LEU A 494 -44.95 39.28 55.60
N ASP A 495 -45.59 38.50 54.73
CA ASP A 495 -46.23 37.24 55.13
C ASP A 495 -45.85 36.18 54.09
N ILE A 496 -44.78 35.46 54.36
CA ILE A 496 -44.30 34.38 53.49
C ILE A 496 -44.11 33.13 54.34
N MET A 497 -44.60 32.00 53.85
CA MET A 497 -44.44 30.70 54.51
C MET A 497 -43.44 29.87 53.70
N VAL A 498 -42.44 29.31 54.39
CA VAL A 498 -41.39 28.53 53.75
C VAL A 498 -41.55 27.08 54.18
N THR A 499 -41.56 26.17 53.20
CA THR A 499 -41.70 24.75 53.50
C THR A 499 -40.35 24.11 53.83
N LYS A 500 -39.26 24.62 53.28
CA LYS A 500 -37.94 24.05 53.52
C LYS A 500 -36.88 25.15 53.56
N PRO A 501 -36.40 25.55 54.74
CA PRO A 501 -35.37 26.58 54.79
C PRO A 501 -34.10 26.16 54.06
N ASN A 502 -33.43 27.15 53.48
CA ASN A 502 -32.19 26.91 52.74
C ASN A 502 -31.02 27.07 53.72
N ARG A 503 -30.46 25.94 54.14
CA ARG A 503 -29.35 25.97 55.10
C ARG A 503 -28.14 26.69 54.52
N GLU A 504 -27.86 26.47 53.24
CA GLU A 504 -26.72 27.14 52.61
C GLU A 504 -26.90 28.65 52.63
N ARG A 505 -28.10 29.14 52.29
CA ARG A 505 -28.33 30.57 52.29
C ARG A 505 -28.32 31.15 53.70
N GLN A 506 -28.86 30.40 54.67
CA GLN A 506 -28.79 30.86 56.06
C GLN A 506 -27.35 30.98 56.53
N LYS A 507 -26.53 29.98 56.23
CA LYS A 507 -25.12 30.03 56.62
C LYS A 507 -24.41 31.19 55.93
N LEU A 508 -24.72 31.42 54.65
CA LEU A 508 -24.11 32.54 53.94
C LEU A 508 -24.49 33.86 54.58
N MET A 509 -25.78 34.02 54.93
CA MET A 509 -26.22 35.24 55.59
C MET A 509 -25.49 35.45 56.92
N ARG A 510 -25.35 34.37 57.69
CA ARG A 510 -24.66 34.48 58.98
C ARG A 510 -23.20 34.85 58.80
N GLU A 511 -22.52 34.23 57.84
CA GLU A 511 -21.07 34.36 57.73
C GLU A 511 -20.63 35.58 56.93
N GLN A 512 -21.52 36.19 56.16
CA GLN A 512 -21.18 37.39 55.39
C GLN A 512 -21.46 38.68 56.16
N ASN A 513 -21.84 38.59 57.43
CA ASN A 513 -22.12 39.76 58.26
C ASN A 513 -23.29 40.56 57.69
N ILE A 514 -24.40 39.87 57.46
CA ILE A 514 -25.65 40.51 57.07
C ILE A 514 -26.60 40.65 58.24
N LEU A 515 -26.66 39.64 59.12
CA LEU A 515 -27.45 39.76 60.33
C LEU A 515 -26.90 40.87 61.22
N LYS A 516 -25.59 41.05 61.24
CA LYS A 516 -25.01 42.17 61.98
C LYS A 516 -25.49 43.50 61.43
N GLN A 517 -25.55 43.64 60.11
CA GLN A 517 -26.07 44.86 59.52
C GLN A 517 -27.55 45.05 59.83
N VAL A 518 -28.32 43.96 59.85
CA VAL A 518 -29.73 44.05 60.21
C VAL A 518 -29.88 44.55 61.63
N PHE A 519 -29.09 44.02 62.56
CA PHE A 519 -29.14 44.48 63.94
C PHE A 519 -28.72 45.94 64.04
N GLY A 520 -27.70 46.33 63.29
CA GLY A 520 -27.30 47.73 63.29
C GLY A 520 -28.41 48.65 62.78
N ILE A 521 -29.12 48.22 61.74
CA ILE A 521 -30.25 49.00 61.24
C ILE A 521 -31.33 49.11 62.31
N LEU A 522 -31.63 48.01 62.98
CA LEU A 522 -32.65 48.03 64.02
C LEU A 522 -32.23 48.85 65.24
N LYS A 523 -30.93 49.01 65.46
CA LYS A 523 -30.43 49.66 66.67
C LYS A 523 -30.10 51.13 66.50
N ALA A 524 -29.66 51.55 65.32
CA ALA A 524 -29.17 52.91 65.12
C ALA A 524 -30.26 53.96 65.31
N PRO A 525 -31.45 53.77 64.73
CA PRO A 525 -32.48 54.81 64.85
C PRO A 525 -32.82 55.16 66.29
N PHE A 526 -32.84 54.17 67.17
CA PHE A 526 -33.18 54.40 68.58
C PHE A 526 -31.91 54.66 69.38
N ARG A 527 -31.28 55.78 69.05
CA ARG A 527 -30.04 56.18 69.70
C ARG A 527 -29.94 57.69 69.82
N PRO A 534 -32.28 61.55 68.24
CA PRO A 534 -33.00 60.34 67.84
C PRO A 534 -33.80 60.53 66.56
N LEU A 535 -33.41 59.83 65.49
CA LEU A 535 -34.12 59.95 64.23
C LEU A 535 -35.56 59.48 64.37
N VAL A 536 -35.77 58.35 65.05
CA VAL A 536 -37.09 57.81 65.29
C VAL A 536 -37.16 57.29 66.72
N ARG A 537 -38.31 57.52 67.37
CA ARG A 537 -38.55 57.06 68.73
C ARG A 537 -39.62 55.98 68.72
N LEU A 538 -39.48 55.02 69.64
CA LEU A 538 -40.45 53.93 69.72
C LEU A 538 -41.86 54.42 69.98
N GLU A 539 -42.01 55.61 70.57
CA GLU A 539 -43.32 56.16 70.88
C GLU A 539 -43.94 56.93 69.72
N GLU A 540 -43.21 57.07 68.60
CA GLU A 540 -43.68 57.83 67.44
C GLU A 540 -43.74 56.98 66.19
N LEU A 541 -43.70 55.65 66.32
CA LEU A 541 -43.74 54.77 65.16
C LEU A 541 -45.13 54.64 64.56
N SER A 542 -46.18 54.97 65.32
CA SER A 542 -47.54 54.89 64.79
C SER A 542 -47.85 55.98 63.78
N ASP A 543 -46.99 56.99 63.67
CA ASP A 543 -47.23 58.10 62.75
C ASP A 543 -47.07 57.65 61.30
N GLN A 544 -47.92 58.18 60.42
CA GLN A 544 -47.79 57.87 59.00
C GLN A 544 -46.46 58.35 58.44
N LYS A 545 -45.90 59.41 59.02
CA LYS A 545 -44.59 59.88 58.59
C LYS A 545 -43.52 58.82 58.84
N ASN A 546 -43.58 58.16 60.00
CA ASN A 546 -42.61 57.14 60.37
C ASN A 546 -43.05 55.74 59.95
N ALA A 547 -44.17 55.61 59.26
CA ALA A 547 -44.61 54.29 58.78
C ALA A 547 -43.54 53.58 57.96
N PRO A 548 -42.84 54.22 57.03
CA PRO A 548 -41.79 53.49 56.29
C PRO A 548 -40.71 52.91 57.19
N TYR A 549 -40.33 53.63 58.26
CA TYR A 549 -39.38 53.07 59.21
C TYR A 549 -39.96 51.83 59.88
N GLN A 550 -41.24 51.85 60.21
CA GLN A 550 -41.89 50.67 60.78
C GLN A 550 -41.84 49.50 59.81
N HIS A 551 -42.11 49.76 58.53
CA HIS A 551 -42.04 48.72 57.52
C HIS A 551 -40.63 48.17 57.40
N MET A 552 -39.63 49.05 57.45
CA MET A 552 -38.23 48.62 57.40
C MET A 552 -37.92 47.70 58.58
N PHE A 553 -38.36 48.08 59.77
CA PHE A 553 -38.14 47.25 60.96
C PHE A 553 -38.83 45.91 60.82
N ARG A 554 -40.06 45.90 60.31
CA ARG A 554 -40.77 44.65 60.10
C ARG A 554 -40.02 43.75 59.12
N LEU A 555 -39.51 44.33 58.04
CA LEU A 555 -38.72 43.55 57.09
C LEU A 555 -37.48 42.98 57.74
N CYS A 556 -36.80 43.79 58.57
CA CYS A 556 -35.61 43.32 59.26
C CYS A 556 -35.95 42.14 60.17
N TYR A 557 -37.05 42.23 60.90
CA TYR A 557 -37.45 41.15 61.79
C TYR A 557 -37.84 39.90 61.00
N ARG A 558 -38.49 40.08 59.84
CA ARG A 558 -38.79 38.94 58.99
C ARG A 558 -37.51 38.26 58.50
N VAL A 559 -36.51 39.06 58.12
CA VAL A 559 -35.23 38.49 57.72
C VAL A 559 -34.61 37.69 58.88
N LEU A 560 -34.66 38.26 60.08
CA LEU A 560 -34.13 37.55 61.24
C LEU A 560 -34.85 36.24 61.47
N ARG A 561 -36.19 36.24 61.35
CA ARG A 561 -36.95 35.01 61.54
C ARG A 561 -36.63 33.98 60.47
N HIS A 562 -36.51 34.39 59.21
CA HIS A 562 -36.22 33.46 58.12
C HIS A 562 -34.79 32.96 58.14
N SER A 563 -33.88 33.66 58.80
CA SER A 563 -32.48 33.27 58.85
C SER A 563 -32.16 32.34 60.02
N GLN A 564 -33.17 31.93 60.79
CA GLN A 564 -32.96 31.09 61.95
C GLN A 564 -33.89 29.90 62.03
N GLU A 565 -34.62 29.58 60.97
CA GLU A 565 -35.56 28.46 60.99
C GLU A 565 -34.78 27.15 60.85
N ASP A 566 -34.82 26.32 61.89
CA ASP A 566 -34.13 25.03 61.89
C ASP A 566 -32.63 25.21 61.68
N TYR A 567 -32.03 26.06 62.52
CA TYR A 567 -30.59 26.30 62.47
C TYR A 567 -30.15 26.73 63.87
N ARG A 568 -29.53 25.80 64.60
CA ARG A 568 -29.15 26.09 65.99
C ARG A 568 -28.14 27.24 66.06
N LYS A 569 -27.16 27.23 65.17
CA LYS A 569 -26.11 28.25 65.23
C LYS A 569 -26.70 29.64 64.99
N ASN A 570 -27.55 29.78 63.97
CA ASN A 570 -28.18 31.06 63.70
C ASN A 570 -29.11 31.46 64.83
N GLN A 571 -29.84 30.50 65.39
CA GLN A 571 -30.73 30.80 66.52
C GLN A 571 -29.93 31.36 67.69
N GLU A 572 -28.80 30.74 68.02
CA GLU A 572 -27.95 31.24 69.10
C GLU A 572 -27.38 32.61 68.76
N HIS A 573 -26.95 32.80 67.52
CA HIS A 573 -26.39 34.09 67.12
C HIS A 573 -27.42 35.21 67.29
N ILE A 574 -28.67 34.94 66.91
CA ILE A 574 -29.71 35.95 67.06
C ILE A 574 -30.05 36.13 68.54
N ALA A 575 -30.11 35.04 69.31
CA ALA A 575 -30.41 35.14 70.73
C ALA A 575 -29.34 35.91 71.49
N LYS A 576 -28.12 35.98 70.96
CA LYS A 576 -27.10 36.80 71.60
C LYS A 576 -27.53 38.25 71.74
N GLN A 577 -28.42 38.72 70.85
CA GLN A 577 -28.96 40.07 70.93
C GLN A 577 -30.40 40.08 71.44
N PHE A 578 -30.71 39.20 72.40
CA PHE A 578 -32.08 39.08 72.88
C PHE A 578 -32.54 40.35 73.60
N GLY A 579 -31.61 41.09 74.21
CA GLY A 579 -32.01 42.26 74.98
C GLY A 579 -32.71 43.30 74.14
N MET A 580 -32.13 43.64 72.98
CA MET A 580 -32.75 44.62 72.10
C MET A 580 -34.05 44.09 71.51
N MET A 581 -34.07 42.81 71.12
CA MET A 581 -35.28 42.22 70.57
C MET A 581 -36.42 42.23 71.57
N GLN A 582 -36.12 42.08 72.86
CA GLN A 582 -37.14 42.20 73.89
C GLN A 582 -37.48 43.65 74.21
N SER A 583 -36.49 44.54 74.17
CA SER A 583 -36.75 45.95 74.40
C SER A 583 -37.62 46.56 73.32
N GLN A 584 -37.61 45.99 72.11
CA GLN A 584 -38.43 46.45 71.00
C GLN A 584 -39.71 45.64 70.84
N ILE A 585 -40.27 45.16 71.94
CA ILE A 585 -41.47 44.35 71.91
C ILE A 585 -42.68 45.24 72.16
N GLY A 586 -43.85 44.73 71.81
CA GLY A 586 -45.11 45.46 72.02
C GLY A 586 -45.55 46.27 70.83
N TYR A 587 -44.67 47.13 70.32
CA TYR A 587 -45.02 47.96 69.17
C TYR A 587 -45.21 47.09 67.93
N ASP A 588 -45.95 47.63 66.97
CA ASP A 588 -46.32 46.88 65.76
C ASP A 588 -45.09 46.76 64.87
N ILE A 589 -44.19 45.86 65.27
CA ILE A 589 -42.97 45.58 64.52
C ILE A 589 -42.80 44.10 64.21
N LEU A 590 -43.61 43.23 64.81
CA LEU A 590 -43.48 41.78 64.65
C LEU A 590 -42.21 41.27 65.33
N ALA A 591 -41.89 41.85 66.49
CA ALA A 591 -40.76 41.40 67.29
C ALA A 591 -41.12 40.23 68.18
N GLU A 592 -42.33 40.26 68.77
CA GLU A 592 -42.78 39.12 69.57
C GLU A 592 -42.92 37.87 68.72
N ASP A 593 -43.35 38.02 67.46
CA ASP A 593 -43.43 36.85 66.58
C ASP A 593 -42.06 36.23 66.36
N THR A 594 -41.04 37.06 66.13
CA THR A 594 -39.69 36.53 65.98
C THR A 594 -39.21 35.90 67.29
N ILE A 595 -39.54 36.51 68.42
CA ILE A 595 -39.13 35.95 69.71
C ILE A 595 -39.72 34.56 69.89
N THR A 596 -41.00 34.40 69.52
CA THR A 596 -41.64 33.09 69.62
C THR A 596 -41.03 32.10 68.65
N ALA A 597 -40.82 32.52 67.39
CA ALA A 597 -40.19 31.63 66.42
C ALA A 597 -38.82 31.19 66.88
N LEU A 598 -38.15 32.03 67.67
CA LEU A 598 -36.83 31.67 68.20
C LEU A 598 -36.97 30.71 69.38
N LEU A 599 -37.62 31.14 70.45
CA LEU A 599 -37.77 30.31 71.65
C LEU A 599 -39.06 29.50 71.62
N HIS A 600 -39.33 28.86 70.48
CA HIS A 600 -40.30 27.78 70.40
C HIS A 600 -39.72 26.47 69.91
N ASN A 601 -38.58 26.48 69.20
CA ASN A 601 -37.95 25.27 68.71
C ASN A 601 -36.69 24.87 69.47
N ASN A 602 -36.03 25.81 70.14
CA ASN A 602 -34.80 25.54 70.88
C ASN A 602 -35.14 25.56 72.37
N ARG A 603 -35.13 24.38 72.99
CA ARG A 603 -35.48 24.29 74.41
C ARG A 603 -34.45 25.02 75.28
N LYS A 604 -33.16 24.89 74.94
CA LYS A 604 -32.12 25.50 75.76
C LYS A 604 -32.34 27.02 75.86
N LEU A 605 -32.49 27.69 74.72
CA LEU A 605 -32.69 29.14 74.74
C LEU A 605 -34.01 29.50 75.42
N LEU A 606 -35.05 28.69 75.22
CA LEU A 606 -36.33 28.98 75.86
C LEU A 606 -36.20 29.08 77.37
N GLU A 607 -35.59 28.06 78.00
CA GLU A 607 -35.41 28.08 79.43
C GLU A 607 -34.38 29.11 79.88
N LYS A 608 -33.37 29.38 79.05
CA LYS A 608 -32.35 30.35 79.42
C LYS A 608 -32.92 31.77 79.45
N HIS A 609 -33.83 32.10 78.53
CA HIS A 609 -34.29 33.47 78.39
C HIS A 609 -35.67 33.72 78.98
N ILE A 610 -36.67 32.89 78.68
CA ILE A 610 -38.03 33.15 79.14
C ILE A 610 -38.06 33.01 80.65
N THR A 611 -38.46 34.08 81.34
CA THR A 611 -38.54 34.07 82.80
C THR A 611 -39.71 34.90 83.29
N LYS A 612 -39.75 35.16 84.60
CA LYS A 612 -40.88 35.88 85.18
C LYS A 612 -41.01 37.27 84.59
N THR A 613 -39.89 37.94 84.33
CA THR A 613 -39.95 39.28 83.76
C THR A 613 -40.61 39.26 82.39
N GLU A 614 -40.20 38.32 81.53
CA GLU A 614 -40.80 38.22 80.20
C GLU A 614 -42.28 37.84 80.29
N VAL A 615 -42.63 36.91 81.17
CA VAL A 615 -44.02 36.50 81.30
C VAL A 615 -44.87 37.68 81.78
N GLU A 616 -44.37 38.45 82.73
CA GLU A 616 -45.09 39.63 83.20
C GLU A 616 -45.22 40.67 82.10
N THR A 617 -44.18 40.84 81.28
CA THR A 617 -44.27 41.78 80.17
C THR A 617 -45.36 41.35 79.19
N PHE A 618 -45.41 40.06 78.87
CA PHE A 618 -46.47 39.57 77.98
C PHE A 618 -47.85 39.75 78.61
N VAL A 619 -47.96 39.50 79.92
CA VAL A 619 -49.24 39.67 80.60
C VAL A 619 -49.68 41.12 80.55
N SER A 620 -48.76 42.05 80.79
CA SER A 620 -49.10 43.47 80.71
C SER A 620 -49.50 43.85 79.29
N LEU A 621 -48.79 43.35 78.29
CA LEU A 621 -49.12 43.68 76.91
C LEU A 621 -50.51 43.18 76.55
N VAL A 622 -50.85 41.95 76.94
CA VAL A 622 -52.18 41.43 76.64
C VAL A 622 -53.24 42.18 77.44
N ARG A 623 -52.93 42.59 78.67
CA ARG A 623 -53.87 43.42 79.42
C ARG A 623 -54.14 44.72 78.68
N LYS A 624 -53.09 45.34 78.14
CA LYS A 624 -53.24 46.64 77.49
C LYS A 624 -54.01 46.52 76.17
N ASN A 625 -53.68 45.51 75.36
CA ASN A 625 -54.18 45.44 73.98
C ASN A 625 -55.33 44.46 73.77
N ARG A 626 -55.29 43.30 74.40
CA ARG A 626 -56.32 42.26 74.22
C ARG A 626 -56.37 41.77 72.79
N GLU A 627 -55.18 41.52 72.22
CA GLU A 627 -55.05 40.88 70.91
C GLU A 627 -54.83 39.39 71.10
N PRO A 628 -55.62 38.52 70.46
CA PRO A 628 -55.44 37.08 70.67
C PRO A 628 -54.05 36.58 70.31
N ARG A 629 -53.31 37.31 69.47
CA ARG A 629 -51.98 36.88 69.08
C ARG A 629 -51.06 36.75 70.29
N PHE A 630 -51.20 37.63 71.28
CA PHE A 630 -50.37 37.54 72.47
C PHE A 630 -50.66 36.27 73.26
N LEU A 631 -51.94 35.92 73.41
CA LEU A 631 -52.28 34.66 74.07
C LEU A 631 -51.76 33.47 73.28
N ASP A 632 -51.83 33.55 71.95
CA ASP A 632 -51.29 32.46 71.13
C ASP A 632 -49.80 32.31 71.36
N TYR A 633 -49.07 33.42 71.42
CA TYR A 633 -47.63 33.35 71.68
C TYR A 633 -47.35 32.79 73.07
N LEU A 634 -48.14 33.19 74.06
CA LEU A 634 -47.96 32.65 75.40
C LEU A 634 -48.17 31.14 75.42
N SER A 635 -49.22 30.66 74.74
CA SER A 635 -49.46 29.23 74.67
C SER A 635 -48.31 28.52 73.96
N ASP A 636 -47.81 29.10 72.87
CA ASP A 636 -46.70 28.49 72.14
C ASP A 636 -45.46 28.40 73.02
N LEU A 637 -45.18 29.42 73.81
CA LEU A 637 -44.01 29.41 74.69
C LEU A 637 -44.04 28.28 75.70
N CYS A 638 -45.22 27.73 76.01
CA CYS A 638 -45.33 26.66 76.99
C CYS A 638 -44.84 25.31 76.47
N VAL A 639 -44.91 25.08 75.17
CA VAL A 639 -44.56 23.79 74.58
C VAL A 639 -43.55 24.02 73.48
N SER A 640 -42.51 23.17 73.44
CA SER A 640 -41.50 23.18 72.40
C SER A 640 -41.37 21.78 71.85
N ASN A 641 -41.42 21.65 70.53
CA ASN A 641 -41.32 20.35 69.86
C ASN A 641 -42.39 19.40 70.36
N HIS A 642 -43.59 19.93 70.59
CA HIS A 642 -44.75 19.15 71.04
C HIS A 642 -44.52 18.51 72.40
N ILE A 643 -43.55 19.01 73.17
CA ILE A 643 -43.25 18.50 74.50
C ILE A 643 -43.28 19.67 75.48
N ALA A 644 -44.02 19.51 76.57
CA ALA A 644 -44.16 20.58 77.55
C ALA A 644 -42.84 20.80 78.29
N ILE A 645 -42.53 22.07 78.56
CA ILE A 645 -41.36 22.47 79.31
C ILE A 645 -41.83 22.86 80.71
N PRO A 646 -41.52 22.07 81.75
CA PRO A 646 -42.10 22.35 83.07
C PRO A 646 -41.82 23.75 83.60
N VAL A 647 -40.61 24.28 83.41
CA VAL A 647 -40.26 25.55 84.02
C VAL A 647 -41.13 26.67 83.44
N THR A 648 -41.10 26.82 82.12
CA THR A 648 -41.90 27.86 81.48
C THR A 648 -43.39 27.62 81.71
N GLN A 649 -43.83 26.36 81.69
CA GLN A 649 -45.25 26.07 81.91
C GLN A 649 -45.69 26.55 83.29
N GLU A 650 -44.91 26.21 84.32
CA GLU A 650 -45.26 26.63 85.68
C GLU A 650 -45.22 28.14 85.81
N LEU A 651 -44.21 28.79 85.22
CA LEU A 651 -44.13 30.25 85.31
C LEU A 651 -45.36 30.89 84.67
N ILE A 652 -45.70 30.47 83.46
CA ILE A 652 -46.83 31.06 82.76
C ILE A 652 -48.13 30.78 83.51
N CYS A 653 -48.29 29.57 84.06
CA CYS A 653 -49.49 29.26 84.82
C CYS A 653 -49.61 30.14 86.04
N LYS A 654 -48.53 30.25 86.83
CA LYS A 654 -48.60 31.04 88.06
C LYS A 654 -48.78 32.52 87.77
N CYS A 655 -48.34 32.98 86.60
CA CYS A 655 -48.54 34.40 86.28
C CYS A 655 -49.94 34.66 85.73
N VAL A 656 -50.47 33.76 84.91
CA VAL A 656 -51.77 33.98 84.29
C VAL A 656 -52.89 33.72 85.29
N LEU A 657 -52.88 32.58 85.96
CA LEU A 657 -53.94 32.24 86.89
C LEU A 657 -53.86 33.02 88.20
N ASP A 658 -52.90 33.93 88.32
CA ASP A 658 -52.84 34.78 89.49
C ASP A 658 -54.15 35.57 89.63
N PRO A 659 -54.80 35.55 90.79
CA PRO A 659 -56.07 36.30 90.92
C PRO A 659 -55.92 37.78 90.63
N LYS A 660 -54.72 38.33 90.77
CA LYS A 660 -54.52 39.74 90.42
C LYS A 660 -54.81 39.99 88.94
N ASN A 661 -54.36 39.09 88.07
CA ASN A 661 -54.60 39.20 86.63
C ASN A 661 -55.84 38.43 86.22
N SER A 662 -56.97 38.73 86.87
CA SER A 662 -58.22 38.04 86.60
C SER A 662 -59.10 38.75 85.60
N ASP A 663 -58.71 39.95 85.15
CA ASP A 663 -59.52 40.73 84.22
C ASP A 663 -59.17 40.46 82.76
N ILE A 664 -58.16 39.63 82.47
CA ILE A 664 -57.78 39.35 81.10
C ILE A 664 -58.40 38.06 80.57
N LEU A 665 -58.95 37.23 81.44
CA LEU A 665 -59.52 35.95 81.04
C LEU A 665 -61.03 36.02 81.06
N ILE A 666 -61.66 35.51 80.00
CA ILE A 666 -63.12 35.50 79.92
C ILE A 666 -63.66 34.37 80.78
N ARG A 667 -64.57 34.71 81.69
CA ARG A 667 -65.17 33.72 82.58
C ARG A 667 -66.42 33.14 81.93
N THR A 668 -66.76 31.92 82.33
CA THR A 668 -67.92 31.21 81.81
C THR A 668 -68.75 30.68 82.97
N GLU A 669 -70.06 30.64 82.77
CA GLU A 669 -70.97 30.16 83.80
C GLU A 669 -72.18 29.51 83.14
N LEU A 670 -72.91 28.73 83.93
CA LEU A 670 -74.12 28.05 83.49
C LEU A 670 -75.32 28.60 84.26
N ARG A 671 -76.39 28.92 83.52
CA ARG A 671 -77.58 29.50 84.11
C ARG A 671 -78.81 28.72 83.65
N PRO A 672 -79.89 28.73 84.46
CA PRO A 672 -81.11 28.01 84.09
C PRO A 672 -81.91 28.71 82.98
N GLU A 690 -79.76 23.78 80.71
CA GLU A 690 -79.17 25.08 81.07
C GLU A 690 -78.48 25.71 79.86
N GLU A 691 -78.02 26.95 80.03
CA GLU A 691 -77.35 27.68 78.97
C GLU A 691 -76.04 28.26 79.51
N VAL A 692 -75.11 28.52 78.59
CA VAL A 692 -73.77 28.97 78.93
C VAL A 692 -73.69 30.47 78.63
N TRP A 693 -73.19 31.23 79.60
CA TRP A 693 -72.98 32.66 79.47
C TRP A 693 -71.52 33.00 79.70
N LEU A 694 -70.98 33.87 78.86
CA LEU A 694 -69.59 34.32 78.95
C LEU A 694 -69.57 35.77 79.41
N THR A 695 -68.68 36.06 80.36
CA THR A 695 -68.50 37.39 80.92
C THR A 695 -67.06 37.83 80.73
N TRP A 696 -66.88 39.09 80.37
CA TRP A 696 -65.56 39.66 80.14
C TRP A 696 -65.55 41.13 80.51
N THR A 697 -64.38 41.74 80.42
CA THR A 697 -64.20 43.16 80.71
C THR A 697 -63.54 43.84 79.52
N ASP A 698 -64.12 44.94 79.08
CA ASP A 698 -63.59 45.69 77.95
C ASP A 698 -62.41 46.55 78.41
N LYS A 699 -61.70 47.13 77.44
CA LYS A 699 -60.56 47.99 77.77
C LYS A 699 -60.98 49.17 78.63
N ASN A 700 -62.25 49.58 78.55
CA ASN A 700 -62.77 50.70 79.34
C ASN A 700 -63.19 50.27 80.74
N ASN A 701 -62.74 49.12 81.22
CA ASN A 701 -63.12 48.62 82.55
C ASN A 701 -64.64 48.49 82.69
N GLU A 702 -65.29 48.06 81.61
CA GLU A 702 -66.73 47.86 81.58
C GLU A 702 -67.02 46.36 81.49
N HIS A 703 -67.89 45.87 82.35
CA HIS A 703 -68.23 44.45 82.37
C HIS A 703 -69.32 44.15 81.35
N HIS A 704 -69.11 43.09 80.57
CA HIS A 704 -70.08 42.64 79.57
C HIS A 704 -70.36 41.16 79.76
N GLU A 705 -71.62 40.79 79.56
CA GLU A 705 -72.05 39.40 79.67
C GLU A 705 -72.96 39.08 78.50
N LYS A 706 -72.81 37.88 77.95
CA LYS A 706 -73.61 37.50 76.80
C LYS A 706 -73.64 35.98 76.65
N SER A 707 -74.74 35.48 76.11
CA SER A 707 -74.90 34.05 75.91
C SER A 707 -74.08 33.57 74.72
N VAL A 708 -73.59 32.33 74.83
CA VAL A 708 -72.73 31.77 73.80
C VAL A 708 -73.49 31.63 72.49
N ARG A 709 -74.75 31.18 72.56
CA ARG A 709 -75.53 31.02 71.33
C ARG A 709 -75.74 32.36 70.64
N GLN A 710 -76.07 33.40 71.40
CA GLN A 710 -76.23 34.73 70.80
C GLN A 710 -74.93 35.22 70.21
N LEU A 711 -73.81 35.02 70.91
CA LEU A 711 -72.52 35.42 70.39
C LEU A 711 -72.23 34.72 69.06
N ALA A 712 -72.45 33.41 69.01
CA ALA A 712 -72.19 32.67 67.78
C ALA A 712 -73.10 33.12 66.65
N GLN A 713 -74.37 33.33 66.93
CA GLN A 713 -75.31 33.75 65.89
C GLN A 713 -74.93 35.12 65.34
N GLU A 714 -74.57 36.06 66.22
CA GLU A 714 -74.20 37.39 65.77
C GLU A 714 -72.86 37.37 65.02
N ALA A 715 -71.93 36.50 65.44
CA ALA A 715 -70.68 36.36 64.71
C ALA A 715 -70.93 35.81 63.31
N ARG A 716 -71.80 34.82 63.19
CA ARG A 716 -72.15 34.30 61.86
C ARG A 716 -72.82 35.39 61.03
N ALA A 717 -73.65 36.21 61.67
CA ALA A 717 -74.26 37.34 60.96
C ALA A 717 -73.19 38.30 60.45
N GLY A 718 -72.14 38.53 61.23
CA GLY A 718 -71.05 39.40 60.81
C GLY A 718 -70.57 40.37 61.86
N ASN A 719 -71.04 40.23 63.09
CA ASN A 719 -70.65 41.14 64.16
C ASN A 719 -69.16 40.97 64.45
N ALA A 720 -68.38 42.02 64.14
CA ALA A 720 -66.93 41.94 64.34
C ALA A 720 -66.58 41.81 65.82
N HIS A 721 -67.28 42.54 66.69
CA HIS A 721 -67.01 42.44 68.11
C HIS A 721 -67.24 41.02 68.62
N ASP A 722 -68.35 40.41 68.23
CA ASP A 722 -68.63 39.04 68.66
C ASP A 722 -67.62 38.06 68.08
N GLU A 723 -67.23 38.25 66.83
CA GLU A 723 -66.22 37.38 66.24
C GLU A 723 -64.89 37.49 66.99
N ASN A 724 -64.49 38.72 67.34
CA ASN A 724 -63.26 38.90 68.08
C ASN A 724 -63.35 38.27 69.47
N VAL A 725 -64.50 38.40 70.13
CA VAL A 725 -64.68 37.78 71.44
C VAL A 725 -64.57 36.27 71.33
N LEU A 726 -65.20 35.69 70.31
CA LEU A 726 -65.11 34.24 70.12
C LEU A 726 -63.68 33.80 69.86
N SER A 727 -62.94 34.55 69.04
CA SER A 727 -61.55 34.21 68.77
C SER A 727 -60.72 34.29 70.05
N TYR A 728 -60.95 35.33 70.86
CA TYR A 728 -60.22 35.47 72.11
C TYR A 728 -60.51 34.31 73.04
N TYR A 729 -61.78 33.90 73.13
CA TYR A 729 -62.14 32.77 73.98
C TYR A 729 -61.50 31.48 73.47
N ARG A 730 -61.49 31.28 72.16
CA ARG A 730 -60.87 30.08 71.59
C ARG A 730 -59.39 30.03 71.93
N TYR A 731 -58.69 31.16 71.79
CA TYR A 731 -57.27 31.17 72.11
C TYR A 731 -57.03 31.02 73.61
N GLN A 732 -57.94 31.53 74.44
CA GLN A 732 -57.84 31.30 75.88
C GLN A 732 -57.96 29.82 76.21
N LEU A 733 -58.92 29.13 75.58
CA LEU A 733 -59.06 27.70 75.78
C LEU A 733 -57.82 26.96 75.31
N LYS A 734 -57.26 27.37 74.17
CA LYS A 734 -56.03 26.76 73.68
C LYS A 734 -54.90 26.93 74.69
N LEU A 735 -54.78 28.13 75.26
CA LEU A 735 -53.74 28.38 76.26
C LEU A 735 -53.95 27.51 77.49
N PHE A 736 -55.20 27.39 77.95
CA PHE A 736 -55.47 26.55 79.11
C PHE A 736 -55.10 25.10 78.83
N ALA A 737 -55.48 24.58 77.66
CA ALA A 737 -55.18 23.20 77.32
C ALA A 737 -53.67 22.98 77.24
N ARG A 738 -52.95 23.92 76.61
CA ARG A 738 -51.50 23.77 76.51
C ARG A 738 -50.85 23.84 77.89
N MET A 739 -51.34 24.70 78.77
CA MET A 739 -50.81 24.76 80.13
C MET A 739 -51.09 23.46 80.89
N CYS A 740 -52.27 22.88 80.72
CA CYS A 740 -52.62 21.63 81.37
C CYS A 740 -52.00 20.42 80.69
N LEU A 741 -51.34 20.61 79.56
CA LEU A 741 -50.68 19.51 78.88
C LEU A 741 -49.68 18.83 79.81
N ASP A 742 -49.49 17.53 79.59
CA ASP A 742 -48.55 16.73 80.38
C ASP A 742 -48.92 16.76 81.87
N ARG A 743 -50.21 16.73 82.14
CA ARG A 743 -50.73 16.62 83.51
C ARG A 743 -50.09 17.64 84.44
N GLN A 744 -50.33 18.92 84.12
CA GLN A 744 -49.86 20.03 84.95
C GLN A 744 -50.94 20.28 86.01
N TYR A 745 -50.80 19.59 87.14
CA TYR A 745 -51.84 19.66 88.17
C TYR A 745 -52.03 21.08 88.70
N LEU A 746 -50.94 21.85 88.80
CA LEU A 746 -51.05 23.21 89.34
C LEU A 746 -52.09 24.04 88.58
N ALA A 747 -52.22 23.83 87.27
CA ALA A 747 -53.22 24.52 86.47
C ALA A 747 -54.49 23.71 86.27
N ILE A 748 -54.38 22.38 86.25
CA ILE A 748 -55.57 21.55 86.07
C ILE A 748 -56.52 21.73 87.24
N ASP A 749 -55.99 21.75 88.47
CA ASP A 749 -56.84 21.92 89.64
C ASP A 749 -57.58 23.26 89.61
N GLU A 750 -56.93 24.31 89.12
CA GLU A 750 -57.59 25.61 89.04
C GLU A 750 -58.59 25.70 87.90
N ILE A 751 -58.31 25.02 86.78
CA ILE A 751 -59.18 25.15 85.62
C ILE A 751 -60.39 24.22 85.70
N SER A 752 -60.26 23.09 86.41
CA SER A 752 -61.36 22.12 86.45
C SER A 752 -62.59 22.72 87.11
N GLN A 753 -62.41 23.43 88.22
CA GLN A 753 -63.55 24.04 88.91
C GLN A 753 -64.23 25.07 88.02
N GLN A 754 -63.45 25.91 87.34
CA GLN A 754 -64.04 26.91 86.46
C GLN A 754 -64.80 26.27 85.31
N LEU A 755 -64.24 25.21 84.72
CA LEU A 755 -64.84 24.51 83.60
C LEU A 755 -65.05 23.05 83.99
N GLY A 756 -66.30 22.70 84.31
CA GLY A 756 -66.62 21.34 84.69
C GLY A 756 -66.85 20.43 83.50
N VAL A 757 -67.05 19.15 83.81
CA VAL A 757 -67.29 18.16 82.76
C VAL A 757 -68.60 18.45 82.04
N ASP A 758 -69.65 18.79 82.79
CA ASP A 758 -70.95 19.03 82.19
C ASP A 758 -70.92 20.23 81.25
N LEU A 759 -70.25 21.31 81.65
CA LEU A 759 -70.20 22.51 80.81
C LEU A 759 -69.48 22.20 79.50
N ILE A 760 -68.35 21.51 79.57
CA ILE A 760 -67.59 21.18 78.36
C ILE A 760 -68.40 20.25 77.47
N PHE A 761 -69.09 19.28 78.08
CA PHE A 761 -69.93 18.38 77.30
C PHE A 761 -71.02 19.14 76.58
N LEU A 762 -71.69 20.07 77.27
CA LEU A 762 -72.73 20.86 76.62
C LEU A 762 -72.17 21.69 75.48
N CYS A 763 -71.03 22.36 75.71
CA CYS A 763 -70.45 23.20 74.68
C CYS A 763 -70.05 22.40 73.45
N MET A 764 -69.45 21.21 73.66
CA MET A 764 -69.00 20.41 72.53
C MET A 764 -70.17 19.75 71.82
N ALA A 765 -71.25 19.43 72.55
CA ALA A 765 -72.41 18.82 71.91
C ALA A 765 -73.23 19.84 71.14
N ASP A 766 -73.22 21.10 71.56
CA ASP A 766 -73.98 22.12 70.86
C ASP A 766 -73.53 22.21 69.41
N GLU A 767 -74.50 22.19 68.49
CA GLU A 767 -74.22 22.24 67.07
C GLU A 767 -74.12 23.66 66.53
N MET A 768 -74.89 24.59 67.09
CA MET A 768 -74.87 25.96 66.59
C MET A 768 -73.51 26.61 66.75
N LEU A 769 -72.73 26.18 67.75
CA LEU A 769 -71.42 26.76 67.96
C LEU A 769 -70.48 26.35 66.83
N PRO A 770 -69.47 27.17 66.53
CA PRO A 770 -68.60 26.89 65.39
C PRO A 770 -67.72 25.66 65.63
N PHE A 771 -67.30 25.07 64.51
CA PHE A 771 -66.49 23.85 64.57
C PHE A 771 -65.16 24.11 65.27
N ASP A 772 -64.56 25.28 65.05
CA ASP A 772 -63.29 25.58 65.72
C ASP A 772 -63.46 25.63 67.23
N LEU A 773 -64.54 26.26 67.69
CA LEU A 773 -64.80 26.33 69.12
C LEU A 773 -65.08 24.94 69.69
N ARG A 774 -65.84 24.12 68.95
CA ARG A 774 -66.10 22.76 69.39
C ARG A 774 -64.81 21.95 69.48
N ALA A 775 -63.91 22.13 68.51
CA ALA A 775 -62.64 21.43 68.55
C ALA A 775 -61.78 21.89 69.73
N SER A 776 -61.79 23.19 70.02
CA SER A 776 -61.06 23.67 71.19
C SER A 776 -61.62 23.08 72.47
N PHE A 777 -62.95 22.99 72.57
CA PHE A 777 -63.56 22.36 73.74
C PHE A 777 -63.17 20.89 73.84
N CYS A 778 -63.14 20.18 72.71
CA CYS A 778 -62.72 18.79 72.73
C CYS A 778 -61.28 18.65 73.20
N HIS A 779 -60.40 19.54 72.71
CA HIS A 779 -59.00 19.50 73.13
C HIS A 779 -58.87 19.76 74.62
N LEU A 780 -59.61 20.74 75.13
CA LEU A 780 -59.57 21.02 76.57
C LEU A 780 -60.07 19.82 77.37
N MET A 781 -61.15 19.19 76.90
CA MET A 781 -61.66 17.99 77.58
C MET A 781 -60.60 16.90 77.60
N LEU A 782 -59.90 16.71 76.48
CA LEU A 782 -58.86 15.69 76.41
C LEU A 782 -57.73 15.98 77.39
N HIS A 783 -57.27 17.23 77.44
CA HIS A 783 -56.07 17.57 78.19
C HIS A 783 -56.35 18.09 79.59
N VAL A 784 -57.59 18.07 80.06
CA VAL A 784 -57.93 18.54 81.40
C VAL A 784 -58.50 17.42 82.26
N HIS A 785 -59.50 16.70 81.77
CA HIS A 785 -60.20 15.69 82.56
C HIS A 785 -59.77 14.27 82.24
N VAL A 786 -59.74 13.89 80.96
CA VAL A 786 -59.40 12.52 80.60
C VAL A 786 -57.97 12.20 81.02
N ASP A 787 -57.04 13.12 80.77
CA ASP A 787 -55.63 12.92 81.09
C ASP A 787 -55.40 13.34 82.54
N ARG A 788 -55.84 12.49 83.46
CA ARG A 788 -55.68 12.72 84.89
C ARG A 788 -55.53 11.37 85.58
N ASP A 789 -55.58 11.39 86.93
CA ASP A 789 -55.56 10.18 87.74
C ASP A 789 -56.96 9.84 88.22
N PRO A 790 -57.24 8.56 88.51
CA PRO A 790 -56.35 7.40 88.43
C PRO A 790 -56.32 6.76 87.04
N GLN A 791 -56.76 7.48 86.01
CA GLN A 791 -56.77 6.92 84.66
C GLN A 791 -55.37 6.48 84.25
N GLU A 792 -55.27 5.28 83.69
CA GLU A 792 -53.99 4.71 83.32
C GLU A 792 -54.21 3.74 82.16
N LEU A 793 -53.16 3.53 81.37
CA LEU A 793 -53.23 2.58 80.27
C LEU A 793 -53.47 1.17 80.81
N VAL A 794 -54.29 0.41 80.08
CA VAL A 794 -54.67 -0.94 80.47
C VAL A 794 -54.20 -1.90 79.39
N THR A 795 -53.56 -2.99 79.80
CA THR A 795 -53.09 -3.99 78.85
C THR A 795 -54.26 -4.84 78.40
N PRO A 796 -54.58 -4.88 77.10
CA PRO A 796 -55.73 -5.70 76.66
C PRO A 796 -55.58 -7.18 76.96
N VAL A 797 -54.37 -7.70 76.93
CA VAL A 797 -54.11 -9.13 77.12
C VAL A 797 -53.40 -9.33 78.45
N LYS A 798 -53.93 -10.24 79.27
CA LYS A 798 -53.35 -10.60 80.55
C LYS A 798 -52.91 -12.05 80.52
N PHE A 799 -51.64 -12.30 80.82
CA PHE A 799 -51.09 -13.65 80.80
C PHE A 799 -51.38 -14.44 82.07
N ALA A 800 -51.82 -13.78 83.14
CA ALA A 800 -52.10 -14.43 84.41
C ALA A 800 -53.59 -14.36 84.68
N ARG A 801 -54.20 -15.51 84.95
CA ARG A 801 -55.63 -15.60 85.24
C ARG A 801 -55.84 -16.50 86.45
N LEU A 802 -56.89 -16.22 87.20
CA LEU A 802 -57.23 -16.99 88.39
C LEU A 802 -58.24 -18.08 88.03
N TRP A 803 -57.99 -19.29 88.51
CA TRP A 803 -58.86 -20.42 88.17
C TRP A 803 -60.28 -20.19 88.67
N THR A 804 -60.42 -19.67 89.89
CA THR A 804 -61.75 -19.45 90.45
C THR A 804 -62.52 -18.36 89.71
N GLU A 805 -61.85 -17.55 88.89
CA GLU A 805 -62.47 -16.44 88.20
C GLU A 805 -62.74 -16.74 86.73
N ILE A 806 -62.73 -18.03 86.34
CA ILE A 806 -63.00 -18.43 84.97
C ILE A 806 -64.42 -18.99 84.92
N PRO A 807 -65.38 -18.29 84.31
CA PRO A 807 -66.74 -18.81 84.26
C PRO A 807 -66.85 -20.05 83.37
N THR A 808 -67.84 -20.88 83.67
CA THR A 808 -68.07 -22.07 82.86
C THR A 808 -68.43 -21.70 81.42
N ALA A 809 -69.27 -20.68 81.25
CA ALA A 809 -69.66 -20.18 79.93
C ALA A 809 -69.41 -18.68 79.89
N ILE A 810 -68.85 -18.23 78.76
CA ILE A 810 -68.47 -16.83 78.59
C ILE A 810 -69.03 -16.33 77.26
N THR A 811 -69.59 -15.14 77.27
CA THR A 811 -70.09 -14.48 76.09
C THR A 811 -69.64 -13.03 76.10
N ILE A 812 -70.05 -12.27 75.07
CA ILE A 812 -69.64 -10.87 74.98
C ILE A 812 -70.16 -10.09 76.16
N LYS A 813 -71.42 -10.30 76.54
CA LYS A 813 -72.01 -9.58 77.66
C LYS A 813 -71.28 -9.92 78.96
N ASP A 814 -70.98 -11.20 79.17
CA ASP A 814 -70.27 -11.60 80.38
C ASP A 814 -68.87 -10.99 80.43
N TYR A 815 -68.18 -10.97 79.29
CA TYR A 815 -66.85 -10.37 79.25
C TYR A 815 -66.93 -8.87 79.55
N ASP A 816 -67.92 -8.18 78.99
CA ASP A 816 -68.08 -6.76 79.26
C ASP A 816 -68.38 -6.52 80.74
N SER A 817 -69.24 -7.35 81.34
CA SER A 817 -69.54 -7.20 82.75
C SER A 817 -68.31 -7.45 83.61
N ASN A 818 -67.50 -8.45 83.24
CA ASN A 818 -66.26 -8.71 83.98
C ASN A 818 -65.30 -7.53 83.88
N LEU A 819 -65.18 -6.93 82.69
CA LEU A 819 -64.33 -5.75 82.54
C LEU A 819 -64.85 -4.60 83.38
N ASN A 820 -66.17 -4.39 83.40
CA ASN A 820 -66.74 -3.32 84.21
C ASN A 820 -66.47 -3.56 85.69
N ALA A 821 -66.62 -4.80 86.15
CA ALA A 821 -66.33 -5.12 87.54
C ALA A 821 -64.87 -4.88 87.87
N SER A 822 -63.97 -5.26 86.95
CA SER A 822 -62.54 -5.01 87.15
C SER A 822 -62.26 -3.52 87.25
N ARG A 823 -62.91 -2.72 86.41
CA ARG A 823 -62.74 -1.27 86.50
C ARG A 823 -63.12 -0.78 87.88
N ASP A 824 -62.25 0.07 88.45
CA ASP A 824 -62.49 0.56 89.81
C ASP A 824 -63.72 1.45 89.86
N ASP A 825 -63.85 2.38 88.91
CA ASP A 825 -64.98 3.30 88.92
C ASP A 825 -66.28 2.55 88.69
N LYS A 826 -67.30 2.92 89.47
CA LYS A 826 -68.62 2.31 89.35
C LYS A 826 -69.53 3.10 88.42
N LYS A 827 -69.53 4.42 88.53
CA LYS A 827 -70.32 5.29 87.68
C LYS A 827 -69.39 5.99 86.69
N ASN A 828 -69.66 5.84 85.40
CA ASN A 828 -68.82 6.43 84.36
C ASN A 828 -69.18 7.89 84.19
N LYS A 829 -68.20 8.77 84.39
CA LYS A 829 -68.40 10.20 84.20
C LYS A 829 -68.20 10.65 82.75
N PHE A 830 -67.84 9.73 81.86
CA PHE A 830 -67.65 10.04 80.45
C PHE A 830 -68.60 9.28 79.55
N ALA A 831 -69.66 8.68 80.11
CA ALA A 831 -70.62 7.94 79.28
C ALA A 831 -71.27 8.85 78.26
N ASN A 832 -71.67 10.05 78.69
CA ASN A 832 -72.26 11.02 77.75
C ASN A 832 -71.25 11.42 76.69
N THR A 833 -69.98 11.58 77.08
CA THR A 833 -68.95 11.91 76.10
C THR A 833 -68.81 10.81 75.05
N MET A 834 -68.80 9.55 75.50
CA MET A 834 -68.69 8.43 74.55
C MET A 834 -69.91 8.39 73.63
N GLU A 835 -71.10 8.62 74.18
CA GLU A 835 -72.31 8.62 73.35
C GLU A 835 -72.24 9.73 72.32
N PHE A 836 -71.80 10.92 72.72
CA PHE A 836 -71.65 12.02 71.77
C PHE A 836 -70.63 11.70 70.69
N VAL A 837 -69.52 11.07 71.08
CA VAL A 837 -68.51 10.68 70.10
C VAL A 837 -69.10 9.71 69.09
N GLU A 838 -69.85 8.72 69.57
CA GLU A 838 -70.46 7.74 68.68
C GLU A 838 -71.44 8.41 67.72
N ASP A 839 -72.27 9.31 68.24
CA ASP A 839 -73.23 10.01 67.38
C ASP A 839 -72.51 10.87 66.34
N TYR A 840 -71.45 11.56 66.75
CA TYR A 840 -70.71 12.39 65.81
C TYR A 840 -70.07 11.54 64.71
N LEU A 841 -69.49 10.40 65.09
CA LEU A 841 -68.89 9.52 64.08
C LEU A 841 -69.96 8.97 63.14
N ASN A 842 -71.12 8.62 63.67
CA ASN A 842 -72.21 8.15 62.81
C ASN A 842 -72.63 9.23 61.82
N ASN A 843 -72.75 10.47 62.29
CA ASN A 843 -73.09 11.57 61.39
C ASN A 843 -72.01 11.76 60.34
N VAL A 844 -70.74 11.66 60.73
CA VAL A 844 -69.65 11.84 59.77
C VAL A 844 -69.70 10.77 58.69
N VAL A 845 -69.88 9.51 59.10
CA VAL A 845 -69.93 8.43 58.12
C VAL A 845 -71.21 8.48 57.28
N SER A 846 -72.26 9.14 57.78
CA SER A 846 -73.47 9.26 56.98
C SER A 846 -73.21 10.01 55.68
N GLU A 847 -72.45 11.09 55.74
CA GLU A 847 -72.13 11.86 54.55
C GLU A 847 -71.28 11.02 53.59
N ALA A 848 -71.50 11.23 52.29
CA ALA A 848 -70.76 10.47 51.28
C ALA A 848 -69.27 10.76 51.35
N VAL A 849 -68.91 12.03 51.52
CA VAL A 849 -67.52 12.46 51.61
C VAL A 849 -67.27 12.92 53.05
N PRO A 850 -66.54 12.13 53.87
CA PRO A 850 -66.30 12.56 55.25
C PRO A 850 -65.34 13.74 55.36
N PHE A 851 -64.21 13.67 54.67
CA PHE A 851 -63.18 14.70 54.75
C PHE A 851 -63.36 15.67 53.59
N ALA A 852 -64.31 16.58 53.75
CA ALA A 852 -64.58 17.63 52.78
C ALA A 852 -64.34 19.02 53.35
N ASN A 853 -64.93 19.34 54.50
CA ASN A 853 -64.79 20.65 55.11
C ASN A 853 -63.58 20.65 56.03
N GLU A 854 -62.65 21.59 55.81
CA GLU A 854 -61.46 21.67 56.64
C GLU A 854 -61.82 22.00 58.09
N GLU A 855 -62.80 22.87 58.29
CA GLU A 855 -63.17 23.25 59.65
C GLU A 855 -63.67 22.04 60.44
N LYS A 856 -64.50 21.20 59.81
CA LYS A 856 -65.00 20.01 60.49
C LYS A 856 -63.91 18.96 60.68
N ASN A 857 -62.84 19.01 59.89
CA ASN A 857 -61.76 18.04 60.05
C ASN A 857 -61.08 18.21 61.40
N LYS A 858 -60.93 19.45 61.88
CA LYS A 858 -60.33 19.67 63.19
C LYS A 858 -61.16 19.02 64.28
N LEU A 859 -62.48 19.21 64.23
CA LEU A 859 -63.35 18.61 65.22
C LEU A 859 -63.32 17.09 65.14
N THR A 860 -63.30 16.55 63.91
CA THR A 860 -63.22 15.10 63.75
C THR A 860 -61.93 14.55 64.36
N PHE A 861 -60.81 15.23 64.11
CA PHE A 861 -59.54 14.79 64.67
C PHE A 861 -59.55 14.85 66.19
N GLU A 862 -60.11 15.92 66.76
CA GLU A 862 -60.18 16.01 68.22
C GLU A 862 -61.04 14.90 68.80
N VAL A 863 -62.18 14.61 68.16
CA VAL A 863 -63.05 13.54 68.63
C VAL A 863 -62.34 12.20 68.55
N VAL A 864 -61.62 11.95 67.45
CA VAL A 864 -60.91 10.69 67.30
C VAL A 864 -59.83 10.55 68.36
N SER A 865 -59.09 11.63 68.64
CA SER A 865 -58.07 11.58 69.67
C SER A 865 -58.68 11.31 71.04
N LEU A 866 -59.81 11.96 71.34
CA LEU A 866 -60.48 11.70 72.62
C LEU A 866 -60.91 10.24 72.73
N ALA A 867 -61.47 9.70 71.64
CA ALA A 867 -61.87 8.29 71.65
C ALA A 867 -60.67 7.38 71.85
N HIS A 868 -59.56 7.69 71.18
CA HIS A 868 -58.35 6.88 71.34
C HIS A 868 -57.87 6.89 72.78
N ASN A 869 -57.84 8.08 73.40
CA ASN A 869 -57.41 8.18 74.79
C ASN A 869 -58.33 7.40 75.71
N LEU A 870 -59.65 7.51 75.51
CA LEU A 870 -60.58 6.77 76.34
C LEU A 870 -60.40 5.27 76.17
N ILE A 871 -60.21 4.81 74.93
CA ILE A 871 -60.05 3.38 74.69
C ILE A 871 -58.77 2.87 75.35
N TYR A 872 -57.67 3.62 75.22
CA TYR A 872 -56.42 3.20 75.83
C TYR A 872 -56.45 3.30 77.35
N PHE A 873 -57.28 4.17 77.91
CA PHE A 873 -57.49 4.23 79.35
C PHE A 873 -58.53 3.23 79.83
N GLY A 874 -59.23 2.56 78.92
CA GLY A 874 -60.13 1.49 79.29
C GLY A 874 -61.49 1.94 79.80
N PHE A 875 -62.26 2.63 78.95
CA PHE A 875 -63.62 3.04 79.28
C PHE A 875 -64.69 2.40 78.41
N TYR A 876 -64.32 1.69 77.34
CA TYR A 876 -65.28 1.08 76.45
C TYR A 876 -65.42 -0.41 76.76
N SER A 877 -66.50 -0.99 76.24
CA SER A 877 -66.76 -2.42 76.31
C SER A 877 -66.50 -3.07 74.96
N PHE A 878 -66.61 -4.38 74.91
CA PHE A 878 -66.30 -5.11 73.69
C PHE A 878 -67.28 -4.76 72.57
N SER A 879 -68.58 -4.73 72.89
CA SER A 879 -69.58 -4.41 71.87
C SER A 879 -69.41 -2.98 71.38
N GLU A 880 -69.17 -2.04 72.29
CA GLU A 880 -68.95 -0.66 71.90
C GLU A 880 -67.72 -0.53 71.02
N LEU A 881 -66.65 -1.27 71.35
CA LEU A 881 -65.45 -1.25 70.53
C LEU A 881 -65.71 -1.80 69.14
N LEU A 882 -66.50 -2.87 69.04
CA LEU A 882 -66.83 -3.41 67.73
C LEU A 882 -67.65 -2.41 66.91
N ARG A 883 -68.63 -1.77 67.54
CA ARG A 883 -69.42 -0.76 66.83
C ARG A 883 -68.53 0.39 66.36
N LEU A 884 -67.61 0.84 67.23
CA LEU A 884 -66.69 1.90 66.84
C LEU A 884 -65.78 1.46 65.71
N THR A 885 -65.35 0.20 65.71
CA THR A 885 -64.54 -0.31 64.61
C THR A 885 -65.31 -0.24 63.30
N ARG A 886 -66.56 -0.69 63.31
CA ARG A 886 -67.37 -0.61 62.10
C ARG A 886 -67.54 0.82 61.63
N THR A 887 -67.82 1.73 62.57
CA THR A 887 -68.01 3.13 62.22
C THR A 887 -66.75 3.73 61.62
N LEU A 888 -65.59 3.44 62.23
CA LEU A 888 -64.33 3.99 61.73
C LEU A 888 -63.99 3.41 60.36
N LEU A 889 -64.25 2.12 60.15
CA LEU A 889 -64.02 1.55 58.82
C LEU A 889 -64.93 2.21 57.79
N GLY A 890 -66.18 2.46 58.15
CA GLY A 890 -67.08 3.17 57.25
C GLY A 890 -66.58 4.57 56.94
N ILE A 891 -66.07 5.27 57.95
CA ILE A 891 -65.54 6.62 57.74
C ILE A 891 -64.36 6.56 56.79
N ILE A 892 -63.45 5.63 57.00
CA ILE A 892 -62.26 5.51 56.14
C ILE A 892 -62.67 5.20 54.72
N ASP A 893 -63.58 4.23 54.55
CA ASP A 893 -64.04 3.85 53.23
C ASP A 893 -65.23 2.90 53.33
N ASP A 961 -54.23 18.00 54.86
CA ASP A 961 -54.25 16.54 54.79
C ASP A 961 -53.50 15.91 55.96
N ILE A 962 -52.68 16.72 56.63
CA ILE A 962 -51.94 16.22 57.79
C ILE A 962 -52.90 15.79 58.89
N VAL A 963 -54.00 16.54 59.06
CA VAL A 963 -55.02 16.15 60.04
C VAL A 963 -55.64 14.82 59.64
N VAL A 964 -55.87 14.63 58.34
CA VAL A 964 -56.44 13.37 57.86
C VAL A 964 -55.48 12.21 58.16
N MET A 965 -54.19 12.41 57.91
CA MET A 965 -53.22 11.36 58.20
C MET A 965 -53.16 11.05 59.69
N GLU A 966 -53.20 12.09 60.53
CA GLU A 966 -53.14 11.87 61.97
C GLU A 966 -54.36 11.11 62.46
N THR A 967 -55.55 11.47 61.99
CA THR A 967 -56.75 10.75 62.41
C THR A 967 -56.75 9.32 61.87
N LYS A 968 -56.20 9.10 60.68
CA LYS A 968 -56.06 7.74 60.18
C LYS A 968 -55.13 6.92 61.06
N LEU A 969 -54.01 7.51 61.50
CA LEU A 969 -53.12 6.82 62.41
C LEU A 969 -53.81 6.49 63.72
N LYS A 970 -54.59 7.45 64.25
CA LYS A 970 -55.34 7.19 65.48
C LYS A 970 -56.32 6.04 65.29
N ILE A 971 -57.02 6.02 64.15
CA ILE A 971 -57.96 4.94 63.87
C ILE A 971 -57.25 3.60 63.79
N LEU A 972 -56.08 3.57 63.15
CA LEU A 972 -55.31 2.33 63.07
C LEU A 972 -54.89 1.85 64.46
N GLU A 973 -54.46 2.78 65.32
CA GLU A 973 -54.10 2.39 66.68
C GLU A 973 -55.31 1.82 67.42
N ILE A 974 -56.48 2.45 67.26
CA ILE A 974 -57.69 1.95 67.89
C ILE A 974 -58.01 0.55 67.38
N LEU A 975 -57.86 0.34 66.07
CA LEU A 975 -58.13 -0.97 65.50
C LEU A 975 -57.18 -2.03 66.07
N GLN A 976 -55.90 -1.68 66.21
CA GLN A 976 -54.94 -2.63 66.78
C GLN A 976 -55.32 -2.97 68.22
N PHE A 977 -55.69 -1.97 69.01
CA PHE A 977 -56.11 -2.22 70.38
C PHE A 977 -57.33 -3.13 70.43
N ILE A 978 -58.30 -2.90 69.55
CA ILE A 978 -59.51 -3.71 69.55
C ILE A 978 -59.20 -5.13 69.11
N LEU A 979 -58.28 -5.30 68.17
CA LEU A 979 -57.86 -6.65 67.78
C LEU A 979 -57.20 -7.37 68.95
N ASN A 980 -56.36 -6.66 69.71
CA ASN A 980 -55.77 -7.26 70.90
C ASN A 980 -56.85 -7.67 71.91
N VAL A 981 -57.86 -6.83 72.08
CA VAL A 981 -58.96 -7.16 72.98
C VAL A 981 -59.69 -8.41 72.49
N ARG A 982 -59.91 -8.51 71.17
CA ARG A 982 -60.56 -9.69 70.62
C ARG A 982 -59.73 -10.94 70.86
N LEU A 983 -58.41 -10.84 70.70
CA LEU A 983 -57.55 -11.97 70.99
C LEU A 983 -57.63 -12.38 72.45
N ASP A 984 -57.67 -11.41 73.36
CA ASP A 984 -57.84 -11.71 74.77
C ASP A 984 -59.17 -12.41 75.02
N TYR A 985 -60.23 -11.96 74.35
CA TYR A 985 -61.53 -12.61 74.50
C TYR A 985 -61.48 -14.06 74.01
N ARG A 986 -60.79 -14.30 72.89
CA ARG A 986 -60.65 -15.66 72.40
C ARG A 986 -59.89 -16.53 73.40
N ILE A 987 -58.84 -15.98 74.00
CA ILE A 987 -58.10 -16.72 75.02
C ILE A 987 -59.00 -17.05 76.20
N SER A 988 -59.82 -16.08 76.63
CA SER A 988 -60.74 -16.31 77.73
C SER A 988 -61.76 -17.40 77.37
N TYR A 989 -62.24 -17.39 76.13
CA TYR A 989 -63.18 -18.43 75.69
C TYR A 989 -62.53 -19.80 75.73
N LEU A 990 -61.27 -19.90 75.27
CA LEU A 990 -60.57 -21.17 75.34
C LEU A 990 -60.40 -21.62 76.78
N LEU A 991 -60.05 -20.70 77.68
CA LEU A 991 -59.92 -21.06 79.09
C LEU A 991 -61.23 -21.55 79.66
N SER A 992 -62.34 -20.88 79.32
CA SER A 992 -63.64 -21.32 79.81
C SER A 992 -64.00 -22.70 79.29
N VAL A 993 -63.72 -22.97 78.01
CA VAL A 993 -64.00 -24.29 77.45
C VAL A 993 -63.17 -25.35 78.17
N PHE A 994 -61.89 -25.07 78.39
CA PHE A 994 -61.04 -26.04 79.08
C PHE A 994 -61.55 -26.30 80.49
N LYS A 995 -61.93 -25.24 81.21
CA LYS A 995 -62.43 -25.42 82.57
C LYS A 995 -63.72 -26.23 82.57
N LYS A 996 -64.62 -25.94 81.64
CA LYS A 996 -65.88 -26.68 81.57
C LYS A 996 -65.62 -28.15 81.32
N GLU A 997 -64.75 -28.47 80.36
CA GLU A 997 -64.45 -29.87 80.07
C GLU A 997 -63.81 -30.54 81.27
N PHE A 998 -62.87 -29.87 81.92
CA PHE A 998 -62.17 -30.48 83.05
C PHE A 998 -63.13 -30.75 84.20
N VAL A 999 -64.01 -29.79 84.52
CA VAL A 999 -64.94 -30.00 85.62
C VAL A 999 -65.96 -31.07 85.27
N GLU A 1000 -66.39 -31.13 84.01
CA GLU A 1000 -67.36 -32.15 83.61
C GLU A 1000 -66.77 -33.55 83.68
N VAL A 1001 -65.50 -33.70 83.28
CA VAL A 1001 -64.90 -35.04 83.24
C VAL A 1001 -64.27 -35.46 84.56
N PHE A 1002 -63.91 -34.52 85.44
CA PHE A 1002 -63.29 -34.82 86.72
C PHE A 1002 -63.99 -34.03 87.81
N PRO A 1003 -65.22 -34.43 88.18
CA PRO A 1003 -65.99 -33.79 89.26
C PRO A 1003 -65.13 -33.43 90.47
N ASN A 1024 -63.42 -35.59 74.02
CA ASN A 1024 -63.06 -34.35 74.71
C ASN A 1024 -62.11 -33.50 73.86
N LEU A 1025 -61.01 -34.11 73.39
CA LEU A 1025 -60.08 -33.38 72.54
C LEU A 1025 -60.74 -32.92 71.25
N ASP A 1026 -61.51 -33.80 70.62
CA ASP A 1026 -62.20 -33.42 69.38
C ASP A 1026 -63.22 -32.32 69.65
N ARG A 1027 -63.96 -32.43 70.74
CA ARG A 1027 -64.95 -31.40 71.07
C ARG A 1027 -64.27 -30.05 71.30
N ILE A 1028 -63.17 -30.05 72.04
CA ILE A 1028 -62.46 -28.79 72.31
C ILE A 1028 -61.90 -28.22 71.01
N GLY A 1029 -61.35 -29.07 70.15
CA GLY A 1029 -60.83 -28.58 68.88
C GLY A 1029 -61.92 -27.98 68.02
N GLU A 1030 -63.08 -28.63 67.95
CA GLU A 1030 -64.19 -28.09 67.17
C GLU A 1030 -64.67 -26.77 67.74
N GLN A 1031 -64.76 -26.67 69.07
CA GLN A 1031 -65.19 -25.42 69.69
C GLN A 1031 -64.20 -24.30 69.39
N ALA A 1032 -62.90 -24.60 69.46
CA ALA A 1032 -61.89 -23.60 69.13
C ALA A 1032 -61.99 -23.18 67.67
N GLU A 1033 -62.22 -24.14 66.77
CA GLU A 1033 -62.33 -23.82 65.35
C GLU A 1033 -63.56 -22.97 65.06
N ALA A 1034 -64.62 -23.17 65.85
CA ALA A 1034 -65.88 -22.50 65.56
C ALA A 1034 -65.72 -20.98 65.53
N MET A 1035 -65.01 -20.42 66.52
CA MET A 1035 -64.88 -18.97 66.59
C MET A 1035 -64.05 -18.43 65.43
N PHE A 1036 -63.07 -19.22 64.97
CA PHE A 1036 -62.23 -18.80 63.85
C PHE A 1036 -62.99 -18.90 62.53
N GLY A 1037 -63.85 -17.92 62.25
CA GLY A 1037 -64.61 -17.91 61.02
C GLY A 1037 -63.82 -17.36 59.85
N SER A 1043 -68.58 -15.52 64.42
CA SER A 1043 -69.33 -14.71 63.48
C SER A 1043 -69.57 -13.31 64.06
N MET A 1044 -69.82 -13.25 65.36
CA MET A 1044 -70.06 -11.97 66.04
C MET A 1044 -68.77 -11.24 66.36
N LEU A 1045 -67.61 -11.87 66.18
CA LEU A 1045 -66.31 -11.26 66.47
C LEU A 1045 -65.68 -10.65 65.22
N GLU A 1046 -66.39 -10.64 64.10
CA GLU A 1046 -65.85 -10.11 62.85
C GLU A 1046 -65.57 -8.63 62.99
N VAL A 1047 -64.46 -8.18 62.38
CA VAL A 1047 -64.11 -6.76 62.43
C VAL A 1047 -65.18 -5.92 61.75
N ASP A 1048 -65.64 -6.36 60.59
CA ASP A 1048 -66.65 -5.65 59.80
C ASP A 1048 -67.82 -6.57 59.50
N ASP A 1049 -68.83 -6.02 58.84
CA ASP A 1049 -70.03 -6.77 58.47
C ASP A 1049 -69.87 -7.51 57.15
N GLU A 1050 -68.75 -7.35 56.46
CA GLU A 1050 -68.50 -7.99 55.18
C GLU A 1050 -67.52 -9.15 55.28
N GLY A 1051 -67.28 -9.66 56.49
CA GLY A 1051 -66.35 -10.76 56.67
C GLY A 1051 -64.92 -10.41 56.35
N GLY A 1052 -64.48 -9.22 56.74
CA GLY A 1052 -63.11 -8.79 56.55
C GLY A 1052 -62.82 -8.14 55.21
N ARG A 1053 -63.78 -8.14 54.29
CA ARG A 1053 -63.55 -7.50 52.99
C ARG A 1053 -63.30 -6.00 53.17
N MET A 1054 -64.12 -5.34 53.99
CA MET A 1054 -63.94 -3.91 54.21
C MET A 1054 -62.62 -3.63 54.89
N PHE A 1055 -62.25 -4.46 55.88
CA PHE A 1055 -61.00 -4.25 56.58
C PHE A 1055 -59.81 -4.39 55.63
N LEU A 1056 -59.82 -5.43 54.79
CA LEU A 1056 -58.74 -5.62 53.83
C LEU A 1056 -58.68 -4.47 52.83
N ARG A 1057 -59.84 -4.02 52.34
CA ARG A 1057 -59.85 -2.92 51.39
C ARG A 1057 -59.30 -1.65 52.02
N VAL A 1058 -59.68 -1.37 53.26
CA VAL A 1058 -59.16 -0.18 53.96
C VAL A 1058 -57.66 -0.30 54.15
N LEU A 1059 -57.18 -1.49 54.54
CA LEU A 1059 -55.75 -1.67 54.72
C LEU A 1059 -54.99 -1.43 53.42
N ILE A 1060 -55.49 -1.96 52.31
CA ILE A 1060 -54.81 -1.76 51.04
C ILE A 1060 -54.84 -0.30 50.63
N HIS A 1061 -55.98 0.37 50.82
CA HIS A 1061 -56.08 1.78 50.46
C HIS A 1061 -55.10 2.62 51.28
N LEU A 1062 -54.99 2.34 52.58
CA LEU A 1062 -54.03 3.04 53.41
C LEU A 1062 -52.60 2.74 53.00
N THR A 1063 -52.30 1.49 52.66
CA THR A 1063 -50.98 1.13 52.17
C THR A 1063 -50.64 1.87 50.89
N MET A 1064 -51.64 2.14 50.05
CA MET A 1064 -51.45 2.87 48.81
C MET A 1064 -51.09 4.34 49.04
N HIS A 1065 -51.23 4.85 50.25
CA HIS A 1065 -50.88 6.23 50.54
C HIS A 1065 -49.36 6.41 50.56
N ASP A 1066 -48.95 7.67 50.52
CA ASP A 1066 -47.53 8.02 50.55
C ASP A 1066 -47.01 8.34 51.95
N TYR A 1067 -47.87 8.26 52.96
CA TYR A 1067 -47.47 8.56 54.33
C TYR A 1067 -46.83 7.31 54.94
N ALA A 1068 -45.53 7.40 55.23
CA ALA A 1068 -44.79 6.20 55.65
C ALA A 1068 -45.35 5.56 56.91
N PRO A 1069 -45.65 6.30 57.99
CA PRO A 1069 -46.25 5.65 59.16
C PRO A 1069 -47.55 4.94 58.85
N LEU A 1070 -48.42 5.54 58.05
CA LEU A 1070 -49.68 4.89 57.70
C LEU A 1070 -49.43 3.64 56.87
N VAL A 1071 -48.50 3.69 55.93
CA VAL A 1071 -48.19 2.52 55.12
C VAL A 1071 -47.66 1.40 56.00
N SER A 1072 -46.76 1.74 56.93
CA SER A 1072 -46.20 0.72 57.82
C SER A 1072 -47.29 0.09 58.68
N GLY A 1073 -48.16 0.92 59.24
CA GLY A 1073 -49.25 0.38 60.05
C GLY A 1073 -50.18 -0.51 59.26
N ALA A 1074 -50.53 -0.08 58.04
CA ALA A 1074 -51.40 -0.88 57.20
C ALA A 1074 -50.75 -2.22 56.85
N LEU A 1075 -49.46 -2.21 56.52
CA LEU A 1075 -48.78 -3.45 56.21
C LEU A 1075 -48.72 -4.38 57.42
N GLN A 1076 -48.45 -3.82 58.60
CA GLN A 1076 -48.41 -4.63 59.81
C GLN A 1076 -49.76 -5.27 60.08
N LEU A 1077 -50.84 -4.49 59.96
CA LEU A 1077 -52.17 -5.02 60.18
C LEU A 1077 -52.52 -6.08 59.14
N LEU A 1078 -52.14 -5.86 57.88
CA LEU A 1078 -52.42 -6.83 56.85
C LEU A 1078 -51.70 -8.15 57.13
N PHE A 1079 -50.44 -8.08 57.55
CA PHE A 1079 -49.71 -9.30 57.88
C PHE A 1079 -50.31 -9.99 59.10
N LYS A 1080 -50.73 -9.23 60.11
CA LYS A 1080 -51.30 -9.83 61.31
C LYS A 1080 -52.69 -10.41 61.06
N HIS A 1081 -53.41 -9.92 60.05
CA HIS A 1081 -54.77 -10.39 59.81
C HIS A 1081 -54.80 -11.88 59.49
N PHE A 1082 -53.85 -12.36 58.69
CA PHE A 1082 -53.79 -13.75 58.27
C PHE A 1082 -52.94 -14.62 59.19
N SER A 1083 -52.81 -14.23 60.47
CA SER A 1083 -52.04 -15.01 61.43
C SER A 1083 -52.76 -15.08 62.77
N GLN A 1084 -54.09 -15.02 62.76
CA GLN A 1084 -54.84 -15.03 64.01
C GLN A 1084 -54.64 -16.34 64.76
N ARG A 1085 -54.70 -17.47 64.05
CA ARG A 1085 -54.55 -18.77 64.70
C ARG A 1085 -53.16 -18.93 65.31
N GLN A 1086 -52.13 -18.59 64.54
CA GLN A 1086 -50.76 -18.74 65.05
C GLN A 1086 -50.54 -17.82 66.25
N GLU A 1087 -50.98 -16.56 66.15
CA GLU A 1087 -50.83 -15.64 67.27
C GLU A 1087 -51.65 -16.09 68.46
N ALA A 1088 -52.86 -16.60 68.22
CA ALA A 1088 -53.69 -17.10 69.32
C ALA A 1088 -53.00 -18.24 70.04
N MET A 1089 -52.44 -19.20 69.30
CA MET A 1089 -51.73 -20.31 69.92
C MET A 1089 -50.50 -19.82 70.68
N HIS A 1090 -49.76 -18.88 70.09
CA HIS A 1090 -48.57 -18.37 70.75
C HIS A 1090 -48.92 -17.69 72.07
N THR A 1091 -50.00 -16.91 72.08
CA THR A 1091 -50.41 -16.25 73.32
C THR A 1091 -50.98 -17.23 74.33
N PHE A 1092 -51.69 -18.26 73.86
CA PHE A 1092 -52.25 -19.26 74.76
C PHE A 1092 -51.15 -20.09 75.40
N LYS A 1093 -50.02 -20.27 74.72
CA LYS A 1093 -48.90 -21.01 75.30
C LYS A 1093 -48.27 -20.30 76.47
N GLN A 1094 -48.60 -19.03 76.71
CA GLN A 1094 -47.99 -18.25 77.78
C GLN A 1094 -49.05 -17.81 78.79
N VAL A 1095 -49.92 -18.72 79.19
CA VAL A 1095 -51.01 -18.44 80.12
C VAL A 1095 -50.71 -19.12 81.44
N GLN A 1096 -50.82 -18.37 82.53
CA GLN A 1096 -50.61 -18.87 83.89
C GLN A 1096 -51.94 -18.91 84.62
N LEU A 1097 -52.17 -19.98 85.36
CA LEU A 1097 -53.46 -20.19 86.03
C LEU A 1097 -53.45 -19.84 87.50
N LEU A 1098 -52.32 -19.96 88.18
CA LEU A 1098 -52.21 -19.63 89.60
C LEU A 1098 -53.30 -20.33 90.41
N ILE A 1099 -53.32 -21.66 90.31
CA ILE A 1099 -54.36 -22.44 90.96
C ILE A 1099 -54.18 -22.50 92.48
N SER A 1100 -52.94 -22.58 92.96
CA SER A 1100 -52.71 -22.77 94.39
C SER A 1100 -53.17 -21.55 95.19
N ALA A 1101 -53.59 -21.80 96.43
CA ALA A 1101 -53.99 -20.71 97.31
C ALA A 1101 -52.81 -19.79 97.61
N GLN A 1102 -51.61 -20.37 97.79
CA GLN A 1102 -50.42 -19.54 97.97
C GLN A 1102 -50.18 -18.68 96.74
N ASP A 1103 -50.37 -19.24 95.55
CA ASP A 1103 -50.22 -18.46 94.33
C ASP A 1103 -51.23 -17.33 94.26
N VAL A 1104 -52.48 -17.59 94.67
CA VAL A 1104 -53.49 -16.54 94.66
C VAL A 1104 -53.12 -15.43 95.64
N GLU A 1105 -52.66 -15.81 96.83
CA GLU A 1105 -52.26 -14.81 97.81
C GLU A 1105 -51.10 -13.97 97.30
N ASN A 1106 -50.11 -14.62 96.69
CA ASN A 1106 -48.99 -13.88 96.13
C ASN A 1106 -49.45 -12.95 95.01
N TYR A 1107 -50.39 -13.41 94.18
CA TYR A 1107 -50.91 -12.56 93.11
C TYR A 1107 -51.59 -11.33 93.69
N LYS A 1108 -52.42 -11.51 94.71
CA LYS A 1108 -53.11 -10.37 95.32
C LYS A 1108 -52.10 -9.39 95.93
N VAL A 1109 -51.12 -9.92 96.66
CA VAL A 1109 -50.12 -9.05 97.29
C VAL A 1109 -49.34 -8.28 96.24
N ILE A 1110 -48.93 -8.97 95.18
CA ILE A 1110 -48.16 -8.32 94.12
C ILE A 1110 -49.00 -7.23 93.46
N LYS A 1111 -50.27 -7.52 93.18
CA LYS A 1111 -51.13 -6.51 92.56
C LYS A 1111 -51.24 -5.27 93.45
N SER A 1112 -51.50 -5.48 94.74
CA SER A 1112 -51.67 -4.34 95.63
C SER A 1112 -50.37 -3.52 95.72
N GLU A 1113 -49.24 -4.21 95.91
CA GLU A 1113 -47.97 -3.50 96.05
C GLU A 1113 -47.60 -2.76 94.78
N LEU A 1114 -47.80 -3.39 93.62
CA LEU A 1114 -47.49 -2.72 92.37
C LEU A 1114 -48.40 -1.50 92.15
N ASP A 1115 -49.69 -1.62 92.48
CA ASP A 1115 -50.56 -0.47 92.33
C ASP A 1115 -50.12 0.68 93.22
N ARG A 1116 -49.80 0.39 94.49
CA ARG A 1116 -49.36 1.45 95.40
C ARG A 1116 -48.05 2.07 94.91
N LEU A 1117 -47.09 1.25 94.49
CA LEU A 1117 -45.82 1.77 94.03
C LEU A 1117 -45.99 2.63 92.78
N ARG A 1118 -46.82 2.18 91.85
CA ARG A 1118 -47.04 2.95 90.63
C ARG A 1118 -47.73 4.28 90.93
N THR A 1119 -48.70 4.28 91.84
CA THR A 1119 -49.33 5.54 92.23
C THR A 1119 -48.30 6.48 92.86
N MET A 1120 -47.44 5.94 93.73
CA MET A 1120 -46.43 6.77 94.38
C MET A 1120 -45.46 7.34 93.35
N VAL A 1121 -45.06 6.54 92.37
CA VAL A 1121 -44.16 7.02 91.31
C VAL A 1121 -44.86 8.09 90.48
N GLU A 1122 -46.13 7.87 90.13
CA GLU A 1122 -46.86 8.87 89.36
C GLU A 1122 -46.94 10.19 90.11
N LYS A 1123 -47.21 10.15 91.40
CA LYS A 1123 -47.20 11.34 92.24
C LYS A 1123 -45.80 11.60 92.80
N SER A 1124 -44.81 11.59 91.90
CA SER A 1124 -43.41 11.69 92.32
C SER A 1124 -43.03 13.10 92.74
N GLU A 1125 -43.45 14.11 91.97
CA GLU A 1125 -42.91 15.46 92.14
C GLU A 1125 -43.17 16.01 93.54
N LEU A 1126 -44.17 15.49 94.24
CA LEU A 1126 -44.53 16.02 95.55
C LEU A 1126 -43.76 15.36 96.70
N TRP A 1127 -42.93 14.35 96.42
CA TRP A 1127 -42.13 13.74 97.48
C TRP A 1127 -40.70 13.41 97.06
N VAL A 1128 -40.30 13.65 95.81
CA VAL A 1128 -38.92 13.40 95.43
C VAL A 1128 -37.98 14.29 96.24
N ASP A 1129 -38.33 15.56 96.41
CA ASP A 1129 -37.50 16.49 97.15
C ASP A 1129 -37.87 16.49 98.63
N SER A 1166 -40.56 12.72 105.11
CA SER A 1166 -41.85 12.36 104.54
C SER A 1166 -42.04 10.84 104.55
N GLU A 1167 -43.26 10.42 104.83
CA GLU A 1167 -43.58 8.98 104.88
C GLU A 1167 -43.50 8.31 103.52
N ASN A 1168 -43.41 9.08 102.44
CA ASN A 1168 -43.34 8.46 101.11
C ASN A 1168 -42.09 7.61 100.95
N TYR A 1169 -40.95 8.12 101.43
CA TYR A 1169 -39.71 7.34 101.34
C TYR A 1169 -39.82 6.06 102.14
N GLN A 1170 -40.39 6.13 103.35
CA GLN A 1170 -40.55 4.93 104.16
C GLN A 1170 -41.48 3.93 103.48
N ILE A 1171 -42.58 4.41 102.90
CA ILE A 1171 -43.52 3.53 102.22
C ILE A 1171 -42.84 2.85 101.04
N VAL A 1172 -42.08 3.62 100.25
CA VAL A 1172 -41.40 3.05 99.09
C VAL A 1172 -40.38 2.01 99.53
N LYS A 1173 -39.60 2.31 100.57
CA LYS A 1173 -38.61 1.36 101.05
C LYS A 1173 -39.26 0.08 101.54
N GLY A 1174 -40.35 0.20 102.29
CA GLY A 1174 -41.06 -0.98 102.76
C GLY A 1174 -41.61 -1.81 101.60
N ILE A 1175 -42.17 -1.15 100.60
CA ILE A 1175 -42.71 -1.87 99.45
C ILE A 1175 -41.59 -2.61 98.72
N LEU A 1176 -40.45 -1.94 98.53
CA LEU A 1176 -39.33 -2.58 97.84
C LEU A 1176 -38.81 -3.78 98.62
N GLU A 1177 -38.66 -3.63 99.94
CA GLU A 1177 -38.19 -4.75 100.76
C GLU A 1177 -39.17 -5.91 100.71
N ARG A 1178 -40.48 -5.62 100.78
CA ARG A 1178 -41.47 -6.68 100.73
C ARG A 1178 -41.45 -7.40 99.39
N LEU A 1179 -41.29 -6.65 98.30
CA LEU A 1179 -41.19 -7.29 96.98
C LEU A 1179 -39.94 -8.16 96.88
N ASN A 1180 -38.82 -7.67 97.41
CA ASN A 1180 -37.59 -8.47 97.38
C ASN A 1180 -37.77 -9.77 98.15
N LYS A 1181 -38.40 -9.70 99.34
CA LYS A 1181 -38.67 -10.91 100.09
C LYS A 1181 -39.61 -11.83 99.34
N MET A 1182 -40.66 -11.27 98.72
CA MET A 1182 -41.62 -12.08 97.99
C MET A 1182 -40.97 -12.79 96.82
N CYS A 1183 -39.95 -12.18 96.21
CA CYS A 1183 -39.31 -12.81 95.06
C CYS A 1183 -38.87 -14.23 95.38
N GLY A 1184 -38.44 -14.48 96.61
CA GLY A 1184 -38.18 -15.82 97.08
C GLY A 1184 -36.74 -16.26 96.83
N VAL A 1185 -36.37 -17.34 97.51
CA VAL A 1185 -35.07 -17.97 97.37
C VAL A 1185 -35.27 -19.46 97.11
N GLY A 1186 -34.57 -19.98 96.11
CA GLY A 1186 -34.71 -21.40 95.75
C GLY A 1186 -35.27 -21.53 94.34
N GLU A 1187 -34.55 -22.31 93.52
CA GLU A 1187 -34.94 -22.48 92.14
C GLU A 1187 -36.29 -23.19 92.00
N GLN A 1188 -36.76 -23.88 93.04
CA GLN A 1188 -38.02 -24.59 92.94
C GLN A 1188 -39.17 -23.64 92.66
N MET A 1189 -39.17 -22.46 93.29
CA MET A 1189 -40.22 -21.47 93.09
C MET A 1189 -39.69 -20.15 92.53
N ARG A 1190 -38.38 -20.02 92.33
CA ARG A 1190 -37.84 -18.78 91.76
C ARG A 1190 -38.36 -18.55 90.35
N LYS A 1191 -38.43 -19.59 89.54
CA LYS A 1191 -38.97 -19.45 88.19
C LYS A 1191 -40.43 -19.05 88.22
N LYS A 1192 -41.21 -19.65 89.12
CA LYS A 1192 -42.62 -19.28 89.23
C LYS A 1192 -42.77 -17.82 89.63
N GLN A 1193 -41.99 -17.37 90.62
CA GLN A 1193 -42.09 -15.97 91.05
C GLN A 1193 -41.68 -15.02 89.95
N GLN A 1194 -40.61 -15.35 89.21
CA GLN A 1194 -40.17 -14.49 88.12
C GLN A 1194 -41.23 -14.43 87.02
N ARG A 1195 -41.85 -15.56 86.69
CA ARG A 1195 -42.89 -15.56 85.67
C ARG A 1195 -44.10 -14.75 86.13
N LEU A 1196 -44.47 -14.87 87.41
CA LEU A 1196 -45.58 -14.08 87.93
C LEU A 1196 -45.27 -12.59 87.87
N LEU A 1197 -44.04 -12.20 88.23
CA LEU A 1197 -43.66 -10.79 88.14
C LEU A 1197 -43.67 -10.30 86.69
N LYS A 1198 -43.19 -11.14 85.76
CA LYS A 1198 -43.22 -10.76 84.36
C LYS A 1198 -44.65 -10.55 83.87
N ASN A 1199 -45.56 -11.45 84.27
CA ASN A 1199 -46.96 -11.30 83.90
C ASN A 1199 -47.60 -10.08 84.54
N MET A 1200 -47.21 -9.75 85.76
CA MET A 1200 -47.72 -8.56 86.45
C MET A 1200 -47.06 -7.28 85.99
N ASP A 1201 -46.00 -7.38 85.19
CA ASP A 1201 -45.33 -6.21 84.61
C ASP A 1201 -44.72 -5.31 85.69
N ALA A 1202 -43.97 -5.93 86.61
CA ALA A 1202 -43.25 -5.15 87.61
C ALA A 1202 -42.01 -4.49 87.03
N HIS A 1203 -41.45 -5.08 85.96
CA HIS A 1203 -40.23 -4.53 85.38
C HIS A 1203 -40.44 -3.11 84.87
N LYS A 1204 -41.60 -2.86 84.26
CA LYS A 1204 -41.88 -1.50 83.77
C LYS A 1204 -41.94 -0.51 84.93
N VAL A 1205 -42.57 -0.89 86.04
CA VAL A 1205 -42.64 -0.01 87.21
C VAL A 1205 -41.24 0.26 87.74
N MET A 1206 -40.42 -0.78 87.83
CA MET A 1206 -39.05 -0.60 88.33
C MET A 1206 -38.25 0.30 87.40
N LEU A 1207 -38.41 0.15 86.09
CA LEU A 1207 -37.70 1.02 85.15
C LEU A 1207 -38.16 2.46 85.30
N ASP A 1208 -39.47 2.67 85.47
CA ASP A 1208 -39.96 4.03 85.70
C ASP A 1208 -39.39 4.61 86.99
N LEU A 1209 -39.33 3.80 88.06
CA LEU A 1209 -38.76 4.28 89.31
C LEU A 1209 -37.28 4.63 89.13
N LEU A 1210 -36.54 3.83 88.37
CA LEU A 1210 -35.15 4.17 88.06
C LEU A 1210 -35.07 5.48 87.28
N GLN A 1211 -35.97 5.69 86.33
CA GLN A 1211 -36.01 6.91 85.54
C GLN A 1211 -36.57 8.10 86.31
N ILE A 1212 -37.05 7.89 87.53
CA ILE A 1212 -37.61 9.01 88.31
C ILE A 1212 -36.53 10.07 88.49
N PRO A 1213 -36.83 11.35 88.27
CA PRO A 1213 -35.83 12.40 88.53
C PRO A 1213 -35.54 12.52 90.02
N TYR A 1214 -34.31 12.94 90.32
CA TYR A 1214 -33.90 13.13 91.70
C TYR A 1214 -32.66 14.01 91.71
N ASP A 1215 -32.30 14.47 92.91
CA ASP A 1215 -31.14 15.31 93.12
C ASP A 1215 -30.11 14.54 93.94
N LYS A 1216 -28.85 14.61 93.52
CA LYS A 1216 -27.78 13.89 94.21
C LYS A 1216 -27.63 14.40 95.64
N GLY A 1217 -27.42 13.47 96.56
CA GLY A 1217 -27.21 13.82 97.96
C GLY A 1217 -28.20 13.17 98.89
N ASP A 1218 -29.28 12.61 98.34
CA ASP A 1218 -30.33 12.01 99.16
C ASP A 1218 -29.98 10.56 99.45
N ALA A 1219 -29.60 10.28 100.70
CA ALA A 1219 -29.25 8.92 101.09
C ALA A 1219 -30.45 7.99 100.96
N LYS A 1220 -31.64 8.46 101.33
CA LYS A 1220 -32.83 7.64 101.20
C LYS A 1220 -33.13 7.33 99.73
N MET A 1221 -32.97 8.31 98.86
CA MET A 1221 -33.15 8.07 97.42
C MET A 1221 -32.14 7.05 96.93
N MET A 1222 -30.89 7.17 97.35
CA MET A 1222 -29.88 6.19 96.96
C MET A 1222 -30.24 4.79 97.45
N GLU A 1223 -30.77 4.70 98.68
CA GLU A 1223 -31.15 3.40 99.21
C GLU A 1223 -32.27 2.78 98.40
N ILE A 1224 -33.29 3.56 98.05
CA ILE A 1224 -34.39 3.00 97.27
C ILE A 1224 -33.92 2.63 95.87
N LEU A 1225 -33.01 3.42 95.30
CA LEU A 1225 -32.44 3.06 94.00
C LEU A 1225 -31.67 1.74 94.09
N ARG A 1226 -30.90 1.56 95.16
CA ARG A 1226 -30.18 0.30 95.35
C ARG A 1226 -31.14 -0.86 95.49
N TYR A 1227 -32.24 -0.67 96.22
CA TYR A 1227 -33.24 -1.72 96.37
C TYR A 1227 -33.85 -2.09 95.02
N THR A 1228 -34.16 -1.08 94.20
CA THR A 1228 -34.71 -1.35 92.87
C THR A 1228 -33.70 -2.10 92.01
N HIS A 1229 -32.44 -1.71 92.08
CA HIS A 1229 -31.41 -2.41 91.30
C HIS A 1229 -31.28 -3.85 91.74
N GLN A 1230 -31.31 -4.11 93.05
CA GLN A 1230 -31.24 -5.47 93.55
C GLN A 1230 -32.46 -6.28 93.10
N PHE A 1231 -33.64 -5.66 93.13
CA PHE A 1231 -34.83 -6.35 92.66
C PHE A 1231 -34.72 -6.71 91.19
N LEU A 1232 -34.22 -5.78 90.37
CA LEU A 1232 -34.05 -6.09 88.95
C LEU A 1232 -33.04 -7.20 88.75
N GLN A 1233 -31.93 -7.18 89.49
CA GLN A 1233 -30.93 -8.23 89.37
C GLN A 1233 -31.51 -9.59 89.74
N LYS A 1234 -32.28 -9.65 90.82
CA LYS A 1234 -32.90 -10.92 91.22
C LYS A 1234 -33.96 -11.36 90.21
N PHE A 1235 -34.68 -10.41 89.62
CA PHE A 1235 -35.67 -10.75 88.59
C PHE A 1235 -34.99 -11.34 87.37
N CYS A 1236 -33.85 -10.79 86.96
CA CYS A 1236 -33.07 -11.32 85.84
C CYS A 1236 -32.00 -12.25 86.41
N ALA A 1237 -32.44 -13.43 86.83
CA ALA A 1237 -31.55 -14.44 87.42
C ALA A 1237 -31.95 -15.79 86.85
N GLY A 1238 -31.21 -16.24 85.83
CA GLY A 1238 -31.46 -17.53 85.23
C GLY A 1238 -32.64 -17.59 84.28
N ASN A 1239 -33.26 -16.45 83.97
CA ASN A 1239 -34.41 -16.40 83.08
C ASN A 1239 -34.01 -15.68 81.79
N PRO A 1240 -33.79 -16.41 80.70
CA PRO A 1240 -33.43 -15.72 79.43
C PRO A 1240 -34.50 -14.74 78.97
N GLY A 1241 -35.77 -15.04 79.19
CA GLY A 1241 -36.81 -14.09 78.81
C GLY A 1241 -36.71 -12.79 79.56
N ASN A 1242 -36.53 -12.86 80.88
CA ASN A 1242 -36.37 -11.65 81.68
C ASN A 1242 -35.09 -10.90 81.30
N GLN A 1243 -34.01 -11.64 81.04
CA GLN A 1243 -32.77 -11.00 80.62
C GLN A 1243 -32.96 -10.25 79.31
N ALA A 1244 -33.66 -10.85 78.34
CA ALA A 1244 -33.92 -10.18 77.08
C ALA A 1244 -34.82 -8.96 77.29
N LEU A 1245 -35.84 -9.09 78.14
CA LEU A 1245 -36.72 -7.96 78.40
C LEU A 1245 -35.95 -6.78 78.98
N LEU A 1246 -35.05 -7.05 79.94
CA LEU A 1246 -34.25 -5.96 80.51
C LEU A 1246 -33.26 -5.41 79.50
N HIS A 1247 -32.65 -6.28 78.69
CA HIS A 1247 -31.71 -5.83 77.67
C HIS A 1247 -32.39 -4.94 76.65
N LYS A 1248 -33.68 -5.17 76.40
CA LYS A 1248 -34.40 -4.33 75.44
C LYS A 1248 -34.43 -2.87 75.86
N HIS A 1249 -34.19 -2.58 77.14
CA HIS A 1249 -34.09 -1.23 77.66
C HIS A 1249 -32.69 -0.94 78.17
N LEU A 1250 -31.68 -1.38 77.42
CA LEU A 1250 -30.30 -1.29 77.87
C LEU A 1250 -29.82 0.14 78.03
N HIS A 1251 -30.40 1.09 77.27
CA HIS A 1251 -29.87 2.45 77.26
C HIS A 1251 -29.89 3.07 78.65
N LEU A 1252 -30.81 2.63 79.52
CA LEU A 1252 -30.87 3.17 80.87
C LEU A 1252 -29.60 2.87 81.65
N PHE A 1253 -29.06 1.65 81.51
CA PHE A 1253 -27.92 1.22 82.29
C PHE A 1253 -26.58 1.64 81.71
N LEU A 1254 -26.57 2.29 80.55
CA LEU A 1254 -25.33 2.77 79.94
C LEU A 1254 -24.94 4.14 80.55
N THR A 1255 -24.73 4.12 81.86
CA THR A 1255 -24.30 5.29 82.61
C THR A 1255 -23.33 4.83 83.67
N PRO A 1256 -22.37 5.68 84.08
CA PRO A 1256 -21.43 5.28 85.12
C PRO A 1256 -22.15 4.94 86.42
N GLY A 1257 -21.63 3.92 87.11
CA GLY A 1257 -22.22 3.48 88.37
C GLY A 1257 -21.99 2.02 88.66
N LEU A 1258 -21.59 1.71 89.90
CA LEU A 1258 -21.35 0.33 90.27
C LEU A 1258 -22.64 -0.49 90.24
N LEU A 1259 -23.75 0.12 90.69
CA LEU A 1259 -25.03 -0.58 90.64
C LEU A 1259 -25.42 -0.90 89.20
N GLU A 1260 -25.22 0.05 88.29
CA GLU A 1260 -25.52 -0.20 86.88
C GLU A 1260 -24.61 -1.29 86.31
N ALA A 1261 -23.33 -1.27 86.69
CA ALA A 1261 -22.42 -2.32 86.21
C ALA A 1261 -22.86 -3.69 86.71
N GLU A 1262 -23.26 -3.78 87.98
CA GLU A 1262 -23.74 -5.06 88.52
C GLU A 1262 -25.01 -5.50 87.81
N THR A 1263 -25.91 -4.57 87.52
CA THR A 1263 -27.14 -4.91 86.81
C THR A 1263 -26.83 -5.44 85.42
N MET A 1264 -25.88 -4.78 84.71
CA MET A 1264 -25.48 -5.27 83.40
C MET A 1264 -24.87 -6.67 83.49
N GLN A 1265 -24.03 -6.89 84.51
CA GLN A 1265 -23.43 -8.21 84.69
C GLN A 1265 -24.50 -9.27 84.91
N HIS A 1266 -25.49 -8.98 85.76
CA HIS A 1266 -26.57 -9.94 85.99
C HIS A 1266 -27.38 -10.18 84.73
N ILE A 1267 -27.64 -9.12 83.95
CA ILE A 1267 -28.41 -9.27 82.72
C ILE A 1267 -27.67 -10.16 81.73
N PHE A 1268 -26.37 -9.95 81.57
CA PHE A 1268 -25.58 -10.71 80.62
C PHE A 1268 -25.02 -12.00 81.18
N LEU A 1269 -25.32 -12.34 82.43
CA LEU A 1269 -24.77 -13.53 83.04
C LEU A 1269 -25.41 -14.79 82.46
N ASN A 1270 -24.57 -15.73 82.03
CA ASN A 1270 -25.02 -17.05 81.60
C ASN A 1270 -26.10 -16.94 80.52
N ASN A 1271 -25.85 -16.08 79.54
CA ASN A 1271 -26.74 -15.88 78.40
C ASN A 1271 -25.90 -15.81 77.13
N TYR A 1272 -25.70 -16.96 76.49
CA TYR A 1272 -24.86 -17.01 75.30
C TYR A 1272 -25.44 -16.16 74.17
N GLN A 1273 -26.75 -16.16 74.03
CA GLN A 1273 -27.39 -15.41 72.95
C GLN A 1273 -26.98 -13.95 72.98
N LEU A 1274 -27.08 -13.31 74.16
CA LEU A 1274 -26.72 -11.90 74.28
C LEU A 1274 -25.20 -11.72 74.32
N CYS A 1275 -24.48 -12.65 74.94
CA CYS A 1275 -23.04 -12.51 75.04
C CYS A 1275 -22.38 -12.51 73.67
N SER A 1276 -22.81 -13.40 72.78
CA SER A 1276 -22.22 -13.47 71.44
C SER A 1276 -22.60 -12.29 70.58
N GLU A 1277 -23.76 -11.66 70.83
CA GLU A 1277 -24.24 -10.54 70.03
C GLU A 1277 -24.03 -9.20 70.73
N ILE A 1278 -23.26 -9.18 71.82
CA ILE A 1278 -22.98 -7.92 72.50
C ILE A 1278 -22.37 -6.92 71.52
N SER A 1279 -22.76 -5.66 71.65
CA SER A 1279 -22.36 -4.65 70.70
C SER A 1279 -21.05 -3.98 71.11
N GLU A 1280 -20.26 -3.61 70.10
CA GLU A 1280 -18.97 -2.95 70.36
C GLU A 1280 -19.10 -1.68 71.19
N PRO A 1281 -20.12 -0.83 71.01
CA PRO A 1281 -20.22 0.37 71.85
C PRO A 1281 -20.30 0.09 73.33
N VAL A 1282 -20.92 -1.03 73.74
CA VAL A 1282 -20.98 -1.34 75.17
C VAL A 1282 -19.59 -1.58 75.72
N LEU A 1283 -18.80 -2.39 75.02
CA LEU A 1283 -17.44 -2.67 75.46
C LEU A 1283 -16.60 -1.39 75.45
N GLN A 1284 -16.78 -0.56 74.42
CA GLN A 1284 -16.05 0.71 74.37
C GLN A 1284 -16.40 1.59 75.56
N HIS A 1285 -17.70 1.66 75.90
CA HIS A 1285 -18.11 2.44 77.06
C HIS A 1285 -17.51 1.91 78.34
N PHE A 1286 -17.51 0.59 78.52
CA PHE A 1286 -16.92 0.01 79.73
C PHE A 1286 -15.44 0.32 79.82
N VAL A 1287 -14.71 0.20 78.70
CA VAL A 1287 -13.28 0.48 78.70
C VAL A 1287 -13.04 1.96 78.99
N HIS A 1288 -13.86 2.85 78.41
CA HIS A 1288 -13.71 4.28 78.67
C HIS A 1288 -13.95 4.59 80.14
N LEU A 1289 -14.96 3.96 80.74
CA LEU A 1289 -15.20 4.15 82.17
C LEU A 1289 -14.02 3.68 82.99
N LEU A 1290 -13.46 2.51 82.66
CA LEU A 1290 -12.29 2.03 83.37
C LEU A 1290 -11.13 3.02 83.25
N ALA A 1291 -10.93 3.57 82.06
CA ALA A 1291 -9.79 4.47 81.84
C ALA A 1291 -9.99 5.79 82.58
N THR A 1292 -11.21 6.33 82.57
CA THR A 1292 -11.43 7.68 83.10
C THR A 1292 -11.84 7.67 84.58
N HIS A 1293 -12.96 7.03 84.90
CA HIS A 1293 -13.47 7.08 86.27
C HIS A 1293 -12.48 6.46 87.25
N GLY A 1294 -11.91 5.31 86.90
CA GLY A 1294 -10.96 4.66 87.76
C GLY A 1294 -10.92 3.17 87.50
N ARG A 1295 -10.16 2.48 88.34
CA ARG A 1295 -9.97 1.03 88.24
C ARG A 1295 -10.88 0.37 89.26
N HIS A 1296 -12.04 -0.10 88.79
CA HIS A 1296 -13.02 -0.77 89.63
C HIS A 1296 -13.20 -2.21 89.15
N VAL A 1297 -13.42 -3.12 90.10
CA VAL A 1297 -13.52 -4.54 89.78
C VAL A 1297 -14.83 -4.89 89.08
N GLN A 1298 -15.83 -4.01 89.16
CA GLN A 1298 -17.12 -4.31 88.54
C GLN A 1298 -17.00 -4.43 87.03
N TYR A 1299 -16.24 -3.52 86.41
CA TYR A 1299 -16.08 -3.56 84.96
C TYR A 1299 -15.35 -4.83 84.53
N LEU A 1300 -14.31 -5.22 85.27
CA LEU A 1300 -13.60 -6.45 84.95
C LEU A 1300 -14.49 -7.67 85.11
N ASP A 1301 -15.33 -7.69 86.16
CA ASP A 1301 -16.27 -8.79 86.33
C ASP A 1301 -17.25 -8.86 85.18
N PHE A 1302 -17.77 -7.71 84.74
CA PHE A 1302 -18.67 -7.70 83.60
C PHE A 1302 -17.97 -8.20 82.34
N LEU A 1303 -16.73 -7.79 82.12
CA LEU A 1303 -15.98 -8.24 80.95
C LEU A 1303 -15.78 -9.75 80.99
N HIS A 1304 -15.42 -10.28 82.16
CA HIS A 1304 -15.23 -11.72 82.27
C HIS A 1304 -16.54 -12.47 82.03
N THR A 1305 -17.64 -11.95 82.57
CA THR A 1305 -18.94 -12.57 82.34
C THR A 1305 -19.31 -12.57 80.86
N VAL A 1306 -19.03 -11.46 80.17
CA VAL A 1306 -19.28 -11.40 78.73
C VAL A 1306 -18.41 -12.40 78.00
N ILE A 1307 -17.14 -12.52 78.40
CA ILE A 1307 -16.22 -13.43 77.72
C ILE A 1307 -16.70 -14.87 77.87
N LYS A 1308 -17.04 -15.27 79.08
CA LYS A 1308 -17.44 -16.64 79.37
C LYS A 1308 -18.91 -16.69 79.78
N ALA A 1309 -19.68 -17.49 79.06
CA ALA A 1309 -21.10 -17.68 79.35
C ALA A 1309 -21.52 -19.06 78.88
N GLU A 1310 -22.19 -19.80 79.76
CA GLU A 1310 -22.64 -21.16 79.44
C GLU A 1310 -21.48 -22.02 78.98
N GLY A 1311 -20.33 -21.86 79.62
CA GLY A 1311 -19.14 -22.66 79.29
C GLY A 1311 -18.42 -22.26 78.03
N LYS A 1312 -19.11 -22.20 76.90
CA LYS A 1312 -18.46 -21.88 75.65
C LYS A 1312 -17.89 -20.46 75.68
N TYR A 1313 -16.70 -20.30 75.11
CA TYR A 1313 -16.05 -19.00 75.02
C TYR A 1313 -16.47 -18.28 73.74
N VAL A 1314 -16.48 -16.95 73.79
CA VAL A 1314 -16.84 -16.11 72.66
C VAL A 1314 -15.57 -15.53 72.09
N LYS A 1315 -15.16 -16.03 70.91
CA LYS A 1315 -13.92 -15.55 70.30
C LYS A 1315 -13.99 -14.07 69.96
N LYS A 1316 -15.13 -13.62 69.43
CA LYS A 1316 -15.27 -12.21 69.08
C LYS A 1316 -15.09 -11.32 70.30
N CYS A 1317 -15.78 -11.65 71.40
CA CYS A 1317 -15.67 -10.85 72.61
C CYS A 1317 -14.25 -10.89 73.16
N GLN A 1318 -13.63 -12.08 73.18
CA GLN A 1318 -12.27 -12.19 73.68
C GLN A 1318 -11.33 -11.29 72.89
N ASP A 1319 -11.36 -11.39 71.55
CA ASP A 1319 -10.46 -10.60 70.73
C ASP A 1319 -10.72 -9.11 70.90
N MET A 1320 -12.00 -8.71 70.90
CA MET A 1320 -12.32 -7.30 71.01
C MET A 1320 -11.87 -6.72 72.34
N ILE A 1321 -12.12 -7.46 73.43
CA ILE A 1321 -11.71 -6.98 74.75
C ILE A 1321 -10.18 -6.90 74.84
N MET A 1322 -9.48 -7.91 74.31
CA MET A 1322 -8.02 -7.88 74.37
C MET A 1322 -7.48 -6.69 73.58
N THR A 1323 -8.03 -6.44 72.39
CA THR A 1323 -7.58 -5.31 71.59
C THR A 1323 -7.84 -3.99 72.31
N GLU A 1324 -9.03 -3.85 72.90
CA GLU A 1324 -9.34 -2.61 73.62
C GLU A 1324 -8.42 -2.40 74.80
N LEU A 1325 -8.13 -3.48 75.56
CA LEU A 1325 -7.21 -3.36 76.68
C LEU A 1325 -5.81 -2.98 76.21
N THR A 1326 -5.35 -3.60 75.11
CA THR A 1326 -4.03 -3.26 74.58
C THR A 1326 -3.96 -1.80 74.15
N ASN A 1327 -5.02 -1.32 73.50
CA ASN A 1327 -5.02 0.06 73.00
C ASN A 1327 -5.21 1.09 74.12
N ALA A 1328 -5.86 0.71 75.22
CA ALA A 1328 -6.10 1.68 76.28
C ALA A 1328 -4.79 2.19 76.87
N GLY A 1329 -3.84 1.30 77.12
CA GLY A 1329 -2.56 1.69 77.67
C GLY A 1329 -2.29 1.06 79.02
N ASP A 1330 -1.43 1.71 79.82
CA ASP A 1330 -1.05 1.20 81.13
C ASP A 1330 -1.89 1.78 82.26
N ASP A 1331 -2.85 2.65 81.96
CA ASP A 1331 -3.68 3.24 83.00
C ASP A 1331 -4.78 2.29 83.48
N VAL A 1332 -5.07 1.22 82.73
CA VAL A 1332 -6.06 0.24 83.12
C VAL A 1332 -5.40 -1.12 83.27
N VAL A 1333 -4.31 -1.33 82.53
CA VAL A 1333 -3.54 -2.57 82.60
C VAL A 1333 -2.30 -2.26 83.43
N VAL A 1334 -2.37 -2.56 84.71
CA VAL A 1334 -1.28 -2.30 85.65
C VAL A 1334 -0.68 -3.63 86.07
N PHE A 1335 0.64 -3.76 85.93
CA PHE A 1335 1.36 -4.95 86.33
C PHE A 1335 2.56 -4.55 87.18
N TYR A 1336 2.86 -5.36 88.19
CA TYR A 1336 3.95 -5.10 89.13
C TYR A 1336 5.14 -5.94 88.72
N ASN A 1337 5.99 -5.37 87.87
CA ASN A 1337 7.20 -6.05 87.39
C ASN A 1337 8.48 -5.42 87.88
N ASP A 1338 8.52 -4.10 88.06
CA ASP A 1338 9.71 -3.44 88.57
C ASP A 1338 9.92 -3.81 90.04
N LYS A 1339 11.09 -3.45 90.57
CA LYS A 1339 11.41 -3.80 91.95
C LYS A 1339 10.46 -3.10 92.93
N ALA A 1340 10.22 -1.80 92.72
CA ALA A 1340 9.33 -1.07 93.62
C ALA A 1340 7.91 -1.59 93.53
N SER A 1341 7.44 -1.87 92.32
CA SER A 1341 6.09 -2.40 92.15
C SER A 1341 5.95 -3.77 92.79
N LEU A 1342 6.97 -4.62 92.65
CA LEU A 1342 6.94 -5.92 93.29
C LEU A 1342 6.92 -5.79 94.81
N ALA A 1343 7.70 -4.86 95.35
CA ALA A 1343 7.68 -4.64 96.80
C ALA A 1343 6.30 -4.17 97.26
N HIS A 1344 5.68 -3.27 96.50
CA HIS A 1344 4.35 -2.81 96.85
C HIS A 1344 3.34 -3.96 96.80
N LEU A 1345 3.45 -4.83 95.79
CA LEU A 1345 2.56 -5.97 95.70
C LEU A 1345 2.76 -6.91 96.88
N LEU A 1346 4.01 -7.15 97.27
CA LEU A 1346 4.28 -7.98 98.43
C LEU A 1346 3.68 -7.37 99.69
N ASP A 1347 3.81 -6.06 99.85
CA ASP A 1347 3.23 -5.40 101.02
C ASP A 1347 1.71 -5.55 101.04
N MET A 1348 1.08 -5.37 99.87
CA MET A 1348 -0.37 -5.52 99.80
C MET A 1348 -0.80 -6.95 100.14
N MET A 1349 -0.09 -7.94 99.61
CA MET A 1349 -0.44 -9.33 99.91
C MET A 1349 -0.24 -9.64 101.39
N LYS A 1350 0.84 -9.11 101.99
CA LYS A 1350 1.05 -9.31 103.41
C LYS A 1350 -0.07 -8.68 104.24
N ALA A 1351 -0.51 -7.48 103.85
CA ALA A 1351 -1.63 -6.84 104.53
C ALA A 1351 -2.91 -7.65 104.37
N ALA A 1352 -3.14 -8.21 103.19
CA ALA A 1352 -4.34 -9.00 102.91
C ALA A 1352 -4.14 -10.47 103.23
N ARG A 1353 -3.21 -10.79 104.14
CA ARG A 1353 -2.95 -12.18 104.48
C ARG A 1353 -4.18 -12.85 105.07
N ASP A 1354 -4.87 -12.15 105.98
CA ASP A 1354 -6.09 -12.70 106.57
C ASP A 1354 -7.18 -12.85 105.51
N GLY A 1355 -7.31 -11.86 104.62
CA GLY A 1355 -8.31 -11.91 103.58
C GLY A 1355 -8.14 -10.75 102.63
N VAL A 1356 -8.92 -10.78 101.56
CA VAL A 1356 -8.87 -9.76 100.52
C VAL A 1356 -10.19 -9.02 100.49
N GLU A 1357 -10.14 -7.70 100.55
CA GLU A 1357 -11.34 -6.89 100.50
C GLU A 1357 -12.01 -7.01 99.13
N ASP A 1358 -13.33 -6.84 99.12
CA ASP A 1358 -14.07 -6.96 97.87
C ASP A 1358 -13.62 -5.93 96.85
N HIS A 1359 -13.41 -4.69 97.29
CA HIS A 1359 -12.90 -3.61 96.44
C HIS A 1359 -11.50 -3.26 96.92
N SER A 1360 -10.49 -3.68 96.18
CA SER A 1360 -9.10 -3.45 96.55
C SER A 1360 -8.24 -3.51 95.30
N PRO A 1361 -7.10 -2.83 95.28
CA PRO A 1361 -6.19 -2.97 94.13
C PRO A 1361 -5.72 -4.39 93.91
N LEU A 1362 -5.52 -5.17 94.98
CA LEU A 1362 -5.15 -6.57 94.81
C LEU A 1362 -6.26 -7.34 94.10
N MET A 1363 -7.51 -7.11 94.48
CA MET A 1363 -8.63 -7.75 93.80
C MET A 1363 -8.71 -7.32 92.34
N TYR A 1364 -8.48 -6.04 92.08
CA TYR A 1364 -8.49 -5.57 90.70
C TYR A 1364 -7.39 -6.25 89.87
N HIS A 1365 -6.20 -6.39 90.44
CA HIS A 1365 -5.11 -7.05 89.75
C HIS A 1365 -5.45 -8.52 89.48
N ILE A 1366 -6.02 -9.19 90.47
CA ILE A 1366 -6.40 -10.60 90.29
C ILE A 1366 -7.44 -10.72 89.18
N SER A 1367 -8.44 -9.84 89.18
CA SER A 1367 -9.46 -9.87 88.14
C SER A 1367 -8.86 -9.61 86.77
N LEU A 1368 -7.93 -8.67 86.68
CA LEU A 1368 -7.28 -8.39 85.41
C LEU A 1368 -6.49 -9.59 84.91
N VAL A 1369 -5.77 -10.26 85.82
CA VAL A 1369 -5.01 -11.44 85.43
C VAL A 1369 -5.94 -12.54 84.94
N ASP A 1370 -7.05 -12.76 85.65
CA ASP A 1370 -8.00 -13.77 85.22
C ASP A 1370 -8.60 -13.42 83.86
N LEU A 1371 -8.91 -12.14 83.63
CA LEU A 1371 -9.46 -11.73 82.35
C LEU A 1371 -8.46 -11.97 81.23
N LEU A 1372 -7.19 -11.63 81.45
CA LEU A 1372 -6.19 -11.85 80.42
C LEU A 1372 -6.00 -13.33 80.15
N ALA A 1373 -6.04 -14.16 81.20
CA ALA A 1373 -5.94 -15.60 81.00
C ALA A 1373 -7.11 -16.12 80.19
N ALA A 1374 -8.32 -15.64 80.47
CA ALA A 1374 -9.49 -16.06 79.70
C ALA A 1374 -9.35 -15.64 78.24
N CYS A 1375 -8.86 -14.42 78.00
CA CYS A 1375 -8.67 -13.96 76.63
C CYS A 1375 -7.65 -14.82 75.90
N ALA A 1376 -6.54 -15.14 76.57
CA ALA A 1376 -5.50 -15.97 75.96
C ALA A 1376 -5.92 -17.42 75.80
N GLU A 1377 -6.93 -17.87 76.53
CA GLU A 1377 -7.41 -19.24 76.39
C GLU A 1377 -8.05 -19.51 75.04
N GLY A 1378 -8.31 -18.49 74.23
CA GLY A 1378 -8.95 -18.67 72.95
C GLY A 1378 -8.01 -19.22 71.89
N LYS A 1379 -8.14 -18.72 70.66
CA LYS A 1379 -7.40 -19.21 69.51
C LYS A 1379 -6.71 -18.07 68.78
N ASN A 1380 -6.04 -17.21 69.54
CA ASN A 1380 -5.30 -16.08 68.99
C ASN A 1380 -3.85 -16.15 69.46
N VAL A 1381 -2.94 -15.86 68.54
CA VAL A 1381 -1.51 -15.95 68.82
C VAL A 1381 -0.97 -14.62 69.35
N TYR A 1382 -1.38 -13.51 68.75
CA TYR A 1382 -0.92 -12.22 69.22
C TYR A 1382 -1.41 -11.93 70.63
N THR A 1383 -2.60 -12.41 70.98
CA THR A 1383 -3.08 -12.24 72.36
C THR A 1383 -2.15 -12.95 73.34
N GLU A 1384 -1.75 -14.18 73.02
CA GLU A 1384 -0.83 -14.91 73.89
C GLU A 1384 0.51 -14.20 73.97
N ILE A 1385 1.00 -13.69 72.83
CA ILE A 1385 2.27 -12.98 72.83
C ILE A 1385 2.19 -11.74 73.71
N LYS A 1386 1.10 -10.98 73.60
CA LYS A 1386 0.93 -9.79 74.41
C LYS A 1386 0.84 -10.13 75.89
N CYS A 1387 0.11 -11.20 76.22
CA CYS A 1387 0.01 -11.61 77.63
C CYS A 1387 1.38 -12.01 78.17
N THR A 1388 2.16 -12.76 77.40
CA THR A 1388 3.49 -13.16 77.85
C THR A 1388 4.39 -11.94 78.04
N SER A 1389 4.33 -10.99 77.11
CA SER A 1389 5.14 -9.77 77.26
C SER A 1389 4.71 -8.99 78.50
N LEU A 1390 3.40 -8.89 78.74
CA LEU A 1390 2.91 -8.16 79.91
C LEU A 1390 3.35 -8.82 81.20
N LEU A 1391 3.30 -10.15 81.26
CA LEU A 1391 3.63 -10.90 82.46
C LEU A 1391 4.72 -11.92 82.13
N PRO A 1392 5.99 -11.52 82.21
CA PRO A 1392 7.08 -12.47 81.98
C PRO A 1392 7.07 -13.59 83.01
N LEU A 1393 7.55 -14.76 82.58
CA LEU A 1393 7.58 -15.92 83.46
C LEU A 1393 8.46 -15.69 84.68
N GLU A 1394 9.53 -14.90 84.53
CA GLU A 1394 10.41 -14.62 85.66
C GLU A 1394 9.65 -13.91 86.78
N ASP A 1395 8.85 -12.90 86.42
CA ASP A 1395 8.04 -12.21 87.42
C ASP A 1395 7.03 -13.17 88.05
N VAL A 1396 6.45 -14.05 87.25
CA VAL A 1396 5.47 -15.01 87.77
C VAL A 1396 6.12 -15.88 88.84
N VAL A 1397 7.29 -16.45 88.53
CA VAL A 1397 7.94 -17.33 89.49
C VAL A 1397 8.39 -16.54 90.72
N SER A 1398 8.90 -15.33 90.52
CA SER A 1398 9.34 -14.53 91.66
C SER A 1398 8.17 -14.25 92.61
N VAL A 1399 7.01 -13.92 92.06
CA VAL A 1399 5.84 -13.65 92.90
C VAL A 1399 5.36 -14.93 93.58
N VAL A 1400 5.31 -16.03 92.84
CA VAL A 1400 4.74 -17.26 93.38
C VAL A 1400 5.61 -17.83 94.48
N THR A 1401 6.93 -17.93 94.25
CA THR A 1401 7.82 -18.56 95.20
C THR A 1401 8.05 -17.74 96.46
N HIS A 1402 7.66 -16.46 96.46
CA HIS A 1402 7.83 -15.63 97.65
C HIS A 1402 7.01 -16.20 98.80
N GLU A 1403 7.61 -16.18 99.99
CA GLU A 1403 6.93 -16.75 101.16
C GLU A 1403 5.62 -16.03 101.43
N ASP A 1404 5.59 -14.72 101.24
CA ASP A 1404 4.38 -13.92 101.45
C ASP A 1404 3.67 -13.78 100.11
N CYS A 1405 2.70 -14.67 99.86
CA CYS A 1405 1.95 -14.65 98.62
C CYS A 1405 0.61 -15.31 98.87
N ILE A 1406 -0.48 -14.58 98.63
CA ILE A 1406 -1.81 -15.09 98.94
C ILE A 1406 -2.19 -16.18 97.94
N THR A 1407 -3.01 -17.13 98.41
CA THR A 1407 -3.40 -18.25 97.57
C THR A 1407 -4.18 -17.79 96.34
N GLU A 1408 -4.95 -16.71 96.47
CA GLU A 1408 -5.68 -16.20 95.31
C GLU A 1408 -4.71 -15.76 94.21
N VAL A 1409 -3.68 -15.01 94.57
CA VAL A 1409 -2.68 -14.57 93.60
C VAL A 1409 -1.93 -15.78 93.04
N LYS A 1410 -1.61 -16.75 93.90
CA LYS A 1410 -0.95 -17.95 93.41
C LYS A 1410 -1.79 -18.67 92.36
N MET A 1411 -3.07 -18.86 92.64
CA MET A 1411 -3.96 -19.54 91.70
C MET A 1411 -4.09 -18.75 90.41
N ALA A 1412 -4.24 -17.43 90.51
CA ALA A 1412 -4.36 -16.60 89.32
C ALA A 1412 -3.12 -16.73 88.44
N TYR A 1413 -1.94 -16.65 89.05
CA TYR A 1413 -0.70 -16.74 88.28
C TYR A 1413 -0.54 -18.13 87.67
N VAL A 1414 -0.89 -19.19 88.41
CA VAL A 1414 -0.78 -20.53 87.86
C VAL A 1414 -1.71 -20.71 86.68
N ASN A 1415 -2.96 -20.22 86.80
CA ASN A 1415 -3.90 -20.32 85.68
C ASN A 1415 -3.40 -19.51 84.48
N PHE A 1416 -2.83 -18.34 84.73
CA PHE A 1416 -2.28 -17.53 83.65
C PHE A 1416 -1.16 -18.29 82.93
N VAL A 1417 -0.28 -18.92 83.69
CA VAL A 1417 0.80 -19.70 83.08
C VAL A 1417 0.24 -20.85 82.27
N ASN A 1418 -0.75 -21.55 82.82
CA ASN A 1418 -1.33 -22.70 82.12
C ASN A 1418 -1.98 -22.29 80.81
N HIS A 1419 -2.71 -21.18 80.82
CA HIS A 1419 -3.46 -20.76 79.64
C HIS A 1419 -2.67 -19.84 78.70
N CYS A 1420 -1.45 -19.46 79.05
CA CYS A 1420 -0.66 -18.56 78.22
C CYS A 1420 0.73 -19.08 77.89
N TYR A 1421 1.23 -20.11 78.59
CA TYR A 1421 2.55 -20.67 78.31
C TYR A 1421 2.47 -22.14 77.94
N VAL A 1422 1.75 -22.95 78.71
CA VAL A 1422 1.73 -24.40 78.46
C VAL A 1422 1.04 -24.69 77.13
N ASP A 1423 -0.12 -24.07 76.90
CA ASP A 1423 -0.93 -24.31 75.71
C ASP A 1423 -0.91 -23.04 74.86
N THR A 1424 -0.09 -23.05 73.81
CA THR A 1424 0.02 -21.90 72.92
C THR A 1424 0.44 -22.38 71.54
N GLU A 1425 0.21 -21.54 70.54
CA GLU A 1425 0.65 -21.80 69.18
C GLU A 1425 2.02 -21.21 68.89
N VAL A 1426 2.67 -20.60 69.88
CA VAL A 1426 3.98 -20.03 69.67
C VAL A 1426 4.98 -21.14 69.38
N GLU A 1427 5.71 -21.00 68.27
CA GLU A 1427 6.70 -22.02 67.92
C GLU A 1427 7.80 -22.09 68.96
N MET A 1428 8.27 -20.93 69.45
CA MET A 1428 9.30 -20.88 70.48
C MET A 1428 8.60 -20.86 71.83
N LYS A 1429 8.42 -22.05 72.41
CA LYS A 1429 7.77 -22.20 73.70
C LYS A 1429 8.83 -22.08 74.80
N GLU A 1430 8.79 -20.98 75.54
CA GLU A 1430 9.77 -20.72 76.60
C GLU A 1430 9.49 -21.51 77.87
N ILE A 1431 8.28 -22.05 78.02
CA ILE A 1431 7.96 -22.80 79.24
C ILE A 1431 8.89 -24.01 79.38
N TYR A 1432 9.13 -24.71 78.28
CA TYR A 1432 10.05 -25.83 78.27
C TYR A 1432 11.49 -25.34 78.15
N THR A 1433 12.44 -26.26 78.38
CA THR A 1433 13.85 -25.94 78.31
C THR A 1433 14.22 -24.80 79.25
N SER A 1434 13.60 -24.80 80.44
CA SER A 1434 13.87 -23.77 81.43
C SER A 1434 13.63 -24.35 82.82
N ASN A 1435 14.26 -23.70 83.81
CA ASN A 1435 14.14 -24.12 85.20
C ASN A 1435 12.99 -23.43 85.93
N HIS A 1436 12.35 -22.46 85.30
CA HIS A 1436 11.22 -21.78 85.94
C HIS A 1436 10.08 -22.76 86.22
N ILE A 1437 9.78 -23.63 85.25
CA ILE A 1437 8.70 -24.60 85.45
C ILE A 1437 9.08 -25.61 86.53
N TRP A 1438 10.36 -26.00 86.60
CA TRP A 1438 10.78 -26.91 87.65
C TRP A 1438 10.68 -26.27 89.03
N THR A 1439 11.06 -25.00 89.15
CA THR A 1439 10.89 -24.29 90.41
C THR A 1439 9.42 -24.19 90.77
N LEU A 1440 8.56 -23.95 89.77
CA LEU A 1440 7.12 -23.90 90.03
C LEU A 1440 6.60 -25.25 90.51
N PHE A 1441 7.09 -26.34 89.94
CA PHE A 1441 6.70 -27.67 90.39
C PHE A 1441 7.17 -27.92 91.82
N GLU A 1442 8.37 -27.45 92.16
CA GLU A 1442 8.84 -27.56 93.54
C GLU A 1442 7.92 -26.80 94.49
N ASN A 1443 7.50 -25.60 94.08
CA ASN A 1443 6.56 -24.84 94.90
C ASN A 1443 5.23 -25.57 95.04
N PHE A 1444 4.77 -26.20 93.95
CA PHE A 1444 3.54 -26.98 94.01
C PHE A 1444 3.66 -28.14 94.98
N THR A 1445 4.79 -28.83 94.97
CA THR A 1445 5.01 -29.92 95.92
C THR A 1445 5.01 -29.41 97.35
N LEU A 1446 5.65 -28.25 97.57
CA LEU A 1446 5.62 -27.66 98.91
C LEU A 1446 4.19 -27.32 99.34
N ASP A 1447 3.39 -26.79 98.40
CA ASP A 1447 2.00 -26.48 98.72
C ASP A 1447 1.22 -27.75 99.03
N MET A 1448 1.46 -28.83 98.29
CA MET A 1448 0.80 -30.09 98.59
C MET A 1448 1.17 -30.60 99.98
N ALA A 1449 2.45 -30.51 100.33
CA ALA A 1449 2.88 -30.92 101.67
C ALA A 1449 2.22 -30.07 102.73
N ARG A 1450 2.12 -28.77 102.51
CA ARG A 1450 1.45 -27.89 103.47
C ARG A 1450 -0.02 -28.26 103.62
N VAL A 1451 -0.69 -28.56 102.51
CA VAL A 1451 -2.09 -28.94 102.56
C VAL A 1451 -2.26 -30.23 103.35
N CYS A 1452 -1.39 -31.21 103.10
CA CYS A 1452 -1.47 -32.47 103.84
C CYS A 1452 -1.24 -32.25 105.33
N SER A 1453 -0.25 -31.41 105.68
CA SER A 1453 0.01 -31.13 107.09
C SER A 1453 -1.18 -30.44 107.74
N LYS A 1454 -1.79 -29.48 107.05
CA LYS A 1454 -2.95 -28.79 107.61
C LYS A 1454 -4.12 -29.75 107.79
N ARG A 1455 -4.33 -30.65 106.83
CA ARG A 1455 -5.41 -31.62 106.96
C ARG A 1455 -5.16 -32.54 108.15
N GLU A 1456 -3.90 -32.97 108.33
CA GLU A 1456 -3.58 -33.82 109.48
C GLU A 1456 -3.79 -33.06 110.79
N LYS A 1457 -3.46 -31.78 110.82
CA LYS A 1457 -3.59 -30.96 112.01
C LYS A 1457 -4.98 -30.36 112.18
N ARG A 1458 -5.92 -30.68 111.29
CA ARG A 1458 -7.27 -30.14 111.32
C ARG A 1458 -7.26 -28.62 111.13
N VAL A 1459 -6.42 -28.16 110.19
CA VAL A 1459 -6.32 -26.76 109.85
C VAL A 1459 -6.62 -26.61 108.36
N ALA A 1460 -7.52 -27.45 107.86
CA ALA A 1460 -7.83 -27.48 106.43
C ALA A 1460 -8.18 -26.09 105.92
N ASP A 1461 -7.55 -25.71 104.81
CA ASP A 1461 -7.80 -24.42 104.17
C ASP A 1461 -8.58 -24.64 102.88
N PRO A 1462 -9.86 -24.26 102.79
CA PRO A 1462 -10.61 -24.53 101.56
C PRO A 1462 -10.00 -23.86 100.34
N THR A 1463 -9.45 -22.65 100.48
CA THR A 1463 -8.85 -21.97 99.34
C THR A 1463 -7.64 -22.74 98.82
N LEU A 1464 -6.76 -23.17 99.73
CA LEU A 1464 -5.59 -23.93 99.32
C LEU A 1464 -6.00 -25.26 98.70
N GLU A 1465 -7.00 -25.93 99.28
CA GLU A 1465 -7.47 -27.20 98.72
C GLU A 1465 -8.00 -27.00 97.30
N LYS A 1466 -8.82 -25.96 97.10
CA LYS A 1466 -9.35 -25.69 95.77
C LYS A 1466 -8.23 -25.40 94.79
N TYR A 1467 -7.27 -24.57 95.20
CA TYR A 1467 -6.14 -24.25 94.32
C TYR A 1467 -5.39 -25.52 93.92
N VAL A 1468 -5.01 -26.33 94.89
CA VAL A 1468 -4.17 -27.50 94.59
C VAL A 1468 -4.95 -28.51 93.75
N LEU A 1469 -6.24 -28.67 94.02
CA LEU A 1469 -7.04 -29.66 93.30
C LEU A 1469 -7.59 -29.15 91.97
N SER A 1470 -7.43 -27.85 91.68
CA SER A 1470 -7.95 -27.29 90.44
C SER A 1470 -6.84 -26.92 89.46
N VAL A 1471 -5.87 -26.10 89.87
CA VAL A 1471 -4.92 -25.53 88.94
C VAL A 1471 -3.60 -26.31 88.92
N VAL A 1472 -3.12 -26.77 90.07
CA VAL A 1472 -1.83 -27.45 90.13
C VAL A 1472 -1.86 -28.73 89.30
N LEU A 1473 -2.87 -29.57 89.54
CA LEU A 1473 -2.96 -30.82 88.80
C LEU A 1473 -3.19 -30.59 87.32
N ASP A 1474 -4.02 -29.60 86.97
CA ASP A 1474 -4.26 -29.30 85.56
C ASP A 1474 -2.97 -28.87 84.88
N THR A 1475 -2.20 -28.00 85.53
CA THR A 1475 -0.93 -27.56 84.95
C THR A 1475 0.05 -28.72 84.80
N ILE A 1476 0.14 -29.58 85.81
CA ILE A 1476 1.06 -30.72 85.73
C ILE A 1476 0.67 -31.63 84.58
N ASN A 1477 -0.62 -31.94 84.47
CA ASN A 1477 -1.09 -32.82 83.40
C ASN A 1477 -0.84 -32.20 82.03
N ALA A 1478 -1.12 -30.90 81.88
CA ALA A 1478 -0.89 -30.24 80.60
C ALA A 1478 0.60 -30.25 80.24
N PHE A 1479 1.47 -30.00 81.22
CA PHE A 1479 2.90 -29.97 80.95
C PHE A 1479 3.41 -31.36 80.56
N PHE A 1480 2.96 -32.40 81.25
CA PHE A 1480 3.50 -33.74 81.05
C PHE A 1480 2.72 -34.56 80.03
N SER A 1481 1.66 -34.00 79.42
CA SER A 1481 0.93 -34.68 78.36
C SER A 1481 1.14 -33.99 77.01
N SER A 1482 2.35 -33.48 76.77
CA SER A 1482 2.67 -32.82 75.51
C SER A 1482 3.96 -33.40 74.96
N PRO A 1483 4.07 -33.53 73.63
CA PRO A 1483 5.31 -34.08 73.05
C PRO A 1483 6.54 -33.24 73.36
N PHE A 1484 6.39 -31.93 73.48
CA PHE A 1484 7.55 -31.06 73.70
C PHE A 1484 8.21 -31.32 75.05
N SER A 1485 7.52 -31.99 75.97
CA SER A 1485 8.05 -32.24 77.31
C SER A 1485 8.91 -33.50 77.37
N GLU A 1486 9.07 -34.22 76.26
CA GLU A 1486 9.85 -35.46 76.28
C GLU A 1486 11.30 -35.17 76.63
N ASN A 1487 11.89 -34.11 76.07
CA ASN A 1487 13.27 -33.76 76.35
C ASN A 1487 13.45 -33.04 77.67
N SER A 1488 12.37 -32.54 78.28
CA SER A 1488 12.50 -31.80 79.52
C SER A 1488 13.04 -32.68 80.65
N THR A 1489 12.55 -33.91 80.74
CA THR A 1489 12.93 -34.82 81.82
C THR A 1489 14.24 -35.53 81.45
N SER A 1490 15.33 -34.77 81.55
CA SER A 1490 16.66 -35.27 81.23
C SER A 1490 17.62 -35.19 82.40
N LEU A 1491 17.67 -34.06 83.11
CA LEU A 1491 18.68 -33.84 84.14
C LEU A 1491 18.35 -34.61 85.41
N GLN A 1492 19.38 -34.80 86.24
CA GLN A 1492 19.20 -35.50 87.51
C GLN A 1492 18.27 -34.71 88.43
N THR A 1493 18.40 -33.38 88.45
CA THR A 1493 17.50 -32.57 89.24
C THR A 1493 16.06 -32.72 88.78
N HIS A 1494 15.86 -32.75 87.46
CA HIS A 1494 14.52 -32.96 86.92
C HIS A 1494 13.97 -34.32 87.32
N GLN A 1495 14.81 -35.36 87.27
CA GLN A 1495 14.37 -36.69 87.70
C GLN A 1495 13.99 -36.70 89.18
N THR A 1496 14.78 -36.02 90.02
CA THR A 1496 14.46 -35.95 91.44
C THR A 1496 13.14 -35.22 91.66
N ILE A 1497 12.92 -34.14 90.93
CA ILE A 1497 11.65 -33.41 91.05
C ILE A 1497 10.49 -34.30 90.60
N VAL A 1498 10.71 -35.11 89.56
CA VAL A 1498 9.68 -36.04 89.11
C VAL A 1498 9.36 -37.04 90.21
N VAL A 1499 10.38 -37.57 90.87
CA VAL A 1499 10.16 -38.52 91.96
C VAL A 1499 9.40 -37.85 93.10
N GLN A 1500 9.75 -36.61 93.43
CA GLN A 1500 9.04 -35.87 94.47
C GLN A 1500 7.57 -35.70 94.09
N LEU A 1501 7.30 -35.36 92.83
CA LEU A 1501 5.92 -35.25 92.39
C LEU A 1501 5.19 -36.59 92.51
N LEU A 1502 5.87 -37.68 92.14
CA LEU A 1502 5.26 -38.99 92.25
C LEU A 1502 4.86 -39.29 93.69
N GLN A 1503 5.79 -39.11 94.63
CA GLN A 1503 5.48 -39.44 96.02
C GLN A 1503 4.40 -38.52 96.57
N SER A 1504 4.46 -37.23 96.23
CA SER A 1504 3.43 -36.30 96.72
C SER A 1504 2.06 -36.68 96.20
N THR A 1505 1.96 -37.01 94.91
CA THR A 1505 0.67 -37.30 94.32
C THR A 1505 0.11 -38.63 94.85
N THR A 1506 0.97 -39.63 95.02
CA THR A 1506 0.49 -40.89 95.57
C THR A 1506 0.04 -40.72 97.02
N ARG A 1507 0.76 -39.91 97.80
CA ARG A 1507 0.32 -39.63 99.17
C ARG A 1507 -1.02 -38.91 99.17
N LEU A 1508 -1.20 -37.96 98.26
CA LEU A 1508 -2.48 -37.26 98.16
C LEU A 1508 -3.60 -38.23 97.82
N LEU A 1509 -3.37 -39.14 96.87
CA LEU A 1509 -4.38 -40.13 96.53
C LEU A 1509 -4.69 -41.03 97.72
N GLU A 1510 -3.65 -41.47 98.43
CA GLU A 1510 -3.86 -42.35 99.58
C GLU A 1510 -4.67 -41.66 100.67
N CYS A 1511 -4.41 -40.38 100.91
CA CYS A 1511 -5.15 -39.66 101.93
C CYS A 1511 -6.64 -39.68 101.59
N PRO A 1512 -7.50 -40.07 102.54
CA PRO A 1512 -8.93 -40.26 102.21
C PRO A 1512 -9.77 -38.99 102.19
N TRP A 1513 -9.24 -37.85 102.65
CA TRP A 1513 -10.05 -36.65 102.72
C TRP A 1513 -10.53 -36.20 101.35
N LEU A 1514 -9.86 -36.60 100.28
CA LEU A 1514 -10.25 -36.17 98.94
C LEU A 1514 -11.66 -36.63 98.61
N GLN A 1515 -12.43 -35.75 97.98
CA GLN A 1515 -13.78 -36.08 97.56
C GLN A 1515 -13.77 -36.94 96.31
N GLN A 1516 -14.90 -37.59 96.04
CA GLN A 1516 -14.99 -38.47 94.88
C GLN A 1516 -14.88 -37.70 93.58
N GLN A 1517 -15.21 -36.41 93.59
CA GLN A 1517 -15.20 -35.63 92.35
C GLN A 1517 -13.80 -35.55 91.76
N HIS A 1518 -12.79 -35.30 92.59
CA HIS A 1518 -11.42 -35.12 92.13
C HIS A 1518 -10.65 -36.42 92.01
N LYS A 1519 -11.27 -37.56 92.34
CA LYS A 1519 -10.55 -38.83 92.24
C LYS A 1519 -10.14 -39.10 90.80
N GLY A 1520 -11.03 -38.85 89.85
CA GLY A 1520 -10.69 -39.08 88.45
C GLY A 1520 -9.54 -38.22 87.99
N SER A 1521 -9.56 -36.93 88.33
CA SER A 1521 -8.47 -36.04 87.95
C SER A 1521 -7.16 -36.48 88.58
N VAL A 1522 -7.18 -36.85 89.86
CA VAL A 1522 -5.96 -37.28 90.53
C VAL A 1522 -5.42 -38.55 89.89
N GLU A 1523 -6.31 -39.50 89.57
CA GLU A 1523 -5.87 -40.74 88.94
C GLU A 1523 -5.27 -40.46 87.56
N ALA A 1524 -5.90 -39.58 86.78
CA ALA A 1524 -5.36 -39.26 85.46
C ALA A 1524 -3.99 -38.61 85.58
N CYS A 1525 -3.82 -37.67 86.51
CA CYS A 1525 -2.53 -37.03 86.70
C CYS A 1525 -1.48 -38.04 87.11
N ILE A 1526 -1.83 -38.95 88.04
CA ILE A 1526 -0.89 -39.96 88.49
C ILE A 1526 -0.49 -40.87 87.34
N ARG A 1527 -1.45 -41.29 86.52
CA ARG A 1527 -1.14 -42.18 85.41
C ARG A 1527 -0.21 -41.48 84.41
N THR A 1528 -0.51 -40.22 84.08
CA THR A 1528 0.35 -39.49 83.15
C THR A 1528 1.77 -39.34 83.70
N LEU A 1529 1.87 -38.97 84.99
CA LEU A 1529 3.19 -38.78 85.59
C LEU A 1529 3.97 -40.09 85.62
N ALA A 1530 3.30 -41.20 85.97
CA ALA A 1530 3.97 -42.49 86.00
C ALA A 1530 4.40 -42.92 84.60
N MET A 1531 3.56 -42.67 83.59
CA MET A 1531 3.95 -43.00 82.23
C MET A 1531 5.18 -42.21 81.80
N VAL A 1532 5.21 -40.91 82.12
CA VAL A 1532 6.38 -40.10 81.77
C VAL A 1532 7.62 -40.61 82.49
N ALA A 1533 7.49 -40.94 83.78
CA ALA A 1533 8.63 -41.43 84.53
C ALA A 1533 9.15 -42.76 83.96
N LYS A 1534 8.24 -43.67 83.61
CA LYS A 1534 8.66 -44.94 83.03
C LYS A 1534 9.33 -44.74 81.68
N GLY A 1535 8.79 -43.83 80.86
CA GLY A 1535 9.44 -43.52 79.59
C GLY A 1535 10.83 -42.95 79.79
N ARG A 1536 11.00 -42.11 80.81
CA ARG A 1536 12.30 -41.53 81.14
C ARG A 1536 13.22 -42.50 81.87
N ALA A 1537 12.70 -43.65 82.30
CA ALA A 1537 13.49 -44.67 82.99
C ALA A 1537 14.07 -44.11 84.28
N ILE A 1538 13.18 -43.70 85.17
CA ILE A 1538 13.56 -43.14 86.46
C ILE A 1538 13.58 -44.25 87.51
N LEU A 1539 14.62 -44.27 88.33
CA LEU A 1539 14.77 -45.28 89.38
C LEU A 1539 13.82 -44.95 90.53
N LEU A 1540 12.57 -45.34 90.36
CA LEU A 1540 11.57 -45.09 91.39
C LEU A 1540 11.82 -45.98 92.61
N PRO A 1541 11.35 -45.57 93.79
CA PRO A 1541 11.44 -46.46 94.95
C PRO A 1541 10.66 -47.74 94.72
N MET A 1542 11.10 -48.82 95.36
CA MET A 1542 10.46 -50.12 95.16
C MET A 1542 9.00 -50.08 95.63
N ASP A 1543 8.75 -49.58 96.84
CA ASP A 1543 7.39 -49.52 97.36
C ASP A 1543 6.54 -48.57 96.52
N LEU A 1544 7.08 -47.42 96.13
CA LEU A 1544 6.32 -46.48 95.31
C LEU A 1544 5.94 -47.10 93.97
N ASP A 1545 6.89 -47.79 93.33
CA ASP A 1545 6.60 -48.44 92.06
C ASP A 1545 5.57 -49.53 92.22
N ALA A 1546 5.67 -50.32 93.30
CA ALA A 1546 4.67 -51.36 93.54
C ALA A 1546 3.28 -50.76 93.72
N HIS A 1547 3.19 -49.68 94.49
CA HIS A 1547 1.89 -49.03 94.69
C HIS A 1547 1.34 -48.46 93.40
N ILE A 1548 2.21 -47.85 92.58
CA ILE A 1548 1.77 -47.29 91.30
C ILE A 1548 1.27 -48.41 90.40
N SER A 1549 1.99 -49.53 90.35
CA SER A 1549 1.55 -50.66 89.54
C SER A 1549 0.21 -51.20 90.04
N SER A 1550 0.03 -51.27 91.36
CA SER A 1550 -1.23 -51.73 91.90
C SER A 1550 -2.38 -50.81 91.50
N MET A 1551 -2.15 -49.49 91.58
CA MET A 1551 -3.19 -48.55 91.18
C MET A 1551 -3.49 -48.67 89.69
N LEU A 1552 -2.46 -48.83 88.86
CA LEU A 1552 -2.69 -48.98 87.43
C LEU A 1552 -3.49 -50.24 87.13
N SER A 1553 -3.16 -51.35 87.79
CA SER A 1553 -3.91 -52.59 87.59
C SER A 1553 -5.36 -52.42 88.03
N SER A 1554 -5.58 -51.77 89.18
CA SER A 1554 -6.94 -51.54 89.64
C SER A 1554 -7.72 -50.70 88.65
N GLY A 1555 -7.10 -49.64 88.12
CA GLY A 1555 -7.79 -48.81 87.15
C GLY A 1555 -8.11 -49.56 85.87
N ALA A 1556 -7.15 -50.35 85.38
CA ALA A 1556 -7.37 -51.10 84.15
C ALA A 1556 -8.49 -52.13 84.34
N SER A 1557 -8.51 -52.80 85.48
CA SER A 1557 -9.54 -53.80 85.75
C SER A 1557 -10.91 -53.15 85.86
N ASP A 1587 -54.90 -30.86 92.84
CA ASP A 1587 -54.92 -31.41 91.49
C ASP A 1587 -54.27 -30.45 90.51
N TYR A 1588 -53.38 -29.58 91.01
CA TYR A 1588 -52.71 -28.62 90.14
C TYR A 1588 -51.84 -29.34 89.12
N LYS A 1589 -51.16 -30.41 89.52
CA LYS A 1589 -50.34 -31.18 88.59
C LYS A 1589 -51.21 -31.73 87.45
N ASN A 1590 -52.35 -32.32 87.79
CA ASN A 1590 -53.23 -32.87 86.77
C ASN A 1590 -53.77 -31.77 85.86
N ILE A 1591 -54.14 -30.63 86.43
CA ILE A 1591 -54.68 -29.53 85.63
C ILE A 1591 -53.62 -29.05 84.65
N ILE A 1592 -52.38 -28.88 85.12
CA ILE A 1592 -51.31 -28.41 84.24
C ILE A 1592 -51.02 -29.43 83.15
N GLU A 1593 -51.00 -30.72 83.50
CA GLU A 1593 -50.75 -31.74 82.50
C GLU A 1593 -51.83 -31.75 81.43
N LYS A 1594 -53.10 -31.66 81.83
CA LYS A 1594 -54.18 -31.64 80.87
C LYS A 1594 -54.11 -30.38 80.00
N LEU A 1595 -53.74 -29.24 80.60
CA LEU A 1595 -53.60 -28.03 79.82
C LEU A 1595 -52.50 -28.16 78.77
N GLN A 1596 -51.37 -28.75 79.15
CA GLN A 1596 -50.29 -28.96 78.19
C GLN A 1596 -50.72 -29.91 77.07
N ASP A 1597 -51.43 -30.98 77.42
CA ASP A 1597 -51.91 -31.91 76.39
C ASP A 1597 -52.87 -31.21 75.44
N ILE A 1598 -53.77 -30.38 75.98
CA ILE A 1598 -54.71 -29.65 75.14
C ILE A 1598 -53.97 -28.70 74.22
N ILE A 1599 -52.95 -28.01 74.74
CA ILE A 1599 -52.17 -27.09 73.92
C ILE A 1599 -51.51 -27.84 72.78
N THR A 1600 -50.88 -28.97 73.08
CA THR A 1600 -50.21 -29.74 72.03
C THR A 1600 -51.20 -30.21 70.98
N ALA A 1601 -52.35 -30.74 71.42
CA ALA A 1601 -53.34 -31.23 70.46
C ALA A 1601 -53.86 -30.10 69.59
N LEU A 1602 -54.15 -28.94 70.19
CA LEU A 1602 -54.66 -27.82 69.42
C LEU A 1602 -53.65 -27.34 68.40
N GLU A 1603 -52.37 -27.22 68.79
CA GLU A 1603 -51.35 -26.81 67.84
C GLU A 1603 -51.23 -27.81 66.70
N GLU A 1604 -51.19 -29.10 67.02
CA GLU A 1604 -51.05 -30.11 65.99
C GLU A 1604 -52.23 -30.09 65.03
N ARG A 1605 -53.43 -29.87 65.55
CA ARG A 1605 -54.62 -29.88 64.70
C ARG A 1605 -54.74 -28.61 63.86
N LEU A 1606 -54.28 -27.48 64.40
CA LEU A 1606 -54.48 -26.20 63.73
C LEU A 1606 -53.31 -25.78 62.83
N LYS A 1607 -52.16 -26.45 62.91
CA LYS A 1607 -51.04 -26.08 62.05
C LYS A 1607 -51.41 -26.04 60.57
N PRO A 1608 -52.08 -27.05 60.01
CA PRO A 1608 -52.46 -26.95 58.58
C PRO A 1608 -53.36 -25.75 58.28
N LEU A 1609 -54.27 -25.43 59.20
CA LEU A 1609 -55.13 -24.27 59.00
C LEU A 1609 -54.31 -22.98 59.06
N VAL A 1610 -53.31 -22.92 59.93
CA VAL A 1610 -52.42 -21.76 59.95
C VAL A 1610 -51.72 -21.62 58.61
N GLN A 1611 -51.22 -22.74 58.07
CA GLN A 1611 -50.55 -22.69 56.77
C GLN A 1611 -51.49 -22.20 55.68
N ALA A 1612 -52.73 -22.71 55.68
CA ALA A 1612 -53.69 -22.30 54.66
C ALA A 1612 -54.02 -20.82 54.78
N GLU A 1613 -54.24 -20.33 56.00
CA GLU A 1613 -54.55 -18.93 56.20
C GLU A 1613 -53.39 -18.05 55.75
N LEU A 1614 -52.16 -18.46 56.05
CA LEU A 1614 -51.00 -17.71 55.58
C LEU A 1614 -50.93 -17.70 54.06
N SER A 1615 -51.21 -18.84 53.43
CA SER A 1615 -51.14 -18.92 51.97
C SER A 1615 -52.20 -18.04 51.31
N VAL A 1616 -53.37 -17.90 51.96
CA VAL A 1616 -54.44 -17.09 51.37
C VAL A 1616 -53.95 -15.67 51.11
N LEU A 1617 -53.04 -15.16 51.94
CA LEU A 1617 -52.48 -13.84 51.70
C LEU A 1617 -51.77 -13.77 50.36
N VAL A 1618 -51.21 -14.88 49.89
CA VAL A 1618 -50.54 -14.90 48.60
C VAL A 1618 -51.54 -14.56 47.49
N ASP A 1619 -52.70 -15.22 47.49
CA ASP A 1619 -53.71 -14.92 46.48
C ASP A 1619 -54.26 -13.51 46.68
N VAL A 1620 -54.41 -13.07 47.92
CA VAL A 1620 -54.92 -11.72 48.17
C VAL A 1620 -54.00 -10.68 47.55
N LEU A 1621 -52.68 -10.85 47.71
CA LEU A 1621 -51.73 -9.93 47.10
C LEU A 1621 -51.62 -10.13 45.59
N HIS A 1622 -51.84 -11.35 45.10
CA HIS A 1622 -51.78 -11.60 43.66
C HIS A 1622 -52.93 -10.91 42.93
N TRP A 1623 -54.12 -10.91 43.54
CA TRP A 1623 -55.31 -10.29 42.95
C TRP A 1623 -55.92 -9.32 43.96
N PRO A 1624 -55.31 -8.15 44.15
CA PRO A 1624 -55.88 -7.17 45.09
C PRO A 1624 -57.02 -6.35 44.51
N GLU A 1625 -57.12 -6.24 43.18
CA GLU A 1625 -58.15 -5.40 42.57
C GLU A 1625 -59.55 -5.99 42.70
N LEU A 1626 -59.67 -7.30 42.94
CA LEU A 1626 -60.99 -7.91 43.05
C LEU A 1626 -61.73 -7.43 44.28
N LEU A 1627 -60.99 -7.05 45.34
CA LEU A 1627 -61.64 -6.54 46.54
C LEU A 1627 -62.42 -5.26 46.25
N PHE A 1628 -61.84 -4.36 45.45
CA PHE A 1628 -62.52 -3.13 45.08
C PHE A 1628 -63.58 -3.43 44.02
N LEU A 1629 -64.30 -2.40 43.60
CA LEU A 1629 -65.34 -2.51 42.60
C LEU A 1629 -64.83 -2.01 41.26
N GLU A 1630 -65.25 -2.68 40.19
CA GLU A 1630 -64.76 -2.35 38.85
C GLU A 1630 -65.15 -0.91 38.49
N GLY A 1631 -64.24 -0.24 37.77
CA GLY A 1631 -64.46 1.12 37.33
C GLY A 1631 -63.97 2.19 38.28
N SER A 1632 -63.54 1.81 39.48
CA SER A 1632 -63.07 2.78 40.46
C SER A 1632 -61.59 3.10 40.23
N GLU A 1633 -61.18 4.26 40.75
CA GLU A 1633 -59.79 4.66 40.64
C GLU A 1633 -58.87 3.69 41.36
N ALA A 1634 -59.28 3.24 42.55
CA ALA A 1634 -58.49 2.24 43.28
C ALA A 1634 -58.41 0.94 42.50
N TYR A 1635 -59.53 0.52 41.89
CA TYR A 1635 -59.51 -0.69 41.08
C TYR A 1635 -58.54 -0.56 39.92
N GLN A 1636 -58.55 0.59 39.23
CA GLN A 1636 -57.63 0.79 38.12
C GLN A 1636 -56.19 0.78 38.60
N ARG A 1637 -55.91 1.45 39.73
CA ARG A 1637 -54.55 1.48 40.24
C ARG A 1637 -54.06 0.09 40.61
N CYS A 1638 -54.92 -0.71 41.26
CA CYS A 1638 -54.54 -2.07 41.61
C CYS A 1638 -54.32 -2.93 40.37
N GLU A 1639 -55.18 -2.76 39.36
CA GLU A 1639 -55.02 -3.55 38.13
C GLU A 1639 -53.74 -3.18 37.40
N SER A 1640 -53.36 -1.90 37.45
CA SER A 1640 -52.13 -1.44 36.82
C SER A 1640 -50.88 -1.81 37.59
N GLY A 1641 -51.01 -2.66 38.62
CA GLY A 1641 -49.85 -3.07 39.40
C GLY A 1641 -49.35 -2.02 40.38
N GLY A 1642 -50.18 -1.04 40.72
CA GLY A 1642 -49.73 0.00 41.63
C GLY A 1642 -49.44 -0.53 43.02
N PHE A 1643 -50.23 -1.50 43.48
CA PHE A 1643 -50.06 -2.02 44.84
C PHE A 1643 -48.67 -2.64 45.01
N LEU A 1644 -48.29 -3.53 44.09
CA LEU A 1644 -46.98 -4.17 44.21
C LEU A 1644 -45.85 -3.17 44.04
N SER A 1645 -46.00 -2.20 43.14
CA SER A 1645 -44.96 -1.20 42.97
C SER A 1645 -44.76 -0.40 44.25
N LYS A 1646 -45.86 0.03 44.88
CA LYS A 1646 -45.75 0.78 46.13
C LYS A 1646 -45.15 -0.09 47.23
N LEU A 1647 -45.55 -1.35 47.31
CA LEU A 1647 -45.01 -2.23 48.33
C LEU A 1647 -43.50 -2.39 48.17
N ILE A 1648 -43.05 -2.61 46.93
CA ILE A 1648 -41.63 -2.78 46.67
C ILE A 1648 -40.88 -1.49 46.99
N GLN A 1649 -41.42 -0.35 46.57
CA GLN A 1649 -40.73 0.91 46.81
C GLN A 1649 -40.63 1.20 48.31
N HIS A 1650 -41.69 0.94 49.07
CA HIS A 1650 -41.66 1.19 50.50
C HIS A 1650 -40.85 0.15 51.26
N THR A 1651 -40.62 -1.03 50.68
CA THR A 1651 -39.80 -2.02 51.35
C THR A 1651 -38.39 -1.50 51.56
N LYS A 1652 -37.81 -0.86 50.54
CA LYS A 1652 -36.48 -0.29 50.68
C LYS A 1652 -36.46 0.81 51.73
N ASP A 1653 -37.49 1.65 51.76
CA ASP A 1653 -37.55 2.72 52.75
C ASP A 1653 -37.63 2.17 54.16
N LEU A 1654 -38.44 1.13 54.37
CA LEU A 1654 -38.61 0.55 55.70
C LEU A 1654 -37.52 -0.44 56.06
N MET A 1655 -36.62 -0.76 55.12
CA MET A 1655 -35.55 -1.71 55.41
C MET A 1655 -34.74 -1.25 56.62
N GLU A 1656 -34.34 0.03 56.63
CA GLU A 1656 -33.56 0.54 57.75
C GLU A 1656 -34.39 0.58 59.03
N SER A 1657 -35.67 0.95 58.93
CA SER A 1657 -36.51 1.11 60.12
C SER A 1657 -37.03 -0.23 60.63
N GLU A 1658 -37.80 -0.93 59.79
CA GLU A 1658 -38.48 -2.16 60.17
C GLU A 1658 -37.82 -3.34 59.46
N GLU A 1659 -36.75 -3.87 60.08
CA GLU A 1659 -36.08 -5.04 59.53
C GLU A 1659 -37.01 -6.26 59.52
N LYS A 1660 -37.79 -6.45 60.59
CA LYS A 1660 -38.71 -7.56 60.64
C LYS A 1660 -39.79 -7.44 59.56
N LEU A 1661 -40.30 -6.22 59.35
CA LEU A 1661 -41.30 -6.02 58.29
C LEU A 1661 -40.70 -6.27 56.92
N CYS A 1662 -39.46 -5.83 56.70
CA CYS A 1662 -38.80 -6.09 55.43
C CYS A 1662 -38.64 -7.60 55.20
N ILE A 1663 -38.25 -8.33 56.24
CA ILE A 1663 -38.09 -9.77 56.12
C ILE A 1663 -39.43 -10.42 55.80
N LYS A 1664 -40.50 -9.97 56.46
CA LYS A 1664 -41.82 -10.53 56.18
C LYS A 1664 -42.23 -10.26 54.74
N VAL A 1665 -41.98 -9.05 54.25
CA VAL A 1665 -42.33 -8.72 52.87
C VAL A 1665 -41.55 -9.61 51.90
N LEU A 1666 -40.25 -9.80 52.15
CA LEU A 1666 -39.44 -10.64 51.28
C LEU A 1666 -39.96 -12.08 51.28
N ARG A 1667 -40.31 -12.60 52.46
CA ARG A 1667 -40.85 -13.95 52.53
C ARG A 1667 -42.18 -14.05 51.79
N THR A 1668 -43.02 -13.03 51.89
CA THR A 1668 -44.28 -13.03 51.16
C THR A 1668 -44.03 -13.06 49.66
N LEU A 1669 -43.06 -12.26 49.18
CA LEU A 1669 -42.75 -12.28 47.76
C LEU A 1669 -42.22 -13.65 47.32
N GLN A 1670 -41.38 -14.26 48.14
CA GLN A 1670 -40.90 -15.61 47.82
C GLN A 1670 -42.04 -16.61 47.75
N GLN A 1671 -42.97 -16.54 48.70
CA GLN A 1671 -44.12 -17.43 48.67
C GLN A 1671 -44.97 -17.20 47.42
N MET A 1672 -45.17 -15.94 47.04
CA MET A 1672 -45.92 -15.63 45.83
C MET A 1672 -45.22 -16.16 44.57
N LEU A 1673 -43.89 -16.10 44.53
CA LEU A 1673 -43.12 -16.63 43.41
C LEU A 1673 -43.00 -18.15 43.44
N LEU A 1674 -43.25 -18.76 44.59
CA LEU A 1674 -43.12 -20.20 44.76
C LEU A 1674 -44.32 -20.91 44.13
N LYS A 1675 -44.11 -22.18 43.79
CA LYS A 1675 -45.16 -22.97 43.15
C LYS A 1675 -46.29 -23.26 44.14
N LYS A 1676 -47.50 -23.41 43.61
CA LYS A 1676 -48.65 -23.72 44.44
C LYS A 1676 -48.56 -25.16 44.96
N THR A 1677 -49.17 -25.40 46.11
CA THR A 1677 -49.14 -26.70 46.76
C THR A 1677 -50.52 -27.02 47.33
N LYS A 1678 -50.62 -28.17 48.00
CA LYS A 1678 -51.84 -28.62 48.64
C LYS A 1678 -51.55 -28.97 50.09
N TYR A 1679 -52.58 -28.86 50.93
CA TYR A 1679 -52.43 -29.05 52.37
C TYR A 1679 -53.27 -30.19 52.94
N GLY A 1680 -54.46 -30.44 52.38
CA GLY A 1680 -55.33 -31.47 52.90
C GLY A 1680 -56.79 -31.12 52.68
N ASP A 1681 -57.70 -31.98 53.13
CA ASP A 1681 -59.13 -31.70 52.92
C ASP A 1681 -59.56 -30.45 53.66
N ARG A 1682 -59.26 -30.38 54.97
CA ARG A 1682 -59.68 -29.23 55.76
C ARG A 1682 -58.97 -27.96 55.30
N GLY A 1683 -57.68 -28.07 54.98
CA GLY A 1683 -56.95 -26.92 54.49
C GLY A 1683 -57.52 -26.38 53.20
N ASN A 1684 -57.83 -27.27 52.26
CA ASN A 1684 -58.43 -26.84 51.00
C ASN A 1684 -59.80 -26.23 51.22
N GLN A 1685 -60.60 -26.81 52.11
CA GLN A 1685 -61.91 -26.24 52.41
C GLN A 1685 -61.77 -24.83 52.96
N LEU A 1686 -60.88 -24.64 53.92
CA LEU A 1686 -60.67 -23.31 54.49
C LEU A 1686 -60.18 -22.34 53.43
N ARG A 1687 -59.23 -22.77 52.61
CA ARG A 1687 -58.68 -21.89 51.58
C ARG A 1687 -59.75 -21.46 50.59
N LYS A 1688 -60.56 -22.40 50.12
CA LYS A 1688 -61.59 -22.05 49.15
C LYS A 1688 -62.66 -21.17 49.77
N MET A 1689 -63.03 -21.44 51.03
CA MET A 1689 -64.02 -20.59 51.70
C MET A 1689 -63.50 -19.16 51.83
N LEU A 1690 -62.25 -19.00 52.26
CA LEU A 1690 -61.69 -17.66 52.41
C LEU A 1690 -61.56 -16.96 51.06
N LEU A 1691 -61.13 -17.69 50.02
CA LEU A 1691 -61.03 -17.08 48.70
C LEU A 1691 -62.40 -16.63 48.20
N GLN A 1692 -63.42 -17.46 48.39
CA GLN A 1692 -64.76 -17.08 47.98
C GLN A 1692 -65.25 -15.85 48.74
N ASN A 1693 -64.99 -15.82 50.05
CA ASN A 1693 -65.45 -14.69 50.86
C ASN A 1693 -64.76 -13.40 50.46
N TYR A 1694 -63.44 -13.44 50.26
CA TYR A 1694 -62.68 -12.22 50.00
C TYR A 1694 -62.72 -11.83 48.52
N LEU A 1695 -62.14 -12.68 47.66
CA LEU A 1695 -62.02 -12.38 46.23
C LEU A 1695 -63.24 -12.96 45.52
N GLN A 1696 -64.30 -12.17 45.46
CA GLN A 1696 -65.53 -12.59 44.82
C GLN A 1696 -65.48 -12.33 43.31
N TRP A 1718 -45.08 -24.15 34.26
CA TRP A 1718 -43.97 -23.23 34.50
C TRP A 1718 -44.26 -21.87 33.86
N SER A 1719 -45.23 -21.85 32.94
CA SER A 1719 -45.59 -20.59 32.28
C SER A 1719 -46.12 -19.58 33.27
N ALA A 1720 -46.95 -20.02 34.22
CA ALA A 1720 -47.47 -19.11 35.23
C ALA A 1720 -46.35 -18.54 36.09
N ILE A 1721 -45.38 -19.39 36.47
CA ILE A 1721 -44.27 -18.92 37.28
C ILE A 1721 -43.44 -17.91 36.49
N ALA A 1722 -43.20 -18.17 35.21
CA ALA A 1722 -42.45 -17.24 34.38
C ALA A 1722 -43.19 -15.91 34.26
N ALA A 1723 -44.51 -15.95 34.08
CA ALA A 1723 -45.28 -14.73 33.98
C ALA A 1723 -45.21 -13.93 35.28
N THR A 1724 -45.32 -14.63 36.42
CA THR A 1724 -45.23 -13.94 37.71
C THR A 1724 -43.85 -13.32 37.89
N GLN A 1725 -42.80 -14.03 37.50
CA GLN A 1725 -41.45 -13.48 37.59
C GLN A 1725 -41.30 -12.24 36.72
N CYS A 1726 -41.84 -12.28 35.49
CA CYS A 1726 -41.77 -11.12 34.62
C CYS A 1726 -42.54 -9.95 35.20
N ARG A 1727 -43.71 -10.22 35.78
CA ARG A 1727 -44.50 -9.14 36.37
C ARG A 1727 -43.76 -8.50 37.53
N LEU A 1728 -43.15 -9.32 38.40
CA LEU A 1728 -42.40 -8.78 39.53
C LEU A 1728 -41.18 -7.99 39.04
N ASP A 1729 -40.51 -8.47 37.99
CA ASP A 1729 -39.39 -7.73 37.44
C ASP A 1729 -39.83 -6.38 36.91
N LYS A 1730 -40.99 -6.35 36.22
CA LYS A 1730 -41.52 -5.08 35.75
C LYS A 1730 -41.83 -4.15 36.92
N GLU A 1731 -42.41 -4.68 37.99
CA GLU A 1731 -42.67 -3.88 39.17
C GLU A 1731 -41.39 -3.38 39.82
N GLY A 1732 -40.28 -4.09 39.65
CA GLY A 1732 -38.99 -3.65 40.15
C GLY A 1732 -38.43 -4.49 41.28
N ALA A 1733 -38.60 -5.81 41.20
CA ALA A 1733 -38.05 -6.68 42.23
C ALA A 1733 -36.53 -6.83 42.08
N THR A 1734 -36.04 -6.87 40.83
CA THR A 1734 -34.61 -7.05 40.62
C THR A 1734 -33.82 -5.89 41.20
N LYS A 1735 -34.27 -4.66 40.96
CA LYS A 1735 -33.60 -3.50 41.53
C LYS A 1735 -33.68 -3.52 43.06
N LEU A 1736 -34.83 -3.94 43.60
CA LEU A 1736 -34.96 -4.03 45.05
C LEU A 1736 -33.92 -4.99 45.63
N VAL A 1737 -33.80 -6.19 45.05
CA VAL A 1737 -32.87 -7.17 45.58
C VAL A 1737 -31.43 -6.69 45.42
N CYS A 1738 -31.11 -6.07 44.28
CA CYS A 1738 -29.76 -5.55 44.08
C CYS A 1738 -29.42 -4.50 45.13
N ASP A 1739 -30.34 -3.56 45.35
CA ASP A 1739 -30.10 -2.51 46.34
C ASP A 1739 -29.95 -3.10 47.73
N LEU A 1740 -30.82 -4.06 48.09
CA LEU A 1740 -30.73 -4.69 49.40
C LEU A 1740 -29.39 -5.39 49.57
N ILE A 1741 -28.96 -6.14 48.57
CA ILE A 1741 -27.69 -6.87 48.66
C ILE A 1741 -26.54 -5.89 48.82
N THR A 1742 -26.54 -4.80 48.04
CA THR A 1742 -25.41 -3.90 48.04
C THR A 1742 -25.41 -2.91 49.20
N SER A 1743 -26.53 -2.76 49.93
CA SER A 1743 -26.61 -1.77 51.00
C SER A 1743 -26.97 -2.34 52.37
N THR A 1744 -27.24 -3.63 52.49
CA THR A 1744 -27.72 -4.18 53.76
C THR A 1744 -26.56 -4.67 54.62
N LYS A 1745 -26.79 -4.64 55.94
CA LYS A 1745 -25.86 -5.19 56.92
C LYS A 1745 -26.45 -6.35 57.70
N ASN A 1746 -27.70 -6.73 57.46
CA ASN A 1746 -28.34 -7.79 58.22
C ASN A 1746 -28.25 -9.11 57.46
N GLU A 1747 -27.81 -10.16 58.17
CA GLU A 1747 -27.66 -11.46 57.54
C GLU A 1747 -29.00 -12.00 57.05
N LYS A 1748 -30.06 -11.84 57.85
CA LYS A 1748 -31.37 -12.32 57.44
C LYS A 1748 -31.85 -11.59 56.20
N ILE A 1749 -31.66 -10.27 56.15
CA ILE A 1749 -32.09 -9.51 54.98
C ILE A 1749 -31.30 -9.94 53.74
N PHE A 1750 -29.99 -10.14 53.90
CA PHE A 1750 -29.18 -10.60 52.78
C PHE A 1750 -29.63 -11.96 52.28
N GLN A 1751 -29.91 -12.88 53.21
CA GLN A 1751 -30.35 -14.22 52.81
C GLN A 1751 -31.70 -14.16 52.11
N GLU A 1752 -32.62 -13.34 52.60
CA GLU A 1752 -33.92 -13.22 51.96
C GLU A 1752 -33.80 -12.61 50.57
N SER A 1753 -32.93 -11.61 50.41
CA SER A 1753 -32.70 -11.03 49.09
C SER A 1753 -32.13 -12.06 48.13
N ILE A 1754 -31.17 -12.87 48.61
CA ILE A 1754 -30.59 -13.90 47.76
C ILE A 1754 -31.65 -14.92 47.36
N GLY A 1755 -32.49 -15.32 48.32
CA GLY A 1755 -33.55 -16.27 48.00
C GLY A 1755 -34.55 -15.72 46.99
N LEU A 1756 -34.92 -14.44 47.14
CA LEU A 1756 -35.84 -13.83 46.20
C LEU A 1756 -35.22 -13.75 44.81
N ALA A 1757 -33.93 -13.41 44.73
CA ALA A 1757 -33.25 -13.39 43.44
C ALA A 1757 -33.22 -14.78 42.82
N ILE A 1758 -32.96 -15.80 43.63
CA ILE A 1758 -32.94 -17.17 43.13
C ILE A 1758 -34.31 -17.56 42.58
N HIS A 1759 -35.37 -17.21 43.32
CA HIS A 1759 -36.72 -17.52 42.85
C HIS A 1759 -37.03 -16.80 41.55
N LEU A 1760 -36.61 -15.53 41.43
CA LEU A 1760 -36.85 -14.79 40.20
C LEU A 1760 -36.10 -15.42 39.03
N LEU A 1761 -34.86 -15.85 39.26
CA LEU A 1761 -34.04 -16.43 38.19
C LEU A 1761 -34.33 -17.90 37.96
N ASP A 1762 -35.18 -18.52 38.77
CA ASP A 1762 -35.45 -19.95 38.59
C ASP A 1762 -36.00 -20.22 37.20
N GLY A 1763 -35.56 -21.32 36.59
CA GLY A 1763 -35.94 -21.65 35.25
C GLY A 1763 -35.13 -20.96 34.17
N GLY A 1764 -34.09 -20.23 34.54
CA GLY A 1764 -33.27 -19.54 33.55
C GLY A 1764 -34.04 -18.52 32.73
N ASN A 1765 -34.83 -17.69 33.39
CA ASN A 1765 -35.65 -16.71 32.68
C ASN A 1765 -34.76 -15.68 32.00
N THR A 1766 -34.77 -15.68 30.67
CA THR A 1766 -33.91 -14.78 29.92
C THR A 1766 -34.26 -13.32 30.18
N GLU A 1767 -35.54 -13.02 30.39
CA GLU A 1767 -35.93 -11.64 30.66
C GLU A 1767 -35.30 -11.12 31.93
N ILE A 1768 -35.38 -11.91 33.02
CA ILE A 1768 -34.78 -11.48 34.28
C ILE A 1768 -33.26 -11.45 34.17
N GLN A 1769 -32.69 -12.41 33.44
CA GLN A 1769 -31.23 -12.38 33.24
C GLN A 1769 -30.81 -11.09 32.53
N LYS A 1770 -31.53 -10.71 31.48
CA LYS A 1770 -31.21 -9.48 30.76
C LYS A 1770 -31.41 -8.26 31.65
N SER A 1771 -32.46 -8.26 32.47
CA SER A 1771 -32.67 -7.14 33.38
C SER A 1771 -31.51 -7.01 34.36
N PHE A 1772 -31.06 -8.14 34.94
CA PHE A 1772 -29.93 -8.10 35.85
C PHE A 1772 -28.68 -7.60 35.14
N HIS A 1773 -28.43 -8.08 33.93
CA HIS A 1773 -27.25 -7.65 33.19
C HIS A 1773 -27.31 -6.14 32.91
N ASN A 1774 -28.47 -5.64 32.50
CA ASN A 1774 -28.60 -4.21 32.23
C ASN A 1774 -28.37 -3.40 33.49
N LEU A 1775 -28.95 -3.82 34.61
CA LEU A 1775 -28.73 -3.10 35.86
C LEU A 1775 -27.26 -3.09 36.24
N MET A 1776 -26.60 -4.23 36.14
CA MET A 1776 -25.19 -4.31 36.52
C MET A 1776 -24.32 -3.44 35.63
N MET A 1777 -24.59 -3.44 34.32
CA MET A 1777 -23.73 -2.69 33.40
C MET A 1777 -24.02 -1.20 33.46
N SER A 1778 -25.24 -0.79 33.80
CA SER A 1778 -25.59 0.62 33.81
C SER A 1778 -25.34 1.27 35.18
N ASP A 1779 -25.96 0.72 36.23
CA ASP A 1779 -25.84 1.33 37.55
C ASP A 1779 -24.40 1.28 38.03
N LYS A 1780 -24.03 2.28 38.83
CA LYS A 1780 -22.68 2.38 39.38
C LYS A 1780 -22.50 1.54 40.64
N LYS A 1781 -23.55 0.88 41.12
CA LYS A 1781 -23.47 0.05 42.31
C LYS A 1781 -22.99 -1.36 42.00
N SER A 1782 -22.73 -1.67 40.73
CA SER A 1782 -22.21 -2.99 40.39
C SER A 1782 -20.85 -3.22 41.06
N GLU A 1783 -20.04 -2.17 41.17
CA GLU A 1783 -18.77 -2.30 41.88
C GLU A 1783 -19.00 -2.77 43.30
N ARG A 1784 -19.92 -2.12 44.03
CA ARG A 1784 -20.20 -2.51 45.39
C ARG A 1784 -20.76 -3.93 45.46
N PHE A 1785 -21.65 -4.28 44.52
CA PHE A 1785 -22.24 -5.61 44.52
C PHE A 1785 -21.18 -6.69 44.37
N PHE A 1786 -20.32 -6.54 43.36
CA PHE A 1786 -19.27 -7.53 43.14
C PHE A 1786 -18.27 -7.53 44.29
N LYS A 1787 -17.97 -6.36 44.85
CA LYS A 1787 -17.04 -6.29 45.97
C LYS A 1787 -17.59 -7.05 47.18
N VAL A 1788 -18.87 -6.88 47.49
CA VAL A 1788 -19.44 -7.57 48.64
C VAL A 1788 -19.52 -9.06 48.38
N LEU A 1789 -19.86 -9.47 47.16
CA LEU A 1789 -19.87 -10.89 46.84
C LEU A 1789 -18.47 -11.49 47.01
N HIS A 1790 -17.45 -10.80 46.49
CA HIS A 1790 -16.09 -11.28 46.61
C HIS A 1790 -15.66 -11.36 48.07
N ASP A 1791 -16.02 -10.36 48.86
CA ASP A 1791 -15.65 -10.37 50.28
C ASP A 1791 -16.31 -11.53 51.01
N ARG A 1792 -17.59 -11.78 50.74
CA ARG A 1792 -18.27 -12.90 51.38
C ARG A 1792 -17.63 -14.22 50.97
N MET A 1793 -17.30 -14.38 49.68
CA MET A 1793 -16.67 -15.61 49.24
C MET A 1793 -15.30 -15.80 49.87
N LYS A 1794 -14.52 -14.73 49.98
CA LYS A 1794 -13.20 -14.82 50.60
C LYS A 1794 -13.32 -15.16 52.08
N ARG A 1795 -14.29 -14.57 52.78
CA ARG A 1795 -14.50 -14.89 54.18
C ARG A 1795 -14.90 -16.36 54.34
N ALA A 1796 -15.76 -16.87 53.46
CA ALA A 1796 -16.12 -18.28 53.51
C ALA A 1796 -14.90 -19.17 53.27
N GLN A 1797 -14.06 -18.81 52.30
CA GLN A 1797 -12.86 -19.58 52.04
C GLN A 1797 -11.94 -19.59 53.26
N GLN A 1798 -11.75 -18.43 53.89
CA GLN A 1798 -10.89 -18.35 55.06
C GLN A 1798 -11.44 -19.20 56.21
N GLU A 1799 -12.75 -19.14 56.44
CA GLU A 1799 -13.35 -19.95 57.49
C GLU A 1799 -13.19 -21.44 57.20
N THR A 1800 -13.38 -21.84 55.94
CA THR A 1800 -13.19 -23.24 55.57
C THR A 1800 -11.74 -23.66 55.80
N LYS A 1801 -10.79 -22.81 55.42
CA LYS A 1801 -9.38 -23.13 55.63
C LYS A 1801 -9.07 -23.27 57.11
N SER A 1802 -9.60 -22.36 57.95
CA SER A 1802 -9.35 -22.45 59.38
C SER A 1802 -9.94 -23.73 59.96
N THR A 1803 -11.16 -24.09 59.54
CA THR A 1803 -11.76 -25.34 60.02
C THR A 1803 -10.94 -26.54 59.60
N VAL A 1804 -10.46 -26.56 58.35
CA VAL A 1804 -9.63 -27.65 57.86
C VAL A 1804 -8.29 -27.63 58.58
N MET A 1863 -19.87 -26.44 57.93
CA MET A 1863 -20.49 -25.81 59.09
C MET A 1863 -20.05 -24.35 59.19
N GLY A 1864 -20.87 -23.54 59.83
CA GLY A 1864 -20.62 -22.11 59.95
C GLY A 1864 -21.53 -21.33 59.01
N THR A 1865 -21.95 -20.15 59.47
CA THR A 1865 -22.88 -19.35 58.68
C THR A 1865 -22.26 -18.94 57.34
N SER A 1866 -20.99 -18.54 57.35
CA SER A 1866 -20.34 -18.11 56.11
C SER A 1866 -20.26 -19.25 55.11
N VAL A 1867 -19.91 -20.45 55.58
CA VAL A 1867 -19.82 -21.59 54.66
C VAL A 1867 -21.20 -21.96 54.15
N LEU A 1868 -22.20 -21.96 55.03
CA LEU A 1868 -23.54 -22.35 54.62
C LEU A 1868 -24.11 -21.39 53.58
N ILE A 1869 -23.91 -20.09 53.78
CA ILE A 1869 -24.49 -19.10 52.87
C ILE A 1869 -23.82 -19.09 51.50
N MET A 1870 -22.77 -19.89 51.31
CA MET A 1870 -22.14 -19.96 49.99
C MET A 1870 -23.05 -20.63 48.97
N GLN A 1871 -23.77 -21.68 49.39
CA GLN A 1871 -24.59 -22.43 48.43
C GLN A 1871 -25.66 -21.57 47.77
N PRO A 1872 -26.41 -20.74 48.49
CA PRO A 1872 -27.33 -19.82 47.78
C PRO A 1872 -26.65 -18.94 46.77
N ILE A 1873 -25.45 -18.44 47.08
CA ILE A 1873 -24.74 -17.57 46.15
C ILE A 1873 -24.36 -18.35 44.89
N LEU A 1874 -23.85 -19.57 45.06
CA LEU A 1874 -23.50 -20.39 43.89
C LEU A 1874 -24.73 -20.70 43.06
N ARG A 1875 -25.85 -21.01 43.71
CA ARG A 1875 -27.09 -21.27 42.96
C ARG A 1875 -27.53 -20.03 42.20
N PHE A 1876 -27.42 -18.85 42.83
CA PHE A 1876 -27.79 -17.61 42.16
C PHE A 1876 -26.91 -17.37 40.94
N LEU A 1877 -25.60 -17.59 41.06
CA LEU A 1877 -24.72 -17.39 39.92
C LEU A 1877 -25.02 -18.41 38.82
N GLN A 1878 -25.30 -19.66 39.20
CA GLN A 1878 -25.63 -20.67 38.21
C GLN A 1878 -26.89 -20.31 37.44
N LEU A 1879 -27.92 -19.84 38.14
CA LEU A 1879 -29.13 -19.41 37.46
C LEU A 1879 -28.89 -18.16 36.62
N LEU A 1880 -28.01 -17.27 37.07
CA LEU A 1880 -27.68 -16.09 36.30
C LEU A 1880 -27.03 -16.46 34.97
N CYS A 1881 -26.14 -17.45 34.99
CA CYS A 1881 -25.44 -17.91 33.79
C CYS A 1881 -26.16 -19.05 33.09
N GLU A 1882 -27.35 -19.41 33.55
CA GLU A 1882 -28.09 -20.52 32.95
C GLU A 1882 -28.48 -20.20 31.51
N ASN A 1883 -28.69 -21.25 30.72
CA ASN A 1883 -29.10 -21.14 29.32
C ASN A 1883 -28.01 -20.53 28.45
N HIS A 1884 -26.75 -20.69 28.85
CA HIS A 1884 -25.61 -20.27 28.04
C HIS A 1884 -25.70 -18.78 27.70
N ASN A 1885 -25.76 -17.97 28.75
CA ASN A 1885 -25.77 -16.51 28.58
C ASN A 1885 -24.32 -16.03 28.57
N ARG A 1886 -23.76 -15.93 27.37
CA ARG A 1886 -22.35 -15.60 27.23
C ARG A 1886 -22.03 -14.22 27.79
N ASP A 1887 -22.94 -13.27 27.62
CA ASP A 1887 -22.71 -11.93 28.14
C ASP A 1887 -22.47 -11.97 29.65
N LEU A 1888 -23.37 -12.64 30.38
CA LEU A 1888 -23.21 -12.73 31.83
C LEU A 1888 -22.01 -13.59 32.21
N GLN A 1889 -21.73 -14.65 31.44
CA GLN A 1889 -20.57 -15.47 31.74
C GLN A 1889 -19.28 -14.66 31.67
N ASN A 1890 -19.16 -13.81 30.64
CA ASN A 1890 -17.99 -12.95 30.53
C ASN A 1890 -18.00 -11.82 31.55
N PHE A 1891 -19.18 -11.29 31.89
CA PHE A 1891 -19.26 -10.21 32.86
C PHE A 1891 -18.83 -10.69 34.24
N LEU A 1892 -19.24 -11.90 34.63
CA LEU A 1892 -18.83 -12.43 35.92
C LEU A 1892 -17.33 -12.67 36.00
N ARG A 1893 -16.67 -12.93 34.87
CA ARG A 1893 -15.23 -13.09 34.88
C ARG A 1893 -14.53 -11.74 34.93
N CYS A 1894 -14.87 -10.84 34.01
CA CYS A 1894 -14.28 -9.52 33.93
C CYS A 1894 -15.39 -8.49 33.77
N GLN A 1895 -15.27 -7.38 34.49
CA GLN A 1895 -16.23 -6.30 34.43
C GLN A 1895 -15.57 -5.06 33.82
N ASN A 1896 -16.37 -4.29 33.08
CA ASN A 1896 -15.86 -3.07 32.47
C ASN A 1896 -15.53 -1.99 33.50
N ASN A 1897 -15.96 -2.17 34.75
CA ASN A 1897 -15.68 -1.18 35.78
C ASN A 1897 -14.18 -1.05 36.02
N LYS A 1898 -13.82 -0.07 36.85
CA LYS A 1898 -12.42 0.16 37.15
C LYS A 1898 -11.80 -1.04 37.86
N THR A 1899 -12.52 -1.62 38.82
CA THR A 1899 -12.05 -2.77 39.58
C THR A 1899 -12.90 -3.98 39.22
N ASN A 1900 -12.23 -5.10 38.95
CA ASN A 1900 -12.90 -6.34 38.55
C ASN A 1900 -12.58 -7.45 39.53
N TYR A 1901 -13.60 -8.23 39.89
CA TYR A 1901 -13.45 -9.38 40.77
C TYR A 1901 -13.74 -10.63 39.95
N ASN A 1902 -12.82 -11.60 40.00
CA ASN A 1902 -12.92 -12.82 39.20
C ASN A 1902 -13.65 -13.89 40.01
N LEU A 1903 -14.98 -13.92 39.88
CA LEU A 1903 -15.77 -14.86 40.66
C LEU A 1903 -15.50 -16.31 40.27
N VAL A 1904 -15.15 -16.55 39.01
CA VAL A 1904 -14.81 -17.91 38.60
C VAL A 1904 -13.57 -18.38 39.35
N CYS A 1905 -12.53 -17.54 39.42
CA CYS A 1905 -11.34 -17.90 40.17
C CYS A 1905 -11.64 -18.07 41.65
N GLU A 1906 -12.49 -17.19 42.20
CA GLU A 1906 -12.85 -17.33 43.61
C GLU A 1906 -13.54 -18.67 43.87
N THR A 1907 -14.47 -19.05 43.00
CA THR A 1907 -15.17 -20.32 43.16
C THR A 1907 -14.22 -21.50 43.03
N LEU A 1908 -13.30 -21.45 42.07
CA LEU A 1908 -12.34 -22.53 41.92
C LEU A 1908 -11.43 -22.65 43.14
N GLN A 1909 -10.99 -21.51 43.69
CA GLN A 1909 -10.18 -21.55 44.89
C GLN A 1909 -10.96 -22.12 46.07
N PHE A 1910 -12.23 -21.74 46.21
CA PHE A 1910 -13.05 -22.29 47.27
C PHE A 1910 -13.19 -23.80 47.13
N LEU A 1911 -13.41 -24.29 45.91
CA LEU A 1911 -13.51 -25.72 45.69
C LEU A 1911 -12.21 -26.42 46.05
N ASP A 1912 -11.08 -25.86 45.62
CA ASP A 1912 -9.79 -26.48 45.92
C ASP A 1912 -9.54 -26.53 47.42
N ILE A 1913 -9.87 -25.44 48.13
CA ILE A 1913 -9.65 -25.40 49.56
C ILE A 1913 -10.54 -26.41 50.28
N MET A 1914 -11.81 -26.48 49.88
CA MET A 1914 -12.74 -27.40 50.54
C MET A 1914 -12.46 -28.86 50.21
N CYS A 1915 -11.80 -29.13 49.08
CA CYS A 1915 -11.49 -30.51 48.70
C CYS A 1915 -10.17 -31.00 49.28
N GLY A 1916 -9.48 -30.18 50.07
CA GLY A 1916 -8.25 -30.58 50.72
C GLY A 1916 -6.98 -30.12 50.04
N SER A 1917 -7.08 -29.35 48.96
CA SER A 1917 -5.89 -28.81 48.29
C SER A 1917 -5.04 -29.97 47.77
N THR A 1918 -3.72 -29.79 47.73
CA THR A 1918 -2.85 -30.79 47.12
C THR A 1918 -2.89 -32.11 47.88
N THR A 1919 -2.86 -32.04 49.22
CA THR A 1919 -2.88 -33.29 50.00
C THR A 1919 -4.17 -34.05 49.77
N GLY A 1920 -5.30 -33.35 49.70
CA GLY A 1920 -6.56 -34.02 49.44
C GLY A 1920 -6.62 -34.60 48.03
N GLY A 1921 -6.07 -33.87 47.05
CA GLY A 1921 -6.13 -34.31 45.67
C GLY A 1921 -5.12 -35.39 45.31
N LEU A 1922 -4.09 -35.58 46.13
CA LEU A 1922 -3.10 -36.62 45.87
C LEU A 1922 -3.53 -38.00 46.32
N GLY A 1923 -4.69 -38.12 46.97
CA GLY A 1923 -5.19 -39.42 47.38
C GLY A 1923 -5.88 -39.40 48.72
N LEU A 1924 -5.90 -38.25 49.40
CA LEU A 1924 -6.56 -38.10 50.68
C LEU A 1924 -7.84 -37.29 50.57
N LEU A 1925 -8.50 -37.36 49.41
CA LEU A 1925 -9.72 -36.59 49.19
C LEU A 1925 -10.85 -37.03 50.11
N GLY A 1926 -10.81 -38.27 50.59
CA GLY A 1926 -11.90 -38.78 51.41
C GLY A 1926 -11.94 -38.22 52.82
N LEU A 1927 -10.84 -37.64 53.29
CA LEU A 1927 -10.77 -37.11 54.64
C LEU A 1927 -11.34 -35.71 54.77
N TYR A 1928 -11.73 -35.09 53.66
CA TYR A 1928 -12.28 -33.74 53.67
C TYR A 1928 -13.73 -33.64 53.24
N ILE A 1929 -14.20 -34.56 52.39
CA ILE A 1929 -15.57 -34.53 51.89
C ILE A 1929 -16.43 -35.34 52.86
N ASN A 1930 -17.18 -34.62 53.70
CA ASN A 1930 -18.07 -35.24 54.67
C ASN A 1930 -19.49 -35.29 54.11
N GLU A 1931 -20.45 -35.67 54.95
CA GLU A 1931 -21.84 -35.77 54.52
C GLU A 1931 -22.54 -34.42 54.47
N ASP A 1932 -21.94 -33.36 55.04
CA ASP A 1932 -22.55 -32.05 55.07
C ASP A 1932 -22.09 -31.14 53.93
N ASN A 1933 -20.81 -31.19 53.58
CA ASN A 1933 -20.27 -30.35 52.52
C ASN A 1933 -20.40 -30.99 51.14
N VAL A 1934 -20.94 -32.20 51.04
CA VAL A 1934 -21.09 -32.85 49.74
C VAL A 1934 -22.04 -32.07 48.86
N GLY A 1935 -23.15 -31.59 49.42
CA GLY A 1935 -24.07 -30.78 48.64
C GLY A 1935 -23.44 -29.49 48.15
N LEU A 1936 -22.66 -28.83 49.00
CA LEU A 1936 -21.99 -27.61 48.58
C LEU A 1936 -20.97 -27.89 47.48
N VAL A 1937 -20.23 -28.99 47.59
CA VAL A 1937 -19.27 -29.35 46.55
C VAL A 1937 -20.01 -29.62 45.23
N ILE A 1938 -21.14 -30.32 45.30
CA ILE A 1938 -21.92 -30.60 44.09
C ILE A 1938 -22.41 -29.31 43.46
N GLN A 1939 -22.89 -28.37 44.29
CA GLN A 1939 -23.35 -27.09 43.76
C GLN A 1939 -22.21 -26.33 43.12
N THR A 1940 -21.03 -26.35 43.74
CA THR A 1940 -19.88 -25.68 43.15
C THR A 1940 -19.50 -26.29 41.80
N LEU A 1941 -19.54 -27.63 41.71
CA LEU A 1941 -19.26 -28.29 40.45
C LEU A 1941 -20.27 -27.91 39.39
N GLU A 1942 -21.56 -27.85 39.76
CA GLU A 1942 -22.58 -27.45 38.81
C GLU A 1942 -22.36 -26.02 38.33
N THR A 1943 -22.00 -25.12 39.25
CA THR A 1943 -21.74 -23.74 38.86
C THR A 1943 -20.55 -23.64 37.91
N LEU A 1944 -19.49 -24.39 38.18
CA LEU A 1944 -18.33 -24.38 37.28
C LEU A 1944 -18.72 -24.93 35.91
N THR A 1945 -19.52 -26.00 35.88
CA THR A 1945 -19.97 -26.55 34.61
C THR A 1945 -20.79 -25.54 33.84
N GLU A 1946 -21.67 -24.82 34.53
CA GLU A 1946 -22.48 -23.80 33.87
C GLU A 1946 -21.60 -22.68 33.30
N TYR A 1947 -20.59 -22.27 34.07
CA TYR A 1947 -19.64 -21.27 33.55
C TYR A 1947 -18.96 -21.77 32.29
N CYS A 1948 -18.48 -23.03 32.32
CA CYS A 1948 -17.71 -23.55 31.20
C CYS A 1948 -18.58 -23.70 29.96
N GLN A 1949 -19.82 -24.16 30.13
CA GLN A 1949 -20.67 -24.45 28.99
C GLN A 1949 -21.08 -23.17 28.27
N GLY A 1950 -21.49 -23.34 27.01
CA GLY A 1950 -21.95 -22.25 26.19
C GLY A 1950 -21.42 -22.28 24.76
N PRO A 1951 -20.15 -22.66 24.55
CA PRO A 1951 -19.02 -22.77 25.49
C PRO A 1951 -18.38 -21.40 25.74
N CYS A 1952 -17.65 -21.23 26.83
CA CYS A 1952 -16.92 -19.99 27.13
C CYS A 1952 -15.43 -20.30 27.12
N HIS A 1953 -14.76 -19.95 26.03
CA HIS A 1953 -13.35 -20.26 25.90
C HIS A 1953 -12.52 -19.57 26.98
N GLU A 1954 -12.83 -18.31 27.29
CA GLU A 1954 -12.07 -17.60 28.30
C GLU A 1954 -12.18 -18.28 29.65
N ASN A 1955 -13.40 -18.64 30.06
CA ASN A 1955 -13.57 -19.30 31.35
C ASN A 1955 -12.90 -20.67 31.35
N GLN A 1956 -13.02 -21.43 30.27
CA GLN A 1956 -12.37 -22.73 30.19
C GLN A 1956 -10.86 -22.59 30.35
N THR A 1957 -10.26 -21.66 29.63
CA THR A 1957 -8.82 -21.46 29.72
C THR A 1957 -8.42 -21.03 31.12
N CYS A 1958 -9.18 -20.11 31.72
CA CYS A 1958 -8.85 -19.63 33.05
C CYS A 1958 -8.89 -20.76 34.06
N ILE A 1959 -9.92 -21.60 34.00
CA ILE A 1959 -10.02 -22.70 34.95
C ILE A 1959 -8.91 -23.72 34.71
N VAL A 1960 -8.59 -23.98 33.44
CA VAL A 1960 -7.56 -24.97 33.14
C VAL A 1960 -6.19 -24.50 33.63
N THR A 1961 -5.86 -23.23 33.40
CA THR A 1961 -4.53 -22.70 33.69
C THR A 1961 -4.48 -21.94 35.00
N HIS A 1962 -5.51 -22.05 35.84
CA HIS A 1962 -5.49 -21.35 37.12
C HIS A 1962 -4.35 -21.86 37.99
N GLU A 1963 -3.79 -20.94 38.79
CA GLU A 1963 -2.62 -21.27 39.60
C GLU A 1963 -2.95 -22.21 40.75
N SER A 1964 -4.23 -22.34 41.11
CA SER A 1964 -4.62 -23.19 42.22
C SER A 1964 -4.63 -24.68 41.87
N ASN A 1965 -4.56 -25.02 40.58
CA ASN A 1965 -4.54 -26.42 40.14
C ASN A 1965 -5.76 -27.16 40.64
N GLY A 1966 -6.94 -26.56 40.43
CA GLY A 1966 -8.19 -27.23 40.75
C GLY A 1966 -8.56 -28.32 39.78
N ILE A 1967 -7.90 -28.38 38.62
CA ILE A 1967 -8.15 -29.47 37.69
C ILE A 1967 -7.69 -30.78 38.30
N ASP A 1968 -6.63 -30.76 39.09
CA ASP A 1968 -6.20 -31.96 39.79
C ASP A 1968 -7.26 -32.44 40.77
N ILE A 1969 -7.88 -31.50 41.50
CA ILE A 1969 -8.96 -31.87 42.41
C ILE A 1969 -10.14 -32.44 41.63
N ILE A 1970 -10.48 -31.81 40.51
CA ILE A 1970 -11.60 -32.30 39.71
C ILE A 1970 -11.34 -33.72 39.23
N THR A 1971 -10.13 -33.99 38.75
CA THR A 1971 -9.79 -35.33 38.28
C THR A 1971 -9.77 -36.33 39.43
N ALA A 1972 -9.28 -35.92 40.60
CA ALA A 1972 -9.29 -36.80 41.76
C ALA A 1972 -10.71 -37.15 42.18
N LEU A 1973 -11.64 -36.21 42.05
CA LEU A 1973 -13.03 -36.50 42.38
C LEU A 1973 -13.56 -37.69 41.58
N ILE A 1974 -13.00 -37.93 40.41
CA ILE A 1974 -13.42 -39.06 39.57
C ILE A 1974 -12.56 -40.29 39.83
N LEU A 1975 -11.25 -40.10 39.96
CA LEU A 1975 -10.31 -41.22 40.04
C LEU A 1975 -10.11 -41.73 41.46
N ASN A 1976 -10.78 -41.15 42.46
CA ASN A 1976 -10.64 -41.58 43.84
C ASN A 1976 -12.01 -41.85 44.45
N ASP A 1977 -12.04 -42.76 45.40
CA ASP A 1977 -13.26 -43.17 46.08
C ASP A 1977 -13.25 -42.61 47.49
N ILE A 1978 -14.36 -41.96 47.88
CA ILE A 1978 -14.49 -41.40 49.23
C ILE A 1978 -14.86 -42.56 50.15
N SER A 1979 -13.86 -43.16 50.77
CA SER A 1979 -14.12 -44.37 51.59
C SER A 1979 -15.09 -44.09 52.73
N PRO A 1980 -14.93 -43.03 53.53
CA PRO A 1980 -15.89 -42.81 54.63
C PRO A 1980 -17.32 -42.67 54.16
N LEU A 1981 -17.54 -42.02 53.01
CA LEU A 1981 -18.88 -41.72 52.54
C LEU A 1981 -19.41 -42.75 51.54
N CYS A 1982 -18.52 -43.50 50.88
CA CYS A 1982 -18.97 -44.46 49.88
C CYS A 1982 -19.84 -45.54 50.51
N LYS A 1983 -19.45 -46.03 51.68
CA LYS A 1983 -20.18 -47.12 52.34
C LYS A 1983 -21.42 -46.64 53.10
N TYR A 1984 -21.64 -45.33 53.19
CA TYR A 1984 -22.84 -44.78 53.83
C TYR A 1984 -23.83 -44.22 52.83
N ARG A 1985 -23.40 -43.29 51.97
CA ARG A 1985 -24.26 -42.64 50.99
C ARG A 1985 -23.53 -42.67 49.65
N MET A 1986 -23.71 -43.75 48.90
CA MET A 1986 -23.02 -43.92 47.63
C MET A 1986 -23.62 -43.07 46.52
N ASP A 1987 -24.91 -42.73 46.59
CA ASP A 1987 -25.53 -41.92 45.56
C ASP A 1987 -24.89 -40.54 45.47
N LEU A 1988 -24.52 -39.97 46.62
CA LEU A 1988 -23.85 -38.68 46.60
C LEU A 1988 -22.50 -38.77 45.92
N VAL A 1989 -21.76 -39.86 46.15
CA VAL A 1989 -20.49 -40.05 45.47
C VAL A 1989 -20.69 -40.18 43.97
N LEU A 1990 -21.73 -40.93 43.56
CA LEU A 1990 -22.02 -41.06 42.14
C LEU A 1990 -22.36 -39.70 41.52
N GLN A 1991 -23.14 -38.89 42.24
CA GLN A 1991 -23.47 -37.56 41.74
C GLN A 1991 -22.22 -36.70 41.61
N LEU A 1992 -21.32 -36.78 42.58
CA LEU A 1992 -20.07 -36.03 42.51
C LEU A 1992 -19.26 -36.45 41.28
N LYS A 1993 -19.15 -37.76 41.05
CA LYS A 1993 -18.41 -38.24 39.89
C LYS A 1993 -19.05 -37.77 38.60
N ASP A 1994 -20.38 -37.83 38.51
CA ASP A 1994 -21.08 -37.39 37.31
C ASP A 1994 -20.86 -35.91 37.06
N ASN A 1995 -20.95 -35.09 38.12
CA ASN A 1995 -20.74 -33.65 37.97
C ASN A 1995 -19.31 -33.36 37.53
N ALA A 1996 -18.33 -34.06 38.11
CA ALA A 1996 -16.94 -33.85 37.71
C ALA A 1996 -16.73 -34.22 36.24
N SER A 1997 -17.31 -35.34 35.82
CA SER A 1997 -17.19 -35.75 34.41
C SER A 1997 -17.84 -34.73 33.49
N LYS A 1998 -19.01 -34.23 33.86
CA LYS A 1998 -19.68 -33.23 33.03
C LYS A 1998 -18.87 -31.94 32.95
N LEU A 1999 -18.26 -31.54 34.07
CA LEU A 1999 -17.41 -30.35 34.05
C LEU A 1999 -16.20 -30.55 33.15
N LEU A 2000 -15.57 -31.72 33.22
CA LEU A 2000 -14.42 -31.99 32.36
C LEU A 2000 -14.83 -31.99 30.90
N LEU A 2001 -15.99 -32.58 30.58
CA LEU A 2001 -16.47 -32.55 29.20
C LEU A 2001 -16.75 -31.12 28.74
N ALA A 2002 -17.36 -30.31 29.60
CA ALA A 2002 -17.65 -28.93 29.24
C ALA A 2002 -16.38 -28.11 29.04
N LEU A 2003 -15.31 -28.49 29.74
CA LEU A 2003 -14.05 -27.77 29.61
C LEU A 2003 -13.40 -27.94 28.24
N MET A 2004 -13.89 -28.84 27.39
CA MET A 2004 -13.22 -29.15 26.13
C MET A 2004 -14.19 -29.22 24.95
N GLU A 2005 -15.33 -28.54 25.04
CA GLU A 2005 -16.35 -28.67 24.00
C GLU A 2005 -15.85 -28.16 22.66
N SER A 2006 -15.67 -26.85 22.54
CA SER A 2006 -15.21 -26.22 21.29
C SER A 2006 -13.72 -25.95 21.34
N ARG A 2007 -12.95 -27.02 21.53
CA ARG A 2007 -11.49 -26.94 21.59
C ARG A 2007 -10.90 -27.90 20.58
N HIS A 2008 -10.04 -27.39 19.71
CA HIS A 2008 -9.29 -28.22 18.78
C HIS A 2008 -7.85 -28.44 19.21
N ASP A 2009 -7.29 -27.52 19.99
CA ASP A 2009 -5.94 -27.67 20.49
C ASP A 2009 -5.89 -28.73 21.59
N SER A 2010 -4.68 -29.21 21.87
CA SER A 2010 -4.47 -30.29 22.83
C SER A 2010 -4.01 -29.80 24.19
N GLU A 2011 -4.00 -28.49 24.43
CA GLU A 2011 -3.50 -27.98 25.71
C GLU A 2011 -4.35 -28.49 26.87
N ASN A 2012 -5.67 -28.29 26.78
CA ASN A 2012 -6.55 -28.72 27.87
C ASN A 2012 -6.53 -30.23 28.02
N ALA A 2013 -6.53 -30.96 26.90
CA ALA A 2013 -6.50 -32.42 26.95
C ALA A 2013 -5.25 -32.91 27.67
N GLU A 2014 -4.10 -32.35 27.32
CA GLU A 2014 -2.85 -32.75 27.98
C GLU A 2014 -2.86 -32.37 29.46
N ARG A 2015 -3.35 -31.18 29.79
CA ARG A 2015 -3.40 -30.78 31.19
C ARG A 2015 -4.27 -31.72 32.00
N ILE A 2016 -5.41 -32.13 31.45
CA ILE A 2016 -6.30 -33.05 32.16
C ILE A 2016 -5.66 -34.43 32.26
N LEU A 2017 -5.05 -34.91 31.18
CA LEU A 2017 -4.43 -36.22 31.18
C LEU A 2017 -3.24 -36.29 32.12
N ILE A 2018 -2.61 -35.16 32.43
CA ILE A 2018 -1.53 -35.16 33.41
C ILE A 2018 -1.99 -35.75 34.73
N SER A 2019 -3.21 -35.40 35.15
CA SER A 2019 -3.77 -35.93 36.38
C SER A 2019 -4.57 -37.22 36.17
N LEU A 2020 -5.22 -37.37 35.03
CA LEU A 2020 -6.02 -38.56 34.72
C LEU A 2020 -5.11 -39.59 34.08
N ARG A 2021 -4.77 -40.63 34.83
CA ARG A 2021 -4.00 -41.74 34.26
C ARG A 2021 -4.94 -42.68 33.51
N PRO A 2022 -4.64 -43.00 32.24
CA PRO A 2022 -5.60 -43.81 31.47
C PRO A 2022 -5.93 -45.15 32.11
N GLN A 2023 -4.96 -45.82 32.73
CA GLN A 2023 -5.22 -47.10 33.35
C GLN A 2023 -6.23 -46.95 34.48
N GLU A 2024 -6.05 -45.94 35.34
CA GLU A 2024 -7.00 -45.71 36.42
C GLU A 2024 -8.38 -45.34 35.88
N LEU A 2025 -8.42 -44.57 34.80
CA LEU A 2025 -9.70 -44.20 34.21
C LEU A 2025 -10.44 -45.43 33.72
N VAL A 2026 -9.74 -46.32 33.02
CA VAL A 2026 -10.38 -47.55 32.54
C VAL A 2026 -10.83 -48.41 33.71
N ASP A 2027 -9.99 -48.50 34.76
CA ASP A 2027 -10.35 -49.31 35.92
C ASP A 2027 -11.62 -48.77 36.58
N VAL A 2028 -11.72 -47.45 36.75
CA VAL A 2028 -12.91 -46.89 37.39
C VAL A 2028 -14.13 -47.07 36.49
N ILE A 2029 -13.95 -46.97 35.18
CA ILE A 2029 -15.07 -47.20 34.26
C ILE A 2029 -15.59 -48.61 34.42
N LYS A 2030 -14.68 -49.59 34.44
CA LYS A 2030 -15.09 -50.99 34.58
C LYS A 2030 -15.73 -51.23 35.94
N LYS A 2031 -15.19 -50.62 37.00
CA LYS A 2031 -15.77 -50.78 38.32
C LYS A 2031 -17.19 -50.21 38.36
N ALA A 2032 -17.38 -49.03 37.76
CA ALA A 2032 -18.72 -48.44 37.72
C ALA A 2032 -19.69 -49.31 36.95
N TYR A 2033 -19.25 -49.87 35.82
CA TYR A 2033 -20.13 -50.76 35.06
C TYR A 2033 -20.49 -51.99 35.88
N LEU A 2034 -19.52 -52.59 36.55
CA LEU A 2034 -19.79 -53.79 37.34
C LEU A 2034 -20.73 -53.49 38.50
N GLN A 2035 -20.55 -52.33 39.15
CA GLN A 2035 -21.36 -51.99 40.31
C GLN A 2035 -22.83 -51.93 39.93
N GLU A 2036 -23.63 -52.82 40.52
CA GLU A 2036 -25.07 -52.83 40.31
C GLU A 2036 -25.87 -52.98 41.58
N GLU A 2037 -25.27 -53.36 42.71
CA GLU A 2037 -26.02 -53.51 43.95
C GLU A 2037 -26.61 -52.17 44.39
N GLU A 2038 -25.84 -51.09 44.27
CA GLU A 2038 -26.32 -49.78 44.68
C GLU A 2038 -27.46 -49.29 43.81
N ARG A 2039 -27.61 -49.84 42.59
CA ARG A 2039 -28.67 -49.39 41.70
C ARG A 2039 -30.05 -49.57 42.31
N GLU A 2040 -30.18 -50.51 43.26
CA GLU A 2040 -31.46 -50.75 43.90
C GLU A 2040 -31.97 -49.49 44.58
N ASN A 2041 -33.10 -48.98 44.11
CA ASN A 2041 -33.73 -47.79 44.68
C ASN A 2041 -32.75 -46.61 44.70
N SER A 2042 -32.08 -46.40 43.56
CA SER A 2042 -31.12 -45.32 43.40
C SER A 2042 -31.63 -44.35 42.35
N GLU A 2043 -31.59 -43.06 42.67
CA GLU A 2043 -32.03 -42.04 41.72
C GLU A 2043 -31.13 -42.01 40.49
N VAL A 2044 -29.83 -42.17 40.68
CA VAL A 2044 -28.85 -42.13 39.59
C VAL A 2044 -28.19 -43.50 39.49
N SER A 2045 -28.17 -44.05 38.28
CA SER A 2045 -27.58 -45.36 38.07
C SER A 2045 -26.08 -45.25 37.85
N PRO A 2046 -25.27 -46.12 38.46
CA PRO A 2046 -23.82 -46.09 38.19
C PRO A 2046 -23.48 -46.31 36.73
N ARG A 2047 -24.34 -47.00 35.98
CA ARG A 2047 -24.05 -47.26 34.58
C ARG A 2047 -24.01 -45.97 33.77
N GLU A 2048 -24.90 -45.03 34.07
CA GLU A 2048 -24.88 -43.74 33.37
C GLU A 2048 -23.59 -42.98 33.66
N VAL A 2049 -23.15 -43.00 34.91
CA VAL A 2049 -21.89 -42.34 35.26
C VAL A 2049 -20.73 -42.99 34.54
N GLY A 2050 -20.72 -44.32 34.49
CA GLY A 2050 -19.67 -45.02 33.75
C GLY A 2050 -19.69 -44.67 32.27
N HIS A 2051 -20.88 -44.55 31.69
CA HIS A 2051 -20.98 -44.18 30.28
C HIS A 2051 -20.45 -42.77 30.05
N ASN A 2052 -20.77 -41.83 30.95
CA ASN A 2052 -20.25 -40.47 30.82
C ASN A 2052 -18.72 -40.46 30.93
N ILE A 2053 -18.17 -41.23 31.87
CA ILE A 2053 -16.72 -41.29 32.01
C ILE A 2053 -16.09 -41.92 30.76
N TYR A 2054 -16.78 -42.91 30.17
CA TYR A 2054 -16.28 -43.51 28.93
C TYR A 2054 -16.28 -42.50 27.79
N ILE A 2055 -17.32 -41.67 27.72
CA ILE A 2055 -17.36 -40.62 26.70
C ILE A 2055 -16.20 -39.65 26.91
N LEU A 2056 -15.95 -39.27 28.16
CA LEU A 2056 -14.81 -38.40 28.45
C LEU A 2056 -13.50 -39.05 28.03
N ALA A 2057 -13.34 -40.35 28.31
CA ALA A 2057 -12.14 -41.05 27.91
C ALA A 2057 -11.98 -41.07 26.39
N LEU A 2058 -13.09 -41.30 25.68
CA LEU A 2058 -13.02 -41.27 24.22
C LEU A 2058 -12.60 -39.90 23.72
N GLN A 2059 -13.15 -38.84 24.30
CA GLN A 2059 -12.75 -37.49 23.88
C GLN A 2059 -11.29 -37.24 24.16
N LEU A 2060 -10.78 -37.70 25.31
CA LEU A 2060 -9.38 -37.49 25.66
C LEU A 2060 -8.45 -38.33 24.80
N SER A 2061 -8.92 -39.48 24.31
CA SER A 2061 -8.06 -40.41 23.58
C SER A 2061 -7.61 -39.87 22.24
N ARG A 2062 -8.21 -38.79 21.74
CA ARG A 2062 -7.79 -38.24 20.45
C ARG A 2062 -6.35 -37.76 20.48
N HIS A 2063 -5.78 -37.54 21.67
CA HIS A 2063 -4.41 -37.08 21.81
C HIS A 2063 -3.49 -38.05 22.53
N ASN A 2064 -4.03 -39.04 23.23
CA ASN A 2064 -3.24 -40.03 23.95
C ASN A 2064 -3.40 -41.38 23.27
N LYS A 2065 -2.27 -41.98 22.87
CA LYS A 2065 -2.33 -43.27 22.19
C LYS A 2065 -2.64 -44.40 23.17
N GLN A 2066 -2.06 -44.34 24.37
CA GLN A 2066 -2.26 -45.41 25.35
C GLN A 2066 -3.73 -45.54 25.73
N LEU A 2067 -4.41 -44.41 25.94
CA LEU A 2067 -5.82 -44.45 26.28
C LEU A 2067 -6.64 -45.07 25.15
N GLN A 2068 -6.31 -44.71 23.90
CA GLN A 2068 -7.00 -45.31 22.76
C GLN A 2068 -6.79 -46.81 22.72
N HIS A 2069 -5.56 -47.27 22.99
CA HIS A 2069 -5.28 -48.69 23.00
C HIS A 2069 -6.07 -49.41 24.08
N LEU A 2070 -6.15 -48.81 25.28
CA LEU A 2070 -6.86 -49.44 26.39
C LEU A 2070 -8.37 -49.35 26.26
N LEU A 2071 -8.89 -48.42 25.46
CA LEU A 2071 -10.33 -48.27 25.29
C LEU A 2071 -10.91 -49.24 24.26
N LYS A 2072 -10.09 -50.04 23.59
CA LYS A 2072 -10.61 -51.00 22.63
C LYS A 2072 -11.45 -52.05 23.35
N PRO A 2073 -12.50 -52.56 22.69
CA PRO A 2073 -13.37 -53.53 23.37
C PRO A 2073 -12.63 -54.76 23.87
N VAL A 2074 -11.65 -55.24 23.12
CA VAL A 2074 -10.89 -56.42 23.51
C VAL A 2074 -9.69 -56.59 22.58
N GLU A 2111 -21.48 -58.33 28.67
CA GLU A 2111 -20.73 -58.54 29.91
C GLU A 2111 -19.47 -57.68 29.92
N ASP A 2112 -18.97 -57.34 28.75
CA ASP A 2112 -17.77 -56.52 28.65
C ASP A 2112 -18.14 -55.05 28.75
N PRO A 2113 -17.65 -54.32 29.77
CA PRO A 2113 -18.04 -52.91 29.89
C PRO A 2113 -17.67 -52.07 28.68
N LEU A 2114 -16.44 -52.23 28.17
CA LEU A 2114 -16.01 -51.44 27.02
C LEU A 2114 -16.85 -51.75 25.80
N ALA A 2115 -17.14 -53.04 25.57
CA ALA A 2115 -17.97 -53.41 24.42
C ALA A 2115 -19.37 -52.82 24.55
N TYR A 2116 -19.96 -52.89 25.75
CA TYR A 2116 -21.29 -52.34 25.96
C TYR A 2116 -21.31 -50.84 25.70
N TYR A 2117 -20.31 -50.13 26.23
CA TYR A 2117 -20.25 -48.68 26.04
C TYR A 2117 -20.03 -48.32 24.57
N GLU A 2118 -19.16 -49.06 23.89
CA GLU A 2118 -18.96 -48.82 22.45
C GLU A 2118 -20.23 -49.07 21.66
N ASN A 2119 -20.96 -50.12 21.99
CA ASN A 2119 -22.22 -50.41 21.30
C ASN A 2119 -23.28 -49.36 21.58
N HIS A 2120 -23.32 -48.80 22.79
CA HIS A 2120 -24.34 -47.83 23.18
C HIS A 2120 -23.86 -46.39 23.04
N THR A 2121 -22.69 -46.18 22.44
CA THR A 2121 -22.14 -44.85 22.23
C THR A 2121 -22.12 -44.53 20.74
N SER A 2122 -22.38 -43.27 20.40
CA SER A 2122 -22.41 -42.81 19.02
C SER A 2122 -21.69 -41.47 18.90
N GLN A 2123 -21.27 -41.18 17.67
CA GLN A 2123 -20.57 -39.93 17.37
C GLN A 2123 -21.07 -39.38 16.05
N ILE A 2124 -21.02 -38.05 15.91
CA ILE A 2124 -21.40 -37.38 14.68
C ILE A 2124 -20.52 -36.15 14.51
N GLU A 2125 -20.68 -35.47 13.38
CA GLU A 2125 -19.97 -34.23 13.08
C GLU A 2125 -20.98 -33.15 12.75
N ILE A 2126 -20.76 -31.94 13.28
CA ILE A 2126 -21.68 -30.83 13.07
C ILE A 2126 -20.88 -29.58 12.70
N VAL A 2127 -21.56 -28.66 12.03
CA VAL A 2127 -21.00 -27.38 11.61
C VAL A 2127 -21.61 -26.29 12.49
N ARG A 2128 -20.75 -25.45 13.06
CA ARG A 2128 -21.20 -24.37 13.92
C ARG A 2128 -21.43 -23.10 13.12
N GLN A 2129 -21.94 -22.07 13.79
CA GLN A 2129 -22.30 -20.84 13.09
C GLN A 2129 -21.07 -20.15 12.50
N ASP A 2130 -19.88 -20.46 13.01
CA ASP A 2130 -18.64 -19.90 12.48
C ASP A 2130 -18.00 -20.77 11.40
N ARG A 2131 -18.78 -21.63 10.75
CA ARG A 2131 -18.29 -22.49 9.67
C ARG A 2131 -17.09 -23.32 10.12
N SER A 2132 -17.22 -23.96 11.28
CA SER A 2132 -16.22 -24.90 11.79
C SER A 2132 -16.89 -26.23 12.08
N MET A 2133 -16.21 -27.32 11.71
CA MET A 2133 -16.73 -28.66 11.94
C MET A 2133 -16.13 -29.23 13.22
N GLU A 2134 -16.99 -29.76 14.08
CA GLU A 2134 -16.56 -30.40 15.31
C GLU A 2134 -17.32 -31.70 15.52
N GLN A 2135 -16.68 -32.63 16.23
CA GLN A 2135 -17.24 -33.96 16.47
C GLN A 2135 -17.91 -33.99 17.83
N ILE A 2136 -19.12 -34.51 17.87
CA ILE A 2136 -19.92 -34.62 19.09
C ILE A 2136 -20.14 -36.10 19.38
N VAL A 2137 -19.76 -36.53 20.57
CA VAL A 2137 -19.93 -37.91 21.02
C VAL A 2137 -21.00 -37.92 22.09
N PHE A 2138 -22.03 -38.74 21.89
CA PHE A 2138 -23.18 -38.80 22.77
C PHE A 2138 -23.59 -40.25 22.98
N PRO A 2139 -24.30 -40.55 24.07
CA PRO A 2139 -24.81 -41.91 24.27
C PRO A 2139 -26.12 -42.14 23.54
N VAL A 2140 -26.29 -43.35 23.04
CA VAL A 2140 -27.52 -43.69 22.31
C VAL A 2140 -28.65 -43.89 23.29
N PRO A 2141 -29.76 -43.15 23.18
CA PRO A 2141 -30.89 -43.39 24.08
C PRO A 2141 -31.53 -44.75 23.80
N GLY A 2142 -32.12 -45.33 24.84
CA GLY A 2142 -32.68 -46.66 24.72
C GLY A 2142 -33.80 -46.75 23.70
N ILE A 2143 -34.58 -45.68 23.57
CA ILE A 2143 -35.74 -45.70 22.68
C ILE A 2143 -35.30 -45.97 21.25
N CYS A 2144 -34.10 -45.53 20.88
CA CYS A 2144 -33.61 -45.70 19.52
C CYS A 2144 -33.35 -47.15 19.16
N GLN A 2145 -33.34 -48.06 20.13
CA GLN A 2145 -33.08 -49.47 19.87
C GLN A 2145 -34.28 -50.20 19.29
N PHE A 2146 -35.43 -49.55 19.19
CA PHE A 2146 -36.65 -50.18 18.70
C PHE A 2146 -36.98 -49.80 17.26
N LEU A 2147 -35.98 -49.37 16.49
CA LEU A 2147 -36.18 -48.98 15.09
C LEU A 2147 -36.05 -50.23 14.21
N THR A 2148 -37.05 -50.46 13.37
CA THR A 2148 -37.08 -51.67 12.54
C THR A 2148 -36.12 -51.56 11.37
N GLU A 2149 -35.46 -52.67 11.06
CA GLU A 2149 -34.58 -52.72 9.90
C GLU A 2149 -35.34 -52.53 8.61
N GLU A 2150 -36.59 -53.00 8.55
CA GLU A 2150 -37.41 -52.75 7.36
C GLU A 2150 -37.65 -51.26 7.16
N THR A 2151 -37.97 -50.55 8.25
CA THR A 2151 -38.15 -49.11 8.17
C THR A 2151 -36.84 -48.43 7.77
N LYS A 2152 -35.71 -48.90 8.31
CA LYS A 2152 -34.43 -48.34 7.91
C LYS A 2152 -34.19 -48.51 6.41
N HIS A 2153 -34.45 -49.71 5.90
CA HIS A 2153 -34.22 -49.97 4.48
C HIS A 2153 -35.13 -49.12 3.62
N ARG A 2154 -36.40 -48.95 4.03
CA ARG A 2154 -37.32 -48.12 3.27
C ARG A 2154 -36.88 -46.66 3.27
N LEU A 2155 -36.52 -46.15 4.45
CA LEU A 2155 -36.06 -44.76 4.52
C LEU A 2155 -34.80 -44.56 3.71
N PHE A 2156 -33.97 -45.60 3.60
CA PHE A 2156 -32.75 -45.50 2.80
C PHE A 2156 -33.07 -45.48 1.31
N THR A 2157 -33.68 -46.56 0.79
CA THR A 2157 -34.01 -46.64 -0.62
C THR A 2157 -35.44 -46.19 -0.90
N THR A 2158 -35.83 -45.05 -0.32
CA THR A 2158 -36.99 -44.32 -0.79
C THR A 2158 -36.76 -42.82 -0.93
N THR A 2159 -35.78 -42.25 -0.24
CA THR A 2159 -35.62 -40.80 -0.20
C THR A 2159 -35.24 -40.25 -1.58
N GLU A 2160 -35.68 -39.03 -1.85
CA GLU A 2160 -35.44 -38.34 -3.11
C GLU A 2160 -34.61 -37.09 -2.87
N GLN A 2161 -33.63 -36.86 -3.74
CA GLN A 2161 -32.79 -35.68 -3.61
C GLN A 2161 -33.55 -34.42 -3.97
N ASP A 2162 -33.16 -33.31 -3.35
CA ASP A 2162 -33.76 -32.02 -3.63
C ASP A 2162 -33.09 -31.42 -4.87
N GLU A 2163 -33.37 -30.14 -5.14
CA GLU A 2163 -32.78 -29.50 -6.32
C GLU A 2163 -31.26 -29.47 -6.23
N GLN A 2164 -30.73 -29.10 -5.07
CA GLN A 2164 -29.27 -29.07 -4.90
C GLN A 2164 -28.67 -30.47 -4.96
N GLY A 2165 -29.36 -31.45 -4.37
CA GLY A 2165 -28.87 -32.81 -4.37
C GLY A 2165 -28.61 -33.36 -2.98
N SER A 2166 -29.35 -32.87 -1.99
CA SER A 2166 -29.20 -33.29 -0.59
C SER A 2166 -30.49 -33.95 -0.10
N LYS A 2167 -30.34 -35.10 0.55
CA LYS A 2167 -31.46 -35.81 1.13
C LYS A 2167 -31.69 -35.47 2.59
N VAL A 2168 -30.90 -34.54 3.13
CA VAL A 2168 -30.98 -34.23 4.56
C VAL A 2168 -32.35 -33.65 4.90
N SER A 2169 -32.93 -32.86 3.99
CA SER A 2169 -34.23 -32.26 4.25
C SER A 2169 -35.28 -33.34 4.51
N ASP A 2170 -35.38 -34.31 3.59
CA ASP A 2170 -36.37 -35.37 3.75
C ASP A 2170 -36.04 -36.26 4.95
N PHE A 2171 -34.74 -36.55 5.15
CA PHE A 2171 -34.37 -37.39 6.29
C PHE A 2171 -34.77 -36.74 7.60
N PHE A 2172 -34.58 -35.42 7.71
CA PHE A 2172 -34.99 -34.71 8.91
C PHE A 2172 -36.50 -34.65 9.04
N ASP A 2173 -37.20 -34.40 7.92
CA ASP A 2173 -38.66 -34.33 7.96
C ASP A 2173 -39.28 -35.66 8.37
N GLN A 2174 -38.61 -36.77 8.11
CA GLN A 2174 -39.10 -38.09 8.51
C GLN A 2174 -38.77 -38.42 9.96
N SER A 2175 -38.08 -37.52 10.67
CA SER A 2175 -37.63 -37.82 12.04
C SER A 2175 -38.82 -38.03 12.97
N SER A 2176 -39.85 -37.20 12.85
CA SER A 2176 -41.02 -37.34 13.73
C SER A 2176 -41.71 -38.67 13.50
N PHE A 2177 -41.87 -39.07 12.24
CA PHE A 2177 -42.48 -40.36 11.94
C PHE A 2177 -41.64 -41.51 12.49
N LEU A 2178 -40.31 -41.41 12.36
CA LEU A 2178 -39.44 -42.44 12.89
C LEU A 2178 -39.57 -42.53 14.40
N HIS A 2179 -39.60 -41.39 15.09
CA HIS A 2179 -39.74 -41.40 16.53
C HIS A 2179 -41.07 -42.01 16.97
N ASN A 2180 -42.16 -41.66 16.27
CA ASN A 2180 -43.45 -42.24 16.60
C ASN A 2180 -43.46 -43.74 16.38
N GLU A 2181 -42.84 -44.20 15.29
CA GLU A 2181 -42.78 -45.64 15.02
C GLU A 2181 -41.98 -46.36 16.10
N MET A 2182 -40.87 -45.77 16.53
CA MET A 2182 -40.07 -46.38 17.59
C MET A 2182 -40.84 -46.44 18.90
N GLU A 2183 -41.57 -45.37 19.22
CA GLU A 2183 -42.39 -45.38 20.43
C GLU A 2183 -43.46 -46.46 20.36
N TRP A 2184 -44.11 -46.61 19.20
CA TRP A 2184 -45.12 -47.64 19.06
C TRP A 2184 -44.51 -49.03 19.17
N GLN A 2185 -43.33 -49.23 18.61
CA GLN A 2185 -42.66 -50.53 18.74
C GLN A 2185 -42.33 -50.81 20.20
N ARG A 2186 -41.86 -49.81 20.94
CA ARG A 2186 -41.59 -50.00 22.36
C ARG A 2186 -42.86 -50.39 23.11
N LYS A 2187 -43.97 -49.72 22.80
CA LYS A 2187 -45.24 -50.08 23.44
C LYS A 2187 -45.65 -51.51 23.07
N LEU A 2188 -45.51 -51.88 21.80
CA LEU A 2188 -45.91 -53.21 21.34
C LEU A 2188 -45.02 -54.30 21.93
N ARG A 2189 -43.79 -53.98 22.33
CA ARG A 2189 -42.91 -55.00 22.87
C ARG A 2189 -43.54 -55.72 24.05
N SER A 2190 -44.43 -55.06 24.79
CA SER A 2190 -45.08 -55.70 25.93
C SER A 2190 -45.92 -56.89 25.49
N MET A 2191 -46.66 -56.74 24.39
CA MET A 2191 -47.54 -57.81 23.92
C MET A 2191 -46.70 -58.92 23.28
N PRO A 2192 -46.72 -60.15 23.82
CA PRO A 2192 -45.88 -61.21 23.23
C PRO A 2192 -46.40 -61.73 21.90
N LEU A 2193 -47.70 -62.04 21.83
CA LEU A 2193 -48.24 -62.70 20.65
C LEU A 2193 -48.21 -61.77 19.43
N ILE A 2194 -48.73 -60.55 19.59
CA ILE A 2194 -48.80 -59.63 18.46
C ILE A 2194 -47.40 -59.25 18.01
N TYR A 2195 -46.49 -59.00 18.96
CA TYR A 2195 -45.11 -58.69 18.59
C TYR A 2195 -44.45 -59.87 17.88
N TRP A 2196 -44.70 -61.09 18.36
CA TRP A 2196 -44.12 -62.26 17.72
C TRP A 2196 -44.61 -62.40 16.29
N PHE A 2197 -45.91 -62.19 16.05
CA PHE A 2197 -46.44 -62.25 14.70
C PHE A 2197 -45.89 -61.12 13.83
N SER A 2198 -45.73 -59.92 14.40
CA SER A 2198 -45.31 -58.77 13.61
C SER A 2198 -43.83 -58.81 13.27
N ARG A 2199 -43.01 -59.46 14.10
CA ARG A 2199 -41.57 -59.50 13.81
C ARG A 2199 -41.29 -60.13 12.45
N ARG A 2200 -42.06 -61.15 12.07
CA ARG A 2200 -41.79 -61.93 10.87
C ARG A 2200 -42.69 -61.54 9.71
N MET A 2201 -43.03 -60.25 9.60
CA MET A 2201 -43.91 -59.80 8.53
C MET A 2201 -43.31 -60.08 7.16
N THR A 2202 -42.00 -59.85 7.01
CA THR A 2202 -41.35 -60.10 5.73
C THR A 2202 -41.43 -61.57 5.34
N LEU A 2203 -41.22 -62.46 6.31
CA LEU A 2203 -41.27 -63.89 6.02
C LEU A 2203 -42.65 -64.30 5.50
N TRP A 2204 -43.70 -63.80 6.14
CA TRP A 2204 -45.06 -64.14 5.71
C TRP A 2204 -45.28 -63.70 4.27
N GLY A 2205 -44.88 -62.47 3.94
CA GLY A 2205 -45.07 -61.98 2.59
C GLY A 2205 -44.29 -62.78 1.57
N SER A 2206 -43.02 -63.10 1.87
CA SER A 2206 -42.20 -63.85 0.92
C SER A 2206 -42.79 -65.23 0.68
N ILE A 2207 -43.19 -65.93 1.74
CA ILE A 2207 -43.72 -67.27 1.56
C ILE A 2207 -45.09 -67.23 0.89
N SER A 2208 -45.88 -66.18 1.13
CA SER A 2208 -47.15 -66.04 0.41
C SER A 2208 -46.89 -65.82 -1.08
N PHE A 2209 -45.89 -65.00 -1.42
CA PHE A 2209 -45.50 -64.81 -2.81
C PHE A 2209 -45.14 -66.14 -3.46
N ASN A 2210 -44.27 -66.92 -2.78
CA ASN A 2210 -43.86 -68.20 -3.33
C ASN A 2210 -45.04 -69.14 -3.49
N LEU A 2211 -45.93 -69.18 -2.50
CA LEU A 2211 -47.10 -70.05 -2.57
C LEU A 2211 -48.00 -69.67 -3.74
N ALA A 2212 -48.22 -68.37 -3.95
CA ALA A 2212 -49.05 -67.94 -5.07
C ALA A 2212 -48.42 -68.35 -6.40
N VAL A 2213 -47.10 -68.14 -6.53
CA VAL A 2213 -46.44 -68.52 -7.78
C VAL A 2213 -46.58 -70.01 -8.02
N PHE A 2214 -46.32 -70.82 -6.99
CA PHE A 2214 -46.40 -72.27 -7.15
C PHE A 2214 -47.82 -72.71 -7.49
N ILE A 2215 -48.82 -72.13 -6.82
CA ILE A 2215 -50.20 -72.51 -7.08
C ILE A 2215 -50.58 -72.20 -8.52
N ASN A 2216 -50.21 -71.01 -8.99
CA ASN A 2216 -50.54 -70.65 -10.38
C ASN A 2216 -49.84 -71.59 -11.36
N ILE A 2217 -48.57 -71.91 -11.10
CA ILE A 2217 -47.83 -72.79 -12.00
C ILE A 2217 -48.47 -74.16 -12.05
N ILE A 2218 -48.82 -74.70 -10.89
CA ILE A 2218 -49.41 -76.04 -10.84
C ILE A 2218 -50.77 -76.04 -11.53
N ILE A 2219 -51.57 -75.00 -11.31
CA ILE A 2219 -52.87 -74.92 -11.98
C ILE A 2219 -52.67 -74.89 -13.49
N ALA A 2220 -51.73 -74.08 -13.96
CA ALA A 2220 -51.50 -73.97 -15.40
C ALA A 2220 -51.05 -75.30 -15.99
N PHE A 2221 -50.17 -76.01 -15.28
CA PHE A 2221 -49.61 -77.24 -15.81
C PHE A 2221 -50.50 -78.46 -15.64
N PHE A 2222 -51.52 -78.40 -14.76
CA PHE A 2222 -52.33 -79.58 -14.50
C PHE A 2222 -53.83 -79.30 -14.43
N TYR A 2223 -54.31 -78.22 -15.06
CA TYR A 2223 -55.74 -77.98 -15.10
C TYR A 2223 -56.26 -78.13 -16.53
N PRO A 2224 -57.40 -78.79 -16.73
CA PRO A 2224 -58.27 -79.45 -15.75
C PRO A 2224 -57.73 -80.80 -15.31
N TYR A 2225 -58.21 -81.32 -14.18
CA TYR A 2225 -57.80 -82.62 -13.68
C TYR A 2225 -59.03 -83.40 -13.22
N MET A 2226 -58.93 -84.72 -13.26
CA MET A 2226 -60.02 -85.58 -12.86
C MET A 2226 -59.60 -87.05 -12.90
N SER A 2230 -56.53 -85.86 -17.97
CA SER A 2230 -55.61 -86.61 -18.83
C SER A 2230 -54.26 -86.80 -18.14
N THR A 2231 -53.78 -85.73 -17.51
CA THR A 2231 -52.52 -85.74 -16.78
C THR A 2231 -51.39 -86.25 -17.67
N GLY A 2232 -51.39 -85.77 -18.92
CA GLY A 2232 -50.35 -86.16 -19.85
C GLY A 2232 -48.96 -85.75 -19.37
N VAL A 2233 -48.85 -84.55 -18.79
CA VAL A 2233 -47.57 -84.09 -18.29
C VAL A 2233 -47.10 -84.94 -17.11
N LEU A 2234 -48.02 -85.59 -16.40
CA LEU A 2234 -47.64 -86.42 -15.27
C LEU A 2234 -46.76 -87.59 -15.71
N ASP A 2235 -46.91 -88.04 -16.96
CA ASP A 2235 -46.14 -89.14 -17.49
C ASP A 2235 -45.17 -88.73 -18.59
N SER A 2236 -45.29 -87.52 -19.13
CA SER A 2236 -44.39 -87.09 -20.19
C SER A 2236 -42.96 -87.01 -19.67
N PRO A 2237 -41.97 -87.37 -20.49
CA PRO A 2237 -40.58 -87.36 -20.01
C PRO A 2237 -40.05 -85.97 -19.67
N LEU A 2238 -40.67 -84.91 -20.18
CA LEU A 2238 -40.13 -83.57 -19.93
C LEU A 2238 -40.15 -83.23 -18.43
N ILE A 2239 -41.15 -83.72 -17.71
CA ILE A 2239 -41.21 -83.45 -16.28
C ILE A 2239 -39.99 -84.04 -15.59
N SER A 2240 -39.56 -85.23 -16.01
CA SER A 2240 -38.35 -85.83 -15.45
C SER A 2240 -37.13 -84.98 -15.75
N LEU A 2241 -37.04 -84.44 -16.97
CA LEU A 2241 -35.91 -83.58 -17.30
C LEU A 2241 -35.88 -82.33 -16.43
N LEU A 2242 -37.05 -81.72 -16.22
CA LEU A 2242 -37.11 -80.56 -15.34
C LEU A 2242 -36.73 -80.93 -13.91
N PHE A 2243 -37.16 -82.10 -13.45
CA PHE A 2243 -36.80 -82.56 -12.11
C PHE A 2243 -35.29 -82.73 -11.98
N TRP A 2244 -34.66 -83.31 -13.00
CA TRP A 2244 -33.20 -83.47 -12.97
C TRP A 2244 -32.50 -82.11 -12.99
N ILE A 2245 -33.02 -81.17 -13.78
CA ILE A 2245 -32.42 -79.85 -13.84
C ILE A 2245 -32.51 -79.16 -12.48
N LEU A 2246 -33.67 -79.27 -11.83
CA LEU A 2246 -33.82 -78.67 -10.50
C LEU A 2246 -32.91 -79.36 -9.48
N ILE A 2247 -32.74 -80.67 -9.60
CA ILE A 2247 -31.82 -81.38 -8.71
C ILE A 2247 -30.41 -80.86 -8.90
N CYS A 2248 -30.00 -80.67 -10.16
CA CYS A 2248 -28.67 -80.13 -10.43
C CYS A 2248 -28.52 -78.73 -9.85
N PHE A 2249 -29.54 -77.88 -10.00
CA PHE A 2249 -29.48 -76.54 -9.43
C PHE A 2249 -29.34 -76.59 -7.91
N SER A 2250 -30.12 -77.46 -7.26
CA SER A 2250 -30.02 -77.59 -5.82
C SER A 2250 -28.65 -78.07 -5.39
N ILE A 2251 -28.10 -79.06 -6.11
CA ILE A 2251 -26.75 -79.55 -5.79
C ILE A 2251 -25.73 -78.44 -5.98
N ALA A 2252 -25.97 -77.53 -6.93
CA ALA A 2252 -25.08 -76.40 -7.15
C ALA A 2252 -25.07 -75.41 -5.99
N ALA A 2253 -25.84 -75.67 -4.92
CA ALA A 2253 -25.85 -74.77 -3.78
C ALA A 2253 -24.48 -74.63 -3.12
N LEU A 2254 -23.56 -75.57 -3.38
CA LEU A 2254 -22.22 -75.47 -2.82
C LEU A 2254 -21.55 -74.16 -3.22
N PHE A 2255 -21.88 -73.64 -4.40
CA PHE A 2255 -21.37 -72.35 -4.84
C PHE A 2255 -22.17 -71.18 -4.28
N THR A 2256 -23.26 -71.45 -3.56
CA THR A 2256 -24.10 -70.41 -2.97
C THR A 2256 -24.83 -69.64 -4.06
N LYS A 2257 -24.83 -68.29 -3.98
CA LYS A 2257 -25.52 -67.42 -4.92
C LYS A 2257 -27.04 -67.44 -4.73
N ARG A 2258 -27.52 -68.07 -3.66
CA ARG A 2258 -28.96 -68.10 -3.38
C ARG A 2258 -29.72 -68.82 -4.48
N TYR A 2259 -31.03 -68.59 -4.57
CA TYR A 2259 -31.88 -69.22 -5.57
C TYR A 2259 -31.79 -70.73 -5.49
N SER A 2260 -31.72 -71.26 -4.27
CA SER A 2260 -31.63 -72.70 -4.01
C SER A 2260 -32.85 -73.24 -3.28
N ILE A 2261 -33.43 -72.48 -2.35
CA ILE A 2261 -34.61 -72.95 -1.63
C ILE A 2261 -35.78 -73.12 -2.59
N ARG A 2262 -35.97 -72.17 -3.50
CA ARG A 2262 -37.13 -72.21 -4.39
C ARG A 2262 -37.14 -73.46 -5.26
N PRO A 2263 -36.06 -73.83 -5.97
CA PRO A 2263 -36.10 -75.11 -6.70
C PRO A 2263 -36.31 -76.31 -5.81
N LEU A 2264 -35.77 -76.29 -4.58
CA LEU A 2264 -36.01 -77.38 -3.66
C LEU A 2264 -37.49 -77.50 -3.32
N ILE A 2265 -38.14 -76.37 -3.07
CA ILE A 2265 -39.58 -76.40 -2.78
C ILE A 2265 -40.36 -76.87 -3.99
N VAL A 2266 -39.92 -76.48 -5.20
CA VAL A 2266 -40.60 -76.94 -6.40
C VAL A 2266 -40.48 -78.46 -6.53
N ALA A 2267 -39.29 -79.00 -6.26
CA ALA A 2267 -39.11 -80.45 -6.31
C ALA A 2267 -39.97 -81.14 -5.26
N LEU A 2268 -40.04 -80.57 -4.06
CA LEU A 2268 -40.89 -81.14 -3.01
C LEU A 2268 -42.34 -81.16 -3.44
N ILE A 2269 -42.81 -80.07 -4.05
CA ILE A 2269 -44.20 -80.01 -4.51
C ILE A 2269 -44.44 -81.03 -5.62
N LEU A 2270 -43.46 -81.19 -6.51
CA LEU A 2270 -43.60 -82.20 -7.57
C LEU A 2270 -43.70 -83.61 -6.99
N ARG A 2271 -42.87 -83.91 -5.99
CA ARG A 2271 -42.96 -85.21 -5.34
C ARG A 2271 -44.29 -85.39 -4.64
N SER A 2272 -44.78 -84.34 -3.98
CA SER A 2272 -46.08 -84.41 -3.32
C SER A 2272 -47.19 -84.68 -4.33
N ILE A 2273 -47.12 -84.02 -5.48
CA ILE A 2273 -48.11 -84.26 -6.54
C ILE A 2273 -48.03 -85.70 -7.01
N TYR A 2274 -46.81 -86.21 -7.20
CA TYR A 2274 -46.63 -87.58 -7.67
C TYR A 2274 -47.23 -88.59 -6.68
N TYR A 2275 -46.99 -88.38 -5.39
CA TYR A 2275 -47.42 -89.35 -4.38
C TYR A 2275 -48.89 -89.17 -4.00
N LEU A 2276 -49.22 -88.03 -3.39
CA LEU A 2276 -50.60 -87.81 -2.95
C LEU A 2276 -51.54 -87.58 -4.13
N GLY A 2277 -51.14 -86.71 -5.06
CA GLY A 2277 -51.96 -86.34 -6.20
C GLY A 2277 -51.99 -84.85 -6.40
N ILE A 2278 -52.79 -84.44 -7.38
CA ILE A 2278 -52.85 -83.04 -7.78
C ILE A 2278 -53.87 -82.27 -6.94
N GLY A 2279 -55.07 -82.81 -6.79
CA GLY A 2279 -56.12 -82.15 -6.06
C GLY A 2279 -55.79 -81.93 -4.59
N PRO A 2280 -55.32 -82.99 -3.91
CA PRO A 2280 -54.90 -82.81 -2.52
C PRO A 2280 -53.79 -81.78 -2.36
N THR A 2281 -52.82 -81.78 -3.29
CA THR A 2281 -51.74 -80.80 -3.21
C THR A 2281 -52.28 -79.38 -3.40
N LEU A 2282 -53.20 -79.20 -4.35
CA LEU A 2282 -53.78 -77.88 -4.55
C LEU A 2282 -54.56 -77.42 -3.31
N ASN A 2283 -55.32 -78.33 -2.70
CA ASN A 2283 -56.06 -77.98 -1.50
C ASN A 2283 -55.12 -77.60 -0.36
N ILE A 2284 -54.04 -78.36 -0.19
CA ILE A 2284 -53.08 -78.04 0.87
C ILE A 2284 -52.45 -76.68 0.62
N LEU A 2285 -52.04 -76.42 -0.63
CA LEU A 2285 -51.44 -75.13 -0.95
C LEU A 2285 -52.40 -73.99 -0.72
N GLY A 2286 -53.68 -74.18 -1.10
CA GLY A 2286 -54.66 -73.13 -0.87
C GLY A 2286 -54.89 -72.85 0.59
N ALA A 2287 -55.00 -73.91 1.41
CA ALA A 2287 -55.16 -73.72 2.84
C ALA A 2287 -53.96 -73.00 3.44
N LEU A 2288 -52.75 -73.40 3.04
CA LEU A 2288 -51.56 -72.73 3.54
C LEU A 2288 -51.54 -71.25 3.12
N ASN A 2289 -51.94 -70.98 1.88
CA ASN A 2289 -51.97 -69.60 1.40
C ASN A 2289 -52.97 -68.76 2.19
N LEU A 2290 -54.15 -69.33 2.48
CA LEU A 2290 -55.14 -68.59 3.25
C LEU A 2290 -54.63 -68.31 4.67
N THR A 2291 -54.04 -69.32 5.32
CA THR A 2291 -53.49 -69.11 6.64
C THR A 2291 -52.39 -68.06 6.62
N ASN A 2292 -51.53 -68.10 5.59
CA ASN A 2292 -50.45 -67.13 5.47
C ASN A 2292 -51.00 -65.73 5.27
N LYS A 2293 -52.05 -65.59 4.47
CA LYS A 2293 -52.66 -64.27 4.27
C LYS A 2293 -53.22 -63.74 5.59
N ILE A 2294 -53.88 -64.61 6.36
CA ILE A 2294 -54.43 -64.17 7.65
C ILE A 2294 -53.30 -63.72 8.56
N VAL A 2295 -52.23 -64.51 8.64
CA VAL A 2295 -51.11 -64.16 9.51
C VAL A 2295 -50.47 -62.86 9.06
N PHE A 2296 -50.33 -62.67 7.74
CA PHE A 2296 -49.71 -61.47 7.21
C PHE A 2296 -50.54 -60.23 7.52
N VAL A 2297 -51.86 -60.32 7.37
CA VAL A 2297 -52.70 -59.16 7.68
C VAL A 2297 -52.67 -58.86 9.16
N VAL A 2298 -52.64 -59.90 10.00
CA VAL A 2298 -52.53 -59.68 11.44
C VAL A 2298 -51.21 -58.98 11.77
N SER A 2299 -50.12 -59.42 11.15
CA SER A 2299 -48.82 -58.81 11.39
C SER A 2299 -48.80 -57.36 10.92
N PHE A 2300 -49.40 -57.09 9.77
CA PHE A 2300 -49.45 -55.72 9.26
C PHE A 2300 -50.25 -54.82 10.21
N VAL A 2301 -51.39 -55.32 10.70
CA VAL A 2301 -52.18 -54.53 11.65
C VAL A 2301 -51.37 -54.26 12.92
N GLY A 2302 -50.69 -55.29 13.43
CA GLY A 2302 -49.88 -55.09 14.62
C GLY A 2302 -48.78 -54.07 14.42
N ASN A 2303 -48.10 -54.15 13.28
CA ASN A 2303 -47.00 -53.22 13.01
C ASN A 2303 -47.53 -51.79 12.88
N ARG A 2304 -48.64 -51.60 12.17
CA ARG A 2304 -49.14 -50.25 11.96
C ARG A 2304 -49.78 -49.68 13.23
N GLY A 2305 -50.25 -50.55 14.12
CA GLY A 2305 -50.77 -50.09 15.39
C GLY A 2305 -52.11 -49.41 15.33
N THR A 2306 -52.91 -49.67 14.30
CA THR A 2306 -54.25 -49.11 14.20
C THR A 2306 -55.26 -49.86 15.05
N PHE A 2307 -54.91 -51.06 15.54
CA PHE A 2307 -55.87 -51.84 16.33
C PHE A 2307 -56.11 -51.21 17.70
N ILE A 2308 -55.10 -50.55 18.27
CA ILE A 2308 -55.27 -49.93 19.57
C ILE A 2308 -56.41 -48.91 19.52
N ARG A 2309 -56.50 -48.17 18.43
CA ARG A 2309 -57.60 -47.25 18.22
C ARG A 2309 -58.81 -48.02 17.67
N GLY A 2310 -59.92 -47.31 17.46
CA GLY A 2310 -61.12 -47.97 16.99
C GLY A 2310 -60.90 -48.69 15.67
N TYR A 2311 -61.60 -49.81 15.50
CA TYR A 2311 -61.43 -50.63 14.32
C TYR A 2311 -61.92 -49.92 13.06
N LYS A 2312 -62.64 -48.81 13.19
CA LYS A 2312 -63.10 -48.09 12.01
C LYS A 2312 -61.93 -47.61 11.18
N ALA A 2313 -60.91 -47.04 11.83
CA ALA A 2313 -59.71 -46.61 11.11
C ALA A 2313 -58.97 -47.79 10.50
N MET A 2314 -58.89 -48.91 11.22
CA MET A 2314 -58.23 -50.10 10.69
C MET A 2314 -58.91 -50.58 9.41
N VAL A 2315 -60.25 -50.61 9.41
CA VAL A 2315 -61.00 -50.98 8.21
C VAL A 2315 -60.92 -49.93 7.12
N MET A 2316 -60.76 -48.65 7.49
CA MET A 2316 -60.66 -47.56 6.54
C MET A 2316 -59.33 -47.57 5.80
N ASP A 2317 -58.26 -48.00 6.46
CA ASP A 2317 -56.94 -47.96 5.86
C ASP A 2317 -56.94 -48.68 4.52
N MET A 2318 -56.36 -48.02 3.50
CA MET A 2318 -56.39 -48.56 2.15
C MET A 2318 -55.66 -49.90 2.07
N GLU A 2319 -54.50 -50.00 2.74
CA GLU A 2319 -53.74 -51.25 2.70
C GLU A 2319 -54.53 -52.39 3.34
N PHE A 2320 -55.27 -52.10 4.41
CA PHE A 2320 -56.12 -53.12 5.00
C PHE A 2320 -57.19 -53.57 4.02
N LEU A 2321 -57.77 -52.64 3.27
CA LEU A 2321 -58.74 -53.00 2.24
C LEU A 2321 -58.11 -53.89 1.19
N TYR A 2322 -56.89 -53.56 0.76
CA TYR A 2322 -56.17 -54.38 -0.21
C TYR A 2322 -55.98 -55.80 0.32
N HIS A 2323 -55.53 -55.92 1.56
CA HIS A 2323 -55.27 -57.23 2.15
C HIS A 2323 -56.54 -58.05 2.27
N VAL A 2324 -57.63 -57.42 2.73
CA VAL A 2324 -58.88 -58.16 2.90
C VAL A 2324 -59.45 -58.56 1.55
N GLY A 2325 -59.32 -57.69 0.54
CA GLY A 2325 -59.76 -58.06 -0.79
C GLY A 2325 -59.02 -59.26 -1.33
N TYR A 2326 -57.71 -59.29 -1.14
CA TYR A 2326 -56.95 -60.45 -1.62
C TYR A 2326 -57.23 -61.70 -0.78
N ILE A 2327 -57.57 -61.53 0.50
CA ILE A 2327 -58.01 -62.68 1.30
C ILE A 2327 -59.32 -63.23 0.74
N LEU A 2328 -60.24 -62.34 0.38
CA LEU A 2328 -61.48 -62.78 -0.24
C LEU A 2328 -61.20 -63.51 -1.54
N THR A 2329 -60.28 -62.99 -2.34
CA THR A 2329 -59.89 -63.68 -3.57
C THR A 2329 -59.32 -65.06 -3.29
N SER A 2330 -58.47 -65.16 -2.26
CA SER A 2330 -57.87 -66.45 -1.93
C SER A 2330 -58.92 -67.47 -1.49
N VAL A 2331 -59.87 -67.05 -0.65
CA VAL A 2331 -60.91 -67.97 -0.21
C VAL A 2331 -61.81 -68.36 -1.37
N LEU A 2332 -62.09 -67.42 -2.28
CA LEU A 2332 -62.84 -67.76 -3.48
C LEU A 2332 -62.11 -68.80 -4.31
N GLY A 2333 -60.80 -68.63 -4.47
CA GLY A 2333 -60.02 -69.63 -5.18
C GLY A 2333 -60.05 -70.98 -4.50
N LEU A 2334 -60.00 -70.98 -3.17
CA LEU A 2334 -59.98 -72.23 -2.43
C LEU A 2334 -61.31 -72.97 -2.51
N PHE A 2335 -62.42 -72.25 -2.48
CA PHE A 2335 -63.74 -72.87 -2.40
C PHE A 2335 -64.50 -72.91 -3.71
N ALA A 2336 -64.74 -71.76 -4.33
CA ALA A 2336 -65.62 -71.72 -5.50
C ALA A 2336 -64.98 -72.37 -6.71
N HIS A 2337 -63.82 -71.87 -7.15
CA HIS A 2337 -63.17 -72.37 -8.34
C HIS A 2337 -61.68 -72.10 -8.25
N GLU A 2338 -60.89 -73.05 -8.76
CA GLU A 2338 -59.44 -72.94 -8.66
C GLU A 2338 -58.91 -71.76 -9.46
N LEU A 2339 -59.50 -71.48 -10.62
CA LEU A 2339 -58.96 -70.47 -11.52
C LEU A 2339 -58.93 -69.08 -10.89
N PHE A 2340 -59.70 -68.85 -9.83
CA PHE A 2340 -59.67 -67.55 -9.17
C PHE A 2340 -58.29 -67.22 -8.61
N TYR A 2341 -57.43 -68.22 -8.41
CA TYR A 2341 -56.08 -67.95 -7.92
C TYR A 2341 -55.30 -67.08 -8.89
N SER A 2342 -55.68 -67.07 -10.17
CA SER A 2342 -54.95 -66.28 -11.16
C SER A 2342 -54.96 -64.80 -10.81
N ILE A 2343 -55.99 -64.33 -10.11
CA ILE A 2343 -56.08 -62.92 -9.76
C ILE A 2343 -54.94 -62.52 -8.83
N LEU A 2344 -54.34 -63.50 -8.13
CA LEU A 2344 -53.26 -63.17 -7.21
C LEU A 2344 -52.05 -62.59 -7.92
N LEU A 2345 -51.89 -62.89 -9.22
CA LEU A 2345 -50.74 -62.39 -9.96
C LEU A 2345 -50.73 -60.87 -10.01
N PHE A 2346 -51.88 -60.22 -9.83
CA PHE A 2346 -51.91 -58.77 -9.75
C PHE A 2346 -51.11 -58.28 -8.55
N ASP A 2347 -51.20 -58.99 -7.42
CA ASP A 2347 -50.40 -58.64 -6.25
C ASP A 2347 -48.90 -58.75 -6.56
N LEU A 2348 -48.51 -59.82 -7.26
CA LEU A 2348 -47.11 -59.97 -7.64
C LEU A 2348 -46.67 -58.85 -8.56
N ILE A 2349 -47.51 -58.49 -9.53
CA ILE A 2349 -47.18 -57.41 -10.45
C ILE A 2349 -46.99 -56.11 -9.70
N TYR A 2350 -47.89 -55.82 -8.77
CA TYR A 2350 -47.78 -54.59 -7.99
C TYR A 2350 -46.54 -54.60 -7.11
N ARG A 2351 -46.23 -55.74 -6.47
CA ARG A 2351 -45.08 -55.82 -5.59
C ARG A 2351 -43.78 -55.61 -6.37
N GLU A 2352 -43.62 -56.30 -7.49
CA GLU A 2352 -42.38 -56.18 -8.25
C GLU A 2352 -42.26 -54.79 -8.84
N GLU A 2353 -41.09 -54.17 -8.65
CA GLU A 2353 -40.89 -52.80 -9.11
C GLU A 2353 -40.81 -52.73 -10.64
N THR A 2354 -40.04 -53.62 -11.26
CA THR A 2354 -39.87 -53.56 -12.70
C THR A 2354 -41.19 -53.76 -13.44
N LEU A 2355 -42.01 -54.71 -12.98
CA LEU A 2355 -43.30 -54.93 -13.63
C LEU A 2355 -44.22 -53.72 -13.45
N PHE A 2356 -44.21 -53.13 -12.25
CA PHE A 2356 -45.06 -51.98 -12.00
C PHE A 2356 -44.61 -50.75 -12.78
N ASN A 2357 -43.35 -50.71 -13.22
CA ASN A 2357 -42.88 -49.59 -14.02
C ASN A 2357 -43.63 -49.50 -15.34
N VAL A 2358 -44.03 -50.64 -15.91
CA VAL A 2358 -44.79 -50.62 -17.16
C VAL A 2358 -46.13 -49.91 -16.94
N ILE A 2359 -46.83 -50.27 -15.86
CA ILE A 2359 -48.11 -49.65 -15.56
C ILE A 2359 -47.91 -48.17 -15.25
N LYS A 2360 -46.83 -47.83 -14.55
CA LYS A 2360 -46.55 -46.42 -14.27
C LYS A 2360 -46.34 -45.64 -15.55
N SER A 2361 -45.58 -46.20 -16.50
CA SER A 2361 -45.35 -45.52 -17.76
C SER A 2361 -46.64 -45.35 -18.53
N VAL A 2362 -47.49 -46.38 -18.55
CA VAL A 2362 -48.77 -46.27 -19.25
C VAL A 2362 -49.63 -45.19 -18.61
N THR A 2363 -49.68 -45.15 -17.28
CA THR A 2363 -50.54 -44.20 -16.59
C THR A 2363 -50.04 -42.76 -16.76
N ARG A 2364 -48.72 -42.57 -16.77
CA ARG A 2364 -48.18 -41.23 -16.82
C ARG A 2364 -48.56 -40.49 -18.09
N ASN A 2365 -48.55 -41.18 -19.23
CA ASN A 2365 -48.91 -40.60 -20.51
C ASN A 2365 -50.33 -40.97 -20.91
N GLY A 2366 -51.24 -41.03 -19.93
CA GLY A 2366 -52.59 -41.48 -20.22
C GLY A 2366 -53.33 -40.53 -21.15
N ARG A 2367 -53.25 -39.24 -20.88
CA ARG A 2367 -54.03 -38.27 -21.66
C ARG A 2367 -53.59 -38.25 -23.11
N SER A 2368 -52.28 -38.24 -23.35
CA SER A 2368 -51.79 -38.24 -24.72
C SER A 2368 -52.25 -39.50 -25.47
N ILE A 2369 -52.20 -40.65 -24.80
CA ILE A 2369 -52.65 -41.89 -25.42
C ILE A 2369 -54.12 -41.79 -25.78
N LEU A 2370 -54.94 -41.27 -24.87
CA LEU A 2370 -56.37 -41.15 -25.16
C LEU A 2370 -56.63 -40.23 -26.33
N LEU A 2371 -55.94 -39.09 -26.37
CA LEU A 2371 -56.15 -38.15 -27.48
C LEU A 2371 -55.72 -38.75 -28.80
N THR A 2372 -54.58 -39.44 -28.83
CA THR A 2372 -54.14 -40.08 -30.07
C THR A 2372 -55.11 -41.18 -30.50
N ALA A 2373 -55.64 -41.92 -29.53
CA ALA A 2373 -56.64 -42.93 -29.85
C ALA A 2373 -57.91 -42.30 -30.42
N LEU A 2374 -58.31 -41.15 -29.88
CA LEU A 2374 -59.45 -40.44 -30.43
C LEU A 2374 -59.17 -39.98 -31.85
N LEU A 2375 -57.95 -39.52 -32.13
CA LEU A 2375 -57.60 -39.16 -33.50
C LEU A 2375 -57.69 -40.36 -34.43
N ALA A 2376 -57.17 -41.51 -33.98
CA ALA A 2376 -57.28 -42.73 -34.78
C ALA A 2376 -58.74 -43.09 -35.02
N LEU A 2377 -59.57 -42.95 -34.00
CA LEU A 2377 -61.00 -43.23 -34.14
C LEU A 2377 -61.64 -42.29 -35.16
N ILE A 2378 -61.26 -41.01 -35.14
CA ILE A 2378 -61.78 -40.06 -36.11
C ILE A 2378 -61.40 -40.48 -37.53
N LEU A 2379 -60.13 -40.85 -37.72
CA LEU A 2379 -59.69 -41.27 -39.05
C LEU A 2379 -60.42 -42.53 -39.50
N VAL A 2380 -60.60 -43.48 -38.59
CA VAL A 2380 -61.35 -44.70 -38.91
C VAL A 2380 -62.78 -44.37 -39.29
N TYR A 2381 -63.40 -43.42 -38.57
CA TYR A 2381 -64.76 -43.01 -38.89
C TYR A 2381 -64.84 -42.40 -40.28
N LEU A 2382 -63.89 -41.54 -40.62
CA LEU A 2382 -63.88 -40.93 -41.95
C LEU A 2382 -63.71 -41.99 -43.04
N PHE A 2383 -62.77 -42.91 -42.85
CA PHE A 2383 -62.55 -43.96 -43.83
C PHE A 2383 -63.79 -44.84 -43.97
N SER A 2384 -64.43 -45.15 -42.84
CA SER A 2384 -65.65 -45.96 -42.89
C SER A 2384 -66.76 -45.24 -43.65
N ILE A 2385 -66.90 -43.94 -43.44
CA ILE A 2385 -67.90 -43.17 -44.17
C ILE A 2385 -67.61 -43.24 -45.66
N VAL A 2386 -66.35 -43.03 -46.04
CA VAL A 2386 -65.99 -43.05 -47.46
C VAL A 2386 -66.29 -44.41 -48.07
N GLY A 2387 -65.91 -45.48 -47.36
CA GLY A 2387 -66.15 -46.82 -47.88
C GLY A 2387 -67.64 -47.13 -48.00
N PHE A 2388 -68.42 -46.75 -46.99
CA PHE A 2388 -69.86 -46.98 -47.05
C PHE A 2388 -70.50 -46.23 -48.21
N LEU A 2389 -70.04 -45.00 -48.46
CA LEU A 2389 -70.63 -44.20 -49.53
C LEU A 2389 -70.21 -44.67 -50.91
N PHE A 2390 -68.98 -45.15 -51.07
CA PHE A 2390 -68.45 -45.45 -52.40
C PHE A 2390 -67.91 -46.86 -52.57
N LEU A 2391 -67.73 -47.64 -51.51
CA LEU A 2391 -67.16 -48.98 -51.60
C LEU A 2391 -67.97 -49.96 -50.75
N LYS A 2392 -69.30 -49.86 -50.83
CA LYS A 2392 -70.15 -50.71 -50.00
C LYS A 2392 -70.01 -52.18 -50.37
N ASP A 2393 -69.92 -52.48 -51.67
CA ASP A 2393 -69.92 -53.86 -52.14
C ASP A 2393 -68.58 -54.57 -51.91
N ASP A 2394 -67.52 -53.85 -51.59
CA ASP A 2394 -66.20 -54.46 -51.43
C ASP A 2394 -65.96 -54.98 -50.01
N PHE A 2395 -66.87 -54.73 -49.08
CA PHE A 2395 -66.71 -55.19 -47.69
C PHE A 2395 -67.40 -56.54 -47.54
N ILE A 2396 -66.73 -57.57 -48.07
CA ILE A 2396 -67.19 -58.95 -47.99
C ILE A 2396 -66.21 -59.71 -47.11
N LEU A 2397 -66.72 -60.34 -46.05
CA LEU A 2397 -65.89 -61.05 -45.10
C LEU A 2397 -66.24 -62.53 -45.08
N GLU A 2398 -65.24 -63.34 -44.79
CA GLU A 2398 -65.38 -64.79 -44.75
C GLU A 2398 -65.62 -65.22 -43.31
N VAL A 2399 -66.65 -66.05 -43.10
CA VAL A 2399 -67.04 -66.48 -41.76
C VAL A 2399 -67.18 -67.99 -41.76
N ASP A 2400 -66.64 -68.63 -40.71
CA ASP A 2400 -66.76 -70.07 -40.51
C ASP A 2400 -67.94 -70.30 -39.57
N ARG A 2401 -69.11 -70.52 -40.15
CA ARG A 2401 -70.33 -70.65 -39.36
C ARG A 2401 -70.27 -71.90 -38.49
N LEU A 2402 -70.82 -71.78 -37.29
CA LEU A 2402 -70.84 -72.90 -36.36
C LEU A 2402 -71.78 -74.00 -36.87
N PRO A 2403 -71.58 -75.25 -36.45
CA PRO A 2403 -72.44 -76.36 -36.89
C PRO A 2403 -73.92 -76.09 -36.64
N LEU A 2448 -76.80 -69.06 -45.14
CA LEU A 2448 -75.71 -69.77 -44.48
C LEU A 2448 -74.47 -69.81 -45.35
N ASP A 2449 -74.30 -68.77 -46.17
CA ASP A 2449 -73.16 -68.70 -47.06
C ASP A 2449 -71.88 -68.40 -46.26
N SER A 2450 -70.74 -68.82 -46.83
CA SER A 2450 -69.46 -68.61 -46.19
C SER A 2450 -69.01 -67.15 -46.21
N THR A 2451 -69.70 -66.29 -46.94
CA THR A 2451 -69.34 -64.89 -47.05
C THR A 2451 -70.52 -64.02 -46.63
N GLU A 2452 -70.22 -62.88 -46.00
CA GLU A 2452 -71.23 -61.96 -45.55
C GLU A 2452 -70.82 -60.53 -45.89
N ARG A 2453 -71.81 -59.66 -46.02
CA ARG A 2453 -71.60 -58.25 -46.27
C ARG A 2453 -71.44 -57.54 -44.93
N ALA A 2454 -70.25 -57.00 -44.67
CA ALA A 2454 -69.96 -56.37 -43.39
C ALA A 2454 -70.44 -54.93 -43.35
N CYS A 2455 -69.99 -54.12 -44.31
CA CYS A 2455 -70.25 -52.67 -44.30
C CYS A 2455 -71.62 -52.40 -44.92
N ASP A 2456 -72.66 -52.87 -44.22
CA ASP A 2456 -74.04 -52.59 -44.59
C ASP A 2456 -74.57 -51.38 -43.82
N THR A 2457 -74.44 -51.39 -42.51
CA THR A 2457 -74.68 -50.22 -41.68
C THR A 2457 -73.40 -49.39 -41.64
N LEU A 2458 -73.30 -48.48 -40.66
CA LEU A 2458 -72.09 -47.70 -40.48
C LEU A 2458 -71.26 -48.21 -39.29
N LEU A 2459 -71.93 -48.64 -38.22
CA LEU A 2459 -71.22 -49.18 -37.08
C LEU A 2459 -70.46 -50.44 -37.46
N MET A 2460 -71.04 -51.26 -38.35
CA MET A 2460 -70.33 -52.45 -38.81
C MET A 2460 -69.07 -52.07 -39.58
N CYS A 2461 -69.15 -51.07 -40.45
CA CYS A 2461 -67.94 -50.62 -41.16
C CYS A 2461 -66.89 -50.14 -40.18
N ILE A 2462 -67.30 -49.34 -39.19
CA ILE A 2462 -66.36 -48.80 -38.22
C ILE A 2462 -65.69 -49.94 -37.46
N VAL A 2463 -66.48 -50.92 -37.01
CA VAL A 2463 -65.92 -52.02 -36.22
C VAL A 2463 -64.96 -52.84 -37.07
N THR A 2464 -65.38 -53.20 -38.29
CA THR A 2464 -64.53 -54.02 -39.15
C THR A 2464 -63.23 -53.31 -39.45
N VAL A 2465 -63.29 -52.02 -39.78
CA VAL A 2465 -62.06 -51.27 -40.01
C VAL A 2465 -61.19 -51.30 -38.77
N MET A 2466 -61.71 -50.76 -37.66
CA MET A 2466 -60.91 -50.62 -36.45
C MET A 2466 -60.27 -51.94 -36.04
N ASN A 2467 -60.95 -53.07 -36.28
CA ASN A 2467 -60.39 -54.36 -35.89
C ASN A 2467 -59.38 -54.85 -36.92
N HIS A 2468 -59.84 -55.12 -38.14
CA HIS A 2468 -59.01 -55.82 -39.12
C HIS A 2468 -57.88 -54.92 -39.63
N GLY A 2469 -58.20 -53.68 -40.00
CA GLY A 2469 -57.16 -52.82 -40.52
C GLY A 2469 -56.04 -52.58 -39.52
N LEU A 2470 -56.40 -52.40 -38.25
CA LEU A 2470 -55.40 -52.19 -37.22
C LEU A 2470 -54.64 -53.47 -36.88
N ARG A 2471 -55.29 -54.63 -36.99
CA ARG A 2471 -54.62 -55.89 -36.69
C ARG A 2471 -53.90 -56.49 -37.90
N ASN A 2472 -53.97 -55.84 -39.06
CA ASN A 2472 -53.31 -56.31 -40.27
C ASN A 2472 -52.21 -55.33 -40.68
N GLY A 2473 -51.05 -55.87 -41.04
CA GLY A 2473 -49.93 -55.01 -41.41
C GLY A 2473 -50.22 -54.17 -42.63
N GLY A 2474 -50.88 -54.74 -43.63
CA GLY A 2474 -51.18 -54.04 -44.85
C GLY A 2474 -52.35 -53.10 -44.80
N GLY A 2475 -53.07 -53.06 -43.69
CA GLY A 2475 -54.20 -52.17 -43.53
C GLY A 2475 -55.52 -52.82 -43.86
N VAL A 2476 -56.51 -51.97 -44.14
CA VAL A 2476 -57.86 -52.44 -44.45
C VAL A 2476 -57.95 -53.12 -45.80
N GLY A 2477 -56.95 -52.94 -46.66
CA GLY A 2477 -57.00 -53.49 -48.00
C GLY A 2477 -56.78 -54.97 -48.10
N ASP A 2478 -56.40 -55.63 -47.01
CA ASP A 2478 -56.13 -57.05 -47.01
C ASP A 2478 -57.38 -57.90 -46.74
N ILE A 2479 -58.53 -57.27 -46.52
CA ILE A 2479 -59.77 -57.99 -46.26
C ILE A 2479 -60.77 -57.70 -47.37
N LEU A 2480 -60.64 -56.53 -48.00
CA LEU A 2480 -61.58 -56.12 -49.02
C LEU A 2480 -61.44 -56.98 -50.28
N ARG A 2481 -62.51 -57.02 -51.06
CA ARG A 2481 -62.49 -57.77 -52.31
C ARG A 2481 -61.37 -57.27 -53.21
N LYS A 2482 -60.65 -58.21 -53.81
CA LYS A 2482 -59.55 -57.86 -54.70
C LYS A 2482 -60.10 -57.33 -56.00
N PRO A 2483 -59.79 -56.10 -56.40
CA PRO A 2483 -60.30 -55.56 -57.65
C PRO A 2483 -59.48 -56.00 -58.86
N SER A 2484 -60.01 -55.71 -60.04
CA SER A 2484 -59.35 -56.01 -61.30
C SER A 2484 -58.90 -54.71 -61.96
N LYS A 2485 -57.92 -54.82 -62.86
CA LYS A 2485 -57.40 -53.64 -63.54
C LYS A 2485 -58.46 -52.95 -64.40
N ASP A 2486 -59.48 -53.69 -64.84
CA ASP A 2486 -60.49 -53.15 -65.74
C ASP A 2486 -61.64 -52.46 -65.01
N GLU A 2487 -61.67 -52.53 -63.68
CA GLU A 2487 -62.74 -51.89 -62.92
C GLU A 2487 -62.53 -50.38 -62.88
N SER A 2488 -63.65 -49.64 -62.85
CA SER A 2488 -63.58 -48.19 -62.85
C SER A 2488 -62.94 -47.65 -61.57
N LEU A 2489 -63.24 -48.27 -60.44
CA LEU A 2489 -62.81 -47.77 -59.14
C LEU A 2489 -61.48 -48.36 -58.68
N PHE A 2490 -60.72 -48.99 -59.57
CA PHE A 2490 -59.43 -49.54 -59.18
C PHE A 2490 -58.47 -48.46 -58.69
N PRO A 2491 -58.30 -47.33 -59.38
CA PRO A 2491 -57.45 -46.27 -58.82
C PRO A 2491 -57.94 -45.76 -57.48
N ALA A 2492 -59.26 -45.65 -57.31
CA ALA A 2492 -59.81 -45.20 -56.03
C ALA A 2492 -59.46 -46.18 -54.92
N ARG A 2493 -59.58 -47.49 -55.19
CA ARG A 2493 -59.20 -48.49 -54.20
C ARG A 2493 -57.71 -48.39 -53.88
N VAL A 2494 -56.87 -48.21 -54.89
CA VAL A 2494 -55.44 -48.10 -54.65
C VAL A 2494 -55.14 -46.92 -53.75
N VAL A 2495 -55.72 -45.76 -54.06
CA VAL A 2495 -55.49 -44.56 -53.27
C VAL A 2495 -55.99 -44.76 -51.85
N TYR A 2496 -57.18 -45.34 -51.71
CA TYR A 2496 -57.75 -45.58 -50.38
C TYR A 2496 -56.83 -46.44 -49.53
N ASP A 2497 -56.38 -47.57 -50.10
CA ASP A 2497 -55.52 -48.48 -49.34
C ASP A 2497 -54.20 -47.81 -48.99
N LEU A 2498 -53.58 -47.12 -49.94
CA LEU A 2498 -52.29 -46.49 -49.67
C LEU A 2498 -52.42 -45.41 -48.61
N LEU A 2499 -53.45 -44.58 -48.69
CA LEU A 2499 -53.65 -43.53 -47.69
C LEU A 2499 -53.87 -44.14 -46.31
N PHE A 2500 -54.71 -45.17 -46.22
CA PHE A 2500 -54.95 -45.80 -44.93
C PHE A 2500 -53.66 -46.37 -44.36
N PHE A 2501 -52.89 -47.07 -45.19
CA PHE A 2501 -51.65 -47.67 -44.72
C PHE A 2501 -50.65 -46.61 -44.25
N PHE A 2502 -50.52 -45.52 -45.01
CA PHE A 2502 -49.52 -44.51 -44.68
C PHE A 2502 -49.94 -43.67 -43.48
N ILE A 2503 -51.23 -43.47 -43.28
CA ILE A 2503 -51.69 -42.55 -42.24
C ILE A 2503 -51.98 -43.27 -40.93
N VAL A 2504 -52.77 -44.34 -40.97
CA VAL A 2504 -53.24 -44.96 -39.74
C VAL A 2504 -52.25 -46.01 -39.23
N ILE A 2505 -51.66 -46.80 -40.13
CA ILE A 2505 -50.84 -47.92 -39.71
C ILE A 2505 -49.43 -47.47 -39.39
N ILE A 2506 -48.86 -46.60 -40.22
CA ILE A 2506 -47.44 -46.28 -40.09
C ILE A 2506 -47.18 -45.12 -39.14
N ILE A 2507 -48.15 -44.23 -38.95
CA ILE A 2507 -47.95 -43.00 -38.18
C ILE A 2507 -48.70 -43.02 -36.86
N VAL A 2508 -50.03 -43.10 -36.92
CA VAL A 2508 -50.84 -42.96 -35.70
C VAL A 2508 -50.60 -44.13 -34.76
N LEU A 2509 -50.52 -45.35 -35.29
CA LEU A 2509 -50.34 -46.52 -34.45
C LEU A 2509 -49.03 -46.43 -33.67
N ASN A 2510 -47.96 -46.00 -34.33
CA ASN A 2510 -46.68 -45.86 -33.66
C ASN A 2510 -46.68 -44.67 -32.69
N LEU A 2511 -47.35 -43.58 -33.06
CA LEU A 2511 -47.39 -42.42 -32.19
C LEU A 2511 -48.15 -42.70 -30.91
N ILE A 2512 -49.15 -43.59 -30.96
CA ILE A 2512 -49.93 -43.89 -29.77
C ILE A 2512 -49.04 -44.52 -28.70
N PHE A 2513 -48.17 -45.45 -29.09
CA PHE A 2513 -47.47 -46.30 -28.14
C PHE A 2513 -45.98 -46.06 -28.04
N GLY A 2514 -45.41 -45.11 -28.80
CA GLY A 2514 -44.01 -44.79 -28.60
C GLY A 2514 -43.73 -44.14 -27.25
N VAL A 2515 -44.69 -43.37 -26.74
CA VAL A 2515 -44.48 -42.68 -25.47
C VAL A 2515 -44.30 -43.68 -24.35
N ILE A 2516 -45.01 -44.80 -24.40
CA ILE A 2516 -44.90 -45.80 -23.34
C ILE A 2516 -43.47 -46.35 -23.29
N ILE A 2517 -42.92 -46.69 -24.46
CA ILE A 2517 -41.56 -47.22 -24.51
C ILE A 2517 -40.56 -46.18 -24.03
N ASP A 2518 -40.73 -44.94 -24.48
CA ASP A 2518 -39.80 -43.88 -24.06
C ASP A 2518 -39.84 -43.70 -22.55
N THR A 2519 -41.03 -43.67 -21.97
CA THR A 2519 -41.15 -43.50 -20.52
C THR A 2519 -40.56 -44.69 -19.77
N PHE A 2520 -40.77 -45.90 -20.27
CA PHE A 2520 -40.19 -47.07 -19.62
C PHE A 2520 -38.67 -47.00 -19.63
N ALA A 2521 -38.09 -46.62 -20.76
CA ALA A 2521 -36.63 -46.50 -20.83
C ALA A 2521 -36.13 -45.42 -19.89
N ASP A 2522 -36.83 -44.28 -19.84
CA ASP A 2522 -36.42 -43.20 -18.94
C ASP A 2522 -36.49 -43.64 -17.48
N LEU A 2523 -37.55 -44.38 -17.11
CA LEU A 2523 -37.67 -44.86 -15.74
C LEU A 2523 -36.55 -45.84 -15.40
N ARG A 2524 -36.23 -46.75 -16.33
CA ARG A 2524 -35.13 -47.67 -16.07
C ARG A 2524 -33.82 -46.92 -15.89
N SER A 2525 -33.57 -45.91 -16.73
CA SER A 2525 -32.35 -45.13 -16.61
C SER A 2525 -32.30 -44.40 -15.27
N GLU A 2526 -33.41 -43.81 -14.85
CA GLU A 2526 -33.44 -43.11 -13.57
C GLU A 2526 -33.19 -44.07 -12.42
N LYS A 2527 -33.80 -45.25 -12.46
CA LYS A 2527 -33.57 -46.23 -11.41
C LYS A 2527 -32.10 -46.64 -11.35
N GLN A 2528 -31.50 -46.88 -12.51
CA GLN A 2528 -30.09 -47.26 -12.54
C GLN A 2528 -29.21 -46.13 -11.99
N LYS A 2529 -29.52 -44.89 -12.35
CA LYS A 2529 -28.76 -43.75 -11.85
C LYS A 2529 -28.88 -43.65 -10.32
N LYS A 2530 -30.09 -43.80 -9.80
CA LYS A 2530 -30.28 -43.72 -8.35
C LYS A 2530 -29.53 -44.83 -7.64
N GLU A 2531 -29.59 -46.05 -8.16
CA GLU A 2531 -28.87 -47.15 -7.54
C GLU A 2531 -27.37 -46.91 -7.57
N GLU A 2532 -26.85 -46.40 -8.69
CA GLU A 2532 -25.41 -46.13 -8.78
C GLU A 2532 -24.99 -45.05 -7.81
N ILE A 2533 -25.77 -43.97 -7.71
CA ILE A 2533 -25.40 -42.86 -6.84
C ILE A 2533 -25.58 -43.22 -5.36
N LEU A 2534 -26.46 -44.17 -5.05
CA LEU A 2534 -26.66 -44.57 -3.66
C LEU A 2534 -25.50 -45.37 -3.11
N LYS A 2535 -24.67 -45.98 -3.96
CA LYS A 2535 -23.57 -46.82 -3.53
C LYS A 2535 -22.21 -46.18 -3.73
N THR A 2536 -22.16 -44.95 -4.24
CA THR A 2536 -20.90 -44.25 -4.47
C THR A 2536 -20.95 -42.80 -3.98
N THR A 2537 -21.85 -42.50 -3.06
CA THR A 2537 -21.98 -41.15 -2.54
C THR A 2537 -22.49 -41.21 -1.11
N CYS A 2538 -21.93 -40.37 -0.25
CA CYS A 2538 -22.35 -40.31 1.14
C CYS A 2538 -23.77 -39.73 1.24
N PHE A 2539 -24.56 -40.30 2.14
CA PHE A 2539 -25.94 -39.84 2.29
C PHE A 2539 -25.99 -38.42 2.81
N ILE A 2540 -25.12 -38.06 3.75
CA ILE A 2540 -25.18 -36.77 4.42
C ILE A 2540 -24.33 -35.74 3.68
N CYS A 2541 -23.01 -35.97 3.62
CA CYS A 2541 -22.12 -34.98 3.04
C CYS A 2541 -22.17 -34.98 1.52
N GLY A 2542 -22.41 -36.13 0.89
CA GLY A 2542 -22.49 -36.21 -0.55
C GLY A 2542 -21.18 -36.42 -1.26
N LEU A 2543 -20.08 -36.59 -0.54
CA LEU A 2543 -18.80 -36.82 -1.17
C LEU A 2543 -18.78 -38.18 -1.86
N GLU A 2544 -17.98 -38.26 -2.92
CA GLU A 2544 -17.90 -39.48 -3.72
C GLU A 2544 -16.80 -40.39 -3.19
N ARG A 2545 -16.84 -41.66 -3.64
CA ARG A 2545 -15.86 -42.64 -3.20
C ARG A 2545 -14.45 -42.27 -3.67
N ASP A 2546 -14.33 -41.53 -4.77
CA ASP A 2546 -13.01 -41.21 -5.31
C ASP A 2546 -12.19 -40.40 -4.33
N LYS A 2547 -12.82 -39.57 -3.50
CA LYS A 2547 -12.08 -38.75 -2.55
C LYS A 2547 -11.32 -39.62 -1.56
N PHE A 2548 -11.97 -40.68 -1.06
CA PHE A 2548 -11.34 -41.59 -0.11
C PHE A 2548 -10.54 -42.66 -0.86
N ASP A 2549 -9.57 -42.20 -1.64
CA ASP A 2549 -8.77 -43.10 -2.48
C ASP A 2549 -7.59 -43.66 -1.71
N ASN A 2550 -6.77 -42.78 -1.13
CA ASN A 2550 -5.55 -43.18 -0.42
C ASN A 2550 -5.50 -42.64 1.00
N LYS A 2551 -6.59 -42.08 1.50
CA LYS A 2551 -6.60 -41.53 2.84
C LYS A 2551 -6.60 -42.65 3.88
N THR A 2552 -6.26 -42.28 5.12
CA THR A 2552 -6.18 -43.27 6.20
C THR A 2552 -7.54 -43.90 6.47
N VAL A 2553 -8.64 -43.23 6.15
CA VAL A 2553 -9.99 -43.72 6.40
C VAL A 2553 -10.65 -43.99 5.06
N SER A 2554 -11.21 -45.18 4.91
CA SER A 2554 -11.88 -45.57 3.67
C SER A 2554 -13.31 -45.04 3.65
N PHE A 2555 -13.93 -45.15 2.48
CA PHE A 2555 -15.32 -44.72 2.33
C PHE A 2555 -16.25 -45.53 3.22
N GLU A 2556 -15.98 -46.84 3.35
CA GLU A 2556 -16.80 -47.67 4.22
C GLU A 2556 -16.74 -47.19 5.66
N GLU A 2557 -15.54 -46.91 6.16
CA GLU A 2557 -15.40 -46.40 7.52
C GLU A 2557 -16.08 -45.03 7.66
N HIS A 2558 -15.93 -44.18 6.65
CA HIS A 2558 -16.54 -42.85 6.71
C HIS A 2558 -18.05 -42.95 6.83
N ILE A 2559 -18.66 -43.85 6.05
CA ILE A 2559 -20.11 -44.00 6.10
C ILE A 2559 -20.58 -44.82 7.29
N LYS A 2560 -19.70 -45.59 7.91
CA LYS A 2560 -20.09 -46.43 9.04
C LYS A 2560 -19.98 -45.70 10.37
N LEU A 2561 -18.94 -44.90 10.57
CA LEU A 2561 -18.66 -44.27 11.86
C LEU A 2561 -18.82 -42.76 11.81
N GLU A 2562 -18.11 -42.08 10.90
CA GLU A 2562 -18.11 -40.62 10.87
C GLU A 2562 -19.48 -40.06 10.55
N HIS A 2563 -19.98 -40.31 9.34
CA HIS A 2563 -21.26 -39.77 8.87
C HIS A 2563 -22.27 -40.91 8.77
N ASN A 2564 -22.99 -41.12 9.86
CA ASN A 2564 -24.03 -42.15 9.92
C ASN A 2564 -25.39 -41.47 10.09
N MET A 2565 -26.25 -41.61 9.08
CA MET A 2565 -27.58 -41.03 9.15
C MET A 2565 -28.31 -41.50 10.40
N TRP A 2566 -28.14 -42.77 10.78
CA TRP A 2566 -28.79 -43.28 11.97
C TRP A 2566 -28.24 -42.63 13.24
N ASN A 2567 -26.94 -42.36 13.27
CA ASN A 2567 -26.38 -41.63 14.40
C ASN A 2567 -26.96 -40.21 14.48
N TYR A 2568 -27.11 -39.55 13.33
CA TYR A 2568 -27.73 -38.23 13.33
C TYR A 2568 -29.16 -38.29 13.84
N LEU A 2569 -29.92 -39.31 13.41
CA LEU A 2569 -31.27 -39.48 13.91
C LEU A 2569 -31.29 -39.71 15.42
N TYR A 2570 -30.35 -40.52 15.92
CA TYR A 2570 -30.27 -40.75 17.36
C TYR A 2570 -29.97 -39.45 18.10
N PHE A 2571 -29.08 -38.63 17.55
CA PHE A 2571 -28.79 -37.35 18.18
C PHE A 2571 -30.02 -36.45 18.19
N ILE A 2572 -30.77 -36.44 17.09
CA ILE A 2572 -31.99 -35.63 17.04
C ILE A 2572 -32.98 -36.11 18.10
N VAL A 2573 -33.15 -37.43 18.23
CA VAL A 2573 -34.06 -37.97 19.24
C VAL A 2573 -33.59 -37.60 20.64
N LEU A 2574 -32.27 -37.70 20.88
CA LEU A 2574 -31.73 -37.34 22.19
C LEU A 2574 -31.99 -35.87 22.49
N VAL A 2575 -31.82 -34.99 21.51
CA VAL A 2575 -32.09 -33.57 21.72
C VAL A 2575 -33.56 -33.36 22.04
N ARG A 2576 -34.44 -34.04 21.31
CA ARG A 2576 -35.88 -33.84 21.50
C ARG A 2576 -36.34 -34.36 22.86
N VAL A 2577 -35.73 -35.44 23.36
CA VAL A 2577 -36.20 -36.05 24.60
C VAL A 2577 -35.54 -35.42 25.82
N LYS A 2578 -34.25 -35.11 25.73
CA LYS A 2578 -33.51 -34.60 26.89
C LYS A 2578 -34.05 -33.25 27.33
N ASN A 2579 -33.99 -33.01 28.64
CA ASN A 2579 -34.49 -31.77 29.21
C ASN A 2579 -33.65 -30.59 28.74
N LYS A 2580 -34.30 -29.44 28.61
CA LYS A 2580 -33.61 -28.24 28.14
C LYS A 2580 -32.51 -27.82 29.11
N THR A 2581 -32.78 -27.91 30.41
CA THR A 2581 -31.81 -27.45 31.41
C THR A 2581 -30.51 -28.23 31.31
N ASP A 2582 -30.55 -29.47 30.84
CA ASP A 2582 -29.36 -30.32 30.77
C ASP A 2582 -28.66 -30.27 29.42
N TYR A 2583 -29.15 -29.45 28.49
CA TYR A 2583 -28.50 -29.34 27.18
C TYR A 2583 -27.08 -28.79 27.34
N THR A 2584 -26.17 -29.30 26.53
CA THR A 2584 -24.82 -28.76 26.43
C THR A 2584 -24.80 -27.70 25.34
N GLY A 2585 -23.62 -27.18 25.01
CA GLY A 2585 -23.49 -26.16 24.00
C GLY A 2585 -23.95 -26.63 22.64
N PRO A 2586 -23.32 -27.70 22.13
CA PRO A 2586 -23.75 -28.24 20.84
C PRO A 2586 -25.21 -28.66 20.82
N GLU A 2587 -25.70 -29.27 21.90
CA GLU A 2587 -27.10 -29.69 21.93
C GLU A 2587 -28.03 -28.50 21.86
N SER A 2588 -27.73 -27.43 22.60
CA SER A 2588 -28.57 -26.24 22.55
C SER A 2588 -28.51 -25.59 21.18
N TYR A 2589 -27.33 -25.56 20.56
CA TYR A 2589 -27.22 -24.99 19.22
C TYR A 2589 -28.05 -25.78 18.22
N VAL A 2590 -27.98 -27.12 18.29
CA VAL A 2590 -28.76 -27.95 17.37
C VAL A 2590 -30.25 -27.77 17.63
N ALA A 2591 -30.65 -27.69 18.89
CA ALA A 2591 -32.06 -27.47 19.20
C ALA A 2591 -32.56 -26.14 18.66
N GLN A 2592 -31.74 -25.08 18.80
CA GLN A 2592 -32.12 -23.78 18.26
C GLN A 2592 -32.24 -23.83 16.74
N MET A 2593 -31.30 -24.49 16.08
CA MET A 2593 -31.37 -24.60 14.63
C MET A 2593 -32.61 -25.38 14.19
N ILE A 2594 -32.94 -26.46 14.91
CA ILE A 2594 -34.14 -27.22 14.60
C ILE A 2594 -35.39 -26.36 14.79
N LYS A 2595 -35.44 -25.59 15.88
CA LYS A 2595 -36.59 -24.73 16.14
C LYS A 2595 -36.74 -23.69 15.03
N ASN A 2596 -35.63 -23.11 14.60
CA ASN A 2596 -35.65 -22.14 13.50
C ASN A 2596 -35.82 -22.81 12.15
N LYS A 2597 -35.79 -24.14 12.08
CA LYS A 2597 -35.95 -24.87 10.83
C LYS A 2597 -34.82 -24.56 9.85
N ASN A 2598 -33.60 -24.65 10.33
CA ASN A 2598 -32.41 -24.47 9.50
C ASN A 2598 -31.60 -25.75 9.50
N LEU A 2599 -31.21 -26.21 8.31
CA LEU A 2599 -30.48 -27.46 8.14
C LEU A 2599 -29.01 -27.24 7.81
N ASP A 2600 -28.47 -26.08 8.18
CA ASP A 2600 -27.07 -25.77 7.87
C ASP A 2600 -26.09 -26.47 8.81
N TRP A 2601 -26.56 -27.07 9.91
CA TRP A 2601 -25.66 -27.74 10.82
C TRP A 2601 -25.20 -29.10 10.31
N PHE A 2602 -25.90 -29.66 9.31
CA PHE A 2602 -25.41 -30.87 8.67
C PHE A 2602 -24.17 -30.55 7.84
N PRO A 2603 -23.23 -31.49 7.73
CA PRO A 2603 -22.06 -31.27 6.88
C PRO A 2603 -22.43 -31.37 5.40
N ARG A 2604 -21.95 -30.41 4.62
CA ARG A 2604 -22.24 -30.34 3.19
C ARG A 2604 -20.92 -30.31 2.43
N MET A 2605 -20.57 -31.44 1.81
CA MET A 2605 -19.35 -31.55 1.02
C MET A 2605 -18.10 -31.24 1.85
N ARG A 2606 -18.15 -31.55 3.14
CA ARG A 2606 -17.03 -31.32 4.04
C ARG A 2606 -16.86 -32.50 4.97
N ALA A 2607 -15.61 -32.88 5.20
CA ALA A 2607 -15.28 -33.99 6.09
C ALA A 2607 -14.02 -33.65 6.88
N MET A 2608 -14.03 -33.95 8.18
CA MET A 2608 -12.87 -33.67 9.00
C MET A 2608 -11.67 -34.49 8.57
N SER A 2609 -11.90 -35.74 8.16
CA SER A 2609 -10.80 -36.57 7.71
C SER A 2609 -10.11 -35.96 6.49
N LEU A 2610 -10.89 -35.43 5.54
CA LEU A 2610 -10.30 -34.80 4.37
C LEU A 2610 -9.63 -33.48 4.73
N VAL A 2611 -10.27 -32.66 5.58
CA VAL A 2611 -9.72 -31.35 5.89
C VAL A 2611 -8.43 -31.50 6.69
N SER A 2612 -8.28 -32.58 7.46
CA SER A 2612 -7.05 -32.77 8.21
C SER A 2612 -5.83 -32.79 7.29
N ASN A 2613 -5.98 -33.37 6.09
CA ASN A 2613 -4.90 -33.41 5.11
C ASN A 2613 -4.92 -32.24 4.15
N GLU A 2614 -6.09 -31.65 3.90
CA GLU A 2614 -6.22 -30.52 2.99
C GLU A 2614 -5.96 -29.18 3.65
N GLY A 2615 -5.67 -29.16 4.96
CA GLY A 2615 -5.43 -27.90 5.63
C GLY A 2615 -4.25 -27.15 5.07
N GLU A 2616 -3.17 -27.85 4.76
CA GLU A 2616 -1.99 -27.19 4.21
C GLU A 2616 -2.31 -26.52 2.88
N GLY A 2617 -3.02 -27.23 1.99
CA GLY A 2617 -3.40 -26.63 0.73
C GLY A 2617 -4.38 -25.49 0.89
N GLU A 2618 -5.34 -25.64 1.80
CA GLU A 2618 -6.34 -24.59 2.01
C GLU A 2618 -5.69 -23.30 2.50
N GLN A 2619 -4.72 -23.42 3.40
CA GLN A 2619 -4.06 -22.25 3.99
C GLN A 2619 -3.01 -21.68 3.03
N ASN A 2620 -3.50 -21.25 1.85
CA ASN A 2620 -2.66 -20.62 0.84
C ASN A 2620 -3.04 -19.17 0.61
N GLU A 2621 -4.30 -18.90 0.25
CA GLU A 2621 -4.77 -17.53 0.10
C GLU A 2621 -5.02 -16.88 1.45
N ILE A 2622 -5.34 -17.67 2.48
CA ILE A 2622 -5.55 -17.11 3.81
C ILE A 2622 -4.28 -16.45 4.33
N ARG A 2623 -3.13 -17.11 4.13
CA ARG A 2623 -1.87 -16.52 4.58
C ARG A 2623 -1.58 -15.22 3.85
N ILE A 2624 -1.83 -15.18 2.53
CA ILE A 2624 -1.59 -13.95 1.77
C ILE A 2624 -2.50 -12.84 2.25
N LEU A 2625 -3.77 -13.16 2.50
CA LEU A 2625 -4.70 -12.15 3.00
C LEU A 2625 -4.28 -11.63 4.36
N GLN A 2626 -3.84 -12.53 5.25
CA GLN A 2626 -3.38 -12.10 6.56
C GLN A 2626 -2.15 -11.21 6.45
N ASP A 2627 -1.21 -11.56 5.57
CA ASP A 2627 -0.03 -10.73 5.38
C ASP A 2627 -0.41 -9.35 4.85
N LYS A 2628 -1.33 -9.30 3.89
CA LYS A 2628 -1.77 -8.01 3.35
C LYS A 2628 -2.44 -7.18 4.43
N LEU A 2629 -3.28 -7.80 5.25
CA LEU A 2629 -3.93 -7.07 6.34
C LEU A 2629 -2.91 -6.55 7.34
N ASN A 2630 -1.91 -7.36 7.67
CA ASN A 2630 -0.87 -6.91 8.60
C ASN A 2630 -0.09 -5.74 8.01
N SER A 2631 0.24 -5.81 6.72
CA SER A 2631 0.95 -4.71 6.08
C SER A 2631 0.12 -3.44 6.09
N THR A 2632 -1.18 -3.55 5.80
CA THR A 2632 -2.06 -2.39 5.82
C THR A 2632 -2.14 -1.80 7.23
N MET A 2633 -2.25 -2.66 8.24
CA MET A 2633 -2.30 -2.17 9.62
C MET A 2633 -1.00 -1.46 10.00
N LYS A 2634 0.14 -2.01 9.59
CA LYS A 2634 1.42 -1.37 9.88
C LYS A 2634 1.51 -0.02 9.18
N LEU A 2635 1.06 0.06 7.92
CA LEU A 2635 1.08 1.34 7.22
C LEU A 2635 0.18 2.36 7.89
N VAL A 2636 -1.00 1.93 8.34
CA VAL A 2636 -1.91 2.83 9.03
C VAL A 2636 -1.29 3.33 10.32
N SER A 2637 -0.65 2.43 11.08
CA SER A 2637 0.00 2.84 12.32
C SER A 2637 1.13 3.82 12.06
N HIS A 2638 1.92 3.58 11.02
CA HIS A 2638 3.00 4.50 10.68
C HIS A 2638 2.45 5.87 10.28
N LEU A 2639 1.37 5.89 9.50
CA LEU A 2639 0.76 7.16 9.12
C LEU A 2639 0.24 7.90 10.35
N THR A 2640 -0.40 7.18 11.27
CA THR A 2640 -0.91 7.81 12.49
C THR A 2640 0.23 8.37 13.33
N ALA A 2641 1.34 7.63 13.44
CA ALA A 2641 2.49 8.12 14.18
C ALA A 2641 3.07 9.37 13.53
N GLN A 2642 3.18 9.37 12.20
CA GLN A 2642 3.69 10.55 11.50
C GLN A 2642 2.77 11.75 11.73
N LEU A 2643 1.46 11.54 11.66
CA LEU A 2643 0.52 12.63 11.89
C LEU A 2643 0.64 13.16 13.31
N ASN A 2644 0.78 12.27 14.29
CA ASN A 2644 0.94 12.70 15.67
C ASN A 2644 2.22 13.50 15.86
N GLU A 2645 3.32 13.04 15.24
CA GLU A 2645 4.57 13.76 15.34
C GLU A 2645 4.45 15.15 14.69
N LEU A 2646 3.80 15.23 13.54
CA LEU A 2646 3.61 16.52 12.89
C LEU A 2646 2.77 17.45 13.76
N LYS A 2647 1.71 16.93 14.36
CA LYS A 2647 0.88 17.75 15.24
C LYS A 2647 1.68 18.24 16.45
N GLU A 2648 2.48 17.36 17.04
CA GLU A 2648 3.29 17.76 18.18
C GLU A 2648 4.29 18.84 17.79
N GLN A 2649 4.93 18.69 16.64
CA GLN A 2649 5.88 19.69 16.17
C GLN A 2649 5.18 21.03 15.93
N MET A 2650 4.00 21.00 15.32
CA MET A 2650 3.26 22.23 15.09
C MET A 2650 2.87 22.90 16.39
N THR A 2651 2.44 22.12 17.37
CA THR A 2651 2.04 22.66 18.67
C THR A 2651 3.24 23.26 19.39
N SER B 5 24.64 32.81 -6.89
CA SER B 5 24.87 32.24 -8.21
C SER B 5 23.61 31.56 -8.73
N SER B 6 23.20 31.92 -9.94
CA SER B 6 22.02 31.35 -10.55
C SER B 6 22.15 31.39 -12.07
N PHE B 7 21.36 30.57 -12.73
CA PHE B 7 21.35 30.50 -14.19
C PHE B 7 20.39 31.53 -14.76
N LEU B 8 20.54 31.78 -16.06
CA LEU B 8 19.67 32.71 -16.79
C LEU B 8 18.50 31.94 -17.37
N HIS B 9 17.29 32.36 -17.02
CA HIS B 9 16.07 31.70 -17.45
C HIS B 9 15.27 32.61 -18.38
N ILE B 10 14.60 32.01 -19.35
CA ILE B 10 13.74 32.76 -20.25
C ILE B 10 12.61 33.39 -19.46
N GLY B 11 12.34 34.67 -19.73
CA GLY B 11 11.34 35.43 -19.01
C GLY B 11 11.89 36.31 -17.91
N ASP B 12 13.16 36.15 -17.54
CA ASP B 12 13.77 36.99 -16.51
C ASP B 12 13.99 38.40 -17.04
N ILE B 13 13.84 39.37 -16.15
CA ILE B 13 14.12 40.77 -16.46
C ILE B 13 15.56 41.05 -16.06
N VAL B 14 16.37 41.47 -17.03
CA VAL B 14 17.80 41.66 -16.82
C VAL B 14 18.21 43.01 -17.38
N SER B 15 19.39 43.45 -16.96
CA SER B 15 20.01 44.68 -17.43
C SER B 15 21.35 44.35 -18.07
N LEU B 16 21.70 45.09 -19.10
CA LEU B 16 22.95 44.88 -19.83
C LEU B 16 23.88 46.05 -19.54
N TYR B 17 25.08 45.74 -19.04
CA TYR B 17 26.09 46.75 -18.74
C TYR B 17 27.24 46.57 -19.73
N ALA B 18 27.42 47.55 -20.61
CA ALA B 18 28.50 47.49 -21.58
C ALA B 18 29.84 47.75 -20.90
N GLU B 19 30.83 46.91 -21.20
CA GLU B 19 32.20 47.11 -20.72
C GLU B 19 33.13 46.99 -21.93
N GLY B 20 33.32 48.11 -22.62
CA GLY B 20 34.21 48.18 -23.77
C GLY B 20 34.90 49.52 -23.86
N SER B 21 34.83 50.14 -25.05
CA SER B 21 35.38 51.48 -25.20
C SER B 21 34.68 52.47 -24.27
N VAL B 22 33.35 52.34 -24.14
CA VAL B 22 32.57 53.17 -23.25
C VAL B 22 31.78 52.25 -22.32
N ASN B 23 31.81 52.55 -21.03
CA ASN B 23 31.16 51.72 -20.01
C ASN B 23 29.85 52.36 -19.57
N GLY B 24 28.79 51.60 -19.64
CA GLY B 24 27.49 52.08 -19.20
C GLY B 24 26.39 51.13 -19.59
N PHE B 25 25.20 51.40 -19.04
CA PHE B 25 24.02 50.60 -19.32
C PHE B 25 23.42 51.00 -20.66
N ILE B 26 22.53 50.15 -21.15
CA ILE B 26 21.77 50.42 -22.38
C ILE B 26 20.52 51.19 -22.00
N SER B 27 20.34 52.35 -22.62
CA SER B 27 19.20 53.22 -22.34
C SER B 27 18.56 53.63 -23.67
N THR B 28 17.31 54.08 -23.58
CA THR B 28 16.54 54.52 -24.73
C THR B 28 16.04 55.94 -24.49
N LEU B 29 16.13 56.76 -25.52
CA LEU B 29 15.66 58.13 -25.42
C LEU B 29 14.15 58.15 -25.23
N GLY B 30 13.67 59.13 -24.46
CA GLY B 30 12.25 59.23 -24.16
C GLY B 30 11.41 59.44 -25.40
N LEU B 31 10.11 59.68 -25.19
CA LEU B 31 9.18 59.93 -26.29
C LEU B 31 9.06 58.69 -27.16
N VAL B 32 8.85 58.88 -28.46
CA VAL B 32 8.70 57.78 -29.41
C VAL B 32 10.02 57.48 -30.13
N ASP B 33 11.13 58.00 -29.62
CA ASP B 33 12.42 57.75 -30.25
C ASP B 33 12.76 56.27 -30.16
N ASP B 34 13.33 55.74 -31.24
CA ASP B 34 13.67 54.32 -31.35
C ASP B 34 15.18 54.12 -31.46
N ARG B 35 15.95 54.89 -30.69
CA ARG B 35 17.40 54.81 -30.69
C ARG B 35 17.88 54.32 -29.34
N CYS B 36 18.78 53.35 -29.34
CA CYS B 36 19.39 52.81 -28.14
C CYS B 36 20.73 53.48 -27.92
N VAL B 37 20.96 53.99 -26.71
CA VAL B 37 22.16 54.74 -26.38
C VAL B 37 22.72 54.25 -25.05
N VAL B 38 23.99 54.58 -24.81
CA VAL B 38 24.68 54.27 -23.56
C VAL B 38 25.15 55.57 -22.95
N GLU B 39 24.85 55.77 -21.67
CA GLU B 39 25.21 57.00 -20.97
C GLU B 39 26.18 56.68 -19.84
N PRO B 40 27.50 56.78 -20.07
CA PRO B 40 28.45 56.41 -19.01
C PRO B 40 28.31 57.24 -17.74
N ALA B 41 27.95 58.51 -17.86
CA ALA B 41 27.86 59.40 -16.71
C ALA B 41 26.58 59.18 -15.89
N ALA B 42 25.60 58.46 -16.43
CA ALA B 42 24.36 58.24 -15.69
C ALA B 42 24.61 57.47 -14.41
N GLY B 43 25.44 56.42 -14.48
CA GLY B 43 25.71 55.62 -13.30
C GLY B 43 26.57 54.43 -13.66
N ASP B 44 26.82 53.61 -12.63
CA ASP B 44 27.62 52.39 -12.80
C ASP B 44 26.98 51.25 -12.03
N LEU B 45 27.68 50.11 -11.97
CA LEU B 45 27.14 48.95 -11.25
C LEU B 45 26.93 49.26 -9.78
N ASP B 46 27.91 49.92 -9.15
CA ASP B 46 27.79 50.26 -7.74
C ASP B 46 26.77 51.37 -7.50
N ASN B 47 26.63 52.29 -8.45
CA ASN B 47 25.71 53.43 -8.34
C ASN B 47 24.85 53.46 -9.60
N PRO B 48 23.79 52.67 -9.65
CA PRO B 48 22.95 52.62 -10.84
C PRO B 48 22.26 53.95 -11.09
N PRO B 49 21.87 54.23 -12.33
CA PRO B 49 21.21 55.51 -12.62
C PRO B 49 19.88 55.63 -11.90
N LYS B 50 19.50 56.88 -11.62
CA LYS B 50 18.25 57.14 -10.90
C LYS B 50 17.06 56.60 -11.69
N LYS B 51 17.04 56.81 -13.00
CA LYS B 51 15.97 56.31 -13.85
C LYS B 51 16.31 54.87 -14.27
N PHE B 52 16.23 53.97 -13.30
CA PHE B 52 16.55 52.55 -13.53
C PHE B 52 15.31 51.77 -13.96
N ARG B 53 14.64 52.28 -14.99
CA ARG B 53 13.56 51.55 -15.66
C ARG B 53 13.69 51.53 -17.17
N ASP B 54 14.46 52.45 -17.76
CA ASP B 54 14.73 52.44 -19.19
C ASP B 54 15.81 51.45 -19.57
N CYS B 55 16.52 50.88 -18.60
CA CYS B 55 17.63 49.98 -18.84
C CYS B 55 17.27 48.52 -18.56
N LEU B 56 15.99 48.20 -18.42
CA LEU B 56 15.54 46.86 -18.09
C LEU B 56 15.05 46.16 -19.36
N PHE B 57 15.51 44.94 -19.57
CA PHE B 57 15.13 44.12 -20.71
C PHE B 57 14.68 42.75 -20.23
N LYS B 58 13.81 42.13 -21.01
CA LYS B 58 13.32 40.78 -20.75
C LYS B 58 13.80 39.85 -21.85
N VAL B 59 14.18 38.64 -21.44
CA VAL B 59 14.68 37.64 -22.38
C VAL B 59 13.50 36.83 -22.93
N CYS B 60 13.43 36.71 -24.24
CA CYS B 60 12.36 35.96 -24.89
C CYS B 60 12.94 34.99 -25.90
N PRO B 61 12.23 33.90 -26.20
CA PRO B 61 12.74 32.93 -27.17
C PRO B 61 12.57 33.42 -28.60
N MET B 62 13.12 32.65 -29.53
CA MET B 62 13.01 32.98 -30.94
C MET B 62 11.56 32.96 -31.38
N ASN B 63 11.20 33.89 -32.25
CA ASN B 63 9.87 33.96 -32.84
C ASN B 63 9.98 33.85 -34.35
N ARG B 64 8.89 33.36 -34.96
CA ARG B 64 8.83 33.16 -36.40
C ARG B 64 8.09 34.32 -37.04
N TYR B 65 8.70 34.93 -38.06
CA TYR B 65 8.15 36.10 -38.72
C TYR B 65 8.03 35.91 -40.23
N SER B 66 8.04 34.67 -40.71
CA SER B 66 7.96 34.45 -42.15
C SER B 66 6.64 34.94 -42.73
N ALA B 67 5.52 34.52 -42.13
CA ALA B 67 4.22 34.93 -42.63
C ALA B 67 4.03 36.43 -42.48
N GLN B 68 4.46 37.00 -41.35
CA GLN B 68 4.34 38.44 -41.16
C GLN B 68 5.14 39.20 -42.20
N LYS B 69 6.37 38.74 -42.49
CA LYS B 69 7.19 39.40 -43.50
C LYS B 69 6.54 39.31 -44.87
N GLN B 70 5.99 38.14 -45.22
CA GLN B 70 5.33 38.01 -46.50
C GLN B 70 4.11 38.93 -46.59
N TYR B 71 3.33 39.02 -45.52
CA TYR B 71 2.18 39.91 -45.51
C TYR B 71 2.60 41.36 -45.67
N TRP B 72 3.67 41.77 -44.97
CA TRP B 72 4.17 43.13 -45.11
C TRP B 72 4.63 43.40 -46.53
N LYS B 73 5.35 42.44 -47.13
CA LYS B 73 5.81 42.62 -48.50
C LYS B 73 4.66 42.76 -49.48
N ALA B 74 3.62 41.94 -49.31
CA ALA B 74 2.45 42.04 -50.18
C ALA B 74 1.74 43.37 -49.98
N LYS B 75 1.59 43.81 -48.73
CA LYS B 75 0.90 45.07 -48.46
C LYS B 75 1.67 46.25 -49.05
N GLN B 76 2.99 46.26 -48.91
CA GLN B 76 3.82 47.32 -49.47
C GLN B 76 3.90 47.19 -50.99
N ASP B 86 -6.18 40.36 -55.68
CA ASP B 86 -5.10 40.58 -54.74
C ASP B 86 -5.64 40.84 -53.33
N VAL B 87 -6.88 41.32 -53.25
CA VAL B 87 -7.48 41.60 -51.95
C VAL B 87 -7.63 40.32 -51.15
N VAL B 88 -8.10 39.25 -51.80
CA VAL B 88 -8.27 37.97 -51.11
C VAL B 88 -6.92 37.44 -50.64
N LEU B 89 -5.89 37.55 -51.49
CA LEU B 89 -4.56 37.11 -51.11
C LEU B 89 -4.05 37.89 -49.90
N LEU B 90 -4.25 39.22 -49.91
CA LEU B 90 -3.80 40.03 -48.79
C LEU B 90 -4.54 39.66 -47.50
N GLN B 91 -5.85 39.42 -47.60
CA GLN B 91 -6.62 39.03 -46.42
C GLN B 91 -6.15 37.69 -45.87
N LYS B 92 -5.89 36.73 -46.75
CA LYS B 92 -5.41 35.43 -46.28
C LYS B 92 -4.02 35.54 -45.67
N LEU B 93 -3.17 36.39 -46.25
CA LEU B 93 -1.85 36.62 -45.66
C LEU B 93 -1.98 37.25 -44.27
N GLN B 94 -2.91 38.18 -44.11
CA GLN B 94 -3.14 38.78 -42.80
C GLN B 94 -3.60 37.74 -41.79
N HIS B 95 -4.52 36.86 -42.22
CA HIS B 95 -4.98 35.79 -41.33
C HIS B 95 -3.83 34.87 -40.94
N ALA B 96 -2.99 34.52 -41.91
CA ALA B 96 -1.83 33.67 -41.62
C ALA B 96 -0.88 34.36 -40.64
N ALA B 97 -0.67 35.66 -40.81
CA ALA B 97 0.19 36.40 -39.89
C ALA B 97 -0.38 36.41 -38.48
N GLN B 98 -1.69 36.60 -38.36
CA GLN B 98 -2.32 36.56 -37.04
C GLN B 98 -2.17 35.18 -36.41
N MET B 99 -2.37 34.12 -37.19
CA MET B 99 -2.21 32.77 -36.68
C MET B 99 -0.77 32.53 -36.24
N GLU B 100 0.19 33.03 -37.01
CA GLU B 100 1.60 32.89 -36.63
C GLU B 100 1.89 33.63 -35.34
N GLN B 101 1.30 34.82 -35.16
CA GLN B 101 1.48 35.55 -33.92
C GLN B 101 0.92 34.77 -32.73
N LYS B 102 -0.27 34.19 -32.90
CA LYS B 102 -0.84 33.37 -31.82
C LYS B 102 0.06 32.18 -31.51
N GLN B 103 0.58 31.52 -32.55
CA GLN B 103 1.46 30.38 -32.34
C GLN B 103 2.73 30.80 -31.61
N ASN B 104 3.28 31.96 -31.97
CA ASN B 104 4.47 32.46 -31.29
C ASN B 104 4.17 32.74 -29.82
N ASP B 105 3.01 33.34 -29.53
CA ASP B 105 2.65 33.58 -28.14
C ASP B 105 2.52 32.27 -27.37
N THR B 106 1.89 31.26 -27.98
CA THR B 106 1.76 29.96 -27.32
C THR B 106 3.12 29.34 -27.08
N GLU B 107 4.02 29.43 -28.06
CA GLU B 107 5.36 28.87 -27.91
C GLU B 107 6.12 29.59 -26.80
N ASN B 108 5.99 30.91 -26.72
CA ASN B 108 6.62 31.65 -25.63
C ASN B 108 6.08 31.21 -24.28
N LYS B 109 4.75 31.04 -24.17
CA LYS B 109 4.18 30.57 -22.92
C LYS B 109 4.69 29.18 -22.55
N LYS B 110 4.82 28.29 -23.54
CA LYS B 110 5.25 26.92 -23.25
C LYS B 110 6.73 26.86 -22.88
N VAL B 111 7.56 27.68 -23.52
CA VAL B 111 9.01 27.64 -23.31
C VAL B 111 9.38 28.55 -22.14
N HIS B 112 8.39 29.25 -21.58
CA HIS B 112 8.65 30.12 -20.45
C HIS B 112 9.29 29.37 -19.30
N GLY B 113 10.33 29.95 -18.72
CA GLY B 113 11.04 29.35 -17.61
C GLY B 113 12.21 28.47 -17.96
N ASP B 114 12.45 28.22 -19.26
CA ASP B 114 13.55 27.36 -19.65
C ASP B 114 14.88 28.10 -19.52
N VAL B 115 15.95 27.32 -19.30
CA VAL B 115 17.28 27.91 -19.11
C VAL B 115 17.87 28.30 -20.45
N VAL B 116 18.66 29.37 -20.45
CA VAL B 116 19.32 29.86 -21.65
C VAL B 116 20.74 29.31 -21.69
N LYS B 117 21.13 28.76 -22.84
CA LYS B 117 22.45 28.18 -23.04
C LYS B 117 23.24 29.00 -24.04
N TYR B 118 24.56 29.01 -23.88
CA TYR B 118 25.42 29.76 -24.78
C TYR B 118 25.27 29.24 -26.21
N GLY B 119 25.32 30.16 -27.17
CA GLY B 119 25.11 29.84 -28.55
C GLY B 119 23.66 29.80 -28.98
N SER B 120 22.73 30.06 -28.07
CA SER B 120 21.31 30.03 -28.38
C SER B 120 20.83 31.40 -28.84
N VAL B 121 19.69 31.40 -29.52
CA VAL B 121 19.09 32.61 -30.08
C VAL B 121 18.04 33.12 -29.11
N ILE B 122 18.10 34.42 -28.81
CA ILE B 122 17.18 35.07 -27.89
C ILE B 122 16.76 36.41 -28.47
N GLN B 123 15.79 37.03 -27.81
CA GLN B 123 15.35 38.38 -28.12
C GLN B 123 15.29 39.19 -26.83
N LEU B 124 15.55 40.49 -26.94
CA LEU B 124 15.58 41.40 -25.81
C LEU B 124 14.42 42.38 -25.95
N LEU B 125 13.42 42.22 -25.10
CA LEU B 125 12.24 43.09 -25.09
C LEU B 125 12.45 44.19 -24.06
N HIS B 126 12.60 45.42 -24.54
CA HIS B 126 12.62 46.61 -23.68
C HIS B 126 11.21 46.82 -23.16
N MET B 127 11.04 46.71 -21.83
CA MET B 127 9.71 46.67 -21.23
C MET B 127 9.05 48.04 -21.25
N LYS B 128 9.80 49.09 -20.92
CA LYS B 128 9.21 50.42 -20.81
C LYS B 128 8.55 50.83 -22.11
N SER B 129 9.23 50.61 -23.24
CA SER B 129 8.64 50.84 -24.55
C SER B 129 7.91 49.62 -25.09
N ASN B 130 8.05 48.46 -24.44
CA ASN B 130 7.43 47.23 -24.91
C ASN B 130 7.82 46.95 -26.35
N LYS B 131 9.11 47.06 -26.65
CA LYS B 131 9.62 46.92 -28.01
C LYS B 131 10.83 45.98 -28.03
N TYR B 132 10.90 45.13 -29.05
CA TYR B 132 12.04 44.26 -29.22
C TYR B 132 13.22 45.00 -29.82
N LEU B 133 14.43 44.69 -29.36
CA LEU B 133 15.63 45.30 -29.89
C LEU B 133 16.01 44.59 -31.20
N THR B 134 16.14 45.36 -32.27
CA THR B 134 16.38 44.82 -33.60
C THR B 134 17.61 45.47 -34.22
N VAL B 135 18.23 44.74 -35.14
CA VAL B 135 19.38 45.23 -35.90
C VAL B 135 19.05 45.07 -37.38
N ASN B 136 19.17 46.15 -38.13
CA ASN B 136 18.85 46.16 -39.56
C ASN B 136 20.15 46.12 -40.35
N LYS B 137 20.28 45.12 -41.21
CA LYS B 137 21.46 44.96 -42.05
C LYS B 137 21.39 45.79 -43.33
N ARG B 138 20.24 46.41 -43.61
CA ARG B 138 20.05 47.22 -44.81
C ARG B 138 19.99 48.71 -44.51
N LEU B 139 20.42 49.13 -43.31
CA LEU B 139 20.40 50.52 -42.93
C LEU B 139 21.67 50.86 -42.16
N PRO B 140 22.52 51.76 -42.68
CA PRO B 140 23.71 52.16 -41.92
C PRO B 140 23.34 53.01 -40.70
N ALA B 141 24.22 52.99 -39.71
CA ALA B 141 23.99 53.76 -38.51
C ALA B 141 24.02 55.25 -38.82
N LEU B 142 23.30 56.03 -37.99
CA LEU B 142 23.16 57.46 -38.25
C LEU B 142 24.51 58.16 -38.23
N LEU B 143 25.34 57.86 -37.23
CA LEU B 143 26.64 58.52 -37.07
C LEU B 143 27.77 57.72 -37.69
N GLU B 144 27.96 56.48 -37.24
CA GLU B 144 29.05 55.63 -37.75
C GLU B 144 28.57 54.96 -39.02
N LYS B 145 28.93 55.54 -40.17
CA LYS B 145 28.45 55.05 -41.45
C LYS B 145 28.98 53.66 -41.79
N ASN B 146 30.01 53.19 -41.09
CA ASN B 146 30.58 51.86 -41.33
C ASN B 146 29.92 50.79 -40.48
N ALA B 147 28.89 51.13 -39.70
CA ALA B 147 28.19 50.19 -38.84
C ALA B 147 26.70 50.25 -39.13
N MET B 148 26.02 49.12 -38.92
CA MET B 148 24.60 49.04 -39.18
C MET B 148 23.81 49.64 -38.02
N ARG B 149 22.49 49.64 -38.16
CA ARG B 149 21.61 50.40 -37.29
C ARG B 149 20.86 49.48 -36.34
N VAL B 150 20.91 49.81 -35.04
CA VAL B 150 20.19 49.10 -34.00
C VAL B 150 19.06 50.01 -33.51
N THR B 151 17.84 49.48 -33.51
CA THR B 151 16.65 50.25 -33.13
C THR B 151 15.72 49.36 -32.32
N LEU B 152 14.52 49.87 -32.05
CA LEU B 152 13.48 49.16 -31.33
C LEU B 152 12.25 49.07 -32.22
N ASP B 153 11.68 47.87 -32.31
CA ASP B 153 10.52 47.61 -33.14
C ASP B 153 9.43 46.98 -32.30
N ALA B 154 8.19 47.44 -32.47
CA ALA B 154 7.08 46.91 -31.68
C ALA B 154 6.79 45.47 -32.05
N THR B 155 6.41 45.23 -33.31
CA THR B 155 6.09 43.87 -33.73
C THR B 155 7.34 42.99 -33.77
N GLY B 156 8.47 43.53 -34.20
CA GLY B 156 9.69 42.76 -34.32
C GLY B 156 9.84 42.13 -35.69
N ASN B 157 11.08 41.76 -36.00
CA ASN B 157 11.41 41.11 -37.27
C ASN B 157 12.54 40.11 -37.01
N GLU B 158 13.09 39.57 -38.10
CA GLU B 158 14.19 38.61 -37.98
C GLU B 158 15.46 39.25 -37.41
N GLY B 159 15.55 40.57 -37.38
CA GLY B 159 16.71 41.22 -36.80
C GLY B 159 16.76 41.20 -35.29
N SER B 160 15.66 40.81 -34.65
CA SER B 160 15.64 40.74 -33.19
C SER B 160 16.42 39.53 -32.67
N TRP B 161 16.66 38.53 -33.51
CA TRP B 161 17.38 37.35 -33.08
C TRP B 161 18.81 37.71 -32.71
N LEU B 162 19.28 37.17 -31.59
CA LEU B 162 20.63 37.42 -31.11
C LEU B 162 21.21 36.13 -30.57
N PHE B 163 22.31 35.67 -31.16
CA PHE B 163 23.09 34.60 -30.55
C PHE B 163 23.74 35.12 -29.28
N ILE B 164 23.61 34.36 -28.20
CA ILE B 164 24.22 34.70 -26.91
C ILE B 164 25.52 33.91 -26.84
N GLN B 165 26.63 34.54 -27.28
CA GLN B 165 27.90 33.86 -27.39
C GLN B 165 28.79 34.17 -26.19
N PRO B 166 29.69 33.25 -25.82
CA PRO B 166 30.59 33.51 -24.70
C PRO B 166 31.59 34.62 -25.03
N PHE B 167 32.01 35.31 -23.98
CA PHE B 167 33.11 36.28 -24.05
C PHE B 167 34.38 35.75 -23.39
N TRP B 168 34.24 35.04 -22.27
CA TRP B 168 35.36 34.40 -21.62
C TRP B 168 35.62 33.03 -22.24
N LYS B 169 36.85 32.55 -22.06
CA LYS B 169 37.25 31.25 -22.59
C LYS B 169 36.92 30.10 -21.66
N LEU B 170 36.46 30.37 -20.43
CA LEU B 170 36.04 29.32 -19.53
C LEU B 170 34.61 28.86 -19.77
N ARG B 171 33.90 29.49 -20.70
CA ARG B 171 32.55 29.11 -21.07
C ARG B 171 32.55 28.57 -22.49
N SER B 172 31.76 27.52 -22.71
CA SER B 172 31.70 26.85 -24.00
C SER B 172 30.24 26.74 -24.46
N ASN B 173 30.07 26.58 -25.77
CA ASN B 173 28.73 26.43 -26.33
C ASN B 173 28.03 25.23 -25.72
N GLY B 174 26.73 25.39 -25.44
CA GLY B 174 25.95 24.37 -24.78
C GLY B 174 25.93 24.48 -23.27
N ASP B 175 26.75 25.36 -22.68
CA ASP B 175 26.77 25.55 -21.25
C ASP B 175 25.73 26.59 -20.84
N ASN B 176 25.17 26.39 -19.65
CA ASN B 176 24.15 27.31 -19.15
C ASN B 176 24.76 28.67 -18.84
N VAL B 177 23.99 29.73 -19.12
CA VAL B 177 24.43 31.09 -18.87
C VAL B 177 24.23 31.41 -17.40
N VAL B 178 25.27 31.90 -16.74
CA VAL B 178 25.24 32.23 -15.32
C VAL B 178 25.08 33.73 -15.16
N VAL B 179 24.20 34.14 -14.25
CA VAL B 179 23.98 35.56 -13.99
C VAL B 179 25.30 36.23 -13.64
N GLY B 180 25.47 37.48 -14.08
CA GLY B 180 26.68 38.22 -13.84
C GLY B 180 27.76 38.02 -14.87
N ASP B 181 27.55 37.12 -15.84
CA ASP B 181 28.56 36.86 -16.85
C ASP B 181 28.59 37.96 -17.91
N LYS B 182 29.74 38.11 -18.54
CA LYS B 182 29.91 38.97 -19.70
C LYS B 182 29.77 38.14 -20.96
N VAL B 183 28.90 38.56 -21.87
CA VAL B 183 28.53 37.81 -23.06
C VAL B 183 28.64 38.73 -24.27
N ILE B 184 28.42 38.14 -25.45
CA ILE B 184 28.38 38.85 -26.71
C ILE B 184 27.04 38.59 -27.36
N LEU B 185 26.38 39.64 -27.82
CA LEU B 185 25.08 39.53 -28.48
C LEU B 185 25.30 39.71 -29.98
N ASN B 186 25.35 38.59 -30.70
CA ASN B 186 25.67 38.63 -32.12
C ASN B 186 24.41 38.45 -32.95
N PRO B 187 23.97 39.45 -33.73
CA PRO B 187 22.77 39.26 -34.54
C PRO B 187 22.92 38.09 -35.51
N VAL B 188 21.83 37.34 -35.69
CA VAL B 188 21.86 36.18 -36.56
C VAL B 188 22.10 36.59 -38.00
N ASN B 189 21.39 37.62 -38.47
CA ASN B 189 21.46 38.03 -39.86
C ASN B 189 22.64 38.96 -40.13
N ALA B 190 22.76 40.05 -39.35
CA ALA B 190 23.88 40.97 -39.55
C ALA B 190 25.21 40.27 -39.32
N GLY B 191 25.30 39.46 -38.27
CA GLY B 191 26.50 38.70 -38.01
C GLY B 191 27.65 39.48 -37.41
N GLN B 192 27.39 40.68 -36.88
CA GLN B 192 28.43 41.51 -36.30
C GLN B 192 28.01 41.94 -34.90
N PRO B 193 28.82 41.71 -33.87
CA PRO B 193 28.37 41.95 -32.50
C PRO B 193 27.99 43.41 -32.26
N LEU B 194 27.06 43.60 -31.34
CA LEU B 194 26.67 44.94 -30.92
C LEU B 194 27.88 45.68 -30.35
N HIS B 195 27.99 46.96 -30.68
CA HIS B 195 29.11 47.79 -30.28
C HIS B 195 28.59 49.09 -29.69
N ALA B 196 29.14 49.46 -28.52
CA ALA B 196 28.82 50.74 -27.88
C ALA B 196 29.84 51.75 -28.38
N SER B 197 29.49 52.45 -29.45
CA SER B 197 30.44 53.36 -30.08
C SER B 197 30.69 54.57 -29.19
N ASN B 198 31.81 55.24 -29.45
CA ASN B 198 32.20 56.43 -28.70
C ASN B 198 31.58 57.70 -29.28
N TYR B 199 30.87 57.61 -30.39
CA TYR B 199 30.23 58.78 -30.98
C TYR B 199 29.16 59.32 -30.04
N GLU B 200 29.07 60.64 -29.95
CA GLU B 200 28.12 61.31 -29.07
C GLU B 200 27.03 61.96 -29.91
N LEU B 201 25.77 61.73 -29.54
CA LEU B 201 24.65 62.31 -30.26
C LEU B 201 24.61 63.82 -30.06
N SER B 202 24.38 64.56 -31.14
CA SER B 202 24.30 66.01 -31.03
C SER B 202 23.09 66.44 -30.21
N ASP B 203 21.94 65.78 -30.42
CA ASP B 203 20.72 66.17 -29.74
C ASP B 203 20.85 66.01 -28.23
N ASN B 204 21.42 64.89 -27.79
CA ASN B 204 21.57 64.59 -26.37
C ASN B 204 23.04 64.48 -26.02
N ALA B 205 23.47 65.26 -25.03
CA ALA B 205 24.86 65.25 -24.60
C ALA B 205 25.11 64.17 -23.56
N GLY B 206 26.31 63.60 -23.60
CA GLY B 206 26.67 62.56 -22.67
C GLY B 206 26.16 61.18 -23.01
N CYS B 207 25.50 61.01 -24.15
CA CYS B 207 24.96 59.73 -24.57
C CYS B 207 25.77 59.21 -25.75
N LYS B 208 25.97 57.89 -25.78
CA LYS B 208 26.76 57.23 -26.82
C LYS B 208 25.89 56.26 -27.59
N GLU B 209 26.16 56.13 -28.88
CA GLU B 209 25.34 55.32 -29.76
C GLU B 209 25.66 53.84 -29.62
N VAL B 210 24.68 53.00 -29.94
CA VAL B 210 24.84 51.55 -30.01
C VAL B 210 24.56 51.13 -31.45
N ASN B 211 25.51 50.42 -32.04
CA ASN B 211 25.40 49.99 -33.43
C ASN B 211 25.82 48.53 -33.58
N SER B 212 25.94 48.06 -34.81
CA SER B 212 26.34 46.68 -35.10
C SER B 212 27.60 46.71 -35.96
N VAL B 213 28.74 46.36 -35.36
CA VAL B 213 30.01 46.31 -36.08
C VAL B 213 30.98 45.51 -35.24
N ASN B 214 31.95 44.88 -35.90
CA ASN B 214 32.94 44.08 -35.19
C ASN B 214 33.70 44.92 -34.18
N CYS B 215 33.84 44.39 -32.97
CA CYS B 215 34.52 45.09 -31.89
C CYS B 215 34.88 44.06 -30.82
N ASN B 216 35.32 44.55 -29.66
CA ASN B 216 35.63 43.71 -28.51
C ASN B 216 34.69 44.01 -27.34
N THR B 217 33.53 44.59 -27.64
CA THR B 217 32.59 44.97 -26.58
C THR B 217 31.99 43.74 -25.93
N SER B 218 31.77 43.81 -24.62
CA SER B 218 31.13 42.76 -23.86
C SER B 218 29.98 43.35 -23.06
N TRP B 219 28.96 42.54 -22.83
CA TRP B 219 27.78 42.96 -22.07
C TRP B 219 27.65 42.09 -20.83
N LYS B 220 27.77 42.70 -19.66
CA LYS B 220 27.54 42.00 -18.41
C LYS B 220 26.04 41.94 -18.13
N ILE B 221 25.57 40.74 -17.78
CA ILE B 221 24.14 40.50 -17.55
C ILE B 221 23.91 40.60 -16.05
N ASN B 222 23.10 41.58 -15.64
CA ASN B 222 22.75 41.77 -14.24
C ASN B 222 21.28 41.40 -14.04
N LEU B 223 21.02 40.53 -13.07
CA LEU B 223 19.67 40.06 -12.80
C LEU B 223 18.91 41.08 -11.98
N PHE B 224 17.69 41.41 -12.42
CA PHE B 224 16.81 42.32 -11.72
C PHE B 224 15.61 41.61 -11.10
N MET B 225 14.99 40.69 -11.83
CA MET B 225 13.85 39.93 -11.33
C MET B 225 13.79 38.62 -12.09
N GLN B 226 13.14 37.62 -11.48
CA GLN B 226 13.04 36.30 -12.07
C GLN B 226 11.63 36.03 -12.56
N PHE B 227 11.51 35.00 -13.41
CA PHE B 227 10.20 34.65 -13.96
C PHE B 227 9.23 34.24 -12.87
N ARG B 228 9.70 33.46 -11.89
CA ARG B 228 8.84 33.04 -10.79
C ARG B 228 8.40 34.22 -9.93
N ASP B 229 9.20 35.28 -9.85
CA ASP B 229 8.82 36.49 -9.14
C ASP B 229 8.05 37.46 -10.03
N HIS B 230 7.94 37.19 -11.32
CA HIS B 230 7.21 38.06 -12.24
C HIS B 230 5.71 37.85 -12.19
N LEU B 231 5.20 37.27 -11.10
CA LEU B 231 3.77 37.07 -10.95
C LEU B 231 3.04 38.41 -10.91
N GLU B 232 1.88 38.46 -11.55
CA GLU B 232 1.07 39.67 -11.59
C GLU B 232 0.18 39.83 -10.37
N GLU B 233 0.12 38.82 -9.50
CA GLU B 233 -0.76 38.84 -8.34
C GLU B 233 -0.03 39.25 -7.06
N VAL B 234 1.22 39.71 -7.18
CA VAL B 234 2.03 40.08 -6.04
C VAL B 234 2.66 41.44 -6.31
N LEU B 235 3.10 42.10 -5.24
CA LEU B 235 3.74 43.40 -5.33
C LEU B 235 5.21 43.20 -5.73
N LYS B 236 5.62 43.86 -6.81
CA LYS B 236 6.95 43.71 -7.36
C LYS B 236 7.65 45.07 -7.41
N GLY B 237 8.98 45.02 -7.38
CA GLY B 237 9.76 46.24 -7.49
C GLY B 237 9.56 46.90 -8.85
N GLY B 238 9.54 48.23 -8.83
CA GLY B 238 9.32 49.00 -10.05
C GLY B 238 7.87 49.16 -10.44
N ASP B 239 6.93 48.58 -9.70
CA ASP B 239 5.53 48.72 -10.01
C ASP B 239 5.03 50.13 -9.66
N VAL B 240 4.09 50.62 -10.45
CA VAL B 240 3.51 51.95 -10.24
C VAL B 240 2.12 51.75 -9.64
N VAL B 241 1.91 52.31 -8.45
CA VAL B 241 0.67 52.12 -7.70
C VAL B 241 0.26 53.45 -7.07
N ARG B 242 -0.99 53.49 -6.62
CA ARG B 242 -1.55 54.63 -5.90
C ARG B 242 -1.82 54.23 -4.47
N LEU B 243 -1.53 55.14 -3.53
CA LEU B 243 -1.74 54.93 -2.11
C LEU B 243 -3.00 55.66 -1.69
N PHE B 244 -4.07 54.91 -1.45
CA PHE B 244 -5.37 55.47 -1.12
C PHE B 244 -5.66 55.26 0.35
N HIS B 245 -5.71 56.37 1.10
CA HIS B 245 -6.09 56.35 2.51
C HIS B 245 -7.61 56.22 2.57
N ALA B 246 -8.08 55.09 3.13
CA ALA B 246 -9.52 54.79 3.09
C ALA B 246 -10.29 55.65 4.08
N GLU B 247 -9.75 55.84 5.28
CA GLU B 247 -10.48 56.58 6.30
C GLU B 247 -10.79 58.00 5.83
N GLN B 248 -9.79 58.68 5.28
CA GLN B 248 -10.03 59.97 4.66
C GLN B 248 -10.62 59.83 3.26
N GLU B 249 -10.51 58.66 2.64
CA GLU B 249 -10.97 58.44 1.28
C GLU B 249 -10.27 59.40 0.32
N LYS B 250 -8.94 59.40 0.38
CA LYS B 250 -8.13 60.34 -0.40
C LYS B 250 -6.85 59.68 -0.86
N PHE B 251 -6.35 60.13 -2.02
CA PHE B 251 -5.11 59.61 -2.57
C PHE B 251 -3.92 60.42 -2.08
N LEU B 252 -2.77 59.76 -1.97
CA LEU B 252 -1.54 60.43 -1.56
C LEU B 252 -0.91 61.11 -2.78
N THR B 253 -0.68 62.42 -2.68
CA THR B 253 -0.17 63.21 -3.78
C THR B 253 1.04 64.02 -3.32
N CYS B 254 1.89 64.37 -4.28
CA CYS B 254 3.04 65.24 -4.04
C CYS B 254 3.05 66.32 -5.11
N ASP B 255 2.86 67.57 -4.68
CA ASP B 255 2.74 68.68 -5.62
C ASP B 255 3.55 69.86 -5.11
N GLU B 256 3.89 70.75 -6.05
CA GLU B 256 4.63 71.97 -5.74
C GLU B 256 3.62 73.07 -5.40
N TYR B 257 3.62 73.54 -4.15
CA TYR B 257 2.68 74.57 -3.71
C TYR B 257 3.28 75.96 -3.89
N LYS B 258 4.37 76.25 -3.17
CA LYS B 258 5.11 77.51 -3.33
C LYS B 258 6.60 77.17 -3.49
N GLY B 259 7.01 76.95 -4.74
CA GLY B 259 8.42 76.73 -5.04
C GLY B 259 9.06 75.60 -4.27
N LYS B 260 8.25 74.62 -3.84
CA LYS B 260 8.76 73.51 -3.06
C LYS B 260 7.78 72.34 -3.14
N LEU B 261 8.33 71.13 -3.20
CA LEU B 261 7.51 69.93 -3.28
C LEU B 261 7.01 69.55 -1.90
N GLN B 262 5.70 69.30 -1.79
CA GLN B 262 5.07 68.90 -0.54
C GLN B 262 4.12 67.74 -0.79
N VAL B 263 4.11 66.79 0.14
CA VAL B 263 3.25 65.62 0.09
C VAL B 263 2.02 65.88 0.97
N PHE B 264 0.89 65.31 0.56
CA PHE B 264 -0.37 65.57 1.23
C PHE B 264 -1.43 64.59 0.71
N LEU B 265 -2.65 64.76 1.20
CA LEU B 265 -3.82 64.05 0.70
C LEU B 265 -4.74 65.06 0.04
N ARG B 266 -5.13 64.79 -1.20
CA ARG B 266 -5.91 65.74 -1.99
C ARG B 266 -7.40 65.49 -1.76
N THR B 267 -8.13 66.56 -1.47
CA THR B 267 -9.58 66.48 -1.26
C THR B 267 -10.28 66.65 -2.60
N THR B 268 -11.26 65.77 -2.87
CA THR B 268 -12.00 65.78 -4.13
C THR B 268 -13.48 65.94 -3.84
N LEU B 269 -14.16 66.75 -4.64
CA LEU B 269 -15.60 66.95 -4.53
C LEU B 269 -16.39 65.89 -5.29
N ARG B 270 -15.71 64.99 -5.99
CA ARG B 270 -16.41 63.96 -6.75
C ARG B 270 -17.16 63.01 -5.81
N GLN B 271 -18.30 62.53 -6.27
CA GLN B 271 -19.09 61.60 -5.46
C GLN B 271 -18.30 60.32 -5.22
N SER B 272 -17.63 59.80 -6.24
CA SER B 272 -16.80 58.60 -6.12
C SER B 272 -15.38 59.05 -5.80
N ALA B 273 -14.97 58.87 -4.55
CA ALA B 273 -13.64 59.29 -4.13
C ALA B 273 -12.54 58.49 -4.79
N THR B 274 -12.82 57.27 -5.23
CA THR B 274 -11.82 56.42 -5.87
C THR B 274 -11.57 56.79 -7.32
N SER B 275 -12.41 57.63 -7.91
CA SER B 275 -12.26 58.05 -9.31
C SER B 275 -11.45 59.32 -9.46
N ALA B 276 -10.96 59.90 -8.36
CA ALA B 276 -10.17 61.12 -8.41
C ALA B 276 -8.69 60.79 -8.66
N THR B 277 -8.44 60.16 -9.79
CA THR B 277 -7.09 59.73 -10.15
C THR B 277 -6.33 60.88 -10.80
N SER B 278 -5.09 61.07 -10.37
CA SER B 278 -4.22 62.10 -10.91
C SER B 278 -2.83 61.52 -11.17
N SER B 279 -2.13 62.13 -12.12
CA SER B 279 -0.80 61.66 -12.47
C SER B 279 0.22 61.91 -11.37
N ASN B 280 -0.03 62.88 -10.48
CA ASN B 280 0.88 63.17 -9.39
C ASN B 280 0.71 62.23 -8.21
N ALA B 281 -0.28 61.33 -8.25
CA ALA B 281 -0.50 60.37 -7.19
C ALA B 281 0.16 59.03 -7.47
N LEU B 282 0.92 58.92 -8.56
CA LEU B 282 1.57 57.67 -8.94
C LEU B 282 2.91 57.56 -8.22
N TRP B 283 3.12 56.43 -7.55
CA TRP B 283 4.34 56.16 -6.80
C TRP B 283 4.95 54.86 -7.28
N GLU B 284 6.28 54.82 -7.33
CA GLU B 284 7.02 53.64 -7.74
C GLU B 284 7.56 52.93 -6.50
N VAL B 285 7.34 51.63 -6.42
CA VAL B 285 7.76 50.82 -5.27
C VAL B 285 9.11 50.21 -5.59
N GLU B 286 10.08 50.42 -4.71
CA GLU B 286 11.43 49.88 -4.85
C GLU B 286 11.74 49.04 -3.64
N VAL B 287 12.14 47.79 -3.87
CA VAL B 287 12.55 46.88 -2.81
C VAL B 287 14.04 47.00 -2.61
N VAL B 288 14.47 47.16 -1.36
CA VAL B 288 15.87 47.39 -1.04
C VAL B 288 16.56 46.04 -0.82
N HIS B 289 17.60 45.78 -1.59
CA HIS B 289 18.44 44.60 -1.43
C HIS B 289 19.90 45.01 -1.34
N HIS B 290 20.76 44.05 -1.02
CA HIS B 290 22.18 44.34 -0.97
C HIS B 290 22.71 44.76 -2.33
N ASP B 291 22.28 44.08 -3.38
CA ASP B 291 22.69 44.44 -4.73
C ASP B 291 21.81 45.58 -5.24
N PRO B 292 22.37 46.76 -5.53
CA PRO B 292 21.52 47.88 -5.97
C PRO B 292 20.84 47.65 -7.31
N CYS B 293 21.31 46.69 -8.11
CA CYS B 293 20.76 46.44 -9.44
C CYS B 293 19.69 45.36 -9.44
N ARG B 294 19.33 44.82 -8.27
CA ARG B 294 18.36 43.74 -8.17
C ARG B 294 17.13 44.22 -7.42
N GLY B 295 15.96 43.79 -7.89
CA GLY B 295 14.70 44.11 -7.24
C GLY B 295 14.09 42.90 -6.55
N GLY B 296 13.11 42.30 -7.19
CA GLY B 296 12.48 41.10 -6.68
C GLY B 296 11.13 41.39 -6.03
N ALA B 297 10.36 40.32 -5.86
CA ALA B 297 9.05 40.44 -5.22
C ALA B 297 9.19 40.88 -3.78
N GLY B 298 8.25 41.71 -3.32
CA GLY B 298 8.32 42.24 -1.98
C GLY B 298 7.90 41.23 -0.93
N HIS B 299 8.39 41.45 0.29
CA HIS B 299 8.04 40.63 1.44
C HIS B 299 7.58 41.54 2.58
N TRP B 300 6.70 41.00 3.42
CA TRP B 300 6.18 41.79 4.54
C TRP B 300 7.29 42.23 5.49
N ASN B 301 8.37 41.46 5.56
CA ASN B 301 9.48 41.76 6.46
C ASN B 301 10.58 42.55 5.78
N GLY B 302 10.40 42.93 4.51
CA GLY B 302 11.41 43.66 3.78
C GLY B 302 11.31 45.16 3.97
N LEU B 303 12.18 45.87 3.26
CA LEU B 303 12.22 47.32 3.27
C LEU B 303 11.82 47.84 1.90
N TYR B 304 11.12 48.97 1.89
CA TYR B 304 10.57 49.55 0.67
C TYR B 304 10.92 51.03 0.58
N ARG B 305 11.07 51.51 -0.65
CA ARG B 305 11.22 52.93 -0.95
C ARG B 305 10.16 53.33 -1.96
N PHE B 306 9.66 54.55 -1.82
CA PHE B 306 8.64 55.09 -2.71
C PHE B 306 9.18 56.31 -3.41
N LYS B 307 9.12 56.29 -4.74
CA LYS B 307 9.62 57.37 -5.58
C LYS B 307 8.47 58.00 -6.35
N HIS B 308 8.42 59.32 -6.36
CA HIS B 308 7.40 60.04 -7.12
C HIS B 308 7.72 59.92 -8.61
N LEU B 309 6.90 59.15 -9.32
CA LEU B 309 7.18 58.86 -10.72
C LEU B 309 7.15 60.11 -11.59
N ALA B 310 6.35 61.11 -11.23
CA ALA B 310 6.23 62.32 -12.03
C ALA B 310 7.28 63.36 -11.70
N THR B 311 8.06 63.18 -10.63
CA THR B 311 9.04 64.16 -10.22
C THR B 311 10.38 63.52 -9.90
N GLY B 312 10.37 62.26 -9.47
CA GLY B 312 11.57 61.55 -9.12
C GLY B 312 11.99 61.65 -7.66
N ASN B 313 11.31 62.47 -6.87
CA ASN B 313 11.65 62.60 -5.47
C ASN B 313 11.22 61.36 -4.69
N TYR B 314 11.88 61.14 -3.55
CA TYR B 314 11.63 59.99 -2.70
C TYR B 314 10.90 60.43 -1.43
N LEU B 315 9.89 59.66 -1.05
CA LEU B 315 9.14 59.96 0.17
C LEU B 315 10.03 59.76 1.40
N ALA B 316 9.92 60.69 2.35
CA ALA B 316 10.72 60.65 3.56
C ALA B 316 10.03 61.47 4.63
N ALA B 317 10.62 61.49 5.82
CA ALA B 317 10.09 62.22 6.97
C ALA B 317 11.16 63.14 7.54
N GLU B 318 10.74 64.27 8.09
CA GLU B 318 11.64 65.24 8.68
C GLU B 318 11.02 65.80 9.95
N GLU B 319 11.85 66.43 10.76
CA GLU B 319 11.40 66.99 12.03
C GLU B 319 10.27 67.99 11.80
N ASN B 320 9.25 67.93 12.66
CA ASN B 320 8.14 68.85 12.57
C ASN B 320 8.62 70.26 12.95
N PRO B 321 8.41 71.28 12.11
CA PRO B 321 8.87 72.62 12.48
C PRO B 321 8.29 73.12 13.80
N SER B 322 7.03 72.82 14.09
CA SER B 322 6.38 73.32 15.29
C SER B 322 6.42 72.31 16.44
N TYR B 323 5.75 71.18 16.28
CA TYR B 323 5.70 70.16 17.33
C TYR B 323 5.11 70.73 18.61
N GLU B 348 2.39 70.45 17.19
CA GLU B 348 1.18 69.66 17.40
C GLU B 348 1.53 68.23 17.77
N LYS B 349 0.56 67.32 17.66
CA LYS B 349 0.78 65.92 17.97
C LYS B 349 1.79 65.26 17.05
N ILE B 350 2.01 65.83 15.86
CA ILE B 350 2.92 65.23 14.89
C ILE B 350 4.35 65.52 15.31
N LYS B 351 5.18 64.48 15.34
CA LYS B 351 6.60 64.63 15.64
C LYS B 351 7.43 64.84 14.38
N TYR B 352 7.15 64.08 13.33
CA TYR B 352 7.79 64.26 12.04
C TYR B 352 6.73 64.33 10.95
N CYS B 353 7.01 65.13 9.92
CA CYS B 353 6.09 65.33 8.81
C CYS B 353 6.69 64.76 7.53
N LEU B 354 5.85 64.08 6.76
CA LEU B 354 6.28 63.50 5.49
C LEU B 354 6.65 64.60 4.50
N VAL B 355 7.74 64.37 3.76
CA VAL B 355 8.21 65.29 2.75
C VAL B 355 8.77 64.48 1.58
N ALA B 356 9.22 65.18 0.55
CA ALA B 356 9.78 64.57 -0.65
C ALA B 356 11.22 65.06 -0.81
N VAL B 357 12.17 64.21 -0.42
CA VAL B 357 13.59 64.55 -0.54
C VAL B 357 14.05 64.29 -1.97
N PRO B 358 15.09 64.97 -2.44
CA PRO B 358 15.53 64.73 -3.83
C PRO B 358 16.23 63.41 -4.02
N HIS B 359 17.08 62.99 -3.08
CA HIS B 359 17.86 61.78 -3.19
C HIS B 359 17.33 60.73 -2.22
N GLY B 360 17.28 59.47 -2.69
CA GLY B 360 16.78 58.39 -1.88
C GLY B 360 17.86 57.41 -1.45
N ASN B 361 19.09 57.87 -1.38
CA ASN B 361 20.21 57.06 -0.94
C ASN B 361 20.40 57.06 0.57
N ASP B 362 19.65 57.89 1.30
CA ASP B 362 19.75 57.97 2.74
C ASP B 362 18.77 57.00 3.39
N ILE B 363 18.95 56.77 4.70
CA ILE B 363 18.08 55.86 5.43
C ILE B 363 16.77 56.50 5.86
N ALA B 364 16.61 57.81 5.64
CA ALA B 364 15.39 58.50 6.03
C ALA B 364 14.22 58.20 5.11
N SER B 365 14.46 57.52 3.98
CA SER B 365 13.41 57.20 3.02
C SER B 365 13.04 55.72 3.04
N LEU B 366 13.37 55.02 4.12
CA LEU B 366 13.10 53.59 4.24
C LEU B 366 11.79 53.39 4.99
N PHE B 367 10.91 52.57 4.43
CA PHE B 367 9.63 52.23 5.04
C PHE B 367 9.44 50.72 5.03
N GLU B 368 8.63 50.24 5.98
CA GLU B 368 8.27 48.83 6.06
C GLU B 368 6.77 48.72 6.23
N LEU B 369 6.22 47.62 5.72
CA LEU B 369 4.77 47.39 5.69
C LEU B 369 4.34 46.53 6.86
N ASP B 370 3.10 46.76 7.30
CA ASP B 370 2.49 46.00 8.39
C ASP B 370 1.11 45.56 7.93
N PRO B 371 0.86 44.25 7.81
CA PRO B 371 -0.47 43.82 7.34
C PRO B 371 -1.56 44.16 8.34
N THR B 372 -2.76 44.39 7.81
CA THR B 372 -3.92 44.71 8.62
C THR B 372 -4.73 43.48 9.00
N THR B 373 -4.34 42.30 8.56
CA THR B 373 -5.08 41.08 8.84
C THR B 373 -4.08 39.93 9.00
N LEU B 374 -4.60 38.70 9.02
CA LEU B 374 -3.78 37.51 9.16
C LEU B 374 -3.43 36.99 7.78
N GLN B 375 -2.17 37.15 7.38
CA GLN B 375 -1.71 36.72 6.07
C GLN B 375 -1.13 35.31 6.14
N LYS B 376 -0.91 34.72 4.97
CA LYS B 376 -0.37 33.36 4.85
C LYS B 376 1.15 33.43 5.00
N THR B 377 1.59 33.75 6.21
CA THR B 377 3.01 33.88 6.52
C THR B 377 3.64 35.01 5.72
N ASP B 378 4.87 35.38 6.08
CA ASP B 378 5.59 36.46 5.39
C ASP B 378 6.22 35.94 4.10
N SER B 379 5.35 35.51 3.18
CA SER B 379 5.79 34.97 1.90
C SER B 379 5.79 36.03 0.81
N PHE B 380 4.64 36.63 0.55
CA PHE B 380 4.50 37.62 -0.52
C PHE B 380 3.49 38.67 -0.08
N VAL B 381 3.51 39.80 -0.77
CA VAL B 381 2.59 40.90 -0.52
C VAL B 381 1.60 40.99 -1.67
N PRO B 382 0.38 40.49 -1.53
CA PRO B 382 -0.58 40.56 -2.63
C PRO B 382 -0.91 42.00 -2.99
N ARG B 383 -1.15 42.24 -4.28
CA ARG B 383 -1.57 43.55 -4.72
C ARG B 383 -3.00 43.82 -4.28
N ASN B 384 -3.34 45.11 -4.17
CA ASN B 384 -4.66 45.54 -3.73
C ASN B 384 -4.94 45.03 -2.31
N SER B 385 -3.98 45.24 -1.43
CA SER B 385 -4.08 44.85 -0.02
C SER B 385 -3.77 46.03 0.87
N TYR B 386 -4.58 46.21 1.90
CA TYR B 386 -4.37 47.31 2.84
C TYR B 386 -3.10 47.07 3.64
N VAL B 387 -2.32 48.15 3.83
CA VAL B 387 -1.07 48.08 4.56
C VAL B 387 -0.91 49.32 5.42
N ARG B 388 -0.04 49.23 6.41
CA ARG B 388 0.33 50.36 7.26
C ARG B 388 1.82 50.62 7.10
N LEU B 389 2.19 51.89 7.02
CA LEU B 389 3.56 52.30 6.75
C LEU B 389 4.23 52.76 8.04
N ARG B 390 5.45 52.28 8.27
CA ARG B 390 6.25 52.66 9.43
C ARG B 390 7.60 53.19 8.96
N HIS B 391 8.08 54.23 9.64
CA HIS B 391 9.37 54.83 9.34
C HIS B 391 10.44 54.10 10.17
N LEU B 392 11.32 53.37 9.49
CA LEU B 392 12.29 52.53 10.20
C LEU B 392 13.25 53.37 11.03
N CYS B 393 13.72 54.50 10.49
CA CYS B 393 14.74 55.27 11.18
C CYS B 393 14.23 55.77 12.53
N THR B 394 12.99 56.27 12.57
CA THR B 394 12.43 56.82 13.80
C THR B 394 11.46 55.87 14.48
N ASN B 395 11.12 54.74 13.85
CA ASN B 395 10.18 53.77 14.43
C ASN B 395 8.86 54.45 14.78
N THR B 396 8.22 55.02 13.76
CA THR B 396 6.97 55.73 13.91
C THR B 396 5.99 55.29 12.83
N TRP B 397 4.70 55.42 13.12
CA TRP B 397 3.64 55.02 12.21
C TRP B 397 2.98 56.26 11.60
N ILE B 398 2.66 56.18 10.31
CA ILE B 398 2.10 57.29 9.58
C ILE B 398 0.61 57.41 9.86
N GLN B 399 0.10 58.65 9.81
CA GLN B 399 -1.32 58.91 10.00
C GLN B 399 -1.65 60.23 9.33
N SER B 400 -2.94 60.46 9.13
CA SER B 400 -3.44 61.65 8.46
C SER B 400 -3.96 62.65 9.48
N THR B 401 -4.00 63.91 9.04
CA THR B 401 -4.48 65.01 9.89
C THR B 401 -5.32 65.95 9.03
N ASN B 402 -6.15 66.74 9.71
CA ASN B 402 -7.04 67.67 9.05
C ASN B 402 -6.42 69.06 8.87
N VAL B 403 -5.16 69.24 9.25
CA VAL B 403 -4.50 70.54 9.13
C VAL B 403 -4.26 70.82 7.65
N PRO B 404 -4.81 71.90 7.08
CA PRO B 404 -4.54 72.19 5.67
C PRO B 404 -3.18 72.86 5.48
N ILE B 405 -2.38 72.32 4.57
CA ILE B 405 -1.10 72.94 4.25
C ILE B 405 -1.32 74.31 3.61
N ASP B 406 -2.25 74.38 2.65
CA ASP B 406 -2.54 75.63 1.95
C ASP B 406 -3.69 76.35 2.66
N ILE B 407 -3.45 76.67 3.93
CA ILE B 407 -4.47 77.31 4.75
C ILE B 407 -4.78 78.71 4.24
N GLU B 408 -3.79 79.41 3.68
CA GLU B 408 -3.98 80.79 3.22
C GLU B 408 -4.50 80.83 1.78
N GLU B 409 -5.56 80.07 1.52
CA GLU B 409 -6.19 80.07 0.21
C GLU B 409 -7.63 79.61 0.37
N GLU B 410 -8.46 79.92 -0.62
CA GLU B 410 -9.83 79.45 -0.64
C GLU B 410 -9.88 77.98 -1.08
N ARG B 411 -10.80 77.23 -0.49
CA ARG B 411 -10.97 75.81 -0.83
C ARG B 411 -9.66 75.05 -0.61
N PRO B 412 -9.22 74.90 0.64
CA PRO B 412 -8.05 74.05 0.89
C PRO B 412 -8.29 72.63 0.42
N ILE B 413 -7.25 72.02 -0.16
CA ILE B 413 -7.37 70.67 -0.71
C ILE B 413 -6.19 69.81 -0.25
N ARG B 414 -5.16 70.43 0.31
CA ARG B 414 -3.95 69.73 0.71
C ARG B 414 -3.98 69.49 2.21
N LEU B 415 -3.85 68.23 2.62
CA LEU B 415 -3.89 67.83 4.02
C LEU B 415 -2.55 67.23 4.41
N MET B 416 -2.00 67.68 5.54
CA MET B 416 -0.71 67.21 6.00
C MET B 416 -0.83 65.83 6.65
N LEU B 417 0.17 64.99 6.45
CA LEU B 417 0.33 63.73 7.14
C LEU B 417 1.46 63.85 8.16
N GLY B 418 1.49 62.91 9.10
CA GLY B 418 2.51 62.95 10.14
C GLY B 418 2.73 61.59 10.74
N THR B 419 3.94 61.37 11.26
CA THR B 419 4.30 60.12 11.90
C THR B 419 4.29 60.30 13.42
N CYS B 420 3.70 59.33 14.11
CA CYS B 420 3.61 59.35 15.57
C CYS B 420 4.18 58.06 16.14
N PRO B 421 4.72 58.10 17.35
CA PRO B 421 5.26 56.87 17.95
C PRO B 421 4.20 55.82 18.24
N THR B 422 2.94 56.22 18.36
CA THR B 422 1.87 55.30 18.70
C THR B 422 1.16 54.82 17.43
N LYS B 423 0.91 53.51 17.35
CA LYS B 423 0.29 52.93 16.18
C LYS B 423 -1.22 53.15 16.20
N GLU B 424 -1.79 53.42 15.03
CA GLU B 424 -3.23 53.53 14.85
C GLU B 424 -3.68 52.48 13.85
N ASP B 425 -4.70 51.70 14.23
CA ASP B 425 -5.14 50.61 13.37
C ASP B 425 -5.94 51.11 12.17
N LYS B 426 -6.68 52.20 12.33
CA LYS B 426 -7.50 52.70 11.23
C LYS B 426 -6.68 53.38 10.14
N GLU B 427 -5.44 53.79 10.45
CA GLU B 427 -4.60 54.47 9.47
C GLU B 427 -3.97 53.42 8.57
N ALA B 428 -4.66 53.10 7.47
CA ALA B 428 -4.22 52.11 6.52
C ALA B 428 -4.32 52.67 5.11
N PHE B 429 -3.44 52.20 4.23
CA PHE B 429 -3.39 52.63 2.84
C PHE B 429 -3.63 51.43 1.95
N ALA B 430 -4.53 51.58 0.97
CA ALA B 430 -4.75 50.58 -0.05
C ALA B 430 -3.87 50.88 -1.26
N ILE B 431 -3.41 49.81 -1.91
CA ILE B 431 -2.52 49.91 -3.06
C ILE B 431 -3.37 49.65 -4.30
N VAL B 432 -3.57 50.68 -5.12
CA VAL B 432 -4.39 50.58 -6.32
C VAL B 432 -3.49 50.50 -7.54
N SER B 433 -3.77 49.56 -8.43
CA SER B 433 -2.96 49.37 -9.62
C SER B 433 -3.15 50.54 -10.59
N VAL B 434 -2.18 50.71 -11.48
CA VAL B 434 -2.18 51.82 -12.43
C VAL B 434 -1.95 51.26 -13.84
N PRO B 435 -2.75 51.64 -14.83
CA PRO B 435 -2.58 51.07 -16.16
C PRO B 435 -1.28 51.49 -16.84
N VAL B 436 -0.77 50.58 -17.67
CA VAL B 436 0.45 50.87 -18.44
C VAL B 436 0.21 52.04 -19.38
N SER B 437 -1.02 52.19 -19.87
CA SER B 437 -1.33 53.34 -20.72
C SER B 437 -1.09 54.64 -19.96
N GLU B 438 -1.59 54.74 -18.73
CA GLU B 438 -1.36 55.93 -17.93
C GLU B 438 0.12 56.10 -17.61
N ILE B 439 0.82 55.00 -17.33
CA ILE B 439 2.25 55.11 -17.03
C ILE B 439 3.00 55.70 -18.22
N ARG B 440 2.76 55.17 -19.42
CA ARG B 440 3.43 55.67 -20.61
C ARG B 440 3.05 57.12 -20.89
N ASP B 441 1.77 57.46 -20.71
CA ASP B 441 1.34 58.83 -20.92
C ASP B 441 2.08 59.78 -19.98
N LEU B 442 2.20 59.39 -18.70
CA LEU B 442 2.92 60.22 -17.75
C LEU B 442 4.38 60.37 -18.14
N ASP B 443 5.02 59.29 -18.57
CA ASP B 443 6.42 59.38 -18.97
C ASP B 443 6.58 60.35 -20.15
N PHE B 444 5.72 60.21 -21.16
CA PHE B 444 5.78 61.09 -22.31
C PHE B 444 5.55 62.54 -21.91
N ALA B 445 4.57 62.78 -21.04
CA ALA B 445 4.27 64.14 -20.60
C ALA B 445 5.44 64.74 -19.85
N ASN B 446 6.08 63.96 -18.98
CA ASN B 446 7.23 64.47 -18.23
C ASN B 446 8.37 64.82 -19.18
N ASP B 447 8.67 63.95 -20.14
CA ASP B 447 9.73 64.24 -21.09
C ASP B 447 9.43 65.50 -21.89
N ALA B 448 8.18 65.62 -22.37
CA ALA B 448 7.81 66.80 -23.15
C ALA B 448 7.89 68.06 -22.31
N SER B 449 7.47 67.99 -21.04
CA SER B 449 7.53 69.16 -20.17
C SER B 449 8.97 69.58 -19.94
N SER B 450 9.87 68.62 -19.72
CA SER B 450 11.27 68.97 -19.53
C SER B 450 11.84 69.62 -20.77
N MET B 451 11.57 69.06 -21.94
CA MET B 451 12.10 69.62 -23.18
C MET B 451 11.54 71.03 -23.43
N LEU B 452 10.24 71.22 -23.18
CA LEU B 452 9.65 72.54 -23.37
C LEU B 452 10.20 73.55 -22.38
N ALA B 453 10.47 73.12 -21.14
CA ALA B 453 11.09 74.02 -20.18
C ALA B 453 12.48 74.44 -20.64
N SER B 454 13.27 73.49 -21.16
CA SER B 454 14.58 73.84 -21.68
C SER B 454 14.46 74.81 -22.85
N ALA B 455 13.51 74.57 -23.76
CA ALA B 455 13.34 75.47 -24.90
C ALA B 455 12.92 76.86 -24.43
N VAL B 456 12.03 76.95 -23.44
CA VAL B 456 11.61 78.24 -22.91
C VAL B 456 12.78 78.95 -22.27
N GLU B 457 13.62 78.22 -21.54
CA GLU B 457 14.79 78.83 -20.93
C GLU B 457 15.72 79.40 -22.00
N LYS B 458 15.96 78.65 -23.07
CA LYS B 458 16.80 79.15 -24.15
C LYS B 458 16.18 80.39 -24.81
N LEU B 459 14.87 80.35 -25.05
CA LEU B 459 14.21 81.49 -25.68
C LEU B 459 14.29 82.73 -24.80
N ASN B 460 14.09 82.56 -23.50
CA ASN B 460 14.21 83.68 -22.57
C ASN B 460 15.64 84.20 -22.53
N GLU B 461 16.63 83.30 -22.61
CA GLU B 461 18.02 83.75 -22.73
C GLU B 461 18.20 84.61 -23.96
N GLY B 462 17.62 84.19 -25.09
CA GLY B 462 17.57 85.04 -26.27
C GLY B 462 18.01 84.38 -27.56
N PHE B 463 18.91 83.40 -27.48
CA PHE B 463 19.47 82.76 -28.66
C PHE B 463 19.05 81.31 -28.71
N ILE B 464 18.48 80.91 -29.85
CA ILE B 464 18.06 79.53 -30.09
C ILE B 464 18.65 79.10 -31.43
N SER B 465 19.28 77.94 -31.44
CA SER B 465 19.90 77.43 -32.66
C SER B 465 18.83 76.85 -33.59
N GLN B 466 19.22 76.69 -34.86
CA GLN B 466 18.32 76.10 -35.85
C GLN B 466 17.93 74.68 -35.45
N ASN B 467 18.91 73.89 -35.00
CA ASN B 467 18.61 72.52 -34.58
C ASN B 467 17.66 72.50 -33.39
N ASP B 468 17.88 73.39 -32.41
CA ASP B 468 16.99 73.46 -31.26
C ASP B 468 15.59 73.86 -31.67
N ARG B 469 15.47 74.82 -32.60
CA ARG B 469 14.15 75.24 -33.07
C ARG B 469 13.44 74.10 -33.78
N ARG B 470 14.17 73.35 -34.62
CA ARG B 470 13.56 72.21 -35.30
C ARG B 470 13.13 71.14 -34.31
N PHE B 471 13.94 70.89 -33.29
CA PHE B 471 13.56 69.92 -32.27
C PHE B 471 12.30 70.37 -31.53
N VAL B 472 12.21 71.66 -31.22
CA VAL B 472 11.02 72.18 -30.54
C VAL B 472 9.80 72.03 -31.42
N ILE B 473 9.94 72.30 -32.71
CA ILE B 473 8.81 72.15 -33.63
C ILE B 473 8.36 70.69 -33.70
N GLN B 474 9.33 69.77 -33.78
CA GLN B 474 8.98 68.35 -33.81
C GLN B 474 8.30 67.92 -32.52
N LEU B 475 8.78 68.42 -31.38
CA LEU B 475 8.15 68.09 -30.11
C LEU B 475 6.73 68.62 -30.05
N LEU B 476 6.50 69.83 -30.56
CA LEU B 476 5.15 70.37 -30.57
C LEU B 476 4.23 69.55 -31.46
N GLU B 477 4.73 69.11 -32.62
CA GLU B 477 3.92 68.24 -33.48
C GLU B 477 3.59 66.94 -32.77
N ASP B 478 4.57 66.35 -32.09
CA ASP B 478 4.33 65.11 -31.36
C ASP B 478 3.29 65.33 -30.26
N LEU B 479 3.37 66.45 -29.55
CA LEU B 479 2.37 66.76 -28.53
C LEU B 479 0.99 66.91 -29.13
N VAL B 480 0.89 67.58 -30.29
CA VAL B 480 -0.40 67.73 -30.95
C VAL B 480 -0.98 66.35 -31.28
N PHE B 481 -0.15 65.48 -31.86
CA PHE B 481 -0.63 64.13 -32.20
C PHE B 481 -1.05 63.37 -30.96
N PHE B 482 -0.25 63.45 -29.89
CA PHE B 482 -0.56 62.73 -28.66
C PHE B 482 -1.88 63.19 -28.06
N VAL B 483 -2.09 64.51 -28.00
CA VAL B 483 -3.32 65.04 -27.43
C VAL B 483 -4.52 64.67 -28.31
N SER B 484 -4.36 64.77 -29.63
CA SER B 484 -5.46 64.41 -30.52
C SER B 484 -5.78 62.92 -30.45
N ASP B 485 -4.79 62.10 -30.09
CA ASP B 485 -4.98 60.65 -29.97
C ASP B 485 -5.36 60.02 -31.30
N VAL B 486 -4.85 60.58 -32.40
CA VAL B 486 -5.12 60.06 -33.73
C VAL B 486 -3.83 59.51 -34.32
N PRO B 487 -3.85 58.36 -34.99
CA PRO B 487 -2.61 57.85 -35.60
C PRO B 487 -2.05 58.82 -36.61
N ASN B 488 -0.71 58.88 -36.66
CA ASN B 488 -0.02 59.76 -37.60
C ASN B 488 0.12 59.03 -38.93
N ASN B 489 -0.72 59.40 -39.89
CA ASN B 489 -0.74 58.77 -41.21
C ASN B 489 -0.38 59.78 -42.29
N GLY B 490 0.45 60.76 -41.96
CA GLY B 490 0.91 61.74 -42.92
C GLY B 490 -0.01 62.93 -43.11
N GLN B 491 -1.15 62.97 -42.44
CA GLN B 491 -2.05 64.11 -42.57
C GLN B 491 -1.42 65.34 -41.93
N ASN B 492 -1.81 66.52 -42.43
CA ASN B 492 -1.27 67.76 -41.91
C ASN B 492 -1.58 67.89 -40.43
N VAL B 493 -0.54 68.18 -39.64
CA VAL B 493 -0.73 68.32 -38.20
C VAL B 493 -1.56 69.55 -37.89
N LEU B 494 -1.39 70.62 -38.68
CA LEU B 494 -2.08 71.87 -38.41
C LEU B 494 -3.59 71.78 -38.60
N ASP B 495 -4.08 70.72 -39.23
CA ASP B 495 -5.52 70.53 -39.47
C ASP B 495 -5.87 69.08 -39.12
N ILE B 496 -6.28 68.87 -37.88
CA ILE B 496 -6.69 67.55 -37.39
C ILE B 496 -8.05 67.69 -36.73
N MET B 497 -8.96 66.77 -37.06
CA MET B 497 -10.29 66.72 -36.47
C MET B 497 -10.36 65.53 -35.53
N VAL B 498 -10.83 65.76 -34.30
CA VAL B 498 -10.91 64.73 -33.27
C VAL B 498 -12.38 64.43 -33.01
N THR B 499 -12.74 63.15 -33.04
CA THR B 499 -14.12 62.75 -32.79
C THR B 499 -14.41 62.59 -31.30
N LYS B 500 -13.40 62.25 -30.50
CA LYS B 500 -13.60 62.06 -29.07
C LYS B 500 -12.36 62.50 -28.30
N PRO B 501 -12.38 63.68 -27.66
CA PRO B 501 -11.20 64.11 -26.89
C PRO B 501 -10.88 63.14 -25.77
N ASN B 502 -9.58 63.02 -25.48
CA ASN B 502 -9.09 62.15 -24.42
C ASN B 502 -9.03 62.96 -23.13
N ARG B 503 -10.00 62.73 -22.25
CA ARG B 503 -10.05 63.48 -20.99
C ARG B 503 -8.82 63.18 -20.13
N GLU B 504 -8.38 61.92 -20.11
CA GLU B 504 -7.20 61.59 -19.32
C GLU B 504 -5.97 62.34 -19.82
N ARG B 505 -5.77 62.38 -21.13
CA ARG B 505 -4.61 63.08 -21.68
C ARG B 505 -4.72 64.59 -21.47
N GLN B 506 -5.93 65.14 -21.59
CA GLN B 506 -6.10 66.57 -21.32
C GLN B 506 -5.78 66.90 -19.87
N LYS B 507 -6.26 66.08 -18.93
CA LYS B 507 -5.95 66.30 -17.53
C LYS B 507 -4.46 66.17 -17.27
N LEU B 508 -3.81 65.19 -17.89
CA LEU B 508 -2.37 65.03 -17.72
C LEU B 508 -1.63 66.25 -18.24
N MET B 509 -2.03 66.77 -19.40
CA MET B 509 -1.39 67.97 -19.95
C MET B 509 -1.57 69.14 -19.01
N ARG B 510 -2.77 69.31 -18.45
CA ARG B 510 -3.02 70.41 -17.53
C ARG B 510 -2.18 70.29 -16.26
N GLU B 511 -2.10 69.08 -15.70
CA GLU B 511 -1.51 68.91 -14.38
C GLU B 511 0.00 68.74 -14.41
N GLN B 512 0.59 68.43 -15.58
CA GLN B 512 2.03 68.30 -15.68
C GLN B 512 2.73 69.60 -16.07
N ASN B 513 2.00 70.71 -16.12
CA ASN B 513 2.57 72.01 -16.44
C ASN B 513 3.13 72.02 -17.86
N ILE B 514 2.31 71.61 -18.82
CA ILE B 514 2.64 71.69 -20.24
C ILE B 514 1.98 72.88 -20.90
N LEU B 515 0.72 73.16 -20.53
CA LEU B 515 0.08 74.37 -21.03
C LEU B 515 0.81 75.62 -20.55
N LYS B 516 1.36 75.58 -19.34
CA LYS B 516 2.17 76.70 -18.86
C LYS B 516 3.39 76.91 -19.75
N GLN B 517 4.05 75.81 -20.14
CA GLN B 517 5.20 75.92 -21.03
C GLN B 517 4.77 76.44 -22.40
N VAL B 518 3.60 76.02 -22.88
CA VAL B 518 3.11 76.51 -24.16
C VAL B 518 2.88 78.03 -24.09
N PHE B 519 2.27 78.49 -23.00
CA PHE B 519 2.06 79.93 -22.84
C PHE B 519 3.39 80.67 -22.75
N GLY B 520 4.37 80.09 -22.04
CA GLY B 520 5.68 80.70 -21.97
C GLY B 520 6.33 80.81 -23.33
N ILE B 521 6.19 79.77 -24.15
CA ILE B 521 6.73 79.81 -25.51
C ILE B 521 6.05 80.91 -26.32
N LEU B 522 4.73 81.01 -26.21
CA LEU B 522 4.00 82.03 -26.94
C LEU B 522 4.31 83.44 -26.44
N LYS B 523 4.75 83.58 -25.19
CA LYS B 523 4.93 84.89 -24.60
C LYS B 523 6.37 85.41 -24.64
N ALA B 524 7.37 84.53 -24.58
CA ALA B 524 8.76 84.95 -24.46
C ALA B 524 9.23 85.72 -25.69
N PRO B 525 8.96 85.24 -26.91
CA PRO B 525 9.49 85.94 -28.08
C PRO B 525 9.07 87.39 -28.16
N PHE B 526 7.85 87.72 -27.76
CA PHE B 526 7.34 89.09 -27.81
C PHE B 526 7.61 89.78 -26.48
N ARG B 527 8.89 89.96 -26.20
CA ARG B 527 9.33 90.58 -24.95
C ARG B 527 10.61 91.39 -25.18
N PRO B 534 13.86 92.07 -28.60
CA PRO B 534 12.78 91.22 -29.10
C PRO B 534 13.25 90.27 -30.20
N LEU B 535 13.23 88.97 -29.92
CA LEU B 535 13.65 87.98 -30.91
C LEU B 535 12.75 88.03 -32.14
N VAL B 536 11.44 88.13 -31.93
CA VAL B 536 10.47 88.22 -33.02
C VAL B 536 9.41 89.23 -32.65
N ARG B 537 8.98 90.01 -33.63
CA ARG B 537 7.94 91.01 -33.45
C ARG B 537 6.70 90.60 -34.23
N LEU B 538 5.52 90.94 -33.67
CA LEU B 538 4.27 90.59 -34.33
C LEU B 538 4.15 91.20 -35.72
N GLU B 539 4.87 92.30 -35.99
CA GLU B 539 4.82 92.96 -37.28
C GLU B 539 5.79 92.37 -38.30
N GLU B 540 6.60 91.39 -37.90
CA GLU B 540 7.59 90.78 -38.78
C GLU B 540 7.38 89.28 -38.93
N LEU B 541 6.20 88.77 -38.58
CA LEU B 541 5.93 87.34 -38.68
C LEU B 541 5.67 86.89 -40.11
N SER B 542 5.30 87.81 -41.01
CA SER B 542 5.05 87.46 -42.39
C SER B 542 6.32 87.11 -43.16
N ASP B 543 7.48 87.40 -42.59
CA ASP B 543 8.75 87.15 -43.28
C ASP B 543 9.03 85.65 -43.35
N GLN B 544 9.60 85.22 -44.48
CA GLN B 544 9.98 83.81 -44.61
C GLN B 544 11.02 83.42 -43.58
N LYS B 545 11.86 84.36 -43.15
CA LYS B 545 12.84 84.08 -42.11
C LYS B 545 12.15 83.69 -40.80
N ASN B 546 11.07 84.40 -40.46
CA ASN B 546 10.33 84.13 -39.22
C ASN B 546 9.18 83.16 -39.43
N ALA B 547 9.03 82.60 -40.64
CA ALA B 547 7.98 81.61 -40.86
C ALA B 547 8.03 80.45 -39.88
N PRO B 548 9.20 79.87 -39.56
CA PRO B 548 9.20 78.77 -38.58
C PRO B 548 8.65 79.18 -37.22
N TYR B 549 8.92 80.40 -36.78
CA TYR B 549 8.32 80.88 -35.54
C TYR B 549 6.81 80.94 -35.65
N GLN B 550 6.30 81.37 -36.80
CA GLN B 550 4.86 81.38 -37.02
C GLN B 550 4.29 79.97 -36.94
N HIS B 551 4.97 79.00 -37.54
CA HIS B 551 4.53 77.61 -37.48
C HIS B 551 4.53 77.11 -36.04
N MET B 552 5.56 77.46 -35.28
CA MET B 552 5.63 77.08 -33.88
C MET B 552 4.44 77.64 -33.11
N PHE B 553 4.13 78.92 -33.33
CA PHE B 553 3.00 79.54 -32.67
C PHE B 553 1.69 78.86 -33.06
N ARG B 554 1.54 78.53 -34.34
CA ARG B 554 0.34 77.82 -34.80
C ARG B 554 0.21 76.47 -34.10
N LEU B 555 1.32 75.74 -33.99
CA LEU B 555 1.30 74.46 -33.30
C LEU B 555 0.91 74.64 -31.83
N CYS B 556 1.45 75.67 -31.19
CA CYS B 556 1.11 75.94 -29.80
C CYS B 556 -0.39 76.21 -29.65
N TYR B 557 -0.94 77.02 -30.54
CA TYR B 557 -2.37 77.31 -30.48
C TYR B 557 -3.21 76.08 -30.76
N ARG B 558 -2.76 75.21 -31.67
CA ARG B 558 -3.48 73.96 -31.91
C ARG B 558 -3.45 73.08 -30.65
N VAL B 559 -2.31 73.03 -29.97
CA VAL B 559 -2.24 72.28 -28.71
C VAL B 559 -3.23 72.85 -27.71
N LEU B 560 -3.26 74.18 -27.59
CA LEU B 560 -4.21 74.81 -26.66
C LEU B 560 -5.65 74.46 -27.01
N ARG B 561 -5.99 74.49 -28.30
CA ARG B 561 -7.35 74.16 -28.71
C ARG B 561 -7.70 72.69 -28.43
N HIS B 562 -6.76 71.78 -28.69
CA HIS B 562 -7.01 70.37 -28.46
C HIS B 562 -7.01 69.99 -26.99
N SER B 563 -6.41 70.81 -26.12
CA SER B 563 -6.35 70.53 -24.70
C SER B 563 -7.55 71.07 -23.93
N GLN B 564 -8.53 71.66 -24.62
CA GLN B 564 -9.67 72.27 -23.96
C GLN B 564 -11.01 71.87 -24.57
N GLU B 565 -11.05 70.85 -25.44
CA GLU B 565 -12.30 70.45 -26.07
C GLU B 565 -13.12 69.62 -25.08
N ASP B 566 -14.28 70.14 -24.71
CA ASP B 566 -15.17 69.47 -23.76
C ASP B 566 -14.48 69.22 -22.42
N TYR B 567 -13.93 70.29 -21.85
CA TYR B 567 -13.27 70.22 -20.54
C TYR B 567 -13.36 71.59 -19.91
N ARG B 568 -14.28 71.75 -18.94
CA ARG B 568 -14.51 73.05 -18.34
C ARG B 568 -13.27 73.55 -17.62
N LYS B 569 -12.59 72.67 -16.88
CA LYS B 569 -11.42 73.10 -16.10
C LYS B 569 -10.32 73.59 -17.02
N ASN B 570 -10.02 72.85 -18.09
CA ASN B 570 -9.00 73.29 -19.03
C ASN B 570 -9.42 74.57 -19.75
N GLN B 571 -10.71 74.69 -20.10
CA GLN B 571 -11.19 75.90 -20.74
C GLN B 571 -10.97 77.11 -19.85
N GLU B 572 -11.30 76.99 -18.56
CA GLU B 572 -11.08 78.08 -17.62
C GLU B 572 -9.59 78.38 -17.45
N HIS B 573 -8.77 77.33 -17.37
CA HIS B 573 -7.33 77.54 -17.21
C HIS B 573 -6.76 78.31 -18.40
N ILE B 574 -7.19 77.98 -19.61
CA ILE B 574 -6.73 78.70 -20.79
C ILE B 574 -7.29 80.11 -20.81
N ALA B 575 -8.57 80.27 -20.45
CA ALA B 575 -9.18 81.59 -20.44
C ALA B 575 -8.52 82.52 -19.43
N LYS B 576 -7.87 81.97 -18.40
CA LYS B 576 -7.14 82.81 -17.47
C LYS B 576 -6.08 83.66 -18.16
N GLN B 577 -5.57 83.20 -19.31
CA GLN B 577 -4.62 83.95 -20.11
C GLN B 577 -5.26 84.55 -21.36
N PHE B 578 -6.51 85.01 -21.24
CA PHE B 578 -7.23 85.52 -22.40
C PHE B 578 -6.59 86.79 -22.95
N GLY B 579 -5.94 87.58 -22.09
CA GLY B 579 -5.39 88.84 -22.55
C GLY B 579 -4.36 88.66 -23.65
N MET B 580 -3.40 87.76 -23.42
CA MET B 580 -2.38 87.51 -24.44
C MET B 580 -2.97 86.88 -25.69
N MET B 581 -3.89 85.93 -25.51
CA MET B 581 -4.54 85.29 -26.65
C MET B 581 -5.29 86.29 -27.51
N GLN B 582 -5.88 87.32 -26.90
CA GLN B 582 -6.53 88.39 -27.66
C GLN B 582 -5.52 89.38 -28.23
N SER B 583 -4.45 89.67 -27.49
CA SER B 583 -3.42 90.57 -28.00
C SER B 583 -2.69 89.98 -29.21
N GLN B 584 -2.67 88.66 -29.34
CA GLN B 584 -2.04 87.99 -30.48
C GLN B 584 -3.06 87.59 -31.55
N ILE B 585 -4.11 88.39 -31.72
CA ILE B 585 -5.15 88.10 -32.69
C ILE B 585 -4.86 88.86 -33.98
N GLY B 586 -5.49 88.44 -35.06
CA GLY B 586 -5.35 89.09 -36.36
C GLY B 586 -4.27 88.49 -37.23
N TYR B 587 -3.06 88.35 -36.70
CA TYR B 587 -1.97 87.77 -37.47
C TYR B 587 -2.24 86.30 -37.75
N ASP B 588 -1.60 85.77 -38.80
CA ASP B 588 -1.84 84.40 -39.25
C ASP B 588 -1.19 83.44 -38.26
N ILE B 589 -1.85 83.27 -37.12
CA ILE B 589 -1.40 82.36 -36.08
C ILE B 589 -2.49 81.37 -35.65
N LEU B 590 -3.73 81.57 -36.10
CA LEU B 590 -4.86 80.74 -35.68
C LEU B 590 -5.20 80.96 -34.21
N ALA B 591 -5.10 82.22 -33.78
CA ALA B 591 -5.49 82.59 -32.42
C ALA B 591 -6.99 82.86 -32.31
N GLU B 592 -7.57 83.51 -33.31
CA GLU B 592 -9.01 83.72 -33.32
C GLU B 592 -9.77 82.41 -33.37
N ASP B 593 -9.24 81.40 -34.08
CA ASP B 593 -9.88 80.10 -34.11
C ASP B 593 -9.90 79.46 -32.73
N THR B 594 -8.79 79.56 -32.00
CA THR B 594 -8.76 79.05 -30.63
C THR B 594 -9.72 79.83 -29.73
N ILE B 595 -9.77 81.15 -29.92
CA ILE B 595 -10.68 81.97 -29.12
C ILE B 595 -12.12 81.54 -29.34
N THR B 596 -12.49 81.27 -30.60
CA THR B 596 -13.84 80.80 -30.89
C THR B 596 -14.09 79.42 -30.31
N ALA B 597 -13.14 78.49 -30.49
CA ALA B 597 -13.30 77.16 -29.93
C ALA B 597 -13.45 77.23 -28.42
N LEU B 598 -12.86 78.24 -27.79
CA LEU B 598 -13.00 78.40 -26.35
C LEU B 598 -14.37 78.99 -25.99
N LEU B 599 -14.64 80.20 -26.46
CA LEU B 599 -15.91 80.87 -26.14
C LEU B 599 -16.97 80.59 -27.19
N HIS B 600 -17.11 79.32 -27.57
CA HIS B 600 -18.29 78.84 -28.27
C HIS B 600 -19.04 77.73 -27.53
N ASN B 601 -18.38 77.01 -26.62
CA ASN B 601 -19.02 75.94 -25.87
C ASN B 601 -19.30 76.29 -24.42
N ASN B 602 -18.58 77.25 -23.84
CA ASN B 602 -18.76 77.66 -22.46
C ASN B 602 -19.48 79.00 -22.44
N ARG B 603 -20.75 78.99 -22.03
CA ARG B 603 -21.53 80.22 -22.01
C ARG B 603 -20.97 81.22 -21.00
N LYS B 604 -20.55 80.74 -19.83
CA LYS B 604 -20.05 81.64 -18.79
C LYS B 604 -18.88 82.46 -19.31
N LEU B 605 -17.86 81.80 -19.86
CA LEU B 605 -16.70 82.52 -20.36
C LEU B 605 -17.07 83.41 -21.54
N LEU B 606 -17.99 82.97 -22.39
CA LEU B 606 -18.40 83.79 -23.53
C LEU B 606 -18.92 85.14 -23.07
N GLU B 607 -19.88 85.15 -22.14
CA GLU B 607 -20.41 86.41 -21.64
C GLU B 607 -19.41 87.17 -20.79
N LYS B 608 -18.53 86.47 -20.07
CA LYS B 608 -17.54 87.16 -19.24
C LYS B 608 -16.52 87.91 -20.08
N HIS B 609 -16.12 87.35 -21.22
CA HIS B 609 -15.02 87.91 -22.00
C HIS B 609 -15.48 88.70 -23.22
N ILE B 610 -16.36 88.14 -24.06
CA ILE B 610 -16.74 88.80 -25.31
C ILE B 610 -17.52 90.07 -24.95
N THR B 611 -17.01 91.21 -25.42
CA THR B 611 -17.67 92.49 -25.15
C THR B 611 -17.53 93.44 -26.34
N LYS B 612 -17.87 94.71 -26.14
CA LYS B 612 -17.84 95.67 -27.22
C LYS B 612 -16.43 95.82 -27.80
N THR B 613 -15.42 95.80 -26.94
CA THR B 613 -14.05 95.94 -27.43
C THR B 613 -13.69 94.79 -28.36
N GLU B 614 -14.00 93.56 -27.96
CA GLU B 614 -13.71 92.40 -28.81
C GLU B 614 -14.51 92.45 -30.11
N VAL B 615 -15.78 92.82 -30.02
CA VAL B 615 -16.60 92.88 -31.24
C VAL B 615 -16.06 93.94 -32.19
N GLU B 616 -15.65 95.10 -31.66
CA GLU B 616 -15.06 96.13 -32.51
C GLU B 616 -13.75 95.67 -33.11
N THR B 617 -12.95 94.94 -32.34
CA THR B 617 -11.70 94.41 -32.89
C THR B 617 -11.97 93.46 -34.05
N PHE B 618 -12.95 92.57 -33.89
CA PHE B 618 -13.31 91.67 -34.99
C PHE B 618 -13.83 92.45 -36.19
N VAL B 619 -14.64 93.48 -35.95
CA VAL B 619 -15.18 94.29 -37.04
C VAL B 619 -14.04 94.97 -37.80
N SER B 620 -13.08 95.53 -37.07
CA SER B 620 -11.94 96.16 -37.72
C SER B 620 -11.11 95.15 -38.50
N LEU B 621 -10.92 93.96 -37.95
CA LEU B 621 -10.15 92.94 -38.65
C LEU B 621 -10.83 92.52 -39.95
N VAL B 622 -12.16 92.32 -39.90
CA VAL B 622 -12.88 91.96 -41.12
C VAL B 622 -12.89 93.11 -42.10
N ARG B 623 -12.97 94.35 -41.62
CA ARG B 623 -12.86 95.49 -42.53
C ARG B 623 -11.52 95.49 -43.24
N LYS B 624 -10.44 95.20 -42.50
CA LYS B 624 -9.11 95.26 -43.08
C LYS B 624 -8.88 94.12 -44.08
N ASN B 625 -9.29 92.91 -43.74
CA ASN B 625 -8.92 91.72 -44.51
C ASN B 625 -10.00 91.20 -45.43
N ARG B 626 -11.27 91.19 -44.99
CA ARG B 626 -12.38 90.66 -45.78
C ARG B 626 -12.20 89.16 -46.04
N GLU B 627 -11.81 88.43 -45.00
CA GLU B 627 -11.76 86.97 -45.03
C GLU B 627 -13.06 86.41 -44.45
N PRO B 628 -13.75 85.51 -45.15
CA PRO B 628 -15.03 85.01 -44.61
C PRO B 628 -14.89 84.31 -43.27
N ARG B 629 -13.68 83.85 -42.93
CA ARG B 629 -13.49 83.16 -41.65
C ARG B 629 -13.84 84.07 -40.48
N PHE B 630 -13.55 85.37 -40.59
CA PHE B 630 -13.87 86.28 -39.50
C PHE B 630 -15.38 86.41 -39.31
N LEU B 631 -16.13 86.51 -40.41
CA LEU B 631 -17.59 86.52 -40.31
C LEU B 631 -18.11 85.22 -39.74
N ASP B 632 -17.51 84.10 -40.12
CA ASP B 632 -17.91 82.81 -39.56
C ASP B 632 -17.69 82.78 -38.05
N TYR B 633 -16.55 83.28 -37.59
CA TYR B 633 -16.29 83.34 -36.16
C TYR B 633 -17.28 84.26 -35.45
N LEU B 634 -17.59 85.39 -36.06
CA LEU B 634 -18.57 86.30 -35.47
C LEU B 634 -19.93 85.63 -35.33
N SER B 635 -20.36 84.91 -36.37
CA SER B 635 -21.63 84.20 -36.30
C SER B 635 -21.59 83.12 -35.22
N ASP B 636 -20.47 82.40 -35.12
CA ASP B 636 -20.35 81.36 -34.10
C ASP B 636 -20.44 81.95 -32.70
N LEU B 637 -19.81 83.11 -32.48
CA LEU B 637 -19.84 83.74 -31.16
C LEU B 637 -21.26 84.10 -30.71
N CYS B 638 -22.21 84.23 -31.64
CA CYS B 638 -23.57 84.60 -31.29
C CYS B 638 -24.35 83.46 -30.65
N VAL B 639 -24.02 82.22 -30.96
CA VAL B 639 -24.76 81.06 -30.47
C VAL B 639 -23.79 80.09 -29.81
N SER B 640 -24.19 79.57 -28.66
CA SER B 640 -23.43 78.55 -27.94
C SER B 640 -24.36 77.38 -27.62
N ASN B 641 -23.93 76.17 -27.94
CA ASN B 641 -24.72 74.97 -27.71
C ASN B 641 -26.07 75.07 -28.42
N HIS B 642 -26.08 75.64 -29.61
CA HIS B 642 -27.28 75.78 -30.43
C HIS B 642 -28.34 76.65 -29.76
N ILE B 643 -27.94 77.46 -28.78
CA ILE B 643 -28.85 78.36 -28.08
C ILE B 643 -28.28 79.76 -28.14
N ALA B 644 -29.10 80.72 -28.56
CA ALA B 644 -28.64 82.10 -28.70
C ALA B 644 -28.38 82.72 -27.34
N ILE B 645 -27.31 83.52 -27.27
CA ILE B 645 -26.94 84.25 -26.07
C ILE B 645 -27.34 85.71 -26.28
N PRO B 646 -28.36 86.21 -25.56
CA PRO B 646 -28.86 87.57 -25.89
C PRO B 646 -27.82 88.66 -25.81
N VAL B 647 -26.92 88.62 -24.83
CA VAL B 647 -25.97 89.72 -24.63
C VAL B 647 -25.04 89.83 -25.82
N THR B 648 -24.33 88.75 -26.14
CA THR B 648 -23.43 88.76 -27.28
C THR B 648 -24.17 88.99 -28.59
N GLN B 649 -25.37 88.43 -28.73
CA GLN B 649 -26.13 88.62 -29.96
C GLN B 649 -26.46 90.09 -30.16
N GLU B 650 -26.94 90.76 -29.12
CA GLU B 650 -27.26 92.18 -29.23
C GLU B 650 -26.02 93.01 -29.50
N LEU B 651 -24.92 92.70 -28.81
CA LEU B 651 -23.69 93.46 -29.04
C LEU B 651 -23.23 93.33 -30.49
N ILE B 652 -23.19 92.10 -31.01
CA ILE B 652 -22.73 91.87 -32.37
C ILE B 652 -23.67 92.54 -33.36
N CYS B 653 -24.98 92.46 -33.12
CA CYS B 653 -25.93 93.10 -34.02
C CYS B 653 -25.73 94.60 -34.05
N LYS B 654 -25.64 95.24 -32.87
CA LYS B 654 -25.52 96.69 -32.82
C LYS B 654 -24.18 97.16 -33.38
N CYS B 655 -23.15 96.31 -33.35
CA CYS B 655 -21.88 96.71 -33.92
C CYS B 655 -21.83 96.50 -35.43
N VAL B 656 -22.42 95.40 -35.91
CA VAL B 656 -22.37 95.10 -37.34
C VAL B 656 -23.33 95.97 -38.12
N LEU B 657 -24.60 96.01 -37.71
CA LEU B 657 -25.61 96.78 -38.43
C LEU B 657 -25.46 98.28 -38.22
N ASP B 658 -24.46 98.73 -37.48
CA ASP B 658 -24.21 100.15 -37.34
C ASP B 658 -23.99 100.76 -38.72
N PRO B 659 -24.69 101.84 -39.08
CA PRO B 659 -24.50 102.43 -40.41
C PRO B 659 -23.07 102.87 -40.67
N LYS B 660 -22.28 103.13 -39.61
CA LYS B 660 -20.87 103.46 -39.81
C LYS B 660 -20.13 102.31 -40.48
N ASN B 661 -20.38 101.08 -40.05
CA ASN B 661 -19.75 99.89 -40.63
C ASN B 661 -20.61 99.30 -41.75
N SER B 662 -20.98 100.12 -42.72
CA SER B 662 -21.83 99.69 -43.83
C SER B 662 -21.04 99.24 -45.05
N ASP B 663 -19.72 99.36 -45.05
CA ASP B 663 -18.90 99.00 -46.19
C ASP B 663 -18.39 97.56 -46.13
N ILE B 664 -18.68 96.83 -45.06
CA ILE B 664 -18.22 95.45 -44.94
C ILE B 664 -19.28 94.44 -45.38
N LEU B 665 -20.54 94.86 -45.52
CA LEU B 665 -21.64 93.96 -45.86
C LEU B 665 -22.03 94.17 -47.31
N ILE B 666 -22.22 93.07 -48.04
CA ILE B 666 -22.62 93.13 -49.44
C ILE B 666 -24.11 93.42 -49.50
N ARG B 667 -24.48 94.46 -50.23
CA ARG B 667 -25.88 94.83 -50.38
C ARG B 667 -26.49 94.13 -51.59
N THR B 668 -27.80 93.93 -51.54
CA THR B 668 -28.53 93.26 -52.61
C THR B 668 -29.73 94.11 -53.02
N GLU B 669 -30.07 94.05 -54.30
CA GLU B 669 -31.19 94.81 -54.82
C GLU B 669 -31.82 94.05 -55.98
N LEU B 670 -33.04 94.46 -56.32
CA LEU B 670 -33.80 93.86 -57.41
C LEU B 670 -34.02 94.91 -58.50
N ARG B 671 -33.76 94.54 -59.74
CA ARG B 671 -33.88 95.45 -60.87
C ARG B 671 -34.72 94.80 -61.97
N PRO B 672 -35.38 95.62 -62.81
CA PRO B 672 -36.20 95.07 -63.90
C PRO B 672 -35.37 94.52 -65.05
N GLU B 690 -37.96 89.99 -62.45
CA GLU B 690 -36.84 90.86 -62.09
C GLU B 690 -35.58 90.03 -61.86
N GLU B 691 -34.46 90.71 -61.65
CA GLU B 691 -33.17 90.07 -61.42
C GLU B 691 -32.52 90.67 -60.19
N VAL B 692 -31.63 89.90 -59.57
CA VAL B 692 -30.97 90.27 -58.33
C VAL B 692 -29.55 90.71 -58.64
N TRP B 693 -29.16 91.87 -58.12
CA TRP B 693 -27.82 92.40 -58.27
C TRP B 693 -27.20 92.62 -56.89
N LEU B 694 -25.93 92.24 -56.77
CA LEU B 694 -25.16 92.39 -55.54
C LEU B 694 -24.12 93.48 -55.73
N THR B 695 -24.00 94.35 -54.73
CA THR B 695 -23.06 95.45 -54.73
C THR B 695 -22.16 95.35 -53.50
N TRP B 696 -20.87 95.61 -53.69
CA TRP B 696 -19.90 95.53 -52.61
C TRP B 696 -18.80 96.57 -52.85
N THR B 697 -17.88 96.65 -51.90
CA THR B 697 -16.74 97.56 -51.98
C THR B 697 -15.46 96.76 -51.76
N ASP B 698 -14.50 96.96 -52.67
CA ASP B 698 -13.22 96.27 -52.58
C ASP B 698 -12.33 96.95 -51.55
N LYS B 699 -11.20 96.31 -51.23
CA LYS B 699 -10.28 96.89 -50.25
C LYS B 699 -9.76 98.24 -50.71
N ASN B 700 -9.76 98.49 -52.03
CA ASN B 700 -9.30 99.76 -52.58
C ASN B 700 -10.38 100.84 -52.58
N ASN B 701 -11.44 100.67 -51.79
CA ASN B 701 -12.54 101.63 -51.72
C ASN B 701 -13.16 101.85 -53.10
N GLU B 702 -13.27 100.77 -53.87
CA GLU B 702 -13.87 100.79 -55.20
C GLU B 702 -15.19 100.02 -55.17
N HIS B 703 -16.24 100.65 -55.70
CA HIS B 703 -17.56 100.02 -55.70
C HIS B 703 -17.71 99.10 -56.89
N HIS B 704 -18.21 97.89 -56.64
CA HIS B 704 -18.46 96.90 -57.68
C HIS B 704 -19.89 96.41 -57.59
N GLU B 705 -20.52 96.19 -58.74
CA GLU B 705 -21.88 95.67 -58.82
C GLU B 705 -21.93 94.59 -59.88
N LYS B 706 -22.67 93.51 -59.60
CA LYS B 706 -22.74 92.40 -60.54
C LYS B 706 -23.99 91.58 -60.27
N SER B 707 -24.52 90.97 -61.33
CA SER B 707 -25.70 90.14 -61.20
C SER B 707 -25.36 88.79 -60.59
N VAL B 708 -26.32 88.25 -59.83
CA VAL B 708 -26.09 86.99 -59.12
C VAL B 708 -25.89 85.85 -60.12
N ARG B 709 -26.68 85.82 -61.20
CA ARG B 709 -26.53 84.76 -62.18
C ARG B 709 -25.15 84.81 -62.83
N GLN B 710 -24.68 86.00 -63.20
CA GLN B 710 -23.35 86.12 -63.78
C GLN B 710 -22.28 85.70 -62.79
N LEU B 711 -22.42 86.11 -61.52
CA LEU B 711 -21.46 85.70 -60.51
C LEU B 711 -21.41 84.19 -60.38
N ALA B 712 -22.57 83.54 -60.32
CA ALA B 712 -22.61 82.09 -60.18
C ALA B 712 -22.01 81.40 -61.40
N GLN B 713 -22.34 81.89 -62.60
CA GLN B 713 -21.81 81.26 -63.82
C GLN B 713 -20.30 81.39 -63.88
N GLU B 714 -19.77 82.57 -63.54
CA GLU B 714 -18.32 82.75 -63.59
C GLU B 714 -17.63 81.95 -62.49
N ALA B 715 -18.27 81.82 -61.32
CA ALA B 715 -17.70 80.99 -60.27
C ALA B 715 -17.65 79.53 -60.70
N ARG B 716 -18.71 79.04 -61.34
CA ARG B 716 -18.69 77.68 -61.85
C ARG B 716 -17.61 77.52 -62.92
N ALA B 717 -17.43 78.56 -63.75
CA ALA B 717 -16.35 78.52 -64.73
C ALA B 717 -14.99 78.42 -64.05
N GLY B 718 -14.80 79.12 -62.94
CA GLY B 718 -13.55 79.05 -62.19
C GLY B 718 -13.02 80.37 -61.70
N ASN B 719 -13.82 81.44 -61.84
CA ASN B 719 -13.38 82.76 -61.42
C ASN B 719 -13.19 82.78 -59.90
N ALA B 720 -11.94 82.94 -59.46
CA ALA B 720 -11.64 82.92 -58.03
C ALA B 720 -12.27 84.12 -57.33
N HIS B 721 -12.24 85.30 -57.96
CA HIS B 721 -12.85 86.47 -57.35
C HIS B 721 -14.35 86.27 -57.13
N ASP B 722 -15.03 85.75 -58.15
CA ASP B 722 -16.47 85.51 -58.02
C ASP B 722 -16.76 84.44 -56.97
N GLU B 723 -15.94 83.38 -56.93
CA GLU B 723 -16.13 82.35 -55.91
C GLU B 723 -15.96 82.93 -54.52
N ASN B 724 -14.95 83.78 -54.33
CA ASN B 724 -14.72 84.40 -53.02
C ASN B 724 -15.88 85.31 -52.65
N VAL B 725 -16.40 86.07 -53.63
CA VAL B 725 -17.53 86.95 -53.36
C VAL B 725 -18.75 86.13 -52.94
N LEU B 726 -19.01 85.01 -53.64
CA LEU B 726 -20.13 84.17 -53.29
C LEU B 726 -19.97 83.57 -51.89
N SER B 727 -18.75 83.14 -51.55
CA SER B 727 -18.51 82.61 -50.20
C SER B 727 -18.73 83.68 -49.14
N TYR B 728 -18.26 84.90 -49.41
CA TYR B 728 -18.45 86.00 -48.46
C TYR B 728 -19.93 86.29 -48.27
N TYR B 729 -20.70 86.29 -49.36
CA TYR B 729 -22.13 86.54 -49.26
C TYR B 729 -22.84 85.42 -48.49
N ARG B 730 -22.43 84.18 -48.74
CA ARG B 730 -23.03 83.06 -48.01
C ARG B 730 -22.77 83.18 -46.51
N TYR B 731 -21.55 83.51 -46.13
CA TYR B 731 -21.23 83.66 -44.71
C TYR B 731 -21.94 84.88 -44.12
N GLN B 732 -22.12 85.94 -44.90
CA GLN B 732 -22.90 87.08 -44.42
C GLN B 732 -24.34 86.69 -44.14
N LEU B 733 -24.94 85.90 -45.04
CA LEU B 733 -26.31 85.42 -44.81
C LEU B 733 -26.35 84.53 -43.58
N LYS B 734 -25.35 83.67 -43.41
CA LYS B 734 -25.30 82.83 -42.21
C LYS B 734 -25.24 83.68 -40.95
N LEU B 735 -24.42 84.74 -40.97
CA LEU B 735 -24.31 85.62 -39.82
C LEU B 735 -25.65 86.31 -39.53
N PHE B 736 -26.32 86.78 -40.59
CA PHE B 736 -27.62 87.43 -40.39
C PHE B 736 -28.63 86.47 -39.79
N ALA B 737 -28.68 85.24 -40.31
CA ALA B 737 -29.63 84.25 -39.78
C ALA B 737 -29.33 83.93 -38.33
N ARG B 738 -28.04 83.75 -38.00
CA ARG B 738 -27.69 83.45 -36.61
C ARG B 738 -28.02 84.61 -35.68
N MET B 739 -27.80 85.85 -36.15
CA MET B 739 -28.18 87.02 -35.35
C MET B 739 -29.68 87.08 -35.15
N CYS B 740 -30.47 86.78 -36.18
CA CYS B 740 -31.92 86.80 -36.10
C CYS B 740 -32.48 85.57 -35.40
N LEU B 741 -31.64 84.61 -35.06
CA LEU B 741 -32.09 83.42 -34.35
C LEU B 741 -32.76 83.81 -33.04
N ASP B 742 -33.72 82.99 -32.62
CA ASP B 742 -34.46 83.21 -31.37
C ASP B 742 -35.18 84.56 -31.39
N ARG B 743 -35.71 84.93 -32.55
CA ARG B 743 -36.55 86.12 -32.71
C ARG B 743 -35.86 87.35 -32.11
N GLN B 744 -34.70 87.70 -32.69
CA GLN B 744 -33.98 88.90 -32.31
C GLN B 744 -34.53 90.06 -33.13
N TYR B 745 -35.57 90.72 -32.59
CA TYR B 745 -36.26 91.75 -33.35
C TYR B 745 -35.32 92.89 -33.73
N LEU B 746 -34.37 93.25 -32.85
CA LEU B 746 -33.48 94.36 -33.14
C LEU B 746 -32.77 94.20 -34.47
N ALA B 747 -32.43 92.97 -34.85
CA ALA B 747 -31.80 92.69 -36.12
C ALA B 747 -32.78 92.26 -37.20
N ILE B 748 -33.88 91.61 -36.81
CA ILE B 748 -34.88 91.18 -37.79
C ILE B 748 -35.51 92.39 -38.47
N ASP B 749 -35.84 93.42 -37.69
CA ASP B 749 -36.45 94.61 -38.27
C ASP B 749 -35.52 95.28 -39.26
N GLU B 750 -34.22 95.29 -39.00
CA GLU B 750 -33.27 95.90 -39.91
C GLU B 750 -33.02 95.05 -41.15
N ILE B 751 -33.04 93.72 -41.00
CA ILE B 751 -32.69 92.85 -42.12
C ILE B 751 -33.88 92.60 -43.04
N SER B 752 -35.11 92.67 -42.51
CA SER B 752 -36.28 92.37 -43.32
C SER B 752 -36.42 93.36 -44.47
N GLN B 753 -36.24 94.65 -44.20
CA GLN B 753 -36.35 95.64 -45.26
C GLN B 753 -35.30 95.42 -46.34
N GLN B 754 -34.07 95.14 -45.94
CA GLN B 754 -33.01 94.91 -46.92
C GLN B 754 -33.30 93.67 -47.76
N LEU B 755 -33.79 92.60 -47.13
CA LEU B 755 -34.09 91.35 -47.81
C LEU B 755 -35.56 91.02 -47.59
N GLY B 756 -36.37 91.26 -48.62
CA GLY B 756 -37.80 90.99 -48.54
C GLY B 756 -38.13 89.54 -48.82
N VAL B 757 -39.41 89.22 -48.67
CA VAL B 757 -39.88 87.87 -48.92
C VAL B 757 -39.72 87.51 -50.39
N ASP B 758 -40.07 88.44 -51.29
CA ASP B 758 -40.01 88.15 -52.71
C ASP B 758 -38.57 87.89 -53.16
N LEU B 759 -37.62 88.69 -52.67
CA LEU B 759 -36.23 88.51 -53.08
C LEU B 759 -35.71 87.14 -52.63
N ILE B 760 -35.98 86.76 -51.39
CA ILE B 760 -35.52 85.47 -50.88
C ILE B 760 -36.19 84.33 -51.64
N PHE B 761 -37.48 84.48 -51.94
CA PHE B 761 -38.18 83.46 -52.71
C PHE B 761 -37.55 83.30 -54.09
N LEU B 762 -37.24 84.40 -54.76
CA LEU B 762 -36.61 84.32 -56.08
C LEU B 762 -35.25 83.65 -55.99
N CYS B 763 -34.44 84.05 -55.00
CA CYS B 763 -33.10 83.49 -54.87
C CYS B 763 -33.15 81.99 -54.59
N MET B 764 -34.07 81.57 -53.72
CA MET B 764 -34.13 80.14 -53.38
C MET B 764 -34.75 79.33 -54.51
N ALA B 765 -35.65 79.92 -55.28
CA ALA B 765 -36.26 79.20 -56.39
C ALA B 765 -35.30 79.08 -57.58
N ASP B 766 -34.40 80.05 -57.75
CA ASP B 766 -33.46 79.99 -58.85
C ASP B 766 -32.64 78.72 -58.78
N GLU B 767 -32.56 78.01 -59.91
CA GLU B 767 -31.82 76.75 -59.98
C GLU B 767 -30.35 76.94 -60.32
N MET B 768 -30.02 77.95 -61.12
CA MET B 768 -28.63 78.15 -61.52
C MET B 768 -27.74 78.46 -60.34
N LEU B 769 -28.29 79.06 -59.28
CA LEU B 769 -27.49 79.38 -58.11
C LEU B 769 -27.08 78.11 -57.39
N PRO B 770 -25.95 78.13 -56.68
CA PRO B 770 -25.45 76.91 -56.05
C PRO B 770 -26.33 76.44 -54.89
N PHE B 771 -26.24 75.15 -54.62
CA PHE B 771 -27.05 74.55 -53.57
C PHE B 771 -26.74 75.14 -52.20
N ASP B 772 -25.46 75.44 -51.94
CA ASP B 772 -25.11 76.03 -50.65
C ASP B 772 -25.76 77.40 -50.49
N LEU B 773 -25.73 78.22 -51.54
CA LEU B 773 -26.38 79.53 -51.47
C LEU B 773 -27.88 79.39 -51.31
N ARG B 774 -28.49 78.44 -52.02
CA ARG B 774 -29.93 78.21 -51.86
C ARG B 774 -30.26 77.78 -50.44
N ALA B 775 -29.43 76.91 -49.85
CA ALA B 775 -29.65 76.48 -48.47
C ALA B 775 -29.51 77.65 -47.50
N SER B 776 -28.53 78.53 -47.73
CA SER B 776 -28.39 79.71 -46.87
C SER B 776 -29.61 80.60 -46.98
N PHE B 777 -30.13 80.79 -48.20
CA PHE B 777 -31.34 81.58 -48.37
C PHE B 777 -32.53 80.93 -47.65
N CYS B 778 -32.64 79.60 -47.73
CA CYS B 778 -33.71 78.92 -47.02
C CYS B 778 -33.59 79.12 -45.51
N HIS B 779 -32.36 79.02 -44.98
CA HIS B 779 -32.16 79.22 -43.56
C HIS B 779 -32.53 80.64 -43.14
N LEU B 780 -32.13 81.63 -43.95
CA LEU B 780 -32.49 83.01 -43.65
C LEU B 780 -34.00 83.20 -43.67
N MET B 781 -34.67 82.60 -44.66
CA MET B 781 -36.13 82.68 -44.72
C MET B 781 -36.75 82.08 -43.47
N LEU B 782 -36.23 80.94 -43.03
CA LEU B 782 -36.77 80.29 -41.83
C LEU B 782 -36.59 81.17 -40.60
N HIS B 783 -35.41 81.75 -40.43
CA HIS B 783 -35.07 82.45 -39.20
C HIS B 783 -35.31 83.95 -39.24
N VAL B 784 -35.90 84.48 -40.32
CA VAL B 784 -36.17 85.90 -40.43
C VAL B 784 -37.66 86.19 -40.53
N HIS B 785 -38.38 85.52 -41.44
CA HIS B 785 -39.77 85.81 -41.70
C HIS B 785 -40.72 84.81 -41.04
N VAL B 786 -40.50 83.52 -41.23
CA VAL B 786 -41.41 82.51 -40.69
C VAL B 786 -41.43 82.59 -39.16
N ASP B 787 -40.25 82.71 -38.55
CA ASP B 787 -40.15 82.76 -37.08
C ASP B 787 -40.33 84.21 -36.63
N ARG B 788 -41.58 84.65 -36.65
CA ARG B 788 -41.94 85.99 -36.22
C ARG B 788 -43.34 85.95 -35.63
N ASP B 789 -43.92 87.14 -35.37
CA ASP B 789 -45.28 87.28 -34.89
C ASP B 789 -46.20 87.68 -36.04
N PRO B 790 -47.50 87.35 -35.96
CA PRO B 790 -48.20 86.64 -34.88
C PRO B 790 -48.14 85.13 -35.02
N GLN B 791 -47.21 84.60 -35.83
CA GLN B 791 -47.13 83.17 -36.03
C GLN B 791 -46.91 82.46 -34.69
N GLU B 792 -47.66 81.39 -34.47
CA GLU B 792 -47.61 80.65 -33.22
C GLU B 792 -48.01 79.22 -33.47
N LEU B 793 -47.53 78.32 -32.61
CA LEU B 793 -47.89 76.92 -32.72
C LEU B 793 -49.40 76.74 -32.52
N VAL B 794 -49.99 75.84 -33.29
CA VAL B 794 -51.42 75.58 -33.26
C VAL B 794 -51.64 74.12 -32.86
N THR B 795 -52.55 73.91 -31.91
CA THR B 795 -52.86 72.56 -31.46
C THR B 795 -53.75 71.87 -32.49
N PRO B 796 -53.34 70.75 -33.08
CA PRO B 796 -54.18 70.10 -34.09
C PRO B 796 -55.52 69.66 -33.56
N VAL B 797 -55.61 69.25 -32.29
CA VAL B 797 -56.83 68.72 -31.69
C VAL B 797 -57.34 69.72 -30.67
N LYS B 798 -58.63 70.06 -30.78
CA LYS B 798 -59.30 70.96 -29.86
C LYS B 798 -60.40 70.19 -29.14
N PHE B 799 -60.36 70.21 -27.81
CA PHE B 799 -61.34 69.50 -26.99
C PHE B 799 -62.63 70.27 -26.80
N ALA B 800 -62.67 71.57 -27.12
CA ALA B 800 -63.84 72.40 -26.95
C ALA B 800 -64.34 72.82 -28.32
N ARG B 801 -65.62 72.58 -28.59
CA ARG B 801 -66.25 72.93 -29.85
C ARG B 801 -67.60 73.59 -29.57
N LEU B 802 -68.00 74.49 -30.46
CA LEU B 802 -69.26 75.19 -30.33
C LEU B 802 -70.34 74.48 -31.15
N TRP B 803 -71.51 74.29 -30.52
CA TRP B 803 -72.59 73.56 -31.18
C TRP B 803 -73.04 74.25 -32.46
N THR B 804 -73.15 75.57 -32.43
CA THR B 804 -73.59 76.31 -33.62
C THR B 804 -72.58 76.25 -34.76
N GLU B 805 -71.35 75.85 -34.48
CA GLU B 805 -70.28 75.82 -35.48
C GLU B 805 -70.00 74.42 -36.01
N ILE B 806 -70.93 73.47 -35.80
CA ILE B 806 -70.78 72.11 -36.28
C ILE B 806 -71.66 71.95 -37.51
N PRO B 807 -71.09 71.84 -38.71
CA PRO B 807 -71.93 71.69 -39.90
C PRO B 807 -72.62 70.34 -39.94
N THR B 808 -73.76 70.31 -40.63
CA THR B 808 -74.51 69.05 -40.77
C THR B 808 -73.69 68.01 -41.52
N ALA B 809 -73.00 68.42 -42.58
CA ALA B 809 -72.14 67.54 -43.35
C ALA B 809 -70.76 68.18 -43.46
N ILE B 810 -69.72 67.36 -43.29
CA ILE B 810 -68.35 67.83 -43.28
C ILE B 810 -67.52 66.96 -44.21
N THR B 811 -66.67 67.59 -45.01
CA THR B 811 -65.76 66.91 -45.92
C THR B 811 -64.39 67.56 -45.79
N ILE B 812 -63.43 67.06 -46.59
CA ILE B 812 -62.07 67.59 -46.52
C ILE B 812 -62.06 69.06 -46.92
N LYS B 813 -62.78 69.41 -47.98
CA LYS B 813 -62.82 70.80 -48.44
C LYS B 813 -63.45 71.70 -47.38
N ASP B 814 -64.54 71.25 -46.77
CA ASP B 814 -65.18 72.05 -45.73
C ASP B 814 -64.26 72.23 -44.53
N TYR B 815 -63.55 71.18 -44.13
CA TYR B 815 -62.61 71.29 -43.02
C TYR B 815 -61.49 72.27 -43.34
N ASP B 816 -60.97 72.20 -44.58
CA ASP B 816 -59.91 73.14 -44.98
C ASP B 816 -60.42 74.57 -44.97
N SER B 817 -61.64 74.78 -45.47
CA SER B 817 -62.22 76.13 -45.46
C SER B 817 -62.41 76.64 -44.04
N ASN B 818 -62.87 75.76 -43.14
CA ASN B 818 -63.03 76.16 -41.75
C ASN B 818 -61.69 76.54 -41.12
N LEU B 819 -60.64 75.75 -41.40
CA LEU B 819 -59.32 76.10 -40.89
C LEU B 819 -58.85 77.43 -41.45
N ASN B 820 -59.07 77.68 -42.74
CA ASN B 820 -58.68 78.94 -43.33
C ASN B 820 -59.42 80.11 -42.69
N ALA B 821 -60.73 79.94 -42.45
CA ALA B 821 -61.50 80.98 -41.79
C ALA B 821 -60.99 81.22 -40.37
N SER B 822 -60.66 80.15 -39.66
CA SER B 822 -60.11 80.31 -38.31
C SER B 822 -58.79 81.07 -38.34
N ARG B 823 -57.95 80.78 -39.33
CA ARG B 823 -56.69 81.51 -39.47
C ARG B 823 -56.97 83.00 -39.63
N ASP B 824 -56.23 83.81 -38.86
CA ASP B 824 -56.45 85.25 -38.87
C ASP B 824 -56.09 85.84 -40.23
N ASP B 825 -54.94 85.46 -40.77
CA ASP B 825 -54.49 86.01 -42.04
C ASP B 825 -55.43 85.60 -43.17
N LYS B 826 -55.76 86.56 -44.03
CA LYS B 826 -56.62 86.30 -45.18
C LYS B 826 -55.83 85.95 -46.43
N LYS B 827 -54.74 86.67 -46.68
CA LYS B 827 -53.87 86.41 -47.83
C LYS B 827 -52.58 85.78 -47.32
N ASN B 828 -52.24 84.61 -47.85
CA ASN B 828 -51.04 83.89 -47.42
C ASN B 828 -49.83 84.48 -48.12
N LYS B 829 -48.87 84.96 -47.34
CA LYS B 829 -47.62 85.49 -47.88
C LYS B 829 -46.57 84.42 -48.13
N PHE B 830 -46.87 83.16 -47.78
CA PHE B 830 -45.95 82.05 -48.00
C PHE B 830 -46.50 80.99 -48.94
N ALA B 831 -47.56 81.31 -49.68
CA ALA B 831 -48.13 80.34 -50.61
C ALA B 831 -47.12 79.94 -51.68
N ASN B 832 -46.39 80.92 -52.21
CA ASN B 832 -45.36 80.62 -53.19
C ASN B 832 -44.25 79.77 -52.57
N THR B 833 -43.90 80.06 -51.32
CA THR B 833 -42.89 79.26 -50.63
C THR B 833 -43.34 77.80 -50.49
N MET B 834 -44.60 77.60 -50.10
CA MET B 834 -45.12 76.23 -49.98
C MET B 834 -45.14 75.53 -51.33
N GLU B 835 -45.54 76.24 -52.39
CA GLU B 835 -45.54 75.63 -53.72
C GLU B 835 -44.13 75.24 -54.15
N PHE B 836 -43.16 76.12 -53.89
CA PHE B 836 -41.77 75.79 -54.22
C PHE B 836 -41.29 74.59 -53.42
N VAL B 837 -41.65 74.52 -52.14
CA VAL B 837 -41.26 73.37 -51.32
C VAL B 837 -41.84 72.09 -51.90
N GLU B 838 -43.12 72.13 -52.28
CA GLU B 838 -43.75 70.94 -52.84
C GLU B 838 -43.07 70.52 -54.14
N ASP B 839 -42.77 71.49 -55.01
CA ASP B 839 -42.10 71.15 -56.26
C ASP B 839 -40.71 70.57 -56.01
N TYR B 840 -39.96 71.15 -55.07
CA TYR B 840 -38.63 70.65 -54.76
C TYR B 840 -38.70 69.22 -54.22
N LEU B 841 -39.66 68.95 -53.33
CA LEU B 841 -39.80 67.59 -52.80
C LEU B 841 -40.20 66.61 -53.89
N ASN B 842 -41.07 67.03 -54.82
CA ASN B 842 -41.44 66.18 -55.93
C ASN B 842 -40.22 65.86 -56.80
N ASN B 843 -39.40 66.87 -57.08
CA ASN B 843 -38.18 66.64 -57.84
C ASN B 843 -37.25 65.69 -57.11
N VAL B 844 -37.10 65.86 -55.79
CA VAL B 844 -36.21 65.00 -55.02
C VAL B 844 -36.70 63.55 -55.08
N VAL B 845 -38.00 63.33 -54.88
CA VAL B 845 -38.51 61.97 -54.90
C VAL B 845 -38.50 61.39 -56.31
N SER B 846 -38.47 62.23 -57.35
CA SER B 846 -38.39 61.72 -58.71
C SER B 846 -37.12 60.91 -58.92
N GLU B 847 -35.99 61.40 -58.43
CA GLU B 847 -34.73 60.67 -58.56
C GLU B 847 -34.79 59.36 -57.80
N ALA B 848 -34.13 58.33 -58.36
CA ALA B 848 -34.12 57.02 -57.72
C ALA B 848 -33.46 57.07 -56.35
N VAL B 849 -32.33 57.78 -56.25
CA VAL B 849 -31.58 57.92 -55.00
C VAL B 849 -31.74 59.37 -54.53
N PRO B 850 -32.53 59.65 -53.49
CA PRO B 850 -32.68 61.04 -53.03
C PRO B 850 -31.43 61.59 -52.37
N PHE B 851 -30.86 60.83 -51.43
CA PHE B 851 -29.70 61.29 -50.66
C PHE B 851 -28.43 60.74 -51.31
N ALA B 852 -28.01 61.41 -52.38
CA ALA B 852 -26.79 61.08 -53.08
C ALA B 852 -25.77 62.21 -53.03
N ASN B 853 -26.16 63.43 -53.40
CA ASN B 853 -25.25 64.57 -53.42
C ASN B 853 -25.29 65.26 -52.05
N GLU B 854 -24.11 65.40 -51.44
CA GLU B 854 -24.04 66.06 -50.13
C GLU B 854 -24.48 67.51 -50.21
N GLU B 855 -24.11 68.21 -51.28
CA GLU B 855 -24.48 69.61 -51.43
C GLU B 855 -26.00 69.78 -51.45
N LYS B 856 -26.70 68.92 -52.18
CA LYS B 856 -28.16 69.00 -52.24
C LYS B 856 -28.81 68.57 -50.94
N ASN B 857 -28.10 67.79 -50.12
CA ASN B 857 -28.67 67.37 -48.84
C ASN B 857 -28.90 68.55 -47.91
N LYS B 858 -28.00 69.53 -47.94
CA LYS B 858 -28.19 70.73 -47.12
C LYS B 858 -29.46 71.46 -47.52
N LEU B 859 -29.67 71.66 -48.82
CA LEU B 859 -30.87 72.32 -49.30
C LEU B 859 -32.11 71.53 -48.94
N THR B 860 -32.06 70.20 -49.08
CA THR B 860 -33.20 69.37 -48.74
C THR B 860 -33.53 69.51 -47.25
N PHE B 861 -32.52 69.50 -46.39
CA PHE B 861 -32.75 69.64 -44.96
C PHE B 861 -33.35 71.01 -44.64
N GLU B 862 -32.84 72.07 -45.26
CA GLU B 862 -33.40 73.40 -45.02
C GLU B 862 -34.86 73.46 -45.47
N VAL B 863 -35.17 72.88 -46.63
CA VAL B 863 -36.55 72.88 -47.11
C VAL B 863 -37.45 72.11 -46.15
N VAL B 864 -36.97 70.96 -45.67
CA VAL B 864 -37.77 70.15 -44.75
C VAL B 864 -38.01 70.91 -43.45
N SER B 865 -36.99 71.59 -42.93
CA SER B 865 -37.16 72.37 -41.71
C SER B 865 -38.16 73.50 -41.92
N LEU B 866 -38.08 74.18 -43.06
CA LEU B 866 -39.04 75.25 -43.35
C LEU B 866 -40.46 74.70 -43.42
N ALA B 867 -40.64 73.55 -44.07
CA ALA B 867 -41.96 72.93 -44.14
C ALA B 867 -42.46 72.55 -42.76
N HIS B 868 -41.58 72.00 -41.91
CA HIS B 868 -41.97 71.63 -40.56
C HIS B 868 -42.43 72.86 -39.78
N ASN B 869 -41.67 73.96 -39.88
CA ASN B 869 -42.05 75.18 -39.17
C ASN B 869 -43.38 75.71 -39.66
N LEU B 870 -43.59 75.71 -40.98
CA LEU B 870 -44.86 76.20 -41.52
C LEU B 870 -46.02 75.32 -41.05
N ILE B 871 -45.83 74.00 -41.06
CA ILE B 871 -46.89 73.09 -40.63
C ILE B 871 -47.22 73.32 -39.16
N TYR B 872 -46.20 73.44 -38.32
CA TYR B 872 -46.44 73.64 -36.90
C TYR B 872 -47.01 75.02 -36.60
N PHE B 873 -46.76 76.01 -37.45
CA PHE B 873 -47.37 77.32 -37.34
C PHE B 873 -48.75 77.37 -37.99
N GLY B 874 -49.14 76.33 -38.72
CA GLY B 874 -50.49 76.24 -39.25
C GLY B 874 -50.72 77.03 -40.52
N PHE B 875 -50.01 76.69 -41.60
CA PHE B 875 -50.21 77.31 -42.89
C PHE B 875 -50.71 76.37 -43.96
N TYR B 876 -50.75 75.06 -43.71
CA TYR B 876 -51.18 74.07 -44.68
C TYR B 876 -52.63 73.66 -44.42
N SER B 877 -53.23 73.04 -45.44
CA SER B 877 -54.56 72.46 -45.36
C SER B 877 -54.45 70.94 -45.28
N PHE B 878 -55.60 70.29 -45.08
CA PHE B 878 -55.60 68.84 -44.92
C PHE B 878 -55.12 68.13 -46.18
N SER B 879 -55.63 68.55 -47.35
CA SER B 879 -55.22 67.92 -48.60
C SER B 879 -53.73 68.15 -48.88
N GLU B 880 -53.25 69.36 -48.64
CA GLU B 880 -51.83 69.64 -48.83
C GLU B 880 -50.98 68.81 -47.88
N LEU B 881 -51.43 68.64 -46.64
CA LEU B 881 -50.70 67.82 -45.68
C LEU B 881 -50.66 66.37 -46.14
N LEU B 882 -51.78 65.85 -46.66
CA LEU B 882 -51.78 64.48 -47.16
C LEU B 882 -50.82 64.32 -48.34
N ARG B 883 -50.84 65.27 -49.28
CA ARG B 883 -49.91 65.21 -50.40
C ARG B 883 -48.46 65.26 -49.93
N LEU B 884 -48.17 66.12 -48.95
CA LEU B 884 -46.83 66.20 -48.41
C LEU B 884 -46.45 64.90 -47.71
N THR B 885 -47.39 64.27 -47.02
CA THR B 885 -47.11 62.98 -46.38
C THR B 885 -46.72 61.94 -47.43
N ARG B 886 -47.49 61.87 -48.52
CA ARG B 886 -47.16 60.92 -49.58
C ARG B 886 -45.79 61.22 -50.16
N THR B 887 -45.49 62.50 -50.41
CA THR B 887 -44.20 62.86 -50.99
C THR B 887 -43.06 62.50 -50.04
N LEU B 888 -43.21 62.77 -48.75
CA LEU B 888 -42.16 62.46 -47.80
C LEU B 888 -41.96 60.96 -47.66
N LEU B 889 -43.05 60.19 -47.66
CA LEU B 889 -42.91 58.73 -47.62
C LEU B 889 -42.19 58.23 -48.87
N GLY B 890 -42.50 58.79 -50.03
CA GLY B 890 -41.77 58.43 -51.24
C GLY B 890 -40.30 58.78 -51.14
N ILE B 891 -39.98 59.94 -50.59
CA ILE B 891 -38.58 60.34 -50.43
C ILE B 891 -37.86 59.35 -49.52
N ILE B 892 -38.49 59.00 -48.40
CA ILE B 892 -37.86 58.08 -47.44
C ILE B 892 -37.65 56.72 -48.08
N ASP B 893 -38.67 56.22 -48.77
CA ASP B 893 -38.58 54.92 -49.44
C ASP B 893 -39.79 54.69 -50.33
N ASP B 961 -24.24 62.03 -42.88
CA ASP B 961 -25.46 61.28 -42.60
C ASP B 961 -26.26 61.94 -41.47
N ILE B 962 -25.61 62.83 -40.71
CA ILE B 962 -26.31 63.53 -39.64
C ILE B 962 -27.43 64.38 -40.21
N VAL B 963 -27.19 65.01 -41.37
CA VAL B 963 -28.25 65.77 -42.03
C VAL B 963 -29.40 64.86 -42.41
N VAL B 964 -29.09 63.65 -42.90
CA VAL B 964 -30.13 62.69 -43.26
C VAL B 964 -30.96 62.32 -42.04
N MET B 965 -30.29 62.06 -40.90
CA MET B 965 -31.02 61.72 -39.68
C MET B 965 -31.89 62.88 -39.23
N GLU B 966 -31.38 64.11 -39.30
CA GLU B 966 -32.16 65.26 -38.87
C GLU B 966 -33.39 65.45 -39.74
N THR B 967 -33.24 65.33 -41.06
CA THR B 967 -34.40 65.48 -41.94
C THR B 967 -35.39 64.34 -41.74
N LYS B 968 -34.90 63.12 -41.45
CA LYS B 968 -35.81 62.03 -41.14
C LYS B 968 -36.61 62.32 -39.87
N LEU B 969 -35.95 62.87 -38.84
CA LEU B 969 -36.66 63.25 -37.63
C LEU B 969 -37.70 64.32 -37.93
N LYS B 970 -37.35 65.32 -38.74
CA LYS B 970 -38.31 66.35 -39.12
C LYS B 970 -39.51 65.74 -39.84
N ILE B 971 -39.26 64.80 -40.75
CA ILE B 971 -40.34 64.15 -41.48
C ILE B 971 -41.24 63.37 -40.53
N LEU B 972 -40.63 62.68 -39.55
CA LEU B 972 -41.43 61.94 -38.58
C LEU B 972 -42.30 62.89 -37.75
N GLU B 973 -41.75 64.04 -37.35
CA GLU B 973 -42.55 65.01 -36.61
C GLU B 973 -43.71 65.51 -37.47
N ILE B 974 -43.45 65.79 -38.74
CA ILE B 974 -44.52 66.23 -39.63
C ILE B 974 -45.59 65.16 -39.75
N LEU B 975 -45.18 63.89 -39.87
CA LEU B 975 -46.13 62.80 -39.96
C LEU B 975 -46.98 62.70 -38.70
N GLN B 976 -46.37 62.85 -37.53
CA GLN B 976 -47.13 62.82 -36.29
C GLN B 976 -48.15 63.95 -36.23
N PHE B 977 -47.74 65.15 -36.63
CA PHE B 977 -48.67 66.28 -36.64
C PHE B 977 -49.83 66.02 -37.58
N ILE B 978 -49.55 65.46 -38.77
CA ILE B 978 -50.60 65.20 -39.73
C ILE B 978 -51.54 64.11 -39.23
N LEU B 979 -51.00 63.11 -38.53
CA LEU B 979 -51.86 62.10 -37.92
C LEU B 979 -52.77 62.71 -36.88
N ASN B 980 -52.24 63.63 -36.06
CA ASN B 980 -53.09 64.33 -35.10
C ASN B 980 -54.18 65.12 -35.80
N VAL B 981 -53.84 65.77 -36.91
CA VAL B 981 -54.85 66.51 -37.67
C VAL B 981 -55.92 65.57 -38.20
N ARG B 982 -55.51 64.40 -38.69
CA ARG B 982 -56.48 63.42 -39.17
C ARG B 982 -57.40 62.95 -38.05
N LEU B 983 -56.85 62.73 -36.86
CA LEU B 983 -57.68 62.36 -35.72
C LEU B 983 -58.67 63.45 -35.38
N ASP B 984 -58.23 64.70 -35.43
CA ASP B 984 -59.15 65.83 -35.20
C ASP B 984 -60.25 65.85 -36.25
N TYR B 985 -59.90 65.58 -37.50
CA TYR B 985 -60.91 65.54 -38.56
C TYR B 985 -61.92 64.42 -38.31
N ARG B 986 -61.44 63.26 -37.86
CA ARG B 986 -62.36 62.16 -37.53
C ARG B 986 -63.30 62.56 -36.39
N ILE B 987 -62.76 63.24 -35.38
CA ILE B 987 -63.61 63.70 -34.28
C ILE B 987 -64.66 64.68 -34.79
N SER B 988 -64.26 65.59 -35.69
CA SER B 988 -65.21 66.54 -36.26
C SER B 988 -66.28 65.81 -37.06
N TYR B 989 -65.90 64.78 -37.81
CA TYR B 989 -66.88 64.01 -38.56
C TYR B 989 -67.87 63.32 -37.64
N LEU B 990 -67.38 62.74 -36.53
CA LEU B 990 -68.29 62.13 -35.57
C LEU B 990 -69.24 63.17 -34.98
N LEU B 991 -68.73 64.36 -34.65
CA LEU B 991 -69.58 65.41 -34.11
C LEU B 991 -70.65 65.80 -35.13
N SER B 992 -70.27 65.93 -36.41
CA SER B 992 -71.23 66.29 -37.43
C SER B 992 -72.30 65.22 -37.58
N VAL B 993 -71.91 63.95 -37.56
CA VAL B 993 -72.87 62.86 -37.65
C VAL B 993 -73.84 62.90 -36.47
N PHE B 994 -73.31 63.10 -35.26
CA PHE B 994 -74.17 63.17 -34.09
C PHE B 994 -75.15 64.33 -34.19
N LYS B 995 -74.67 65.50 -34.61
CA LYS B 995 -75.55 66.66 -34.75
C LYS B 995 -76.63 66.40 -35.79
N LYS B 996 -76.26 65.82 -36.92
CA LYS B 996 -77.24 65.53 -37.96
C LYS B 996 -78.31 64.59 -37.46
N GLU B 997 -77.91 63.51 -36.78
CA GLU B 997 -78.89 62.57 -36.25
C GLU B 997 -79.79 63.24 -35.23
N PHE B 998 -79.20 64.03 -34.32
CA PHE B 998 -80.00 64.66 -33.28
C PHE B 998 -81.00 65.64 -33.86
N VAL B 999 -80.58 66.46 -34.83
CA VAL B 999 -81.50 67.43 -35.42
C VAL B 999 -82.58 66.70 -36.23
N GLU B 1000 -82.23 65.62 -36.91
CA GLU B 1000 -83.22 64.89 -37.70
C GLU B 1000 -84.27 64.23 -36.81
N VAL B 1001 -83.86 63.68 -35.66
CA VAL B 1001 -84.79 62.94 -34.81
C VAL B 1001 -85.52 63.84 -33.82
N PHE B 1002 -84.98 65.02 -33.49
CA PHE B 1002 -85.59 65.94 -32.54
C PHE B 1002 -85.59 67.34 -33.13
N PRO B 1003 -86.47 67.59 -34.13
CA PRO B 1003 -86.61 68.92 -34.75
C PRO B 1003 -86.55 70.07 -33.74
N ASN B 1024 -80.89 54.48 -35.40
CA ASN B 1024 -80.03 55.62 -35.16
C ASN B 1024 -78.65 55.17 -34.65
N LEU B 1025 -78.64 54.36 -33.60
CA LEU B 1025 -77.38 53.88 -33.05
C LEU B 1025 -76.63 53.03 -34.08
N ASP B 1026 -77.35 52.13 -34.76
CA ASP B 1026 -76.70 51.30 -35.78
C ASP B 1026 -76.18 52.15 -36.93
N ARG B 1027 -76.96 53.15 -37.36
CA ARG B 1027 -76.53 54.02 -38.45
C ARG B 1027 -75.27 54.79 -38.05
N ILE B 1028 -75.24 55.32 -36.84
CA ILE B 1028 -74.08 56.07 -36.38
C ILE B 1028 -72.87 55.16 -36.27
N GLY B 1029 -73.05 53.94 -35.75
CA GLY B 1029 -71.95 53.01 -35.65
C GLY B 1029 -71.39 52.65 -37.02
N GLU B 1030 -72.27 52.40 -37.99
CA GLU B 1030 -71.81 52.09 -39.34
C GLU B 1030 -71.07 53.26 -39.96
N GLN B 1031 -71.59 54.47 -39.77
CA GLN B 1031 -70.91 55.66 -40.31
C GLN B 1031 -69.53 55.83 -39.68
N ALA B 1032 -69.42 55.60 -38.37
CA ALA B 1032 -68.12 55.68 -37.71
C ALA B 1032 -67.17 54.62 -38.23
N GLU B 1033 -67.68 53.40 -38.43
CA GLU B 1033 -66.83 52.31 -38.94
C GLU B 1033 -66.37 52.59 -40.35
N ALA B 1034 -67.18 53.29 -41.14
CA ALA B 1034 -66.87 53.48 -42.55
C ALA B 1034 -65.51 54.16 -42.74
N MET B 1035 -65.24 55.20 -41.96
CA MET B 1035 -63.99 55.94 -42.15
C MET B 1035 -62.79 55.11 -41.74
N PHE B 1036 -62.97 54.23 -40.74
CA PHE B 1036 -61.89 53.36 -40.29
C PHE B 1036 -61.64 52.23 -41.30
N GLY B 1037 -60.94 52.54 -42.38
CA GLY B 1037 -60.64 51.54 -43.39
C GLY B 1037 -59.42 50.70 -43.03
N SER B 1043 -61.24 56.04 -46.91
CA SER B 1043 -60.37 55.69 -48.02
C SER B 1043 -59.49 56.87 -48.42
N MET B 1044 -60.07 58.07 -48.37
CA MET B 1044 -59.34 59.28 -48.72
C MET B 1044 -58.47 59.79 -47.59
N LEU B 1045 -58.58 59.21 -46.39
CA LEU B 1045 -57.79 59.63 -45.23
C LEU B 1045 -56.55 58.75 -45.05
N GLU B 1046 -56.27 57.85 -45.98
CA GLU B 1046 -55.13 56.95 -45.86
C GLU B 1046 -53.83 57.75 -45.89
N VAL B 1047 -52.86 57.30 -45.09
CA VAL B 1047 -51.57 57.99 -45.05
C VAL B 1047 -50.87 57.89 -46.41
N ASP B 1048 -50.90 56.71 -47.02
CA ASP B 1048 -50.26 56.47 -48.30
C ASP B 1048 -51.28 55.88 -49.29
N ASP B 1049 -50.83 55.66 -50.52
CA ASP B 1049 -51.67 55.11 -51.56
C ASP B 1049 -51.69 53.58 -51.56
N GLU B 1050 -50.92 52.94 -50.68
CA GLU B 1050 -50.85 51.49 -50.60
C GLU B 1050 -51.59 50.95 -49.39
N GLY B 1051 -52.47 51.74 -48.79
CA GLY B 1051 -53.21 51.28 -47.62
C GLY B 1051 -52.34 51.02 -46.41
N GLY B 1052 -51.35 51.88 -46.17
CA GLY B 1052 -50.50 51.78 -45.01
C GLY B 1052 -49.29 50.88 -45.18
N ARG B 1053 -49.19 50.16 -46.30
CA ARG B 1053 -48.01 49.32 -46.52
C ARG B 1053 -46.75 50.15 -46.57
N MET B 1054 -46.77 51.26 -47.31
CA MET B 1054 -45.58 52.11 -47.41
C MET B 1054 -45.24 52.72 -46.05
N PHE B 1055 -46.25 53.15 -45.30
CA PHE B 1055 -46.00 53.73 -43.99
C PHE B 1055 -45.36 52.71 -43.05
N LEU B 1056 -45.89 51.49 -43.03
CA LEU B 1056 -45.32 50.44 -42.18
C LEU B 1056 -43.89 50.11 -42.60
N ARG B 1057 -43.65 50.01 -43.91
CA ARG B 1057 -42.31 49.69 -44.39
C ARG B 1057 -41.32 50.79 -43.99
N VAL B 1058 -41.73 52.05 -44.13
CA VAL B 1058 -40.87 53.16 -43.75
C VAL B 1058 -40.59 53.13 -42.26
N LEU B 1059 -41.62 52.85 -41.45
CA LEU B 1059 -41.43 52.79 -40.01
C LEU B 1059 -40.44 51.69 -39.64
N ILE B 1060 -40.57 50.51 -40.25
CA ILE B 1060 -39.65 49.41 -39.94
C ILE B 1060 -38.23 49.76 -40.39
N HIS B 1061 -38.10 50.36 -41.57
CA HIS B 1061 -36.76 50.71 -42.06
C HIS B 1061 -36.10 51.73 -41.14
N LEU B 1062 -36.88 52.72 -40.67
CA LEU B 1062 -36.33 53.69 -39.72
C LEU B 1062 -35.98 53.04 -38.39
N THR B 1063 -36.83 52.12 -37.91
CA THR B 1063 -36.51 51.40 -36.69
C THR B 1063 -35.24 50.58 -36.83
N MET B 1064 -34.95 50.08 -38.03
CA MET B 1064 -33.74 49.31 -38.28
C MET B 1064 -32.48 50.17 -38.21
N HIS B 1065 -32.60 51.49 -38.19
CA HIS B 1065 -31.44 52.35 -38.09
C HIS B 1065 -30.84 52.30 -36.70
N ASP B 1066 -29.63 52.82 -36.58
CA ASP B 1066 -28.90 52.87 -35.31
C ASP B 1066 -29.07 54.18 -34.58
N TYR B 1067 -29.83 55.14 -35.13
CA TYR B 1067 -30.04 56.44 -34.50
C TYR B 1067 -31.17 56.31 -33.49
N ALA B 1068 -30.84 56.48 -32.21
CA ALA B 1068 -31.80 56.20 -31.15
C ALA B 1068 -33.06 57.07 -31.24
N PRO B 1069 -32.97 58.39 -31.44
CA PRO B 1069 -34.21 59.17 -31.60
C PRO B 1069 -35.08 58.69 -32.74
N LEU B 1070 -34.48 58.36 -33.90
CA LEU B 1070 -35.26 57.87 -35.02
C LEU B 1070 -35.91 56.54 -34.70
N VAL B 1071 -35.18 55.64 -34.04
CA VAL B 1071 -35.74 54.34 -33.68
C VAL B 1071 -36.91 54.53 -32.72
N SER B 1072 -36.76 55.42 -31.73
CA SER B 1072 -37.83 55.65 -30.78
C SER B 1072 -39.06 56.22 -31.47
N GLY B 1073 -38.86 57.20 -32.36
CA GLY B 1073 -39.99 57.76 -33.08
C GLY B 1073 -40.69 56.74 -33.95
N ALA B 1074 -39.92 55.91 -34.65
CA ALA B 1074 -40.50 54.88 -35.49
C ALA B 1074 -41.29 53.88 -34.67
N LEU B 1075 -40.76 53.47 -33.52
CA LEU B 1075 -41.48 52.54 -32.66
C LEU B 1075 -42.77 53.16 -32.14
N GLN B 1076 -42.71 54.43 -31.73
CA GLN B 1076 -43.91 55.10 -31.23
C GLN B 1076 -44.98 55.17 -32.32
N LEU B 1077 -44.58 55.55 -33.53
CA LEU B 1077 -45.54 55.63 -34.63
C LEU B 1077 -46.10 54.25 -34.97
N LEU B 1078 -45.25 53.21 -34.94
CA LEU B 1078 -45.73 51.87 -35.23
C LEU B 1078 -46.77 51.43 -34.20
N PHE B 1079 -46.50 51.69 -32.91
CA PHE B 1079 -47.47 51.34 -31.88
C PHE B 1079 -48.75 52.14 -32.01
N LYS B 1080 -48.65 53.43 -32.35
CA LYS B 1080 -49.86 54.25 -32.49
C LYS B 1080 -50.66 53.91 -33.73
N HIS B 1081 -50.03 53.33 -34.75
CA HIS B 1081 -50.74 53.04 -35.99
C HIS B 1081 -51.89 52.05 -35.76
N PHE B 1082 -51.67 51.03 -34.95
CA PHE B 1082 -52.67 49.99 -34.68
C PHE B 1082 -53.53 50.31 -33.47
N SER B 1083 -53.71 51.59 -33.14
CA SER B 1083 -54.56 51.99 -32.02
C SER B 1083 -55.40 53.21 -32.38
N GLN B 1084 -55.74 53.37 -33.66
CA GLN B 1084 -56.52 54.53 -34.09
C GLN B 1084 -57.89 54.54 -33.43
N ARG B 1085 -58.57 53.39 -33.40
CA ARG B 1085 -59.91 53.34 -32.83
C ARG B 1085 -59.88 53.64 -31.34
N GLN B 1086 -58.96 53.04 -30.60
CA GLN B 1086 -58.88 53.29 -29.16
C GLN B 1086 -58.55 54.74 -28.87
N GLU B 1087 -57.56 55.28 -29.59
CA GLU B 1087 -57.20 56.69 -29.40
C GLU B 1087 -58.34 57.61 -29.80
N ALA B 1088 -59.04 57.27 -30.89
CA ALA B 1088 -60.18 58.08 -31.32
C ALA B 1088 -61.26 58.11 -30.25
N MET B 1089 -61.59 56.95 -29.68
CA MET B 1089 -62.59 56.90 -28.62
C MET B 1089 -62.12 57.67 -27.39
N HIS B 1090 -60.85 57.52 -27.03
CA HIS B 1090 -60.34 58.22 -25.86
C HIS B 1090 -60.43 59.74 -26.04
N THR B 1091 -60.08 60.22 -27.23
CA THR B 1091 -60.16 61.66 -27.48
C THR B 1091 -61.61 62.14 -27.58
N PHE B 1092 -62.50 61.31 -28.14
CA PHE B 1092 -63.90 61.69 -28.24
C PHE B 1092 -64.57 61.74 -26.86
N LYS B 1093 -64.09 60.95 -25.91
CA LYS B 1093 -64.62 60.99 -24.55
C LYS B 1093 -64.32 62.29 -23.83
N GLN B 1094 -63.44 63.13 -24.38
CA GLN B 1094 -63.05 64.37 -23.73
C GLN B 1094 -63.41 65.58 -24.59
N VAL B 1095 -64.63 65.58 -25.13
CA VAL B 1095 -65.11 66.64 -26.01
C VAL B 1095 -66.17 67.45 -25.27
N GLN B 1096 -66.02 68.77 -25.30
CA GLN B 1096 -66.96 69.69 -24.67
C GLN B 1096 -67.70 70.46 -25.76
N LEU B 1097 -69.01 70.63 -25.58
CA LEU B 1097 -69.86 71.23 -26.60
C LEU B 1097 -70.18 72.70 -26.34
N LEU B 1098 -70.23 73.11 -25.07
CA LEU B 1098 -70.52 74.50 -24.71
C LEU B 1098 -71.78 75.00 -25.42
N ILE B 1099 -72.88 74.28 -25.16
CA ILE B 1099 -74.15 74.59 -25.82
C ILE B 1099 -74.78 75.87 -25.31
N SER B 1100 -74.69 76.13 -24.01
CA SER B 1100 -75.38 77.27 -23.42
C SER B 1100 -74.82 78.59 -23.93
N ALA B 1101 -75.69 79.60 -23.99
CA ALA B 1101 -75.26 80.94 -24.41
C ALA B 1101 -74.24 81.50 -23.42
N GLN B 1102 -74.45 81.27 -22.12
CA GLN B 1102 -73.47 81.69 -21.14
C GLN B 1102 -72.13 81.00 -21.37
N ASP B 1103 -72.16 79.71 -21.71
CA ASP B 1103 -70.93 78.99 -22.00
C ASP B 1103 -70.24 79.58 -23.23
N VAL B 1104 -71.01 79.93 -24.27
CA VAL B 1104 -70.42 80.52 -25.47
C VAL B 1104 -69.78 81.86 -25.14
N GLU B 1105 -70.46 82.69 -24.34
CA GLU B 1105 -69.91 83.98 -23.97
C GLU B 1105 -68.62 83.81 -23.17
N ASN B 1106 -68.61 82.87 -22.22
CA ASN B 1106 -67.41 82.60 -21.44
C ASN B 1106 -66.28 82.11 -22.34
N TYR B 1107 -66.60 81.27 -23.32
CA TYR B 1107 -65.59 80.78 -24.25
C TYR B 1107 -64.98 81.94 -25.04
N LYS B 1108 -65.82 82.84 -25.55
CA LYS B 1108 -65.31 83.98 -26.30
C LYS B 1108 -64.43 84.87 -25.43
N VAL B 1109 -64.89 85.15 -24.21
CA VAL B 1109 -64.13 86.02 -23.32
C VAL B 1109 -62.79 85.38 -22.98
N ILE B 1110 -62.80 84.08 -22.69
CA ILE B 1110 -61.56 83.39 -22.35
C ILE B 1110 -60.61 83.41 -23.52
N LYS B 1111 -61.12 83.16 -24.73
CA LYS B 1111 -60.26 83.17 -25.91
C LYS B 1111 -59.60 84.54 -26.08
N SER B 1112 -60.40 85.61 -26.00
CA SER B 1112 -59.85 86.95 -26.20
C SER B 1112 -58.82 87.28 -25.14
N GLU B 1113 -59.14 87.01 -23.87
CA GLU B 1113 -58.22 87.34 -22.79
C GLU B 1113 -56.93 86.54 -22.89
N LEU B 1114 -57.03 85.25 -23.21
CA LEU B 1114 -55.84 84.43 -23.35
C LEU B 1114 -54.97 84.90 -24.51
N ASP B 1115 -55.60 85.26 -25.64
CA ASP B 1115 -54.82 85.77 -26.77
C ASP B 1115 -54.08 87.05 -26.38
N ARG B 1116 -54.78 87.99 -25.74
CA ARG B 1116 -54.13 89.23 -25.34
C ARG B 1116 -53.00 88.98 -24.36
N LEU B 1117 -53.23 88.12 -23.37
CA LEU B 1117 -52.21 87.84 -22.36
C LEU B 1117 -51.00 87.16 -23.00
N ARG B 1118 -51.23 86.22 -23.92
CA ARG B 1118 -50.12 85.54 -24.57
C ARG B 1118 -49.32 86.49 -25.44
N THR B 1119 -50.00 87.39 -26.17
CA THR B 1119 -49.27 88.39 -26.94
C THR B 1119 -48.44 89.29 -26.03
N MET B 1120 -49.02 89.70 -24.90
CA MET B 1120 -48.27 90.55 -23.97
C MET B 1120 -47.05 89.82 -23.41
N VAL B 1121 -47.20 88.55 -23.08
CA VAL B 1121 -46.08 87.77 -22.58
C VAL B 1121 -45.01 87.60 -23.66
N GLU B 1122 -45.43 87.32 -24.90
CA GLU B 1122 -44.47 87.19 -26.00
C GLU B 1122 -43.68 88.48 -26.19
N LYS B 1123 -44.36 89.62 -26.13
CA LYS B 1123 -43.69 90.92 -26.19
C LYS B 1123 -43.29 91.39 -24.79
N SER B 1124 -42.61 90.50 -24.06
CA SER B 1124 -42.29 90.77 -22.66
C SER B 1124 -41.14 91.77 -22.52
N GLU B 1125 -40.08 91.61 -23.32
CA GLU B 1125 -38.85 92.34 -23.06
C GLU B 1125 -39.05 93.85 -23.10
N LEU B 1126 -40.08 94.33 -23.78
CA LEU B 1126 -40.31 95.75 -23.94
C LEU B 1126 -41.12 96.37 -22.81
N TRP B 1127 -41.62 95.57 -21.86
CA TRP B 1127 -42.34 96.12 -20.73
C TRP B 1127 -42.02 95.46 -19.39
N VAL B 1128 -41.17 94.44 -19.35
CA VAL B 1128 -40.79 93.84 -18.07
C VAL B 1128 -40.10 94.88 -17.18
N ASP B 1129 -39.20 95.65 -17.77
CA ASP B 1129 -38.46 96.67 -17.02
C ASP B 1129 -39.21 98.00 -17.03
N SER B 1166 -45.99 102.17 -17.27
CA SER B 1166 -46.43 101.62 -18.54
C SER B 1166 -47.79 100.94 -18.38
N GLU B 1167 -48.65 101.11 -19.38
CA GLU B 1167 -49.98 100.51 -19.36
C GLU B 1167 -49.96 98.99 -19.44
N ASN B 1168 -48.81 98.39 -19.78
CA ASN B 1168 -48.75 96.94 -19.88
C ASN B 1168 -49.04 96.28 -18.54
N TYR B 1169 -48.46 96.81 -17.45
CA TYR B 1169 -48.71 96.24 -16.13
C TYR B 1169 -50.20 96.34 -15.77
N GLN B 1170 -50.81 97.49 -16.05
CA GLN B 1170 -52.23 97.66 -15.75
C GLN B 1170 -53.07 96.68 -16.57
N ILE B 1171 -52.75 96.53 -17.86
CA ILE B 1171 -53.49 95.60 -18.70
C ILE B 1171 -53.36 94.17 -18.17
N VAL B 1172 -52.15 93.77 -17.81
CA VAL B 1172 -51.93 92.42 -17.30
C VAL B 1172 -52.71 92.21 -16.01
N LYS B 1173 -52.66 93.19 -15.10
CA LYS B 1173 -53.36 93.05 -13.83
C LYS B 1173 -54.87 92.95 -14.06
N GLY B 1174 -55.41 93.78 -14.95
CA GLY B 1174 -56.83 93.69 -15.25
C GLY B 1174 -57.21 92.35 -15.85
N ILE B 1175 -56.39 91.84 -16.77
CA ILE B 1175 -56.68 90.54 -17.37
C ILE B 1175 -56.67 89.44 -16.31
N LEU B 1176 -55.67 89.47 -15.43
CA LEU B 1176 -55.59 88.46 -14.39
C LEU B 1176 -56.79 88.52 -13.45
N GLU B 1177 -57.18 89.74 -13.05
CA GLU B 1177 -58.34 89.87 -12.16
C GLU B 1177 -59.60 89.39 -12.85
N ARG B 1178 -59.77 89.72 -14.13
CA ARG B 1178 -60.96 89.27 -14.86
C ARG B 1178 -60.99 87.76 -14.98
N LEU B 1179 -59.84 87.13 -15.23
CA LEU B 1179 -59.79 85.67 -15.31
C LEU B 1179 -60.12 85.05 -13.95
N ASN B 1180 -59.59 85.63 -12.87
CA ASN B 1180 -59.90 85.09 -11.54
C ASN B 1180 -61.38 85.19 -11.25
N LYS B 1181 -62.01 86.32 -11.59
CA LYS B 1181 -63.45 86.43 -11.40
C LYS B 1181 -64.22 85.44 -12.27
N MET B 1182 -63.77 85.27 -13.53
CA MET B 1182 -64.46 84.35 -14.43
C MET B 1182 -64.37 82.91 -13.92
N CYS B 1183 -63.28 82.56 -13.23
CA CYS B 1183 -63.13 81.19 -12.75
C CYS B 1183 -64.35 80.76 -11.94
N GLY B 1184 -64.95 81.68 -11.20
CA GLY B 1184 -66.21 81.43 -10.55
C GLY B 1184 -66.06 80.86 -9.15
N VAL B 1185 -67.16 80.90 -8.40
CA VAL B 1185 -67.24 80.36 -7.06
C VAL B 1185 -68.46 79.45 -6.99
N GLY B 1186 -68.28 78.26 -6.44
CA GLY B 1186 -69.37 77.28 -6.34
C GLY B 1186 -69.06 76.04 -7.15
N GLU B 1187 -69.16 74.89 -6.48
CA GLU B 1187 -68.83 73.62 -7.14
C GLU B 1187 -69.78 73.30 -8.29
N GLN B 1188 -70.95 73.95 -8.35
CA GLN B 1188 -71.90 73.65 -9.42
C GLN B 1188 -71.32 73.97 -10.78
N MET B 1189 -70.58 75.08 -10.89
CA MET B 1189 -69.96 75.48 -12.15
C MET B 1189 -68.43 75.55 -12.08
N ARG B 1190 -67.84 75.30 -10.90
CA ARG B 1190 -66.39 75.34 -10.78
C ARG B 1190 -65.75 74.27 -11.66
N LYS B 1191 -66.32 73.06 -11.67
CA LYS B 1191 -65.78 72.01 -12.53
C LYS B 1191 -65.89 72.38 -13.99
N LYS B 1192 -67.02 72.96 -14.40
CA LYS B 1192 -67.18 73.38 -15.80
C LYS B 1192 -66.14 74.43 -16.17
N GLN B 1193 -65.94 75.43 -15.30
CA GLN B 1193 -64.97 76.47 -15.60
C GLN B 1193 -63.56 75.91 -15.68
N GLN B 1194 -63.21 75.01 -14.76
CA GLN B 1194 -61.88 74.41 -14.78
C GLN B 1194 -61.68 73.59 -16.05
N ARG B 1195 -62.69 72.82 -16.46
CA ARG B 1195 -62.58 72.04 -17.69
C ARG B 1195 -62.43 72.95 -18.90
N LEU B 1196 -63.19 74.05 -18.94
CA LEU B 1196 -63.08 74.99 -20.04
C LEU B 1196 -61.68 75.61 -20.09
N LEU B 1197 -61.13 75.98 -18.93
CA LEU B 1197 -59.78 76.52 -18.89
C LEU B 1197 -58.75 75.49 -19.35
N LYS B 1198 -58.92 74.24 -18.92
CA LYS B 1198 -58.01 73.19 -19.35
C LYS B 1198 -58.06 73.00 -20.87
N ASN B 1199 -59.27 73.01 -21.45
CA ASN B 1199 -59.40 72.90 -22.89
C ASN B 1199 -58.82 74.10 -23.62
N MET B 1200 -58.94 75.30 -23.05
CA MET B 1200 -58.38 76.51 -23.63
C MET B 1200 -56.88 76.65 -23.38
N ASP B 1201 -56.31 75.79 -22.54
CA ASP B 1201 -54.87 75.78 -22.31
C ASP B 1201 -54.38 77.07 -21.68
N ALA B 1202 -55.07 77.52 -20.63
CA ALA B 1202 -54.62 78.68 -19.88
C ALA B 1202 -53.44 78.35 -18.98
N HIS B 1203 -53.31 77.09 -18.56
CA HIS B 1203 -52.23 76.72 -17.66
C HIS B 1203 -50.87 76.96 -18.29
N LYS B 1204 -50.73 76.66 -19.58
CA LYS B 1204 -49.46 76.91 -20.26
C LYS B 1204 -49.12 78.39 -20.26
N VAL B 1205 -50.11 79.25 -20.53
CA VAL B 1205 -49.87 80.68 -20.52
C VAL B 1205 -49.46 81.15 -19.14
N MET B 1206 -50.12 80.64 -18.10
CA MET B 1206 -49.77 81.03 -16.74
C MET B 1206 -48.36 80.57 -16.38
N LEU B 1207 -47.99 79.36 -16.80
CA LEU B 1207 -46.63 78.88 -16.54
C LEU B 1207 -45.60 79.73 -17.25
N ASP B 1208 -45.89 80.12 -18.50
CA ASP B 1208 -44.97 81.01 -19.22
C ASP B 1208 -44.85 82.36 -18.52
N LEU B 1209 -45.97 82.90 -18.03
CA LEU B 1209 -45.93 84.16 -17.30
C LEU B 1209 -45.11 84.03 -16.03
N LEU B 1210 -45.25 82.90 -15.32
CA LEU B 1210 -44.41 82.66 -14.16
C LEU B 1210 -42.93 82.57 -14.53
N GLN B 1211 -42.62 81.94 -15.66
CA GLN B 1211 -41.27 81.82 -16.14
C GLN B 1211 -40.74 83.12 -16.75
N ILE B 1212 -41.58 84.14 -16.89
CA ILE B 1212 -41.13 85.40 -17.49
C ILE B 1212 -39.97 85.95 -16.66
N PRO B 1213 -38.87 86.39 -17.28
CA PRO B 1213 -37.80 87.01 -16.50
C PRO B 1213 -38.23 88.34 -15.91
N TYR B 1214 -37.63 88.68 -14.77
CA TYR B 1214 -37.93 89.94 -14.10
C TYR B 1214 -36.81 90.25 -13.12
N ASP B 1215 -36.82 91.47 -12.61
CA ASP B 1215 -35.85 91.94 -11.63
C ASP B 1215 -36.54 92.18 -10.30
N LYS B 1216 -35.92 91.71 -9.22
CA LYS B 1216 -36.50 91.88 -7.90
C LYS B 1216 -36.64 93.35 -7.54
N GLY B 1217 -37.76 93.70 -6.92
CA GLY B 1217 -37.99 95.06 -6.48
C GLY B 1217 -39.24 95.68 -7.07
N ASP B 1218 -39.81 95.05 -8.08
CA ASP B 1218 -40.98 95.59 -8.77
C ASP B 1218 -42.24 95.13 -8.04
N ALA B 1219 -42.89 96.05 -7.34
CA ALA B 1219 -44.12 95.71 -6.62
C ALA B 1219 -45.22 95.28 -7.59
N LYS B 1220 -45.32 95.94 -8.73
CA LYS B 1220 -46.34 95.57 -9.71
C LYS B 1220 -46.07 94.16 -10.26
N MET B 1221 -44.80 93.84 -10.52
CA MET B 1221 -44.46 92.49 -10.97
C MET B 1221 -44.81 91.47 -9.90
N MET B 1222 -44.52 91.78 -8.63
CA MET B 1222 -44.88 90.87 -7.56
C MET B 1222 -46.39 90.69 -7.48
N GLU B 1223 -47.15 91.76 -7.68
CA GLU B 1223 -48.61 91.66 -7.64
C GLU B 1223 -49.13 90.76 -8.74
N ILE B 1224 -48.62 90.93 -9.96
CA ILE B 1224 -49.10 90.09 -11.07
C ILE B 1224 -48.68 88.64 -10.85
N LEU B 1225 -47.48 88.41 -10.29
CA LEU B 1225 -47.07 87.05 -9.98
C LEU B 1225 -48.00 86.43 -8.94
N ARG B 1226 -48.38 87.21 -7.92
CA ARG B 1226 -49.31 86.71 -6.92
C ARG B 1226 -50.66 86.38 -7.55
N TYR B 1227 -51.13 87.23 -8.46
CA TYR B 1227 -52.39 86.95 -9.13
C TYR B 1227 -52.32 85.66 -9.94
N THR B 1228 -51.20 85.46 -10.65
CA THR B 1228 -51.03 84.22 -11.41
C THR B 1228 -51.01 83.01 -10.49
N HIS B 1229 -50.31 83.12 -9.36
CA HIS B 1229 -50.27 82.01 -8.41
C HIS B 1229 -51.67 81.70 -7.87
N GLN B 1230 -52.44 82.74 -7.53
CA GLN B 1230 -53.80 82.52 -7.06
C GLN B 1230 -54.66 81.87 -8.13
N PHE B 1231 -54.50 82.31 -9.39
CA PHE B 1231 -55.25 81.68 -10.48
C PHE B 1231 -54.90 80.22 -10.62
N LEU B 1232 -53.61 79.88 -10.54
CA LEU B 1232 -53.21 78.48 -10.64
C LEU B 1232 -53.78 77.67 -9.48
N GLN B 1233 -53.74 78.23 -8.27
CA GLN B 1233 -54.29 77.53 -7.11
C GLN B 1233 -55.78 77.26 -7.27
N LYS B 1234 -56.53 78.26 -7.75
CA LYS B 1234 -57.95 78.07 -7.96
C LYS B 1234 -58.22 77.09 -9.10
N PHE B 1235 -57.38 77.09 -10.14
CA PHE B 1235 -57.52 76.14 -11.23
C PHE B 1235 -57.31 74.71 -10.73
N CYS B 1236 -56.32 74.50 -9.87
CA CYS B 1236 -56.06 73.20 -9.27
C CYS B 1236 -56.77 73.14 -7.92
N ALA B 1237 -58.09 73.00 -7.98
CA ALA B 1237 -58.94 72.95 -6.78
C ALA B 1237 -59.97 71.85 -6.99
N GLY B 1238 -59.71 70.67 -6.42
CA GLY B 1238 -60.62 69.56 -6.51
C GLY B 1238 -60.63 68.82 -7.83
N ASN B 1239 -59.71 69.16 -8.74
CA ASN B 1239 -59.63 68.51 -10.05
C ASN B 1239 -58.36 67.68 -10.12
N PRO B 1240 -58.44 66.35 -10.01
CA PRO B 1240 -57.22 65.54 -10.10
C PRO B 1240 -56.49 65.71 -11.43
N GLY B 1241 -57.22 65.89 -12.53
CA GLY B 1241 -56.57 66.10 -13.81
C GLY B 1241 -55.74 67.37 -13.83
N ASN B 1242 -56.31 68.47 -13.34
CA ASN B 1242 -55.57 69.73 -13.27
C ASN B 1242 -54.39 69.61 -12.31
N GLN B 1243 -54.59 68.93 -11.19
CA GLN B 1243 -53.49 68.73 -10.25
C GLN B 1243 -52.34 67.97 -10.90
N ALA B 1244 -52.66 66.90 -11.64
CA ALA B 1244 -51.62 66.14 -12.33
C ALA B 1244 -50.94 66.98 -13.39
N LEU B 1245 -51.72 67.78 -14.13
CA LEU B 1245 -51.14 68.63 -15.16
C LEU B 1245 -50.14 69.61 -14.56
N LEU B 1246 -50.50 70.24 -13.44
CA LEU B 1246 -49.58 71.17 -12.79
C LEU B 1246 -48.39 70.44 -12.19
N HIS B 1247 -48.60 69.26 -11.61
CA HIS B 1247 -47.50 68.49 -11.05
C HIS B 1247 -46.51 68.08 -12.12
N LYS B 1248 -46.98 67.89 -13.36
CA LYS B 1248 -46.08 67.51 -14.44
C LYS B 1248 -45.02 68.57 -14.70
N HIS B 1249 -45.25 69.81 -14.24
CA HIS B 1249 -44.28 70.89 -14.34
C HIS B 1249 -43.83 71.33 -12.95
N LEU B 1250 -43.58 70.36 -12.06
CA LEU B 1250 -43.29 70.66 -10.67
C LEU B 1250 -41.98 71.42 -10.50
N HIS B 1251 -41.02 71.27 -11.43
CA HIS B 1251 -39.70 71.85 -11.22
C HIS B 1251 -39.77 73.37 -11.06
N LEU B 1252 -40.79 74.01 -11.64
CA LEU B 1252 -40.92 75.45 -11.51
C LEU B 1252 -41.13 75.86 -10.06
N PHE B 1253 -41.94 75.11 -9.32
CA PHE B 1253 -42.32 75.48 -7.96
C PHE B 1253 -41.30 75.04 -6.92
N LEU B 1254 -40.24 74.32 -7.32
CA LEU B 1254 -39.19 73.89 -6.38
C LEU B 1254 -38.17 75.01 -6.17
N THR B 1255 -38.68 76.14 -5.68
CA THR B 1255 -37.87 77.30 -5.35
C THR B 1255 -38.43 77.93 -4.09
N PRO B 1256 -37.59 78.57 -3.28
CA PRO B 1256 -38.09 79.20 -2.05
C PRO B 1256 -39.16 80.26 -2.37
N GLY B 1257 -40.15 80.33 -1.49
CA GLY B 1257 -41.24 81.28 -1.67
C GLY B 1257 -42.55 80.83 -1.06
N LEU B 1258 -43.21 81.72 -0.32
CA LEU B 1258 -44.48 81.38 0.29
C LEU B 1258 -45.54 81.10 -0.76
N LEU B 1259 -45.56 81.89 -1.84
CA LEU B 1259 -46.51 81.64 -2.91
C LEU B 1259 -46.30 80.27 -3.54
N GLU B 1260 -45.03 79.89 -3.77
CA GLU B 1260 -44.74 78.57 -4.32
C GLU B 1260 -45.15 77.47 -3.35
N ALA B 1261 -44.92 77.68 -2.06
CA ALA B 1261 -45.34 76.68 -1.08
C ALA B 1261 -46.85 76.51 -1.07
N GLU B 1262 -47.59 77.63 -1.13
CA GLU B 1262 -49.04 77.54 -1.19
C GLU B 1262 -49.51 76.83 -2.46
N THR B 1263 -48.86 77.13 -3.59
CA THR B 1263 -49.22 76.46 -4.83
C THR B 1263 -48.98 74.96 -4.74
N MET B 1264 -47.85 74.56 -4.15
CA MET B 1264 -47.58 73.13 -3.96
C MET B 1264 -48.63 72.50 -3.05
N GLN B 1265 -49.00 73.20 -1.98
CA GLN B 1265 -50.02 72.67 -1.07
C GLN B 1265 -51.34 72.48 -1.81
N HIS B 1266 -51.75 73.45 -2.62
CA HIS B 1266 -52.99 73.32 -3.38
C HIS B 1266 -52.90 72.17 -4.38
N ILE B 1267 -51.75 72.02 -5.03
CA ILE B 1267 -51.59 70.95 -6.02
C ILE B 1267 -51.70 69.59 -5.35
N PHE B 1268 -51.07 69.42 -4.19
CA PHE B 1268 -51.07 68.14 -3.49
C PHE B 1268 -52.25 67.97 -2.54
N LEU B 1269 -53.15 68.94 -2.48
CA LEU B 1269 -54.27 68.85 -1.55
C LEU B 1269 -55.29 67.82 -2.01
N ASN B 1270 -55.66 66.92 -1.10
CA ASN B 1270 -56.73 65.96 -1.34
C ASN B 1270 -56.50 65.17 -2.63
N ASN B 1271 -55.27 64.69 -2.81
CA ASN B 1271 -54.90 63.88 -3.96
C ASN B 1271 -54.04 62.72 -3.47
N TYR B 1272 -54.68 61.59 -3.17
CA TYR B 1272 -53.97 60.44 -2.63
C TYR B 1272 -52.94 59.92 -3.62
N GLN B 1273 -53.29 59.92 -4.91
CA GLN B 1273 -52.37 59.40 -5.92
C GLN B 1273 -51.01 60.08 -5.85
N LEU B 1274 -51.00 61.41 -5.82
CA LEU B 1274 -49.74 62.14 -5.76
C LEU B 1274 -49.14 62.12 -4.36
N CYS B 1275 -49.99 62.14 -3.32
CA CYS B 1275 -49.48 62.15 -1.96
C CYS B 1275 -48.69 60.89 -1.64
N SER B 1276 -49.21 59.73 -2.06
CA SER B 1276 -48.52 58.47 -1.80
C SER B 1276 -47.25 58.30 -2.62
N GLU B 1277 -47.18 58.94 -3.79
CA GLU B 1277 -46.02 58.82 -4.68
C GLU B 1277 -45.12 60.04 -4.61
N ILE B 1278 -45.32 60.92 -3.64
CA ILE B 1278 -44.46 62.09 -3.49
C ILE B 1278 -43.02 61.63 -3.36
N SER B 1279 -42.11 62.38 -3.98
CA SER B 1279 -40.71 61.99 -4.04
C SER B 1279 -39.93 62.53 -2.86
N GLU B 1280 -38.94 61.74 -2.41
CA GLU B 1280 -38.09 62.15 -1.29
C GLU B 1280 -37.41 63.49 -1.49
N PRO B 1281 -36.92 63.83 -2.69
CA PRO B 1281 -36.26 65.15 -2.85
C PRO B 1281 -37.17 66.32 -2.52
N VAL B 1282 -38.47 66.22 -2.78
CA VAL B 1282 -39.38 67.32 -2.45
C VAL B 1282 -39.41 67.55 -0.95
N LEU B 1283 -39.56 66.47 -0.17
CA LEU B 1283 -39.56 66.59 1.28
C LEU B 1283 -38.22 67.10 1.78
N GLN B 1284 -37.12 66.61 1.20
CA GLN B 1284 -35.81 67.09 1.61
C GLN B 1284 -35.66 68.58 1.34
N HIS B 1285 -36.14 69.05 0.19
CA HIS B 1285 -36.08 70.47 -0.13
C HIS B 1285 -36.90 71.29 0.85
N PHE B 1286 -38.10 70.82 1.19
CA PHE B 1286 -38.93 71.55 2.15
C PHE B 1286 -38.26 71.62 3.52
N VAL B 1287 -37.68 70.51 3.97
CA VAL B 1287 -36.99 70.50 5.26
C VAL B 1287 -35.78 71.42 5.23
N HIS B 1288 -35.03 71.42 4.14
CA HIS B 1288 -33.88 72.30 4.02
C HIS B 1288 -34.31 73.76 4.06
N LEU B 1289 -35.40 74.10 3.37
CA LEU B 1289 -35.91 75.46 3.42
C LEU B 1289 -36.31 75.84 4.84
N LEU B 1290 -37.00 74.94 5.55
CA LEU B 1290 -37.36 75.21 6.93
C LEU B 1290 -36.13 75.47 7.78
N ALA B 1291 -35.08 74.65 7.59
CA ALA B 1291 -33.88 74.77 8.41
C ALA B 1291 -33.13 76.07 8.11
N THR B 1292 -33.03 76.44 6.83
CA THR B 1292 -32.17 77.56 6.43
C THR B 1292 -32.93 78.88 6.40
N HIS B 1293 -33.95 78.98 5.55
CA HIS B 1293 -34.63 80.26 5.37
C HIS B 1293 -35.29 80.73 6.66
N GLY B 1294 -35.94 79.82 7.37
CA GLY B 1294 -36.58 80.17 8.62
C GLY B 1294 -37.73 79.24 8.92
N ARG B 1295 -38.45 79.56 9.99
CA ARG B 1295 -39.59 78.77 10.46
C ARG B 1295 -40.86 79.46 9.97
N HIS B 1296 -41.41 78.94 8.87
CA HIS B 1296 -42.64 79.44 8.29
C HIS B 1296 -43.71 78.37 8.32
N VAL B 1297 -44.97 78.80 8.53
CA VAL B 1297 -46.06 77.85 8.68
C VAL B 1297 -46.45 77.21 7.35
N GLN B 1298 -46.05 77.80 6.23
CA GLN B 1298 -46.43 77.25 4.93
C GLN B 1298 -45.85 75.85 4.73
N TYR B 1299 -44.58 75.66 5.10
CA TYR B 1299 -43.96 74.36 4.93
C TYR B 1299 -44.64 73.31 5.81
N LEU B 1300 -44.97 73.67 7.06
CA LEU B 1300 -45.67 72.74 7.93
C LEU B 1300 -47.05 72.39 7.37
N ASP B 1301 -47.76 73.39 6.83
CA ASP B 1301 -49.06 73.12 6.23
C ASP B 1301 -48.93 72.17 5.04
N PHE B 1302 -47.91 72.38 4.20
CA PHE B 1302 -47.69 71.48 3.08
C PHE B 1302 -47.37 70.07 3.56
N LEU B 1303 -46.55 69.95 4.60
CA LEU B 1303 -46.21 68.63 5.13
C LEU B 1303 -47.46 67.93 5.68
N HIS B 1304 -48.31 68.66 6.40
CA HIS B 1304 -49.53 68.07 6.92
C HIS B 1304 -50.46 67.64 5.80
N THR B 1305 -50.57 68.46 4.75
CA THR B 1305 -51.40 68.10 3.61
C THR B 1305 -50.87 66.84 2.92
N VAL B 1306 -49.55 66.74 2.79
CA VAL B 1306 -48.97 65.53 2.20
C VAL B 1306 -49.24 64.32 3.08
N ILE B 1307 -49.13 64.49 4.40
CA ILE B 1307 -49.35 63.37 5.32
C ILE B 1307 -50.78 62.87 5.21
N LYS B 1308 -51.75 63.79 5.26
CA LYS B 1308 -53.16 63.42 5.25
C LYS B 1308 -53.81 63.92 3.96
N ALA B 1309 -54.43 62.98 3.23
CA ALA B 1309 -55.13 63.29 2.00
C ALA B 1309 -56.24 62.27 1.80
N GLU B 1310 -57.45 62.76 1.53
CA GLU B 1310 -58.61 61.89 1.33
C GLU B 1310 -58.80 60.96 2.52
N GLY B 1311 -58.59 61.47 3.71
CA GLY B 1311 -58.78 60.68 4.94
C GLY B 1311 -57.68 59.71 5.26
N LYS B 1312 -57.35 58.82 4.33
CA LYS B 1312 -56.35 57.80 4.59
C LYS B 1312 -54.98 58.44 4.82
N TYR B 1313 -54.24 57.90 5.78
CA TYR B 1313 -52.89 58.36 6.09
C TYR B 1313 -51.87 57.63 5.25
N VAL B 1314 -50.76 58.30 4.96
CA VAL B 1314 -49.67 57.74 4.17
C VAL B 1314 -48.54 57.38 5.12
N LYS B 1315 -48.34 56.08 5.34
CA LYS B 1315 -47.31 55.63 6.27
C LYS B 1315 -45.93 56.05 5.80
N LYS B 1316 -45.66 55.92 4.50
CA LYS B 1316 -44.34 56.28 3.98
C LYS B 1316 -44.06 57.75 4.23
N CYS B 1317 -45.01 58.63 3.89
CA CYS B 1317 -44.81 60.06 4.11
C CYS B 1317 -44.65 60.37 5.59
N GLN B 1318 -45.49 59.77 6.44
CA GLN B 1318 -45.38 60.01 7.87
C GLN B 1318 -43.99 59.66 8.38
N ASP B 1319 -43.52 58.44 8.07
CA ASP B 1319 -42.22 58.00 8.56
C ASP B 1319 -41.11 58.87 8.02
N MET B 1320 -41.15 59.20 6.72
CA MET B 1320 -40.08 59.99 6.13
C MET B 1320 -40.03 61.39 6.74
N ILE B 1321 -41.19 62.02 6.92
CA ILE B 1321 -41.22 63.35 7.51
C ILE B 1321 -40.74 63.32 8.94
N MET B 1322 -41.16 62.32 9.72
CA MET B 1322 -40.71 62.22 11.10
C MET B 1322 -39.20 62.04 11.18
N THR B 1323 -38.65 61.17 10.32
CA THR B 1323 -37.21 60.96 10.32
C THR B 1323 -36.46 62.23 9.94
N GLU B 1324 -36.95 62.95 8.93
CA GLU B 1324 -36.29 64.19 8.52
C GLU B 1324 -36.35 65.22 9.63
N LEU B 1325 -37.49 65.35 10.30
CA LEU B 1325 -37.60 66.30 11.41
C LEU B 1325 -36.65 65.92 12.54
N THR B 1326 -36.57 64.63 12.86
CA THR B 1326 -35.66 64.19 13.92
C THR B 1326 -34.22 64.49 13.56
N ASN B 1327 -33.84 64.26 12.31
CA ASN B 1327 -32.45 64.47 11.89
C ASN B 1327 -32.10 65.94 11.74
N ALA B 1328 -33.09 66.80 11.46
CA ALA B 1328 -32.79 68.21 11.26
C ALA B 1328 -32.21 68.84 12.51
N GLY B 1329 -32.79 68.54 13.68
CA GLY B 1329 -32.31 69.08 14.93
C GLY B 1329 -33.34 69.93 15.64
N ASP B 1330 -32.87 70.84 16.49
CA ASP B 1330 -33.74 71.72 17.27
C ASP B 1330 -33.98 73.07 16.60
N ASP B 1331 -33.39 73.31 15.42
CA ASP B 1331 -33.59 74.58 14.73
C ASP B 1331 -34.93 74.67 14.03
N VAL B 1332 -35.61 73.54 13.82
CA VAL B 1332 -36.92 73.53 13.17
C VAL B 1332 -37.94 72.94 14.13
N VAL B 1333 -37.47 72.10 15.05
CA VAL B 1333 -38.34 71.48 16.07
C VAL B 1333 -38.04 72.23 17.36
N VAL B 1334 -38.87 73.23 17.66
CA VAL B 1334 -38.72 74.06 18.85
C VAL B 1334 -39.86 73.73 19.81
N PHE B 1335 -39.51 73.42 21.05
CA PHE B 1335 -40.48 73.13 22.10
C PHE B 1335 -40.13 73.94 23.33
N TYR B 1336 -41.17 74.42 24.02
CA TYR B 1336 -41.01 75.25 25.21
C TYR B 1336 -41.20 74.38 26.44
N ASN B 1337 -40.10 73.80 26.93
CA ASN B 1337 -40.11 72.95 28.11
C ASN B 1337 -39.39 73.55 29.31
N ASP B 1338 -38.33 74.32 29.08
CA ASP B 1338 -37.63 74.96 30.19
C ASP B 1338 -38.51 76.05 30.81
N LYS B 1339 -38.07 76.56 31.95
CA LYS B 1339 -38.85 77.58 32.65
C LYS B 1339 -38.96 78.86 31.82
N ALA B 1340 -37.84 79.31 31.26
CA ALA B 1340 -37.86 80.54 30.46
C ALA B 1340 -38.70 80.35 29.21
N SER B 1341 -38.56 79.20 28.54
CA SER B 1341 -39.34 78.96 27.34
C SER B 1341 -40.84 78.89 27.66
N LEU B 1342 -41.19 78.26 28.78
CA LEU B 1342 -42.59 78.20 29.20
C LEU B 1342 -43.13 79.59 29.49
N ALA B 1343 -42.32 80.43 30.14
CA ALA B 1343 -42.75 81.81 30.41
C ALA B 1343 -42.97 82.57 29.10
N HIS B 1344 -42.07 82.39 28.14
CA HIS B 1344 -42.23 83.05 26.85
C HIS B 1344 -43.49 82.57 26.14
N LEU B 1345 -43.75 81.27 26.21
CA LEU B 1345 -44.97 80.73 25.59
C LEU B 1345 -46.22 81.30 26.25
N LEU B 1346 -46.20 81.41 27.59
CA LEU B 1346 -47.33 82.01 28.30
C LEU B 1346 -47.53 83.46 27.88
N ASP B 1347 -46.43 84.21 27.75
CA ASP B 1347 -46.54 85.60 27.32
C ASP B 1347 -47.14 85.69 25.92
N MET B 1348 -46.68 84.82 25.01
CA MET B 1348 -47.21 84.84 23.66
C MET B 1348 -48.70 84.51 23.63
N MET B 1349 -49.11 83.50 24.41
CA MET B 1349 -50.53 83.14 24.46
C MET B 1349 -51.36 84.28 25.05
N LYS B 1350 -50.84 84.94 26.09
CA LYS B 1350 -51.55 86.08 26.66
C LYS B 1350 -51.69 87.19 25.64
N ALA B 1351 -50.64 87.48 24.88
CA ALA B 1351 -50.72 88.49 23.83
C ALA B 1351 -51.73 88.10 22.76
N ALA B 1352 -51.78 86.82 22.40
CA ALA B 1352 -52.69 86.32 21.37
C ALA B 1352 -54.03 85.88 21.95
N ARG B 1353 -54.40 86.44 23.11
CA ARG B 1353 -55.67 86.05 23.74
C ARG B 1353 -56.85 86.38 22.86
N ASP B 1354 -56.85 87.58 22.26
CA ASP B 1354 -57.93 87.95 21.35
C ASP B 1354 -57.94 87.07 20.12
N GLY B 1355 -56.76 86.77 19.57
CA GLY B 1355 -56.66 85.94 18.40
C GLY B 1355 -55.22 85.64 18.09
N VAL B 1356 -55.02 84.76 17.11
CA VAL B 1356 -53.69 84.32 16.70
C VAL B 1356 -53.45 84.79 15.26
N GLU B 1357 -52.32 85.46 15.05
CA GLU B 1357 -51.98 85.92 13.71
C GLU B 1357 -51.70 84.73 12.79
N ASP B 1358 -51.94 84.94 11.49
CA ASP B 1358 -51.74 83.86 10.54
C ASP B 1358 -50.29 83.41 10.50
N HIS B 1359 -49.35 84.35 10.54
CA HIS B 1359 -47.92 84.07 10.58
C HIS B 1359 -47.40 84.51 11.94
N SER B 1360 -47.14 83.55 12.82
CA SER B 1360 -46.69 83.85 14.18
C SER B 1360 -45.95 82.64 14.72
N PRO B 1361 -45.01 82.83 15.64
CA PRO B 1361 -44.37 81.67 16.28
C PRO B 1361 -45.35 80.76 16.99
N LEU B 1362 -46.41 81.30 17.59
CA LEU B 1362 -47.42 80.46 18.21
C LEU B 1362 -48.11 79.58 17.16
N MET B 1363 -48.45 80.16 16.02
CA MET B 1363 -49.05 79.37 14.94
C MET B 1363 -48.09 78.31 14.44
N TYR B 1364 -46.81 78.65 14.32
CA TYR B 1364 -45.82 77.66 13.89
C TYR B 1364 -45.73 76.51 14.89
N HIS B 1365 -45.72 76.83 16.17
CA HIS B 1365 -45.67 75.79 17.20
C HIS B 1365 -46.90 74.90 17.15
N ILE B 1366 -48.08 75.50 16.96
CA ILE B 1366 -49.31 74.72 16.88
C ILE B 1366 -49.26 73.80 15.66
N SER B 1367 -48.80 74.32 14.52
CA SER B 1367 -48.70 73.50 13.33
C SER B 1367 -47.72 72.36 13.53
N LEU B 1368 -46.59 72.63 14.19
CA LEU B 1368 -45.62 71.57 14.45
C LEU B 1368 -46.20 70.49 15.34
N VAL B 1369 -46.94 70.90 16.39
CA VAL B 1369 -47.55 69.92 17.28
C VAL B 1369 -48.56 69.07 16.52
N ASP B 1370 -49.38 69.71 15.69
CA ASP B 1370 -50.35 68.95 14.90
C ASP B 1370 -49.66 67.98 13.94
N LEU B 1371 -48.57 68.42 13.32
CA LEU B 1371 -47.83 67.54 12.41
C LEU B 1371 -47.25 66.36 13.15
N LEU B 1372 -46.68 66.58 14.33
CA LEU B 1372 -46.13 65.47 15.11
C LEU B 1372 -47.23 64.51 15.55
N ALA B 1373 -48.39 65.05 15.94
CA ALA B 1373 -49.50 64.18 16.30
C ALA B 1373 -49.95 63.34 15.12
N ALA B 1374 -50.03 63.94 13.93
CA ALA B 1374 -50.41 63.19 12.74
C ALA B 1374 -49.38 62.10 12.44
N CYS B 1375 -48.10 62.41 12.57
CA CYS B 1375 -47.07 61.40 12.34
C CYS B 1375 -47.18 60.26 13.34
N ALA B 1376 -47.41 60.57 14.61
CA ALA B 1376 -47.53 59.54 15.65
C ALA B 1376 -48.83 58.76 15.53
N GLU B 1377 -49.83 59.29 14.83
CA GLU B 1377 -51.09 58.58 14.65
C GLU B 1377 -50.95 57.32 13.80
N GLY B 1378 -49.79 57.14 13.14
CA GLY B 1378 -49.61 55.99 12.28
C GLY B 1378 -49.34 54.71 13.05
N LYS B 1379 -48.43 53.88 12.53
CA LYS B 1379 -48.14 52.55 13.08
C LYS B 1379 -46.64 52.39 13.32
N ASN B 1380 -46.03 53.39 13.95
CA ASN B 1380 -44.62 53.38 14.27
C ASN B 1380 -44.43 53.60 15.76
N VAL B 1381 -43.53 52.83 16.36
CA VAL B 1381 -43.29 52.90 17.79
C VAL B 1381 -42.23 53.94 18.13
N TYR B 1382 -41.14 53.97 17.36
CA TYR B 1382 -40.09 54.95 17.62
C TYR B 1382 -40.59 56.37 17.41
N THR B 1383 -41.52 56.58 16.47
CA THR B 1383 -42.09 57.90 16.30
C THR B 1383 -42.85 58.33 17.56
N GLU B 1384 -43.65 57.44 18.13
CA GLU B 1384 -44.35 57.76 19.36
C GLU B 1384 -43.37 58.03 20.50
N ILE B 1385 -42.31 57.22 20.59
CA ILE B 1385 -41.32 57.43 21.64
C ILE B 1385 -40.66 58.80 21.50
N LYS B 1386 -40.30 59.16 20.26
CA LYS B 1386 -39.67 60.45 20.03
C LYS B 1386 -40.62 61.59 20.35
N CYS B 1387 -41.89 61.46 19.97
CA CYS B 1387 -42.86 62.50 20.29
C CYS B 1387 -43.04 62.65 21.80
N THR B 1388 -43.11 61.53 22.53
CA THR B 1388 -43.24 61.62 23.98
C THR B 1388 -42.02 62.26 24.61
N SER B 1389 -40.82 61.91 24.13
CA SER B 1389 -39.61 62.53 24.66
C SER B 1389 -39.59 64.03 24.36
N LEU B 1390 -40.00 64.42 23.16
CA LEU B 1390 -40.02 65.84 22.79
C LEU B 1390 -41.00 66.61 23.66
N LEU B 1391 -42.17 66.04 23.91
CA LEU B 1391 -43.24 66.71 24.67
C LEU B 1391 -43.63 65.84 25.86
N PRO B 1392 -42.94 65.96 26.98
CA PRO B 1392 -43.33 65.20 28.17
C PRO B 1392 -44.72 65.57 28.66
N LEU B 1393 -45.40 64.59 29.27
CA LEU B 1393 -46.75 64.81 29.75
C LEU B 1393 -46.80 65.91 30.81
N GLU B 1394 -45.75 66.03 31.62
CA GLU B 1394 -45.72 67.07 32.66
C GLU B 1394 -45.81 68.45 32.03
N ASP B 1395 -45.05 68.70 30.96
CA ASP B 1395 -45.13 69.98 30.28
C ASP B 1395 -46.52 70.19 29.68
N VAL B 1396 -47.11 69.12 29.13
CA VAL B 1396 -48.43 69.24 28.54
C VAL B 1396 -49.44 69.69 29.59
N VAL B 1397 -49.44 69.04 30.75
CA VAL B 1397 -50.40 69.40 31.78
C VAL B 1397 -50.12 70.80 32.32
N SER B 1398 -48.85 71.15 32.48
CA SER B 1398 -48.52 72.48 32.99
C SER B 1398 -49.03 73.55 32.04
N VAL B 1399 -48.87 73.35 30.73
CA VAL B 1399 -49.35 74.33 29.76
C VAL B 1399 -50.87 74.37 29.75
N VAL B 1400 -51.51 73.20 29.77
CA VAL B 1400 -52.97 73.15 29.62
C VAL B 1400 -53.65 73.77 30.83
N THR B 1401 -53.24 73.38 32.03
CA THR B 1401 -53.91 73.83 33.25
C THR B 1401 -53.67 75.30 33.56
N HIS B 1402 -52.72 75.94 32.91
CA HIS B 1402 -52.46 77.34 33.16
C HIS B 1402 -53.68 78.17 32.78
N GLU B 1403 -53.99 79.17 33.62
CA GLU B 1403 -55.18 79.99 33.36
C GLU B 1403 -55.07 80.71 32.03
N ASP B 1404 -53.87 81.15 31.66
CA ASP B 1404 -53.64 81.84 30.39
C ASP B 1404 -53.17 80.80 29.38
N CYS B 1405 -54.11 80.27 28.60
CA CYS B 1405 -53.80 79.26 27.59
C CYS B 1405 -54.87 79.30 26.53
N ILE B 1406 -54.47 79.55 25.28
CA ILE B 1406 -55.44 79.71 24.21
C ILE B 1406 -56.06 78.36 23.86
N THR B 1407 -57.32 78.41 23.40
CA THR B 1407 -58.05 77.19 23.07
C THR B 1407 -57.36 76.40 21.95
N GLU B 1408 -56.72 77.10 21.02
CA GLU B 1408 -56.01 76.40 19.94
C GLU B 1408 -54.88 75.55 20.52
N VAL B 1409 -54.08 76.12 21.42
CA VAL B 1409 -53.01 75.37 22.04
C VAL B 1409 -53.57 74.23 22.88
N LYS B 1410 -54.65 74.49 23.61
CA LYS B 1410 -55.29 73.43 24.39
C LYS B 1410 -55.70 72.27 23.51
N MET B 1411 -56.37 72.56 22.39
CA MET B 1411 -56.82 71.49 21.50
C MET B 1411 -55.63 70.75 20.90
N ALA B 1412 -54.59 71.48 20.49
CA ALA B 1412 -53.42 70.82 19.92
C ALA B 1412 -52.77 69.88 20.92
N TYR B 1413 -52.61 70.34 22.17
CA TYR B 1413 -51.99 69.49 23.18
C TYR B 1413 -52.87 68.28 23.50
N VAL B 1414 -54.19 68.47 23.57
CA VAL B 1414 -55.07 67.33 23.85
C VAL B 1414 -55.00 66.31 22.72
N ASN B 1415 -55.01 66.77 21.47
CA ASN B 1415 -54.90 65.84 20.35
C ASN B 1415 -53.56 65.13 20.37
N PHE B 1416 -52.48 65.84 20.70
CA PHE B 1416 -51.17 65.22 20.80
C PHE B 1416 -51.18 64.12 21.86
N VAL B 1417 -51.77 64.39 23.02
CA VAL B 1417 -51.85 63.38 24.06
C VAL B 1417 -52.66 62.18 23.60
N ASN B 1418 -53.80 62.44 22.94
CA ASN B 1418 -54.66 61.35 22.50
C ASN B 1418 -53.94 60.46 21.49
N HIS B 1419 -53.21 61.05 20.55
CA HIS B 1419 -52.58 60.30 19.47
C HIS B 1419 -51.17 59.84 19.81
N CYS B 1420 -50.62 60.21 20.97
CA CYS B 1420 -49.26 59.82 21.33
C CYS B 1420 -49.14 59.14 22.68
N TYR B 1421 -50.16 59.22 23.54
CA TYR B 1421 -50.13 58.57 24.84
C TYR B 1421 -51.25 57.55 25.02
N VAL B 1422 -52.49 57.92 24.69
CA VAL B 1422 -53.63 57.03 24.92
C VAL B 1422 -53.52 55.80 24.03
N ASP B 1423 -53.24 56.00 22.75
CA ASP B 1423 -53.18 54.92 21.76
C ASP B 1423 -51.73 54.78 21.30
N THR B 1424 -51.04 53.78 21.84
CA THR B 1424 -49.65 53.52 21.49
C THR B 1424 -49.36 52.04 21.68
N GLU B 1425 -48.27 51.59 21.04
CA GLU B 1425 -47.78 50.23 21.20
C GLU B 1425 -46.74 50.11 22.32
N VAL B 1426 -46.45 51.21 23.02
CA VAL B 1426 -45.48 51.16 24.10
C VAL B 1426 -46.00 50.28 25.22
N GLU B 1427 -45.20 49.29 25.63
CA GLU B 1427 -45.61 48.40 26.71
C GLU B 1427 -45.79 49.18 28.02
N MET B 1428 -44.87 50.09 28.31
CA MET B 1428 -44.95 50.93 29.50
C MET B 1428 -45.72 52.19 29.16
N LYS B 1429 -47.03 52.15 29.38
CA LYS B 1429 -47.91 53.28 29.09
C LYS B 1429 -47.95 54.19 30.31
N GLU B 1430 -47.33 55.37 30.21
CA GLU B 1430 -47.27 56.31 31.32
C GLU B 1430 -48.57 57.09 31.51
N ILE B 1431 -49.47 57.09 30.52
CA ILE B 1431 -50.71 57.83 30.66
C ILE B 1431 -51.52 57.29 31.84
N TYR B 1432 -51.58 55.97 31.98
CA TYR B 1432 -52.27 55.34 33.09
C TYR B 1432 -51.36 55.32 34.32
N THR B 1433 -51.96 55.00 35.47
CA THR B 1433 -51.23 54.94 36.73
C THR B 1433 -50.55 56.27 37.04
N SER B 1434 -51.24 57.36 36.73
CA SER B 1434 -50.70 58.70 36.98
C SER B 1434 -51.84 59.66 37.19
N ASN B 1435 -51.54 60.76 37.88
CA ASN B 1435 -52.52 61.80 38.18
C ASN B 1435 -52.58 62.89 37.11
N HIS B 1436 -51.68 62.86 36.13
CA HIS B 1436 -51.71 63.84 35.06
C HIS B 1436 -53.01 63.75 34.26
N ILE B 1437 -53.44 62.52 33.94
CA ILE B 1437 -54.67 62.35 33.18
C ILE B 1437 -55.87 62.78 34.01
N TRP B 1438 -55.85 62.54 35.32
CA TRP B 1438 -56.95 62.97 36.17
C TRP B 1438 -57.02 64.49 36.25
N THR B 1439 -55.87 65.15 36.36
CA THR B 1439 -55.85 66.61 36.33
C THR B 1439 -56.37 67.13 34.99
N LEU B 1440 -55.99 66.46 33.89
CA LEU B 1440 -56.49 66.85 32.58
C LEU B 1440 -58.00 66.69 32.49
N PHE B 1441 -58.54 65.62 33.06
CA PHE B 1441 -59.99 65.43 33.09
C PHE B 1441 -60.67 66.52 33.93
N GLU B 1442 -60.05 66.92 35.04
CA GLU B 1442 -60.59 68.02 35.81
C GLU B 1442 -60.62 69.30 34.99
N ASN B 1443 -59.55 69.56 34.24
CA ASN B 1443 -59.53 70.74 33.36
C ASN B 1443 -60.61 70.64 32.29
N PHE B 1444 -60.84 69.43 31.75
CA PHE B 1444 -61.89 69.24 30.76
C PHE B 1444 -63.26 69.54 31.35
N THR B 1445 -63.50 69.09 32.59
CA THR B 1445 -64.78 69.39 33.24
C THR B 1445 -64.94 70.88 33.47
N LEU B 1446 -63.86 71.56 33.86
CA LEU B 1446 -63.92 73.01 34.01
C LEU B 1446 -64.25 73.68 32.68
N ASP B 1447 -63.65 73.20 31.59
CA ASP B 1447 -63.93 73.76 30.27
C ASP B 1447 -65.38 73.53 29.88
N MET B 1448 -65.92 72.34 30.18
CA MET B 1448 -67.33 72.07 29.90
C MET B 1448 -68.23 73.00 30.69
N ALA B 1449 -67.92 73.23 31.96
CA ALA B 1449 -68.71 74.15 32.76
C ALA B 1449 -68.64 75.57 32.19
N ARG B 1450 -67.45 75.99 31.75
CA ARG B 1450 -67.31 77.32 31.15
C ARG B 1450 -68.13 77.42 29.87
N VAL B 1451 -68.11 76.37 29.05
CA VAL B 1451 -68.89 76.38 27.81
C VAL B 1451 -70.38 76.48 28.12
N CYS B 1452 -70.85 75.71 29.10
CA CYS B 1452 -72.26 75.77 29.48
C CYS B 1452 -72.64 77.16 29.98
N SER B 1453 -71.78 77.76 30.81
CA SER B 1453 -72.06 79.10 31.33
C SER B 1453 -72.10 80.11 30.19
N LYS B 1454 -71.17 80.03 29.25
CA LYS B 1454 -71.16 80.96 28.12
C LYS B 1454 -72.42 80.79 27.27
N ARG B 1455 -72.84 79.54 27.04
CA ARG B 1455 -74.05 79.31 26.27
C ARG B 1455 -75.26 79.88 26.98
N GLU B 1456 -75.33 79.71 28.31
CA GLU B 1456 -76.44 80.30 29.07
C GLU B 1456 -76.42 81.81 29.00
N LYS B 1457 -75.24 82.42 29.03
CA LYS B 1457 -75.09 83.86 29.00
C LYS B 1457 -75.06 84.43 27.58
N ARG B 1458 -75.24 83.59 26.56
CA ARG B 1458 -75.20 84.02 25.17
C ARG B 1458 -73.81 84.56 24.80
N VAL B 1459 -72.78 83.88 25.29
CA VAL B 1459 -71.40 84.23 24.98
C VAL B 1459 -70.73 83.03 24.33
N ALA B 1460 -71.50 82.27 23.55
CA ALA B 1460 -71.01 81.05 22.94
C ALA B 1460 -69.71 81.29 22.18
N ASP B 1461 -68.73 80.43 22.43
CA ASP B 1461 -67.43 80.50 21.77
C ASP B 1461 -67.30 79.34 20.79
N PRO B 1462 -67.34 79.59 19.47
CA PRO B 1462 -67.26 78.45 18.53
C PRO B 1462 -65.99 77.63 18.69
N THR B 1463 -64.86 78.28 18.97
CA THR B 1463 -63.61 77.54 19.13
C THR B 1463 -63.69 76.59 20.33
N LEU B 1464 -64.17 77.11 21.47
CA LEU B 1464 -64.30 76.25 22.65
C LEU B 1464 -65.29 75.13 22.41
N GLU B 1465 -66.40 75.42 21.74
CA GLU B 1465 -67.39 74.39 21.45
C GLU B 1465 -66.78 73.30 20.58
N LYS B 1466 -66.05 73.69 19.53
CA LYS B 1466 -65.42 72.71 18.66
C LYS B 1466 -64.41 71.86 19.44
N TYR B 1467 -63.59 72.52 20.26
CA TYR B 1467 -62.61 71.79 21.06
C TYR B 1467 -63.29 70.76 21.95
N VAL B 1468 -64.29 71.19 22.72
CA VAL B 1468 -64.91 70.30 23.70
C VAL B 1468 -65.64 69.16 22.99
N LEU B 1469 -66.29 69.45 21.87
CA LEU B 1469 -67.06 68.43 21.16
C LEU B 1469 -66.23 67.56 20.24
N SER B 1470 -64.95 67.90 20.03
CA SER B 1470 -64.10 67.13 19.13
C SER B 1470 -63.03 66.34 19.87
N VAL B 1471 -62.21 66.99 20.70
CA VAL B 1471 -61.04 66.34 21.28
C VAL B 1471 -61.30 65.83 22.68
N VAL B 1472 -62.05 66.58 23.50
CA VAL B 1472 -62.25 66.17 24.89
C VAL B 1472 -63.00 64.85 24.95
N LEU B 1473 -64.13 64.76 24.23
CA LEU B 1473 -64.92 63.53 24.25
C LEU B 1473 -64.14 62.36 23.66
N ASP B 1474 -63.41 62.61 22.57
CA ASP B 1474 -62.63 61.55 21.96
C ASP B 1474 -61.57 61.01 22.93
N THR B 1475 -60.89 61.92 23.62
CA THR B 1475 -59.88 61.49 24.59
C THR B 1475 -60.51 60.72 25.73
N ILE B 1476 -61.65 61.18 26.24
CA ILE B 1476 -62.31 60.48 27.34
C ILE B 1476 -62.71 59.08 26.91
N ASN B 1477 -63.32 58.97 25.73
CA ASN B 1477 -63.76 57.66 25.24
C ASN B 1477 -62.57 56.73 25.03
N ALA B 1478 -61.49 57.25 24.44
CA ALA B 1478 -60.31 56.42 24.23
C ALA B 1478 -59.73 55.94 25.55
N PHE B 1479 -59.66 56.83 26.55
CA PHE B 1479 -59.10 56.46 27.83
C PHE B 1479 -59.95 55.41 28.54
N PHE B 1480 -61.28 55.57 28.50
CA PHE B 1480 -62.17 54.71 29.25
C PHE B 1480 -62.67 53.51 28.47
N SER B 1481 -62.25 53.35 27.21
CA SER B 1481 -62.60 52.18 26.41
C SER B 1481 -61.38 51.29 26.16
N SER B 1482 -60.47 51.20 27.12
CA SER B 1482 -59.28 50.38 27.01
C SER B 1482 -59.15 49.48 28.24
N PRO B 1483 -58.66 48.24 28.06
CA PRO B 1483 -58.52 47.36 29.22
C PRO B 1483 -57.56 47.89 30.27
N PHE B 1484 -56.53 48.64 29.87
CA PHE B 1484 -55.54 49.13 30.83
C PHE B 1484 -56.14 50.12 31.82
N SER B 1485 -57.30 50.69 31.52
CA SER B 1485 -57.94 51.68 32.38
C SER B 1485 -58.77 51.06 33.50
N GLU B 1486 -58.87 49.72 33.55
CA GLU B 1486 -59.69 49.09 34.57
C GLU B 1486 -59.16 49.38 35.97
N ASN B 1487 -57.85 49.33 36.15
CA ASN B 1487 -57.25 49.59 37.46
C ASN B 1487 -57.14 51.07 37.77
N SER B 1488 -57.29 51.94 36.77
CA SER B 1488 -57.15 53.38 37.01
C SER B 1488 -58.22 53.89 37.97
N THR B 1489 -59.46 53.43 37.81
CA THR B 1489 -60.58 53.92 38.63
C THR B 1489 -60.63 53.13 39.93
N SER B 1490 -59.69 53.46 40.83
CA SER B 1490 -59.59 52.81 42.12
C SER B 1490 -59.73 53.78 43.28
N LEU B 1491 -59.06 54.92 43.23
CA LEU B 1491 -59.00 55.81 44.38
C LEU B 1491 -60.30 56.61 44.52
N GLN B 1492 -60.49 57.14 45.74
CA GLN B 1492 -61.68 57.95 46.00
C GLN B 1492 -61.69 59.21 45.17
N THR B 1493 -60.52 59.85 45.01
CA THR B 1493 -60.44 61.03 44.16
C THR B 1493 -60.80 60.68 42.71
N HIS B 1494 -60.32 59.53 42.23
CA HIS B 1494 -60.68 59.10 40.88
C HIS B 1494 -62.18 58.86 40.75
N GLN B 1495 -62.78 58.25 41.77
CA GLN B 1495 -64.23 58.05 41.75
C GLN B 1495 -64.98 59.37 41.72
N THR B 1496 -64.53 60.35 42.51
CA THR B 1496 -65.17 61.66 42.51
C THR B 1496 -65.04 62.33 41.15
N ILE B 1497 -63.87 62.22 40.53
CA ILE B 1497 -63.68 62.79 39.20
C ILE B 1497 -64.60 62.10 38.19
N VAL B 1498 -64.79 60.79 38.35
CA VAL B 1498 -65.70 60.06 37.46
C VAL B 1498 -67.12 60.58 37.64
N VAL B 1499 -67.54 60.81 38.88
CA VAL B 1499 -68.87 61.34 39.12
C VAL B 1499 -69.03 62.73 38.52
N GLN B 1500 -67.99 63.57 38.65
CA GLN B 1500 -68.02 64.88 38.05
C GLN B 1500 -68.16 64.80 36.54
N LEU B 1501 -67.41 63.88 35.92
CA LEU B 1501 -67.55 63.68 34.48
C LEU B 1501 -68.95 63.23 34.11
N LEU B 1502 -69.53 62.33 34.91
CA LEU B 1502 -70.88 61.86 34.64
C LEU B 1502 -71.87 63.03 34.65
N GLN B 1503 -71.84 63.83 35.72
CA GLN B 1503 -72.80 64.93 35.81
C GLN B 1503 -72.57 65.95 34.71
N SER B 1504 -71.31 66.27 34.40
CA SER B 1504 -71.04 67.24 33.34
C SER B 1504 -71.55 66.74 32.00
N THR B 1505 -71.30 65.47 31.69
CA THR B 1505 -71.70 64.94 30.39
C THR B 1505 -73.22 64.83 30.28
N THR B 1506 -73.89 64.42 31.36
CA THR B 1506 -75.36 64.36 31.30
C THR B 1506 -75.95 65.75 31.17
N ARG B 1507 -75.37 66.75 31.85
CA ARG B 1507 -75.86 68.12 31.68
C ARG B 1507 -75.64 68.60 30.26
N LEU B 1508 -74.49 68.27 29.67
CA LEU B 1508 -74.24 68.64 28.27
C LEU B 1508 -75.26 68.00 27.35
N LEU B 1509 -75.57 66.72 27.55
CA LEU B 1509 -76.57 66.05 26.74
C LEU B 1509 -77.94 66.70 26.91
N GLU B 1510 -78.31 67.02 28.15
CA GLU B 1510 -79.61 67.63 28.41
C GLU B 1510 -79.73 68.99 27.75
N CYS B 1511 -78.66 69.78 27.77
CA CYS B 1511 -78.69 71.09 27.14
C CYS B 1511 -79.02 70.93 25.65
N PRO B 1512 -80.01 71.66 25.13
CA PRO B 1512 -80.46 71.43 23.75
C PRO B 1512 -79.63 72.10 22.67
N TRP B 1513 -78.69 72.97 23.02
CA TRP B 1513 -77.94 73.69 22.00
C TRP B 1513 -77.11 72.75 21.12
N LEU B 1514 -76.80 71.55 21.61
CA LEU B 1514 -75.98 70.63 20.85
C LEU B 1514 -76.66 70.26 19.53
N GLN B 1515 -75.88 70.20 18.47
CA GLN B 1515 -76.38 69.82 17.16
C GLN B 1515 -76.57 68.31 17.09
N GLN B 1516 -77.37 67.89 16.09
CA GLN B 1516 -77.65 66.47 15.93
C GLN B 1516 -76.40 65.68 15.58
N GLN B 1517 -75.41 66.33 14.97
CA GLN B 1517 -74.21 65.61 14.53
C GLN B 1517 -73.46 64.99 15.70
N HIS B 1518 -73.31 65.74 16.79
CA HIS B 1518 -72.54 65.28 17.94
C HIS B 1518 -73.37 64.47 18.93
N LYS B 1519 -74.66 64.30 18.68
CA LYS B 1519 -75.49 63.54 19.61
C LYS B 1519 -75.00 62.10 19.74
N GLY B 1520 -74.64 61.47 18.61
CA GLY B 1520 -74.15 60.11 18.67
C GLY B 1520 -72.86 60.00 19.47
N SER B 1521 -71.92 60.91 19.24
CA SER B 1521 -70.66 60.88 19.99
C SER B 1521 -70.91 61.09 21.48
N VAL B 1522 -71.78 62.04 21.82
CA VAL B 1522 -72.07 62.30 23.23
C VAL B 1522 -72.71 61.08 23.88
N GLU B 1523 -73.66 60.46 23.17
CA GLU B 1523 -74.31 59.27 23.72
C GLU B 1523 -73.31 58.13 23.91
N ALA B 1524 -72.41 57.93 22.95
CA ALA B 1524 -71.41 56.88 23.08
C ALA B 1524 -70.50 57.14 24.27
N CYS B 1525 -70.05 58.38 24.43
CA CYS B 1525 -69.19 58.72 25.56
C CYS B 1525 -69.91 58.50 26.88
N ILE B 1526 -71.18 58.91 26.95
CA ILE B 1526 -71.95 58.74 28.17
C ILE B 1526 -72.12 57.26 28.49
N ARG B 1527 -72.43 56.45 27.49
CA ARG B 1527 -72.62 55.03 27.72
C ARG B 1527 -71.32 54.38 28.21
N THR B 1528 -70.19 54.72 27.58
CA THR B 1528 -68.92 54.15 28.02
C THR B 1528 -68.60 54.57 29.46
N LEU B 1529 -68.79 55.85 29.77
CA LEU B 1529 -68.49 56.33 31.12
C LEU B 1529 -69.39 55.66 32.15
N ALA B 1530 -70.68 55.51 31.84
CA ALA B 1530 -71.60 54.86 32.76
C ALA B 1530 -71.24 53.40 32.95
N MET B 1531 -70.86 52.72 31.87
CA MET B 1531 -70.43 51.32 31.99
C MET B 1531 -69.21 51.20 32.89
N VAL B 1532 -68.23 52.09 32.71
CA VAL B 1532 -67.04 52.04 33.55
C VAL B 1532 -67.41 52.30 35.01
N ALA B 1533 -68.28 53.30 35.25
CA ALA B 1533 -68.67 53.61 36.61
C ALA B 1533 -69.40 52.44 37.27
N LYS B 1534 -70.31 51.79 36.53
CA LYS B 1534 -71.01 50.64 37.07
C LYS B 1534 -70.07 49.48 37.36
N GLY B 1535 -69.11 49.24 36.46
CA GLY B 1535 -68.11 48.22 36.71
C GLY B 1535 -67.29 48.52 37.95
N ARG B 1536 -66.96 49.79 38.17
CA ARG B 1536 -66.21 50.22 39.34
C ARG B 1536 -67.07 50.31 40.59
N ALA B 1537 -68.39 50.20 40.45
CA ALA B 1537 -69.32 50.24 41.59
C ALA B 1537 -69.21 51.58 42.31
N ILE B 1538 -69.51 52.64 41.57
CA ILE B 1538 -69.47 53.99 42.11
C ILE B 1538 -70.85 54.38 42.60
N LEU B 1539 -70.90 54.99 43.79
CA LEU B 1539 -72.17 55.42 44.40
C LEU B 1539 -72.65 56.68 43.69
N LEU B 1540 -73.30 56.48 42.54
CA LEU B 1540 -73.82 57.59 41.78
C LEU B 1540 -75.02 58.21 42.49
N PRO B 1541 -75.32 59.49 42.22
CA PRO B 1541 -76.55 60.08 42.77
C PRO B 1541 -77.78 59.35 42.26
N MET B 1542 -78.84 59.35 43.06
CA MET B 1542 -80.06 58.64 42.69
C MET B 1542 -80.65 59.21 41.41
N ASP B 1543 -80.82 60.54 41.34
CA ASP B 1543 -81.40 61.15 40.16
C ASP B 1543 -80.49 60.95 38.94
N LEU B 1544 -79.18 61.10 39.11
CA LEU B 1544 -78.26 60.91 38.00
C LEU B 1544 -78.33 59.48 37.47
N ASP B 1545 -78.36 58.50 38.38
CA ASP B 1545 -78.46 57.10 37.96
C ASP B 1545 -79.79 56.83 37.26
N ALA B 1546 -80.87 57.40 37.77
CA ALA B 1546 -82.16 57.22 37.12
C ALA B 1546 -82.15 57.80 35.71
N HIS B 1547 -81.57 59.00 35.54
CA HIS B 1547 -81.51 59.61 34.22
C HIS B 1547 -80.63 58.79 33.28
N ILE B 1548 -79.50 58.29 33.79
CA ILE B 1548 -78.62 57.47 32.95
C ILE B 1548 -79.32 56.20 32.51
N SER B 1549 -80.05 55.56 33.44
CA SER B 1549 -80.80 54.36 33.08
C SER B 1549 -81.88 54.68 32.04
N SER B 1550 -82.56 55.82 32.19
CA SER B 1550 -83.56 56.21 31.21
C SER B 1550 -82.95 56.40 29.83
N MET B 1551 -81.80 57.08 29.78
CA MET B 1551 -81.13 57.27 28.49
C MET B 1551 -80.69 55.94 27.89
N LEU B 1552 -80.17 55.04 28.72
CA LEU B 1552 -79.75 53.74 28.21
C LEU B 1552 -80.94 52.96 27.66
N SER B 1553 -82.07 52.99 28.37
CA SER B 1553 -83.26 52.30 27.88
C SER B 1553 -83.75 52.91 26.58
N SER B 1554 -83.74 54.24 26.48
CA SER B 1554 -84.16 54.89 25.24
C SER B 1554 -83.25 54.50 24.09
N GLY B 1555 -81.94 54.48 24.33
CA GLY B 1555 -81.01 54.08 23.27
C GLY B 1555 -81.21 52.65 22.84
N ALA B 1556 -81.39 51.75 23.81
CA ALA B 1556 -81.58 50.34 23.48
C ALA B 1556 -82.87 50.13 22.69
N SER B 1557 -83.94 50.81 23.08
CA SER B 1557 -85.22 50.68 22.39
C SER B 1557 -85.12 51.23 20.98
N ASP B 1587 -82.29 72.32 -24.06
CA ASP B 1587 -82.19 70.88 -24.26
C ASP B 1587 -80.75 70.40 -24.08
N TYR B 1588 -79.97 71.17 -23.33
CA TYR B 1588 -78.58 70.79 -23.10
C TYR B 1588 -78.48 69.46 -22.34
N LYS B 1589 -79.38 69.25 -21.37
CA LYS B 1589 -79.38 67.98 -20.64
C LYS B 1589 -79.62 66.81 -21.60
N ASN B 1590 -80.62 66.95 -22.47
CA ASN B 1590 -80.93 65.88 -23.42
C ASN B 1590 -79.77 65.66 -24.38
N ILE B 1591 -79.15 66.74 -24.85
CA ILE B 1591 -78.02 66.61 -25.79
C ILE B 1591 -76.88 65.87 -25.12
N ILE B 1592 -76.56 66.23 -23.88
CA ILE B 1592 -75.47 65.58 -23.16
C ILE B 1592 -75.78 64.11 -22.91
N GLU B 1593 -77.03 63.80 -22.53
CA GLU B 1593 -77.41 62.42 -22.29
C GLU B 1593 -77.28 61.59 -23.55
N LYS B 1594 -77.76 62.12 -24.68
CA LYS B 1594 -77.65 61.40 -25.94
C LYS B 1594 -76.19 61.22 -26.35
N LEU B 1595 -75.36 62.24 -26.12
CA LEU B 1595 -73.95 62.11 -26.43
C LEU B 1595 -73.29 61.03 -25.60
N GLN B 1596 -73.61 60.96 -24.30
CA GLN B 1596 -73.06 59.92 -23.44
C GLN B 1596 -73.51 58.54 -23.91
N ASP B 1597 -74.79 58.40 -24.26
CA ASP B 1597 -75.30 57.12 -24.75
C ASP B 1597 -74.59 56.72 -26.03
N ILE B 1598 -74.38 57.67 -26.94
CA ILE B 1598 -73.68 57.37 -28.19
C ILE B 1598 -72.25 56.94 -27.91
N ILE B 1599 -71.58 57.62 -26.98
CA ILE B 1599 -70.21 57.25 -26.63
C ILE B 1599 -70.16 55.82 -26.10
N THR B 1600 -71.07 55.49 -25.18
CA THR B 1600 -71.08 54.15 -24.62
C THR B 1600 -71.33 53.10 -25.69
N ALA B 1601 -72.32 53.35 -26.56
CA ALA B 1601 -72.62 52.38 -27.60
C ALA B 1601 -71.44 52.21 -28.55
N LEU B 1602 -70.81 53.31 -28.95
CA LEU B 1602 -69.67 53.22 -29.86
C LEU B 1602 -68.52 52.44 -29.23
N GLU B 1603 -68.20 52.72 -27.96
CA GLU B 1603 -67.13 51.98 -27.31
C GLU B 1603 -67.47 50.49 -27.23
N GLU B 1604 -68.70 50.16 -26.83
CA GLU B 1604 -69.08 48.76 -26.70
C GLU B 1604 -69.01 48.05 -28.04
N ARG B 1605 -69.42 48.73 -29.12
CA ARG B 1605 -69.42 48.10 -30.44
C ARG B 1605 -68.02 47.98 -31.02
N LEU B 1606 -67.13 48.93 -30.72
CA LEU B 1606 -65.81 48.98 -31.34
C LEU B 1606 -64.73 48.27 -30.53
N LYS B 1607 -64.98 47.90 -29.28
CA LYS B 1607 -63.96 47.21 -28.49
C LYS B 1607 -63.41 45.97 -29.19
N PRO B 1608 -64.24 45.07 -29.74
CA PRO B 1608 -63.65 43.91 -30.44
C PRO B 1608 -62.78 44.31 -31.61
N LEU B 1609 -63.17 45.35 -32.34
CA LEU B 1609 -62.35 45.81 -33.46
C LEU B 1609 -61.02 46.39 -32.97
N VAL B 1610 -61.04 47.08 -31.82
CA VAL B 1610 -59.81 47.56 -31.22
C VAL B 1610 -58.91 46.38 -30.89
N GLN B 1611 -59.48 45.33 -30.30
CA GLN B 1611 -58.67 44.14 -29.98
C GLN B 1611 -58.09 43.51 -31.24
N ALA B 1612 -58.89 43.39 -32.29
CA ALA B 1612 -58.39 42.79 -33.53
C ALA B 1612 -57.28 43.63 -34.15
N GLU B 1613 -57.45 44.96 -34.17
CA GLU B 1613 -56.42 45.82 -34.73
C GLU B 1613 -55.14 45.72 -33.93
N LEU B 1614 -55.25 45.67 -32.60
CA LEU B 1614 -54.06 45.49 -31.78
C LEU B 1614 -53.38 44.16 -32.06
N SER B 1615 -54.17 43.09 -32.21
CA SER B 1615 -53.60 41.77 -32.46
C SER B 1615 -52.89 41.73 -33.81
N VAL B 1616 -53.39 42.46 -34.80
CA VAL B 1616 -52.78 42.44 -36.13
C VAL B 1616 -51.31 42.84 -36.04
N LEU B 1617 -50.95 43.71 -35.10
CA LEU B 1617 -49.55 44.08 -34.91
C LEU B 1617 -48.71 42.86 -34.57
N VAL B 1618 -49.30 41.87 -33.90
CA VAL B 1618 -48.56 40.66 -33.56
C VAL B 1618 -48.08 39.95 -34.83
N ASP B 1619 -49.00 39.76 -35.78
CA ASP B 1619 -48.63 39.12 -37.04
C ASP B 1619 -47.67 40.00 -37.83
N VAL B 1620 -47.87 41.32 -37.78
CA VAL B 1620 -46.97 42.22 -38.50
C VAL B 1620 -45.54 42.07 -38.00
N LEU B 1621 -45.36 42.01 -36.68
CA LEU B 1621 -44.03 41.80 -36.12
C LEU B 1621 -43.53 40.38 -36.32
N HIS B 1622 -44.43 39.40 -36.37
CA HIS B 1622 -44.01 38.01 -36.59
C HIS B 1622 -43.46 37.82 -38.00
N TRP B 1623 -44.07 38.46 -38.98
CA TRP B 1623 -43.65 38.36 -40.39
C TRP B 1623 -43.44 39.76 -40.95
N PRO B 1624 -42.33 40.42 -40.58
CA PRO B 1624 -42.07 41.76 -41.12
C PRO B 1624 -41.47 41.76 -42.51
N GLU B 1625 -40.83 40.67 -42.94
CA GLU B 1625 -40.18 40.62 -44.24
C GLU B 1625 -41.16 40.60 -45.40
N LEU B 1626 -42.41 40.20 -45.17
CA LEU B 1626 -43.37 40.14 -46.27
C LEU B 1626 -43.71 41.53 -46.79
N LEU B 1627 -43.61 42.56 -45.94
CA LEU B 1627 -43.88 43.92 -46.40
C LEU B 1627 -42.90 44.36 -47.47
N PHE B 1628 -41.62 44.02 -47.31
CA PHE B 1628 -40.61 44.34 -48.31
C PHE B 1628 -40.75 43.38 -49.50
N LEU B 1629 -39.90 43.57 -50.50
CA LEU B 1629 -39.88 42.74 -51.69
C LEU B 1629 -38.72 41.75 -51.62
N GLU B 1630 -38.98 40.53 -52.11
CA GLU B 1630 -37.97 39.48 -52.04
C GLU B 1630 -36.71 39.87 -52.80
N GLY B 1631 -35.56 39.48 -52.25
CA GLY B 1631 -34.28 39.75 -52.86
C GLY B 1631 -33.62 41.04 -52.41
N SER B 1632 -34.33 41.87 -51.65
CA SER B 1632 -33.77 43.13 -51.18
C SER B 1632 -32.95 42.93 -49.92
N GLU B 1633 -32.06 43.89 -49.66
CA GLU B 1633 -31.25 43.85 -48.45
C GLU B 1633 -32.12 43.93 -47.21
N ALA B 1634 -33.13 44.80 -47.23
CA ALA B 1634 -34.05 44.89 -46.10
C ALA B 1634 -34.81 43.59 -45.91
N TYR B 1635 -35.24 42.96 -47.01
CA TYR B 1635 -35.93 41.68 -46.91
C TYR B 1635 -35.03 40.63 -46.28
N GLN B 1636 -33.77 40.56 -46.71
CA GLN B 1636 -32.84 39.59 -46.12
C GLN B 1636 -32.61 39.86 -44.65
N ARG B 1637 -32.44 41.13 -44.27
CA ARG B 1637 -32.22 41.46 -42.87
C ARG B 1637 -33.43 41.09 -42.01
N CYS B 1638 -34.64 41.36 -42.51
CA CYS B 1638 -35.84 40.98 -41.77
C CYS B 1638 -35.97 39.47 -41.66
N GLU B 1639 -35.66 38.75 -42.74
CA GLU B 1639 -35.78 37.29 -42.69
C GLU B 1639 -34.75 36.70 -41.74
N SER B 1640 -33.57 37.31 -41.64
CA SER B 1640 -32.53 36.85 -40.73
C SER B 1640 -32.81 37.22 -39.28
N GLY B 1641 -34.00 37.73 -38.97
CA GLY B 1641 -34.34 38.11 -37.61
C GLY B 1641 -33.71 39.41 -37.14
N GLY B 1642 -33.26 40.25 -38.07
CA GLY B 1642 -32.63 41.51 -37.66
C GLY B 1642 -33.59 42.44 -36.95
N PHE B 1643 -34.85 42.47 -37.39
CA PHE B 1643 -35.82 43.39 -36.79
C PHE B 1643 -36.00 43.10 -35.31
N LEU B 1644 -36.25 41.84 -34.95
CA LEU B 1644 -36.46 41.50 -33.54
C LEU B 1644 -35.19 41.73 -32.73
N SER B 1645 -34.03 41.40 -33.29
CA SER B 1645 -32.78 41.63 -32.57
C SER B 1645 -32.59 43.10 -32.27
N LYS B 1646 -32.82 43.96 -33.26
CA LYS B 1646 -32.68 45.40 -33.04
C LYS B 1646 -33.70 45.90 -32.03
N LEU B 1647 -34.94 45.41 -32.12
CA LEU B 1647 -35.96 45.84 -31.16
C LEU B 1647 -35.57 45.46 -29.74
N ILE B 1648 -35.11 44.23 -29.54
CA ILE B 1648 -34.71 43.78 -28.22
C ILE B 1648 -33.52 44.59 -27.71
N GLN B 1649 -32.53 44.82 -28.58
CA GLN B 1649 -31.35 45.55 -28.15
C GLN B 1649 -31.69 46.99 -27.77
N HIS B 1650 -32.57 47.64 -28.54
CA HIS B 1650 -32.95 49.01 -28.25
C HIS B 1650 -33.92 49.10 -27.08
N THR B 1651 -34.62 48.01 -26.74
CA THR B 1651 -35.50 48.06 -25.58
C THR B 1651 -34.71 48.33 -24.30
N LYS B 1652 -33.56 47.68 -24.14
CA LYS B 1652 -32.73 47.95 -22.96
C LYS B 1652 -32.23 49.39 -22.95
N ASP B 1653 -31.84 49.91 -24.11
CA ASP B 1653 -31.36 51.29 -24.17
C ASP B 1653 -32.46 52.27 -23.79
N LEU B 1654 -33.68 52.05 -24.29
CA LEU B 1654 -34.79 52.95 -24.03
C LEU B 1654 -35.46 52.69 -22.69
N MET B 1655 -35.07 51.62 -21.98
CA MET B 1655 -35.68 51.33 -20.69
C MET B 1655 -35.55 52.52 -19.74
N GLU B 1656 -34.35 53.09 -19.65
CA GLU B 1656 -34.15 54.23 -18.77
C GLU B 1656 -34.92 55.46 -19.27
N SER B 1657 -34.94 55.67 -20.58
CA SER B 1657 -35.56 56.88 -21.13
C SER B 1657 -37.08 56.74 -21.24
N GLU B 1658 -37.55 55.75 -21.99
CA GLU B 1658 -38.97 55.57 -22.29
C GLU B 1658 -39.47 54.33 -21.56
N GLU B 1659 -39.88 54.52 -20.29
CA GLU B 1659 -40.43 53.41 -19.52
C GLU B 1659 -41.74 52.92 -20.13
N LYS B 1660 -42.59 53.86 -20.58
CA LYS B 1660 -43.85 53.46 -21.21
C LYS B 1660 -43.60 52.68 -22.49
N LEU B 1661 -42.63 53.12 -23.31
CA LEU B 1661 -42.32 52.40 -24.53
C LEU B 1661 -41.75 51.01 -24.22
N CYS B 1662 -40.91 50.91 -23.20
CA CYS B 1662 -40.40 49.60 -22.80
C CYS B 1662 -41.54 48.67 -22.38
N ILE B 1663 -42.49 49.20 -21.60
CA ILE B 1663 -43.62 48.39 -21.16
C ILE B 1663 -44.44 47.94 -22.36
N LYS B 1664 -44.67 48.84 -23.32
CA LYS B 1664 -45.43 48.47 -24.52
C LYS B 1664 -44.71 47.38 -25.30
N VAL B 1665 -43.38 47.49 -25.43
CA VAL B 1665 -42.62 46.47 -26.15
C VAL B 1665 -42.72 45.12 -25.44
N LEU B 1666 -42.61 45.13 -24.11
CA LEU B 1666 -42.72 43.88 -23.36
C LEU B 1666 -44.10 43.27 -23.53
N ARG B 1667 -45.15 44.08 -23.48
CA ARG B 1667 -46.50 43.56 -23.67
C ARG B 1667 -46.67 43.00 -25.08
N THR B 1668 -46.09 43.66 -26.07
CA THR B 1668 -46.16 43.14 -27.44
C THR B 1668 -45.47 41.79 -27.55
N LEU B 1669 -44.31 41.65 -26.92
CA LEU B 1669 -43.61 40.36 -26.93
C LEU B 1669 -44.44 39.29 -26.24
N GLN B 1670 -45.06 39.62 -25.11
CA GLN B 1670 -45.92 38.66 -24.43
C GLN B 1670 -47.09 38.24 -25.31
N GLN B 1671 -47.72 39.20 -26.00
CA GLN B 1671 -48.81 38.86 -26.89
C GLN B 1671 -48.35 37.98 -28.04
N MET B 1672 -47.16 38.26 -28.59
CA MET B 1672 -46.61 37.42 -29.64
C MET B 1672 -46.32 36.00 -29.15
N LEU B 1673 -45.86 35.85 -27.91
CA LEU B 1673 -45.59 34.54 -27.32
C LEU B 1673 -46.86 33.84 -26.87
N LEU B 1674 -47.96 34.58 -26.71
CA LEU B 1674 -49.21 34.03 -26.23
C LEU B 1674 -49.91 33.26 -27.36
N LYS B 1675 -50.79 32.35 -26.96
CA LYS B 1675 -51.51 31.53 -27.92
C LYS B 1675 -52.52 32.37 -28.69
N LYS B 1676 -52.78 31.96 -29.93
CA LYS B 1676 -53.75 32.66 -30.77
C LYS B 1676 -55.17 32.42 -30.24
N THR B 1677 -56.05 33.38 -30.51
CA THR B 1677 -57.43 33.33 -30.05
C THR B 1677 -58.36 33.82 -31.16
N LYS B 1678 -59.65 33.88 -30.84
CA LYS B 1678 -60.68 34.34 -31.75
C LYS B 1678 -61.50 35.42 -31.07
N TYR B 1679 -62.08 36.32 -31.88
CA TYR B 1679 -62.81 37.47 -31.37
C TYR B 1679 -64.27 37.51 -31.78
N GLY B 1680 -64.61 37.03 -32.98
CA GLY B 1680 -65.97 37.09 -33.46
C GLY B 1680 -66.01 37.22 -34.97
N ASP B 1681 -67.21 37.28 -35.55
CA ASP B 1681 -67.33 37.38 -37.00
C ASP B 1681 -66.70 38.67 -37.52
N ARG B 1682 -67.10 39.81 -36.96
CA ARG B 1682 -66.58 41.09 -37.42
C ARG B 1682 -65.09 41.22 -37.14
N GLY B 1683 -64.67 40.75 -35.96
CA GLY B 1683 -63.25 40.80 -35.64
C GLY B 1683 -62.41 39.98 -36.59
N ASN B 1684 -62.87 38.76 -36.90
CA ASN B 1684 -62.14 37.92 -37.85
C ASN B 1684 -62.12 38.55 -39.24
N GLN B 1685 -63.25 39.13 -39.66
CA GLN B 1685 -63.28 39.79 -40.97
C GLN B 1685 -62.26 40.92 -41.02
N LEU B 1686 -62.24 41.77 -39.98
CA LEU B 1686 -61.29 42.88 -39.95
C LEU B 1686 -59.86 42.36 -39.95
N ARG B 1687 -59.59 41.33 -39.14
CA ARG B 1687 -58.24 40.79 -39.05
C ARG B 1687 -57.77 40.25 -40.39
N LYS B 1688 -58.62 39.46 -41.05
CA LYS B 1688 -58.22 38.88 -42.33
C LYS B 1688 -58.06 39.96 -43.40
N MET B 1689 -58.93 40.97 -43.40
CA MET B 1689 -58.79 42.05 -44.36
C MET B 1689 -57.47 42.79 -44.17
N LEU B 1690 -57.14 43.12 -42.91
CA LEU B 1690 -55.89 43.82 -42.65
C LEU B 1690 -54.68 42.96 -42.99
N LEU B 1691 -54.73 41.66 -42.66
CA LEU B 1691 -53.61 40.78 -43.00
C LEU B 1691 -53.43 40.69 -44.51
N GLN B 1692 -54.53 40.57 -45.26
CA GLN B 1692 -54.43 40.52 -46.71
C GLN B 1692 -53.86 41.82 -47.26
N ASN B 1693 -54.29 42.96 -46.72
CA ASN B 1693 -53.82 44.24 -47.22
C ASN B 1693 -52.34 44.44 -46.93
N TYR B 1694 -51.89 44.11 -45.73
CA TYR B 1694 -50.51 44.37 -45.34
C TYR B 1694 -49.58 43.27 -45.80
N LEU B 1695 -49.75 42.06 -45.25
CA LEU B 1695 -48.85 40.94 -45.54
C LEU B 1695 -49.41 40.15 -46.73
N GLN B 1696 -49.03 40.59 -47.92
CA GLN B 1696 -49.49 39.95 -49.15
C GLN B 1696 -48.61 38.76 -49.49
N TRP B 1718 -48.72 23.18 -29.60
CA TRP B 1718 -47.70 23.71 -28.71
C TRP B 1718 -46.35 23.82 -29.43
N SER B 1719 -46.23 23.13 -30.57
CA SER B 1719 -44.99 23.17 -31.33
C SER B 1719 -44.71 24.58 -31.83
N ALA B 1720 -45.74 25.28 -32.31
CA ALA B 1720 -45.54 26.65 -32.77
C ALA B 1720 -45.09 27.56 -31.63
N ILE B 1721 -45.68 27.39 -30.45
CA ILE B 1721 -45.28 28.20 -29.30
C ILE B 1721 -43.84 27.91 -28.92
N ALA B 1722 -43.46 26.63 -28.93
CA ALA B 1722 -42.07 26.29 -28.61
C ALA B 1722 -41.10 26.88 -29.64
N ALA B 1723 -41.47 26.82 -30.92
CA ALA B 1723 -40.62 27.40 -31.95
C ALA B 1723 -40.47 28.90 -31.77
N THR B 1724 -41.58 29.59 -31.45
CA THR B 1724 -41.51 31.03 -31.22
C THR B 1724 -40.63 31.34 -30.01
N GLN B 1725 -40.77 30.56 -28.94
CA GLN B 1725 -39.93 30.77 -27.76
C GLN B 1725 -38.45 30.56 -28.10
N CYS B 1726 -38.14 29.53 -28.87
CA CYS B 1726 -36.75 29.30 -29.26
C CYS B 1726 -36.22 30.45 -30.11
N ARG B 1727 -37.04 30.95 -31.04
CA ARG B 1727 -36.61 32.05 -31.89
C ARG B 1727 -36.35 33.30 -31.06
N LEU B 1728 -37.23 33.60 -30.11
CA LEU B 1728 -37.02 34.77 -29.26
C LEU B 1728 -35.78 34.60 -28.39
N ASP B 1729 -35.54 33.38 -27.88
CA ASP B 1729 -34.34 33.13 -27.11
C ASP B 1729 -33.09 33.34 -27.95
N LYS B 1730 -33.12 32.88 -29.20
CA LYS B 1730 -31.99 33.12 -30.11
C LYS B 1730 -31.79 34.61 -30.33
N GLU B 1731 -32.87 35.35 -30.53
CA GLU B 1731 -32.77 36.80 -30.68
C GLU B 1731 -32.23 37.47 -29.43
N GLY B 1732 -32.44 36.86 -28.25
CA GLY B 1732 -31.88 37.38 -27.02
C GLY B 1732 -32.91 37.92 -26.03
N ALA B 1733 -34.06 37.25 -25.93
CA ALA B 1733 -35.08 37.68 -24.97
C ALA B 1733 -34.68 37.32 -23.54
N THR B 1734 -34.05 36.17 -23.35
CA THR B 1734 -33.67 35.75 -22.00
C THR B 1734 -32.69 36.74 -21.37
N LYS B 1735 -31.67 37.15 -22.13
CA LYS B 1735 -30.72 38.12 -21.62
C LYS B 1735 -31.41 39.45 -21.34
N LEU B 1736 -32.34 39.85 -22.21
CA LEU B 1736 -33.08 41.08 -21.99
C LEU B 1736 -33.83 41.04 -20.66
N VAL B 1737 -34.57 39.96 -20.41
CA VAL B 1737 -35.35 39.87 -19.19
C VAL B 1737 -34.45 39.80 -17.97
N CYS B 1738 -33.33 39.06 -18.07
CA CYS B 1738 -32.41 39.00 -16.94
C CYS B 1738 -31.84 40.37 -16.62
N ASP B 1739 -31.41 41.11 -17.64
CA ASP B 1739 -30.86 42.45 -17.42
C ASP B 1739 -31.93 43.37 -16.83
N LEU B 1740 -33.15 43.32 -17.36
CA LEU B 1740 -34.21 44.17 -16.84
C LEU B 1740 -34.48 43.85 -15.37
N ILE B 1741 -34.57 42.56 -15.03
CA ILE B 1741 -34.85 42.18 -13.65
C ILE B 1741 -33.73 42.66 -12.73
N THR B 1742 -32.48 42.50 -13.15
CA THR B 1742 -31.36 42.82 -12.28
C THR B 1742 -31.01 44.30 -12.24
N SER B 1743 -31.53 45.11 -13.16
CA SER B 1743 -31.17 46.52 -13.21
C SER B 1743 -32.34 47.49 -13.11
N THR B 1744 -33.58 47.02 -13.05
CA THR B 1744 -34.73 47.92 -13.10
C THR B 1744 -35.16 48.33 -11.70
N LYS B 1745 -35.76 49.52 -11.62
CA LYS B 1745 -36.38 50.02 -10.40
C LYS B 1745 -37.87 50.22 -10.51
N ASN B 1746 -38.47 49.96 -11.67
CA ASN B 1746 -39.89 50.18 -11.87
C ASN B 1746 -40.68 48.89 -11.67
N GLU B 1747 -41.74 48.97 -10.86
CA GLU B 1747 -42.53 47.78 -10.57
C GLU B 1747 -43.19 47.25 -11.83
N LYS B 1748 -43.72 48.13 -12.69
CA LYS B 1748 -44.34 47.67 -13.93
C LYS B 1748 -43.33 46.97 -14.83
N ILE B 1749 -42.13 47.53 -14.96
CA ILE B 1749 -41.11 46.91 -15.79
C ILE B 1749 -40.72 45.55 -15.22
N PHE B 1750 -40.56 45.46 -13.90
CA PHE B 1750 -40.23 44.18 -13.28
C PHE B 1750 -41.32 43.15 -13.54
N GLN B 1751 -42.58 43.54 -13.38
CA GLN B 1751 -43.68 42.62 -13.60
C GLN B 1751 -43.74 42.16 -15.05
N GLU B 1752 -43.53 43.08 -15.99
CA GLU B 1752 -43.55 42.71 -17.40
C GLU B 1752 -42.39 41.77 -17.74
N SER B 1753 -41.21 42.01 -17.17
CA SER B 1753 -40.09 41.10 -17.38
C SER B 1753 -40.39 39.71 -16.83
N ILE B 1754 -40.99 39.65 -15.63
CA ILE B 1754 -41.34 38.37 -15.05
C ILE B 1754 -42.36 37.64 -15.92
N GLY B 1755 -43.36 38.38 -16.41
CA GLY B 1755 -44.35 37.76 -17.28
C GLY B 1755 -43.75 37.24 -18.57
N LEU B 1756 -42.85 38.01 -19.18
CA LEU B 1756 -42.19 37.56 -20.40
C LEU B 1756 -41.35 36.32 -20.14
N ALA B 1757 -40.64 36.28 -19.03
CA ALA B 1757 -39.86 35.09 -18.68
C ALA B 1757 -40.78 33.89 -18.48
N ILE B 1758 -41.92 34.09 -17.82
CA ILE B 1758 -42.88 33.00 -17.62
C ILE B 1758 -43.39 32.49 -18.95
N HIS B 1759 -43.72 33.40 -19.87
CA HIS B 1759 -44.18 32.98 -21.19
C HIS B 1759 -43.11 32.21 -21.94
N LEU B 1760 -41.86 32.67 -21.85
CA LEU B 1760 -40.77 31.97 -22.51
C LEU B 1760 -40.59 30.56 -21.93
N LEU B 1761 -40.67 30.43 -20.62
CA LEU B 1761 -40.47 29.15 -19.95
C LEU B 1761 -41.72 28.27 -19.95
N ASP B 1762 -42.85 28.77 -20.44
CA ASP B 1762 -44.07 27.97 -20.42
C ASP B 1762 -43.87 26.68 -21.20
N GLY B 1763 -44.43 25.60 -20.66
CA GLY B 1763 -44.25 24.29 -21.27
C GLY B 1763 -42.96 23.60 -20.91
N GLY B 1764 -42.18 24.15 -19.99
CA GLY B 1764 -40.92 23.52 -19.60
C GLY B 1764 -39.94 23.37 -20.73
N ASN B 1765 -39.74 24.42 -21.52
CA ASN B 1765 -38.85 24.35 -22.67
C ASN B 1765 -37.42 24.15 -22.20
N THR B 1766 -36.85 22.98 -22.53
CA THR B 1766 -35.51 22.66 -22.08
C THR B 1766 -34.48 23.60 -22.68
N GLU B 1767 -34.70 24.07 -23.91
CA GLU B 1767 -33.75 24.99 -24.53
C GLU B 1767 -33.66 26.29 -23.74
N ILE B 1768 -34.82 26.88 -23.39
CA ILE B 1768 -34.81 28.13 -22.64
C ILE B 1768 -34.28 27.88 -21.23
N GLN B 1769 -34.60 26.74 -20.64
CA GLN B 1769 -34.06 26.44 -19.31
C GLN B 1769 -32.54 26.37 -19.35
N LYS B 1770 -31.99 25.72 -20.37
CA LYS B 1770 -30.54 25.63 -20.49
C LYS B 1770 -29.93 27.00 -20.75
N SER B 1771 -30.59 27.82 -21.56
CA SER B 1771 -30.09 29.17 -21.80
C SER B 1771 -30.05 29.98 -20.50
N PHE B 1772 -31.12 29.90 -19.70
CA PHE B 1772 -31.12 30.61 -18.42
C PHE B 1772 -30.02 30.10 -17.50
N HIS B 1773 -29.84 28.78 -17.45
CA HIS B 1773 -28.80 28.21 -16.59
C HIS B 1773 -27.42 28.68 -17.03
N ASN B 1774 -27.17 28.68 -18.35
CA ASN B 1774 -25.87 29.13 -18.84
C ASN B 1774 -25.63 30.60 -18.51
N LEU B 1775 -26.66 31.44 -18.72
CA LEU B 1775 -26.50 32.85 -18.40
C LEU B 1775 -26.21 33.05 -16.91
N MET B 1776 -26.95 32.34 -16.05
CA MET B 1776 -26.75 32.50 -14.62
C MET B 1776 -25.37 32.04 -14.19
N MET B 1777 -24.89 30.92 -14.73
CA MET B 1777 -23.61 30.38 -14.30
C MET B 1777 -22.44 31.16 -14.88
N SER B 1778 -22.61 31.77 -16.05
CA SER B 1778 -21.51 32.49 -16.70
C SER B 1778 -21.46 33.97 -16.29
N ASP B 1779 -22.56 34.70 -16.51
CA ASP B 1779 -22.57 36.12 -16.23
C ASP B 1779 -22.38 36.38 -14.75
N LYS B 1780 -21.75 37.50 -14.44
CA LYS B 1780 -21.50 37.90 -13.05
C LYS B 1780 -22.69 38.59 -12.41
N LYS B 1781 -23.78 38.81 -13.15
CA LYS B 1781 -24.97 39.45 -12.63
C LYS B 1781 -25.90 38.47 -11.93
N SER B 1782 -25.55 37.18 -11.90
CA SER B 1782 -26.37 36.21 -11.19
C SER B 1782 -26.45 36.54 -9.70
N GLU B 1783 -25.36 37.06 -9.14
CA GLU B 1783 -25.38 37.48 -7.74
C GLU B 1783 -26.46 38.54 -7.52
N ARG B 1784 -26.48 39.57 -8.37
CA ARG B 1784 -27.49 40.61 -8.25
C ARG B 1784 -28.89 40.06 -8.46
N PHE B 1785 -29.06 39.16 -9.43
CA PHE B 1785 -30.37 38.60 -9.71
C PHE B 1785 -30.91 37.84 -8.50
N PHE B 1786 -30.10 36.93 -7.94
CA PHE B 1786 -30.54 36.17 -6.77
C PHE B 1786 -30.72 37.08 -5.57
N LYS B 1787 -29.87 38.10 -5.41
CA LYS B 1787 -30.01 39.02 -4.28
C LYS B 1787 -31.33 39.77 -4.36
N VAL B 1788 -31.70 40.25 -5.55
CA VAL B 1788 -32.95 41.00 -5.67
C VAL B 1788 -34.15 40.07 -5.47
N LEU B 1789 -34.07 38.84 -5.99
CA LEU B 1789 -35.16 37.89 -5.75
C LEU B 1789 -35.32 37.62 -4.27
N HIS B 1790 -34.20 37.39 -3.57
CA HIS B 1790 -34.25 37.12 -2.14
C HIS B 1790 -34.81 38.32 -1.37
N ASP B 1791 -34.40 39.52 -1.76
CA ASP B 1791 -34.90 40.72 -1.09
C ASP B 1791 -36.39 40.89 -1.29
N ARG B 1792 -36.88 40.66 -2.51
CA ARG B 1792 -38.32 40.75 -2.76
C ARG B 1792 -39.08 39.71 -1.95
N MET B 1793 -38.57 38.48 -1.90
CA MET B 1793 -39.24 37.43 -1.13
C MET B 1793 -39.26 37.77 0.36
N LYS B 1794 -38.15 38.29 0.88
CA LYS B 1794 -38.10 38.66 2.30
C LYS B 1794 -39.06 39.80 2.59
N ARG B 1795 -39.14 40.79 1.70
CA ARG B 1795 -40.08 41.89 1.90
C ARG B 1795 -41.52 41.38 1.88
N ALA B 1796 -41.82 40.45 0.97
CA ALA B 1796 -43.17 39.87 0.95
C ALA B 1796 -43.45 39.12 2.25
N GLN B 1797 -42.48 38.35 2.75
CA GLN B 1797 -42.68 37.64 4.00
C GLN B 1797 -42.92 38.60 5.15
N GLN B 1798 -42.14 39.69 5.21
CA GLN B 1798 -42.31 40.67 6.28
C GLN B 1798 -43.69 41.34 6.21
N GLU B 1799 -44.13 41.69 5.00
CA GLU B 1799 -45.45 42.29 4.86
C GLU B 1799 -46.55 41.31 5.27
N THR B 1800 -46.41 40.04 4.89
CA THR B 1800 -47.39 39.04 5.29
C THR B 1800 -47.41 38.89 6.82
N LYS B 1801 -46.24 38.86 7.45
CA LYS B 1801 -46.19 38.75 8.89
C LYS B 1801 -46.84 39.95 9.56
N SER B 1802 -46.58 41.16 9.05
CA SER B 1802 -47.19 42.35 9.63
C SER B 1802 -48.71 42.32 9.48
N THR B 1803 -49.20 41.91 8.32
CA THR B 1803 -50.65 41.80 8.13
C THR B 1803 -51.25 40.78 9.08
N VAL B 1804 -50.59 39.63 9.25
CA VAL B 1804 -51.06 38.61 10.16
C VAL B 1804 -50.95 39.10 11.60
N MET B 1863 -53.15 40.27 0.20
CA MET B 1863 -53.28 41.65 -0.26
C MET B 1863 -51.94 42.38 -0.14
N GLY B 1864 -51.77 43.41 -0.95
CA GLY B 1864 -50.53 44.16 -1.00
C GLY B 1864 -49.74 43.80 -2.26
N THR B 1865 -49.05 44.80 -2.81
CA THR B 1865 -48.31 44.58 -4.04
C THR B 1865 -47.21 43.53 -3.85
N SER B 1866 -46.49 43.60 -2.74
CA SER B 1866 -45.40 42.67 -2.49
C SER B 1866 -45.92 41.24 -2.39
N VAL B 1867 -47.03 41.04 -1.69
CA VAL B 1867 -47.59 39.70 -1.56
C VAL B 1867 -48.11 39.21 -2.90
N LEU B 1868 -48.78 40.09 -3.66
CA LEU B 1868 -49.36 39.68 -4.94
C LEU B 1868 -48.27 39.28 -5.92
N ILE B 1869 -47.16 40.05 -5.97
CA ILE B 1869 -46.11 39.77 -6.95
C ILE B 1869 -45.33 38.51 -6.63
N MET B 1870 -45.60 37.86 -5.49
CA MET B 1870 -44.92 36.61 -5.19
C MET B 1870 -45.34 35.49 -6.14
N GLN B 1871 -46.62 35.43 -6.50
CA GLN B 1871 -47.10 34.32 -7.32
C GLN B 1871 -46.40 34.25 -8.67
N PRO B 1872 -46.22 35.35 -9.42
CA PRO B 1872 -45.43 35.26 -10.65
C PRO B 1872 -44.03 34.72 -10.43
N ILE B 1873 -43.38 35.12 -9.32
CA ILE B 1873 -42.03 34.63 -9.06
C ILE B 1873 -42.05 33.12 -8.82
N LEU B 1874 -43.00 32.64 -8.03
CA LEU B 1874 -43.11 31.20 -7.78
C LEU B 1874 -43.38 30.44 -9.07
N ARG B 1875 -44.26 30.97 -9.91
CA ARG B 1875 -44.53 30.33 -11.19
C ARG B 1875 -43.29 30.29 -12.06
N PHE B 1876 -42.52 31.39 -12.08
CA PHE B 1876 -41.28 31.43 -12.84
C PHE B 1876 -40.30 30.39 -12.36
N LEU B 1877 -40.13 30.26 -11.04
CA LEU B 1877 -39.23 29.25 -10.50
C LEU B 1877 -39.71 27.85 -10.82
N GLN B 1878 -41.02 27.61 -10.72
CA GLN B 1878 -41.58 26.29 -11.04
C GLN B 1878 -41.31 25.93 -12.49
N LEU B 1879 -41.52 26.87 -13.40
CA LEU B 1879 -41.23 26.60 -14.81
C LEU B 1879 -39.73 26.43 -15.05
N LEU B 1880 -38.90 27.15 -14.30
CA LEU B 1880 -37.46 27.00 -14.43
C LEU B 1880 -37.02 25.60 -14.03
N CYS B 1881 -37.61 25.06 -12.96
CA CYS B 1881 -37.27 23.73 -12.47
C CYS B 1881 -38.17 22.64 -13.07
N GLU B 1882 -39.04 22.99 -14.01
CA GLU B 1882 -39.94 22.02 -14.60
C GLU B 1882 -39.18 20.95 -15.38
N ASN B 1883 -39.81 19.78 -15.52
CA ASN B 1883 -39.24 18.65 -16.25
C ASN B 1883 -38.02 18.07 -15.56
N HIS B 1884 -37.95 18.21 -14.23
CA HIS B 1884 -36.90 17.59 -13.43
C HIS B 1884 -35.51 18.00 -13.92
N ASN B 1885 -35.27 19.31 -13.92
CA ASN B 1885 -33.97 19.86 -14.28
C ASN B 1885 -33.12 19.92 -13.02
N ARG B 1886 -32.35 18.86 -12.79
CA ARG B 1886 -31.58 18.74 -11.55
C ARG B 1886 -30.55 19.85 -11.42
N ASP B 1887 -29.94 20.25 -12.53
CA ASP B 1887 -28.95 21.32 -12.49
C ASP B 1887 -29.56 22.59 -11.92
N LEU B 1888 -30.70 23.02 -12.46
CA LEU B 1888 -31.35 24.22 -11.95
C LEU B 1888 -31.88 24.02 -10.54
N GLN B 1889 -32.38 22.83 -10.21
CA GLN B 1889 -32.86 22.58 -8.86
C GLN B 1889 -31.75 22.77 -7.84
N ASN B 1890 -30.56 22.26 -8.14
CA ASN B 1890 -29.42 22.45 -7.24
C ASN B 1890 -28.89 23.88 -7.27
N PHE B 1891 -28.93 24.53 -8.44
CA PHE B 1891 -28.45 25.91 -8.52
C PHE B 1891 -29.31 26.85 -7.69
N LEU B 1892 -30.63 26.66 -7.72
CA LEU B 1892 -31.52 27.50 -6.93
C LEU B 1892 -31.29 27.30 -5.43
N ARG B 1893 -30.85 26.13 -5.01
CA ARG B 1893 -30.56 25.91 -3.60
C ARG B 1893 -29.21 26.52 -3.22
N CYS B 1894 -28.16 26.17 -3.96
CA CYS B 1894 -26.82 26.67 -3.71
C CYS B 1894 -26.21 27.12 -5.02
N GLN B 1895 -25.53 28.26 -4.99
CA GLN B 1895 -24.86 28.81 -6.16
C GLN B 1895 -23.36 28.80 -5.94
N ASN B 1896 -22.62 28.60 -7.03
CA ASN B 1896 -21.16 28.59 -6.97
C ASN B 1896 -20.59 29.97 -6.65
N ASN B 1897 -21.39 31.03 -6.73
CA ASN B 1897 -20.91 32.36 -6.46
C ASN B 1897 -20.45 32.48 -5.00
N LYS B 1898 -19.85 33.64 -4.69
CA LYS B 1898 -19.36 33.87 -3.34
C LYS B 1898 -20.50 33.86 -2.33
N THR B 1899 -21.62 34.49 -2.67
CA THR B 1899 -22.79 34.57 -1.80
C THR B 1899 -23.92 33.78 -2.42
N ASN B 1900 -24.56 32.94 -1.60
CA ASN B 1900 -25.64 32.07 -2.04
C ASN B 1900 -26.92 32.38 -1.27
N TYR B 1901 -28.04 32.43 -1.98
CA TYR B 1901 -29.36 32.64 -1.39
C TYR B 1901 -30.17 31.36 -1.57
N ASN B 1902 -30.73 30.85 -0.48
CA ASN B 1902 -31.46 29.58 -0.49
C ASN B 1902 -32.94 29.87 -0.76
N LEU B 1903 -33.31 29.88 -2.04
CA LEU B 1903 -34.69 30.20 -2.41
C LEU B 1903 -35.67 29.14 -1.92
N VAL B 1904 -35.25 27.89 -1.82
CA VAL B 1904 -36.12 26.85 -1.29
C VAL B 1904 -36.48 27.16 0.16
N CYS B 1905 -35.47 27.51 0.97
CA CYS B 1905 -35.73 27.88 2.35
C CYS B 1905 -36.60 29.13 2.44
N GLU B 1906 -36.35 30.11 1.57
CA GLU B 1906 -37.17 31.31 1.59
C GLU B 1906 -38.63 30.98 1.28
N THR B 1907 -38.87 30.13 0.29
CA THR B 1907 -40.23 29.75 -0.07
C THR B 1907 -40.89 28.99 1.08
N LEU B 1908 -40.16 28.07 1.71
CA LEU B 1908 -40.72 27.32 2.83
C LEU B 1908 -41.09 28.25 3.99
N GLN B 1909 -40.21 29.23 4.28
CA GLN B 1909 -40.51 30.19 5.34
C GLN B 1909 -41.73 31.02 5.00
N PHE B 1910 -41.85 31.44 3.73
CA PHE B 1910 -43.02 32.21 3.32
C PHE B 1910 -44.29 31.38 3.50
N LEU B 1911 -44.25 30.11 3.11
CA LEU B 1911 -45.42 29.25 3.28
C LEU B 1911 -45.77 29.10 4.74
N ASP B 1912 -44.78 28.87 5.60
CA ASP B 1912 -45.04 28.72 7.03
C ASP B 1912 -45.64 29.98 7.62
N ILE B 1913 -45.11 31.15 7.23
CA ILE B 1913 -45.63 32.40 7.76
C ILE B 1913 -47.05 32.64 7.30
N MET B 1914 -47.34 32.39 6.01
CA MET B 1914 -48.68 32.62 5.49
C MET B 1914 -49.69 31.61 6.00
N CYS B 1915 -49.25 30.44 6.43
CA CYS B 1915 -50.16 29.42 6.94
C CYS B 1915 -50.43 29.57 8.44
N GLY B 1916 -49.86 30.57 9.09
CA GLY B 1916 -50.11 30.82 10.49
C GLY B 1916 -49.05 30.32 11.44
N SER B 1917 -47.96 29.75 10.93
CA SER B 1917 -46.86 29.30 11.78
C SER B 1917 -47.38 28.21 12.73
N THR B 1918 -46.81 28.12 13.93
CA THR B 1918 -47.14 27.02 14.84
C THR B 1918 -48.60 27.08 15.27
N THR B 1919 -49.11 28.27 15.58
CA THR B 1919 -50.49 28.37 16.02
C THR B 1919 -51.45 27.95 14.91
N GLY B 1920 -51.16 28.34 13.66
CA GLY B 1920 -51.99 27.91 12.56
C GLY B 1920 -51.91 26.41 12.31
N GLY B 1921 -50.71 25.85 12.44
CA GLY B 1921 -50.52 24.42 12.17
C GLY B 1921 -50.98 23.50 13.28
N LEU B 1922 -51.19 24.02 14.49
CA LEU B 1922 -51.65 23.21 15.60
C LEU B 1922 -53.16 23.00 15.60
N GLY B 1923 -53.89 23.62 14.67
CA GLY B 1923 -55.32 23.42 14.58
C GLY B 1923 -56.09 24.68 14.22
N LEU B 1924 -55.40 25.81 14.11
CA LEU B 1924 -56.02 27.08 13.75
C LEU B 1924 -55.66 27.49 12.31
N LEU B 1925 -55.42 26.50 11.45
CA LEU B 1925 -55.04 26.80 10.07
C LEU B 1925 -56.15 27.51 9.31
N GLY B 1926 -57.40 27.35 9.72
CA GLY B 1926 -58.51 27.93 9.00
C GLY B 1926 -58.64 29.44 9.15
N LEU B 1927 -58.02 30.01 10.18
CA LEU B 1927 -58.11 31.43 10.44
C LEU B 1927 -57.15 32.26 9.61
N TYR B 1928 -56.26 31.62 8.85
CA TYR B 1928 -55.27 32.33 8.04
C TYR B 1928 -55.45 32.14 6.55
N ILE B 1929 -56.02 31.01 6.11
CA ILE B 1929 -56.18 30.73 4.69
C ILE B 1929 -57.55 31.29 4.28
N ASN B 1930 -57.52 32.43 3.60
CA ASN B 1930 -58.73 33.08 3.11
C ASN B 1930 -58.95 32.71 1.65
N GLU B 1931 -59.93 33.36 1.01
CA GLU B 1931 -60.25 33.10 -0.38
C GLU B 1931 -59.28 33.76 -1.36
N ASP B 1932 -58.45 34.68 -0.89
CA ASP B 1932 -57.51 35.40 -1.76
C ASP B 1932 -56.12 34.78 -1.78
N ASN B 1933 -55.63 34.31 -0.64
CA ASN B 1933 -54.30 33.72 -0.55
C ASN B 1933 -54.29 32.23 -0.85
N VAL B 1934 -55.46 31.63 -1.12
CA VAL B 1934 -55.51 30.20 -1.40
C VAL B 1934 -54.74 29.89 -2.68
N GLY B 1935 -54.91 30.73 -3.72
CA GLY B 1935 -54.16 30.52 -4.94
C GLY B 1935 -52.67 30.63 -4.74
N LEU B 1936 -52.23 31.61 -3.95
CA LEU B 1936 -50.80 31.75 -3.68
C LEU B 1936 -50.27 30.55 -2.91
N VAL B 1937 -51.03 30.04 -1.94
CA VAL B 1937 -50.61 28.86 -1.19
C VAL B 1937 -50.50 27.66 -2.13
N ILE B 1938 -51.47 27.51 -3.03
CA ILE B 1938 -51.43 26.40 -3.98
C ILE B 1938 -50.20 26.51 -4.88
N GLN B 1939 -49.91 27.71 -5.35
CA GLN B 1939 -48.73 27.91 -6.20
C GLN B 1939 -47.45 27.58 -5.43
N THR B 1940 -47.38 28.00 -4.16
CA THR B 1940 -46.21 27.68 -3.35
C THR B 1940 -46.06 26.18 -3.18
N LEU B 1941 -47.17 25.48 -2.93
CA LEU B 1941 -47.10 24.02 -2.79
C LEU B 1941 -46.64 23.37 -4.10
N GLU B 1942 -47.13 23.86 -5.23
CA GLU B 1942 -46.69 23.31 -6.51
C GLU B 1942 -45.21 23.55 -6.73
N THR B 1943 -44.72 24.75 -6.37
CA THR B 1943 -43.30 25.04 -6.52
C THR B 1943 -42.46 24.12 -5.64
N LEU B 1944 -42.89 23.91 -4.40
CA LEU B 1944 -42.16 23.01 -3.51
C LEU B 1944 -42.16 21.58 -4.06
N THR B 1945 -43.30 21.13 -4.60
CA THR B 1945 -43.36 19.80 -5.18
C THR B 1945 -42.41 19.69 -6.37
N GLU B 1946 -42.35 20.72 -7.21
CA GLU B 1946 -41.44 20.70 -8.35
C GLU B 1946 -39.99 20.65 -7.89
N TYR B 1947 -39.65 21.41 -6.85
CA TYR B 1947 -38.30 21.34 -6.29
C TYR B 1947 -37.99 19.93 -5.82
N CYS B 1948 -38.92 19.31 -5.08
CA CYS B 1948 -38.67 18.00 -4.49
C CYS B 1948 -38.53 16.93 -5.57
N GLN B 1949 -39.36 16.99 -6.60
CA GLN B 1949 -39.39 15.94 -7.61
C GLN B 1949 -38.11 15.95 -8.44
N GLY B 1950 -37.85 14.81 -9.08
CA GLY B 1950 -36.71 14.65 -9.94
C GLY B 1950 -35.97 13.34 -9.77
N PRO B 1951 -35.81 12.85 -8.53
CA PRO B 1951 -35.97 13.51 -7.22
C PRO B 1951 -34.72 14.30 -6.84
N CYS B 1952 -34.81 15.26 -5.94
CA CYS B 1952 -33.66 16.03 -5.47
C CYS B 1952 -33.48 15.74 -3.98
N HIS B 1953 -32.50 14.88 -3.67
CA HIS B 1953 -32.29 14.47 -2.29
C HIS B 1953 -31.92 15.66 -1.41
N GLU B 1954 -31.07 16.55 -1.92
CA GLU B 1954 -30.65 17.70 -1.12
C GLU B 1954 -31.85 18.58 -0.76
N ASN B 1955 -32.70 18.89 -1.75
CA ASN B 1955 -33.86 19.72 -1.48
C ASN B 1955 -34.83 19.01 -0.54
N GLN B 1956 -35.05 17.71 -0.72
CA GLN B 1956 -35.94 16.97 0.16
C GLN B 1956 -35.43 17.02 1.59
N THR B 1957 -34.14 16.75 1.79
CA THR B 1957 -33.57 16.78 3.14
C THR B 1957 -33.68 18.17 3.74
N CYS B 1958 -33.38 19.21 2.96
CA CYS B 1958 -33.44 20.57 3.47
C CYS B 1958 -34.85 20.93 3.92
N ILE B 1959 -35.85 20.59 3.11
CA ILE B 1959 -37.22 20.90 3.47
C ILE B 1959 -37.66 20.10 4.69
N VAL B 1960 -37.24 18.84 4.77
CA VAL B 1960 -37.65 18.00 5.90
C VAL B 1960 -37.05 18.51 7.20
N THR B 1961 -35.76 18.88 7.17
CA THR B 1961 -35.04 19.24 8.38
C THR B 1961 -34.92 20.75 8.57
N HIS B 1962 -35.69 21.54 7.81
CA HIS B 1962 -35.62 22.99 7.96
C HIS B 1962 -36.08 23.40 9.36
N GLU B 1963 -35.48 24.47 9.87
CA GLU B 1963 -35.75 24.91 11.23
C GLU B 1963 -37.13 25.51 11.39
N SER B 1964 -37.78 25.89 10.29
CA SER B 1964 -39.10 26.50 10.36
C SER B 1964 -40.22 25.49 10.59
N ASN B 1965 -39.95 24.20 10.45
CA ASN B 1965 -40.95 23.15 10.68
C ASN B 1965 -42.17 23.35 9.78
N GLY B 1966 -41.92 23.57 8.50
CA GLY B 1966 -43.00 23.67 7.53
C GLY B 1966 -43.63 22.34 7.20
N ILE B 1967 -42.98 21.23 7.57
CA ILE B 1967 -43.59 19.92 7.36
C ILE B 1967 -44.85 19.79 8.22
N ASP B 1968 -44.83 20.39 9.41
CA ASP B 1968 -46.03 20.39 10.24
C ASP B 1968 -47.17 21.13 9.56
N ILE B 1969 -46.88 22.28 8.94
CA ILE B 1969 -47.89 23.02 8.20
C ILE B 1969 -48.41 22.19 7.03
N ILE B 1970 -47.51 21.53 6.31
CA ILE B 1970 -47.91 20.71 5.17
C ILE B 1970 -48.85 19.60 5.63
N THR B 1971 -48.51 18.92 6.73
CA THR B 1971 -49.35 17.85 7.24
C THR B 1971 -50.69 18.38 7.74
N ALA B 1972 -50.69 19.56 8.37
CA ALA B 1972 -51.93 20.15 8.82
C ALA B 1972 -52.83 20.50 7.66
N LEU B 1973 -52.26 20.92 6.53
CA LEU B 1973 -53.07 21.22 5.36
C LEU B 1973 -53.90 20.01 4.94
N ILE B 1974 -53.44 18.80 5.25
CA ILE B 1974 -54.18 17.58 4.90
C ILE B 1974 -55.07 17.14 6.05
N LEU B 1975 -54.58 17.21 7.29
CA LEU B 1975 -55.29 16.67 8.44
C LEU B 1975 -56.27 17.65 9.08
N ASN B 1976 -56.39 18.86 8.54
CA ASN B 1976 -57.30 19.86 9.08
C ASN B 1976 -58.20 20.39 7.97
N ASP B 1977 -59.40 20.80 8.37
CA ASP B 1977 -60.40 21.33 7.45
C ASP B 1977 -60.52 22.84 7.66
N ILE B 1978 -60.47 23.59 6.57
CA ILE B 1978 -60.59 25.05 6.62
C ILE B 1978 -62.08 25.35 6.73
N SER B 1979 -62.58 25.50 7.96
CA SER B 1979 -64.02 25.68 8.15
C SER B 1979 -64.56 26.90 7.44
N PRO B 1980 -63.95 28.09 7.54
CA PRO B 1980 -64.52 29.25 6.84
C PRO B 1980 -64.62 29.05 5.34
N LEU B 1981 -63.65 28.38 4.73
CA LEU B 1981 -63.61 28.25 3.28
C LEU B 1981 -64.21 26.92 2.78
N CYS B 1982 -64.31 25.91 3.64
CA CYS B 1982 -64.84 24.63 3.19
C CYS B 1982 -66.29 24.76 2.75
N LYS B 1983 -67.09 25.52 3.49
CA LYS B 1983 -68.52 25.66 3.19
C LYS B 1983 -68.80 26.66 2.09
N TYR B 1984 -67.78 27.39 1.61
CA TYR B 1984 -67.95 28.33 0.51
C TYR B 1984 -67.34 27.82 -0.79
N ARG B 1985 -66.06 27.46 -0.79
CA ARG B 1985 -65.34 27.00 -1.97
C ARG B 1985 -64.58 25.74 -1.58
N MET B 1986 -65.25 24.58 -1.69
CA MET B 1986 -64.63 23.32 -1.29
C MET B 1986 -63.61 22.81 -2.29
N ASP B 1987 -63.75 23.17 -3.57
CA ASP B 1987 -62.81 22.71 -4.57
C ASP B 1987 -61.40 23.22 -4.28
N LEU B 1988 -61.29 24.46 -3.81
CA LEU B 1988 -59.97 24.99 -3.47
C LEU B 1988 -59.35 24.20 -2.31
N VAL B 1989 -60.15 23.82 -1.32
CA VAL B 1989 -59.65 23.01 -0.22
C VAL B 1989 -59.19 21.65 -0.73
N LEU B 1990 -59.96 21.05 -1.64
CA LEU B 1990 -59.56 19.76 -2.22
C LEU B 1990 -58.25 19.90 -2.98
N GLN B 1991 -58.09 20.98 -3.74
CA GLN B 1991 -56.83 21.21 -4.46
C GLN B 1991 -55.68 21.37 -3.49
N LEU B 1992 -55.88 22.10 -2.39
CA LEU B 1992 -54.84 22.26 -1.39
C LEU B 1992 -54.43 20.91 -0.81
N LYS B 1993 -55.42 20.08 -0.47
CA LYS B 1993 -55.11 18.75 0.07
C LYS B 1993 -54.35 17.91 -0.94
N ASP B 1994 -54.77 17.94 -2.21
CA ASP B 1994 -54.09 17.17 -3.24
C ASP B 1994 -52.66 17.63 -3.41
N ASN B 1995 -52.43 18.95 -3.44
CA ASN B 1995 -51.08 19.46 -3.58
C ASN B 1995 -50.21 19.09 -2.40
N ALA B 1996 -50.76 19.16 -1.19
CA ALA B 1996 -49.99 18.76 -0.01
C ALA B 1996 -49.62 17.28 -0.07
N SER B 1997 -50.58 16.44 -0.46
CA SER B 1997 -50.29 15.01 -0.57
C SER B 1997 -49.22 14.74 -1.62
N LYS B 1998 -49.31 15.43 -2.77
CA LYS B 1998 -48.30 15.24 -3.81
C LYS B 1998 -46.93 15.70 -3.34
N LEU B 1999 -46.87 16.80 -2.60
CA LEU B 1999 -45.59 17.27 -2.05
C LEU B 1999 -45.02 16.25 -1.08
N LEU B 2000 -45.86 15.71 -0.19
CA LEU B 2000 -45.37 14.71 0.75
C LEU B 2000 -44.87 13.47 0.03
N LEU B 2001 -45.59 13.03 -1.01
CA LEU B 2001 -45.13 11.89 -1.80
C LEU B 2001 -43.80 12.18 -2.47
N ALA B 2002 -43.65 13.39 -3.03
CA ALA B 2002 -42.40 13.75 -3.71
C ALA B 2002 -41.25 13.83 -2.72
N LEU B 2003 -41.54 14.15 -1.46
CA LEU B 2003 -40.49 14.24 -0.45
C LEU B 2003 -39.85 12.90 -0.12
N MET B 2004 -40.42 11.78 -0.57
CA MET B 2004 -39.94 10.46 -0.15
C MET B 2004 -39.79 9.50 -1.33
N GLU B 2005 -39.60 10.02 -2.55
CA GLU B 2005 -39.57 9.14 -3.71
C GLU B 2005 -38.40 8.16 -3.67
N SER B 2006 -37.18 8.66 -3.81
CA SER B 2006 -35.99 7.81 -3.80
C SER B 2006 -35.33 7.83 -2.44
N ARG B 2007 -36.09 7.42 -1.42
CA ARG B 2007 -35.60 7.36 -0.05
C ARG B 2007 -35.83 5.96 0.50
N HIS B 2008 -34.75 5.34 1.00
CA HIS B 2008 -34.84 4.06 1.68
C HIS B 2008 -34.78 4.20 3.19
N ASP B 2009 -34.16 5.26 3.70
CA ASP B 2009 -34.09 5.49 5.14
C ASP B 2009 -35.45 5.94 5.67
N SER B 2010 -35.62 5.84 6.98
CA SER B 2010 -36.88 6.15 7.64
C SER B 2010 -36.90 7.53 8.28
N GLU B 2011 -35.88 8.36 8.06
CA GLU B 2011 -35.84 9.66 8.70
C GLU B 2011 -37.02 10.52 8.27
N ASN B 2012 -37.21 10.68 6.96
CA ASN B 2012 -38.31 11.51 6.46
C ASN B 2012 -39.66 10.93 6.85
N ALA B 2013 -39.79 9.61 6.76
CA ALA B 2013 -41.06 8.97 7.11
C ALA B 2013 -41.41 9.23 8.58
N GLU B 2014 -40.43 9.07 9.48
CA GLU B 2014 -40.67 9.34 10.89
C GLU B 2014 -40.99 10.81 11.13
N ARG B 2015 -40.26 11.71 10.48
CA ARG B 2015 -40.52 13.14 10.67
C ARG B 2015 -41.95 13.49 10.23
N ILE B 2016 -42.39 12.93 9.11
CA ILE B 2016 -43.75 13.21 8.64
C ILE B 2016 -44.78 12.58 9.57
N LEU B 2017 -44.54 11.34 10.01
CA LEU B 2017 -45.49 10.66 10.89
C LEU B 2017 -45.59 11.34 12.25
N ILE B 2018 -44.56 12.08 12.66
CA ILE B 2018 -44.65 12.82 13.92
C ILE B 2018 -45.86 13.75 13.91
N SER B 2019 -46.10 14.40 12.77
CA SER B 2019 -47.25 15.29 12.64
C SER B 2019 -48.49 14.57 12.12
N LEU B 2020 -48.33 13.57 11.26
CA LEU B 2020 -49.46 12.83 10.72
C LEU B 2020 -49.79 11.68 11.66
N ARG B 2021 -50.90 11.81 12.38
CA ARG B 2021 -51.38 10.71 13.22
C ARG B 2021 -52.13 9.70 12.36
N PRO B 2022 -51.78 8.42 12.42
CA PRO B 2022 -52.44 7.46 11.52
C PRO B 2022 -53.95 7.42 11.65
N GLN B 2023 -54.49 7.55 12.86
CA GLN B 2023 -55.93 7.52 13.04
C GLN B 2023 -56.59 8.67 12.30
N GLU B 2024 -56.03 9.88 12.44
CA GLU B 2024 -56.58 11.04 11.74
C GLU B 2024 -56.45 10.88 10.24
N LEU B 2025 -55.34 10.30 9.78
CA LEU B 2025 -55.16 10.09 8.34
C LEU B 2025 -56.23 9.15 7.80
N VAL B 2026 -56.49 8.05 8.50
CA VAL B 2026 -57.52 7.12 8.06
C VAL B 2026 -58.89 7.78 8.09
N ASP B 2027 -59.15 8.57 9.14
CA ASP B 2027 -60.44 9.24 9.24
C ASP B 2027 -60.66 10.20 8.08
N VAL B 2028 -59.63 10.98 7.73
CA VAL B 2028 -59.78 11.92 6.63
C VAL B 2028 -59.91 11.19 5.30
N ILE B 2029 -59.21 10.05 5.15
CA ILE B 2029 -59.36 9.27 3.93
C ILE B 2029 -60.80 8.79 3.78
N LYS B 2030 -61.36 8.25 4.87
CA LYS B 2030 -62.74 7.75 4.82
C LYS B 2030 -63.72 8.90 4.57
N LYS B 2031 -63.49 10.05 5.19
CA LYS B 2031 -64.35 11.20 4.97
C LYS B 2031 -64.31 11.65 3.52
N ALA B 2032 -63.11 11.69 2.93
CA ALA B 2032 -62.99 12.08 1.53
C ALA B 2032 -63.70 11.09 0.63
N TYR B 2033 -63.57 9.79 0.91
CA TYR B 2033 -64.26 8.79 0.10
C TYR B 2033 -65.78 8.97 0.20
N LEU B 2034 -66.28 9.18 1.42
CA LEU B 2034 -67.72 9.33 1.61
C LEU B 2034 -68.24 10.59 0.92
N GLN B 2035 -67.48 11.68 0.98
CA GLN B 2035 -67.92 12.94 0.40
C GLN B 2035 -68.15 12.79 -1.09
N GLU B 2036 -69.40 12.95 -1.52
CA GLU B 2036 -69.75 12.92 -2.93
C GLU B 2036 -70.66 14.05 -3.37
N GLU B 2037 -71.28 14.79 -2.45
CA GLU B 2037 -72.16 15.88 -2.86
C GLU B 2037 -71.39 16.96 -3.61
N GLU B 2038 -70.18 17.29 -3.14
CA GLU B 2038 -69.38 18.31 -3.80
C GLU B 2038 -68.94 17.89 -5.19
N ARG B 2039 -68.93 16.59 -5.48
CA ARG B 2039 -68.48 16.12 -6.79
C ARG B 2039 -69.32 16.72 -7.91
N GLU B 2040 -70.55 17.12 -7.62
CA GLU B 2040 -71.43 17.70 -8.63
C GLU B 2040 -70.79 18.94 -9.24
N ASN B 2041 -70.50 18.88 -10.53
CA ASN B 2041 -69.91 20.00 -11.26
C ASN B 2041 -68.62 20.47 -10.59
N SER B 2042 -67.76 19.51 -10.26
CA SER B 2042 -66.47 19.77 -9.62
C SER B 2042 -65.35 19.37 -10.56
N GLU B 2043 -64.37 20.25 -10.73
CA GLU B 2043 -63.23 19.95 -11.59
C GLU B 2043 -62.41 18.79 -11.03
N VAL B 2044 -62.24 18.75 -9.71
CA VAL B 2044 -61.45 17.72 -9.04
C VAL B 2044 -62.37 16.92 -8.14
N SER B 2045 -62.32 15.60 -8.27
CA SER B 2045 -63.18 14.73 -7.48
C SER B 2045 -62.53 14.45 -6.12
N PRO B 2046 -63.30 14.48 -5.03
CA PRO B 2046 -62.72 14.12 -3.73
C PRO B 2046 -62.19 12.70 -3.68
N ARG B 2047 -62.71 11.81 -4.52
CA ARG B 2047 -62.25 10.42 -4.51
C ARG B 2047 -60.79 10.32 -4.93
N GLU B 2048 -60.39 11.12 -5.92
CA GLU B 2048 -58.98 11.10 -6.34
C GLU B 2048 -58.07 11.60 -5.22
N VAL B 2049 -58.49 12.64 -4.51
CA VAL B 2049 -57.69 13.13 -3.39
C VAL B 2049 -57.59 12.06 -2.31
N GLY B 2050 -58.71 11.39 -2.01
CA GLY B 2050 -58.68 10.31 -1.04
C GLY B 2050 -57.75 9.19 -1.46
N HIS B 2051 -57.75 8.85 -2.76
CA HIS B 2051 -56.86 7.81 -3.25
C HIS B 2051 -55.41 8.21 -3.12
N ASN B 2052 -55.09 9.48 -3.42
CA ASN B 2052 -53.72 9.94 -3.25
C ASN B 2052 -53.29 9.89 -1.78
N ILE B 2053 -54.18 10.29 -0.88
CA ILE B 2053 -53.87 10.24 0.54
C ILE B 2053 -53.68 8.79 0.98
N TYR B 2054 -54.48 7.87 0.43
CA TYR B 2054 -54.31 6.46 0.75
C TYR B 2054 -52.98 5.94 0.26
N ILE B 2055 -52.54 6.36 -0.92
CA ILE B 2055 -51.22 5.98 -1.42
C ILE B 2055 -50.13 6.50 -0.49
N LEU B 2056 -50.27 7.75 -0.05
CA LEU B 2056 -49.31 8.30 0.90
C LEU B 2056 -49.28 7.50 2.20
N ALA B 2057 -50.46 7.11 2.68
CA ALA B 2057 -50.53 6.31 3.90
C ALA B 2057 -49.86 4.95 3.70
N LEU B 2058 -50.08 4.32 2.55
CA LEU B 2058 -49.42 3.06 2.26
C LEU B 2058 -47.90 3.21 2.25
N GLN B 2059 -47.41 4.29 1.63
CA GLN B 2059 -45.97 4.51 1.60
C GLN B 2059 -45.43 4.73 3.02
N LEU B 2060 -46.16 5.47 3.84
CA LEU B 2060 -45.71 5.72 5.21
C LEU B 2060 -45.78 4.48 6.08
N SER B 2061 -46.70 3.56 5.78
CA SER B 2061 -46.92 2.40 6.63
C SER B 2061 -45.74 1.43 6.64
N ARG B 2062 -44.79 1.56 5.71
CA ARG B 2062 -43.66 0.65 5.70
C ARG B 2062 -42.82 0.76 6.96
N HIS B 2063 -42.97 1.85 7.72
CA HIS B 2063 -42.22 2.05 8.95
C HIS B 2063 -43.09 2.12 10.20
N ASN B 2064 -44.39 2.33 10.08
CA ASN B 2064 -45.30 2.42 11.21
C ASN B 2064 -46.21 1.20 11.20
N LYS B 2065 -46.21 0.45 12.30
CA LYS B 2065 -47.05 -0.75 12.38
C LYS B 2065 -48.51 -0.39 12.57
N GLN B 2066 -48.80 0.64 13.37
CA GLN B 2066 -50.19 1.00 13.64
C GLN B 2066 -50.91 1.42 12.37
N LEU B 2067 -50.24 2.21 11.52
CA LEU B 2067 -50.86 2.63 10.27
C LEU B 2067 -51.14 1.43 9.37
N GLN B 2068 -50.21 0.47 9.31
CA GLN B 2068 -50.44 -0.74 8.53
C GLN B 2068 -51.64 -1.51 9.06
N HIS B 2069 -51.77 -1.60 10.38
CA HIS B 2069 -52.91 -2.30 10.97
C HIS B 2069 -54.22 -1.60 10.62
N LEU B 2070 -54.23 -0.27 10.68
CA LEU B 2070 -55.45 0.48 10.40
C LEU B 2070 -55.78 0.57 8.92
N LEU B 2071 -54.81 0.34 8.04
CA LEU B 2071 -55.04 0.42 6.60
C LEU B 2071 -55.60 -0.88 6.03
N LYS B 2072 -55.75 -1.93 6.84
CA LYS B 2072 -56.32 -3.16 6.33
C LYS B 2072 -57.77 -2.95 5.93
N PRO B 2073 -58.25 -3.66 4.90
CA PRO B 2073 -59.63 -3.43 4.44
C PRO B 2073 -60.66 -3.65 5.53
N VAL B 2074 -60.46 -4.64 6.39
CA VAL B 2074 -61.40 -4.93 7.46
C VAL B 2074 -60.79 -5.94 8.43
N GLU B 2111 -68.41 -0.24 -0.97
CA GLU B 2111 -68.90 0.67 0.06
C GLU B 2111 -67.79 0.97 1.07
N ASP B 2112 -66.85 0.05 1.20
CA ASP B 2112 -65.74 0.22 2.14
C ASP B 2112 -64.65 1.05 1.48
N PRO B 2113 -64.31 2.23 2.02
CA PRO B 2113 -63.26 3.04 1.37
C PRO B 2113 -61.92 2.33 1.27
N LEU B 2114 -61.48 1.69 2.34
CA LEU B 2114 -60.19 1.02 2.32
C LEU B 2114 -60.19 -0.12 1.31
N ALA B 2115 -61.28 -0.90 1.26
CA ALA B 2115 -61.36 -1.99 0.30
C ALA B 2115 -61.33 -1.45 -1.13
N TYR B 2116 -62.08 -0.38 -1.40
CA TYR B 2116 -62.10 0.19 -2.74
C TYR B 2116 -60.72 0.69 -3.14
N TYR B 2117 -60.03 1.38 -2.23
CA TYR B 2117 -58.69 1.89 -2.54
C TYR B 2117 -57.70 0.75 -2.74
N GLU B 2118 -57.78 -0.29 -1.92
CA GLU B 2118 -56.89 -1.44 -2.10
C GLU B 2118 -57.15 -2.13 -3.43
N ASN B 2119 -58.42 -2.27 -3.83
CA ASN B 2119 -58.75 -2.88 -5.11
C ASN B 2119 -58.28 -2.03 -6.28
N HIS B 2120 -58.34 -0.70 -6.17
CA HIS B 2120 -57.98 0.19 -7.26
C HIS B 2120 -56.55 0.71 -7.15
N THR B 2121 -55.76 0.16 -6.23
CA THR B 2121 -54.37 0.55 -6.04
C THR B 2121 -53.46 -0.61 -6.44
N SER B 2122 -52.32 -0.28 -7.04
CA SER B 2122 -51.36 -1.27 -7.48
C SER B 2122 -49.95 -0.83 -7.13
N GLN B 2123 -49.03 -1.80 -7.08
CA GLN B 2123 -47.64 -1.55 -6.75
C GLN B 2123 -46.76 -2.40 -7.65
N ILE B 2124 -45.55 -1.90 -7.93
CA ILE B 2124 -44.56 -2.61 -8.72
C ILE B 2124 -43.17 -2.27 -8.20
N GLU B 2125 -42.16 -2.93 -8.75
CA GLU B 2125 -40.77 -2.68 -8.42
C GLU B 2125 -40.01 -2.34 -9.70
N ILE B 2126 -39.14 -1.34 -9.63
CA ILE B 2126 -38.37 -0.91 -10.80
C ILE B 2126 -36.90 -0.73 -10.39
N VAL B 2127 -36.04 -0.80 -11.40
CA VAL B 2127 -34.60 -0.62 -11.24
C VAL B 2127 -34.23 0.72 -11.86
N ARG B 2128 -33.50 1.53 -11.10
CA ARG B 2128 -33.08 2.84 -11.56
C ARG B 2128 -31.72 2.75 -12.25
N GLN B 2129 -31.28 3.88 -12.81
CA GLN B 2129 -30.03 3.89 -13.57
C GLN B 2129 -28.82 3.57 -12.70
N ASP B 2130 -28.95 3.74 -11.38
CA ASP B 2130 -27.88 3.42 -10.46
C ASP B 2130 -27.96 2.01 -9.91
N ARG B 2131 -28.66 1.11 -10.60
CA ARG B 2131 -28.78 -0.29 -10.19
C ARG B 2131 -29.33 -0.41 -8.78
N SER B 2132 -30.41 0.31 -8.49
CA SER B 2132 -31.12 0.22 -7.22
C SER B 2132 -32.58 -0.08 -7.49
N MET B 2133 -33.15 -0.99 -6.70
CA MET B 2133 -34.55 -1.38 -6.84
C MET B 2133 -35.41 -0.59 -5.86
N GLU B 2134 -36.48 0.00 -6.36
CA GLU B 2134 -37.42 0.74 -5.53
C GLU B 2134 -38.85 0.39 -5.91
N GLN B 2135 -39.74 0.50 -4.94
CA GLN B 2135 -41.15 0.15 -5.11
C GLN B 2135 -41.96 1.40 -5.43
N ILE B 2136 -42.78 1.31 -6.46
CA ILE B 2136 -43.63 2.40 -6.91
C ILE B 2136 -45.08 1.97 -6.74
N VAL B 2137 -45.85 2.77 -6.00
CA VAL B 2137 -47.27 2.53 -5.76
C VAL B 2137 -48.06 3.58 -6.53
N PHE B 2138 -48.98 3.12 -7.38
CA PHE B 2138 -49.75 3.98 -8.24
C PHE B 2138 -51.20 3.52 -8.26
N PRO B 2139 -52.14 4.40 -8.62
CA PRO B 2139 -53.53 3.99 -8.76
C PRO B 2139 -53.81 3.38 -10.13
N VAL B 2140 -54.69 2.39 -10.13
CA VAL B 2140 -55.03 1.70 -11.39
C VAL B 2140 -55.96 2.59 -12.20
N PRO B 2141 -55.62 2.96 -13.43
CA PRO B 2141 -56.55 3.75 -14.25
C PRO B 2141 -57.78 2.93 -14.61
N GLY B 2142 -58.89 3.62 -14.81
CA GLY B 2142 -60.15 2.94 -15.06
C GLY B 2142 -60.13 2.12 -16.35
N ILE B 2143 -59.40 2.60 -17.35
CA ILE B 2143 -59.39 1.92 -18.65
C ILE B 2143 -58.88 0.49 -18.50
N CYS B 2144 -57.97 0.26 -17.55
CA CYS B 2144 -57.39 -1.07 -17.36
C CYS B 2144 -58.40 -2.09 -16.87
N GLN B 2145 -59.59 -1.66 -16.44
CA GLN B 2145 -60.60 -2.59 -15.94
C GLN B 2145 -61.34 -3.32 -17.05
N PHE B 2146 -61.09 -2.99 -18.31
CA PHE B 2146 -61.79 -3.59 -19.43
C PHE B 2146 -60.95 -4.63 -20.17
N LEU B 2147 -59.96 -5.21 -19.49
CA LEU B 2147 -59.10 -6.23 -20.09
C LEU B 2147 -59.75 -7.60 -19.88
N THR B 2148 -59.88 -8.35 -20.98
CA THR B 2148 -60.57 -9.63 -20.92
C THR B 2148 -59.69 -10.71 -20.30
N GLU B 2149 -60.31 -11.57 -19.51
CA GLU B 2149 -59.59 -12.70 -18.92
C GLU B 2149 -59.11 -13.67 -19.98
N GLU B 2150 -59.86 -13.81 -21.09
CA GLU B 2150 -59.39 -14.66 -22.18
C GLU B 2150 -58.12 -14.10 -22.78
N THR B 2151 -58.06 -12.78 -22.99
CA THR B 2151 -56.85 -12.15 -23.50
C THR B 2151 -55.71 -12.31 -22.50
N LYS B 2152 -56.00 -12.18 -21.21
CA LYS B 2152 -54.97 -12.39 -20.20
C LYS B 2152 -54.40 -13.80 -20.28
N HIS B 2153 -55.28 -14.80 -20.37
CA HIS B 2153 -54.84 -16.19 -20.43
C HIS B 2153 -54.02 -16.45 -21.69
N ARG B 2154 -54.43 -15.87 -22.82
CA ARG B 2154 -53.68 -16.07 -24.06
C ARG B 2154 -52.31 -15.41 -23.96
N LEU B 2155 -52.25 -14.18 -23.46
CA LEU B 2155 -50.96 -13.51 -23.31
C LEU B 2155 -50.06 -14.26 -22.35
N PHE B 2156 -50.66 -14.93 -21.35
CA PHE B 2156 -49.87 -15.70 -20.40
C PHE B 2156 -49.32 -16.97 -21.06
N THR B 2157 -50.20 -17.87 -21.50
CA THR B 2157 -49.77 -19.11 -22.13
C THR B 2157 -49.69 -18.99 -23.65
N THR B 2158 -49.10 -17.91 -24.13
CA THR B 2158 -48.60 -17.86 -25.51
C THR B 2158 -47.19 -17.29 -25.65
N THR B 2159 -46.71 -16.52 -24.69
CA THR B 2159 -45.43 -15.82 -24.86
C THR B 2159 -44.27 -16.81 -24.93
N GLU B 2160 -43.24 -16.41 -25.67
CA GLU B 2160 -42.05 -17.23 -25.89
C GLU B 2160 -40.84 -16.51 -25.32
N GLN B 2161 -39.98 -17.26 -24.64
CA GLN B 2161 -38.76 -16.69 -24.07
C GLN B 2161 -37.76 -16.32 -25.16
N ASP B 2162 -36.97 -15.30 -24.89
CA ASP B 2162 -35.92 -14.87 -25.81
C ASP B 2162 -34.68 -15.75 -25.59
N GLU B 2163 -33.56 -15.35 -26.19
CA GLU B 2163 -32.34 -16.13 -26.04
C GLU B 2163 -31.90 -16.19 -24.59
N GLN B 2164 -31.91 -15.06 -23.89
CA GLN B 2164 -31.51 -15.05 -22.48
C GLN B 2164 -32.51 -15.82 -21.63
N GLY B 2165 -33.80 -15.69 -21.93
CA GLY B 2165 -34.82 -16.39 -21.16
C GLY B 2165 -35.80 -15.45 -20.47
N SER B 2166 -36.03 -14.28 -21.06
CA SER B 2166 -36.93 -13.28 -20.50
C SER B 2166 -38.08 -13.03 -21.47
N LYS B 2167 -39.30 -13.01 -20.93
CA LYS B 2167 -40.51 -12.73 -21.70
C LYS B 2167 -40.89 -11.25 -21.66
N VAL B 2168 -40.09 -10.43 -20.98
CA VAL B 2168 -40.45 -9.02 -20.81
C VAL B 2168 -40.51 -8.31 -22.16
N SER B 2169 -39.62 -8.68 -23.09
CA SER B 2169 -39.62 -8.04 -24.39
C SER B 2169 -40.97 -8.21 -25.09
N ASP B 2170 -41.44 -9.45 -25.19
CA ASP B 2170 -42.72 -9.72 -25.85
C ASP B 2170 -43.88 -9.12 -25.07
N PHE B 2171 -43.83 -9.21 -23.74
CA PHE B 2171 -44.91 -8.66 -22.93
C PHE B 2171 -45.03 -7.16 -23.15
N PHE B 2172 -43.90 -6.46 -23.24
CA PHE B 2172 -43.92 -5.02 -23.51
C PHE B 2172 -44.37 -4.73 -24.93
N ASP B 2173 -43.91 -5.52 -25.90
CA ASP B 2173 -44.30 -5.31 -27.29
C ASP B 2173 -45.79 -5.52 -27.50
N GLN B 2174 -46.44 -6.35 -26.67
CA GLN B 2174 -47.87 -6.55 -26.76
C GLN B 2174 -48.67 -5.47 -26.03
N SER B 2175 -48.00 -4.51 -25.41
CA SER B 2175 -48.69 -3.50 -24.62
C SER B 2175 -49.63 -2.65 -25.48
N SER B 2176 -49.18 -2.26 -26.67
CA SER B 2176 -50.03 -1.44 -27.55
C SER B 2176 -51.29 -2.20 -27.96
N PHE B 2177 -51.13 -3.47 -28.32
CA PHE B 2177 -52.29 -4.28 -28.67
C PHE B 2177 -53.24 -4.42 -27.50
N LEU B 2178 -52.71 -4.64 -26.29
CA LEU B 2178 -53.56 -4.74 -25.12
C LEU B 2178 -54.32 -3.45 -24.88
N HIS B 2179 -53.64 -2.30 -25.00
CA HIS B 2179 -54.30 -1.02 -24.80
C HIS B 2179 -55.40 -0.80 -25.82
N ASN B 2180 -55.13 -1.14 -27.09
CA ASN B 2180 -56.16 -0.99 -28.12
C ASN B 2180 -57.36 -1.89 -27.84
N GLU B 2181 -57.09 -3.13 -27.41
CA GLU B 2181 -58.20 -4.04 -27.09
C GLU B 2181 -59.03 -3.52 -25.93
N MET B 2182 -58.37 -2.98 -24.90
CA MET B 2182 -59.10 -2.42 -23.76
C MET B 2182 -59.94 -1.23 -24.19
N GLU B 2183 -59.39 -0.36 -25.05
CA GLU B 2183 -60.15 0.78 -25.54
C GLU B 2183 -61.37 0.31 -26.33
N TRP B 2184 -61.19 -0.70 -27.18
CA TRP B 2184 -62.32 -1.21 -27.95
C TRP B 2184 -63.38 -1.83 -27.04
N GLN B 2185 -62.95 -2.54 -25.99
CA GLN B 2185 -63.91 -3.10 -25.05
C GLN B 2185 -64.69 -2.00 -24.34
N ARG B 2186 -63.99 -0.93 -23.95
CA ARG B 2186 -64.68 0.20 -23.32
C ARG B 2186 -65.70 0.81 -24.27
N LYS B 2187 -65.34 0.97 -25.55
CA LYS B 2187 -66.30 1.48 -26.52
C LYS B 2187 -67.49 0.53 -26.67
N LEU B 2188 -67.23 -0.77 -26.75
CA LEU B 2188 -68.28 -1.77 -26.94
C LEU B 2188 -69.20 -1.85 -25.73
N ARG B 2189 -68.72 -1.48 -24.54
CA ARG B 2189 -69.56 -1.57 -23.35
C ARG B 2189 -70.87 -0.82 -23.52
N SER B 2190 -70.88 0.24 -24.34
CA SER B 2190 -72.10 0.99 -24.56
C SER B 2190 -73.19 0.13 -25.21
N MET B 2191 -72.82 -0.69 -26.18
CA MET B 2191 -73.80 -1.50 -26.89
C MET B 2191 -74.22 -2.67 -26.00
N PRO B 2192 -75.50 -2.78 -25.62
CA PRO B 2192 -75.91 -3.89 -24.73
C PRO B 2192 -75.94 -5.24 -25.41
N LEU B 2193 -76.56 -5.32 -26.59
CA LEU B 2193 -76.79 -6.61 -27.22
C LEU B 2193 -75.47 -7.24 -27.69
N ILE B 2194 -74.66 -6.47 -28.40
CA ILE B 2194 -73.41 -7.02 -28.92
C ILE B 2194 -72.47 -7.38 -27.79
N TYR B 2195 -72.39 -6.53 -26.76
CA TYR B 2195 -71.56 -6.84 -25.61
C TYR B 2195 -72.06 -8.08 -24.89
N TRP B 2196 -73.38 -8.22 -24.74
CA TRP B 2196 -73.94 -9.39 -24.09
C TRP B 2196 -73.60 -10.66 -24.85
N PHE B 2197 -73.71 -10.62 -26.17
CA PHE B 2197 -73.34 -11.80 -26.97
C PHE B 2197 -71.84 -12.08 -26.90
N SER B 2198 -71.01 -11.03 -26.89
CA SER B 2198 -69.56 -11.21 -26.93
C SER B 2198 -69.00 -11.68 -25.59
N ARG B 2199 -69.67 -11.35 -24.47
CA ARG B 2199 -69.15 -11.77 -23.17
C ARG B 2199 -69.03 -13.28 -23.07
N ARG B 2200 -69.96 -14.02 -23.66
CA ARG B 2200 -70.04 -15.47 -23.51
C ARG B 2200 -69.48 -16.20 -24.72
N MET B 2201 -68.44 -15.66 -25.35
CA MET B 2201 -67.87 -16.30 -26.53
C MET B 2201 -67.34 -17.69 -26.21
N THR B 2202 -66.68 -17.84 -25.05
CA THR B 2202 -66.16 -19.15 -24.67
C THR B 2202 -67.27 -20.17 -24.51
N LEU B 2203 -68.39 -19.77 -23.90
CA LEU B 2203 -69.50 -20.70 -23.70
C LEU B 2203 -70.04 -21.20 -25.03
N TRP B 2204 -70.21 -20.30 -25.99
CA TRP B 2204 -70.72 -20.70 -27.30
C TRP B 2204 -69.80 -21.73 -27.94
N GLY B 2205 -68.49 -21.48 -27.90
CA GLY B 2205 -67.55 -22.41 -28.50
C GLY B 2205 -67.56 -23.76 -27.82
N SER B 2206 -67.58 -23.77 -26.49
CA SER B 2206 -67.58 -25.03 -25.76
C SER B 2206 -68.82 -25.85 -26.06
N ILE B 2207 -69.99 -25.20 -26.05
CA ILE B 2207 -71.22 -25.95 -26.29
C ILE B 2207 -71.31 -26.38 -27.74
N SER B 2208 -70.76 -25.59 -28.68
CA SER B 2208 -70.71 -26.03 -30.07
C SER B 2208 -69.82 -27.25 -30.22
N PHE B 2209 -68.68 -27.26 -29.53
CA PHE B 2209 -67.80 -28.42 -29.52
C PHE B 2209 -68.55 -29.66 -29.02
N ASN B 2210 -69.24 -29.52 -27.89
CA ASN B 2210 -69.98 -30.65 -27.33
C ASN B 2210 -71.08 -31.11 -28.29
N LEU B 2211 -71.79 -30.17 -28.89
CA LEU B 2211 -72.85 -30.53 -29.83
C LEU B 2211 -72.31 -31.28 -31.03
N ALA B 2212 -71.18 -30.82 -31.58
CA ALA B 2212 -70.58 -31.52 -32.71
C ALA B 2212 -70.18 -32.94 -32.33
N VAL B 2213 -69.55 -33.09 -31.16
CA VAL B 2213 -69.14 -34.43 -30.72
C VAL B 2213 -70.36 -35.34 -30.58
N PHE B 2214 -71.41 -34.84 -29.93
CA PHE B 2214 -72.60 -35.65 -29.72
C PHE B 2214 -73.26 -36.01 -31.05
N ILE B 2215 -73.34 -35.06 -31.98
CA ILE B 2215 -73.98 -35.33 -33.26
C ILE B 2215 -73.21 -36.41 -34.01
N ASN B 2216 -71.88 -36.30 -34.04
CA ASN B 2216 -71.09 -37.30 -34.74
C ASN B 2216 -71.26 -38.67 -34.09
N ILE B 2217 -71.26 -38.72 -32.76
CA ILE B 2217 -71.40 -40.01 -32.07
C ILE B 2217 -72.75 -40.64 -32.39
N ILE B 2218 -73.82 -39.83 -32.34
CA ILE B 2218 -75.15 -40.36 -32.58
C ILE B 2218 -75.27 -40.83 -34.04
N ILE B 2219 -74.72 -40.07 -34.98
CA ILE B 2219 -74.75 -40.48 -36.38
C ILE B 2219 -74.03 -41.82 -36.54
N ALA B 2220 -72.85 -41.94 -35.94
CA ALA B 2220 -72.08 -43.17 -36.07
C ALA B 2220 -72.82 -44.35 -35.48
N PHE B 2221 -73.47 -44.17 -34.33
CA PHE B 2221 -74.13 -45.26 -33.64
C PHE B 2221 -75.52 -45.59 -34.19
N PHE B 2222 -76.13 -44.69 -34.97
CA PHE B 2222 -77.51 -44.95 -35.41
C PHE B 2222 -77.74 -44.59 -36.87
N TYR B 2223 -76.70 -44.59 -37.71
CA TYR B 2223 -76.90 -44.37 -39.13
C TYR B 2223 -76.58 -45.64 -39.93
N PRO B 2224 -77.40 -46.01 -40.91
CA PRO B 2224 -78.64 -45.37 -41.36
C PRO B 2224 -79.83 -45.68 -40.45
N TYR B 2225 -80.89 -44.89 -40.52
CA TYR B 2225 -82.09 -45.11 -39.74
C TYR B 2225 -83.31 -44.94 -40.63
N MET B 2226 -84.39 -45.62 -40.25
CA MET B 2226 -85.64 -45.56 -41.01
C MET B 2226 -86.74 -46.33 -40.30
N SER B 2230 -82.65 -50.53 -38.80
CA SER B 2230 -82.65 -51.72 -37.97
C SER B 2230 -82.69 -51.34 -36.49
N THR B 2231 -81.90 -50.33 -36.12
CA THR B 2231 -81.85 -49.83 -34.75
C THR B 2231 -81.56 -50.97 -33.78
N GLY B 2232 -80.62 -51.83 -34.16
CA GLY B 2232 -80.25 -52.93 -33.29
C GLY B 2232 -79.69 -52.46 -31.97
N VAL B 2233 -78.87 -51.41 -32.00
CA VAL B 2233 -78.31 -50.86 -30.77
C VAL B 2233 -79.39 -50.29 -29.87
N LEU B 2234 -80.53 -49.88 -30.44
CA LEU B 2234 -81.60 -49.33 -29.63
C LEU B 2234 -82.14 -50.34 -28.64
N ASP B 2235 -82.04 -51.63 -28.98
CA ASP B 2235 -82.54 -52.70 -28.12
C ASP B 2235 -81.42 -53.57 -27.53
N SER B 2236 -80.20 -53.45 -28.05
CA SER B 2236 -79.11 -54.28 -27.53
C SER B 2236 -78.84 -53.93 -26.06
N PRO B 2237 -78.49 -54.92 -25.24
CA PRO B 2237 -78.26 -54.64 -23.81
C PRO B 2237 -77.07 -53.73 -23.54
N LEU B 2238 -76.13 -53.61 -24.47
CA LEU B 2238 -74.92 -52.82 -24.21
C LEU B 2238 -75.27 -51.35 -23.95
N ILE B 2239 -76.30 -50.84 -24.64
CA ILE B 2239 -76.71 -49.46 -24.42
C ILE B 2239 -77.13 -49.25 -22.97
N SER B 2240 -77.83 -50.24 -22.40
CA SER B 2240 -78.22 -50.13 -20.99
C SER B 2240 -77.00 -50.13 -20.09
N LEU B 2241 -76.00 -50.95 -20.40
CA LEU B 2241 -74.78 -50.95 -19.60
C LEU B 2241 -74.08 -49.60 -19.65
N LEU B 2242 -74.00 -49.00 -20.83
CA LEU B 2242 -73.40 -47.68 -20.95
C LEU B 2242 -74.21 -46.65 -20.19
N PHE B 2243 -75.53 -46.75 -20.24
CA PHE B 2243 -76.38 -45.82 -19.48
C PHE B 2243 -76.12 -45.95 -17.98
N TRP B 2244 -76.00 -47.18 -17.48
CA TRP B 2244 -75.71 -47.38 -16.06
C TRP B 2244 -74.33 -46.83 -15.71
N ILE B 2245 -73.34 -47.03 -16.59
CA ILE B 2245 -72.01 -46.51 -16.32
C ILE B 2245 -72.03 -44.99 -16.25
N LEU B 2246 -72.75 -44.34 -17.17
CA LEU B 2246 -72.86 -42.89 -17.15
C LEU B 2246 -73.59 -42.41 -15.91
N ILE B 2247 -74.62 -43.15 -15.47
CA ILE B 2247 -75.33 -42.80 -14.24
C ILE B 2247 -74.38 -42.87 -13.06
N CYS B 2248 -73.55 -43.92 -13.00
CA CYS B 2248 -72.58 -44.04 -11.92
C CYS B 2248 -71.58 -42.88 -11.96
N PHE B 2249 -71.11 -42.51 -13.15
CA PHE B 2249 -70.18 -41.39 -13.25
C PHE B 2249 -70.83 -40.10 -12.77
N SER B 2250 -72.08 -39.86 -13.16
CA SER B 2250 -72.78 -38.66 -12.72
C SER B 2250 -72.96 -38.66 -11.20
N ILE B 2251 -73.33 -39.80 -10.63
CA ILE B 2251 -73.48 -39.89 -9.18
C ILE B 2251 -72.14 -39.64 -8.49
N ALA B 2252 -71.04 -40.02 -9.14
CA ALA B 2252 -69.71 -39.77 -8.59
C ALA B 2252 -69.35 -38.29 -8.55
N ALA B 2253 -70.26 -37.39 -8.95
CA ALA B 2253 -69.97 -35.96 -8.91
C ALA B 2253 -69.72 -35.47 -7.49
N LEU B 2254 -70.15 -36.23 -6.47
CA LEU B 2254 -69.89 -35.82 -5.09
C LEU B 2254 -68.40 -35.63 -4.85
N PHE B 2255 -67.55 -36.38 -5.54
CA PHE B 2255 -66.11 -36.21 -5.45
C PHE B 2255 -65.60 -35.09 -6.33
N THR B 2256 -66.46 -34.47 -7.13
CA THR B 2256 -66.07 -33.38 -8.03
C THR B 2256 -65.16 -33.90 -9.13
N LYS B 2257 -64.06 -33.20 -9.42
CA LYS B 2257 -63.12 -33.54 -10.48
C LYS B 2257 -63.68 -33.23 -11.87
N ARG B 2258 -64.82 -32.54 -11.96
CA ARG B 2258 -65.39 -32.16 -13.24
C ARG B 2258 -65.77 -33.39 -14.05
N TYR B 2259 -65.93 -33.21 -15.37
CA TYR B 2259 -66.30 -34.30 -16.27
C TYR B 2259 -67.60 -34.97 -15.82
N SER B 2260 -68.54 -34.15 -15.37
CA SER B 2260 -69.85 -34.60 -14.91
C SER B 2260 -70.99 -34.11 -15.78
N ILE B 2261 -70.91 -32.87 -16.27
CA ILE B 2261 -71.97 -32.34 -17.13
C ILE B 2261 -72.06 -33.14 -18.42
N ARG B 2262 -70.92 -33.47 -19.02
CA ARG B 2262 -70.93 -34.16 -20.30
C ARG B 2262 -71.64 -35.51 -20.24
N PRO B 2263 -71.33 -36.41 -19.31
CA PRO B 2263 -72.11 -37.65 -19.23
C PRO B 2263 -73.58 -37.41 -18.95
N LEU B 2264 -73.92 -36.38 -18.18
CA LEU B 2264 -75.32 -36.06 -17.94
C LEU B 2264 -76.01 -35.67 -19.24
N ILE B 2265 -75.35 -34.85 -20.06
CA ILE B 2265 -75.92 -34.46 -21.34
C ILE B 2265 -76.06 -35.68 -22.26
N VAL B 2266 -75.07 -36.58 -22.21
CA VAL B 2266 -75.16 -37.80 -23.01
C VAL B 2266 -76.36 -38.64 -22.61
N ALA B 2267 -76.58 -38.78 -21.29
CA ALA B 2267 -77.74 -39.52 -20.81
C ALA B 2267 -79.04 -38.84 -21.24
N LEU B 2268 -79.08 -37.51 -21.15
CA LEU B 2268 -80.27 -36.78 -21.59
C LEU B 2268 -80.54 -37.02 -23.07
N ILE B 2269 -79.49 -36.99 -23.90
CA ILE B 2269 -79.66 -37.22 -25.32
C ILE B 2269 -80.13 -38.65 -25.57
N LEU B 2270 -79.60 -39.61 -24.82
CA LEU B 2270 -80.05 -40.99 -24.98
C LEU B 2270 -81.52 -41.13 -24.63
N ARG B 2271 -81.96 -40.49 -23.55
CA ARG B 2271 -83.38 -40.53 -23.18
C ARG B 2271 -84.23 -39.86 -24.25
N SER B 2272 -83.76 -38.74 -24.80
CA SER B 2272 -84.50 -38.07 -25.86
C SER B 2272 -84.63 -38.96 -27.09
N ILE B 2273 -83.56 -39.67 -27.44
CA ILE B 2273 -83.61 -40.60 -28.56
C ILE B 2273 -84.61 -41.71 -28.28
N TYR B 2274 -84.60 -42.23 -27.05
CA TYR B 2274 -85.52 -43.31 -26.69
C TYR B 2274 -86.97 -42.86 -26.80
N TYR B 2275 -87.28 -41.65 -26.33
CA TYR B 2275 -88.66 -41.19 -26.29
C TYR B 2275 -89.11 -40.62 -27.64
N LEU B 2276 -88.50 -39.51 -28.07
CA LEU B 2276 -88.91 -38.88 -29.32
C LEU B 2276 -88.48 -39.71 -30.53
N GLY B 2277 -87.24 -40.16 -30.55
CA GLY B 2277 -86.69 -40.90 -31.66
C GLY B 2277 -85.34 -40.37 -32.08
N ILE B 2278 -84.82 -40.95 -33.14
CA ILE B 2278 -83.47 -40.63 -33.61
C ILE B 2278 -83.47 -39.43 -34.55
N GLY B 2279 -84.36 -39.44 -35.53
CA GLY B 2279 -84.42 -38.38 -36.51
C GLY B 2279 -84.76 -37.03 -35.91
N PRO B 2280 -85.81 -36.97 -35.08
CA PRO B 2280 -86.12 -35.71 -34.40
C PRO B 2280 -84.98 -35.21 -33.53
N THR B 2281 -84.29 -36.11 -32.83
CA THR B 2281 -83.16 -35.69 -32.01
C THR B 2281 -82.04 -35.13 -32.87
N LEU B 2282 -81.74 -35.78 -34.00
CA LEU B 2282 -80.71 -35.28 -34.89
C LEU B 2282 -81.08 -33.91 -35.44
N ASN B 2283 -82.35 -33.72 -35.82
CA ASN B 2283 -82.77 -32.42 -36.34
C ASN B 2283 -82.65 -31.35 -35.26
N ILE B 2284 -83.05 -31.65 -34.03
CA ILE B 2284 -82.94 -30.68 -32.95
C ILE B 2284 -81.48 -30.32 -32.71
N LEU B 2285 -80.61 -31.33 -32.67
CA LEU B 2285 -79.19 -31.07 -32.44
C LEU B 2285 -78.60 -30.23 -33.57
N GLY B 2286 -78.99 -30.51 -34.81
CA GLY B 2286 -78.49 -29.73 -35.94
C GLY B 2286 -78.94 -28.28 -35.88
N ALA B 2287 -80.22 -28.06 -35.55
CA ALA B 2287 -80.72 -26.70 -35.43
C ALA B 2287 -79.99 -25.95 -34.31
N LEU B 2288 -79.80 -26.62 -33.16
CA LEU B 2288 -79.08 -25.99 -32.07
C LEU B 2288 -77.64 -25.67 -32.48
N ASN B 2289 -76.99 -26.58 -33.19
CA ASN B 2289 -75.62 -26.34 -33.64
C ASN B 2289 -75.55 -25.16 -34.59
N LEU B 2290 -76.51 -25.05 -35.51
CA LEU B 2290 -76.51 -23.93 -36.44
C LEU B 2290 -76.71 -22.61 -35.70
N THR B 2291 -77.67 -22.57 -34.77
CA THR B 2291 -77.89 -21.36 -33.99
C THR B 2291 -76.65 -21.01 -33.17
N ASN B 2292 -76.00 -22.01 -32.59
CA ASN B 2292 -74.80 -21.77 -31.81
C ASN B 2292 -73.68 -21.23 -32.68
N LYS B 2293 -73.52 -21.76 -33.90
CA LYS B 2293 -72.51 -21.24 -34.80
C LYS B 2293 -72.78 -19.78 -35.16
N ILE B 2294 -74.04 -19.45 -35.43
CA ILE B 2294 -74.40 -18.07 -35.74
C ILE B 2294 -74.06 -17.16 -34.56
N VAL B 2295 -74.44 -17.58 -33.35
CA VAL B 2295 -74.17 -16.76 -32.17
C VAL B 2295 -72.67 -16.61 -31.95
N PHE B 2296 -71.91 -17.69 -32.16
CA PHE B 2296 -70.48 -17.65 -31.96
C PHE B 2296 -69.80 -16.71 -32.95
N VAL B 2297 -70.21 -16.76 -34.22
CA VAL B 2297 -69.60 -15.85 -35.20
C VAL B 2297 -69.96 -14.41 -34.89
N VAL B 2298 -71.20 -14.17 -34.44
CA VAL B 2298 -71.59 -12.82 -34.05
C VAL B 2298 -70.73 -12.33 -32.89
N SER B 2299 -70.53 -13.19 -31.90
CA SER B 2299 -69.71 -12.83 -30.74
C SER B 2299 -68.28 -12.55 -31.15
N PHE B 2300 -67.73 -13.37 -32.05
CA PHE B 2300 -66.36 -13.16 -32.52
C PHE B 2300 -66.24 -11.83 -33.25
N VAL B 2301 -67.21 -11.51 -34.11
CA VAL B 2301 -67.18 -10.24 -34.82
C VAL B 2301 -67.25 -9.09 -33.82
N GLY B 2302 -68.14 -9.19 -32.83
CA GLY B 2302 -68.23 -8.12 -31.84
C GLY B 2302 -66.95 -7.94 -31.06
N ASN B 2303 -66.32 -9.05 -30.66
CA ASN B 2303 -65.08 -8.95 -29.89
C ASN B 2303 -63.96 -8.34 -30.73
N ARG B 2304 -63.84 -8.76 -31.98
CA ARG B 2304 -62.74 -8.26 -32.82
C ARG B 2304 -62.99 -6.82 -33.24
N GLY B 2305 -64.25 -6.38 -33.30
CA GLY B 2305 -64.55 -5.01 -33.61
C GLY B 2305 -64.34 -4.61 -35.04
N THR B 2306 -64.37 -5.55 -35.98
CA THR B 2306 -64.26 -5.23 -37.39
C THR B 2306 -65.57 -4.74 -37.99
N PHE B 2307 -66.70 -4.92 -37.29
CA PHE B 2307 -67.99 -4.50 -37.83
C PHE B 2307 -68.10 -2.98 -37.89
N ILE B 2308 -67.48 -2.27 -36.95
CA ILE B 2308 -67.55 -0.81 -36.95
C ILE B 2308 -67.00 -0.26 -38.26
N ARG B 2309 -65.93 -0.86 -38.76
CA ARG B 2309 -65.39 -0.50 -40.07
C ARG B 2309 -66.18 -1.22 -41.16
N GLY B 2310 -65.82 -0.96 -42.42
CA GLY B 2310 -66.54 -1.57 -43.52
C GLY B 2310 -66.52 -3.07 -43.45
N TYR B 2311 -67.63 -3.68 -43.91
CA TYR B 2311 -67.77 -5.12 -43.85
C TYR B 2311 -66.78 -5.84 -44.74
N LYS B 2312 -66.11 -5.13 -45.64
CA LYS B 2312 -65.13 -5.78 -46.51
C LYS B 2312 -64.01 -6.39 -45.69
N ALA B 2313 -63.49 -5.65 -44.70
CA ALA B 2313 -62.46 -6.21 -43.83
C ALA B 2313 -62.99 -7.38 -43.00
N MET B 2314 -64.22 -7.28 -42.51
CA MET B 2314 -64.80 -8.38 -41.75
C MET B 2314 -64.88 -9.65 -42.58
N VAL B 2315 -65.31 -9.53 -43.84
CA VAL B 2315 -65.34 -10.68 -44.74
C VAL B 2315 -63.96 -11.14 -45.15
N MET B 2316 -62.98 -10.24 -45.20
CA MET B 2316 -61.61 -10.58 -45.56
C MET B 2316 -60.90 -11.36 -44.47
N ASP B 2317 -61.23 -11.08 -43.22
CA ASP B 2317 -60.54 -11.72 -42.11
C ASP B 2317 -60.59 -13.24 -42.25
N MET B 2318 -59.42 -13.87 -42.08
CA MET B 2318 -59.32 -15.31 -42.29
C MET B 2318 -60.20 -16.08 -41.32
N GLU B 2319 -60.23 -15.67 -40.05
CA GLU B 2319 -61.04 -16.36 -39.07
C GLU B 2319 -62.52 -16.27 -39.41
N PHE B 2320 -62.96 -15.12 -39.93
CA PHE B 2320 -64.33 -15.00 -40.38
C PHE B 2320 -64.63 -15.96 -41.52
N LEU B 2321 -63.68 -16.12 -42.45
CA LEU B 2321 -63.85 -17.09 -43.53
C LEU B 2321 -63.96 -18.50 -42.96
N TYR B 2322 -63.13 -18.84 -41.99
CA TYR B 2322 -63.21 -20.15 -41.35
C TYR B 2322 -64.60 -20.38 -40.73
N HIS B 2323 -65.09 -19.38 -39.99
CA HIS B 2323 -66.37 -19.53 -39.31
C HIS B 2323 -67.51 -19.67 -40.32
N VAL B 2324 -67.50 -18.86 -41.38
CA VAL B 2324 -68.58 -18.94 -42.37
C VAL B 2324 -68.51 -20.25 -43.13
N GLY B 2325 -67.30 -20.73 -43.42
CA GLY B 2325 -67.19 -22.03 -44.08
C GLY B 2325 -67.76 -23.15 -43.23
N TYR B 2326 -67.48 -23.13 -41.93
CA TYR B 2326 -68.03 -24.17 -41.07
C TYR B 2326 -69.53 -23.99 -40.86
N ILE B 2327 -70.04 -22.75 -40.93
CA ILE B 2327 -71.49 -22.56 -40.92
C ILE B 2327 -72.12 -23.16 -42.16
N LEU B 2328 -71.48 -22.97 -43.32
CA LEU B 2328 -71.98 -23.59 -44.54
C LEU B 2328 -71.96 -25.12 -44.41
N THR B 2329 -70.90 -25.66 -43.82
CA THR B 2329 -70.83 -27.10 -43.59
C THR B 2329 -71.97 -27.57 -42.69
N SER B 2330 -72.25 -26.80 -41.63
CA SER B 2330 -73.30 -27.18 -40.69
C SER B 2330 -74.67 -27.17 -41.35
N VAL B 2331 -74.94 -26.13 -42.16
CA VAL B 2331 -76.25 -26.08 -42.84
C VAL B 2331 -76.35 -27.19 -43.88
N LEU B 2332 -75.25 -27.51 -44.55
CA LEU B 2332 -75.25 -28.65 -45.47
C LEU B 2332 -75.57 -29.94 -44.73
N GLY B 2333 -74.97 -30.14 -43.56
CA GLY B 2333 -75.28 -31.31 -42.77
C GLY B 2333 -76.73 -31.34 -42.34
N LEU B 2334 -77.28 -30.18 -42.00
CA LEU B 2334 -78.66 -30.13 -41.52
C LEU B 2334 -79.65 -30.42 -42.64
N PHE B 2335 -79.38 -29.93 -43.86
CA PHE B 2335 -80.36 -30.01 -44.95
C PHE B 2335 -80.05 -31.12 -45.96
N ALA B 2336 -78.88 -31.09 -46.58
CA ALA B 2336 -78.61 -32.00 -47.69
C ALA B 2336 -78.46 -33.44 -47.22
N HIS B 2337 -77.50 -33.70 -46.32
CA HIS B 2337 -77.22 -35.06 -45.88
C HIS B 2337 -76.58 -35.00 -44.50
N GLU B 2338 -76.94 -35.97 -43.65
CA GLU B 2338 -76.45 -35.98 -42.28
C GLU B 2338 -74.93 -36.17 -42.22
N LEU B 2339 -74.39 -37.00 -43.11
CA LEU B 2339 -72.98 -37.36 -43.03
C LEU B 2339 -72.06 -36.16 -43.16
N PHE B 2340 -72.54 -35.04 -43.70
CA PHE B 2340 -71.70 -33.86 -43.80
C PHE B 2340 -71.24 -33.35 -42.44
N TYR B 2341 -71.92 -33.73 -41.36
CA TYR B 2341 -71.49 -33.31 -40.03
C TYR B 2341 -70.10 -33.84 -39.70
N SER B 2342 -69.67 -34.92 -40.36
CA SER B 2342 -68.36 -35.48 -40.07
C SER B 2342 -67.24 -34.48 -40.32
N ILE B 2343 -67.45 -33.54 -41.24
CA ILE B 2343 -66.41 -32.55 -41.55
C ILE B 2343 -66.13 -31.67 -40.34
N LEU B 2344 -67.08 -31.57 -39.41
CA LEU B 2344 -66.87 -30.72 -38.25
C LEU B 2344 -65.70 -31.20 -37.39
N LEU B 2345 -65.37 -32.50 -37.47
CA LEU B 2345 -64.27 -33.03 -36.66
C LEU B 2345 -62.96 -32.35 -36.99
N PHE B 2346 -62.83 -31.77 -38.18
CA PHE B 2346 -61.62 -31.01 -38.52
C PHE B 2346 -61.47 -29.81 -37.59
N ASP B 2347 -62.58 -29.14 -37.26
CA ASP B 2347 -62.54 -28.04 -36.31
C ASP B 2347 -62.06 -28.52 -34.94
N LEU B 2348 -62.55 -29.66 -34.48
CA LEU B 2348 -62.11 -30.21 -33.21
C LEU B 2348 -60.62 -30.53 -33.25
N ILE B 2349 -60.16 -31.13 -34.35
CA ILE B 2349 -58.74 -31.47 -34.49
C ILE B 2349 -57.90 -30.21 -34.42
N TYR B 2350 -58.31 -29.16 -35.13
CA TYR B 2350 -57.57 -27.91 -35.11
C TYR B 2350 -57.57 -27.27 -33.73
N ARG B 2351 -58.72 -27.28 -33.05
CA ARG B 2351 -58.81 -26.67 -31.74
C ARG B 2351 -57.92 -27.38 -30.73
N GLU B 2352 -57.98 -28.70 -30.68
CA GLU B 2352 -57.19 -29.44 -29.71
C GLU B 2352 -55.70 -29.31 -30.04
N GLU B 2353 -54.90 -28.98 -29.02
CA GLU B 2353 -53.48 -28.76 -29.24
C GLU B 2353 -52.75 -30.06 -29.53
N THR B 2354 -53.02 -31.11 -28.74
CA THR B 2354 -52.30 -32.36 -28.92
C THR B 2354 -52.56 -32.96 -30.31
N LEU B 2355 -53.80 -32.94 -30.76
CA LEU B 2355 -54.11 -33.47 -32.08
C LEU B 2355 -53.43 -32.65 -33.17
N PHE B 2356 -53.43 -31.32 -33.03
CA PHE B 2356 -52.81 -30.47 -34.04
C PHE B 2356 -51.30 -30.61 -34.06
N ASN B 2357 -50.70 -31.12 -32.97
CA ASN B 2357 -49.25 -31.33 -32.96
C ASN B 2357 -48.84 -32.38 -33.99
N VAL B 2358 -49.69 -33.37 -34.25
CA VAL B 2358 -49.37 -34.37 -35.26
C VAL B 2358 -49.26 -33.71 -36.63
N ILE B 2359 -50.25 -32.87 -36.96
CA ILE B 2359 -50.23 -32.18 -38.25
C ILE B 2359 -49.04 -31.23 -38.32
N LYS B 2360 -48.72 -30.57 -37.20
CA LYS B 2360 -47.55 -29.69 -37.18
C LYS B 2360 -46.27 -30.46 -37.46
N SER B 2361 -46.12 -31.63 -36.83
CA SER B 2361 -44.93 -32.44 -37.05
C SER B 2361 -44.85 -32.90 -38.49
N VAL B 2362 -45.97 -33.32 -39.07
CA VAL B 2362 -45.98 -33.75 -40.46
C VAL B 2362 -45.58 -32.60 -41.38
N THR B 2363 -46.13 -31.40 -41.12
CA THR B 2363 -45.87 -30.26 -42.00
C THR B 2363 -44.43 -29.79 -41.87
N ARG B 2364 -43.85 -29.84 -40.66
CA ARG B 2364 -42.52 -29.30 -40.46
C ARG B 2364 -41.47 -30.04 -41.27
N ASN B 2365 -41.57 -31.36 -41.38
CA ASN B 2365 -40.64 -32.17 -42.14
C ASN B 2365 -41.21 -32.55 -43.49
N GLY B 2366 -41.95 -31.63 -44.11
CA GLY B 2366 -42.62 -31.95 -45.36
C GLY B 2366 -41.65 -32.25 -46.48
N ARG B 2367 -40.62 -31.40 -46.64
CA ARG B 2367 -39.71 -31.55 -47.76
C ARG B 2367 -38.93 -32.86 -47.69
N SER B 2368 -38.43 -33.20 -46.50
CA SER B 2368 -37.70 -34.46 -46.35
C SER B 2368 -38.59 -35.65 -46.67
N ILE B 2369 -39.84 -35.62 -46.22
CA ILE B 2369 -40.77 -36.69 -46.51
C ILE B 2369 -40.98 -36.82 -48.01
N LEU B 2370 -41.18 -35.69 -48.71
CA LEU B 2370 -41.38 -35.74 -50.14
C LEU B 2370 -40.17 -36.30 -50.87
N LEU B 2371 -38.96 -35.87 -50.47
CA LEU B 2371 -37.76 -36.37 -51.13
C LEU B 2371 -37.58 -37.87 -50.91
N THR B 2372 -37.82 -38.33 -49.67
CA THR B 2372 -37.70 -39.77 -49.40
C THR B 2372 -38.75 -40.56 -50.17
N ALA B 2373 -39.96 -40.01 -50.29
CA ALA B 2373 -40.99 -40.67 -51.09
C ALA B 2373 -40.58 -40.73 -52.55
N LEU B 2374 -39.95 -39.67 -53.06
CA LEU B 2374 -39.46 -39.70 -54.43
C LEU B 2374 -38.38 -40.77 -54.60
N LEU B 2375 -37.50 -40.92 -53.60
CA LEU B 2375 -36.50 -41.98 -53.67
C LEU B 2375 -37.16 -43.35 -53.69
N ALA B 2376 -38.18 -43.56 -52.86
CA ALA B 2376 -38.90 -44.82 -52.87
C ALA B 2376 -39.56 -45.06 -54.22
N LEU B 2377 -40.11 -44.00 -54.82
CA LEU B 2377 -40.72 -44.12 -56.14
C LEU B 2377 -39.69 -44.50 -57.19
N ILE B 2378 -38.49 -43.92 -57.10
CA ILE B 2378 -37.41 -44.27 -58.02
C ILE B 2378 -37.06 -45.75 -57.88
N LEU B 2379 -36.92 -46.22 -56.66
CA LEU B 2379 -36.58 -47.63 -56.45
C LEU B 2379 -37.68 -48.54 -56.97
N VAL B 2380 -38.94 -48.17 -56.73
CA VAL B 2380 -40.06 -48.95 -57.23
C VAL B 2380 -40.04 -48.98 -58.76
N TYR B 2381 -39.73 -47.85 -59.38
CA TYR B 2381 -39.66 -47.79 -60.83
C TYR B 2381 -38.57 -48.71 -61.36
N LEU B 2382 -37.40 -48.71 -60.72
CA LEU B 2382 -36.32 -49.58 -61.17
C LEU B 2382 -36.70 -51.06 -61.01
N PHE B 2383 -37.28 -51.41 -59.87
CA PHE B 2383 -37.70 -52.80 -59.66
C PHE B 2383 -38.78 -53.21 -60.66
N SER B 2384 -39.70 -52.30 -60.96
CA SER B 2384 -40.74 -52.60 -61.95
C SER B 2384 -40.13 -52.81 -63.33
N ILE B 2385 -39.16 -51.99 -63.70
CA ILE B 2385 -38.49 -52.18 -64.99
C ILE B 2385 -37.82 -53.55 -65.04
N VAL B 2386 -37.11 -53.91 -63.98
CA VAL B 2386 -36.42 -55.20 -63.95
C VAL B 2386 -37.42 -56.34 -64.07
N GLY B 2387 -38.51 -56.26 -63.32
CA GLY B 2387 -39.51 -57.32 -63.37
C GLY B 2387 -40.17 -57.42 -64.73
N PHE B 2388 -40.50 -56.29 -65.33
CA PHE B 2388 -41.11 -56.30 -66.66
C PHE B 2388 -40.16 -56.90 -67.69
N LEU B 2389 -38.88 -56.59 -67.59
CA LEU B 2389 -37.92 -57.07 -68.58
C LEU B 2389 -37.60 -58.55 -68.39
N PHE B 2390 -37.58 -59.05 -67.16
CA PHE B 2390 -37.10 -60.40 -66.88
C PHE B 2390 -38.07 -61.27 -66.10
N LEU B 2391 -39.14 -60.73 -65.53
CA LEU B 2391 -40.07 -61.49 -64.70
C LEU B 2391 -41.51 -61.13 -65.06
N LYS B 2392 -41.80 -61.02 -66.35
CA LYS B 2392 -43.12 -60.61 -66.79
C LYS B 2392 -44.18 -61.65 -66.41
N ASP B 2393 -43.86 -62.93 -66.56
CA ASP B 2393 -44.84 -63.99 -66.36
C ASP B 2393 -45.15 -64.27 -64.89
N ASP B 2394 -44.34 -63.76 -63.96
CA ASP B 2394 -44.55 -64.03 -62.55
C ASP B 2394 -45.51 -63.07 -61.87
N PHE B 2395 -45.97 -62.03 -62.59
CA PHE B 2395 -46.90 -61.06 -62.01
C PHE B 2395 -48.33 -61.49 -62.33
N ILE B 2396 -48.78 -62.51 -61.60
CA ILE B 2396 -50.13 -63.04 -61.71
C ILE B 2396 -50.86 -62.73 -60.40
N LEU B 2397 -52.00 -62.05 -60.51
CA LEU B 2397 -52.76 -61.63 -59.35
C LEU B 2397 -54.13 -62.27 -59.36
N GLU B 2398 -54.65 -62.52 -58.15
CA GLU B 2398 -55.95 -63.14 -57.96
C GLU B 2398 -57.01 -62.06 -57.76
N VAL B 2399 -58.10 -62.16 -58.51
CA VAL B 2399 -59.16 -61.15 -58.48
C VAL B 2399 -60.49 -61.85 -58.28
N ASP B 2400 -61.31 -61.28 -57.39
CA ASP B 2400 -62.67 -61.77 -57.13
C ASP B 2400 -63.61 -60.94 -57.99
N ARG B 2401 -63.91 -61.44 -59.19
CA ARG B 2401 -64.72 -60.68 -60.13
C ARG B 2401 -66.14 -60.51 -59.60
N LEU B 2402 -66.72 -59.35 -59.87
CA LEU B 2402 -68.08 -59.07 -59.44
C LEU B 2402 -69.08 -59.93 -60.20
N PRO B 2403 -70.27 -60.19 -59.63
CA PRO B 2403 -71.29 -60.99 -60.31
C PRO B 2403 -71.60 -60.49 -61.71
N LEU B 2448 -62.85 -64.33 -67.94
CA LEU B 2448 -63.43 -64.20 -66.60
C LEU B 2448 -62.71 -65.12 -65.61
N ASP B 2449 -61.43 -65.36 -65.86
CA ASP B 2449 -60.64 -66.22 -64.99
C ASP B 2449 -60.34 -65.51 -63.67
N SER B 2450 -60.11 -66.32 -62.63
CA SER B 2450 -59.82 -65.78 -61.32
C SER B 2450 -58.44 -65.16 -61.22
N THR B 2451 -57.59 -65.33 -62.23
CA THR B 2451 -56.24 -64.80 -62.22
C THR B 2451 -56.04 -63.90 -63.44
N GLU B 2452 -55.24 -62.85 -63.25
CA GLU B 2452 -54.95 -61.90 -64.32
C GLU B 2452 -53.47 -61.58 -64.32
N ARG B 2453 -52.97 -61.18 -65.49
CA ARG B 2453 -51.58 -60.76 -65.64
C ARG B 2453 -51.50 -59.26 -65.35
N ALA B 2454 -50.79 -58.90 -64.28
CA ALA B 2454 -50.72 -57.51 -63.85
C ALA B 2454 -49.64 -56.75 -64.61
N CYS B 2455 -48.41 -57.26 -64.59
CA CYS B 2455 -47.27 -56.53 -65.15
C CYS B 2455 -47.17 -56.80 -66.66
N ASP B 2456 -48.18 -56.32 -67.37
CA ASP B 2456 -48.21 -56.36 -68.82
C ASP B 2456 -47.66 -55.07 -69.42
N THR B 2457 -48.19 -53.93 -68.98
CA THR B 2457 -47.61 -52.63 -69.29
C THR B 2457 -46.54 -52.33 -68.25
N LEU B 2458 -46.14 -51.07 -68.14
CA LEU B 2458 -45.18 -50.65 -67.11
C LEU B 2458 -45.88 -49.93 -65.95
N LEU B 2459 -46.89 -49.13 -66.25
CA LEU B 2459 -47.64 -48.46 -65.19
C LEU B 2459 -48.32 -49.47 -64.27
N MET B 2460 -48.81 -50.57 -64.84
CA MET B 2460 -49.42 -51.61 -64.01
C MET B 2460 -48.40 -52.24 -63.08
N CYS B 2461 -47.19 -52.52 -63.58
CA CYS B 2461 -46.15 -53.05 -62.70
C CYS B 2461 -45.83 -52.06 -61.58
N ILE B 2462 -45.70 -50.78 -61.92
CA ILE B 2462 -45.37 -49.78 -60.92
C ILE B 2462 -46.46 -49.72 -59.86
N VAL B 2463 -47.73 -49.70 -60.28
CA VAL B 2463 -48.84 -49.59 -59.34
C VAL B 2463 -48.89 -50.82 -58.44
N THR B 2464 -48.80 -52.01 -59.04
CA THR B 2464 -48.88 -53.24 -58.25
C THR B 2464 -47.75 -53.31 -57.25
N VAL B 2465 -46.53 -52.98 -57.66
CA VAL B 2465 -45.42 -52.95 -56.72
C VAL B 2465 -45.71 -51.96 -55.59
N MET B 2466 -45.87 -50.69 -55.95
CA MET B 2466 -46.03 -49.64 -54.95
C MET B 2466 -47.14 -49.96 -53.96
N ASN B 2467 -48.20 -50.64 -54.41
CA ASN B 2467 -49.30 -50.96 -53.50
C ASN B 2467 -48.98 -52.20 -52.67
N HIS B 2468 -48.84 -53.35 -53.33
CA HIS B 2468 -48.77 -54.61 -52.61
C HIS B 2468 -47.44 -54.76 -51.86
N GLY B 2469 -46.32 -54.47 -52.51
CA GLY B 2469 -45.04 -54.61 -51.84
C GLY B 2469 -44.94 -53.75 -50.60
N LEU B 2470 -45.44 -52.51 -50.69
CA LEU B 2470 -45.38 -51.60 -49.55
C LEU B 2470 -46.39 -52.00 -48.47
N ARG B 2471 -47.53 -52.57 -48.86
CA ARG B 2471 -48.53 -52.98 -47.88
C ARG B 2471 -48.31 -54.40 -47.34
N ASN B 2472 -47.28 -55.09 -47.82
CA ASN B 2472 -46.97 -56.44 -47.36
C ASN B 2472 -45.63 -56.44 -46.64
N GLY B 2473 -45.59 -57.13 -45.50
CA GLY B 2473 -44.37 -57.16 -44.71
C GLY B 2473 -43.21 -57.81 -45.44
N GLY B 2474 -43.49 -58.88 -46.18
CA GLY B 2474 -42.44 -59.59 -46.89
C GLY B 2474 -42.02 -58.99 -48.19
N GLY B 2475 -42.67 -57.92 -48.63
CA GLY B 2475 -42.32 -57.25 -49.87
C GLY B 2475 -43.14 -57.71 -51.04
N VAL B 2476 -42.59 -57.45 -52.24
CA VAL B 2476 -43.28 -57.80 -53.48
C VAL B 2476 -43.29 -59.31 -53.73
N GLY B 2477 -42.48 -60.07 -53.02
CA GLY B 2477 -42.39 -61.51 -53.25
C GLY B 2477 -43.55 -62.31 -52.73
N ASP B 2478 -44.46 -61.71 -51.98
CA ASP B 2478 -45.60 -62.41 -51.41
C ASP B 2478 -46.80 -62.44 -52.35
N ILE B 2479 -46.71 -61.83 -53.52
CA ILE B 2479 -47.80 -61.82 -54.49
C ILE B 2479 -47.38 -62.56 -55.75
N LEU B 2480 -46.09 -62.57 -56.03
CA LEU B 2480 -45.58 -63.18 -57.25
C LEU B 2480 -45.74 -64.69 -57.21
N ARG B 2481 -45.77 -65.30 -58.40
CA ARG B 2481 -45.87 -66.74 -58.50
C ARG B 2481 -44.73 -67.41 -57.75
N LYS B 2482 -45.06 -68.45 -57.00
CA LYS B 2482 -44.05 -69.17 -56.24
C LYS B 2482 -43.20 -70.02 -57.18
N PRO B 2483 -41.89 -69.82 -57.23
CA PRO B 2483 -41.06 -70.60 -58.14
C PRO B 2483 -40.68 -71.94 -57.53
N SER B 2484 -40.08 -72.79 -58.36
CA SER B 2484 -39.60 -74.10 -57.95
C SER B 2484 -38.07 -74.11 -57.98
N LYS B 2485 -37.49 -75.05 -57.23
CA LYS B 2485 -36.04 -75.14 -57.15
C LYS B 2485 -35.41 -75.47 -58.50
N ASP B 2486 -36.15 -76.09 -59.41
CA ASP B 2486 -35.62 -76.53 -60.70
C ASP B 2486 -35.68 -75.44 -61.77
N GLU B 2487 -36.32 -74.31 -61.48
CA GLU B 2487 -36.41 -73.23 -62.46
C GLU B 2487 -35.08 -72.51 -62.58
N SER B 2488 -34.80 -72.02 -63.79
CA SER B 2488 -33.53 -71.34 -64.05
C SER B 2488 -33.44 -70.04 -63.27
N LEU B 2489 -34.53 -69.30 -63.16
CA LEU B 2489 -34.53 -67.97 -62.56
C LEU B 2489 -34.83 -67.99 -61.07
N PHE B 2490 -34.76 -69.14 -60.41
CA PHE B 2490 -35.01 -69.18 -58.98
C PHE B 2490 -34.01 -68.34 -58.20
N PRO B 2491 -32.69 -68.43 -58.45
CA PRO B 2491 -31.76 -67.53 -57.74
C PRO B 2491 -32.05 -66.06 -58.02
N ALA B 2492 -32.43 -65.73 -59.25
CA ALA B 2492 -32.76 -64.35 -59.58
C ALA B 2492 -33.95 -63.86 -58.78
N ARG B 2493 -34.98 -64.71 -58.66
CA ARG B 2493 -36.15 -64.35 -57.86
C ARG B 2493 -35.77 -64.17 -56.40
N VAL B 2494 -34.92 -65.05 -55.87
CA VAL B 2494 -34.50 -64.95 -54.47
C VAL B 2494 -33.78 -63.63 -54.24
N VAL B 2495 -32.84 -63.30 -55.13
CA VAL B 2495 -32.08 -62.06 -54.98
C VAL B 2495 -33.00 -60.86 -55.10
N TYR B 2496 -33.92 -60.88 -56.07
CA TYR B 2496 -34.86 -59.79 -56.25
C TYR B 2496 -35.68 -59.54 -54.99
N ASP B 2497 -36.27 -60.61 -54.45
CA ASP B 2497 -37.10 -60.47 -53.26
C ASP B 2497 -36.29 -59.98 -52.07
N LEU B 2498 -35.10 -60.55 -51.86
CA LEU B 2498 -34.30 -60.15 -50.71
C LEU B 2498 -33.86 -58.69 -50.82
N LEU B 2499 -33.43 -58.27 -52.01
CA LEU B 2499 -33.01 -56.89 -52.19
C LEU B 2499 -34.19 -55.94 -51.96
N PHE B 2500 -35.36 -56.26 -52.52
CA PHE B 2500 -36.51 -55.39 -52.30
C PHE B 2500 -36.86 -55.29 -50.83
N PHE B 2501 -36.87 -56.43 -50.12
CA PHE B 2501 -37.22 -56.42 -48.70
C PHE B 2501 -36.21 -55.63 -47.89
N PHE B 2502 -34.92 -55.78 -48.17
CA PHE B 2502 -33.89 -55.12 -47.37
C PHE B 2502 -33.80 -53.63 -47.68
N ILE B 2503 -34.11 -53.22 -48.91
CA ILE B 2503 -33.91 -51.84 -49.32
C ILE B 2503 -35.16 -51.00 -49.12
N VAL B 2504 -36.30 -51.46 -49.65
CA VAL B 2504 -37.50 -50.62 -49.67
C VAL B 2504 -38.30 -50.78 -48.39
N ILE B 2505 -38.42 -52.00 -47.87
CA ILE B 2505 -39.31 -52.24 -46.74
C ILE B 2505 -38.64 -51.89 -45.43
N ILE B 2506 -37.37 -52.26 -45.27
CA ILE B 2506 -36.72 -52.15 -43.97
C ILE B 2506 -36.07 -50.79 -43.76
N ILE B 2507 -35.67 -50.10 -44.83
CA ILE B 2507 -34.88 -48.88 -44.73
C ILE B 2507 -35.70 -47.66 -45.14
N VAL B 2508 -36.14 -47.60 -46.39
CA VAL B 2508 -36.77 -46.40 -46.92
C VAL B 2508 -38.11 -46.14 -46.20
N LEU B 2509 -38.90 -47.19 -46.00
CA LEU B 2509 -40.20 -47.01 -45.37
C LEU B 2509 -40.06 -46.43 -43.98
N ASN B 2510 -39.08 -46.92 -43.20
CA ASN B 2510 -38.87 -46.38 -41.86
C ASN B 2510 -38.27 -44.99 -41.91
N LEU B 2511 -37.38 -44.73 -42.86
CA LEU B 2511 -36.76 -43.41 -42.96
C LEU B 2511 -37.79 -42.35 -43.33
N ILE B 2512 -38.82 -42.71 -44.10
CA ILE B 2512 -39.82 -41.73 -44.49
C ILE B 2512 -40.54 -41.17 -43.27
N PHE B 2513 -40.91 -42.04 -42.32
CA PHE B 2513 -41.84 -41.67 -41.26
C PHE B 2513 -41.22 -41.64 -39.87
N GLY B 2514 -39.92 -41.90 -39.72
CA GLY B 2514 -39.30 -41.72 -38.41
C GLY B 2514 -39.24 -40.27 -37.99
N VAL B 2515 -39.08 -39.35 -38.95
CA VAL B 2515 -38.97 -37.93 -38.62
C VAL B 2515 -40.25 -37.45 -37.96
N ILE B 2516 -41.40 -37.95 -38.40
CA ILE B 2516 -42.67 -37.51 -37.83
C ILE B 2516 -42.73 -37.87 -36.35
N ILE B 2517 -42.36 -39.11 -36.01
CA ILE B 2517 -42.39 -39.54 -34.62
C ILE B 2517 -41.39 -38.73 -33.79
N ASP B 2518 -40.18 -38.52 -34.33
CA ASP B 2518 -39.19 -37.76 -33.59
C ASP B 2518 -39.68 -36.34 -33.32
N THR B 2519 -40.28 -35.69 -34.32
CA THR B 2519 -40.77 -34.32 -34.14
C THR B 2519 -41.92 -34.28 -33.15
N PHE B 2520 -42.81 -35.29 -33.20
CA PHE B 2520 -43.91 -35.32 -32.24
C PHE B 2520 -43.40 -35.45 -30.82
N ALA B 2521 -42.41 -36.33 -30.60
CA ALA B 2521 -41.84 -36.47 -29.27
C ALA B 2521 -41.17 -35.18 -28.82
N ASP B 2522 -40.43 -34.54 -29.72
CA ASP B 2522 -39.77 -33.28 -29.37
C ASP B 2522 -40.79 -32.20 -29.00
N LEU B 2523 -41.88 -32.12 -29.75
CA LEU B 2523 -42.92 -31.13 -29.45
C LEU B 2523 -43.57 -31.41 -28.10
N ARG B 2524 -43.85 -32.68 -27.81
CA ARG B 2524 -44.41 -33.01 -26.50
C ARG B 2524 -43.45 -32.63 -25.38
N SER B 2525 -42.15 -32.92 -25.56
CA SER B 2525 -41.18 -32.57 -24.55
C SER B 2525 -41.10 -31.06 -24.35
N GLU B 2526 -41.11 -30.29 -25.44
CA GLU B 2526 -41.07 -28.85 -25.33
C GLU B 2526 -42.30 -28.30 -24.62
N LYS B 2527 -43.48 -28.84 -24.94
CA LYS B 2527 -44.70 -28.40 -24.26
C LYS B 2527 -44.63 -28.70 -22.78
N GLN B 2528 -44.16 -29.90 -22.41
CA GLN B 2528 -44.04 -30.23 -20.99
C GLN B 2528 -43.06 -29.31 -20.29
N LYS B 2529 -41.92 -29.02 -20.94
CA LYS B 2529 -40.95 -28.11 -20.35
C LYS B 2529 -41.54 -26.72 -20.14
N LYS B 2530 -42.26 -26.21 -21.14
CA LYS B 2530 -42.86 -24.89 -21.01
C LYS B 2530 -43.89 -24.85 -19.88
N GLU B 2531 -44.73 -25.89 -19.79
CA GLU B 2531 -45.71 -25.93 -18.72
C GLU B 2531 -45.04 -25.99 -17.36
N GLU B 2532 -43.97 -26.79 -17.23
CA GLU B 2532 -43.27 -26.89 -15.96
C GLU B 2532 -42.63 -25.56 -15.57
N ILE B 2533 -42.00 -24.89 -16.53
CA ILE B 2533 -41.31 -23.63 -16.22
C ILE B 2533 -42.29 -22.50 -15.98
N LEU B 2534 -43.51 -22.59 -16.52
CA LEU B 2534 -44.49 -21.54 -16.31
C LEU B 2534 -45.07 -21.54 -14.90
N LYS B 2535 -44.97 -22.67 -14.19
CA LYS B 2535 -45.54 -22.80 -12.86
C LYS B 2535 -44.50 -22.81 -11.75
N THR B 2536 -43.21 -22.68 -12.09
CA THR B 2536 -42.14 -22.68 -11.10
C THR B 2536 -41.13 -21.57 -11.36
N THR B 2537 -41.53 -20.51 -12.07
CA THR B 2537 -40.64 -19.41 -12.38
C THR B 2537 -41.45 -18.14 -12.52
N CYS B 2538 -40.92 -17.05 -11.97
CA CYS B 2538 -41.59 -15.76 -12.07
C CYS B 2538 -41.57 -15.25 -13.51
N PHE B 2539 -42.68 -14.66 -13.94
CA PHE B 2539 -42.76 -14.17 -15.31
C PHE B 2539 -41.79 -13.03 -15.55
N ILE B 2540 -41.62 -12.13 -14.59
CA ILE B 2540 -40.82 -10.93 -14.78
C ILE B 2540 -39.37 -11.18 -14.37
N CYS B 2541 -39.15 -11.48 -13.09
CA CYS B 2541 -37.79 -11.61 -12.58
C CYS B 2541 -37.15 -12.94 -12.98
N GLY B 2542 -37.94 -14.00 -13.10
CA GLY B 2542 -37.43 -15.29 -13.50
C GLY B 2542 -36.90 -16.16 -12.36
N LEU B 2543 -37.02 -15.70 -11.12
CA LEU B 2543 -36.56 -16.50 -10.00
C LEU B 2543 -37.42 -17.75 -9.83
N GLU B 2544 -36.81 -18.80 -9.31
CA GLU B 2544 -37.49 -20.08 -9.14
C GLU B 2544 -38.16 -20.16 -7.77
N ARG B 2545 -39.06 -21.14 -7.64
CA ARG B 2545 -39.79 -21.32 -6.39
C ARG B 2545 -38.85 -21.70 -5.24
N ASP B 2546 -37.72 -22.32 -5.55
CA ASP B 2546 -36.82 -22.78 -4.49
C ASP B 2546 -36.29 -21.62 -3.66
N LYS B 2547 -36.12 -20.44 -4.26
CA LYS B 2547 -35.60 -19.30 -3.51
C LYS B 2547 -36.55 -18.91 -2.38
N PHE B 2548 -37.85 -18.91 -2.64
CA PHE B 2548 -38.85 -18.58 -1.62
C PHE B 2548 -39.21 -19.82 -0.81
N ASP B 2549 -38.18 -20.38 -0.17
CA ASP B 2549 -38.37 -21.62 0.59
C ASP B 2549 -38.81 -21.33 2.02
N ASN B 2550 -38.05 -20.50 2.74
CA ASN B 2550 -38.33 -20.19 4.13
C ASN B 2550 -38.45 -18.69 4.40
N LYS B 2551 -38.52 -17.88 3.34
CA LYS B 2551 -38.62 -16.44 3.52
C LYS B 2551 -40.02 -16.07 4.01
N THR B 2552 -40.13 -14.84 4.54
CA THR B 2552 -41.41 -14.37 5.07
C THR B 2552 -42.48 -14.28 3.99
N VAL B 2553 -42.09 -14.14 2.72
CA VAL B 2553 -43.03 -14.01 1.61
C VAL B 2553 -42.88 -15.25 0.74
N SER B 2554 -44.01 -15.88 0.42
CA SER B 2554 -44.01 -17.08 -0.40
C SER B 2554 -43.99 -16.72 -1.88
N PHE B 2555 -43.76 -17.73 -2.72
CA PHE B 2555 -43.75 -17.51 -4.15
C PHE B 2555 -45.10 -17.02 -4.65
N GLU B 2556 -46.19 -17.55 -4.08
CA GLU B 2556 -47.52 -17.11 -4.47
C GLU B 2556 -47.71 -15.62 -4.20
N GLU B 2557 -47.32 -15.17 -3.00
CA GLU B 2557 -47.42 -13.75 -2.68
C GLU B 2557 -46.52 -12.92 -3.59
N HIS B 2558 -45.30 -13.41 -3.86
CA HIS B 2558 -44.39 -12.67 -4.72
C HIS B 2558 -44.98 -12.46 -6.10
N ILE B 2559 -45.59 -13.50 -6.67
CA ILE B 2559 -46.18 -13.38 -8.01
C ILE B 2559 -47.54 -12.68 -8.00
N LYS B 2560 -48.19 -12.59 -6.84
CA LYS B 2560 -49.50 -11.96 -6.76
C LYS B 2560 -49.41 -10.45 -6.52
N LEU B 2561 -48.50 -10.02 -5.66
CA LEU B 2561 -48.43 -8.61 -5.25
C LEU B 2561 -47.16 -7.93 -5.74
N GLU B 2562 -45.98 -8.47 -5.43
CA GLU B 2562 -44.72 -7.81 -5.75
C GLU B 2562 -44.52 -7.69 -7.26
N HIS B 2563 -44.37 -8.83 -7.94
CA HIS B 2563 -44.09 -8.85 -9.39
C HIS B 2563 -45.33 -9.37 -10.11
N ASN B 2564 -46.20 -8.44 -10.50
CA ASN B 2564 -47.41 -8.76 -11.26
C ASN B 2564 -47.31 -8.16 -12.64
N MET B 2565 -47.25 -9.02 -13.66
CA MET B 2565 -47.19 -8.55 -15.04
C MET B 2565 -48.35 -7.60 -15.35
N TRP B 2566 -49.53 -7.89 -14.81
CA TRP B 2566 -50.68 -7.03 -15.05
C TRP B 2566 -50.50 -5.66 -14.37
N ASN B 2567 -49.88 -5.64 -13.19
CA ASN B 2567 -49.57 -4.35 -12.57
C ASN B 2567 -48.57 -3.57 -13.40
N TYR B 2568 -47.57 -4.25 -13.97
CA TYR B 2568 -46.61 -3.56 -14.84
C TYR B 2568 -47.32 -3.00 -16.07
N LEU B 2569 -48.24 -3.77 -16.65
CA LEU B 2569 -49.00 -3.28 -17.79
C LEU B 2569 -49.85 -2.07 -17.41
N TYR B 2570 -50.46 -2.11 -16.23
CA TYR B 2570 -51.25 -0.96 -15.77
C TYR B 2570 -50.37 0.27 -15.60
N PHE B 2571 -49.16 0.09 -15.07
CA PHE B 2571 -48.24 1.21 -14.94
C PHE B 2571 -47.85 1.77 -16.30
N ILE B 2572 -47.61 0.89 -17.26
CA ILE B 2572 -47.26 1.35 -18.61
C ILE B 2572 -48.42 2.15 -19.20
N VAL B 2573 -49.65 1.67 -19.03
CA VAL B 2573 -50.81 2.39 -19.55
C VAL B 2573 -50.95 3.74 -18.86
N LEU B 2574 -50.74 3.78 -17.54
CA LEU B 2574 -50.82 5.03 -16.81
C LEU B 2574 -49.78 6.02 -17.31
N VAL B 2575 -48.56 5.56 -17.56
CA VAL B 2575 -47.52 6.44 -18.08
C VAL B 2575 -47.91 6.96 -19.45
N ARG B 2576 -48.45 6.08 -20.31
CA ARG B 2576 -48.80 6.50 -21.67
C ARG B 2576 -49.96 7.49 -21.68
N VAL B 2577 -50.91 7.36 -20.76
CA VAL B 2577 -52.10 8.20 -20.78
C VAL B 2577 -51.88 9.50 -20.01
N LYS B 2578 -51.19 9.44 -18.88
CA LYS B 2578 -51.03 10.61 -18.02
C LYS B 2578 -50.23 11.70 -18.73
N ASN B 2579 -50.56 12.95 -18.43
CA ASN B 2579 -49.89 14.08 -19.05
C ASN B 2579 -48.43 14.14 -18.62
N LYS B 2580 -47.58 14.64 -19.52
CA LYS B 2580 -46.15 14.72 -19.23
C LYS B 2580 -45.87 15.65 -18.07
N THR B 2581 -46.58 16.79 -18.00
CA THR B 2581 -46.33 17.77 -16.96
C THR B 2581 -46.55 17.19 -15.56
N ASP B 2582 -47.43 16.19 -15.44
CA ASP B 2582 -47.77 15.62 -14.15
C ASP B 2582 -46.94 14.39 -13.80
N TYR B 2583 -45.99 14.01 -14.66
CA TYR B 2583 -45.14 12.85 -14.36
C TYR B 2583 -44.31 13.10 -13.11
N THR B 2584 -44.14 12.06 -12.31
CA THR B 2584 -43.23 12.10 -11.17
C THR B 2584 -41.85 11.63 -11.64
N GLY B 2585 -40.92 11.47 -10.71
CA GLY B 2585 -39.58 11.06 -11.04
C GLY B 2585 -39.54 9.69 -11.68
N PRO B 2586 -40.05 8.67 -10.97
CA PRO B 2586 -40.08 7.32 -11.55
C PRO B 2586 -40.88 7.26 -12.85
N GLU B 2587 -41.99 7.97 -12.93
CA GLU B 2587 -42.79 7.94 -14.16
C GLU B 2587 -42.03 8.53 -15.33
N SER B 2588 -41.34 9.66 -15.10
CA SER B 2588 -40.55 10.26 -16.17
C SER B 2588 -39.40 9.35 -16.58
N TYR B 2589 -38.75 8.71 -15.60
CA TYR B 2589 -37.67 7.79 -15.92
C TYR B 2589 -38.17 6.63 -16.78
N VAL B 2590 -39.31 6.06 -16.40
CA VAL B 2590 -39.87 4.93 -17.16
C VAL B 2590 -40.27 5.40 -18.56
N ALA B 2591 -40.86 6.58 -18.67
CA ALA B 2591 -41.24 7.10 -19.98
C ALA B 2591 -40.00 7.31 -20.86
N GLN B 2592 -38.92 7.84 -20.29
CA GLN B 2592 -37.70 8.03 -21.07
C GLN B 2592 -37.13 6.68 -21.52
N MET B 2593 -37.13 5.69 -20.63
CA MET B 2593 -36.63 4.37 -21.01
C MET B 2593 -37.48 3.76 -22.10
N ILE B 2594 -38.81 3.91 -22.02
CA ILE B 2594 -39.69 3.41 -23.07
C ILE B 2594 -39.41 4.10 -24.39
N LYS B 2595 -39.23 5.43 -24.35
CA LYS B 2595 -38.96 6.17 -25.58
C LYS B 2595 -37.64 5.71 -26.21
N ASN B 2596 -36.62 5.49 -25.38
CA ASN B 2596 -35.34 4.99 -25.85
C ASN B 2596 -35.39 3.51 -26.19
N LYS B 2597 -36.49 2.82 -25.87
CA LYS B 2597 -36.63 1.39 -26.16
C LYS B 2597 -35.60 0.56 -25.38
N ASN B 2598 -35.51 0.82 -24.08
CA ASN B 2598 -34.65 0.06 -23.19
C ASN B 2598 -35.50 -0.63 -22.13
N LEU B 2599 -35.28 -1.93 -21.94
CA LEU B 2599 -36.06 -2.74 -21.01
C LEU B 2599 -35.27 -3.08 -19.75
N ASP B 2600 -34.29 -2.26 -19.39
CA ASP B 2600 -33.47 -2.53 -18.20
C ASP B 2600 -34.16 -2.13 -16.91
N TRP B 2601 -35.29 -1.41 -16.98
CA TRP B 2601 -35.98 -1.02 -15.76
C TRP B 2601 -36.78 -2.15 -15.15
N PHE B 2602 -37.04 -3.22 -15.91
CA PHE B 2602 -37.66 -4.40 -15.33
C PHE B 2602 -36.66 -5.11 -14.41
N PRO B 2603 -37.14 -5.74 -13.34
CA PRO B 2603 -36.22 -6.50 -12.47
C PRO B 2603 -35.79 -7.80 -13.14
N ARG B 2604 -34.50 -8.09 -13.08
CA ARG B 2604 -33.92 -9.27 -13.69
C ARG B 2604 -33.18 -10.06 -12.61
N MET B 2605 -33.77 -11.17 -12.18
CA MET B 2605 -33.16 -12.05 -11.18
C MET B 2605 -32.88 -11.30 -9.88
N ARG B 2606 -33.71 -10.30 -9.56
CA ARG B 2606 -33.54 -9.52 -8.34
C ARG B 2606 -34.90 -9.28 -7.71
N ALA B 2607 -34.96 -9.39 -6.38
CA ALA B 2607 -36.18 -9.15 -5.62
C ALA B 2607 -35.84 -8.43 -4.34
N MET B 2608 -36.66 -7.45 -3.97
CA MET B 2608 -36.42 -6.70 -2.75
C MET B 2608 -36.58 -7.59 -1.53
N SER B 2609 -37.54 -8.52 -1.56
CA SER B 2609 -37.72 -9.42 -0.43
C SER B 2609 -36.47 -10.26 -0.20
N LEU B 2610 -35.86 -10.77 -1.28
CA LEU B 2610 -34.64 -11.55 -1.12
C LEU B 2610 -33.46 -10.68 -0.69
N VAL B 2611 -33.32 -9.50 -1.29
CA VAL B 2611 -32.17 -8.65 -0.98
C VAL B 2611 -32.23 -8.16 0.46
N SER B 2612 -33.45 -8.00 1.01
CA SER B 2612 -33.57 -7.56 2.40
C SER B 2612 -32.82 -8.51 3.34
N ASN B 2613 -32.85 -9.81 3.06
CA ASN B 2613 -32.15 -10.79 3.86
C ASN B 2613 -30.74 -11.09 3.37
N GLU B 2614 -30.49 -10.91 2.07
CA GLU B 2614 -29.17 -11.16 1.50
C GLU B 2614 -28.23 -9.97 1.60
N GLY B 2615 -28.69 -8.85 2.16
CA GLY B 2615 -27.83 -7.68 2.27
C GLY B 2615 -26.58 -7.95 3.09
N GLU B 2616 -26.73 -8.66 4.21
CA GLU B 2616 -25.57 -8.96 5.05
C GLU B 2616 -24.53 -9.77 4.30
N GLY B 2617 -24.97 -10.80 3.57
CA GLY B 2617 -24.04 -11.59 2.79
C GLY B 2617 -23.43 -10.82 1.64
N GLU B 2618 -24.23 -9.98 0.99
CA GLU B 2618 -23.73 -9.21 -0.15
C GLU B 2618 -22.65 -8.23 0.29
N GLN B 2619 -22.83 -7.60 1.45
CA GLN B 2619 -21.88 -6.60 1.95
C GLN B 2619 -20.67 -7.28 2.59
N ASN B 2620 -19.95 -8.05 1.77
CA ASN B 2620 -18.74 -8.73 2.19
C ASN B 2620 -17.52 -8.21 1.46
N GLU B 2621 -17.51 -8.27 0.13
CA GLU B 2621 -16.42 -7.70 -0.65
C GLU B 2621 -16.51 -6.19 -0.72
N ILE B 2622 -17.72 -5.63 -0.61
CA ILE B 2622 -17.87 -4.18 -0.64
C ILE B 2622 -17.14 -3.54 0.54
N ARG B 2623 -17.27 -4.14 1.72
CA ARG B 2623 -16.59 -3.61 2.89
C ARG B 2623 -15.07 -3.66 2.71
N ILE B 2624 -14.56 -4.77 2.18
CA ILE B 2624 -13.12 -4.89 1.96
C ILE B 2624 -12.65 -3.84 0.95
N LEU B 2625 -13.40 -3.65 -0.13
CA LEU B 2625 -13.03 -2.64 -1.12
C LEU B 2625 -13.04 -1.24 -0.52
N GLN B 2626 -14.05 -0.94 0.29
CA GLN B 2626 -14.12 0.37 0.94
C GLN B 2626 -12.93 0.58 1.88
N ASP B 2627 -12.58 -0.47 2.65
CA ASP B 2627 -11.44 -0.36 3.55
C ASP B 2627 -10.14 -0.13 2.76
N LYS B 2628 -9.96 -0.86 1.66
CA LYS B 2628 -8.77 -0.68 0.84
C LYS B 2628 -8.71 0.74 0.26
N LEU B 2629 -9.85 1.25 -0.21
CA LEU B 2629 -9.89 2.60 -0.74
C LEU B 2629 -9.55 3.63 0.33
N ASN B 2630 -10.09 3.43 1.55
CA ASN B 2630 -9.79 4.35 2.64
C ASN B 2630 -8.30 4.31 2.99
N SER B 2631 -7.72 3.11 3.02
CA SER B 2631 -6.30 3.00 3.30
C SER B 2631 -5.47 3.69 2.24
N THR B 2632 -5.83 3.51 0.96
CA THR B 2632 -5.11 4.17 -0.11
C THR B 2632 -5.22 5.68 -0.01
N MET B 2633 -6.42 6.19 0.32
CA MET B 2633 -6.60 7.63 0.47
C MET B 2633 -5.76 8.16 1.64
N LYS B 2634 -5.73 7.43 2.75
CA LYS B 2634 -4.91 7.85 3.88
C LYS B 2634 -3.43 7.87 3.51
N LEU B 2635 -2.97 6.85 2.78
CA LEU B 2635 -1.58 6.83 2.36
C LEU B 2635 -1.27 8.00 1.43
N VAL B 2636 -2.17 8.30 0.50
CA VAL B 2636 -1.96 9.43 -0.40
C VAL B 2636 -1.91 10.74 0.38
N SER B 2637 -2.80 10.91 1.35
CA SER B 2637 -2.79 12.12 2.17
C SER B 2637 -1.49 12.24 2.96
N HIS B 2638 -1.02 11.13 3.53
CA HIS B 2638 0.24 11.16 4.27
C HIS B 2638 1.41 11.52 3.35
N LEU B 2639 1.43 10.96 2.15
CA LEU B 2639 2.50 11.28 1.20
C LEU B 2639 2.44 12.76 0.82
N THR B 2640 1.24 13.29 0.59
CA THR B 2640 1.11 14.71 0.26
C THR B 2640 1.58 15.59 1.40
N ALA B 2641 1.23 15.22 2.64
CA ALA B 2641 1.68 15.99 3.80
C ALA B 2641 3.20 15.95 3.92
N GLN B 2642 3.79 14.78 3.72
CA GLN B 2642 5.25 14.67 3.79
C GLN B 2642 5.91 15.51 2.70
N LEU B 2643 5.36 15.49 1.49
CA LEU B 2643 5.91 16.31 0.41
C LEU B 2643 5.80 17.80 0.73
N ASN B 2644 4.66 18.21 1.28
CA ASN B 2644 4.49 19.62 1.65
C ASN B 2644 5.48 20.02 2.74
N GLU B 2645 5.68 19.15 3.73
CA GLU B 2645 6.64 19.45 4.78
C GLU B 2645 8.06 19.55 4.23
N LEU B 2646 8.42 18.64 3.31
CA LEU B 2646 9.74 18.71 2.71
C LEU B 2646 9.92 19.99 1.90
N LYS B 2647 8.89 20.38 1.15
CA LYS B 2647 8.97 21.62 0.38
C LYS B 2647 9.12 22.83 1.30
N GLU B 2648 8.35 22.86 2.39
CA GLU B 2648 8.45 23.96 3.34
C GLU B 2648 9.84 24.02 3.97
N GLN B 2649 10.40 22.87 4.34
CA GLN B 2649 11.74 22.85 4.91
C GLN B 2649 12.77 23.33 3.90
N MET B 2650 12.65 22.90 2.64
CA MET B 2650 13.57 23.35 1.61
C MET B 2650 13.48 24.86 1.40
N THR B 2651 12.26 25.39 1.38
CA THR B 2651 12.05 26.83 1.19
C THR B 2651 12.62 27.61 2.36
N SER C 5 38.39 6.91 14.55
CA SER C 5 38.53 5.46 14.59
C SER C 5 37.79 4.81 13.42
N SER C 6 38.49 3.96 12.69
CA SER C 6 37.90 3.27 11.54
C SER C 6 38.63 1.95 11.33
N PHE C 7 37.96 1.06 10.60
CA PHE C 7 38.52 -0.24 10.27
C PHE C 7 39.36 -0.16 9.00
N LEU C 8 40.16 -1.20 8.78
CA LEU C 8 41.00 -1.30 7.61
C LEU C 8 40.24 -2.07 6.52
N HIS C 9 40.09 -1.43 5.36
CA HIS C 9 39.34 -2.00 4.25
C HIS C 9 40.27 -2.30 3.09
N ILE C 10 39.96 -3.38 2.36
CA ILE C 10 40.73 -3.72 1.17
C ILE C 10 40.59 -2.62 0.14
N GLY C 11 41.71 -2.23 -0.46
CA GLY C 11 41.75 -1.13 -1.41
C GLY C 11 42.22 0.19 -0.83
N ASP C 12 42.29 0.31 0.49
CA ASP C 12 42.76 1.54 1.11
C ASP C 12 44.26 1.72 0.89
N ILE C 13 44.67 2.97 0.74
CA ILE C 13 46.07 3.33 0.62
C ILE C 13 46.58 3.67 2.02
N VAL C 14 47.59 2.94 2.47
CA VAL C 14 48.10 3.07 3.83
C VAL C 14 49.61 3.18 3.80
N SER C 15 50.16 3.64 4.91
CA SER C 15 51.59 3.73 5.12
C SER C 15 51.98 2.88 6.32
N LEU C 16 53.16 2.29 6.26
CA LEU C 16 53.67 1.43 7.32
C LEU C 16 54.83 2.13 8.01
N TYR C 17 54.71 2.31 9.33
CA TYR C 17 55.75 2.95 10.13
C TYR C 17 56.37 1.88 11.04
N ALA C 18 57.63 1.55 10.80
CA ALA C 18 58.32 0.56 11.61
C ALA C 18 58.65 1.15 12.98
N GLU C 19 58.36 0.39 14.03
CA GLU C 19 58.74 0.76 15.39
C GLU C 19 59.43 -0.45 16.02
N GLY C 20 60.74 -0.53 15.81
CA GLY C 20 61.55 -1.61 16.37
C GLY C 20 62.94 -1.13 16.70
N SER C 21 63.96 -1.86 16.23
CA SER C 21 65.34 -1.42 16.42
C SER C 21 65.57 -0.08 15.75
N VAL C 22 65.02 0.12 14.55
CA VAL C 22 65.10 1.38 13.82
C VAL C 22 63.69 1.82 13.49
N ASN C 23 63.40 3.09 13.75
CA ASN C 23 62.07 3.66 13.55
C ASN C 23 62.04 4.48 12.27
N GLY C 24 61.08 4.17 11.41
CA GLY C 24 60.93 4.92 10.17
C GLY C 24 59.94 4.24 9.25
N PHE C 25 59.59 4.97 8.19
CA PHE C 25 58.67 4.47 7.19
C PHE C 25 59.39 3.53 6.22
N ILE C 26 58.60 2.79 5.45
CA ILE C 26 59.13 1.93 4.41
C ILE C 26 59.26 2.74 3.12
N SER C 27 60.45 2.77 2.55
CA SER C 27 60.74 3.53 1.35
C SER C 27 61.45 2.64 0.35
N THR C 28 61.42 3.05 -0.92
CA THR C 28 62.05 2.32 -2.00
C THR C 28 63.01 3.24 -2.74
N LEU C 29 64.19 2.73 -3.06
CA LEU C 29 65.17 3.51 -3.80
C LEU C 29 64.65 3.84 -5.19
N GLY C 30 65.00 5.02 -5.68
CA GLY C 30 64.54 5.47 -6.98
C GLY C 30 64.99 4.58 -8.12
N LEU C 31 64.72 5.00 -9.36
CA LEU C 31 65.11 4.25 -10.53
C LEU C 31 64.39 2.90 -10.58
N VAL C 32 65.05 1.88 -11.12
CA VAL C 32 64.46 0.55 -11.23
C VAL C 32 64.90 -0.35 -10.08
N ASP C 33 65.47 0.22 -9.02
CA ASP C 33 65.90 -0.57 -7.89
C ASP C 33 64.70 -1.24 -7.21
N ASP C 34 64.88 -2.49 -6.81
CA ASP C 34 63.82 -3.28 -6.19
C ASP C 34 64.15 -3.62 -4.75
N ARG C 35 64.72 -2.67 -4.02
CA ARG C 35 65.09 -2.85 -2.62
C ARG C 35 64.24 -1.94 -1.74
N CYS C 36 63.68 -2.50 -0.67
CA CYS C 36 62.90 -1.76 0.29
C CYS C 36 63.78 -1.39 1.47
N VAL C 37 63.77 -0.11 1.85
CA VAL C 37 64.64 0.41 2.90
C VAL C 37 63.82 1.30 3.83
N VAL C 38 64.38 1.53 5.01
CA VAL C 38 63.79 2.40 6.03
C VAL C 38 64.79 3.51 6.33
N GLU C 39 64.32 4.75 6.30
CA GLU C 39 65.18 5.92 6.52
C GLU C 39 64.73 6.65 7.77
N PRO C 40 65.30 6.37 8.95
CA PRO C 40 64.82 7.02 10.17
C PRO C 40 64.95 8.54 10.14
N ALA C 41 65.98 9.07 9.49
CA ALA C 41 66.22 10.51 9.48
C ALA C 41 65.31 11.26 8.51
N ALA C 42 64.62 10.54 7.61
CA ALA C 42 63.75 11.21 6.65
C ALA C 42 62.62 11.94 7.34
N GLY C 43 62.00 11.31 8.35
CA GLY C 43 60.91 11.93 9.05
C GLY C 43 60.30 10.97 10.04
N ASP C 44 59.24 11.46 10.70
CA ASP C 44 58.52 10.66 11.69
C ASP C 44 57.01 10.85 11.52
N LEU C 45 56.22 10.31 12.45
CA LEU C 45 54.78 10.44 12.35
C LEU C 45 54.34 11.89 12.43
N ASP C 46 54.94 12.66 13.35
CA ASP C 46 54.59 14.07 13.48
C ASP C 46 55.13 14.90 12.33
N ASN C 47 56.28 14.52 11.77
CA ASN C 47 56.93 15.24 10.68
C ASN C 47 57.23 14.24 9.56
N PRO C 48 56.25 13.94 8.71
CA PRO C 48 56.46 12.95 7.66
C PRO C 48 57.50 13.43 6.66
N PRO C 49 58.14 12.51 5.94
CA PRO C 49 59.16 12.93 4.97
C PRO C 49 58.56 13.76 3.84
N LYS C 50 59.40 14.64 3.28
CA LYS C 50 58.93 15.50 2.19
C LYS C 50 58.45 14.68 1.00
N LYS C 51 59.19 13.64 0.64
CA LYS C 51 58.78 12.76 -0.46
C LYS C 51 57.85 11.67 0.08
N PHE C 52 56.63 12.11 0.43
CA PHE C 52 55.63 11.21 0.99
C PHE C 52 54.76 10.58 -0.11
N ARG C 53 55.43 9.99 -1.10
CA ARG C 53 54.77 9.18 -2.11
C ARG C 53 55.44 7.83 -2.32
N ASP C 54 56.70 7.67 -1.93
CA ASP C 54 57.38 6.38 -2.01
C ASP C 54 57.02 5.47 -0.85
N CYS C 55 56.33 5.99 0.18
CA CYS C 55 56.00 5.23 1.37
C CYS C 55 54.54 4.83 1.42
N LEU C 56 53.81 4.92 0.31
CA LEU C 56 52.39 4.63 0.25
C LEU C 56 52.18 3.24 -0.35
N PHE C 57 51.37 2.43 0.31
CA PHE C 57 51.04 1.09 -0.13
C PHE C 57 49.54 0.90 -0.14
N LYS C 58 49.07 0.02 -1.01
CA LYS C 58 47.67 -0.35 -1.12
C LYS C 58 47.47 -1.79 -0.70
N VAL C 59 46.39 -2.05 0.02
CA VAL C 59 46.08 -3.39 0.49
C VAL C 59 45.27 -4.12 -0.56
N CYS C 60 45.70 -5.33 -0.90
CA CYS C 60 45.01 -6.14 -1.90
C CYS C 60 44.78 -7.54 -1.36
N PRO C 61 43.78 -8.24 -1.86
CA PRO C 61 43.51 -9.60 -1.40
C PRO C 61 44.48 -10.61 -2.00
N MET C 62 44.38 -11.84 -1.50
CA MET C 62 45.24 -12.91 -2.00
C MET C 62 44.96 -13.15 -3.49
N ASN C 63 46.02 -13.45 -4.23
CA ASN C 63 45.93 -13.80 -5.64
C ASN C 63 46.51 -15.18 -5.86
N ARG C 64 46.02 -15.84 -6.91
CA ARG C 64 46.44 -17.19 -7.26
C ARG C 64 47.49 -17.12 -8.36
N TYR C 65 48.62 -17.79 -8.15
CA TYR C 65 49.73 -17.77 -9.09
C TYR C 65 50.18 -19.16 -9.50
N SER C 66 49.33 -20.17 -9.33
CA SER C 66 49.73 -21.53 -9.68
C SER C 66 49.98 -21.67 -11.17
N ALA C 67 49.03 -21.23 -12.00
CA ALA C 67 49.20 -21.34 -13.44
C ALA C 67 50.37 -20.49 -13.93
N GLN C 68 50.51 -19.28 -13.38
CA GLN C 68 51.62 -18.42 -13.77
C GLN C 68 52.95 -19.05 -13.41
N LYS C 69 53.05 -19.65 -12.22
CA LYS C 69 54.29 -20.31 -11.82
C LYS C 69 54.60 -21.49 -12.72
N GLN C 70 53.58 -22.28 -13.07
CA GLN C 70 53.82 -23.41 -13.96
C GLN C 70 54.28 -22.93 -15.33
N TYR C 71 53.66 -21.86 -15.84
CA TYR C 71 54.08 -21.32 -17.14
C TYR C 71 55.51 -20.82 -17.09
N TRP C 72 55.88 -20.12 -16.01
CA TRP C 72 57.25 -19.65 -15.87
C TRP C 72 58.22 -20.82 -15.82
N LYS C 73 57.88 -21.86 -15.07
CA LYS C 73 58.75 -23.02 -14.97
C LYS C 73 58.94 -23.70 -16.33
N ALA C 74 57.84 -23.84 -17.08
CA ALA C 74 57.95 -24.43 -18.41
C ALA C 74 58.79 -23.56 -19.33
N LYS C 75 58.60 -22.24 -19.29
CA LYS C 75 59.35 -21.35 -20.16
C LYS C 75 60.83 -21.37 -19.83
N GLN C 76 61.18 -21.39 -18.55
CA GLN C 76 62.57 -21.46 -18.13
C GLN C 76 63.13 -22.86 -18.36
N ASP C 86 56.24 -29.17 -27.49
CA ASP C 86 56.37 -28.35 -26.29
C ASP C 86 55.84 -26.95 -26.54
N VAL C 87 55.83 -26.52 -27.81
CA VAL C 87 55.34 -25.20 -28.15
C VAL C 87 53.85 -25.08 -27.81
N VAL C 88 53.07 -26.11 -28.17
CA VAL C 88 51.64 -26.08 -27.89
C VAL C 88 51.40 -26.06 -26.38
N LEU C 89 52.16 -26.85 -25.63
CA LEU C 89 52.02 -26.86 -24.18
C LEU C 89 52.33 -25.49 -23.60
N LEU C 90 53.40 -24.85 -24.08
CA LEU C 90 53.76 -23.53 -23.58
C LEU C 90 52.68 -22.51 -23.91
N GLN C 91 52.12 -22.57 -25.12
CA GLN C 91 51.06 -21.64 -25.49
C GLN C 91 49.82 -21.83 -24.62
N LYS C 92 49.45 -23.09 -24.37
CA LYS C 92 48.28 -23.34 -23.52
C LYS C 92 48.53 -22.90 -22.08
N LEU C 93 49.76 -23.08 -21.59
CA LEU C 93 50.10 -22.59 -20.26
C LEU C 93 50.02 -21.07 -20.21
N GLN C 94 50.47 -20.39 -21.26
CA GLN C 94 50.35 -18.94 -21.31
C GLN C 94 48.89 -18.50 -21.29
N HIS C 95 48.05 -19.20 -22.06
CA HIS C 95 46.63 -18.87 -22.06
C HIS C 95 46.02 -19.08 -20.68
N ALA C 96 46.38 -20.18 -20.02
CA ALA C 96 45.88 -20.44 -18.67
C ALA C 96 46.34 -19.36 -17.70
N ALA C 97 47.59 -18.91 -17.82
CA ALA C 97 48.09 -17.85 -16.95
C ALA C 97 47.32 -16.56 -17.18
N GLN C 98 47.04 -16.22 -18.44
CA GLN C 98 46.26 -15.02 -18.72
C GLN C 98 44.85 -15.13 -18.14
N MET C 99 44.23 -16.30 -18.28
CA MET C 99 42.90 -16.50 -17.70
C MET C 99 42.94 -16.38 -16.19
N GLU C 100 43.99 -16.91 -15.55
CA GLU C 100 44.13 -16.79 -14.10
C GLU C 100 44.31 -15.33 -13.70
N GLN C 101 45.06 -14.56 -14.48
CA GLN C 101 45.22 -13.13 -14.18
C GLN C 101 43.89 -12.41 -14.28
N LYS C 102 43.10 -12.71 -15.31
CA LYS C 102 41.77 -12.10 -15.43
C LYS C 102 40.89 -12.48 -14.25
N GLN C 103 40.93 -13.75 -13.85
CA GLN C 103 40.13 -14.19 -12.71
C GLN C 103 40.56 -13.49 -11.43
N ASN C 104 41.87 -13.31 -11.24
CA ASN C 104 42.37 -12.60 -10.07
C ASN C 104 41.89 -11.15 -10.07
N ASP C 105 41.93 -10.50 -11.24
CA ASP C 105 41.43 -9.12 -11.33
C ASP C 105 39.95 -9.06 -10.98
N THR C 106 39.16 -10.00 -11.50
CA THR C 106 37.73 -10.03 -11.19
C THR C 106 37.50 -10.25 -9.70
N GLU C 107 38.28 -11.15 -9.08
CA GLU C 107 38.13 -11.41 -7.66
C GLU C 107 38.50 -10.18 -6.84
N ASN C 108 39.56 -9.48 -7.24
CA ASN C 108 39.92 -8.24 -6.57
C ASN C 108 38.79 -7.21 -6.67
N LYS C 109 38.22 -7.06 -7.86
CA LYS C 109 37.11 -6.13 -8.01
C LYS C 109 35.92 -6.52 -7.14
N LYS C 110 35.62 -7.81 -7.05
CA LYS C 110 34.46 -8.25 -6.28
C LYS C 110 34.70 -8.09 -4.78
N VAL C 111 35.92 -8.36 -4.31
CA VAL C 111 36.22 -8.33 -2.88
C VAL C 111 36.61 -6.92 -2.47
N HIS C 112 36.68 -6.00 -3.43
CA HIS C 112 37.04 -4.63 -3.12
C HIS C 112 36.08 -4.05 -2.07
N GLY C 113 36.65 -3.36 -1.09
CA GLY C 113 35.88 -2.73 -0.03
C GLY C 113 35.63 -3.60 1.19
N ASP C 114 36.04 -4.86 1.18
CA ASP C 114 35.81 -5.72 2.33
C ASP C 114 36.78 -5.39 3.46
N VAL C 115 36.35 -5.67 4.69
CA VAL C 115 37.16 -5.36 5.86
C VAL C 115 38.25 -6.42 6.02
N VAL C 116 39.39 -5.99 6.54
CA VAL C 116 40.53 -6.87 6.79
C VAL C 116 40.51 -7.32 8.24
N LYS C 117 40.64 -8.62 8.47
CA LYS C 117 40.63 -9.21 9.80
C LYS C 117 41.99 -9.78 10.14
N TYR C 118 42.32 -9.75 11.43
CA TYR C 118 43.60 -10.28 11.88
C TYR C 118 43.72 -11.76 11.53
N GLY C 119 44.92 -12.18 11.15
CA GLY C 119 45.18 -13.52 10.70
C GLY C 119 44.90 -13.76 9.23
N SER C 120 44.44 -12.75 8.50
CA SER C 120 44.13 -12.90 7.10
C SER C 120 45.34 -12.60 6.23
N VAL C 121 45.29 -13.09 5.00
CA VAL C 121 46.38 -12.95 4.04
C VAL C 121 46.10 -11.75 3.15
N ILE C 122 47.09 -10.88 2.99
CA ILE C 122 46.98 -9.68 2.18
C ILE C 122 48.25 -9.51 1.35
N GLN C 123 48.20 -8.53 0.44
CA GLN C 123 49.36 -8.12 -0.35
C GLN C 123 49.48 -6.61 -0.29
N LEU C 124 50.72 -6.13 -0.34
CA LEU C 124 51.03 -4.71 -0.26
C LEU C 124 51.56 -4.26 -1.62
N LEU C 125 50.76 -3.47 -2.34
CA LEU C 125 51.15 -2.94 -3.63
C LEU C 125 51.72 -1.53 -3.46
N HIS C 126 53.02 -1.39 -3.69
CA HIS C 126 53.67 -0.09 -3.75
C HIS C 126 53.20 0.62 -5.01
N MET C 127 52.50 1.74 -4.83
CA MET C 127 51.81 2.38 -5.95
C MET C 127 52.78 3.08 -6.88
N LYS C 128 53.77 3.78 -6.32
CA LYS C 128 54.68 4.57 -7.15
C LYS C 128 55.39 3.69 -8.17
N SER C 129 55.88 2.52 -7.73
CA SER C 129 56.46 1.54 -8.64
C SER C 129 55.42 0.57 -9.20
N ASN C 130 54.21 0.59 -8.66
CA ASN C 130 53.16 -0.35 -9.08
C ASN C 130 53.65 -1.79 -8.98
N LYS C 131 54.26 -2.12 -7.84
CA LYS C 131 54.87 -3.43 -7.63
C LYS C 131 54.44 -4.01 -6.29
N TYR C 132 54.16 -5.31 -6.27
CA TYR C 132 53.83 -6.00 -5.03
C TYR C 132 55.10 -6.29 -4.22
N LEU C 133 54.99 -6.14 -2.90
CA LEU C 133 56.09 -6.45 -2.00
C LEU C 133 56.16 -7.96 -1.80
N THR C 134 57.32 -8.56 -2.08
CA THR C 134 57.48 -10.00 -2.04
C THR C 134 58.68 -10.36 -1.17
N VAL C 135 58.63 -11.57 -0.62
CA VAL C 135 59.71 -12.13 0.20
C VAL C 135 60.10 -13.47 -0.42
N ASN C 136 61.39 -13.63 -0.71
CA ASN C 136 61.90 -14.84 -1.35
C ASN C 136 62.60 -15.69 -0.30
N LYS C 137 62.14 -16.92 -0.14
CA LYS C 137 62.73 -17.85 0.82
C LYS C 137 63.96 -18.57 0.27
N ARG C 138 64.26 -18.41 -1.02
CA ARG C 138 65.41 -19.06 -1.65
C ARG C 138 66.52 -18.09 -1.96
N LEU C 139 66.51 -16.89 -1.38
CA LEU C 139 67.53 -15.89 -1.62
C LEU C 139 67.87 -15.19 -0.31
N PRO C 140 69.11 -15.31 0.17
CA PRO C 140 69.49 -14.57 1.39
C PRO C 140 69.60 -13.07 1.12
N ALA C 141 69.41 -12.30 2.18
CA ALA C 141 69.50 -10.85 2.07
C ALA C 141 70.92 -10.43 1.70
N LEU C 142 71.01 -9.27 1.04
CA LEU C 142 72.29 -8.80 0.53
C LEU C 142 73.29 -8.60 1.66
N LEU C 143 72.86 -7.94 2.74
CA LEU C 143 73.75 -7.62 3.86
C LEU C 143 73.66 -8.66 4.97
N GLU C 144 72.48 -8.87 5.54
CA GLU C 144 72.30 -9.82 6.63
C GLU C 144 72.12 -11.21 6.04
N LYS C 145 73.21 -11.97 5.99
CA LYS C 145 73.19 -13.28 5.36
C LYS C 145 72.31 -14.29 6.08
N ASN C 146 71.92 -13.99 7.32
CA ASN C 146 71.06 -14.89 8.09
C ASN C 146 69.58 -14.58 7.91
N ALA C 147 69.23 -13.64 7.04
CA ALA C 147 67.86 -13.26 6.77
C ALA C 147 67.57 -13.33 5.28
N MET C 148 66.32 -13.61 4.95
CA MET C 148 65.93 -13.73 3.55
C MET C 148 65.71 -12.35 2.94
N ARG C 149 65.38 -12.35 1.65
CA ARG C 149 65.40 -11.13 0.84
C ARG C 149 63.98 -10.66 0.55
N VAL C 150 63.74 -9.38 0.82
CA VAL C 150 62.47 -8.72 0.53
C VAL C 150 62.69 -7.76 -0.63
N THR C 151 61.86 -7.87 -1.67
CA THR C 151 62.01 -7.06 -2.87
C THR C 151 60.62 -6.67 -3.37
N LEU C 152 60.58 -6.08 -4.56
CA LEU C 152 59.36 -5.68 -5.23
C LEU C 152 59.28 -6.38 -6.57
N ASP C 153 58.13 -6.97 -6.88
CA ASP C 153 57.91 -7.69 -8.12
C ASP C 153 56.67 -7.13 -8.82
N ALA C 154 56.78 -6.95 -10.13
CA ALA C 154 55.65 -6.39 -10.87
C ALA C 154 54.48 -7.38 -10.92
N THR C 155 54.71 -8.55 -11.51
CA THR C 155 53.64 -9.54 -11.61
C THR C 155 53.26 -10.11 -10.25
N GLY C 156 54.26 -10.34 -9.39
CA GLY C 156 54.03 -10.92 -8.10
C GLY C 156 54.10 -12.45 -8.12
N ASN C 157 54.29 -13.01 -6.94
CA ASN C 157 54.38 -14.46 -6.77
C ASN C 157 53.77 -14.83 -5.42
N GLU C 158 53.93 -16.09 -5.03
CA GLU C 158 53.39 -16.55 -3.75
C GLU C 158 54.07 -15.89 -2.55
N GLY C 159 55.21 -15.24 -2.74
CA GLY C 159 55.87 -14.53 -1.66
C GLY C 159 55.23 -13.23 -1.27
N SER C 160 54.29 -12.74 -2.08
CA SER C 160 53.61 -11.49 -1.74
C SER C 160 52.58 -11.68 -0.63
N TRP C 161 52.16 -12.92 -0.37
CA TRP C 161 51.19 -13.17 0.68
C TRP C 161 51.77 -12.81 2.04
N LEU C 162 50.97 -12.14 2.86
CA LEU C 162 51.39 -11.73 4.19
C LEU C 162 50.24 -11.92 5.16
N PHE C 163 50.42 -12.77 6.16
CA PHE C 163 49.49 -12.83 7.28
C PHE C 163 49.60 -11.53 8.07
N ILE C 164 48.45 -10.93 8.36
CA ILE C 164 48.37 -9.70 9.15
C ILE C 164 48.05 -10.14 10.58
N GLN C 165 49.12 -10.35 11.39
CA GLN C 165 48.96 -10.89 12.72
C GLN C 165 48.98 -9.78 13.78
N PRO C 166 48.31 -9.99 14.91
CA PRO C 166 48.34 -8.97 15.97
C PRO C 166 49.72 -8.83 16.59
N PHE C 167 50.00 -7.63 17.08
CA PHE C 167 51.18 -7.35 17.90
C PHE C 167 50.83 -7.14 19.36
N TRP C 168 49.71 -6.49 19.64
CA TRP C 168 49.22 -6.32 21.00
C TRP C 168 48.40 -7.54 21.41
N LYS C 169 48.27 -7.74 22.72
CA LYS C 169 47.52 -8.85 23.26
C LYS C 169 46.04 -8.55 23.42
N LEU C 170 45.62 -7.30 23.20
CA LEU C 170 44.20 -6.97 23.25
C LEU C 170 43.48 -7.24 21.93
N ARG C 171 44.20 -7.69 20.91
CA ARG C 171 43.63 -8.06 19.62
C ARG C 171 43.76 -9.56 19.42
N SER C 172 42.73 -10.18 18.85
CA SER C 172 42.69 -11.60 18.65
C SER C 172 42.35 -11.92 17.20
N ASN C 173 42.71 -13.12 16.76
CA ASN C 173 42.43 -13.54 15.40
C ASN C 173 40.92 -13.50 15.14
N GLY C 174 40.55 -13.05 13.94
CA GLY C 174 39.17 -12.88 13.57
C GLY C 174 38.61 -11.50 13.88
N ASP C 175 39.36 -10.66 14.58
CA ASP C 175 38.92 -9.31 14.89
C ASP C 175 39.32 -8.34 13.77
N ASN C 176 38.48 -7.36 13.55
CA ASN C 176 38.74 -6.37 12.50
C ASN C 176 39.96 -5.53 12.84
N VAL C 177 40.75 -5.20 11.82
CA VAL C 177 41.94 -4.38 12.00
C VAL C 177 41.52 -2.91 12.06
N VAL C 178 41.98 -2.21 13.10
CA VAL C 178 41.64 -0.81 13.32
C VAL C 178 42.82 0.05 12.88
N VAL C 179 42.52 1.13 12.15
CA VAL C 179 43.55 2.04 11.69
C VAL C 179 44.36 2.53 12.88
N GLY C 180 45.66 2.72 12.66
CA GLY C 180 46.56 3.16 13.69
C GLY C 180 47.16 2.05 14.53
N ASP C 181 46.75 0.80 14.31
CA ASP C 181 47.25 -0.31 15.10
C ASP C 181 48.64 -0.72 14.63
N LYS C 182 49.39 -1.32 15.56
CA LYS C 182 50.67 -1.95 15.25
C LYS C 182 50.45 -3.43 15.02
N VAL C 183 50.93 -3.94 13.89
CA VAL C 183 50.69 -5.30 13.44
C VAL C 183 52.02 -5.93 13.06
N ILE C 184 51.95 -7.22 12.72
CA ILE C 184 53.09 -7.99 12.24
C ILE C 184 52.72 -8.55 10.87
N LEU C 185 53.62 -8.38 9.90
CA LEU C 185 53.42 -8.89 8.54
C LEU C 185 54.27 -10.13 8.37
N ASN C 186 53.65 -11.30 8.50
CA ASN C 186 54.37 -12.56 8.48
C ASN C 186 54.20 -13.24 7.13
N PRO C 187 55.24 -13.42 6.32
CA PRO C 187 55.06 -14.09 5.03
C PRO C 187 54.52 -15.50 5.21
N VAL C 188 53.63 -15.90 4.31
CA VAL C 188 53.02 -17.22 4.40
C VAL C 188 54.06 -18.32 4.19
N ASN C 189 54.91 -18.16 3.19
CA ASN C 189 55.88 -19.20 2.85
C ASN C 189 57.14 -19.11 3.70
N ALA C 190 57.77 -17.93 3.76
CA ALA C 190 58.98 -17.79 4.56
C ALA C 190 58.69 -18.05 6.04
N GLY C 191 57.58 -17.53 6.54
CA GLY C 191 57.18 -17.78 7.91
C GLY C 191 57.94 -16.99 8.96
N GLN C 192 58.66 -15.94 8.57
CA GLN C 192 59.44 -15.14 9.50
C GLN C 192 59.09 -13.67 9.32
N PRO C 193 58.70 -12.97 10.38
CA PRO C 193 58.18 -11.61 10.21
C PRO C 193 59.21 -10.66 9.58
N LEU C 194 58.70 -9.67 8.86
CA LEU C 194 59.56 -8.63 8.31
C LEU C 194 60.31 -7.91 9.42
N HIS C 195 61.58 -7.61 9.16
CA HIS C 195 62.46 -6.99 10.13
C HIS C 195 63.16 -5.79 9.50
N ALA C 196 63.14 -4.66 10.19
CA ALA C 196 63.86 -3.46 9.76
C ALA C 196 65.24 -3.52 10.39
N SER C 197 66.19 -4.09 9.66
CA SER C 197 67.52 -4.32 10.20
C SER C 197 68.25 -2.99 10.38
N ASN C 198 69.27 -3.01 11.24
CA ASN C 198 70.08 -1.84 11.51
C ASN C 198 71.23 -1.68 10.52
N TYR C 199 71.42 -2.63 9.61
CA TYR C 199 72.47 -2.53 8.61
C TYR C 199 72.21 -1.35 7.68
N GLU C 200 73.26 -0.63 7.33
CA GLU C 200 73.18 0.54 6.48
C GLU C 200 73.77 0.23 5.10
N LEU C 201 73.03 0.58 4.05
CA LEU C 201 73.50 0.33 2.69
C LEU C 201 74.68 1.22 2.37
N SER C 202 75.71 0.64 1.74
CA SER C 202 76.88 1.43 1.36
C SER C 202 76.52 2.47 0.31
N ASP C 203 75.71 2.09 -0.67
CA ASP C 203 75.38 3.00 -1.77
C ASP C 203 74.65 4.23 -1.25
N ASN C 204 73.68 4.04 -0.38
CA ASN C 204 72.86 5.12 0.17
C ASN C 204 73.07 5.23 1.66
N ALA C 205 73.44 6.42 2.12
CA ALA C 205 73.67 6.66 3.54
C ALA C 205 72.38 7.03 4.24
N GLY C 206 72.26 6.60 5.50
CA GLY C 206 71.09 6.90 6.29
C GLY C 206 69.90 6.01 6.03
N CYS C 207 70.04 4.99 5.19
CA CYS C 207 68.97 4.07 4.86
C CYS C 207 69.27 2.70 5.47
N LYS C 208 68.22 2.03 5.95
CA LYS C 208 68.34 0.74 6.61
C LYS C 208 67.57 -0.31 5.82
N GLU C 209 68.09 -1.53 5.82
CA GLU C 209 67.52 -2.59 5.01
C GLU C 209 66.30 -3.20 5.68
N VAL C 210 65.43 -3.78 4.85
CA VAL C 210 64.26 -4.54 5.30
C VAL C 210 64.43 -5.97 4.81
N ASN C 211 64.35 -6.93 5.74
CA ASN C 211 64.55 -8.33 5.41
C ASN C 211 63.49 -9.19 6.08
N SER C 212 63.64 -10.51 6.02
CA SER C 212 62.72 -11.45 6.66
C SER C 212 63.48 -12.31 7.64
N VAL C 213 63.27 -12.07 8.93
CA VAL C 213 63.92 -12.84 9.98
C VAL C 213 63.17 -12.59 11.29
N ASN C 214 63.21 -13.57 12.19
CA ASN C 214 62.51 -13.43 13.46
C ASN C 214 63.04 -12.21 14.23
N CYS C 215 62.12 -11.42 14.75
CA CYS C 215 62.46 -10.21 15.50
C CYS C 215 61.23 -9.80 16.31
N ASN C 216 61.29 -8.59 16.87
CA ASN C 216 60.17 -8.01 17.62
C ASN C 216 59.65 -6.76 16.93
N THR C 217 59.93 -6.62 15.63
CA THR C 217 59.52 -5.42 14.90
C THR C 217 58.01 -5.37 14.75
N SER C 218 57.45 -4.17 14.83
CA SER C 218 56.04 -3.93 14.62
C SER C 218 55.86 -2.83 13.58
N TRP C 219 54.75 -2.90 12.85
CA TRP C 219 54.44 -1.93 11.81
C TRP C 219 53.13 -1.24 12.16
N LYS C 220 53.19 0.06 12.41
CA LYS C 220 51.99 0.85 12.63
C LYS C 220 51.36 1.22 11.29
N ILE C 221 50.06 1.01 11.18
CA ILE C 221 49.33 1.24 9.93
C ILE C 221 48.71 2.63 10.04
N ASN C 222 49.13 3.53 9.15
CA ASN C 222 48.59 4.87 9.09
C ASN C 222 47.74 5.03 7.83
N LEU C 223 46.51 5.49 7.99
CA LEU C 223 45.58 5.64 6.87
C LEU C 223 45.88 6.93 6.12
N PHE C 224 45.99 6.82 4.79
CA PHE C 224 46.19 7.95 3.91
C PHE C 224 44.96 8.29 3.08
N MET C 225 44.31 7.27 2.52
CA MET C 225 43.10 7.46 1.73
C MET C 225 42.28 6.19 1.78
N GLN C 226 40.98 6.31 1.53
CA GLN C 226 40.07 5.18 1.60
C GLN C 226 39.62 4.77 0.20
N PHE C 227 39.06 3.55 0.11
CA PHE C 227 38.61 3.04 -1.17
C PHE C 227 37.50 3.90 -1.75
N ARG C 228 36.56 4.35 -0.90
CA ARG C 228 35.48 5.20 -1.38
C ARG C 228 35.98 6.55 -1.86
N ASP C 229 37.09 7.04 -1.32
CA ASP C 229 37.72 8.27 -1.79
C ASP C 229 38.69 8.04 -2.92
N HIS C 230 38.97 6.77 -3.27
CA HIS C 230 39.89 6.45 -4.35
C HIS C 230 39.23 6.56 -5.73
N LEU C 231 38.12 7.28 -5.83
CA LEU C 231 37.46 7.46 -7.11
C LEU C 231 38.36 8.21 -8.09
N GLU C 232 38.33 7.78 -9.35
CA GLU C 232 39.13 8.40 -10.39
C GLU C 232 38.48 9.64 -11.00
N GLU C 233 37.23 9.93 -10.64
CA GLU C 233 36.49 11.04 -11.20
C GLU C 233 36.53 12.28 -10.31
N VAL C 234 37.34 12.26 -9.25
CA VAL C 234 37.42 13.37 -8.31
C VAL C 234 38.89 13.71 -8.07
N LEU C 235 39.11 14.91 -7.56
CA LEU C 235 40.46 15.38 -7.25
C LEU C 235 40.91 14.78 -5.92
N LYS C 236 42.05 14.10 -5.92
CA LYS C 236 42.56 13.42 -4.75
C LYS C 236 43.95 13.95 -4.40
N GLY C 237 44.30 13.80 -3.12
CA GLY C 237 45.62 14.21 -2.68
C GLY C 237 46.69 13.36 -3.32
N GLY C 238 47.83 13.99 -3.64
CA GLY C 238 48.92 13.32 -4.28
C GLY C 238 48.80 13.19 -5.78
N ASP C 239 47.70 13.66 -6.37
CA ASP C 239 47.53 13.60 -7.81
C ASP C 239 48.43 14.62 -8.50
N VAL C 240 48.91 14.26 -9.69
CA VAL C 240 49.78 15.12 -10.48
C VAL C 240 48.94 15.69 -11.62
N VAL C 241 48.85 17.03 -11.68
CA VAL C 241 48.00 17.72 -12.64
C VAL C 241 48.74 18.93 -13.18
N ARG C 242 48.20 19.48 -14.26
CA ARG C 242 48.70 20.69 -14.88
C ARG C 242 47.67 21.80 -14.73
N LEU C 243 48.15 23.01 -14.44
CA LEU C 243 47.29 24.18 -14.26
C LEU C 243 47.36 25.03 -15.53
N PHE C 244 46.29 24.99 -16.33
CA PHE C 244 46.24 25.67 -17.61
C PHE C 244 45.35 26.90 -17.50
N HIS C 245 45.96 28.07 -17.62
CA HIS C 245 45.23 29.33 -17.66
C HIS C 245 44.63 29.48 -19.05
N ALA C 246 43.30 29.49 -19.12
CA ALA C 246 42.63 29.46 -20.42
C ALA C 246 42.71 30.81 -21.12
N GLU C 247 42.52 31.90 -20.39
CA GLU C 247 42.50 33.21 -21.01
C GLU C 247 43.81 33.50 -21.72
N GLN C 248 44.93 33.24 -21.04
CA GLN C 248 46.24 33.33 -21.70
C GLN C 248 46.53 32.10 -22.55
N GLU C 249 45.82 31.00 -22.33
CA GLU C 249 46.07 29.74 -23.02
C GLU C 249 47.51 29.27 -22.79
N LYS C 250 47.88 29.20 -21.51
CA LYS C 250 49.26 28.88 -21.14
C LYS C 250 49.28 28.03 -19.88
N PHE C 251 50.30 27.19 -19.77
CA PHE C 251 50.46 26.33 -18.61
C PHE C 251 51.31 27.02 -17.54
N LEU C 252 51.05 26.69 -16.28
CA LEU C 252 51.82 27.24 -15.17
C LEU C 252 53.11 26.43 -15.00
N THR C 253 54.24 27.11 -15.06
CA THR C 253 55.54 26.46 -14.99
C THR C 253 56.40 27.13 -13.92
N CYS C 254 57.37 26.37 -13.41
CA CYS C 254 58.36 26.87 -12.46
C CYS C 254 59.73 26.44 -12.92
N ASP C 255 60.57 27.42 -13.28
CA ASP C 255 61.88 27.14 -13.86
C ASP C 255 62.91 28.06 -13.24
N GLU C 256 64.17 27.63 -13.32
CA GLU C 256 65.30 28.40 -12.83
C GLU C 256 65.79 29.31 -13.95
N TYR C 257 65.67 30.62 -13.76
CA TYR C 257 66.08 31.58 -14.78
C TYR C 257 67.52 32.03 -14.57
N LYS C 258 67.79 32.68 -13.43
CA LYS C 258 69.16 33.06 -13.04
C LYS C 258 69.39 32.61 -11.60
N GLY C 259 69.84 31.36 -11.43
CA GLY C 259 70.22 30.87 -10.13
C GLY C 259 69.11 30.95 -9.10
N LYS C 260 67.86 30.93 -9.54
CA LYS C 260 66.73 31.04 -8.63
C LYS C 260 65.47 30.52 -9.32
N LEU C 261 64.62 29.85 -8.55
CA LEU C 261 63.39 29.30 -9.08
C LEU C 261 62.31 30.37 -9.16
N GLN C 262 61.67 30.48 -10.32
CA GLN C 262 60.61 31.46 -10.54
C GLN C 262 59.44 30.78 -11.24
N VAL C 263 58.22 31.16 -10.84
CA VAL C 263 56.99 30.65 -11.41
C VAL C 263 56.47 31.65 -12.42
N PHE C 264 55.82 31.15 -13.46
CA PHE C 264 55.37 31.99 -14.56
C PHE C 264 54.44 31.17 -15.47
N LEU C 265 54.01 31.81 -16.55
CA LEU C 265 53.26 31.15 -17.61
C LEU C 265 54.13 31.14 -18.87
N ARG C 266 54.31 29.97 -19.45
CA ARG C 266 55.22 29.81 -20.59
C ARG C 266 54.45 30.04 -21.89
N THR C 267 55.02 30.87 -22.76
CA THR C 267 54.43 31.15 -24.06
C THR C 267 54.93 30.14 -25.07
N THR C 268 54.02 29.59 -25.86
CA THR C 268 54.33 28.57 -26.85
C THR C 268 53.88 29.05 -28.23
N LEU C 269 54.72 28.79 -29.23
CA LEU C 269 54.41 29.12 -30.61
C LEU C 269 53.59 28.05 -31.31
N ARG C 270 53.33 26.93 -30.63
CA ARG C 270 52.55 25.85 -31.23
C ARG C 270 51.12 26.32 -31.52
N GLN C 271 50.56 25.79 -32.61
CA GLN C 271 49.18 26.13 -32.96
C GLN C 271 48.22 25.67 -31.88
N SER C 272 48.42 24.46 -31.36
CA SER C 272 47.59 23.92 -30.28
C SER C 272 48.26 24.26 -28.96
N ALA C 273 47.71 25.24 -28.24
CA ALA C 273 48.29 25.68 -26.98
C ALA C 273 48.21 24.60 -25.90
N THR C 274 47.27 23.66 -26.01
CA THR C 274 47.13 22.62 -25.01
C THR C 274 48.13 21.48 -25.20
N SER C 275 48.85 21.45 -26.31
CA SER C 275 49.84 20.40 -26.57
C SER C 275 51.24 20.79 -26.12
N ALA C 276 51.41 21.98 -25.54
CA ALA C 276 52.72 22.43 -25.07
C ALA C 276 52.97 21.91 -23.65
N THR C 277 52.99 20.59 -23.54
CA THR C 277 53.19 19.94 -22.24
C THR C 277 54.67 19.83 -21.93
N SER C 278 55.03 20.17 -20.69
CA SER C 278 56.40 20.11 -20.21
C SER C 278 56.44 19.46 -18.83
N SER C 279 57.57 18.84 -18.51
CA SER C 279 57.73 18.18 -17.23
C SER C 279 57.78 19.17 -16.06
N ASN C 280 58.15 20.42 -16.32
CA ASN C 280 58.21 21.43 -15.27
C ASN C 280 56.85 22.03 -14.95
N ALA C 281 55.81 21.68 -15.70
CA ALA C 281 54.46 22.17 -15.46
C ALA C 281 53.64 21.21 -14.59
N LEU C 282 54.23 20.14 -14.11
CA LEU C 282 53.53 19.16 -13.29
C LEU C 282 53.53 19.60 -11.84
N TRP C 283 52.35 19.63 -11.23
CA TRP C 283 52.17 20.04 -9.85
C TRP C 283 51.44 18.94 -9.09
N GLU C 284 51.83 18.75 -7.83
CA GLU C 284 51.21 17.76 -6.95
C GLU C 284 50.25 18.46 -6.02
N VAL C 285 49.03 17.93 -5.91
CA VAL C 285 47.98 18.51 -5.08
C VAL C 285 48.00 17.80 -3.72
N GLU C 286 48.11 18.59 -2.65
CA GLU C 286 48.12 18.07 -1.30
C GLU C 286 46.97 18.70 -0.53
N VAL C 287 46.13 17.87 0.07
CA VAL C 287 45.02 18.34 0.90
C VAL C 287 45.49 18.41 2.34
N VAL C 288 45.23 19.53 2.99
CA VAL C 288 45.70 19.79 4.34
C VAL C 288 44.66 19.28 5.33
N HIS C 289 45.08 18.37 6.22
CA HIS C 289 44.26 17.86 7.30
C HIS C 289 45.02 18.01 8.61
N HIS C 290 44.32 17.74 9.72
CA HIS C 290 44.98 17.78 11.02
C HIS C 290 46.08 16.73 11.12
N ASP C 291 45.81 15.53 10.62
CA ASP C 291 46.82 14.47 10.61
C ASP C 291 47.74 14.66 9.42
N PRO C 292 49.03 14.90 9.62
CA PRO C 292 49.92 15.13 8.46
C PRO C 292 50.08 13.92 7.56
N CYS C 293 49.75 12.72 8.03
CA CYS C 293 49.93 11.49 7.26
C CYS C 293 48.68 11.08 6.49
N ARG C 294 47.62 11.89 6.55
CA ARG C 294 46.37 11.57 5.87
C ARG C 294 46.09 12.58 4.77
N GLY C 295 45.57 12.09 3.66
CA GLY C 295 45.19 12.93 2.55
C GLY C 295 43.68 13.02 2.38
N GLY C 296 43.14 12.27 1.44
CA GLY C 296 41.71 12.22 1.23
C GLY C 296 41.27 13.06 0.04
N ALA C 297 40.05 12.79 -0.42
CA ALA C 297 39.49 13.53 -1.54
C ALA C 297 39.30 15.00 -1.18
N GLY C 298 39.53 15.87 -2.15
CA GLY C 298 39.43 17.30 -1.89
C GLY C 298 38.00 17.79 -1.83
N HIS C 299 37.82 18.91 -1.14
CA HIS C 299 36.53 19.57 -1.02
C HIS C 299 36.68 21.04 -1.40
N TRP C 300 35.59 21.61 -1.92
CA TRP C 300 35.64 23.02 -2.34
C TRP C 300 35.94 23.94 -1.17
N ASN C 301 35.57 23.54 0.05
CA ASN C 301 35.79 24.35 1.23
C ASN C 301 37.09 24.02 1.96
N GLY C 302 37.89 23.10 1.41
CA GLY C 302 39.13 22.70 2.03
C GLY C 302 40.31 23.59 1.65
N LEU C 303 41.47 23.21 2.16
CA LEU C 303 42.72 23.90 1.88
C LEU C 303 43.63 22.98 1.07
N TYR C 304 44.39 23.59 0.14
CA TYR C 304 45.23 22.83 -0.77
C TYR C 304 46.63 23.43 -0.80
N ARG C 305 47.61 22.55 -1.04
CA ARG C 305 48.99 22.95 -1.27
C ARG C 305 49.45 22.35 -2.60
N PHE C 306 50.28 23.11 -3.31
CA PHE C 306 50.80 22.69 -4.61
C PHE C 306 52.32 22.58 -4.52
N LYS C 307 52.85 21.41 -4.87
CA LYS C 307 54.28 21.15 -4.83
C LYS C 307 54.79 20.88 -6.23
N HIS C 308 55.92 21.50 -6.58
CA HIS C 308 56.54 21.28 -7.88
C HIS C 308 57.16 19.89 -7.89
N LEU C 309 56.55 18.98 -8.66
CA LEU C 309 56.99 17.58 -8.64
C LEU C 309 58.42 17.42 -9.15
N ALA C 310 58.88 18.28 -10.05
CA ALA C 310 60.21 18.17 -10.61
C ALA C 310 61.28 18.84 -9.77
N THR C 311 60.91 19.61 -8.75
CA THR C 311 61.87 20.34 -7.94
C THR C 311 61.59 20.18 -6.45
N GLY C 312 60.32 19.97 -6.09
CA GLY C 312 59.93 19.81 -4.70
C GLY C 312 59.53 21.09 -4.01
N ASN C 313 59.69 22.25 -4.65
CA ASN C 313 59.30 23.50 -4.04
C ASN C 313 57.78 23.65 -3.99
N TYR C 314 57.31 24.47 -3.07
CA TYR C 314 55.90 24.71 -2.85
C TYR C 314 55.52 26.09 -3.34
N LEU C 315 54.39 26.17 -4.04
CA LEU C 315 53.90 27.45 -4.54
C LEU C 315 53.48 28.34 -3.39
N ALA C 316 53.82 29.63 -3.47
CA ALA C 316 53.51 30.59 -2.42
C ALA C 316 53.57 31.99 -3.02
N ALA C 317 53.25 32.98 -2.19
CA ALA C 317 53.23 34.38 -2.58
C ALA C 317 54.09 35.20 -1.65
N GLU C 318 54.69 36.26 -2.18
CA GLU C 318 55.54 37.15 -1.40
C GLU C 318 55.30 38.58 -1.83
N GLU C 319 55.75 39.51 -0.98
CA GLU C 319 55.55 40.93 -1.25
C GLU C 319 56.16 41.31 -2.59
N ASN C 320 55.44 42.13 -3.35
CA ASN C 320 55.93 42.61 -4.63
C ASN C 320 57.11 43.55 -4.40
N PRO C 321 58.27 43.31 -5.02
CA PRO C 321 59.40 44.23 -4.79
C PRO C 321 59.10 45.68 -5.15
N SER C 322 58.33 45.91 -6.21
CA SER C 322 58.06 47.27 -6.67
C SER C 322 56.72 47.80 -6.13
N TYR C 323 55.62 47.20 -6.57
CA TYR C 323 54.29 47.64 -6.15
C TYR C 323 54.05 49.09 -6.55
N GLU C 348 53.60 47.99 -9.38
CA GLU C 348 52.47 47.91 -10.31
C GLU C 348 51.19 47.54 -9.56
N LYS C 349 50.17 47.11 -10.32
CA LYS C 349 48.91 46.71 -9.73
C LYS C 349 49.05 45.48 -8.83
N ILE C 350 50.10 44.69 -9.02
CA ILE C 350 50.28 43.46 -8.25
C ILE C 350 50.78 43.82 -6.86
N LYS C 351 50.12 43.27 -5.83
CA LYS C 351 50.55 43.46 -4.46
C LYS C 351 51.51 42.38 -4.00
N TYR C 352 51.23 41.13 -4.35
CA TYR C 352 52.13 40.01 -4.07
C TYR C 352 52.33 39.20 -5.34
N CYS C 353 53.53 38.64 -5.49
CA CYS C 353 53.90 37.86 -6.65
C CYS C 353 54.14 36.42 -6.25
N LEU C 354 53.63 35.50 -7.07
CA LEU C 354 53.80 34.08 -6.82
C LEU C 354 55.27 33.68 -6.94
N VAL C 355 55.72 32.83 -6.03
CA VAL C 355 57.08 32.32 -6.01
C VAL C 355 57.05 30.86 -5.57
N ALA C 356 58.22 30.24 -5.54
CA ALA C 356 58.38 28.84 -5.15
C ALA C 356 59.29 28.79 -3.93
N VAL C 357 58.70 28.63 -2.75
CA VAL C 357 59.46 28.54 -1.50
C VAL C 357 59.98 27.13 -1.34
N PRO C 358 61.08 26.92 -0.60
CA PRO C 358 61.60 25.56 -0.45
C PRO C 358 60.75 24.68 0.46
N HIS C 359 60.26 25.23 1.57
CA HIS C 359 59.50 24.48 2.56
C HIS C 359 58.04 24.88 2.51
N GLY C 360 57.16 23.90 2.63
CA GLY C 360 55.73 24.13 2.58
C GLY C 360 55.04 23.96 3.91
N ASN C 361 55.78 24.11 5.01
CA ASN C 361 55.22 23.99 6.34
C ASN C 361 54.65 25.30 6.87
N ASP C 362 54.82 26.40 6.14
CA ASP C 362 54.31 27.69 6.55
C ASP C 362 52.91 27.91 5.98
N ILE C 363 52.22 28.93 6.49
CA ILE C 363 50.86 29.23 6.05
C ILE C 363 50.83 30.04 4.76
N ALA C 364 51.99 30.48 4.27
CA ALA C 364 52.05 31.27 3.04
C ALA C 364 51.83 30.44 1.79
N SER C 365 51.80 29.10 1.90
CA SER C 365 51.62 28.21 0.76
C SER C 365 50.24 27.57 0.74
N LEU C 366 49.28 28.15 1.46
CA LEU C 366 47.93 27.60 1.55
C LEU C 366 47.04 28.31 0.52
N PHE C 367 46.31 27.51 -0.26
CA PHE C 367 45.38 28.03 -1.26
C PHE C 367 44.04 27.33 -1.10
N GLU C 368 42.98 28.01 -1.55
CA GLU C 368 41.64 27.46 -1.57
C GLU C 368 41.01 27.71 -2.94
N LEU C 369 40.13 26.79 -3.32
CA LEU C 369 39.51 26.81 -4.64
C LEU C 369 38.15 27.48 -4.61
N ASP C 370 37.78 28.10 -5.72
CA ASP C 370 36.48 28.75 -5.89
C ASP C 370 35.89 28.28 -7.20
N PRO C 371 34.75 27.58 -7.18
CA PRO C 371 34.18 27.10 -8.45
C PRO C 371 33.71 28.25 -9.33
N THR C 372 33.77 28.01 -10.64
CA THR C 372 33.36 28.99 -11.63
C THR C 372 31.90 28.83 -12.04
N THR C 373 31.19 27.85 -11.50
CA THR C 373 29.81 27.59 -11.87
C THR C 373 29.07 27.09 -10.64
N LEU C 374 27.86 26.57 -10.85
CA LEU C 374 27.02 26.06 -9.78
C LEU C 374 27.27 24.56 -9.65
N GLN C 375 27.94 24.16 -8.58
CA GLN C 375 28.27 22.76 -8.35
C GLN C 375 27.21 22.10 -7.47
N LYS C 376 27.28 20.77 -7.40
CA LYS C 376 26.34 19.98 -6.61
C LYS C 376 26.78 19.98 -5.15
N THR C 377 26.68 21.16 -4.53
CA THR C 377 27.08 21.35 -3.14
C THR C 377 28.58 21.12 -2.97
N ASP C 378 29.11 21.47 -1.81
CA ASP C 378 30.55 21.31 -1.52
C ASP C 378 30.85 19.87 -1.10
N SER C 379 30.59 18.95 -2.04
CA SER C 379 30.81 17.53 -1.80
C SER C 379 32.18 17.08 -2.28
N PHE C 380 32.46 17.25 -3.58
CA PHE C 380 33.71 16.80 -4.16
C PHE C 380 34.13 17.78 -5.26
N VAL C 381 35.39 17.69 -5.64
CA VAL C 381 35.95 18.53 -6.70
C VAL C 381 36.22 17.65 -7.92
N PRO C 382 35.35 17.68 -8.93
CA PRO C 382 35.59 16.84 -10.11
C PRO C 382 36.87 17.24 -10.82
N ARG C 383 37.56 16.24 -11.39
CA ARG C 383 38.74 16.52 -12.18
C ARG C 383 38.35 17.18 -13.50
N ASN C 384 39.30 17.91 -14.08
CA ASN C 384 39.08 18.63 -15.33
C ASN C 384 37.96 19.66 -15.16
N SER C 385 38.06 20.45 -14.10
CA SER C 385 37.10 21.49 -13.79
C SER C 385 37.83 22.80 -13.56
N TYR C 386 37.30 23.88 -14.13
CA TYR C 386 37.89 25.19 -13.95
C TYR C 386 37.73 25.65 -12.50
N VAL C 387 38.80 26.25 -11.97
CA VAL C 387 38.82 26.73 -10.59
C VAL C 387 39.57 28.06 -10.53
N ARG C 388 39.32 28.80 -9.45
CA ARG C 388 40.04 30.03 -9.15
C ARG C 388 40.78 29.86 -7.83
N LEU C 389 42.01 30.35 -7.79
CA LEU C 389 42.89 30.17 -6.64
C LEU C 389 42.94 31.45 -5.81
N ARG C 390 42.79 31.31 -4.49
CA ARG C 390 42.86 32.41 -3.56
C ARG C 390 43.92 32.12 -2.50
N HIS C 391 44.67 33.16 -2.12
CA HIS C 391 45.69 33.05 -1.09
C HIS C 391 45.04 33.32 0.26
N LEU C 392 44.97 32.30 1.10
CA LEU C 392 44.25 32.42 2.36
C LEU C 392 44.90 33.44 3.29
N CYS C 393 46.23 33.45 3.36
CA CYS C 393 46.91 34.33 4.31
C CYS C 393 46.61 35.80 4.03
N THR C 394 46.65 36.20 2.76
CA THR C 394 46.42 37.59 2.38
C THR C 394 45.03 37.83 1.83
N ASN C 395 44.23 36.78 1.61
CA ASN C 395 42.88 36.92 1.07
C ASN C 395 42.91 37.68 -0.26
N THR C 396 43.63 37.13 -1.22
CA THR C 396 43.80 37.72 -2.53
C THR C 396 43.59 36.66 -3.60
N TRP C 397 43.20 37.10 -4.80
CA TRP C 397 42.92 36.23 -5.92
C TRP C 397 44.03 36.35 -6.95
N ILE C 398 44.41 35.21 -7.53
CA ILE C 398 45.51 35.15 -8.48
C ILE C 398 45.04 35.61 -9.85
N GLN C 399 45.96 36.20 -10.62
CA GLN C 399 45.68 36.62 -11.98
C GLN C 399 46.99 36.70 -12.74
N SER C 400 46.88 36.76 -14.06
CA SER C 400 48.03 36.78 -14.95
C SER C 400 48.30 38.20 -15.44
N THR C 401 49.54 38.42 -15.85
CA THR C 401 49.98 39.71 -16.36
C THR C 401 50.90 39.50 -17.55
N ASN C 402 51.03 40.55 -18.36
CA ASN C 402 51.85 40.50 -19.57
C ASN C 402 53.29 40.93 -19.33
N VAL C 403 53.66 41.22 -18.08
CA VAL C 403 55.02 41.66 -17.77
C VAL C 403 55.96 40.47 -17.94
N PRO C 404 56.96 40.54 -18.83
CA PRO C 404 57.89 39.42 -18.97
C PRO C 404 58.95 39.43 -17.86
N ILE C 405 59.12 38.30 -17.20
CA ILE C 405 60.17 38.17 -16.19
C ILE C 405 61.54 38.28 -16.85
N ASP C 406 61.73 37.57 -17.97
CA ASP C 406 63.00 37.58 -18.69
C ASP C 406 62.96 38.66 -19.77
N ILE C 407 62.77 39.90 -19.31
CA ILE C 407 62.67 41.02 -20.25
C ILE C 407 63.99 41.26 -20.96
N GLU C 408 65.11 41.00 -20.31
CA GLU C 408 66.43 41.26 -20.90
C GLU C 408 66.92 40.08 -21.71
N GLU C 409 66.08 39.60 -22.63
CA GLU C 409 66.43 38.51 -23.53
C GLU C 409 65.53 38.58 -24.75
N GLU C 410 65.97 37.94 -25.83
CA GLU C 410 65.17 37.84 -27.03
C GLU C 410 64.10 36.77 -26.85
N ARG C 411 62.92 37.01 -27.42
CA ARG C 411 61.81 36.07 -27.35
C ARG C 411 61.44 35.78 -25.89
N PRO C 412 60.92 36.76 -25.15
CA PRO C 412 60.44 36.46 -23.79
C PRO C 412 59.35 35.40 -23.82
N ILE C 413 59.40 34.50 -22.83
CA ILE C 413 58.44 33.40 -22.76
C ILE C 413 57.87 33.28 -21.36
N ARG C 414 58.47 33.95 -20.39
CA ARG C 414 58.07 33.84 -18.99
C ARG C 414 57.22 35.06 -18.63
N LEU C 415 56.01 34.80 -18.13
CA LEU C 415 55.07 35.85 -17.76
C LEU C 415 54.77 35.77 -16.26
N MET C 416 54.86 36.91 -15.59
CA MET C 416 54.64 36.97 -14.15
C MET C 416 53.16 36.91 -13.82
N LEU C 417 52.83 36.23 -12.72
CA LEU C 417 51.50 36.24 -12.15
C LEU C 417 51.51 37.06 -10.87
N GLY C 418 50.32 37.44 -10.41
CA GLY C 418 50.23 38.27 -9.22
C GLY C 418 48.87 38.13 -8.57
N THR C 419 48.83 38.35 -7.26
CA THR C 419 47.60 38.30 -6.49
C THR C 419 47.11 39.71 -6.20
N CYS C 420 45.80 39.92 -6.38
CA CYS C 420 45.18 41.21 -6.14
C CYS C 420 44.00 41.04 -5.19
N PRO C 421 43.68 42.08 -4.40
CA PRO C 421 42.55 41.97 -3.48
C PRO C 421 41.21 41.84 -4.19
N THR C 422 41.12 42.25 -5.45
CA THR C 422 39.86 42.22 -6.18
C THR C 422 39.78 40.95 -7.02
N LYS C 423 38.62 40.30 -6.99
CA LYS C 423 38.44 39.07 -7.73
C LYS C 423 38.15 39.34 -9.20
N GLU C 424 38.71 38.51 -10.07
CA GLU C 424 38.46 38.54 -11.50
C GLU C 424 37.84 37.21 -11.93
N ASP C 425 36.72 37.28 -12.63
CA ASP C 425 36.01 36.05 -13.01
C ASP C 425 36.71 35.32 -14.14
N LYS C 426 37.35 36.04 -15.06
CA LYS C 426 37.99 35.40 -16.20
C LYS C 426 39.29 34.69 -15.82
N GLU C 427 39.87 35.02 -14.66
CA GLU C 427 41.12 34.41 -14.23
C GLU C 427 40.80 33.05 -13.61
N ALA C 428 40.78 32.02 -14.45
CA ALA C 428 40.47 30.66 -14.02
C ALA C 428 41.52 29.71 -14.58
N PHE C 429 41.77 28.63 -13.82
CA PHE C 429 42.72 27.60 -14.19
C PHE C 429 42.01 26.28 -14.36
N ALA C 430 42.29 25.59 -15.46
CA ALA C 430 41.79 24.25 -15.69
C ALA C 430 42.82 23.23 -15.20
N ILE C 431 42.33 22.12 -14.67
CA ILE C 431 43.18 21.06 -14.12
C ILE C 431 43.21 19.94 -15.15
N VAL C 432 44.38 19.73 -15.74
CA VAL C 432 44.56 18.72 -16.78
C VAL C 432 45.29 17.52 -16.18
N SER C 433 44.78 16.32 -16.45
CA SER C 433 45.37 15.11 -15.91
C SER C 433 46.72 14.83 -16.57
N VAL C 434 47.53 14.03 -15.89
CA VAL C 434 48.88 13.72 -16.35
C VAL C 434 49.07 12.20 -16.33
N PRO C 435 49.58 11.59 -17.40
CA PRO C 435 49.70 10.13 -17.42
C PRO C 435 50.74 9.61 -16.44
N VAL C 436 50.47 8.40 -15.93
CA VAL C 436 51.41 7.74 -15.02
C VAL C 436 52.74 7.49 -15.72
N SER C 437 52.71 7.26 -17.03
CA SER C 437 53.96 7.09 -17.78
C SER C 437 54.82 8.34 -17.66
N GLU C 438 54.23 9.51 -17.87
CA GLU C 438 54.98 10.76 -17.74
C GLU C 438 55.43 10.97 -16.30
N ILE C 439 54.59 10.62 -15.33
CA ILE C 439 54.98 10.78 -13.93
C ILE C 439 56.22 9.95 -13.62
N ARG C 440 56.19 8.68 -14.02
CA ARG C 440 57.34 7.80 -13.75
C ARG C 440 58.57 8.27 -14.49
N ASP C 441 58.41 8.72 -15.74
CA ASP C 441 59.54 9.23 -16.50
C ASP C 441 60.16 10.43 -15.81
N LEU C 442 59.33 11.34 -15.30
CA LEU C 442 59.85 12.50 -14.59
C LEU C 442 60.59 12.09 -13.33
N ASP C 443 60.03 11.13 -12.58
CA ASP C 443 60.71 10.68 -11.36
C ASP C 443 62.08 10.09 -11.69
N PHE C 444 62.13 9.23 -12.71
CA PHE C 444 63.40 8.62 -13.11
C PHE C 444 64.39 9.69 -13.55
N ALA C 445 63.92 10.66 -14.34
CA ALA C 445 64.81 11.70 -14.83
C ALA C 445 65.36 12.53 -13.68
N ASN C 446 64.52 12.86 -12.70
CA ASN C 446 64.99 13.64 -11.55
C ASN C 446 66.03 12.87 -10.76
N ASP C 447 65.78 11.58 -10.51
CA ASP C 447 66.76 10.78 -9.78
C ASP C 447 68.08 10.70 -10.54
N ALA C 448 68.01 10.47 -11.84
CA ALA C 448 69.23 10.37 -12.64
C ALA C 448 69.98 11.70 -12.64
N SER C 449 69.25 12.82 -12.75
CA SER C 449 69.90 14.12 -12.74
C SER C 449 70.60 14.37 -11.42
N SER C 450 69.95 14.03 -10.31
CA SER C 450 70.59 14.22 -9.01
C SER C 450 71.85 13.38 -8.90
N MET C 451 71.78 12.12 -9.30
CA MET C 451 72.96 11.25 -9.21
C MET C 451 74.08 11.74 -10.10
N LEU C 452 73.76 12.19 -11.32
CA LEU C 452 74.78 12.70 -12.22
C LEU C 452 75.39 13.98 -11.69
N ALA C 453 74.58 14.84 -11.05
CA ALA C 453 75.13 16.05 -10.44
C ALA C 453 76.09 15.70 -9.33
N SER C 454 75.75 14.72 -8.50
CA SER C 454 76.67 14.30 -7.44
C SER C 454 77.96 13.75 -8.04
N ALA C 455 77.85 12.92 -9.09
CA ALA C 455 79.05 12.38 -9.72
C ALA C 455 79.92 13.48 -10.32
N VAL C 456 79.29 14.47 -10.94
CA VAL C 456 80.05 15.59 -11.51
C VAL C 456 80.74 16.37 -10.41
N GLU C 457 80.05 16.58 -9.29
CA GLU C 457 80.68 17.28 -8.18
C GLU C 457 81.89 16.52 -7.66
N LYS C 458 81.78 15.20 -7.52
CA LYS C 458 82.92 14.41 -7.08
C LYS C 458 84.06 14.48 -8.09
N LEU C 459 83.74 14.38 -9.38
CA LEU C 459 84.79 14.43 -10.40
C LEU C 459 85.49 15.78 -10.41
N ASN C 460 84.73 16.87 -10.25
CA ASN C 460 85.33 18.19 -10.16
C ASN C 460 86.20 18.33 -8.92
N GLU C 461 85.76 17.74 -7.80
CA GLU C 461 86.61 17.71 -6.62
C GLU C 461 87.92 17.00 -6.91
N GLY C 462 87.87 15.88 -7.63
CA GLY C 462 89.07 15.26 -8.13
C GLY C 462 89.18 13.77 -7.86
N PHE C 463 88.58 13.29 -6.77
CA PHE C 463 88.71 11.90 -6.37
C PHE C 463 87.36 11.21 -6.46
N ILE C 464 87.34 10.08 -7.17
CA ILE C 464 86.14 9.25 -7.32
C ILE C 464 86.52 7.82 -6.97
N SER C 465 85.72 7.20 -6.11
CA SER C 465 85.99 5.83 -5.71
C SER C 465 85.58 4.84 -6.79
N GLN C 466 86.09 3.62 -6.68
CA GLN C 466 85.73 2.57 -7.63
C GLN C 466 84.23 2.29 -7.59
N ASN C 467 83.66 2.21 -6.39
CA ASN C 467 82.23 1.97 -6.27
C ASN C 467 81.42 3.10 -6.90
N ASP C 468 81.83 4.35 -6.65
CA ASP C 468 81.13 5.48 -7.25
C ASP C 468 81.22 5.45 -8.78
N ARG C 469 82.40 5.11 -9.31
CA ARG C 469 82.56 5.02 -10.76
C ARG C 469 81.68 3.94 -11.34
N ARG C 470 81.62 2.77 -10.68
CA ARG C 470 80.76 1.70 -11.16
C ARG C 470 79.29 2.10 -11.11
N PHE C 471 78.88 2.80 -10.05
CA PHE C 471 77.50 3.27 -9.97
C PHE C 471 77.19 4.27 -11.08
N VAL C 472 78.14 5.16 -11.38
CA VAL C 472 77.94 6.12 -12.47
C VAL C 472 77.80 5.39 -13.80
N ILE C 473 78.64 4.37 -14.03
CA ILE C 473 78.55 3.62 -15.27
C ILE C 473 77.20 2.92 -15.38
N GLN C 474 76.74 2.31 -14.29
CA GLN C 474 75.44 1.64 -14.30
C GLN C 474 74.32 2.64 -14.57
N LEU C 475 74.40 3.83 -13.95
CA LEU C 475 73.40 4.86 -14.20
C LEU C 475 73.39 5.30 -15.64
N LEU C 476 74.58 5.45 -16.24
CA LEU C 476 74.64 5.83 -17.65
C LEU C 476 74.04 4.74 -18.54
N GLU C 477 74.30 3.47 -18.24
CA GLU C 477 73.69 2.40 -19.00
C GLU C 477 72.17 2.43 -18.87
N ASP C 478 71.67 2.66 -17.65
CA ASP C 478 70.24 2.74 -17.44
C ASP C 478 69.64 3.91 -18.22
N LEU C 479 70.33 5.05 -18.24
CA LEU C 479 69.85 6.20 -19.01
C LEU C 479 69.82 5.87 -20.50
N VAL C 480 70.85 5.18 -21.00
CA VAL C 480 70.87 4.80 -22.40
C VAL C 480 69.66 3.93 -22.73
N PHE C 481 69.40 2.93 -21.88
CA PHE C 481 68.26 2.04 -22.12
C PHE C 481 66.95 2.81 -22.06
N PHE C 482 66.82 3.71 -21.08
CA PHE C 482 65.57 4.47 -20.94
C PHE C 482 65.32 5.35 -22.16
N VAL C 483 66.36 6.05 -22.62
CA VAL C 483 66.19 6.91 -23.78
C VAL C 483 65.89 6.09 -25.03
N SER C 484 66.58 4.97 -25.22
CA SER C 484 66.33 4.13 -26.38
C SER C 484 64.93 3.53 -26.33
N ASP C 485 64.37 3.35 -25.13
CA ASP C 485 63.03 2.80 -24.96
C ASP C 485 62.94 1.37 -25.49
N VAL C 486 64.04 0.62 -25.38
CA VAL C 486 64.08 -0.77 -25.83
C VAL C 486 64.24 -1.66 -24.60
N PRO C 487 63.54 -2.80 -24.53
CA PRO C 487 63.73 -3.69 -23.38
C PRO C 487 65.17 -4.18 -23.29
N ASN C 488 65.64 -4.33 -22.05
CA ASN C 488 67.00 -4.80 -21.80
C ASN C 488 66.98 -6.33 -21.81
N ASN C 489 67.44 -6.92 -22.92
CA ASN C 489 67.47 -8.36 -23.09
C ASN C 489 68.90 -8.88 -23.23
N GLY C 490 69.85 -8.22 -22.57
CA GLY C 490 71.23 -8.63 -22.58
C GLY C 490 72.05 -8.15 -23.75
N GLN C 491 71.45 -7.42 -24.69
CA GLN C 491 72.22 -6.92 -25.82
C GLN C 491 73.19 -5.82 -25.36
N ASN C 492 74.28 -5.69 -26.11
CA ASN C 492 75.28 -4.70 -25.75
C ASN C 492 74.68 -3.30 -25.72
N VAL C 493 74.89 -2.59 -24.62
CA VAL C 493 74.35 -1.24 -24.50
C VAL C 493 75.02 -0.30 -25.49
N LEU C 494 76.31 -0.50 -25.75
CA LEU C 494 77.06 0.40 -26.62
C LEU C 494 76.61 0.34 -28.07
N ASP C 495 75.82 -0.67 -28.46
CA ASP C 495 75.33 -0.81 -29.83
C ASP C 495 73.84 -1.16 -29.76
N ILE C 496 73.00 -0.12 -29.82
CA ILE C 496 71.56 -0.28 -29.80
C ILE C 496 70.98 0.50 -30.98
N MET C 497 70.06 -0.12 -31.71
CA MET C 497 69.37 0.50 -32.82
C MET C 497 67.92 0.76 -32.41
N VAL C 498 67.46 2.00 -32.63
CA VAL C 498 66.13 2.42 -32.24
C VAL C 498 65.31 2.67 -33.51
N THR C 499 64.12 2.07 -33.57
CA THR C 499 63.27 2.23 -34.74
C THR C 499 62.42 3.50 -34.64
N LYS C 500 62.08 3.93 -33.43
CA LYS C 500 61.25 5.12 -33.25
C LYS C 500 61.68 5.87 -31.98
N PRO C 501 62.40 6.99 -32.13
CA PRO C 501 62.80 7.75 -30.93
C PRO C 501 61.59 8.24 -30.14
N ASN C 502 61.76 8.31 -28.83
CA ASN C 502 60.70 8.78 -27.93
C ASN C 502 60.87 10.28 -27.75
N ARG C 503 60.01 11.06 -28.42
CA ARG C 503 60.10 12.50 -28.34
C ARG C 503 59.86 12.99 -26.93
N GLU C 504 58.90 12.38 -26.22
CA GLU C 504 58.64 12.79 -24.85
C GLU C 504 59.86 12.59 -23.96
N ARG C 505 60.52 11.43 -24.08
CA ARG C 505 61.70 11.17 -23.26
C ARG C 505 62.86 12.07 -23.65
N GLN C 506 63.02 12.35 -24.95
CA GLN C 506 64.06 13.28 -25.37
C GLN C 506 63.83 14.67 -24.79
N LYS C 507 62.60 15.15 -24.85
CA LYS C 507 62.27 16.45 -24.29
C LYS C 507 62.50 16.47 -22.79
N LEU C 508 62.12 15.39 -22.10
CA LEU C 508 62.36 15.33 -20.66
C LEU C 508 63.85 15.38 -20.35
N MET C 509 64.65 14.63 -21.11
CA MET C 509 66.09 14.66 -20.89
C MET C 509 66.65 16.06 -21.10
N ARG C 510 66.19 16.74 -22.15
CA ARG C 510 66.68 18.09 -22.42
C ARG C 510 66.27 19.06 -21.32
N GLU C 511 65.03 18.98 -20.84
CA GLU C 511 64.51 19.99 -19.94
C GLU C 511 64.83 19.73 -18.48
N GLN C 512 65.24 18.51 -18.13
CA GLN C 512 65.61 18.21 -16.74
C GLN C 512 67.09 18.42 -16.46
N ASN C 513 67.84 18.98 -17.41
CA ASN C 513 69.27 19.24 -17.23
C ASN C 513 70.04 17.94 -17.02
N ILE C 514 69.84 17.00 -17.94
CA ILE C 514 70.61 15.75 -17.95
C ILE C 514 71.71 15.81 -19.00
N LEU C 515 71.42 16.38 -20.17
CA LEU C 515 72.47 16.59 -21.17
C LEU C 515 73.55 17.51 -20.64
N LYS C 516 73.17 18.51 -19.84
CA LYS C 516 74.17 19.37 -19.20
C LYS C 516 75.09 18.56 -18.30
N GLN C 517 74.52 17.64 -17.51
CA GLN C 517 75.34 16.80 -16.65
C GLN C 517 76.23 15.88 -17.49
N VAL C 518 75.72 15.38 -18.61
CA VAL C 518 76.55 14.54 -19.48
C VAL C 518 77.73 15.34 -20.01
N PHE C 519 77.49 16.57 -20.45
CA PHE C 519 78.58 17.41 -20.93
C PHE C 519 79.58 17.70 -19.80
N GLY C 520 79.07 17.96 -18.60
CA GLY C 520 79.96 18.18 -17.47
C GLY C 520 80.83 16.97 -17.19
N ILE C 521 80.25 15.77 -17.27
CA ILE C 521 81.02 14.56 -17.08
C ILE C 521 82.10 14.42 -18.15
N LEU C 522 81.73 14.70 -19.41
CA LEU C 522 82.70 14.61 -20.49
C LEU C 522 83.79 15.69 -20.39
N LYS C 523 83.51 16.79 -19.72
CA LYS C 523 84.43 17.93 -19.70
C LYS C 523 85.32 17.98 -18.46
N ALA C 524 84.84 17.52 -17.31
CA ALA C 524 85.57 17.69 -16.06
C ALA C 524 86.89 16.92 -16.06
N PRO C 525 86.92 15.65 -16.48
CA PRO C 525 88.19 14.91 -16.40
C PRO C 525 89.33 15.57 -17.14
N PHE C 526 89.05 16.19 -18.29
CA PHE C 526 90.10 16.84 -19.08
C PHE C 526 90.21 18.31 -18.68
N ARG C 527 90.63 18.51 -17.42
CA ARG C 527 90.77 19.85 -16.87
C ARG C 527 91.93 19.91 -15.89
N PRO C 534 94.95 16.90 -13.74
CA PRO C 534 94.11 16.17 -14.69
C PRO C 534 93.91 14.71 -14.29
N LEU C 535 92.67 14.35 -13.95
CA LEU C 535 92.38 12.97 -13.56
C LEU C 535 92.66 12.00 -14.70
N VAL C 536 92.27 12.36 -15.92
CA VAL C 536 92.51 11.55 -17.11
C VAL C 536 92.89 12.46 -18.25
N ARG C 537 93.86 12.02 -19.06
CA ARG C 537 94.32 12.75 -20.22
C ARG C 537 93.92 12.00 -21.49
N LEU C 538 93.63 12.76 -22.55
CA LEU C 538 93.23 12.15 -23.81
C LEU C 538 94.31 11.23 -24.37
N GLU C 539 95.57 11.44 -24.00
CA GLU C 539 96.67 10.62 -24.49
C GLU C 539 96.89 9.36 -23.67
N GLU C 540 96.12 9.16 -22.59
CA GLU C 540 96.28 8.00 -21.71
C GLU C 540 95.00 7.18 -21.62
N LEU C 541 94.06 7.37 -22.55
CA LEU C 541 92.80 6.64 -22.50
C LEU C 541 92.95 5.20 -22.99
N SER C 542 94.00 4.89 -23.75
CA SER C 542 94.21 3.53 -24.22
C SER C 542 94.62 2.57 -23.11
N ASP C 543 94.98 3.08 -21.94
CA ASP C 543 95.43 2.23 -20.85
C ASP C 543 94.27 1.44 -20.26
N GLN C 544 94.56 0.19 -19.89
CA GLN C 544 93.53 -0.63 -19.25
C GLN C 544 93.07 -0.02 -17.93
N LYS C 545 93.94 0.72 -17.25
CA LYS C 545 93.55 1.40 -16.02
C LYS C 545 92.46 2.42 -16.29
N ASN C 546 92.59 3.17 -17.39
CA ASN C 546 91.62 4.21 -17.75
C ASN C 546 90.53 3.68 -18.67
N ALA C 547 90.51 2.39 -18.97
CA ALA C 547 89.45 1.82 -19.80
C ALA C 547 88.06 2.13 -19.26
N PRO C 548 87.77 2.01 -17.96
CA PRO C 548 86.42 2.36 -17.49
C PRO C 548 86.03 3.79 -17.79
N TYR C 549 86.96 4.74 -17.71
CA TYR C 549 86.67 6.11 -18.10
C TYR C 549 86.31 6.19 -19.57
N GLN C 550 87.02 5.44 -20.42
CA GLN C 550 86.69 5.39 -21.83
C GLN C 550 85.27 4.86 -22.04
N HIS C 551 84.91 3.80 -21.31
CA HIS C 551 83.56 3.24 -21.41
C HIS C 551 82.52 4.26 -20.98
N MET C 552 82.81 5.00 -19.90
CA MET C 552 81.91 6.04 -19.42
C MET C 552 81.71 7.10 -20.50
N PHE C 553 82.79 7.53 -21.14
CA PHE C 553 82.71 8.52 -22.19
C PHE C 553 81.90 7.99 -23.37
N ARG C 554 82.11 6.73 -23.74
CA ARG C 554 81.35 6.12 -24.82
C ARG C 554 79.86 6.10 -24.49
N LEU C 555 79.52 5.75 -23.25
CA LEU C 555 78.12 5.75 -22.83
C LEU C 555 77.54 7.16 -22.90
N CYS C 556 78.31 8.16 -22.46
CA CYS C 556 77.84 9.54 -22.53
C CYS C 556 77.56 9.95 -23.97
N TYR C 557 78.46 9.59 -24.89
CA TYR C 557 78.26 9.94 -26.29
C TYR C 557 77.06 9.19 -26.88
N ARG C 558 76.85 7.94 -26.47
CA ARG C 558 75.67 7.21 -26.92
C ARG C 558 74.39 7.89 -26.43
N VAL C 559 74.40 8.36 -25.17
CA VAL C 559 73.25 9.10 -24.65
C VAL C 559 73.01 10.35 -25.48
N LEU C 560 74.08 11.09 -25.79
CA LEU C 560 73.95 12.29 -26.60
C LEU C 560 73.36 11.96 -27.98
N ARG C 561 73.83 10.88 -28.60
CA ARG C 561 73.30 10.50 -29.91
C ARG C 561 71.84 10.10 -29.84
N HIS C 562 71.45 9.34 -28.82
CA HIS C 562 70.07 8.90 -28.69
C HIS C 562 69.12 10.02 -28.28
N SER C 563 69.64 11.09 -27.69
CA SER C 563 68.81 12.20 -27.24
C SER C 563 68.59 13.25 -28.32
N GLN C 564 69.08 13.03 -29.55
CA GLN C 564 68.97 14.00 -30.62
C GLN C 564 68.50 13.41 -31.93
N GLU C 565 67.98 12.19 -31.94
CA GLU C 565 67.53 11.57 -33.18
C GLU C 565 66.16 12.13 -33.55
N ASP C 566 66.09 12.83 -34.68
CA ASP C 566 64.85 13.42 -35.16
C ASP C 566 64.28 14.40 -34.14
N TYR C 567 65.11 15.36 -33.73
CA TYR C 567 64.69 16.39 -32.79
C TYR C 567 65.58 17.62 -33.04
N ARG C 568 65.02 18.62 -33.72
CA ARG C 568 65.81 19.80 -34.09
C ARG C 568 66.30 20.54 -32.85
N LYS C 569 65.44 20.70 -31.85
CA LYS C 569 65.82 21.45 -30.66
C LYS C 569 66.98 20.78 -29.93
N ASN C 570 66.88 19.47 -29.74
CA ASN C 570 67.96 18.74 -29.07
C ASN C 570 69.23 18.76 -29.93
N GLN C 571 69.09 18.63 -31.24
CA GLN C 571 70.26 18.69 -32.12
C GLN C 571 70.98 20.02 -31.98
N GLU C 572 70.22 21.12 -31.96
CA GLU C 572 70.84 22.44 -31.78
C GLU C 572 71.46 22.58 -30.40
N HIS C 573 70.78 22.07 -29.37
CA HIS C 573 71.33 22.17 -28.02
C HIS C 573 72.65 21.43 -27.91
N ILE C 574 72.76 20.25 -28.54
CA ILE C 574 74.02 19.51 -28.52
C ILE C 574 75.06 20.22 -29.38
N ALA C 575 74.66 20.74 -30.53
CA ALA C 575 75.60 21.44 -31.41
C ALA C 575 76.16 22.69 -30.74
N LYS C 576 75.45 23.26 -29.78
CA LYS C 576 75.99 24.41 -29.06
C LYS C 576 77.33 24.09 -28.40
N GLN C 577 77.58 22.82 -28.09
CA GLN C 577 78.84 22.38 -27.52
C GLN C 577 79.70 21.63 -28.55
N PHE C 578 79.66 22.08 -29.81
CA PHE C 578 80.37 21.37 -30.87
C PHE C 578 81.88 21.43 -30.67
N GLY C 579 82.38 22.48 -30.04
CA GLY C 579 83.82 22.61 -29.90
C GLY C 579 84.45 21.47 -29.12
N MET C 580 83.87 21.13 -27.96
CA MET C 580 84.40 20.04 -27.17
C MET C 580 84.20 18.70 -27.88
N MET C 581 83.04 18.51 -28.51
CA MET C 581 82.79 17.27 -29.23
C MET C 581 83.78 17.07 -30.37
N GLN C 582 84.23 18.14 -31.02
CA GLN C 582 85.26 18.05 -32.04
C GLN C 582 86.65 17.91 -31.43
N SER C 583 86.91 18.59 -30.31
CA SER C 583 88.21 18.47 -29.65
C SER C 583 88.45 17.06 -29.11
N GLN C 584 87.37 16.31 -28.83
CA GLN C 584 87.47 14.94 -28.34
C GLN C 584 87.28 13.92 -29.46
N ILE C 585 87.72 14.25 -30.67
CA ILE C 585 87.57 13.36 -31.81
C ILE C 585 88.85 12.57 -32.00
N GLY C 586 88.75 11.49 -32.76
CA GLY C 586 89.91 10.64 -33.06
C GLY C 586 90.09 9.47 -32.11
N TYR C 587 90.11 9.75 -30.80
CA TYR C 587 90.26 8.69 -29.82
C TYR C 587 89.05 7.78 -29.82
N ASP C 588 89.24 6.56 -29.33
CA ASP C 588 88.20 5.53 -29.35
C ASP C 588 87.15 5.89 -28.30
N ILE C 589 86.32 6.87 -28.63
CA ILE C 589 85.23 7.31 -27.76
C ILE C 589 83.89 7.33 -28.48
N LEU C 590 83.86 7.15 -29.80
CA LEU C 590 82.63 7.24 -30.60
C LEU C 590 82.10 8.67 -30.64
N ALA C 591 83.02 9.64 -30.72
CA ALA C 591 82.64 11.04 -30.86
C ALA C 591 82.37 11.42 -32.31
N GLU C 592 83.18 10.89 -33.24
CA GLU C 592 82.93 11.14 -34.65
C GLU C 592 81.60 10.55 -35.09
N ASP C 593 81.21 9.40 -34.53
CA ASP C 593 79.91 8.82 -34.86
C ASP C 593 78.78 9.74 -34.43
N THR C 594 78.88 10.31 -33.22
CA THR C 594 77.87 11.27 -32.77
C THR C 594 77.88 12.52 -33.64
N ILE C 595 79.06 12.98 -34.03
CA ILE C 595 79.15 14.16 -34.89
C ILE C 595 78.45 13.91 -36.21
N THR C 596 78.63 12.72 -36.78
CA THR C 596 77.96 12.38 -38.03
C THR C 596 76.44 12.26 -37.83
N ALA C 597 76.03 11.57 -36.77
CA ALA C 597 74.60 11.45 -36.49
C ALA C 597 73.97 12.82 -36.31
N LEU C 598 74.75 13.79 -35.83
CA LEU C 598 74.22 15.15 -35.67
C LEU C 598 74.18 15.87 -37.00
N LEU C 599 75.32 16.06 -37.65
CA LEU C 599 75.38 16.78 -38.92
C LEU C 599 75.27 15.84 -40.12
N HIS C 600 74.29 14.92 -40.05
CA HIS C 600 73.83 14.20 -41.22
C HIS C 600 72.34 14.40 -41.52
N ASN C 601 71.54 14.79 -40.53
CA ASN C 601 70.11 15.00 -40.72
C ASN C 601 69.70 16.47 -40.73
N ASN C 602 70.50 17.36 -40.14
CA ASN C 602 70.21 18.79 -40.08
C ASN C 602 71.13 19.51 -41.05
N ARG C 603 70.56 19.99 -42.15
CA ARG C 603 71.37 20.66 -43.17
C ARG C 603 71.96 21.96 -42.63
N LYS C 604 71.18 22.72 -41.86
CA LYS C 604 71.66 23.99 -41.35
C LYS C 604 72.93 23.82 -40.53
N LEU C 605 72.91 22.92 -39.55
CA LEU C 605 74.08 22.70 -38.72
C LEU C 605 75.24 22.13 -39.53
N LEU C 606 74.95 21.27 -40.51
CA LEU C 606 76.00 20.70 -41.34
C LEU C 606 76.81 21.79 -42.02
N GLU C 607 76.14 22.70 -42.71
CA GLU C 607 76.82 23.80 -43.39
C GLU C 607 77.42 24.80 -42.41
N LYS C 608 76.79 25.01 -41.26
CA LYS C 608 77.32 25.95 -40.29
C LYS C 608 78.62 25.48 -39.68
N HIS C 609 78.76 24.17 -39.44
CA HIS C 609 79.90 23.63 -38.70
C HIS C 609 80.95 22.99 -39.59
N ILE C 610 80.57 22.08 -40.48
CA ILE C 610 81.54 21.33 -41.28
C ILE C 610 82.23 22.32 -42.21
N THR C 611 83.56 22.40 -42.10
CA THR C 611 84.34 23.31 -42.93
C THR C 611 85.70 22.69 -43.28
N LYS C 612 86.59 23.51 -43.84
CA LYS C 612 87.89 22.99 -44.28
C LYS C 612 88.68 22.43 -43.12
N THR C 613 88.61 23.07 -41.94
CA THR C 613 89.34 22.57 -40.79
C THR C 613 88.86 21.17 -40.40
N GLU C 614 87.55 20.96 -40.34
CA GLU C 614 87.02 19.65 -40.00
C GLU C 614 87.37 18.62 -41.06
N VAL C 615 87.27 19.00 -42.34
CA VAL C 615 87.59 18.06 -43.41
C VAL C 615 89.05 17.66 -43.33
N GLU C 616 89.94 18.62 -43.08
CA GLU C 616 91.36 18.32 -42.95
C GLU C 616 91.62 17.44 -41.74
N THR C 617 90.91 17.68 -40.64
CA THR C 617 91.06 16.83 -39.46
C THR C 617 90.67 15.39 -39.79
N PHE C 618 89.54 15.21 -40.48
CA PHE C 618 89.13 13.86 -40.87
C PHE C 618 90.15 13.22 -41.82
N VAL C 619 90.68 14.01 -42.76
CA VAL C 619 91.68 13.48 -43.69
C VAL C 619 92.92 13.03 -42.94
N SER C 620 93.38 13.83 -41.98
CA SER C 620 94.54 13.44 -41.18
C SER C 620 94.26 12.19 -40.36
N LEU C 621 93.06 12.09 -39.78
CA LEU C 621 92.72 10.92 -38.99
C LEU C 621 92.71 9.67 -39.84
N VAL C 622 92.12 9.74 -41.04
CA VAL C 622 92.11 8.57 -41.92
C VAL C 622 93.51 8.26 -42.41
N ARG C 623 94.35 9.28 -42.65
CA ARG C 623 95.74 9.01 -43.01
C ARG C 623 96.44 8.24 -41.89
N LYS C 624 96.19 8.65 -40.64
CA LYS C 624 96.90 8.02 -39.52
C LYS C 624 96.42 6.60 -39.28
N ASN C 625 95.11 6.37 -39.33
CA ASN C 625 94.54 5.10 -38.89
C ASN C 625 94.15 4.15 -40.02
N ARG C 626 93.58 4.65 -41.11
CA ARG C 626 93.13 3.82 -42.22
C ARG C 626 92.01 2.87 -41.79
N GLU C 627 91.07 3.41 -41.02
CA GLU C 627 89.85 2.69 -40.65
C GLU C 627 88.73 3.06 -41.62
N PRO C 628 88.05 2.09 -42.25
CA PRO C 628 87.01 2.46 -43.23
C PRO C 628 85.88 3.29 -42.63
N ARG C 629 85.71 3.25 -41.30
CA ARG C 629 84.65 4.03 -40.68
C ARG C 629 84.81 5.52 -40.94
N PHE C 630 86.05 6.01 -40.97
CA PHE C 630 86.28 7.43 -41.24
C PHE C 630 85.85 7.79 -42.66
N LEU C 631 86.17 6.95 -43.64
CA LEU C 631 85.71 7.20 -45.00
C LEU C 631 84.19 7.14 -45.07
N ASP C 632 83.58 6.20 -44.34
CA ASP C 632 82.12 6.14 -44.32
C ASP C 632 81.52 7.43 -43.76
N TYR C 633 82.10 7.95 -42.69
CA TYR C 633 81.62 9.20 -42.11
C TYR C 633 81.81 10.36 -43.09
N LEU C 634 82.94 10.39 -43.79
CA LEU C 634 83.17 11.45 -44.78
C LEU C 634 82.13 11.38 -45.89
N SER C 635 81.83 10.17 -46.37
CA SER C 635 80.81 10.03 -47.40
C SER C 635 79.43 10.46 -46.89
N ASP C 636 79.11 10.10 -45.63
CA ASP C 636 77.83 10.49 -45.06
C ASP C 636 77.72 12.00 -44.95
N LEU C 637 78.80 12.67 -44.57
CA LEU C 637 78.77 14.14 -44.44
C LEU C 637 78.46 14.83 -45.75
N CYS C 638 78.68 14.18 -46.89
CA CYS C 638 78.44 14.80 -48.18
C CYS C 638 76.96 14.91 -48.53
N VAL C 639 76.13 14.02 -48.01
CA VAL C 639 74.71 13.96 -48.35
C VAL C 639 73.89 13.99 -47.07
N SER C 640 72.83 14.79 -47.07
CA SER C 640 71.89 14.87 -45.96
C SER C 640 70.48 14.69 -46.50
N ASN C 641 69.71 13.80 -45.89
CA ASN C 641 68.34 13.51 -46.34
C ASN C 641 68.32 13.08 -47.79
N HIS C 642 69.32 12.30 -48.20
CA HIS C 642 69.43 11.77 -49.56
C HIS C 642 69.57 12.88 -50.60
N ILE C 643 69.96 14.07 -50.18
CA ILE C 643 70.15 15.20 -51.08
C ILE C 643 71.55 15.75 -50.87
N ALA C 644 72.30 15.92 -51.95
CA ALA C 644 73.67 16.39 -51.86
C ALA C 644 73.70 17.86 -51.43
N ILE C 645 74.68 18.20 -50.58
CA ILE C 645 74.91 19.55 -50.11
C ILE C 645 76.12 20.10 -50.86
N PRO C 646 75.94 21.06 -51.78
CA PRO C 646 77.07 21.47 -52.63
C PRO C 646 78.29 21.95 -51.86
N VAL C 647 78.11 22.70 -50.78
CA VAL C 647 79.25 23.29 -50.08
C VAL C 647 80.14 22.20 -49.50
N THR C 648 79.56 21.34 -48.66
CA THR C 648 80.33 20.27 -48.05
C THR C 648 80.86 19.31 -49.11
N GLN C 649 80.07 19.03 -50.15
CA GLN C 649 80.52 18.13 -51.20
C GLN C 649 81.77 18.67 -51.88
N GLU C 650 81.76 19.95 -52.24
CA GLU C 650 82.92 20.55 -52.89
C GLU C 650 84.12 20.58 -51.96
N LEU C 651 83.90 20.92 -50.69
CA LEU C 651 85.01 20.95 -49.74
C LEU C 651 85.65 19.58 -49.61
N ILE C 652 84.83 18.55 -49.41
CA ILE C 652 85.36 17.20 -49.24
C ILE C 652 86.06 16.74 -50.51
N CYS C 653 85.49 17.04 -51.68
CA CYS C 653 86.14 16.66 -52.93
C CYS C 653 87.50 17.32 -53.08
N LYS C 654 87.56 18.64 -52.87
CA LYS C 654 88.82 19.35 -53.06
C LYS C 654 89.85 18.94 -52.02
N CYS C 655 89.42 18.47 -50.86
CA CYS C 655 90.40 18.04 -49.86
C CYS C 655 90.87 16.61 -50.12
N VAL C 656 89.96 15.73 -50.55
CA VAL C 656 90.33 14.33 -50.74
C VAL C 656 91.11 14.15 -52.03
N LEU C 657 90.59 14.66 -53.15
CA LEU C 657 91.25 14.49 -54.44
C LEU C 657 92.49 15.37 -54.60
N ASP C 658 92.85 16.12 -53.56
CA ASP C 658 94.08 16.89 -53.61
C ASP C 658 95.26 15.95 -53.86
N PRO C 659 96.11 16.22 -54.85
CA PRO C 659 97.25 15.31 -55.08
C PRO C 659 98.15 15.14 -53.88
N LYS C 660 98.17 16.10 -52.96
CA LYS C 660 98.97 15.95 -51.75
C LYS C 660 98.50 14.74 -50.94
N ASN C 661 97.19 14.58 -50.81
CA ASN C 661 96.62 13.44 -50.08
C ASN C 661 96.31 12.27 -51.02
N SER C 662 97.32 11.84 -51.78
CA SER C 662 97.17 10.75 -52.74
C SER C 662 97.54 9.39 -52.17
N ASP C 663 98.04 9.32 -50.94
CA ASP C 663 98.46 8.06 -50.35
C ASP C 663 97.37 7.38 -49.54
N ILE C 664 96.20 8.00 -49.40
CA ILE C 664 95.11 7.40 -48.63
C ILE C 664 94.11 6.66 -49.51
N LEU C 665 94.14 6.86 -50.82
CA LEU C 665 93.20 6.25 -51.75
C LEU C 665 93.87 5.11 -52.51
N ILE C 666 93.18 3.98 -52.60
CA ILE C 666 93.70 2.82 -53.31
C ILE C 666 93.52 3.04 -54.81
N ARG C 667 94.62 2.95 -55.55
CA ARG C 667 94.57 3.13 -57.00
C ARG C 667 94.31 1.80 -57.69
N THR C 668 93.73 1.88 -58.88
CA THR C 668 93.39 0.71 -59.67
C THR C 668 93.92 0.87 -61.09
N GLU C 669 94.31 -0.25 -61.69
CA GLU C 669 94.84 -0.24 -63.04
C GLU C 669 94.50 -1.54 -63.75
N LEU C 670 94.62 -1.52 -65.07
CA LEU C 670 94.35 -2.69 -65.91
C LEU C 670 95.64 -3.11 -66.59
N ARG C 671 95.93 -4.41 -66.54
CA ARG C 671 97.14 -4.96 -67.12
C ARG C 671 96.81 -6.14 -68.01
N PRO C 672 97.66 -6.43 -69.02
CA PRO C 672 97.41 -7.56 -69.92
C PRO C 672 97.68 -8.91 -69.28
N GLU C 690 91.92 -8.50 -70.14
CA GLU C 690 92.85 -7.90 -69.18
C GLU C 690 92.43 -8.21 -67.75
N GLU C 691 93.26 -7.83 -66.79
CA GLU C 691 93.00 -8.05 -65.39
C GLU C 691 93.19 -6.76 -64.61
N VAL C 692 92.53 -6.67 -63.45
CA VAL C 692 92.52 -5.47 -62.63
C VAL C 692 93.46 -5.68 -61.45
N TRP C 693 94.35 -4.72 -61.22
CA TRP C 693 95.27 -4.73 -60.09
C TRP C 693 95.06 -3.49 -59.24
N LEU C 694 95.06 -3.68 -57.93
CA LEU C 694 94.90 -2.61 -56.96
C LEU C 694 96.22 -2.38 -56.25
N THR C 695 96.58 -1.10 -56.10
CA THR C 695 97.80 -0.68 -55.45
C THR C 695 97.46 0.26 -54.30
N TRP C 696 98.16 0.09 -53.17
CA TRP C 696 97.93 0.90 -52.00
C TRP C 696 99.24 1.07 -51.23
N THR C 697 99.19 1.85 -50.16
CA THR C 697 100.34 2.09 -49.30
C THR C 697 99.95 1.77 -47.86
N ASP C 698 100.79 0.98 -47.20
CA ASP C 698 100.55 0.60 -45.81
C ASP C 698 100.97 1.73 -44.88
N LYS C 699 100.62 1.60 -43.60
CA LYS C 699 100.98 2.63 -42.63
C LYS C 699 102.48 2.81 -42.54
N ASN C 700 103.26 1.79 -42.90
CA ASN C 700 104.71 1.84 -42.87
C ASN C 700 105.31 2.47 -44.13
N ASN C 701 104.51 3.19 -44.91
CA ASN C 701 104.97 3.80 -46.16
C ASN C 701 105.56 2.76 -47.11
N GLU C 702 104.92 1.59 -47.15
CA GLU C 702 105.33 0.50 -48.03
C GLU C 702 104.26 0.30 -49.10
N HIS C 703 104.70 0.24 -50.36
CA HIS C 703 103.77 0.07 -51.47
C HIS C 703 103.44 -1.39 -51.68
N HIS C 704 102.15 -1.69 -51.84
CA HIS C 704 101.69 -3.04 -52.09
C HIS C 704 100.78 -3.05 -53.31
N GLU C 705 100.90 -4.10 -54.12
CA GLU C 705 100.08 -4.28 -55.32
C GLU C 705 99.59 -5.72 -55.36
N LYS C 706 98.34 -5.89 -55.77
CA LYS C 706 97.77 -7.23 -55.81
C LYS C 706 96.56 -7.26 -56.74
N SER C 707 96.34 -8.43 -57.35
CA SER C 707 95.22 -8.59 -58.26
C SER C 707 93.90 -8.71 -57.51
N VAL C 708 92.83 -8.21 -58.12
CA VAL C 708 91.53 -8.21 -57.46
C VAL C 708 91.04 -9.64 -57.24
N ARG C 709 91.24 -10.51 -58.23
CA ARG C 709 90.79 -11.89 -58.08
C ARG C 709 91.52 -12.58 -56.93
N GLN C 710 92.84 -12.39 -56.84
CA GLN C 710 93.59 -12.98 -55.74
C GLN C 710 93.13 -12.41 -54.39
N LEU C 711 92.90 -11.10 -54.34
CA LEU C 711 92.41 -10.50 -53.10
C LEU C 711 91.08 -11.11 -52.69
N ALA C 712 90.16 -11.24 -53.63
CA ALA C 712 88.84 -11.79 -53.32
C ALA C 712 88.95 -13.25 -52.87
N GLN C 713 89.78 -14.04 -53.57
CA GLN C 713 89.92 -15.44 -53.21
C GLN C 713 90.51 -15.59 -51.81
N GLU C 714 91.53 -14.81 -51.50
CA GLU C 714 92.15 -14.90 -50.18
C GLU C 714 91.21 -14.39 -49.09
N ALA C 715 90.41 -13.35 -49.40
CA ALA C 715 89.41 -12.89 -48.44
C ALA C 715 88.38 -13.95 -48.16
N ARG C 716 87.91 -14.64 -49.20
CA ARG C 716 86.97 -15.74 -49.00
C ARG C 716 87.62 -16.86 -48.19
N ALA C 717 88.90 -17.11 -48.43
CA ALA C 717 89.62 -18.10 -47.63
C ALA C 717 89.65 -17.68 -46.16
N GLY C 718 89.83 -16.40 -45.89
CA GLY C 718 89.82 -15.90 -44.52
C GLY C 718 90.91 -14.90 -44.20
N ASN C 719 91.64 -14.44 -45.21
CA ASN C 719 92.72 -13.49 -44.99
C ASN C 719 92.16 -12.18 -44.47
N ALA C 720 92.48 -11.85 -43.22
CA ALA C 720 91.95 -10.63 -42.61
C ALA C 720 92.48 -9.38 -43.31
N HIS C 721 93.76 -9.39 -43.69
CA HIS C 721 94.32 -8.23 -44.38
C HIS C 721 93.60 -7.99 -45.71
N ASP C 722 93.38 -9.06 -46.48
CA ASP C 722 92.69 -8.91 -47.76
C ASP C 722 91.25 -8.47 -47.56
N GLU C 723 90.57 -9.01 -46.54
CA GLU C 723 89.21 -8.58 -46.26
C GLU C 723 89.16 -7.11 -45.91
N ASN C 724 90.11 -6.64 -45.08
CA ASN C 724 90.15 -5.23 -44.71
C ASN C 724 90.42 -4.36 -45.93
N VAL C 725 91.33 -4.80 -46.81
CA VAL C 725 91.63 -4.04 -48.02
C VAL C 725 90.38 -3.94 -48.90
N LEU C 726 89.65 -5.05 -49.05
CA LEU C 726 88.43 -5.02 -49.85
C LEU C 726 87.39 -4.09 -49.25
N SER C 727 87.23 -4.12 -47.92
CA SER C 727 86.29 -3.22 -47.28
C SER C 727 86.68 -1.77 -47.48
N TYR C 728 87.98 -1.47 -47.35
CA TYR C 728 88.45 -0.10 -47.57
C TYR C 728 88.18 0.35 -48.99
N TYR C 729 88.42 -0.53 -49.96
CA TYR C 729 88.16 -0.18 -51.36
C TYR C 729 86.67 0.04 -51.59
N ARG C 730 85.82 -0.80 -51.00
CA ARG C 730 84.38 -0.63 -51.14
C ARG C 730 83.93 0.71 -50.59
N TYR C 731 84.42 1.07 -49.41
CA TYR C 731 84.03 2.36 -48.83
C TYR C 731 84.60 3.53 -49.63
N GLN C 732 85.79 3.37 -50.22
CA GLN C 732 86.33 4.40 -51.10
C GLN C 732 85.45 4.60 -52.32
N LEU C 733 84.97 3.51 -52.92
CA LEU C 733 84.05 3.61 -54.04
C LEU C 733 82.75 4.28 -53.62
N LYS C 734 82.24 3.93 -52.44
CA LYS C 734 81.03 4.58 -51.93
C LYS C 734 81.24 6.08 -51.77
N LEU C 735 82.39 6.47 -51.22
CA LEU C 735 82.70 7.89 -51.07
C LEU C 735 82.77 8.59 -52.42
N PHE C 736 83.41 7.97 -53.40
CA PHE C 736 83.49 8.58 -54.73
C PHE C 736 82.11 8.74 -55.34
N ALA C 737 81.26 7.71 -55.24
CA ALA C 737 79.92 7.80 -55.80
C ALA C 737 79.11 8.90 -55.10
N ARG C 738 79.20 8.98 -53.78
CA ARG C 738 78.46 10.01 -53.05
C ARG C 738 78.97 11.40 -53.41
N MET C 739 80.29 11.56 -53.60
CA MET C 739 80.83 12.84 -54.02
C MET C 739 80.36 13.22 -55.42
N CYS C 740 80.30 12.24 -56.33
CA CYS C 740 79.84 12.47 -57.69
C CYS C 740 78.32 12.56 -57.80
N LEU C 741 77.61 12.31 -56.70
CA LEU C 741 76.16 12.43 -56.71
C LEU C 741 75.74 13.82 -57.13
N ASP C 742 74.56 13.91 -57.76
CA ASP C 742 74.00 15.16 -58.22
C ASP C 742 74.94 15.87 -59.21
N ARG C 743 75.60 15.08 -60.05
CA ARG C 743 76.42 15.58 -61.15
C ARG C 743 77.44 16.61 -60.63
N GLN C 744 78.32 16.15 -59.76
CA GLN C 744 79.41 16.99 -59.24
C GLN C 744 80.57 16.87 -60.21
N TYR C 745 80.60 17.74 -61.21
CA TYR C 745 81.60 17.64 -62.26
C TYR C 745 83.02 17.77 -61.72
N LEU C 746 83.22 18.60 -60.71
CA LEU C 746 84.57 18.79 -60.17
C LEU C 746 85.20 17.47 -59.76
N ALA C 747 84.42 16.52 -59.25
CA ALA C 747 84.92 15.21 -58.88
C ALA C 747 84.71 14.16 -59.97
N ILE C 748 83.66 14.30 -60.77
CA ILE C 748 83.40 13.35 -61.84
C ILE C 748 84.53 13.38 -62.87
N ASP C 749 84.98 14.59 -63.24
CA ASP C 749 86.06 14.70 -64.20
C ASP C 749 87.34 14.05 -63.71
N GLU C 750 87.63 14.15 -62.41
CA GLU C 750 88.82 13.55 -61.85
C GLU C 750 88.69 12.04 -61.71
N ILE C 751 87.49 11.55 -61.40
CA ILE C 751 87.33 10.12 -61.13
C ILE C 751 87.14 9.33 -62.42
N SER C 752 86.61 9.95 -63.47
CA SER C 752 86.35 9.20 -64.70
C SER C 752 87.64 8.68 -65.32
N GLN C 753 88.68 9.51 -65.37
CA GLN C 753 89.95 9.05 -65.94
C GLN C 753 90.53 7.90 -65.14
N GLN C 754 90.49 7.99 -63.82
CA GLN C 754 91.02 6.91 -62.98
C GLN C 754 90.24 5.63 -63.18
N LEU C 755 88.91 5.73 -63.26
CA LEU C 755 88.04 4.57 -63.43
C LEU C 755 87.23 4.76 -64.70
N GLY C 756 87.62 4.04 -65.76
CA GLY C 756 86.94 4.13 -67.03
C GLY C 756 85.72 3.23 -67.09
N VAL C 757 84.99 3.36 -68.20
CA VAL C 757 83.79 2.54 -68.40
C VAL C 757 84.17 1.07 -68.50
N ASP C 758 85.23 0.75 -69.25
CA ASP C 758 85.61 -0.64 -69.45
C ASP C 758 86.01 -1.30 -68.13
N LEU C 759 86.77 -0.59 -67.29
CA LEU C 759 87.20 -1.17 -66.02
C LEU C 759 86.00 -1.48 -65.13
N ILE C 760 85.07 -0.54 -65.02
CA ILE C 760 83.89 -0.75 -64.19
C ILE C 760 83.04 -1.88 -64.74
N PHE C 761 82.91 -1.95 -66.07
CA PHE C 761 82.15 -3.03 -66.67
C PHE C 761 82.79 -4.38 -66.35
N LEU C 762 84.11 -4.48 -66.47
CA LEU C 762 84.78 -5.73 -66.15
C LEU C 762 84.59 -6.11 -64.69
N CYS C 763 84.76 -5.14 -63.79
CA CYS C 763 84.62 -5.42 -62.36
C CYS C 763 83.21 -5.88 -62.01
N MET C 764 82.19 -5.22 -62.59
CA MET C 764 80.82 -5.58 -62.25
C MET C 764 80.42 -6.89 -62.92
N ALA C 765 80.98 -7.20 -64.08
CA ALA C 765 80.66 -8.46 -64.76
C ALA C 765 81.35 -9.64 -64.10
N ASP C 766 82.51 -9.43 -63.50
CA ASP C 766 83.23 -10.53 -62.84
C ASP C 766 82.35 -11.14 -61.76
N GLU C 767 82.25 -12.48 -61.78
CA GLU C 767 81.42 -13.20 -60.82
C GLU C 767 82.17 -13.56 -59.54
N MET C 768 83.47 -13.83 -59.64
CA MET C 768 84.24 -14.23 -58.46
C MET C 768 84.26 -13.11 -57.41
N LEU C 769 84.16 -11.87 -57.83
CA LEU C 769 84.18 -10.76 -56.89
C LEU C 769 82.90 -10.77 -56.04
N PRO C 770 82.97 -10.25 -54.81
CA PRO C 770 81.81 -10.33 -53.92
C PRO C 770 80.65 -9.45 -54.40
N PHE C 771 79.46 -9.82 -53.95
CA PHE C 771 78.25 -9.11 -54.35
C PHE C 771 78.28 -7.66 -53.87
N ASP C 772 78.80 -7.42 -52.67
CA ASP C 772 78.87 -6.05 -52.17
C ASP C 772 79.77 -5.19 -53.05
N LEU C 773 80.92 -5.73 -53.45
CA LEU C 773 81.82 -5.00 -54.33
C LEU C 773 81.18 -4.76 -55.70
N ARG C 774 80.49 -5.76 -56.22
CA ARG C 774 79.80 -5.59 -57.50
C ARG C 774 78.72 -4.51 -57.40
N ALA C 775 77.99 -4.49 -56.28
CA ALA C 775 76.97 -3.46 -56.08
C ALA C 775 77.59 -2.07 -55.99
N SER C 776 78.73 -1.96 -55.30
CA SER C 776 79.41 -0.68 -55.22
C SER C 776 79.86 -0.22 -56.61
N PHE C 777 80.37 -1.16 -57.42
CA PHE C 777 80.76 -0.80 -58.79
C PHE C 777 79.55 -0.36 -59.59
N CYS C 778 78.41 -1.04 -59.44
CA CYS C 778 77.19 -0.63 -60.14
C CYS C 778 76.77 0.77 -59.72
N HIS C 779 76.83 1.07 -58.42
CA HIS C 779 76.46 2.39 -57.94
C HIS C 779 77.38 3.46 -58.51
N LEU C 780 78.69 3.18 -58.54
CA LEU C 780 79.63 4.13 -59.11
C LEU C 780 79.35 4.34 -60.60
N MET C 781 79.05 3.26 -61.33
CA MET C 781 78.71 3.39 -62.73
C MET C 781 77.48 4.27 -62.91
N LEU C 782 76.47 4.07 -62.06
CA LEU C 782 75.25 4.87 -62.16
C LEU C 782 75.54 6.34 -61.91
N HIS C 783 76.31 6.65 -60.87
CA HIS C 783 76.48 8.02 -60.43
C HIS C 783 77.72 8.71 -60.99
N VAL C 784 78.44 8.08 -61.91
CA VAL C 784 79.63 8.67 -62.51
C VAL C 784 79.47 8.88 -64.01
N HIS C 785 79.06 7.83 -64.74
CA HIS C 785 79.00 7.89 -66.19
C HIS C 785 77.59 8.09 -66.73
N VAL C 786 76.63 7.28 -66.26
CA VAL C 786 75.27 7.39 -66.78
C VAL C 786 74.67 8.76 -66.48
N ASP C 787 74.86 9.24 -65.25
CA ASP C 787 74.32 10.53 -64.82
C ASP C 787 75.31 11.62 -65.21
N ARG C 788 75.32 11.94 -66.50
CA ARG C 788 76.19 12.99 -67.04
C ARG C 788 75.47 13.63 -68.23
N ASP C 789 76.20 14.48 -68.97
CA ASP C 789 75.71 15.10 -70.19
C ASP C 789 76.26 14.37 -71.42
N PRO C 790 75.56 14.42 -72.55
CA PRO C 790 74.28 15.11 -72.80
C PRO C 790 73.06 14.26 -72.45
N GLN C 791 73.24 13.22 -71.65
CA GLN C 791 72.13 12.35 -71.28
C GLN C 791 71.03 13.16 -70.62
N GLU C 792 69.78 12.94 -71.05
CA GLU C 792 68.64 13.69 -70.55
C GLU C 792 67.40 12.81 -70.66
N LEU C 793 66.41 13.10 -69.82
CA LEU C 793 65.15 12.39 -69.88
C LEU C 793 64.47 12.63 -71.22
N VAL C 794 63.84 11.59 -71.76
CA VAL C 794 63.18 11.64 -73.05
C VAL C 794 61.70 11.33 -72.84
N THR C 795 60.84 12.14 -73.44
CA THR C 795 59.40 11.93 -73.33
C THR C 795 58.98 10.80 -74.26
N PRO C 796 58.40 9.72 -73.75
CA PRO C 796 58.02 8.61 -74.65
C PRO C 796 57.01 9.00 -75.71
N VAL C 797 56.10 9.93 -75.40
CA VAL C 797 55.02 10.33 -76.30
C VAL C 797 55.29 11.75 -76.78
N LYS C 798 55.23 11.93 -78.10
CA LYS C 798 55.41 13.23 -78.72
C LYS C 798 54.13 13.62 -79.43
N PHE C 799 53.59 14.79 -79.09
CA PHE C 799 52.34 15.27 -79.67
C PHE C 799 52.52 15.94 -81.04
N ALA C 800 53.76 16.27 -81.42
CA ALA C 800 54.04 16.92 -82.68
C ALA C 800 54.84 15.97 -83.56
N ARG C 801 54.35 15.75 -84.79
CA ARG C 801 55.00 14.88 -85.75
C ARG C 801 55.04 15.57 -87.10
N LEU C 802 56.06 15.24 -87.89
CA LEU C 802 56.23 15.81 -89.22
C LEU C 802 55.64 14.88 -90.27
N TRP C 803 54.86 15.46 -91.19
CA TRP C 803 54.19 14.65 -92.20
C TRP C 803 55.19 13.90 -93.06
N THR C 804 56.28 14.55 -93.46
CA THR C 804 57.27 13.91 -94.32
C THR C 804 58.01 12.78 -93.61
N GLU C 805 57.91 12.70 -92.28
CA GLU C 805 58.64 11.72 -91.50
C GLU C 805 57.75 10.56 -91.04
N ILE C 806 56.58 10.40 -91.66
CA ILE C 806 55.66 9.32 -91.32
C ILE C 806 55.79 8.24 -92.40
N PRO C 807 56.37 7.09 -92.11
CA PRO C 807 56.50 6.05 -93.14
C PRO C 807 55.14 5.46 -93.52
N THR C 808 55.07 4.96 -94.75
CA THR C 808 53.83 4.32 -95.21
C THR C 808 53.51 3.09 -94.37
N ALA C 809 54.51 2.27 -94.06
CA ALA C 809 54.36 1.10 -93.22
C ALA C 809 55.36 1.17 -92.08
N ILE C 810 54.90 0.83 -90.87
CA ILE C 810 55.72 0.92 -89.67
C ILE C 810 55.61 -0.40 -88.91
N THR C 811 56.75 -0.89 -88.43
CA THR C 811 56.82 -2.08 -87.62
C THR C 811 57.74 -1.81 -86.43
N ILE C 812 57.94 -2.84 -85.60
CA ILE C 812 58.78 -2.67 -84.41
C ILE C 812 60.21 -2.33 -84.81
N LYS C 813 60.74 -3.03 -85.82
CA LYS C 813 62.09 -2.76 -86.27
C LYS C 813 62.23 -1.35 -86.82
N ASP C 814 61.25 -0.91 -87.61
CA ASP C 814 61.31 0.45 -88.16
C ASP C 814 61.23 1.49 -87.05
N TYR C 815 60.37 1.26 -86.06
CA TYR C 815 60.29 2.20 -84.94
C TYR C 815 61.59 2.26 -84.16
N ASP C 816 62.22 1.10 -83.94
CA ASP C 816 63.50 1.07 -83.24
C ASP C 816 64.57 1.81 -84.03
N SER C 817 64.59 1.60 -85.35
CA SER C 817 65.58 2.29 -86.19
C SER C 817 65.34 3.80 -86.16
N ASN C 818 64.08 4.22 -86.20
CA ASN C 818 63.78 5.65 -86.13
C ASN C 818 64.23 6.24 -84.79
N LEU C 819 64.00 5.51 -83.69
CA LEU C 819 64.48 5.99 -82.40
C LEU C 819 65.99 6.09 -82.36
N ASN C 820 66.68 5.09 -82.94
CA ASN C 820 68.14 5.13 -82.97
C ASN C 820 68.63 6.32 -83.79
N ALA C 821 68.00 6.58 -84.93
CA ALA C 821 68.37 7.73 -85.75
C ALA C 821 68.14 9.03 -85.00
N SER C 822 67.01 9.12 -84.28
CA SER C 822 66.73 10.32 -83.49
C SER C 822 67.80 10.51 -82.41
N ARG C 823 68.22 9.43 -81.77
CA ARG C 823 69.28 9.52 -80.78
C ARG C 823 70.54 10.12 -81.40
N ASP C 824 71.12 11.10 -80.72
CA ASP C 824 72.29 11.78 -81.25
C ASP C 824 73.49 10.84 -81.34
N ASP C 825 73.74 10.07 -80.28
CA ASP C 825 74.89 9.17 -80.27
C ASP C 825 74.73 8.08 -81.33
N LYS C 826 75.82 7.81 -82.05
CA LYS C 826 75.82 6.77 -83.07
C LYS C 826 76.29 5.42 -82.53
N LYS C 827 77.34 5.43 -81.72
CA LYS C 827 77.88 4.23 -81.09
C LYS C 827 77.51 4.25 -79.62
N ASN C 828 76.83 3.19 -79.16
CA ASN C 828 76.39 3.12 -77.77
C ASN C 828 77.56 2.65 -76.90
N LYS C 829 77.93 3.46 -75.92
CA LYS C 829 78.99 3.11 -74.98
C LYS C 829 78.49 2.28 -73.80
N PHE C 830 77.20 2.03 -73.72
CA PHE C 830 76.61 1.22 -72.65
C PHE C 830 75.93 -0.05 -73.16
N ALA C 831 76.20 -0.44 -74.41
CA ALA C 831 75.59 -1.66 -74.94
C ALA C 831 76.01 -2.88 -74.14
N ASN C 832 77.30 -2.96 -73.79
CA ASN C 832 77.77 -4.06 -72.96
C ASN C 832 77.12 -4.04 -71.59
N THR C 833 76.93 -2.83 -71.03
CA THR C 833 76.26 -2.71 -69.74
C THR C 833 74.83 -3.24 -69.82
N MET C 834 74.10 -2.86 -70.88
CA MET C 834 72.74 -3.34 -71.03
C MET C 834 72.70 -4.85 -71.20
N GLU C 835 73.63 -5.41 -71.98
CA GLU C 835 73.67 -6.86 -72.16
C GLU C 835 73.95 -7.57 -70.83
N PHE C 836 74.88 -7.02 -70.04
CA PHE C 836 75.16 -7.60 -68.73
C PHE C 836 73.94 -7.52 -67.83
N VAL C 837 73.23 -6.39 -67.86
CA VAL C 837 72.02 -6.25 -67.04
C VAL C 837 70.99 -7.31 -67.45
N GLU C 838 70.80 -7.49 -68.75
CA GLU C 838 69.83 -8.48 -69.22
C GLU C 838 70.23 -9.88 -68.77
N ASP C 839 71.52 -10.22 -68.90
CA ASP C 839 71.98 -11.55 -68.48
C ASP C 839 71.79 -11.75 -66.98
N TYR C 840 72.11 -10.71 -66.19
CA TYR C 840 71.94 -10.82 -64.74
C TYR C 840 70.48 -11.01 -64.37
N LEU C 841 69.57 -10.26 -65.01
CA LEU C 841 68.16 -10.42 -64.73
C LEU C 841 67.67 -11.80 -65.14
N ASN C 842 68.15 -12.32 -66.27
CA ASN C 842 67.78 -13.67 -66.68
C ASN C 842 68.24 -14.70 -65.65
N ASN C 843 69.47 -14.55 -65.16
CA ASN C 843 69.97 -15.46 -64.13
C ASN C 843 69.12 -15.36 -62.87
N VAL C 844 68.76 -14.13 -62.47
CA VAL C 844 67.96 -13.95 -61.26
C VAL C 844 66.61 -14.64 -61.41
N VAL C 845 65.94 -14.44 -62.55
CA VAL C 845 64.63 -15.04 -62.74
C VAL C 845 64.73 -16.56 -62.92
N SER C 846 65.91 -17.07 -63.31
CA SER C 846 66.06 -18.51 -63.44
C SER C 846 65.85 -19.21 -62.10
N GLU C 847 66.40 -18.65 -61.02
CA GLU C 847 66.21 -19.24 -59.70
C GLU C 847 64.75 -19.18 -59.29
N ALA C 848 64.31 -20.22 -58.56
CA ALA C 848 62.93 -20.28 -58.12
C ALA C 848 62.59 -19.13 -57.19
N VAL C 849 63.49 -18.82 -56.26
CA VAL C 849 63.30 -17.74 -55.30
C VAL C 849 64.30 -16.63 -55.66
N PRO C 850 63.84 -15.50 -56.23
CA PRO C 850 64.80 -14.43 -56.58
C PRO C 850 65.36 -13.72 -55.36
N PHE C 851 64.49 -13.31 -54.44
CA PHE C 851 64.90 -12.53 -53.27
C PHE C 851 65.10 -13.49 -52.10
N ALA C 852 66.25 -14.16 -52.09
CA ALA C 852 66.64 -15.05 -51.01
C ALA C 852 67.89 -14.57 -50.28
N ASN C 853 68.97 -14.29 -51.01
CA ASN C 853 70.22 -13.86 -50.41
C ASN C 853 70.22 -12.33 -50.28
N GLU C 854 70.44 -11.85 -49.05
CA GLU C 854 70.45 -10.40 -48.83
C GLU C 854 71.60 -9.74 -49.59
N GLU C 855 72.76 -10.39 -49.64
CA GLU C 855 73.90 -9.81 -50.33
C GLU C 855 73.61 -9.59 -51.81
N LYS C 856 72.97 -10.59 -52.46
CA LYS C 856 72.63 -10.44 -53.87
C LYS C 856 71.50 -9.44 -54.10
N ASN C 857 70.70 -9.16 -53.06
CA ASN C 857 69.63 -8.18 -53.21
C ASN C 857 70.19 -6.79 -53.49
N LYS C 858 71.30 -6.44 -52.86
CA LYS C 858 71.92 -5.15 -53.11
C LYS C 858 72.33 -5.01 -54.57
N LEU C 859 72.98 -6.05 -55.10
CA LEU C 859 73.40 -6.02 -56.50
C LEU C 859 72.19 -5.96 -57.43
N THR C 860 71.13 -6.72 -57.11
CA THR C 860 69.92 -6.69 -57.93
C THR C 860 69.32 -5.29 -57.94
N PHE C 861 69.25 -4.64 -56.77
CA PHE C 861 68.70 -3.29 -56.70
C PHE C 861 69.55 -2.31 -57.50
N GLU C 862 70.88 -2.41 -57.40
CA GLU C 862 71.74 -1.53 -58.16
C GLU C 862 71.54 -1.73 -59.66
N VAL C 863 71.44 -2.99 -60.10
CA VAL C 863 71.23 -3.27 -61.52
C VAL C 863 69.90 -2.70 -61.98
N VAL C 864 68.85 -2.87 -61.16
CA VAL C 864 67.54 -2.37 -61.54
C VAL C 864 67.55 -0.84 -61.63
N SER C 865 68.22 -0.18 -60.69
CA SER C 865 68.32 1.28 -60.74
C SER C 865 69.07 1.73 -61.99
N LEU C 866 70.16 1.04 -62.33
CA LEU C 866 70.90 1.39 -63.54
C LEU C 866 70.03 1.21 -64.78
N ALA C 867 69.28 0.11 -64.84
CA ALA C 867 68.38 -0.10 -65.98
C ALA C 867 67.32 0.98 -66.05
N HIS C 868 66.76 1.37 -64.90
CA HIS C 868 65.76 2.43 -64.89
C HIS C 868 66.33 3.73 -65.41
N ASN C 869 67.54 4.09 -64.96
CA ASN C 869 68.16 5.32 -65.42
C ASN C 869 68.43 5.28 -66.92
N LEU C 870 68.93 4.15 -67.42
CA LEU C 870 69.18 4.03 -68.85
C LEU C 870 67.89 4.14 -69.65
N ILE C 871 66.82 3.49 -69.18
CA ILE C 871 65.54 3.55 -69.89
C ILE C 871 65.01 4.97 -69.91
N TYR C 872 65.06 5.67 -68.78
CA TYR C 872 64.56 7.04 -68.73
C TYR C 872 65.45 8.00 -69.52
N PHE C 873 66.73 7.69 -69.68
CA PHE C 873 67.61 8.47 -70.53
C PHE C 873 67.52 8.07 -72.00
N GLY C 874 66.82 6.98 -72.31
CA GLY C 874 66.56 6.61 -73.68
C GLY C 874 67.71 5.89 -74.37
N PHE C 875 68.09 4.72 -73.86
CA PHE C 875 69.11 3.90 -74.49
C PHE C 875 68.61 2.55 -74.99
N TYR C 876 67.37 2.18 -74.68
CA TYR C 876 66.81 0.90 -75.10
C TYR C 876 65.91 1.07 -76.32
N SER C 877 65.63 -0.05 -76.98
CA SER C 877 64.71 -0.11 -78.10
C SER C 877 63.41 -0.77 -77.64
N PHE C 878 62.42 -0.80 -78.55
CA PHE C 878 61.11 -1.33 -78.18
C PHE C 878 61.18 -2.82 -77.86
N SER C 879 61.88 -3.60 -78.70
CA SER C 879 62.00 -5.04 -78.46
C SER C 879 62.76 -5.32 -77.17
N GLU C 880 63.85 -4.58 -76.92
CA GLU C 880 64.60 -4.76 -75.68
C GLU C 880 63.74 -4.41 -74.47
N LEU C 881 62.93 -3.35 -74.58
CA LEU C 881 62.04 -2.98 -73.49
C LEU C 881 61.00 -4.06 -73.23
N LEU C 882 60.46 -4.66 -74.30
CA LEU C 882 59.49 -5.73 -74.11
C LEU C 882 60.15 -6.94 -73.43
N ARG C 883 61.35 -7.31 -73.87
CA ARG C 883 62.05 -8.42 -73.24
C ARG C 883 62.32 -8.13 -71.77
N LEU C 884 62.75 -6.90 -71.46
CA LEU C 884 62.98 -6.52 -70.08
C LEU C 884 61.68 -6.55 -69.26
N THR C 885 60.57 -6.15 -69.86
CA THR C 885 59.29 -6.23 -69.17
C THR C 885 58.96 -7.68 -68.82
N ARG C 886 59.14 -8.59 -69.77
CA ARG C 886 58.87 -10.00 -69.50
C ARG C 886 59.78 -10.52 -68.40
N THR C 887 61.07 -10.16 -68.45
CA THR C 887 62.02 -10.62 -67.44
C THR C 887 61.65 -10.08 -66.06
N LEU C 888 61.29 -8.81 -65.98
CA LEU C 888 60.94 -8.22 -64.69
C LEU C 888 59.66 -8.82 -64.13
N LEU C 889 58.67 -9.07 -64.99
CA LEU C 889 57.45 -9.75 -64.54
C LEU C 889 57.76 -11.14 -64.02
N GLY C 890 58.65 -11.87 -64.71
CA GLY C 890 59.07 -13.17 -64.21
C GLY C 890 59.77 -13.08 -62.88
N ILE C 891 60.63 -12.07 -62.70
CA ILE C 891 61.32 -11.89 -61.43
C ILE C 891 60.31 -11.62 -60.32
N ILE C 892 59.34 -10.74 -60.58
CA ILE C 892 58.35 -10.41 -59.56
C ILE C 892 57.52 -11.64 -59.21
N ASP C 893 57.07 -12.37 -60.21
CA ASP C 893 56.28 -13.57 -60.00
C ASP C 893 56.09 -14.34 -61.30
N ASP C 961 63.87 -5.92 -46.48
CA ASP C 961 62.75 -5.90 -47.40
C ASP C 961 62.59 -4.53 -48.05
N ILE C 962 63.23 -3.52 -47.46
CA ILE C 962 63.16 -2.17 -48.03
C ILE C 962 63.79 -2.15 -49.42
N VAL C 963 64.89 -2.90 -49.60
CA VAL C 963 65.51 -3.01 -50.91
C VAL C 963 64.54 -3.66 -51.89
N VAL C 964 63.81 -4.68 -51.44
CA VAL C 964 62.83 -5.34 -52.30
C VAL C 964 61.75 -4.36 -52.72
N MET C 965 61.25 -3.56 -51.77
CA MET C 965 60.22 -2.58 -52.10
C MET C 965 60.75 -1.55 -53.09
N GLU C 966 61.98 -1.08 -52.89
CA GLU C 966 62.55 -0.08 -53.79
C GLU C 966 62.71 -0.64 -55.19
N THR C 967 63.22 -1.86 -55.33
CA THR C 967 63.36 -2.45 -56.66
C THR C 967 62.00 -2.71 -57.29
N LYS C 968 61.00 -3.08 -56.50
CA LYS C 968 59.65 -3.22 -57.05
C LYS C 968 59.12 -1.89 -57.57
N LEU C 969 59.36 -0.81 -56.84
CA LEU C 969 58.96 0.52 -57.32
C LEU C 969 59.68 0.87 -58.62
N LYS C 970 60.97 0.57 -58.69
CA LYS C 970 61.74 0.83 -59.91
C LYS C 970 61.15 0.04 -61.08
N ILE C 971 60.82 -1.23 -60.84
CA ILE C 971 60.25 -2.07 -61.89
C ILE C 971 58.90 -1.51 -62.34
N LEU C 972 58.08 -1.04 -61.41
CA LEU C 972 56.80 -0.45 -61.77
C LEU C 972 56.99 0.80 -62.62
N GLU C 973 57.97 1.64 -62.26
CA GLU C 973 58.24 2.82 -63.07
C GLU C 973 58.69 2.44 -64.47
N ILE C 974 59.55 1.42 -64.58
CA ILE C 974 59.97 0.94 -65.90
C ILE C 974 58.78 0.46 -66.70
N LEU C 975 57.88 -0.29 -66.05
CA LEU C 975 56.70 -0.79 -66.74
C LEU C 975 55.83 0.35 -67.24
N GLN C 976 55.64 1.39 -66.42
CA GLN C 976 54.85 2.54 -66.86
C GLN C 976 55.49 3.22 -68.05
N PHE C 977 56.82 3.40 -68.01
CA PHE C 977 57.50 4.01 -69.15
C PHE C 977 57.33 3.18 -70.41
N ILE C 978 57.44 1.85 -70.29
CA ILE C 978 57.31 0.99 -71.45
C ILE C 978 55.88 1.02 -71.99
N LEU C 979 54.89 1.10 -71.10
CA LEU C 979 53.51 1.24 -71.55
C LEU C 979 53.31 2.55 -72.31
N ASN C 980 53.92 3.63 -71.82
CA ASN C 980 53.85 4.88 -72.56
C ASN C 980 54.49 4.76 -73.94
N VAL C 981 55.63 4.06 -74.01
CA VAL C 981 56.28 3.85 -75.31
C VAL C 981 55.38 3.04 -76.23
N ARG C 982 54.70 2.03 -75.69
CA ARG C 982 53.78 1.23 -76.51
C ARG C 982 52.62 2.09 -77.03
N LEU C 983 52.11 2.98 -76.18
CA LEU C 983 51.05 3.88 -76.62
C LEU C 983 51.54 4.80 -77.73
N ASP C 984 52.76 5.30 -77.60
CA ASP C 984 53.34 6.13 -78.66
C ASP C 984 53.48 5.33 -79.96
N TYR C 985 53.89 4.06 -79.86
CA TYR C 985 53.99 3.22 -81.03
C TYR C 985 52.63 3.02 -81.69
N ARG C 986 51.59 2.82 -80.88
CA ARG C 986 50.25 2.68 -81.43
C ARG C 986 49.82 3.95 -82.15
N ILE C 987 50.11 5.11 -81.56
CA ILE C 987 49.79 6.38 -82.22
C ILE C 987 50.53 6.49 -83.54
N SER C 988 51.80 6.11 -83.57
CA SER C 988 52.57 6.14 -84.81
C SER C 988 51.98 5.21 -85.85
N TYR C 989 51.52 4.03 -85.43
CA TYR C 989 50.89 3.10 -86.36
C TYR C 989 49.61 3.69 -86.94
N LEU C 990 48.80 4.34 -86.10
CA LEU C 990 47.59 4.99 -86.60
C LEU C 990 47.93 6.09 -87.59
N LEU C 991 48.97 6.88 -87.29
CA LEU C 991 49.39 7.93 -88.22
C LEU C 991 49.83 7.33 -89.55
N SER C 992 50.60 6.24 -89.50
CA SER C 992 51.05 5.60 -90.74
C SER C 992 49.87 5.08 -91.54
N VAL C 993 48.89 4.46 -90.88
CA VAL C 993 47.71 3.96 -91.58
C VAL C 993 46.97 5.11 -92.24
N PHE C 994 46.77 6.21 -91.50
CA PHE C 994 46.07 7.36 -92.06
C PHE C 994 46.81 7.91 -93.27
N LYS C 995 48.14 8.05 -93.17
CA LYS C 995 48.92 8.57 -94.29
C LYS C 995 48.82 7.64 -95.50
N LYS C 996 48.91 6.33 -95.27
CA LYS C 996 48.81 5.39 -96.38
C LYS C 996 47.46 5.50 -97.08
N GLU C 997 46.38 5.54 -96.30
CA GLU C 997 45.06 5.66 -96.89
C GLU C 997 44.92 6.97 -97.67
N PHE C 998 45.39 8.07 -97.09
CA PHE C 998 45.25 9.38 -97.73
C PHE C 998 46.03 9.42 -99.04
N VAL C 999 47.26 8.91 -99.04
CA VAL C 999 48.06 8.95 -100.26
C VAL C 999 47.47 8.00 -101.31
N GLU C 1000 46.94 6.86 -100.89
CA GLU C 1000 46.35 5.93 -101.85
C GLU C 1000 45.10 6.49 -102.49
N VAL C 1001 44.26 7.20 -101.72
CA VAL C 1001 43.00 7.70 -102.25
C VAL C 1001 43.12 9.06 -102.92
N PHE C 1002 44.15 9.84 -102.58
CA PHE C 1002 44.34 11.18 -103.15
C PHE C 1002 45.79 11.32 -103.60
N PRO C 1003 46.17 10.66 -104.71
CA PRO C 1003 47.52 10.75 -105.28
C PRO C 1003 48.09 12.16 -105.25
N ASN C 1024 37.18 2.80 -96.81
CA ASN C 1024 38.33 3.45 -96.19
C ASN C 1024 38.14 3.55 -94.68
N LEU C 1025 37.00 4.10 -94.25
CA LEU C 1025 36.73 4.22 -92.82
C LEU C 1025 36.67 2.85 -92.16
N ASP C 1026 35.98 1.89 -92.79
CA ASP C 1026 35.89 0.55 -92.23
C ASP C 1026 37.27 -0.11 -92.19
N ARG C 1027 38.07 0.06 -93.24
CA ARG C 1027 39.40 -0.53 -93.26
C ARG C 1027 40.27 0.04 -92.15
N ILE C 1028 40.22 1.37 -91.97
CA ILE C 1028 41.01 2.01 -90.93
C ILE C 1028 40.55 1.54 -89.55
N GLY C 1029 39.25 1.45 -89.35
CA GLY C 1029 38.74 0.97 -88.07
C GLY C 1029 39.17 -0.45 -87.77
N GLU C 1030 39.12 -1.32 -88.78
CA GLU C 1030 39.55 -2.70 -88.58
C GLU C 1030 41.04 -2.77 -88.27
N GLN C 1031 41.85 -1.97 -88.99
CA GLN C 1031 43.28 -1.96 -88.72
C GLN C 1031 43.57 -1.47 -87.31
N ALA C 1032 42.86 -0.44 -86.87
CA ALA C 1032 43.05 0.05 -85.50
C ALA C 1032 42.64 -1.01 -84.48
N GLU C 1033 41.53 -1.71 -84.74
CA GLU C 1033 41.07 -2.74 -83.82
C GLU C 1033 42.05 -3.90 -83.75
N ALA C 1034 42.75 -4.18 -84.87
CA ALA C 1034 43.60 -5.36 -84.92
C ALA C 1034 44.66 -5.35 -83.84
N MET C 1035 45.32 -4.19 -83.63
CA MET C 1035 46.40 -4.13 -82.65
C MET C 1035 45.87 -4.28 -81.23
N PHE C 1036 44.65 -3.82 -80.98
CA PHE C 1036 44.04 -3.95 -79.66
C PHE C 1036 43.58 -5.38 -79.42
N GLY C 1037 44.50 -6.25 -79.06
CA GLY C 1037 44.17 -7.63 -78.78
C GLY C 1037 43.67 -7.84 -77.36
N SER C 1043 49.33 -8.53 -81.15
CA SER C 1043 49.76 -9.76 -80.50
C SER C 1043 51.21 -9.65 -80.02
N MET C 1044 52.03 -8.98 -80.83
CA MET C 1044 53.43 -8.79 -80.48
C MET C 1044 53.66 -7.64 -79.50
N LEU C 1045 52.62 -6.86 -79.21
CA LEU C 1045 52.71 -5.74 -78.29
C LEU C 1045 52.26 -6.10 -76.88
N GLU C 1046 51.97 -7.37 -76.63
CA GLU C 1046 51.50 -7.80 -75.32
C GLU C 1046 52.58 -7.59 -74.27
N VAL C 1047 52.16 -7.20 -73.07
CA VAL C 1047 53.11 -6.98 -71.99
C VAL C 1047 53.82 -8.28 -71.62
N ASP C 1048 53.07 -9.36 -71.53
CA ASP C 1048 53.59 -10.67 -71.16
C ASP C 1048 53.20 -11.70 -72.21
N ASP C 1049 53.68 -12.93 -72.03
CA ASP C 1049 53.40 -14.03 -72.94
C ASP C 1049 52.08 -14.74 -72.62
N GLU C 1050 51.39 -14.34 -71.55
CA GLU C 1050 50.15 -14.96 -71.14
C GLU C 1050 48.93 -14.09 -71.45
N GLY C 1051 49.09 -13.09 -72.31
CA GLY C 1051 47.98 -12.21 -72.65
C GLY C 1051 47.51 -11.37 -71.49
N GLY C 1052 48.44 -10.84 -70.69
CA GLY C 1052 48.11 -9.96 -69.60
C GLY C 1052 47.79 -10.66 -68.29
N ARG C 1053 47.68 -12.00 -68.29
CA ARG C 1053 47.41 -12.70 -67.04
C ARG C 1053 48.53 -12.48 -66.03
N MET C 1054 49.78 -12.60 -66.46
CA MET C 1054 50.89 -12.41 -65.55
C MET C 1054 50.95 -10.97 -65.05
N PHE C 1055 50.69 -10.01 -65.93
CA PHE C 1055 50.70 -8.61 -65.53
C PHE C 1055 49.63 -8.33 -64.48
N LEU C 1056 48.42 -8.84 -64.71
CA LEU C 1056 47.34 -8.64 -63.74
C LEU C 1056 47.66 -9.32 -62.42
N ARG C 1057 48.20 -10.53 -62.46
CA ARG C 1057 48.54 -11.23 -61.23
C ARG C 1057 49.61 -10.47 -60.45
N VAL C 1058 50.63 -9.96 -61.15
CA VAL C 1058 51.67 -9.19 -60.48
C VAL C 1058 51.08 -7.92 -59.87
N LEU C 1059 50.20 -7.24 -60.61
CA LEU C 1059 49.59 -6.02 -60.08
C LEU C 1059 48.80 -6.32 -58.81
N ILE C 1060 48.01 -7.39 -58.82
CA ILE C 1060 47.21 -7.74 -57.64
C ILE C 1060 48.13 -8.10 -56.47
N HIS C 1061 49.18 -8.88 -56.74
CA HIS C 1061 50.09 -9.26 -55.66
C HIS C 1061 50.77 -8.04 -55.05
N LEU C 1062 51.18 -7.09 -55.89
CA LEU C 1062 51.78 -5.87 -55.37
C LEU C 1062 50.76 -5.03 -54.60
N THR C 1063 49.52 -4.97 -55.09
CA THR C 1063 48.48 -4.27 -54.35
C THR C 1063 48.22 -4.90 -53.00
N MET C 1064 48.39 -6.22 -52.89
CA MET C 1064 48.21 -6.93 -51.62
C MET C 1064 49.29 -6.59 -50.60
N HIS C 1065 50.37 -5.94 -51.00
CA HIS C 1065 51.42 -5.57 -50.07
C HIS C 1065 50.96 -4.42 -49.17
N ASP C 1066 51.72 -4.19 -48.11
CA ASP C 1066 51.43 -3.13 -47.14
C ASP C 1066 52.21 -1.85 -47.43
N TYR C 1067 53.01 -1.81 -48.48
CA TYR C 1067 53.81 -0.63 -48.82
C TYR C 1067 52.92 0.31 -49.64
N ALA C 1068 52.62 1.48 -49.07
CA ALA C 1068 51.64 2.37 -49.68
C ALA C 1068 52.05 2.83 -51.09
N PRO C 1069 53.28 3.26 -51.33
CA PRO C 1069 53.65 3.62 -52.72
C PRO C 1069 53.46 2.48 -53.70
N LEU C 1070 53.84 1.26 -53.33
CA LEU C 1070 53.68 0.12 -54.22
C LEU C 1070 52.20 -0.16 -54.47
N VAL C 1071 51.37 -0.08 -53.42
CA VAL C 1071 49.95 -0.32 -53.58
C VAL C 1071 49.34 0.72 -54.51
N SER C 1072 49.73 2.00 -54.34
CA SER C 1072 49.20 3.05 -55.19
C SER C 1072 49.61 2.84 -56.64
N GLY C 1073 50.88 2.50 -56.87
CA GLY C 1073 51.33 2.25 -58.23
C GLY C 1073 50.62 1.07 -58.87
N ALA C 1074 50.45 -0.01 -58.10
CA ALA C 1074 49.74 -1.18 -58.63
C ALA C 1074 48.30 -0.84 -58.98
N LEU C 1075 47.61 -0.09 -58.11
CA LEU C 1075 46.25 0.30 -58.40
C LEU C 1075 46.16 1.19 -59.63
N GLN C 1076 47.09 2.14 -59.76
CA GLN C 1076 47.09 3.01 -60.94
C GLN C 1076 47.29 2.20 -62.21
N LEU C 1077 48.25 1.26 -62.19
CA LEU C 1077 48.49 0.43 -63.37
C LEU C 1077 47.29 -0.44 -63.68
N LEU C 1078 46.65 -1.00 -62.65
CA LEU C 1078 45.48 -1.84 -62.86
C LEU C 1078 44.35 -1.03 -63.51
N PHE C 1079 44.12 0.19 -63.03
CA PHE C 1079 43.09 1.02 -63.63
C PHE C 1079 43.44 1.42 -65.06
N LYS C 1080 44.70 1.72 -65.33
CA LYS C 1080 45.11 2.11 -66.67
C LYS C 1080 45.11 0.94 -67.65
N HIS C 1081 45.22 -0.30 -67.15
CA HIS C 1081 45.29 -1.45 -68.04
C HIS C 1081 44.01 -1.59 -68.86
N PHE C 1082 42.85 -1.38 -68.23
CA PHE C 1082 41.56 -1.54 -68.90
C PHE C 1082 41.06 -0.24 -69.51
N SER C 1083 41.95 0.67 -69.88
CA SER C 1083 41.57 1.92 -70.52
C SER C 1083 42.51 2.27 -71.68
N GLN C 1084 43.07 1.25 -72.33
CA GLN C 1084 44.02 1.51 -73.41
C GLN C 1084 43.34 2.23 -74.57
N ARG C 1085 42.14 1.78 -74.95
CA ARG C 1085 41.44 2.39 -76.08
C ARG C 1085 41.09 3.84 -75.79
N GLN C 1086 40.53 4.11 -74.61
CA GLN C 1086 40.15 5.48 -74.26
C GLN C 1086 41.38 6.38 -74.20
N GLU C 1087 42.44 5.92 -73.55
CA GLU C 1087 43.67 6.71 -73.47
C GLU C 1087 44.28 6.90 -74.85
N ALA C 1088 44.24 5.85 -75.69
CA ALA C 1088 44.77 5.98 -77.05
C ALA C 1088 44.01 7.04 -77.82
N MET C 1089 42.68 7.02 -77.76
CA MET C 1089 41.89 8.03 -78.45
C MET C 1089 42.17 9.43 -77.89
N HIS C 1090 42.26 9.54 -76.57
CA HIS C 1090 42.53 10.85 -75.97
C HIS C 1090 43.86 11.41 -76.44
N THR C 1091 44.89 10.56 -76.49
CA THR C 1091 46.20 11.02 -76.94
C THR C 1091 46.22 11.31 -78.44
N PHE C 1092 45.47 10.53 -79.22
CA PHE C 1092 45.42 10.76 -80.66
C PHE C 1092 44.69 12.06 -80.99
N LYS C 1093 43.75 12.47 -80.14
CA LYS C 1093 43.04 13.72 -80.36
C LYS C 1093 43.94 14.94 -80.19
N GLN C 1094 45.15 14.77 -79.66
CA GLN C 1094 46.06 15.88 -79.42
C GLN C 1094 47.34 15.73 -80.23
N VAL C 1095 47.21 15.38 -81.51
CA VAL C 1095 48.35 15.15 -82.40
C VAL C 1095 48.41 16.29 -83.41
N GLN C 1096 49.59 16.88 -83.56
CA GLN C 1096 49.82 17.95 -84.52
C GLN C 1096 50.72 17.43 -85.64
N LEU C 1097 50.39 17.81 -86.88
CA LEU C 1097 51.08 17.28 -88.04
C LEU C 1097 52.13 18.24 -88.61
N LEU C 1098 51.93 19.55 -88.47
CA LEU C 1098 52.87 20.54 -88.97
C LEU C 1098 53.21 20.29 -90.44
N ILE C 1099 52.17 20.30 -91.26
CA ILE C 1099 52.32 19.98 -92.68
C ILE C 1099 53.01 21.11 -93.45
N SER C 1100 52.71 22.36 -93.13
CA SER C 1100 53.22 23.48 -93.90
C SER C 1100 54.74 23.59 -93.77
N ALA C 1101 55.37 24.10 -94.83
CA ALA C 1101 56.80 24.33 -94.81
C ALA C 1101 57.18 25.35 -93.75
N GLN C 1102 56.37 26.40 -93.60
CA GLN C 1102 56.61 27.37 -92.53
C GLN C 1102 56.52 26.70 -91.17
N ASP C 1103 55.55 25.80 -90.99
CA ASP C 1103 55.43 25.07 -89.74
C ASP C 1103 56.66 24.21 -89.49
N VAL C 1104 57.18 23.55 -90.53
CA VAL C 1104 58.37 22.71 -90.38
C VAL C 1104 59.56 23.57 -89.99
N GLU C 1105 59.72 24.72 -90.64
CA GLU C 1105 60.83 25.61 -90.32
C GLU C 1105 60.73 26.10 -88.88
N ASN C 1106 59.52 26.48 -88.44
CA ASN C 1106 59.34 26.91 -87.06
C ASN C 1106 59.65 25.79 -86.10
N TYR C 1107 59.24 24.56 -86.43
CA TYR C 1107 59.53 23.41 -85.58
C TYR C 1107 61.03 23.21 -85.43
N LYS C 1108 61.76 23.27 -86.55
CA LYS C 1108 63.21 23.09 -86.49
C LYS C 1108 63.87 24.19 -85.66
N VAL C 1109 63.45 25.44 -85.88
CA VAL C 1109 64.04 26.56 -85.14
C VAL C 1109 63.76 26.41 -83.64
N ILE C 1110 62.52 26.06 -83.30
CA ILE C 1110 62.15 25.90 -81.90
C ILE C 1110 62.96 24.78 -81.27
N LYS C 1111 63.11 23.66 -81.97
CA LYS C 1111 63.89 22.55 -81.43
C LYS C 1111 65.32 22.97 -81.15
N SER C 1112 65.95 23.63 -82.12
CA SER C 1112 67.35 24.04 -81.95
C SER C 1112 67.49 25.01 -80.80
N GLU C 1113 66.63 26.03 -80.75
CA GLU C 1113 66.73 27.04 -79.70
C GLU C 1113 66.47 26.44 -78.33
N LEU C 1114 65.47 25.57 -78.21
CA LEU C 1114 65.19 24.93 -76.93
C LEU C 1114 66.35 24.05 -76.49
N ASP C 1115 66.95 23.30 -77.41
CA ASP C 1115 68.10 22.48 -77.05
C ASP C 1115 69.25 23.34 -76.55
N ARG C 1116 69.56 24.41 -77.26
CA ARG C 1116 70.66 25.28 -76.84
C ARG C 1116 70.36 25.91 -75.48
N LEU C 1117 69.14 26.40 -75.28
CA LEU C 1117 68.78 27.04 -74.02
C LEU C 1117 68.84 26.04 -72.87
N ARG C 1118 68.35 24.81 -73.09
CA ARG C 1118 68.38 23.81 -72.04
C ARG C 1118 69.80 23.42 -71.68
N THR C 1119 70.68 23.28 -72.69
CA THR C 1119 72.08 22.99 -72.41
C THR C 1119 72.71 24.13 -71.60
N MET C 1120 72.41 25.38 -71.98
CA MET C 1120 72.97 26.51 -71.25
C MET C 1120 72.48 26.54 -69.82
N VAL C 1121 71.20 26.24 -69.60
CA VAL C 1121 70.66 26.20 -68.24
C VAL C 1121 71.30 25.07 -67.44
N GLU C 1122 71.46 23.89 -68.06
CA GLU C 1122 72.10 22.77 -67.38
C GLU C 1122 73.52 23.12 -66.96
N LYS C 1123 74.27 23.78 -67.84
CA LYS C 1123 75.61 24.28 -67.50
C LYS C 1123 75.53 25.69 -66.90
N SER C 1124 74.67 25.84 -65.90
CA SER C 1124 74.40 27.16 -65.33
C SER C 1124 75.54 27.64 -64.43
N GLU C 1125 76.06 26.76 -63.58
CA GLU C 1125 76.95 27.20 -62.51
C GLU C 1125 78.19 27.90 -63.04
N LEU C 1126 78.57 27.63 -64.29
CA LEU C 1126 79.79 28.19 -64.85
C LEU C 1126 79.60 29.56 -65.50
N TRP C 1127 78.36 30.06 -65.57
CA TRP C 1127 78.13 31.38 -66.12
C TRP C 1127 77.10 32.21 -65.37
N VAL C 1128 76.46 31.67 -64.32
CA VAL C 1128 75.52 32.48 -63.55
C VAL C 1128 76.24 33.66 -62.91
N ASP C 1129 77.43 33.44 -62.37
CA ASP C 1129 78.19 34.49 -61.72
C ASP C 1129 79.11 35.19 -62.72
N SER C 1166 80.73 37.64 -70.13
CA SER C 1166 80.67 36.31 -70.72
C SER C 1166 79.60 36.26 -71.82
N GLU C 1167 79.92 35.55 -72.90
CA GLU C 1167 79.00 35.42 -74.02
C GLU C 1167 77.75 34.63 -73.69
N ASN C 1168 77.72 33.94 -72.54
CA ASN C 1168 76.54 33.15 -72.19
C ASN C 1168 75.32 34.05 -72.00
N TYR C 1169 75.49 35.19 -71.33
CA TYR C 1169 74.37 36.10 -71.15
C TYR C 1169 73.86 36.62 -72.49
N GLN C 1170 74.77 36.99 -73.39
CA GLN C 1170 74.35 37.46 -74.71
C GLN C 1170 73.61 36.37 -75.47
N ILE C 1171 74.12 35.14 -75.43
CA ILE C 1171 73.47 34.03 -76.12
C ILE C 1171 72.07 33.82 -75.56
N VAL C 1172 71.93 33.82 -74.23
CA VAL C 1172 70.63 33.61 -73.62
C VAL C 1172 69.66 34.72 -74.01
N LYS C 1173 70.14 35.97 -73.97
CA LYS C 1173 69.26 37.09 -74.32
C LYS C 1173 68.82 37.00 -75.77
N GLY C 1174 69.74 36.66 -76.68
CA GLY C 1174 69.37 36.50 -78.08
C GLY C 1174 68.36 35.38 -78.28
N ILE C 1175 68.56 34.25 -77.60
CA ILE C 1175 67.62 33.14 -77.72
C ILE C 1175 66.24 33.55 -77.22
N LEU C 1176 66.19 34.23 -76.09
CA LEU C 1176 64.90 34.66 -75.55
C LEU C 1176 64.20 35.64 -76.48
N GLU C 1177 64.95 36.60 -77.03
CA GLU C 1177 64.34 37.55 -77.95
C GLU C 1177 63.83 36.85 -79.21
N ARG C 1178 64.61 35.91 -79.73
CA ARG C 1178 64.18 35.19 -80.92
C ARG C 1178 62.93 34.37 -80.65
N LEU C 1179 62.86 33.73 -79.48
CA LEU C 1179 61.65 32.98 -79.12
C LEU C 1179 60.44 33.90 -78.98
N ASN C 1180 60.64 35.06 -78.37
CA ASN C 1180 59.54 36.00 -78.23
C ASN C 1180 59.04 36.45 -79.60
N LYS C 1181 59.95 36.75 -80.52
CA LYS C 1181 59.54 37.12 -81.88
C LYS C 1181 58.83 35.96 -82.56
N MET C 1182 59.35 34.74 -82.40
CA MET C 1182 58.74 33.59 -83.05
C MET C 1182 57.33 33.34 -82.53
N CYS C 1183 57.06 33.67 -81.27
CA CYS C 1183 55.74 33.44 -80.71
C CYS C 1183 54.66 34.06 -81.59
N GLY C 1184 54.95 35.21 -82.19
CA GLY C 1184 54.07 35.79 -83.19
C GLY C 1184 53.04 36.72 -82.59
N VAL C 1185 52.43 37.52 -83.48
CA VAL C 1185 51.36 38.45 -83.13
C VAL C 1185 50.19 38.19 -84.06
N GLY C 1186 49.00 38.10 -83.50
CA GLY C 1186 47.80 37.85 -84.31
C GLY C 1186 47.18 36.51 -83.92
N GLU C 1187 45.87 36.56 -83.60
CA GLU C 1187 45.18 35.36 -83.17
C GLU C 1187 45.10 34.30 -84.26
N GLN C 1188 45.33 34.67 -85.52
CA GLN C 1188 45.24 33.69 -86.60
C GLN C 1188 46.27 32.59 -86.43
N MET C 1189 47.49 32.93 -86.00
CA MET C 1189 48.55 31.96 -85.79
C MET C 1189 49.03 31.91 -84.34
N ARG C 1190 48.50 32.76 -83.46
CA ARG C 1190 48.92 32.73 -82.06
C ARG C 1190 48.58 31.39 -81.42
N LYS C 1191 47.38 30.87 -81.69
CA LYS C 1191 47.00 29.58 -81.15
C LYS C 1191 47.91 28.46 -81.66
N LYS C 1192 48.23 28.50 -82.96
CA LYS C 1192 49.13 27.49 -83.51
C LYS C 1192 50.51 27.56 -82.86
N GLN C 1193 51.05 28.77 -82.69
CA GLN C 1193 52.36 28.91 -82.06
C GLN C 1193 52.34 28.43 -80.62
N GLN C 1194 51.28 28.78 -79.88
CA GLN C 1194 51.18 28.33 -78.50
C GLN C 1194 51.07 26.82 -78.40
N ARG C 1195 50.29 26.20 -79.29
CA ARG C 1195 50.18 24.75 -79.29
C ARG C 1195 51.52 24.09 -79.63
N LEU C 1196 52.24 24.66 -80.61
CA LEU C 1196 53.55 24.12 -80.95
C LEU C 1196 54.52 24.23 -79.78
N LEU C 1197 54.51 25.36 -79.08
CA LEU C 1197 55.37 25.51 -77.91
C LEU C 1197 54.99 24.53 -76.80
N LYS C 1198 53.69 24.33 -76.59
CA LYS C 1198 53.24 23.36 -75.59
C LYS C 1198 53.71 21.95 -75.95
N ASN C 1199 53.60 21.58 -77.22
CA ASN C 1199 54.08 20.27 -77.66
C ASN C 1199 55.60 20.14 -77.54
N MET C 1200 56.34 21.22 -77.78
CA MET C 1200 57.79 21.21 -77.66
C MET C 1200 58.25 21.34 -76.21
N ASP C 1201 57.34 21.63 -75.28
CA ASP C 1201 57.65 21.67 -73.86
C ASP C 1201 58.65 22.79 -73.54
N ALA C 1202 58.36 23.99 -74.06
CA ALA C 1202 59.18 25.15 -73.71
C ALA C 1202 58.88 25.66 -72.32
N HIS C 1203 57.66 25.42 -71.82
CA HIS C 1203 57.28 25.93 -70.51
C HIS C 1203 58.16 25.35 -69.42
N LYS C 1204 58.50 24.06 -69.51
CA LYS C 1204 59.38 23.46 -68.51
C LYS C 1204 60.76 24.12 -68.53
N VAL C 1205 61.30 24.39 -69.72
CA VAL C 1205 62.60 25.05 -69.80
C VAL C 1205 62.53 26.44 -69.19
N MET C 1206 61.46 27.18 -69.48
CA MET C 1206 61.32 28.52 -68.92
C MET C 1206 61.19 28.47 -67.41
N LEU C 1207 60.45 27.50 -66.87
CA LEU C 1207 60.34 27.36 -65.42
C LEU C 1207 61.68 27.02 -64.80
N ASP C 1208 62.46 26.15 -65.44
CA ASP C 1208 63.79 25.85 -64.93
C ASP C 1208 64.68 27.09 -64.95
N LEU C 1209 64.60 27.88 -66.03
CA LEU C 1209 65.39 29.11 -66.11
C LEU C 1209 64.98 30.08 -65.01
N LEU C 1210 63.68 30.19 -64.72
CA LEU C 1210 63.23 31.01 -63.61
C LEU C 1210 63.76 30.49 -62.28
N GLN C 1211 63.78 29.17 -62.10
CA GLN C 1211 64.30 28.55 -60.89
C GLN C 1211 65.83 28.57 -60.82
N ILE C 1212 66.50 29.02 -61.88
CA ILE C 1212 67.97 29.05 -61.85
C ILE C 1212 68.44 29.92 -60.69
N PRO C 1213 69.40 29.47 -59.89
CA PRO C 1213 69.93 30.33 -58.83
C PRO C 1213 70.69 31.53 -59.40
N TYR C 1214 70.67 32.62 -58.66
CA TYR C 1214 71.37 33.83 -59.07
C TYR C 1214 71.56 34.72 -57.84
N ASP C 1215 72.38 35.75 -58.00
CA ASP C 1215 72.66 36.72 -56.96
C ASP C 1215 72.08 38.07 -57.37
N LYS C 1216 71.42 38.74 -56.43
CA LYS C 1216 70.82 40.03 -56.72
C LYS C 1216 71.89 41.05 -57.09
N GLY C 1217 71.58 41.87 -58.09
CA GLY C 1217 72.49 42.93 -58.51
C GLY C 1217 72.89 42.83 -59.97
N ASP C 1218 72.62 41.70 -60.59
CA ASP C 1218 73.01 41.46 -61.98
C ASP C 1218 71.93 42.01 -62.91
N ALA C 1219 72.22 43.13 -63.57
CA ALA C 1219 71.25 43.73 -64.49
C ALA C 1219 70.96 42.79 -65.66
N LYS C 1220 71.99 42.11 -66.18
CA LYS C 1220 71.77 41.17 -67.27
C LYS C 1220 70.89 40.01 -66.84
N MET C 1221 71.11 39.50 -65.62
CA MET C 1221 70.26 38.44 -65.10
C MET C 1221 68.82 38.92 -64.96
N MET C 1222 68.63 40.15 -64.47
CA MET C 1222 67.29 40.70 -64.36
C MET C 1222 66.65 40.83 -65.74
N GLU C 1223 67.42 41.24 -66.74
CA GLU C 1223 66.87 41.38 -68.09
C GLU C 1223 66.42 40.04 -68.64
N ILE C 1224 67.24 38.99 -68.47
CA ILE C 1224 66.85 37.69 -68.99
C ILE C 1224 65.64 37.15 -68.22
N LEU C 1225 65.58 37.41 -66.92
CA LEU C 1225 64.40 37.00 -66.15
C LEU C 1225 63.15 37.72 -66.65
N ARG C 1226 63.27 39.02 -66.95
CA ARG C 1226 62.13 39.75 -67.51
C ARG C 1226 61.71 39.18 -68.85
N TYR C 1227 62.69 38.83 -69.70
CA TYR C 1227 62.35 38.24 -70.98
C TYR C 1227 61.62 36.91 -70.81
N THR C 1228 62.08 36.08 -69.87
CA THR C 1228 61.40 34.81 -69.61
C THR C 1228 59.98 35.04 -69.10
N HIS C 1229 59.80 36.03 -68.22
CA HIS C 1229 58.46 36.32 -67.72
C HIS C 1229 57.55 36.80 -68.84
N GLN C 1230 58.06 37.66 -69.73
CA GLN C 1230 57.27 38.10 -70.86
C GLN C 1230 56.90 36.94 -71.77
N PHE C 1231 57.86 36.03 -72.01
CA PHE C 1231 57.57 34.86 -72.83
C PHE C 1231 56.48 34.01 -72.21
N LEU C 1232 56.55 33.79 -70.90
CA LEU C 1232 55.51 33.01 -70.22
C LEU C 1232 54.16 33.70 -70.32
N GLN C 1233 54.13 35.02 -70.13
CA GLN C 1233 52.87 35.75 -70.23
C GLN C 1233 52.27 35.64 -71.62
N LYS C 1234 53.10 35.77 -72.66
CA LYS C 1234 52.60 35.64 -74.03
C LYS C 1234 52.16 34.21 -74.32
N PHE C 1235 52.86 33.22 -73.76
CA PHE C 1235 52.47 31.83 -73.94
C PHE C 1235 51.10 31.56 -73.31
N CYS C 1236 50.86 32.13 -72.12
CA CYS C 1236 49.56 32.00 -71.46
C CYS C 1236 48.73 33.24 -71.80
N ALA C 1237 48.24 33.25 -73.04
CA ALA C 1237 47.43 34.36 -73.56
C ALA C 1237 46.26 33.77 -74.34
N GLY C 1238 45.10 33.68 -73.69
CA GLY C 1238 43.91 33.17 -74.35
C GLY C 1238 43.85 31.66 -74.48
N ASN C 1239 44.79 30.93 -73.89
CA ASN C 1239 44.81 29.47 -73.97
C ASN C 1239 44.52 28.89 -72.59
N PRO C 1240 43.31 28.37 -72.35
CA PRO C 1240 43.04 27.78 -71.03
C PRO C 1240 43.95 26.63 -70.69
N GLY C 1241 44.36 25.83 -71.68
CA GLY C 1241 45.28 24.74 -71.40
C GLY C 1241 46.61 25.23 -70.90
N ASN C 1242 47.17 26.24 -71.57
CA ASN C 1242 48.45 26.81 -71.13
C ASN C 1242 48.30 27.48 -69.76
N GLN C 1243 47.17 28.17 -69.54
CA GLN C 1243 46.94 28.78 -68.24
C GLN C 1243 46.91 27.74 -67.13
N ALA C 1244 46.22 26.62 -67.37
CA ALA C 1244 46.18 25.56 -66.38
C ALA C 1244 47.55 24.94 -66.17
N LEU C 1245 48.31 24.75 -67.24
CA LEU C 1245 49.65 24.19 -67.11
C LEU C 1245 50.53 25.08 -66.25
N LEU C 1246 50.48 26.40 -66.47
CA LEU C 1246 51.27 27.31 -65.66
C LEU C 1246 50.76 27.36 -64.23
N HIS C 1247 49.44 27.34 -64.04
CA HIS C 1247 48.88 27.36 -62.69
C HIS C 1247 49.27 26.13 -61.91
N LYS C 1248 49.50 25.00 -62.59
CA LYS C 1248 49.91 23.79 -61.91
C LYS C 1248 51.25 23.96 -61.20
N HIS C 1249 52.04 24.96 -61.57
CA HIS C 1249 53.30 25.29 -60.92
C HIS C 1249 53.21 26.67 -60.28
N LEU C 1250 52.08 26.96 -59.63
CA LEU C 1250 51.84 28.29 -59.09
C LEU C 1250 52.81 28.67 -57.98
N HIS C 1251 53.35 27.69 -57.26
CA HIS C 1251 54.17 28.00 -56.08
C HIS C 1251 55.38 28.86 -56.45
N LEU C 1252 55.86 28.77 -57.69
CA LEU C 1252 57.00 29.58 -58.10
C LEU C 1252 56.67 31.06 -58.06
N PHE C 1253 55.47 31.44 -58.50
CA PHE C 1253 55.10 32.84 -58.62
C PHE C 1253 54.58 33.44 -57.32
N LEU C 1254 54.46 32.65 -56.24
CA LEU C 1254 54.01 33.16 -54.95
C LEU C 1254 55.19 33.77 -54.18
N THR C 1255 55.78 34.78 -54.79
CA THR C 1255 56.88 35.54 -54.21
C THR C 1255 56.72 37.00 -54.59
N PRO C 1256 57.18 37.92 -53.75
CA PRO C 1256 57.04 39.35 -54.09
C PRO C 1256 57.75 39.67 -55.40
N GLY C 1257 57.14 40.57 -56.16
CA GLY C 1257 57.71 40.98 -57.44
C GLY C 1257 56.67 41.43 -58.45
N LEU C 1258 56.91 42.56 -59.10
CA LEU C 1258 55.98 43.06 -60.09
C LEU C 1258 55.87 42.13 -61.29
N LEU C 1259 56.99 41.55 -61.72
CA LEU C 1259 56.95 40.58 -62.81
C LEU C 1259 56.11 39.37 -62.45
N GLU C 1260 56.27 38.87 -61.21
CA GLU C 1260 55.46 37.74 -60.78
C GLU C 1260 53.99 38.10 -60.71
N ALA C 1261 53.68 39.31 -60.23
CA ALA C 1261 52.29 39.75 -60.17
C ALA C 1261 51.68 39.82 -61.58
N GLU C 1262 52.44 40.36 -62.54
CA GLU C 1262 51.96 40.42 -63.91
C GLU C 1262 51.76 39.03 -64.49
N THR C 1263 52.67 38.11 -64.19
CA THR C 1263 52.52 36.74 -64.68
C THR C 1263 51.27 36.09 -64.09
N MET C 1264 51.02 36.31 -62.80
CA MET C 1264 49.80 35.77 -62.18
C MET C 1264 48.57 36.38 -62.82
N GLN C 1265 48.59 37.68 -63.09
CA GLN C 1265 47.46 38.32 -63.74
C GLN C 1265 47.20 37.73 -65.12
N HIS C 1266 48.26 37.52 -65.90
CA HIS C 1266 48.09 36.91 -67.22
C HIS C 1266 47.57 35.48 -67.11
N ILE C 1267 48.06 34.73 -66.13
CA ILE C 1267 47.61 33.34 -65.97
C ILE C 1267 46.12 33.30 -65.63
N PHE C 1268 45.69 34.17 -64.72
CA PHE C 1268 44.29 34.18 -64.28
C PHE C 1268 43.39 35.05 -65.14
N LEU C 1269 43.92 35.66 -66.20
CA LEU C 1269 43.12 36.55 -67.03
C LEU C 1269 42.12 35.75 -67.87
N ASN C 1270 40.85 36.16 -67.82
CA ASN C 1270 39.81 35.61 -68.68
C ASN C 1270 39.75 34.09 -68.58
N ASN C 1271 39.79 33.58 -67.34
CA ASN C 1271 39.70 32.15 -67.07
C ASN C 1271 38.76 31.95 -65.88
N TYR C 1272 37.47 31.74 -66.19
CA TYR C 1272 36.48 31.60 -65.13
C TYR C 1272 36.77 30.38 -64.26
N GLN C 1273 37.21 29.29 -64.88
CA GLN C 1273 37.47 28.06 -64.13
C GLN C 1273 38.44 28.31 -62.98
N LEU C 1274 39.56 28.96 -63.26
CA LEU C 1274 40.53 29.23 -62.21
C LEU C 1274 40.10 30.39 -61.32
N CYS C 1275 39.42 31.40 -61.89
CA CYS C 1275 39.01 32.55 -61.09
C CYS C 1275 38.04 32.14 -60.00
N SER C 1276 37.07 31.28 -60.32
CA SER C 1276 36.08 30.85 -59.34
C SER C 1276 36.68 29.93 -58.28
N GLU C 1277 37.74 29.19 -58.62
CA GLU C 1277 38.36 28.23 -57.70
C GLU C 1277 39.65 28.78 -57.10
N ILE C 1278 39.93 30.07 -57.27
CA ILE C 1278 41.12 30.66 -56.67
C ILE C 1278 41.11 30.41 -55.17
N SER C 1279 42.29 30.13 -54.62
CA SER C 1279 42.39 29.75 -53.22
C SER C 1279 42.59 30.97 -52.32
N GLU C 1280 42.03 30.89 -51.12
CA GLU C 1280 42.15 31.97 -50.15
C GLU C 1280 43.59 32.35 -49.84
N PRO C 1281 44.55 31.42 -49.72
CA PRO C 1281 45.92 31.83 -49.43
C PRO C 1281 46.52 32.76 -50.48
N VAL C 1282 46.15 32.63 -51.75
CA VAL C 1282 46.68 33.53 -52.78
C VAL C 1282 46.23 34.96 -52.51
N LEU C 1283 44.92 35.13 -52.23
CA LEU C 1283 44.42 36.47 -51.93
C LEU C 1283 45.04 37.02 -50.65
N GLN C 1284 45.20 36.16 -49.65
CA GLN C 1284 45.84 36.61 -48.40
C GLN C 1284 47.26 37.06 -48.66
N HIS C 1285 48.01 36.33 -49.49
CA HIS C 1285 49.37 36.72 -49.81
C HIS C 1285 49.41 38.04 -50.55
N PHE C 1286 48.49 38.23 -51.51
CA PHE C 1286 48.46 39.50 -52.24
C PHE C 1286 48.15 40.66 -51.30
N VAL C 1287 47.19 40.48 -50.39
CA VAL C 1287 46.84 41.54 -49.46
C VAL C 1287 48.00 41.83 -48.52
N HIS C 1288 48.69 40.79 -48.05
CA HIS C 1288 49.84 40.99 -47.19
C HIS C 1288 50.95 41.75 -47.90
N LEU C 1289 51.19 41.42 -49.17
CA LEU C 1289 52.17 42.15 -49.95
C LEU C 1289 51.78 43.62 -50.09
N LEU C 1290 50.50 43.88 -50.38
CA LEU C 1290 50.04 45.27 -50.47
C LEU C 1290 50.27 45.99 -49.15
N ALA C 1291 49.97 45.34 -48.03
CA ALA C 1291 50.09 46.00 -46.73
C ALA C 1291 51.54 46.27 -46.38
N THR C 1292 52.43 45.31 -46.65
CA THR C 1292 53.81 45.41 -46.18
C THR C 1292 54.74 46.07 -47.20
N HIS C 1293 54.87 45.47 -48.38
CA HIS C 1293 55.83 45.99 -49.35
C HIS C 1293 55.48 47.41 -49.78
N GLY C 1294 54.22 47.67 -50.03
CA GLY C 1294 53.79 49.00 -50.44
C GLY C 1294 52.51 48.94 -51.26
N ARG C 1295 52.13 50.10 -51.75
CA ARG C 1295 50.91 50.26 -52.55
C ARG C 1295 51.31 50.28 -54.03
N HIS C 1296 51.17 49.13 -54.69
CA HIS C 1296 51.49 48.98 -56.09
C HIS C 1296 50.23 48.60 -56.87
N VAL C 1297 50.13 49.12 -58.09
CA VAL C 1297 48.93 48.92 -58.90
C VAL C 1297 48.83 47.49 -59.43
N GLN C 1298 49.93 46.73 -59.43
CA GLN C 1298 49.90 45.38 -59.97
C GLN C 1298 48.96 44.49 -59.16
N TYR C 1299 49.03 44.60 -57.83
CA TYR C 1299 48.17 43.78 -56.99
C TYR C 1299 46.70 44.11 -57.21
N LEU C 1300 46.38 45.41 -57.32
CA LEU C 1300 45.00 45.81 -57.56
C LEU C 1300 44.52 45.30 -58.93
N ASP C 1301 45.39 45.36 -59.93
CA ASP C 1301 45.03 44.83 -61.25
C ASP C 1301 44.75 43.34 -61.19
N PHE C 1302 45.60 42.60 -60.47
CA PHE C 1302 45.37 41.17 -60.31
C PHE C 1302 44.06 40.90 -59.58
N LEU C 1303 43.76 41.67 -58.55
CA LEU C 1303 42.51 41.48 -57.81
C LEU C 1303 41.31 41.76 -58.71
N HIS C 1304 41.38 42.82 -59.52
CA HIS C 1304 40.27 43.12 -60.42
C HIS C 1304 40.11 42.03 -61.47
N THR C 1305 41.22 41.50 -61.99
CA THR C 1305 41.14 40.42 -62.96
C THR C 1305 40.52 39.17 -62.34
N VAL C 1306 40.88 38.86 -61.10
CA VAL C 1306 40.29 37.73 -60.41
C VAL C 1306 38.80 37.96 -60.20
N ILE C 1307 38.41 39.18 -59.83
CA ILE C 1307 37.00 39.48 -59.58
C ILE C 1307 36.19 39.30 -60.85
N LYS C 1308 36.66 39.86 -61.96
CA LYS C 1308 35.93 39.83 -63.23
C LYS C 1308 36.70 39.00 -64.24
N ALA C 1309 36.02 37.98 -64.79
CA ALA C 1309 36.60 37.12 -65.80
C ALA C 1309 35.48 36.58 -66.67
N GLU C 1310 35.65 36.69 -67.99
CA GLU C 1310 34.64 36.22 -68.95
C GLU C 1310 33.28 36.84 -68.64
N GLY C 1311 33.28 38.12 -68.29
CA GLY C 1311 32.03 38.83 -68.02
C GLY C 1311 31.39 38.54 -66.68
N LYS C 1312 31.11 37.27 -66.39
CA LYS C 1312 30.45 36.91 -65.15
C LYS C 1312 31.31 37.29 -63.94
N TYR C 1313 30.66 37.80 -62.91
CA TYR C 1313 31.33 38.16 -61.66
C TYR C 1313 31.37 36.96 -60.71
N VAL C 1314 32.40 36.92 -59.88
CA VAL C 1314 32.59 35.84 -58.91
C VAL C 1314 32.22 36.40 -57.54
N LYS C 1315 31.07 35.96 -57.01
CA LYS C 1315 30.61 36.46 -55.73
C LYS C 1315 31.58 36.11 -54.61
N LYS C 1316 32.09 34.87 -54.62
CA LYS C 1316 33.03 34.45 -53.58
C LYS C 1316 34.26 35.35 -53.57
N CYS C 1317 34.87 35.55 -54.74
CA CYS C 1317 36.05 36.39 -54.82
C CYS C 1317 35.75 37.83 -54.40
N GLN C 1318 34.62 38.37 -54.87
CA GLN C 1318 34.25 39.73 -54.49
C GLN C 1318 34.14 39.87 -52.97
N ASP C 1319 33.38 38.98 -52.34
CA ASP C 1319 33.18 39.08 -50.90
C ASP C 1319 34.50 38.89 -50.15
N MET C 1320 35.31 37.92 -50.56
CA MET C 1320 36.56 37.66 -49.87
C MET C 1320 37.51 38.85 -49.98
N ILE C 1321 37.63 39.42 -51.18
CA ILE C 1321 38.51 40.57 -51.37
C ILE C 1321 38.01 41.76 -50.57
N MET C 1322 36.70 42.00 -50.58
CA MET C 1322 36.17 43.14 -49.82
C MET C 1322 36.44 42.96 -48.33
N THR C 1323 36.23 41.75 -47.81
CA THR C 1323 36.48 41.50 -46.39
C THR C 1323 37.95 41.69 -46.05
N GLU C 1324 38.85 41.19 -46.91
CA GLU C 1324 40.27 41.35 -46.66
C GLU C 1324 40.68 42.82 -46.68
N LEU C 1325 40.15 43.58 -47.64
CA LEU C 1325 40.46 45.01 -47.69
C LEU C 1325 39.94 45.73 -46.46
N THR C 1326 38.73 45.39 -46.02
CA THR C 1326 38.17 46.01 -44.82
C THR C 1326 39.02 45.70 -43.60
N ASN C 1327 39.47 44.45 -43.47
CA ASN C 1327 40.24 44.05 -42.31
C ASN C 1327 41.67 44.57 -42.34
N ALA C 1328 42.23 44.83 -43.52
CA ALA C 1328 43.61 45.30 -43.60
C ALA C 1328 43.78 46.64 -42.90
N GLY C 1329 42.85 47.56 -43.12
CA GLY C 1329 42.93 48.87 -42.49
C GLY C 1329 43.04 50.00 -43.50
N ASP C 1330 43.62 51.12 -43.06
CA ASP C 1330 43.77 52.30 -43.90
C ASP C 1330 45.13 52.37 -44.58
N ASP C 1331 46.01 51.40 -44.35
CA ASP C 1331 47.32 51.42 -44.97
C ASP C 1331 47.30 50.97 -46.42
N VAL C 1332 46.22 50.33 -46.86
CA VAL C 1332 46.08 49.88 -48.24
C VAL C 1332 44.87 50.56 -48.86
N VAL C 1333 43.89 50.91 -48.03
CA VAL C 1333 42.69 51.60 -48.48
C VAL C 1333 42.85 53.07 -48.07
N VAL C 1334 43.34 53.88 -49.01
CA VAL C 1334 43.59 55.29 -48.77
C VAL C 1334 42.56 56.10 -49.56
N PHE C 1335 41.87 57.00 -48.88
CA PHE C 1335 40.89 57.89 -49.50
C PHE C 1335 41.16 59.32 -49.07
N TYR C 1336 40.96 60.25 -50.00
CA TYR C 1336 41.22 61.67 -49.76
C TYR C 1336 39.89 62.35 -49.47
N ASN C 1337 39.53 62.40 -48.18
CA ASN C 1337 38.29 63.03 -47.74
C ASN C 1337 38.51 64.28 -46.91
N ASP C 1338 39.58 64.36 -46.12
CA ASP C 1338 39.87 65.55 -45.35
C ASP C 1338 40.27 66.69 -46.29
N LYS C 1339 40.36 67.89 -45.73
CA LYS C 1339 40.70 69.06 -46.54
C LYS C 1339 42.11 68.94 -47.11
N ALA C 1340 43.07 68.57 -46.27
CA ALA C 1340 44.45 68.43 -46.74
C ALA C 1340 44.57 67.33 -47.79
N SER C 1341 43.91 66.20 -47.56
CA SER C 1341 43.97 65.10 -48.52
C SER C 1341 43.33 65.51 -49.84
N LEU C 1342 42.21 66.24 -49.78
CA LEU C 1342 41.57 66.70 -51.01
C LEU C 1342 42.48 67.68 -51.75
N ALA C 1343 43.16 68.57 -51.02
CA ALA C 1343 44.09 69.49 -51.68
C ALA C 1343 45.23 68.73 -52.35
N HIS C 1344 45.75 67.70 -51.67
CA HIS C 1344 46.81 66.90 -52.26
C HIS C 1344 46.32 66.18 -53.52
N LEU C 1345 45.10 65.64 -53.47
CA LEU C 1345 44.54 64.98 -54.64
C LEU C 1345 44.37 65.96 -55.80
N LEU C 1346 43.90 67.18 -55.50
CA LEU C 1346 43.77 68.20 -56.54
C LEU C 1346 45.12 68.53 -57.15
N ASP C 1347 46.15 68.65 -56.31
CA ASP C 1347 47.49 68.95 -56.81
C ASP C 1347 47.98 67.83 -57.71
N MET C 1348 47.76 66.57 -57.30
CA MET C 1348 48.20 65.44 -58.12
C MET C 1348 47.47 65.42 -59.45
N MET C 1349 46.16 65.67 -59.44
CA MET C 1349 45.41 65.68 -60.70
C MET C 1349 45.87 66.82 -61.61
N LYS C 1350 46.15 67.98 -61.02
CA LYS C 1350 46.66 69.10 -61.82
C LYS C 1350 48.02 68.76 -62.44
N ALA C 1351 48.89 68.11 -61.67
CA ALA C 1351 50.17 67.68 -62.21
C ALA C 1351 50.00 66.66 -63.33
N ALA C 1352 49.05 65.74 -63.17
CA ALA C 1352 48.78 64.70 -64.16
C ALA C 1352 47.75 65.14 -65.20
N ARG C 1353 47.62 66.45 -65.42
CA ARG C 1353 46.64 66.94 -66.38
C ARG C 1353 46.95 66.44 -67.78
N ASP C 1354 48.22 66.49 -68.18
CA ASP C 1354 48.60 65.98 -69.50
C ASP C 1354 48.37 64.48 -69.58
N GLY C 1355 48.70 63.75 -68.53
CA GLY C 1355 48.51 62.31 -68.52
C GLY C 1355 48.83 61.76 -67.14
N VAL C 1356 48.55 60.47 -66.99
CA VAL C 1356 48.76 59.75 -65.73
C VAL C 1356 49.83 58.70 -65.94
N GLU C 1357 50.83 58.71 -65.06
CA GLU C 1357 51.91 57.72 -65.14
C GLU C 1357 51.37 56.33 -64.82
N ASP C 1358 52.01 55.31 -65.40
CA ASP C 1358 51.56 53.94 -65.19
C ASP C 1358 51.63 53.56 -63.72
N HIS C 1359 52.71 53.93 -63.04
CA HIS C 1359 52.87 53.70 -61.60
C HIS C 1359 52.82 55.05 -60.90
N SER C 1360 51.72 55.34 -60.24
CA SER C 1360 51.53 56.62 -59.56
C SER C 1360 50.49 56.44 -58.47
N PRO C 1361 50.54 57.26 -57.41
CA PRO C 1361 49.47 57.20 -56.41
C PRO C 1361 48.10 57.49 -56.97
N LEU C 1362 48.00 58.38 -57.95
CA LEU C 1362 46.70 58.63 -58.58
C LEU C 1362 46.19 57.37 -59.29
N MET C 1363 47.07 56.67 -60.00
CA MET C 1363 46.67 55.42 -60.64
C MET C 1363 46.26 54.38 -59.60
N TYR C 1364 46.99 54.30 -58.49
CA TYR C 1364 46.63 53.36 -57.43
C TYR C 1364 45.26 53.69 -56.87
N HIS C 1365 44.98 54.97 -56.64
CA HIS C 1365 43.67 55.37 -56.13
C HIS C 1365 42.56 55.03 -57.11
N ILE C 1366 42.79 55.28 -58.41
CA ILE C 1366 41.80 54.95 -59.41
C ILE C 1366 41.54 53.45 -59.45
N SER C 1367 42.60 52.65 -59.39
CA SER C 1367 42.44 51.20 -59.38
C SER C 1367 41.68 50.74 -58.15
N LEU C 1368 41.97 51.32 -56.99
CA LEU C 1368 41.26 50.96 -55.77
C LEU C 1368 39.78 51.30 -55.88
N VAL C 1369 39.46 52.48 -56.43
CA VAL C 1369 38.06 52.86 -56.60
C VAL C 1369 37.35 51.91 -57.53
N ASP C 1370 38.00 51.55 -58.64
CA ASP C 1370 37.40 50.60 -59.58
C ASP C 1370 37.18 49.24 -58.92
N LEU C 1371 38.16 48.79 -58.13
CA LEU C 1371 38.01 47.51 -57.44
C LEU C 1371 36.85 47.54 -56.46
N LEU C 1372 36.72 48.62 -55.70
CA LEU C 1372 35.61 48.72 -54.75
C LEU C 1372 34.27 48.77 -55.48
N ALA C 1373 34.21 49.47 -56.61
CA ALA C 1373 32.98 49.50 -57.40
C ALA C 1373 32.64 48.11 -57.91
N ALA C 1374 33.64 47.37 -58.39
CA ALA C 1374 33.37 46.00 -58.85
C ALA C 1374 32.88 45.12 -57.71
N CYS C 1375 33.48 45.27 -56.53
CA CYS C 1375 33.03 44.48 -55.38
C CYS C 1375 31.59 44.82 -55.01
N ALA C 1376 31.26 46.11 -55.00
CA ALA C 1376 29.91 46.54 -54.66
C ALA C 1376 28.89 46.20 -55.75
N GLU C 1377 29.33 45.94 -56.97
CA GLU C 1377 28.43 45.57 -58.04
C GLU C 1377 27.76 44.22 -57.82
N GLY C 1378 28.22 43.44 -56.85
CA GLY C 1378 27.66 42.13 -56.60
C GLY C 1378 26.32 42.17 -55.89
N LYS C 1379 26.11 41.24 -54.96
CA LYS C 1379 24.84 41.06 -54.28
C LYS C 1379 25.05 41.04 -52.77
N ASN C 1380 25.82 42.00 -52.27
CA ASN C 1380 26.09 42.13 -50.84
C ASN C 1380 25.71 43.53 -50.38
N VAL C 1381 25.07 43.60 -49.21
CA VAL C 1381 24.59 44.87 -48.67
C VAL C 1381 25.65 45.55 -47.81
N TYR C 1382 26.35 44.78 -46.97
CA TYR C 1382 27.38 45.36 -46.13
C TYR C 1382 28.53 45.90 -46.96
N THR C 1383 28.83 45.26 -48.11
CA THR C 1383 29.85 45.80 -48.99
C THR C 1383 29.47 47.17 -49.50
N GLU C 1384 28.21 47.34 -49.93
CA GLU C 1384 27.76 48.63 -50.40
C GLU C 1384 27.80 49.65 -49.27
N ILE C 1385 27.39 49.25 -48.06
CA ILE C 1385 27.42 50.17 -46.93
C ILE C 1385 28.85 50.62 -46.64
N LYS C 1386 29.79 49.68 -46.65
CA LYS C 1386 31.19 50.01 -46.40
C LYS C 1386 31.73 50.93 -47.48
N CYS C 1387 31.39 50.67 -48.74
CA CYS C 1387 31.85 51.54 -49.83
C CYS C 1387 31.30 52.94 -49.67
N THR C 1388 30.01 53.06 -49.33
CA THR C 1388 29.42 54.38 -49.14
C THR C 1388 30.07 55.12 -47.97
N SER C 1389 30.34 54.41 -46.87
CA SER C 1389 31.02 55.04 -45.74
C SER C 1389 32.42 55.49 -46.12
N LEU C 1390 33.14 54.66 -46.88
CA LEU C 1390 34.50 55.01 -47.29
C LEU C 1390 34.50 56.23 -48.19
N LEU C 1391 33.54 56.30 -49.12
CA LEU C 1391 33.48 57.40 -50.10
C LEU C 1391 32.11 58.05 -50.02
N PRO C 1392 31.95 59.04 -49.13
CA PRO C 1392 30.67 59.76 -49.06
C PRO C 1392 30.36 60.50 -50.36
N LEU C 1393 29.07 60.64 -50.63
CA LEU C 1393 28.65 61.31 -51.86
C LEU C 1393 29.12 62.76 -51.91
N GLU C 1394 29.20 63.41 -50.75
CA GLU C 1394 29.65 64.80 -50.72
C GLU C 1394 31.08 64.92 -51.26
N ASP C 1395 31.96 64.03 -50.83
CA ASP C 1395 33.32 64.03 -51.34
C ASP C 1395 33.34 63.75 -52.85
N VAL C 1396 32.49 62.82 -53.30
CA VAL C 1396 32.43 62.50 -54.71
C VAL C 1396 32.07 63.73 -55.53
N VAL C 1397 31.02 64.44 -55.12
CA VAL C 1397 30.60 65.61 -55.88
C VAL C 1397 31.65 66.71 -55.80
N SER C 1398 32.26 66.89 -54.62
CA SER C 1398 33.28 67.93 -54.50
C SER C 1398 34.45 67.66 -55.43
N VAL C 1399 34.87 66.40 -55.53
CA VAL C 1399 35.98 66.06 -56.42
C VAL C 1399 35.56 66.21 -57.88
N VAL C 1400 34.36 65.75 -58.23
CA VAL C 1400 33.95 65.75 -59.63
C VAL C 1400 33.75 67.17 -60.14
N THR C 1401 33.04 68.00 -59.38
CA THR C 1401 32.70 69.34 -59.85
C THR C 1401 33.89 70.28 -59.88
N HIS C 1402 35.00 69.91 -59.25
CA HIS C 1402 36.18 70.77 -59.27
C HIS C 1402 36.68 70.96 -60.69
N GLU C 1403 37.08 72.19 -61.02
CA GLU C 1403 37.53 72.47 -62.38
C GLU C 1403 38.75 71.62 -62.75
N ASP C 1404 39.65 71.40 -61.79
CA ASP C 1404 40.83 70.58 -62.01
C ASP C 1404 40.52 69.16 -61.57
N CYS C 1405 40.11 68.32 -62.51
CA CYS C 1405 39.78 66.93 -62.23
C CYS C 1405 39.94 66.13 -63.51
N ILE C 1406 40.80 65.11 -63.46
CA ILE C 1406 41.10 64.34 -64.66
C ILE C 1406 39.91 63.46 -65.03
N THR C 1407 39.77 63.21 -66.34
CA THR C 1407 38.64 62.43 -66.83
C THR C 1407 38.65 61.01 -66.27
N GLU C 1408 39.84 60.44 -66.02
CA GLU C 1408 39.91 59.10 -65.44
C GLU C 1408 39.29 59.08 -64.05
N VAL C 1409 39.62 60.07 -63.21
CA VAL C 1409 39.04 60.16 -61.88
C VAL C 1409 37.55 60.41 -61.97
N LYS C 1410 37.14 61.27 -62.90
CA LYS C 1410 35.72 61.53 -63.08
C LYS C 1410 34.96 60.25 -63.42
N MET C 1411 35.48 59.47 -64.37
CA MET C 1411 34.82 58.23 -64.76
C MET C 1411 34.80 57.24 -63.61
N ALA C 1412 35.91 57.13 -62.88
CA ALA C 1412 35.94 56.20 -61.76
C ALA C 1412 34.91 56.56 -60.71
N TYR C 1413 34.81 57.85 -60.37
CA TYR C 1413 33.84 58.28 -59.36
C TYR C 1413 32.41 58.08 -59.86
N VAL C 1414 32.15 58.36 -61.13
CA VAL C 1414 30.80 58.16 -61.65
C VAL C 1414 30.42 56.69 -61.62
N ASN C 1415 31.35 55.81 -62.01
CA ASN C 1415 31.06 54.37 -61.96
C ASN C 1415 30.85 53.91 -60.53
N PHE C 1416 31.65 54.44 -59.59
CA PHE C 1416 31.46 54.10 -58.19
C PHE C 1416 30.07 54.51 -57.71
N VAL C 1417 29.63 55.72 -58.06
CA VAL C 1417 28.29 56.17 -57.68
C VAL C 1417 27.23 55.27 -58.29
N ASN C 1418 27.39 54.93 -59.57
CA ASN C 1418 26.38 54.12 -60.24
C ASN C 1418 26.26 52.74 -59.61
N HIS C 1419 27.40 52.12 -59.25
CA HIS C 1419 27.40 50.76 -58.73
C HIS C 1419 27.29 50.69 -57.21
N CYS C 1420 27.27 51.82 -56.52
CA CYS C 1420 27.20 51.82 -55.06
C CYS C 1420 26.08 52.68 -54.49
N TYR C 1421 25.48 53.57 -55.28
CA TYR C 1421 24.38 54.41 -54.81
C TYR C 1421 23.10 54.19 -55.61
N VAL C 1422 23.18 54.20 -56.93
CA VAL C 1422 21.98 54.10 -57.76
C VAL C 1422 21.34 52.72 -57.59
N ASP C 1423 22.14 51.67 -57.66
CA ASP C 1423 21.66 50.29 -57.59
C ASP C 1423 22.17 49.68 -56.30
N THR C 1424 21.29 49.61 -55.30
CA THR C 1424 21.64 49.04 -54.00
C THR C 1424 20.39 48.48 -53.35
N GLU C 1425 20.59 47.60 -52.37
CA GLU C 1425 19.51 47.05 -51.56
C GLU C 1425 19.25 47.86 -50.30
N VAL C 1426 19.97 48.97 -50.11
CA VAL C 1426 19.77 49.78 -48.92
C VAL C 1426 18.39 50.41 -48.97
N GLU C 1427 17.62 50.22 -47.90
CA GLU C 1427 16.28 50.79 -47.85
C GLU C 1427 16.33 52.31 -47.89
N MET C 1428 17.26 52.92 -47.15
CA MET C 1428 17.43 54.37 -47.14
C MET C 1428 18.43 54.73 -48.24
N LYS C 1429 17.91 55.05 -49.41
CA LYS C 1429 18.73 55.41 -50.57
C LYS C 1429 18.98 56.92 -50.52
N GLU C 1430 20.21 57.31 -50.22
CA GLU C 1430 20.56 58.72 -50.11
C GLU C 1430 20.75 59.39 -51.47
N ILE C 1431 20.90 58.62 -52.54
CA ILE C 1431 21.10 59.21 -53.86
C ILE C 1431 19.89 60.06 -54.24
N TYR C 1432 18.69 59.57 -53.98
CA TYR C 1432 17.47 60.33 -54.23
C TYR C 1432 17.21 61.30 -53.09
N THR C 1433 16.27 62.21 -53.33
CA THR C 1433 15.91 63.22 -52.32
C THR C 1433 17.11 64.05 -51.91
N SER C 1434 17.98 64.35 -52.88
CA SER C 1434 19.16 65.15 -52.60
C SER C 1434 19.55 65.92 -53.85
N ASN C 1435 20.30 67.00 -53.65
CA ASN C 1435 20.76 67.85 -54.74
C ASN C 1435 22.11 67.43 -55.28
N HIS C 1436 22.78 66.46 -54.64
CA HIS C 1436 24.07 66.00 -55.15
C HIS C 1436 23.93 65.38 -56.53
N ILE C 1437 22.90 64.57 -56.73
CA ILE C 1437 22.70 63.95 -58.04
C ILE C 1437 22.35 65.00 -59.09
N TRP C 1438 21.60 66.03 -58.72
CA TRP C 1438 21.28 67.09 -59.67
C TRP C 1438 22.52 67.89 -60.05
N THR C 1439 23.39 68.17 -59.07
CA THR C 1439 24.65 68.83 -59.39
C THR C 1439 25.50 67.96 -60.30
N LEU C 1440 25.50 66.64 -60.04
CA LEU C 1440 26.25 65.73 -60.90
C LEU C 1440 25.70 65.72 -62.32
N PHE C 1441 24.36 65.78 -62.46
CA PHE C 1441 23.76 65.87 -63.78
C PHE C 1441 24.14 67.17 -64.48
N GLU C 1442 24.19 68.27 -63.73
CA GLU C 1442 24.64 69.54 -64.31
C GLU C 1442 26.07 69.41 -64.81
N ASN C 1443 26.94 68.77 -64.02
CA ASN C 1443 28.31 68.55 -64.47
C ASN C 1443 28.36 67.67 -65.72
N PHE C 1444 27.50 66.65 -65.77
CA PHE C 1444 27.44 65.80 -66.96
C PHE C 1444 27.02 66.61 -68.19
N THR C 1445 26.04 67.50 -68.04
CA THR C 1445 25.63 68.34 -69.16
C THR C 1445 26.77 69.25 -69.60
N LEU C 1446 27.50 69.82 -68.64
CA LEU C 1446 28.66 70.63 -68.98
C LEU C 1446 29.70 69.81 -69.75
N ASP C 1447 29.93 68.57 -69.31
CA ASP C 1447 30.89 67.71 -70.01
C ASP C 1447 30.41 67.41 -71.42
N MET C 1448 29.11 67.17 -71.60
CA MET C 1448 28.58 66.93 -72.94
C MET C 1448 28.77 68.15 -73.83
N ALA C 1449 28.51 69.34 -73.29
CA ALA C 1449 28.73 70.56 -74.05
C ALA C 1449 30.20 70.72 -74.44
N ARG C 1450 31.10 70.42 -73.50
CA ARG C 1450 32.52 70.50 -73.80
C ARG C 1450 32.92 69.50 -74.89
N VAL C 1451 32.37 68.29 -74.84
CA VAL C 1451 32.68 67.30 -75.86
C VAL C 1451 32.18 67.76 -77.22
N CYS C 1452 30.96 68.31 -77.27
CA CYS C 1452 30.43 68.81 -78.54
C CYS C 1452 31.30 69.94 -79.08
N SER C 1453 31.71 70.86 -78.21
CA SER C 1453 32.55 71.97 -78.66
C SER C 1453 33.88 71.47 -79.18
N LYS C 1454 34.50 70.51 -78.49
CA LYS C 1454 35.76 69.95 -78.95
C LYS C 1454 35.60 69.25 -80.29
N ARG C 1455 34.51 68.50 -80.47
CA ARG C 1455 34.28 67.84 -81.74
C ARG C 1455 34.10 68.86 -82.87
N GLU C 1456 33.37 69.95 -82.59
CA GLU C 1456 33.20 71.00 -83.59
C GLU C 1456 34.54 71.64 -83.92
N LYS C 1457 35.40 71.84 -82.93
CA LYS C 1457 36.69 72.48 -83.11
C LYS C 1457 37.79 71.51 -83.54
N ARG C 1458 37.45 70.24 -83.75
CA ARG C 1458 38.42 69.21 -84.13
C ARG C 1458 39.45 69.01 -83.02
N VAL C 1459 38.98 69.01 -81.77
CA VAL C 1459 39.83 68.76 -80.61
C VAL C 1459 39.27 67.57 -79.86
N ALA C 1460 38.72 66.60 -80.61
CA ALA C 1460 38.09 65.44 -80.01
C ALA C 1460 39.00 64.76 -79.01
N ASP C 1461 38.46 64.47 -77.83
CA ASP C 1461 39.20 63.79 -76.76
C ASP C 1461 38.67 62.38 -76.61
N PRO C 1462 39.42 61.34 -76.99
CA PRO C 1462 38.87 59.98 -76.88
C PRO C 1462 38.49 59.59 -75.46
N THR C 1463 39.26 60.03 -74.46
CA THR C 1463 38.94 59.69 -73.08
C THR C 1463 37.61 60.31 -72.67
N LEU C 1464 37.40 61.59 -72.99
CA LEU C 1464 36.15 62.25 -72.65
C LEU C 1464 34.98 61.61 -73.39
N GLU C 1465 35.18 61.27 -74.67
CA GLU C 1465 34.13 60.63 -75.44
C GLU C 1465 33.75 59.29 -74.82
N LYS C 1466 34.74 58.49 -74.46
CA LYS C 1466 34.47 57.20 -73.84
C LYS C 1466 33.73 57.38 -72.52
N TYR C 1467 34.18 58.32 -71.70
CA TYR C 1467 33.52 58.58 -70.42
C TYR C 1467 32.06 58.94 -70.63
N VAL C 1468 31.79 59.92 -71.50
CA VAL C 1468 30.42 60.42 -71.66
C VAL C 1468 29.54 59.34 -72.28
N LEU C 1469 30.06 58.55 -73.21
CA LEU C 1469 29.26 57.54 -73.87
C LEU C 1469 29.18 56.23 -73.10
N SER C 1470 29.93 56.07 -72.02
CA SER C 1470 29.92 54.84 -71.24
C SER C 1470 29.24 55.00 -69.89
N VAL C 1471 29.69 55.96 -69.07
CA VAL C 1471 29.25 56.05 -67.68
C VAL C 1471 28.13 57.06 -67.49
N VAL C 1472 28.20 58.21 -68.18
CA VAL C 1472 27.19 59.25 -67.97
C VAL C 1472 25.81 58.76 -68.37
N LEU C 1473 25.70 58.20 -69.58
CA LEU C 1473 24.41 57.72 -70.06
C LEU C 1473 23.90 56.56 -69.20
N ASP C 1474 24.79 55.66 -68.81
CA ASP C 1474 24.38 54.54 -67.97
C ASP C 1474 23.83 55.03 -66.64
N THR C 1475 24.51 55.99 -66.02
CA THR C 1475 24.05 56.54 -64.76
C THR C 1475 22.71 57.24 -64.92
N ILE C 1476 22.55 58.03 -65.98
CA ILE C 1476 21.29 58.72 -66.20
C ILE C 1476 20.15 57.73 -66.37
N ASN C 1477 20.36 56.70 -67.20
CA ASN C 1477 19.33 55.70 -67.43
C ASN C 1477 18.98 54.95 -66.15
N ALA C 1478 20.00 54.58 -65.37
CA ALA C 1478 19.73 53.87 -64.12
C ALA C 1478 18.95 54.75 -63.16
N PHE C 1479 19.30 56.03 -63.07
CA PHE C 1479 18.60 56.93 -62.15
C PHE C 1479 17.16 57.15 -62.57
N PHE C 1480 16.92 57.31 -63.87
CA PHE C 1480 15.58 57.67 -64.36
C PHE C 1480 14.74 56.46 -64.75
N SER C 1481 15.27 55.24 -64.61
CA SER C 1481 14.49 54.03 -64.84
C SER C 1481 14.22 53.26 -63.56
N SER C 1482 14.01 53.97 -62.46
CA SER C 1482 13.70 53.37 -61.18
C SER C 1482 12.46 54.00 -60.57
N PRO C 1483 11.63 53.22 -59.88
CA PRO C 1483 10.43 53.80 -59.27
C PRO C 1483 10.72 54.88 -58.25
N PHE C 1484 11.84 54.78 -57.53
CA PHE C 1484 12.14 55.75 -56.48
C PHE C 1484 12.39 57.14 -57.04
N SER C 1485 12.65 57.27 -58.34
CA SER C 1485 12.94 58.55 -58.95
C SER C 1485 11.68 59.32 -59.35
N GLU C 1486 10.50 58.75 -59.14
CA GLU C 1486 9.27 59.41 -59.55
C GLU C 1486 9.09 60.73 -58.81
N ASN C 1487 9.35 60.74 -57.49
CA ASN C 1487 9.21 61.94 -56.69
C ASN C 1487 10.38 62.90 -56.84
N SER C 1488 11.50 62.46 -57.41
CA SER C 1488 12.67 63.34 -57.53
C SER C 1488 12.37 64.52 -58.43
N THR C 1489 11.68 64.29 -59.56
CA THR C 1489 11.41 65.34 -60.54
C THR C 1489 10.16 66.13 -60.12
N SER C 1490 10.35 66.97 -59.10
CA SER C 1490 9.28 67.78 -58.55
C SER C 1490 9.57 69.27 -58.64
N LEU C 1491 10.77 69.70 -58.26
CA LEU C 1491 11.06 71.12 -58.14
C LEU C 1491 11.29 71.75 -59.52
N GLN C 1492 11.17 73.08 -59.56
CA GLN C 1492 11.38 73.82 -60.79
C GLN C 1492 12.83 73.69 -61.27
N THR C 1493 13.78 73.72 -60.34
CA THR C 1493 15.18 73.52 -60.71
C THR C 1493 15.38 72.13 -61.31
N HIS C 1494 14.74 71.12 -60.72
CA HIS C 1494 14.84 69.77 -61.26
C HIS C 1494 14.25 69.70 -62.66
N GLN C 1495 13.11 70.37 -62.87
CA GLN C 1495 12.51 70.39 -64.20
C GLN C 1495 13.43 71.07 -65.21
N THR C 1496 14.06 72.17 -64.82
CA THR C 1496 14.98 72.86 -65.71
C THR C 1496 16.18 71.98 -66.05
N ILE C 1497 16.70 71.25 -65.06
CA ILE C 1497 17.81 70.34 -65.32
C ILE C 1497 17.37 69.22 -66.25
N VAL C 1498 16.12 68.76 -66.10
CA VAL C 1498 15.60 67.74 -67.01
C VAL C 1498 15.55 68.27 -68.44
N VAL C 1499 15.09 69.52 -68.60
CA VAL C 1499 15.03 70.12 -69.93
C VAL C 1499 16.44 70.26 -70.52
N GLN C 1500 17.40 70.67 -69.69
CA GLN C 1500 18.77 70.76 -70.15
C GLN C 1500 19.30 69.40 -70.60
N LEU C 1501 19.01 68.35 -69.83
CA LEU C 1501 19.41 67.01 -70.24
C LEU C 1501 18.76 66.63 -71.56
N LEU C 1502 17.46 66.94 -71.73
CA LEU C 1502 16.78 66.64 -72.97
C LEU C 1502 17.48 67.30 -74.16
N GLN C 1503 17.71 68.61 -74.07
CA GLN C 1503 18.33 69.31 -75.20
C GLN C 1503 19.73 68.80 -75.46
N SER C 1504 20.51 68.54 -74.41
CA SER C 1504 21.87 68.05 -74.60
C SER C 1504 21.87 66.69 -75.29
N THR C 1505 20.98 65.79 -74.84
CA THR C 1505 20.97 64.44 -75.40
C THR C 1505 20.46 64.45 -76.84
N THR C 1506 19.45 65.26 -77.14
CA THR C 1506 18.99 65.33 -78.53
C THR C 1506 20.05 65.94 -79.43
N ARG C 1507 20.79 66.95 -78.95
CA ARG C 1507 21.88 67.50 -79.75
C ARG C 1507 22.96 66.44 -79.98
N LEU C 1508 23.27 65.66 -78.94
CA LEU C 1508 24.26 64.58 -79.11
C LEU C 1508 23.80 63.58 -80.16
N LEU C 1509 22.52 63.19 -80.10
CA LEU C 1509 22.00 62.25 -81.10
C LEU C 1509 22.06 62.85 -82.50
N GLU C 1510 21.70 64.13 -82.63
CA GLU C 1510 21.72 64.78 -83.94
C GLU C 1510 23.13 64.85 -84.50
N CYS C 1511 24.12 65.13 -83.66
CA CYS C 1511 25.48 65.20 -84.13
C CYS C 1511 25.88 63.85 -84.74
N PRO C 1512 26.43 63.84 -85.97
CA PRO C 1512 26.69 62.57 -86.66
C PRO C 1512 27.96 61.85 -86.27
N TRP C 1513 28.85 62.48 -85.49
CA TRP C 1513 30.12 61.85 -85.16
C TRP C 1513 29.93 60.55 -84.38
N LEU C 1514 28.80 60.39 -83.70
CA LEU C 1514 28.58 59.20 -82.90
C LEU C 1514 28.62 57.94 -83.76
N GLN C 1515 29.26 56.90 -83.23
CA GLN C 1515 29.34 55.63 -83.93
C GLN C 1515 28.02 54.87 -83.80
N GLN C 1516 27.85 53.88 -84.69
CA GLN C 1516 26.61 53.10 -84.68
C GLN C 1516 26.47 52.29 -83.40
N GLN C 1517 27.58 51.96 -82.74
CA GLN C 1517 27.52 51.12 -81.55
C GLN C 1517 26.71 51.78 -80.44
N HIS C 1518 26.93 53.07 -80.20
CA HIS C 1518 26.29 53.78 -79.11
C HIS C 1518 24.93 54.35 -79.48
N LYS C 1519 24.49 54.18 -80.74
CA LYS C 1519 23.20 54.72 -81.14
C LYS C 1519 22.07 54.10 -80.33
N GLY C 1520 22.12 52.79 -80.11
CA GLY C 1520 21.08 52.14 -79.32
C GLY C 1520 21.02 52.66 -77.90
N SER C 1521 22.19 52.80 -77.26
CA SER C 1521 22.23 53.30 -75.89
C SER C 1521 21.70 54.74 -75.83
N VAL C 1522 22.10 55.58 -76.79
CA VAL C 1522 21.64 56.96 -76.79
C VAL C 1522 20.13 57.02 -76.99
N GLU C 1523 19.60 56.21 -77.91
CA GLU C 1523 18.17 56.19 -78.14
C GLU C 1523 17.42 55.73 -76.90
N ALA C 1524 17.92 54.69 -76.22
CA ALA C 1524 17.26 54.21 -75.02
C ALA C 1524 17.26 55.29 -73.93
N CYS C 1525 18.40 55.96 -73.75
CA CYS C 1525 18.47 57.03 -72.75
C CYS C 1525 17.49 58.15 -73.08
N ILE C 1526 17.43 58.53 -74.36
CA ILE C 1526 16.53 59.60 -74.78
C ILE C 1526 15.09 59.20 -74.53
N ARG C 1527 14.73 57.97 -74.88
CA ARG C 1527 13.36 57.52 -74.69
C ARG C 1527 12.98 57.52 -73.21
N THR C 1528 13.88 57.02 -72.35
CA THR C 1528 13.60 57.01 -70.91
C THR C 1528 13.44 58.42 -70.38
N LEU C 1529 14.34 59.33 -70.77
CA LEU C 1529 14.27 60.70 -70.28
C LEU C 1529 12.99 61.38 -70.76
N ALA C 1530 12.62 61.16 -72.02
CA ALA C 1530 11.39 61.77 -72.53
C ALA C 1530 10.16 61.20 -71.83
N MET C 1531 10.15 59.89 -71.55
CA MET C 1531 9.04 59.31 -70.82
C MET C 1531 8.92 59.91 -69.43
N VAL C 1532 10.05 60.07 -68.74
CA VAL C 1532 10.01 60.68 -67.40
C VAL C 1532 9.51 62.11 -67.48
N ALA C 1533 9.99 62.87 -68.46
CA ALA C 1533 9.55 64.26 -68.60
C ALA C 1533 8.06 64.35 -68.88
N LYS C 1534 7.55 63.48 -69.76
CA LYS C 1534 6.13 63.50 -70.06
C LYS C 1534 5.30 63.09 -68.85
N GLY C 1535 5.77 62.10 -68.08
CA GLY C 1535 5.09 61.75 -66.85
C GLY C 1535 5.06 62.89 -65.85
N ARG C 1536 6.16 63.63 -65.77
CA ARG C 1536 6.26 64.80 -64.89
C ARG C 1536 5.54 66.02 -65.45
N ALA C 1537 5.10 65.97 -66.71
CA ALA C 1537 4.38 67.08 -67.33
C ALA C 1537 5.25 68.34 -67.37
N ILE C 1538 6.38 68.22 -68.05
CA ILE C 1538 7.32 69.33 -68.18
C ILE C 1538 7.03 70.08 -69.47
N LEU C 1539 7.02 71.42 -69.39
CA LEU C 1539 6.74 72.28 -70.55
C LEU C 1539 7.98 72.30 -71.44
N LEU C 1540 8.10 71.27 -72.27
CA LEU C 1540 9.22 71.17 -73.19
C LEU C 1540 9.09 72.21 -74.30
N PRO C 1541 10.19 72.61 -74.92
CA PRO C 1541 10.10 73.49 -76.09
C PRO C 1541 9.32 72.81 -77.22
N MET C 1542 8.67 73.64 -78.03
CA MET C 1542 7.84 73.10 -79.12
C MET C 1542 8.70 72.30 -80.11
N ASP C 1543 9.81 72.89 -80.57
CA ASP C 1543 10.67 72.19 -81.52
C ASP C 1543 11.29 70.94 -80.91
N LEU C 1544 11.73 71.04 -79.65
CA LEU C 1544 12.31 69.88 -78.99
C LEU C 1544 11.30 68.75 -78.86
N ASP C 1545 10.06 69.09 -78.47
CA ASP C 1545 9.02 68.07 -78.35
C ASP C 1545 8.69 67.45 -79.70
N ALA C 1546 8.63 68.29 -80.74
CA ALA C 1546 8.37 67.75 -82.09
C ALA C 1546 9.47 66.79 -82.51
N HIS C 1547 10.73 67.16 -82.27
CA HIS C 1547 11.83 66.28 -82.64
C HIS C 1547 11.80 64.98 -81.84
N ILE C 1548 11.49 65.07 -80.55
CA ILE C 1548 11.42 63.87 -79.72
C ILE C 1548 10.30 62.96 -80.21
N SER C 1549 9.15 63.53 -80.56
CA SER C 1549 8.05 62.74 -81.07
C SER C 1549 8.43 62.09 -82.40
N SER C 1550 9.14 62.82 -83.27
CA SER C 1550 9.59 62.25 -84.53
C SER C 1550 10.52 61.07 -84.30
N MET C 1551 11.47 61.22 -83.37
CA MET C 1551 12.38 60.13 -83.07
C MET C 1551 11.64 58.93 -82.50
N LEU C 1552 10.67 59.17 -81.62
CA LEU C 1552 9.90 58.07 -81.05
C LEU C 1552 9.11 57.34 -82.13
N SER C 1553 8.49 58.09 -83.05
CA SER C 1553 7.75 57.45 -84.13
C SER C 1553 8.68 56.65 -85.03
N SER C 1554 9.86 57.20 -85.34
CA SER C 1554 10.81 56.46 -86.17
C SER C 1554 11.25 55.17 -85.48
N GLY C 1555 11.52 55.23 -84.17
CA GLY C 1555 11.92 54.04 -83.46
C GLY C 1555 10.81 53.00 -83.42
N ALA C 1556 9.58 53.44 -83.17
CA ALA C 1556 8.45 52.51 -83.12
C ALA C 1556 8.22 51.85 -84.47
N SER C 1557 8.31 52.62 -85.55
CA SER C 1557 8.11 52.09 -86.89
C SER C 1557 9.21 51.08 -87.24
N ASP C 1587 47.18 21.29 -99.50
CA ASP C 1587 46.07 20.42 -99.13
C ASP C 1587 46.02 20.20 -97.63
N TYR C 1588 46.59 21.14 -96.87
CA TYR C 1588 46.58 21.03 -95.42
C TYR C 1588 45.16 21.05 -94.87
N LYS C 1589 44.30 21.90 -95.45
CA LYS C 1589 42.91 21.94 -95.00
C LYS C 1589 42.24 20.58 -95.19
N ASN C 1590 42.42 19.97 -96.37
CA ASN C 1590 41.83 18.66 -96.64
C ASN C 1590 42.39 17.61 -95.70
N ILE C 1591 43.71 17.64 -95.47
CA ILE C 1591 44.32 16.65 -94.58
C ILE C 1591 43.76 16.77 -93.18
N ILE C 1592 43.64 17.99 -92.67
CA ILE C 1592 43.10 18.20 -91.33
C ILE C 1592 41.65 17.76 -91.25
N GLU C 1593 40.85 18.08 -92.28
CA GLU C 1593 39.45 17.68 -92.27
C GLU C 1593 39.32 16.16 -92.26
N LYS C 1594 40.11 15.46 -93.09
CA LYS C 1594 40.05 14.01 -93.11
C LYS C 1594 40.51 13.43 -91.78
N LEU C 1595 41.54 14.03 -91.16
CA LEU C 1595 42.00 13.56 -89.87
C LEU C 1595 40.91 13.70 -88.81
N GLN C 1596 40.21 14.84 -88.81
CA GLN C 1596 39.12 15.04 -87.86
C GLN C 1596 37.99 14.03 -88.09
N ASP C 1597 37.65 13.79 -89.36
CA ASP C 1597 36.60 12.81 -89.66
C ASP C 1597 37.02 11.42 -89.19
N ILE C 1598 38.28 11.05 -89.42
CA ILE C 1598 38.77 9.75 -88.98
C ILE C 1598 38.71 9.65 -87.46
N ILE C 1599 39.10 10.71 -86.76
CA ILE C 1599 39.05 10.71 -85.30
C ILE C 1599 37.62 10.50 -84.82
N THR C 1600 36.67 11.24 -85.40
CA THR C 1600 35.28 11.11 -84.98
C THR C 1600 34.77 9.70 -85.23
N ALA C 1601 35.06 9.15 -86.42
CA ALA C 1601 34.58 7.80 -86.73
C ALA C 1601 35.19 6.77 -85.79
N LEU C 1602 36.49 6.88 -85.52
CA LEU C 1602 37.14 5.93 -84.62
C LEU C 1602 36.55 6.00 -83.22
N GLU C 1603 36.35 7.21 -82.70
CA GLU C 1603 35.76 7.32 -81.37
C GLU C 1603 34.35 6.72 -81.34
N GLU C 1604 33.54 7.04 -82.35
CA GLU C 1604 32.17 6.53 -82.37
C GLU C 1604 32.15 5.01 -82.45
N ARG C 1605 33.07 4.43 -83.23
CA ARG C 1605 33.09 2.98 -83.39
C ARG C 1605 33.66 2.27 -82.17
N LEU C 1606 34.61 2.89 -81.47
CA LEU C 1606 35.31 2.24 -80.37
C LEU C 1606 34.69 2.50 -79.01
N LYS C 1607 33.76 3.46 -78.88
CA LYS C 1607 33.16 3.71 -77.58
C LYS C 1607 32.55 2.47 -76.94
N PRO C 1608 31.77 1.65 -77.64
CA PRO C 1608 31.25 0.43 -77.01
C PRO C 1608 32.35 -0.51 -76.53
N LEU C 1609 33.44 -0.61 -77.29
CA LEU C 1609 34.55 -1.46 -76.86
C LEU C 1609 35.23 -0.89 -75.63
N VAL C 1610 35.33 0.43 -75.55
CA VAL C 1610 35.86 1.06 -74.34
C VAL C 1610 34.98 0.70 -73.15
N GLN C 1611 33.66 0.79 -73.32
CA GLN C 1611 32.76 0.44 -72.24
C GLN C 1611 32.92 -1.02 -71.81
N ALA C 1612 33.03 -1.93 -72.79
CA ALA C 1612 33.20 -3.34 -72.47
C ALA C 1612 34.50 -3.60 -71.75
N GLU C 1613 35.59 -2.98 -72.21
CA GLU C 1613 36.88 -3.17 -71.55
C GLU C 1613 36.85 -2.65 -70.12
N LEU C 1614 36.20 -1.49 -69.91
CA LEU C 1614 36.06 -0.97 -68.55
C LEU C 1614 35.24 -1.92 -67.69
N SER C 1615 34.16 -2.48 -68.24
CA SER C 1615 33.31 -3.38 -67.46
C SER C 1615 34.06 -4.65 -67.08
N VAL C 1616 34.96 -5.12 -67.95
CA VAL C 1616 35.69 -6.36 -67.66
C VAL C 1616 36.43 -6.24 -66.33
N LEU C 1617 36.89 -5.05 -65.98
CA LEU C 1617 37.54 -4.85 -64.69
C LEU C 1617 36.60 -5.21 -63.54
N VAL C 1618 35.30 -5.02 -63.73
CA VAL C 1618 34.35 -5.37 -62.68
C VAL C 1618 34.42 -6.86 -62.37
N ASP C 1619 34.38 -7.70 -63.41
CA ASP C 1619 34.49 -9.14 -63.20
C ASP C 1619 35.86 -9.51 -62.67
N VAL C 1620 36.92 -8.82 -63.13
CA VAL C 1620 38.26 -9.12 -62.66
C VAL C 1620 38.35 -8.90 -61.14
N LEU C 1621 37.78 -7.79 -60.66
CA LEU C 1621 37.77 -7.53 -59.22
C LEU C 1621 36.80 -8.43 -58.48
N HIS C 1622 35.70 -8.84 -59.13
CA HIS C 1622 34.75 -9.73 -58.47
C HIS C 1622 35.35 -11.10 -58.23
N TRP C 1623 36.14 -11.61 -59.18
CA TRP C 1623 36.76 -12.92 -59.08
C TRP C 1623 38.27 -12.78 -59.32
N PRO C 1624 39.01 -12.26 -58.33
CA PRO C 1624 40.46 -12.12 -58.50
C PRO C 1624 41.22 -13.42 -58.25
N GLU C 1625 40.66 -14.36 -57.50
CA GLU C 1625 41.38 -15.59 -57.16
C GLU C 1625 41.56 -16.53 -58.35
N LEU C 1626 40.74 -16.38 -59.40
CA LEU C 1626 40.86 -17.27 -60.55
C LEU C 1626 42.17 -17.04 -61.30
N LEU C 1627 42.71 -15.82 -61.24
CA LEU C 1627 43.99 -15.56 -61.89
C LEU C 1627 45.11 -16.40 -61.30
N PHE C 1628 45.14 -16.53 -59.99
CA PHE C 1628 46.15 -17.37 -59.33
C PHE C 1628 45.79 -18.84 -59.52
N LEU C 1629 46.63 -19.71 -58.98
CA LEU C 1629 46.44 -21.16 -59.05
C LEU C 1629 45.91 -21.67 -57.72
N GLU C 1630 45.01 -22.66 -57.81
CA GLU C 1630 44.38 -23.18 -56.60
C GLU C 1630 45.41 -23.79 -55.67
N GLY C 1631 45.20 -23.62 -54.37
CA GLY C 1631 46.07 -24.15 -53.35
C GLY C 1631 47.18 -23.22 -52.91
N SER C 1632 47.35 -22.09 -53.58
CA SER C 1632 48.40 -21.15 -53.23
C SER C 1632 47.94 -20.21 -52.12
N GLU C 1633 48.92 -19.62 -51.43
CA GLU C 1633 48.61 -18.66 -50.38
C GLU C 1633 47.89 -17.44 -50.93
N ALA C 1634 48.33 -16.95 -52.09
CA ALA C 1634 47.65 -15.82 -52.72
C ALA C 1634 46.23 -16.20 -53.12
N TYR C 1635 46.04 -17.41 -53.63
CA TYR C 1635 44.69 -17.86 -53.97
C TYR C 1635 43.80 -17.89 -52.75
N GLN C 1636 44.30 -18.43 -51.63
CA GLN C 1636 43.51 -18.47 -50.41
C GLN C 1636 43.19 -17.07 -49.92
N ARG C 1637 44.16 -16.16 -49.96
CA ARG C 1637 43.92 -14.80 -49.50
C ARG C 1637 42.87 -14.11 -50.37
N CYS C 1638 42.95 -14.29 -51.68
CA CYS C 1638 41.95 -13.69 -52.57
C CYS C 1638 40.57 -14.29 -52.33
N GLU C 1639 40.50 -15.61 -52.13
CA GLU C 1639 39.21 -16.25 -51.90
C GLU C 1639 38.60 -15.79 -50.58
N SER C 1640 39.43 -15.55 -49.58
CA SER C 1640 38.96 -15.07 -48.28
C SER C 1640 38.58 -13.59 -48.29
N GLY C 1641 38.54 -12.96 -49.47
CA GLY C 1641 38.18 -11.56 -49.55
C GLY C 1641 39.27 -10.60 -49.14
N GLY C 1642 40.53 -11.06 -49.11
CA GLY C 1642 41.61 -10.17 -48.70
C GLY C 1642 41.82 -9.01 -49.65
N PHE C 1643 41.65 -9.25 -50.95
CA PHE C 1643 41.89 -8.20 -51.94
C PHE C 1643 40.97 -7.01 -51.71
N LEU C 1644 39.66 -7.27 -51.59
CA LEU C 1644 38.71 -6.19 -51.39
C LEU C 1644 38.93 -5.49 -50.05
N SER C 1645 39.24 -6.25 -49.00
CA SER C 1645 39.50 -5.64 -47.71
C SER C 1645 40.70 -4.70 -47.78
N LYS C 1646 41.79 -5.14 -48.42
CA LYS C 1646 42.96 -4.28 -48.56
C LYS C 1646 42.65 -3.05 -49.40
N LEU C 1647 41.90 -3.23 -50.49
CA LEU C 1647 41.55 -2.10 -51.34
C LEU C 1647 40.74 -1.07 -50.55
N ILE C 1648 39.75 -1.53 -49.79
CA ILE C 1648 38.91 -0.62 -49.01
C ILE C 1648 39.75 0.09 -47.96
N GLN C 1649 40.62 -0.67 -47.26
CA GLN C 1649 41.42 -0.06 -46.21
C GLN C 1649 42.38 0.98 -46.78
N HIS C 1650 42.99 0.70 -47.91
CA HIS C 1650 43.92 1.64 -48.52
C HIS C 1650 43.22 2.81 -49.19
N THR C 1651 41.93 2.67 -49.53
CA THR C 1651 41.21 3.79 -50.11
C THR C 1651 41.15 4.96 -49.14
N LYS C 1652 40.87 4.69 -47.87
CA LYS C 1652 40.84 5.75 -46.87
C LYS C 1652 42.21 6.40 -46.71
N ASP C 1653 43.27 5.58 -46.71
CA ASP C 1653 44.62 6.13 -46.58
C ASP C 1653 44.97 7.03 -47.76
N LEU C 1654 44.62 6.61 -48.98
CA LEU C 1654 44.95 7.39 -50.17
C LEU C 1654 43.95 8.50 -50.44
N MET C 1655 42.86 8.58 -49.68
CA MET C 1655 41.87 9.64 -49.89
C MET C 1655 42.53 11.01 -49.82
N GLU C 1656 43.34 11.24 -48.78
CA GLU C 1656 44.01 12.54 -48.65
C GLU C 1656 45.03 12.75 -49.75
N SER C 1657 45.76 11.70 -50.13
CA SER C 1657 46.84 11.84 -51.11
C SER C 1657 46.31 11.85 -52.54
N GLU C 1658 45.64 10.76 -52.94
CA GLU C 1658 45.18 10.57 -54.32
C GLU C 1658 43.67 10.68 -54.35
N GLU C 1659 43.17 11.91 -54.48
CA GLU C 1659 41.72 12.11 -54.59
C GLU C 1659 41.18 11.48 -55.87
N LYS C 1660 41.90 11.61 -56.98
CA LYS C 1660 41.46 11.01 -58.23
C LYS C 1660 41.41 9.49 -58.12
N LEU C 1661 42.42 8.89 -57.48
CA LEU C 1661 42.42 7.44 -57.29
C LEU C 1661 41.28 7.00 -56.39
N CYS C 1662 41.01 7.77 -55.33
CA CYS C 1662 39.87 7.45 -54.47
C CYS C 1662 38.57 7.50 -55.25
N ILE C 1663 38.40 8.52 -56.08
CA ILE C 1663 37.18 8.64 -56.88
C ILE C 1663 37.05 7.46 -57.83
N LYS C 1664 38.16 7.07 -58.46
CA LYS C 1664 38.13 5.92 -59.37
C LYS C 1664 37.75 4.65 -58.63
N VAL C 1665 38.29 4.45 -57.43
CA VAL C 1665 37.95 3.26 -56.65
C VAL C 1665 36.48 3.26 -56.28
N LEU C 1666 35.95 4.42 -55.87
CA LEU C 1666 34.53 4.49 -55.53
C LEU C 1666 33.66 4.20 -56.74
N ARG C 1667 34.02 4.74 -57.91
CA ARG C 1667 33.25 4.45 -59.11
C ARG C 1667 33.32 2.98 -59.47
N THR C 1668 34.48 2.35 -59.30
CA THR C 1668 34.60 0.92 -59.56
C THR C 1668 33.69 0.12 -58.63
N LEU C 1669 33.66 0.49 -57.35
CA LEU C 1669 32.78 -0.20 -56.41
C LEU C 1669 31.31 -0.01 -56.80
N GLN C 1670 30.94 1.19 -57.21
CA GLN C 1670 29.56 1.42 -57.65
C GLN C 1670 29.23 0.57 -58.88
N GLN C 1671 30.15 0.49 -59.84
CA GLN C 1671 29.92 -0.35 -61.00
C GLN C 1671 29.78 -1.81 -60.62
N MET C 1672 30.62 -2.28 -59.69
CA MET C 1672 30.50 -3.66 -59.22
C MET C 1672 29.18 -3.93 -58.52
N LEU C 1673 28.66 -2.96 -57.77
CA LEU C 1673 27.38 -3.09 -57.09
C LEU C 1673 26.20 -2.89 -58.04
N LEU C 1674 26.43 -2.30 -59.20
CA LEU C 1674 25.38 -2.00 -60.16
C LEU C 1674 25.00 -3.28 -60.91
N LYS C 1675 23.77 -3.27 -61.46
CA LYS C 1675 23.28 -4.43 -62.18
C LYS C 1675 24.02 -4.61 -63.50
N LYS C 1676 24.11 -5.87 -63.94
CA LYS C 1676 24.77 -6.16 -65.20
C LYS C 1676 23.92 -5.68 -66.37
N THR C 1677 24.59 -5.37 -67.48
CA THR C 1677 23.93 -4.85 -68.67
C THR C 1677 24.54 -5.49 -69.91
N LYS C 1678 24.06 -5.06 -71.07
CA LYS C 1678 24.54 -5.54 -72.37
C LYS C 1678 24.93 -4.34 -73.23
N TYR C 1679 25.85 -4.57 -74.16
CA TYR C 1679 26.40 -3.50 -74.98
C TYR C 1679 26.18 -3.71 -76.47
N GLY C 1680 26.17 -4.94 -76.96
CA GLY C 1680 26.01 -5.21 -78.38
C GLY C 1680 26.75 -6.47 -78.79
N ASP C 1681 26.69 -6.82 -80.08
CA ASP C 1681 27.35 -8.04 -80.53
C ASP C 1681 28.87 -7.95 -80.34
N ARG C 1682 29.48 -6.87 -80.86
CA ARG C 1682 30.92 -6.73 -80.75
C ARG C 1682 31.36 -6.57 -79.30
N GLY C 1683 30.60 -5.80 -78.52
CA GLY C 1683 30.92 -5.64 -77.12
C GLY C 1683 30.87 -6.95 -76.35
N ASN C 1684 29.84 -7.75 -76.59
CA ASN C 1684 29.74 -9.04 -75.93
C ASN C 1684 30.87 -9.97 -76.37
N GLN C 1685 31.21 -9.96 -77.66
CA GLN C 1685 32.32 -10.78 -78.13
C GLN C 1685 33.61 -10.40 -77.44
N LEU C 1686 33.90 -9.10 -77.37
CA LEU C 1686 35.12 -8.64 -76.70
C LEU C 1686 35.11 -9.03 -75.23
N ARG C 1687 33.97 -8.83 -74.56
CA ARG C 1687 33.88 -9.13 -73.14
C ARG C 1687 34.11 -10.62 -72.88
N LYS C 1688 33.48 -11.48 -73.67
CA LYS C 1688 33.64 -12.91 -73.45
C LYS C 1688 35.06 -13.36 -73.77
N MET C 1689 35.67 -12.80 -74.84
CA MET C 1689 37.05 -13.15 -75.15
C MET C 1689 37.98 -12.76 -74.02
N LEU C 1690 37.83 -11.54 -73.50
CA LEU C 1690 38.70 -11.10 -72.40
C LEU C 1690 38.47 -11.92 -71.14
N LEU C 1691 37.22 -12.24 -70.83
CA LEU C 1691 36.93 -13.07 -69.66
C LEU C 1691 37.56 -14.45 -69.81
N GLN C 1692 37.43 -15.06 -70.99
CA GLN C 1692 38.05 -16.36 -71.22
C GLN C 1692 39.56 -16.30 -71.08
N ASN C 1693 40.17 -15.24 -71.63
CA ASN C 1693 41.62 -15.12 -71.58
C ASN C 1693 42.12 -14.94 -70.16
N TYR C 1694 41.46 -14.07 -69.39
CA TYR C 1694 41.94 -13.74 -68.04
C TYR C 1694 41.46 -14.76 -67.01
N LEU C 1695 40.15 -14.84 -66.79
CA LEU C 1695 39.58 -15.70 -65.76
C LEU C 1695 39.26 -17.06 -66.39
N GLN C 1696 40.25 -17.93 -66.39
CA GLN C 1696 40.08 -19.27 -66.97
C GLN C 1696 39.47 -20.22 -65.95
N TRP C 1718 17.69 -10.13 -58.06
CA TRP C 1718 18.08 -9.19 -57.01
C TRP C 1718 18.88 -9.90 -55.92
N SER C 1719 18.81 -11.24 -55.92
CA SER C 1719 19.55 -12.01 -54.92
C SER C 1719 21.05 -11.82 -55.07
N ALA C 1720 21.54 -11.80 -56.32
CA ALA C 1720 22.96 -11.59 -56.55
C ALA C 1720 23.38 -10.20 -56.05
N ILE C 1721 22.57 -9.19 -56.31
CA ILE C 1721 22.89 -7.84 -55.85
C ILE C 1721 22.92 -7.79 -54.34
N ALA C 1722 21.95 -8.43 -53.69
CA ALA C 1722 21.93 -8.46 -52.23
C ALA C 1722 23.16 -9.18 -51.67
N ALA C 1723 23.55 -10.29 -52.30
CA ALA C 1723 24.73 -11.01 -51.85
C ALA C 1723 25.98 -10.15 -52.00
N THR C 1724 26.11 -9.44 -53.13
CA THR C 1724 27.26 -8.57 -53.32
C THR C 1724 27.27 -7.44 -52.29
N GLN C 1725 26.11 -6.86 -52.00
CA GLN C 1725 26.04 -5.82 -50.99
C GLN C 1725 26.46 -6.36 -49.62
N CYS C 1726 26.00 -7.55 -49.27
CA CYS C 1726 26.38 -8.14 -47.99
C CYS C 1726 27.89 -8.41 -47.95
N ARG C 1727 28.46 -8.90 -49.04
CA ARG C 1727 29.89 -9.17 -49.07
C ARG C 1727 30.68 -7.88 -48.91
N LEU C 1728 30.27 -6.82 -49.59
CA LEU C 1728 30.97 -5.53 -49.46
C LEU C 1728 30.83 -4.99 -48.05
N ASP C 1729 29.65 -5.14 -47.44
CA ASP C 1729 29.46 -4.70 -46.06
C ASP C 1729 30.39 -5.46 -45.12
N LYS C 1730 30.51 -6.78 -45.33
CA LYS C 1730 31.43 -7.57 -44.52
C LYS C 1730 32.87 -7.09 -44.70
N GLU C 1731 33.26 -6.80 -45.95
CA GLU C 1731 34.59 -6.26 -46.20
C GLU C 1731 34.79 -4.89 -45.55
N GLY C 1732 33.72 -4.13 -45.35
CA GLY C 1732 33.80 -2.86 -44.65
C GLY C 1732 33.54 -1.65 -45.53
N ALA C 1733 32.57 -1.75 -46.44
CA ALA C 1733 32.22 -0.61 -47.28
C ALA C 1733 31.44 0.44 -46.50
N THR C 1734 30.55 -0.01 -45.60
CA THR C 1734 29.74 0.94 -44.84
C THR C 1734 30.61 1.85 -43.98
N LYS C 1735 31.59 1.28 -43.28
CA LYS C 1735 32.50 2.10 -42.48
C LYS C 1735 33.30 3.04 -43.36
N LEU C 1736 33.73 2.56 -44.54
CA LEU C 1736 34.46 3.40 -45.47
C LEU C 1736 33.64 4.62 -45.85
N VAL C 1737 32.38 4.40 -46.26
CA VAL C 1737 31.56 5.52 -46.70
C VAL C 1737 31.25 6.46 -45.55
N CYS C 1738 31.00 5.92 -44.35
CA CYS C 1738 30.74 6.78 -43.20
C CYS C 1738 31.96 7.66 -42.91
N ASP C 1739 33.15 7.06 -42.89
CA ASP C 1739 34.35 7.83 -42.62
C ASP C 1739 34.58 8.89 -43.69
N LEU C 1740 34.39 8.53 -44.96
CA LEU C 1740 34.56 9.48 -46.04
C LEU C 1740 33.59 10.65 -45.89
N ILE C 1741 32.32 10.35 -45.61
CA ILE C 1741 31.33 11.41 -45.48
C ILE C 1741 31.69 12.33 -44.31
N THR C 1742 32.10 11.75 -43.19
CA THR C 1742 32.33 12.56 -41.99
C THR C 1742 33.69 13.26 -41.98
N SER C 1743 34.62 12.89 -42.86
CA SER C 1743 35.96 13.47 -42.84
C SER C 1743 36.39 14.13 -44.14
N THR C 1744 35.59 14.08 -45.20
CA THR C 1744 36.03 14.58 -46.50
C THR C 1744 35.66 16.05 -46.69
N LYS C 1745 36.46 16.74 -47.50
CA LYS C 1745 36.18 18.11 -47.91
C LYS C 1745 35.95 18.26 -49.41
N ASN C 1746 36.03 17.16 -50.18
CA ASN C 1746 35.89 17.24 -51.62
C ASN C 1746 34.46 16.90 -52.03
N GLU C 1747 33.87 17.75 -52.87
CA GLU C 1747 32.49 17.52 -53.30
C GLU C 1747 32.37 16.23 -54.09
N LYS C 1748 33.33 15.95 -54.98
CA LYS C 1748 33.27 14.71 -55.76
C LYS C 1748 33.36 13.49 -54.85
N ILE C 1749 34.26 13.52 -53.86
CA ILE C 1749 34.39 12.39 -52.94
C ILE C 1749 33.10 12.21 -52.14
N PHE C 1750 32.52 13.31 -51.67
CA PHE C 1750 31.26 13.21 -50.93
C PHE C 1750 30.16 12.61 -51.80
N GLN C 1751 30.06 13.07 -53.05
CA GLN C 1751 29.02 12.56 -53.94
C GLN C 1751 29.23 11.07 -54.22
N GLU C 1752 30.48 10.66 -54.44
CA GLU C 1752 30.75 9.25 -54.69
C GLU C 1752 30.43 8.40 -53.48
N SER C 1753 30.75 8.89 -52.27
CA SER C 1753 30.41 8.16 -51.06
C SER C 1753 28.90 8.03 -50.91
N ILE C 1754 28.16 9.10 -51.19
CA ILE C 1754 26.71 9.04 -51.11
C ILE C 1754 26.16 8.04 -52.12
N GLY C 1755 26.69 8.05 -53.33
CA GLY C 1755 26.23 7.10 -54.33
C GLY C 1755 26.52 5.66 -53.95
N LEU C 1756 27.70 5.41 -53.39
CA LEU C 1756 28.03 4.06 -52.96
C LEU C 1756 27.12 3.61 -51.83
N ALA C 1757 26.83 4.51 -50.89
CA ALA C 1757 25.90 4.17 -49.82
C ALA C 1757 24.51 3.88 -50.37
N ILE C 1758 24.07 4.66 -51.35
CA ILE C 1758 22.76 4.42 -51.96
C ILE C 1758 22.73 3.06 -52.64
N HIS C 1759 23.80 2.72 -53.36
CA HIS C 1759 23.86 1.42 -54.01
C HIS C 1759 23.85 0.28 -52.99
N LEU C 1760 24.57 0.46 -51.89
CA LEU C 1760 24.58 -0.58 -50.85
C LEU C 1760 23.20 -0.75 -50.23
N LEU C 1761 22.50 0.36 -49.99
CA LEU C 1761 21.18 0.32 -49.36
C LEU C 1761 20.06 0.03 -50.35
N ASP C 1762 20.34 -0.05 -51.64
CA ASP C 1762 19.30 -0.29 -52.63
C ASP C 1762 18.59 -1.60 -52.32
N GLY C 1763 17.27 -1.59 -52.49
CA GLY C 1763 16.46 -2.75 -52.17
C GLY C 1763 16.10 -2.89 -50.71
N GLY C 1764 16.43 -1.90 -49.88
CA GLY C 1764 16.09 -1.98 -48.47
C GLY C 1764 16.74 -3.15 -47.76
N ASN C 1765 18.03 -3.36 -47.98
CA ASN C 1765 18.72 -4.49 -47.39
C ASN C 1765 18.79 -4.33 -45.87
N THR C 1766 18.10 -5.21 -45.16
CA THR C 1766 18.04 -5.11 -43.71
C THR C 1766 19.41 -5.29 -43.08
N GLU C 1767 20.26 -6.13 -43.68
CA GLU C 1767 21.60 -6.33 -43.12
C GLU C 1767 22.41 -5.04 -43.15
N ILE C 1768 22.41 -4.35 -44.29
CA ILE C 1768 23.16 -3.10 -44.38
C ILE C 1768 22.52 -2.02 -43.51
N GLN C 1769 21.18 -2.01 -43.42
CA GLN C 1769 20.52 -1.05 -42.54
C GLN C 1769 20.95 -1.27 -41.09
N LYS C 1770 20.98 -2.53 -40.65
CA LYS C 1770 21.40 -2.83 -39.29
C LYS C 1770 22.86 -2.46 -39.07
N SER C 1771 23.72 -2.71 -40.07
CA SER C 1771 25.11 -2.34 -39.95
C SER C 1771 25.26 -0.83 -39.78
N PHE C 1772 24.55 -0.06 -40.60
CA PHE C 1772 24.60 1.39 -40.48
C PHE C 1772 24.10 1.84 -39.11
N HIS C 1773 23.00 1.25 -38.63
CA HIS C 1773 22.48 1.64 -37.33
C HIS C 1773 23.48 1.34 -36.22
N ASN C 1774 24.11 0.16 -36.27
CA ASN C 1774 25.09 -0.20 -35.26
C ASN C 1774 26.28 0.76 -35.29
N LEU C 1775 26.78 1.08 -36.49
CA LEU C 1775 27.89 2.01 -36.58
C LEU C 1775 27.51 3.37 -36.01
N MET C 1776 26.33 3.88 -36.36
CA MET C 1776 25.91 5.19 -35.88
C MET C 1776 25.75 5.20 -34.37
N MET C 1777 25.17 4.14 -33.79
CA MET C 1777 24.92 4.14 -32.35
C MET C 1777 26.19 3.88 -31.55
N SER C 1778 27.16 3.16 -32.11
CA SER C 1778 28.37 2.83 -31.39
C SER C 1778 29.47 3.87 -31.57
N ASP C 1779 29.86 4.13 -32.82
CA ASP C 1779 30.96 5.05 -33.09
C ASP C 1779 30.60 6.46 -32.63
N LYS C 1780 31.63 7.19 -32.19
CA LYS C 1780 31.44 8.57 -31.74
C LYS C 1780 31.41 9.57 -32.87
N LYS C 1781 31.58 9.14 -34.12
CA LYS C 1781 31.55 10.02 -35.27
C LYS C 1781 30.12 10.27 -35.78
N SER C 1782 29.12 9.65 -35.15
CA SER C 1782 27.74 9.89 -35.56
C SER C 1782 27.37 11.36 -35.36
N GLU C 1783 27.89 11.99 -34.30
CA GLU C 1783 27.67 13.41 -34.11
C GLU C 1783 28.15 14.21 -35.31
N ARG C 1784 29.38 13.95 -35.76
CA ARG C 1784 29.92 14.66 -36.92
C ARG C 1784 29.10 14.36 -38.17
N PHE C 1785 28.71 13.10 -38.35
CA PHE C 1785 27.94 12.72 -39.54
C PHE C 1785 26.62 13.48 -39.60
N PHE C 1786 25.86 13.47 -38.50
CA PHE C 1786 24.58 14.17 -38.49
C PHE C 1786 24.78 15.68 -38.58
N LYS C 1787 25.85 16.20 -37.97
CA LYS C 1787 26.11 17.63 -38.05
C LYS C 1787 26.38 18.06 -39.49
N VAL C 1788 27.19 17.28 -40.22
CA VAL C 1788 27.50 17.65 -41.59
C VAL C 1788 26.27 17.51 -42.47
N LEU C 1789 25.46 16.46 -42.25
CA LEU C 1789 24.23 16.33 -43.02
C LEU C 1789 23.30 17.52 -42.77
N HIS C 1790 23.15 17.92 -41.51
CA HIS C 1790 22.31 19.06 -41.17
C HIS C 1790 22.83 20.34 -41.78
N ASP C 1791 24.15 20.53 -41.75
CA ASP C 1791 24.74 21.74 -42.33
C ASP C 1791 24.52 21.79 -43.83
N ARG C 1792 24.69 20.66 -44.53
CA ARG C 1792 24.45 20.63 -45.96
C ARG C 1792 22.98 20.92 -46.27
N MET C 1793 22.06 20.33 -45.50
CA MET C 1793 20.64 20.58 -45.73
C MET C 1793 20.29 22.04 -45.49
N LYS C 1794 20.84 22.65 -44.43
CA LYS C 1794 20.57 24.05 -44.15
C LYS C 1794 21.13 24.95 -45.23
N ARG C 1795 22.33 24.64 -45.73
CA ARG C 1795 22.90 25.42 -46.82
C ARG C 1795 22.04 25.31 -48.07
N ALA C 1796 21.54 24.11 -48.37
CA ALA C 1796 20.65 23.96 -49.52
C ALA C 1796 19.37 24.76 -49.34
N GLN C 1797 18.81 24.74 -48.13
CA GLN C 1797 17.60 25.52 -47.87
C GLN C 1797 17.87 27.01 -48.04
N GLN C 1798 19.00 27.49 -47.54
CA GLN C 1798 19.33 28.91 -47.68
C GLN C 1798 19.51 29.30 -49.13
N GLU C 1799 20.19 28.45 -49.91
CA GLU C 1799 20.37 28.75 -51.33
C GLU C 1799 19.03 28.76 -52.05
N THR C 1800 18.15 27.81 -51.74
CA THR C 1800 16.83 27.80 -52.35
C THR C 1800 16.04 29.06 -52.00
N LYS C 1801 16.12 29.48 -50.73
CA LYS C 1801 15.42 30.69 -50.32
C LYS C 1801 15.96 31.91 -51.06
N SER C 1802 17.29 32.01 -51.19
CA SER C 1802 17.88 33.13 -51.90
C SER C 1802 17.46 33.14 -53.36
N THR C 1803 17.44 31.98 -54.01
CA THR C 1803 17.00 31.91 -55.39
C THR C 1803 15.54 32.32 -55.52
N VAL C 1804 14.70 31.86 -54.61
CA VAL C 1804 13.28 32.23 -54.62
C VAL C 1804 13.13 33.71 -54.30
N MET C 1863 18.31 24.50 -59.24
CA MET C 1863 19.64 24.75 -59.78
C MET C 1863 20.61 25.07 -58.65
N GLY C 1864 21.88 24.82 -58.89
CA GLY C 1864 22.93 25.01 -57.90
C GLY C 1864 23.38 23.66 -57.35
N THR C 1865 24.68 23.58 -57.05
CA THR C 1865 25.24 22.31 -56.58
C THR C 1865 24.60 21.88 -55.26
N SER C 1866 24.41 22.82 -54.34
CA SER C 1866 23.82 22.48 -53.04
C SER C 1866 22.41 21.95 -53.20
N VAL C 1867 21.60 22.59 -54.05
CA VAL C 1867 20.24 22.13 -54.25
C VAL C 1867 20.23 20.77 -54.94
N LEU C 1868 21.10 20.58 -55.95
CA LEU C 1868 21.12 19.33 -56.69
C LEU C 1868 21.52 18.17 -55.79
N ILE C 1869 22.53 18.37 -54.93
CA ILE C 1869 23.03 17.27 -54.10
C ILE C 1869 22.06 16.89 -53.00
N MET C 1870 20.94 17.59 -52.86
CA MET C 1870 19.94 17.22 -51.87
C MET C 1870 19.27 15.89 -52.23
N GLN C 1871 18.98 15.68 -53.52
CA GLN C 1871 18.24 14.49 -53.91
C GLN C 1871 18.97 13.20 -53.54
N PRO C 1872 20.27 13.06 -53.79
CA PRO C 1872 20.96 11.85 -53.29
C PRO C 1872 20.83 11.64 -51.80
N ILE C 1873 20.89 12.73 -51.02
CA ILE C 1873 20.76 12.59 -49.57
C ILE C 1873 19.38 12.10 -49.19
N LEU C 1874 18.34 12.66 -49.81
CA LEU C 1874 16.98 12.22 -49.54
C LEU C 1874 16.79 10.75 -49.92
N ARG C 1875 17.34 10.34 -51.07
CA ARG C 1875 17.25 8.95 -51.48
C ARG C 1875 17.97 8.05 -50.48
N PHE C 1876 19.14 8.48 -50.01
CA PHE C 1876 19.87 7.70 -49.01
C PHE C 1876 19.06 7.53 -47.74
N LEU C 1877 18.45 8.61 -47.25
CA LEU C 1877 17.63 8.52 -46.05
C LEU C 1877 16.42 7.62 -46.28
N GLN C 1878 15.79 7.73 -47.43
CA GLN C 1878 14.63 6.89 -47.75
C GLN C 1878 15.01 5.42 -47.74
N LEU C 1879 16.14 5.09 -48.35
CA LEU C 1879 16.59 3.69 -48.34
C LEU C 1879 17.00 3.25 -46.94
N LEU C 1880 17.55 4.16 -46.14
CA LEU C 1880 17.91 3.84 -44.77
C LEU C 1880 16.67 3.49 -43.95
N CYS C 1881 15.58 4.22 -44.15
CA CYS C 1881 14.33 3.99 -43.43
C CYS C 1881 13.40 3.05 -44.17
N GLU C 1882 13.83 2.48 -45.29
CA GLU C 1882 12.98 1.58 -46.06
C GLU C 1882 12.63 0.33 -45.28
N ASN C 1883 11.51 -0.28 -45.65
CA ASN C 1883 11.02 -1.52 -45.04
C ASN C 1883 10.59 -1.31 -43.59
N HIS C 1884 10.18 -0.09 -43.24
CA HIS C 1884 9.62 0.22 -41.93
C HIS C 1884 10.59 -0.15 -40.82
N ASN C 1885 11.79 0.44 -40.88
CA ASN C 1885 12.80 0.24 -39.85
C ASN C 1885 12.58 1.30 -38.77
N ARG C 1886 11.80 0.92 -37.74
CA ARG C 1886 11.40 1.87 -36.72
C ARG C 1886 12.61 2.40 -35.95
N ASP C 1887 13.61 1.56 -35.72
CA ASP C 1887 14.80 1.99 -35.01
C ASP C 1887 15.46 3.15 -35.73
N LEU C 1888 15.71 3.01 -37.03
CA LEU C 1888 16.33 4.08 -37.80
C LEU C 1888 15.40 5.28 -37.94
N GLN C 1889 14.09 5.05 -38.07
CA GLN C 1889 13.16 6.16 -38.16
C GLN C 1889 13.22 7.04 -36.92
N ASN C 1890 13.28 6.42 -35.73
CA ASN C 1890 13.40 7.18 -34.50
C ASN C 1890 14.79 7.77 -34.32
N PHE C 1891 15.82 7.07 -34.78
CA PHE C 1891 17.19 7.59 -34.64
C PHE C 1891 17.38 8.85 -35.48
N LEU C 1892 16.83 8.86 -36.69
CA LEU C 1892 16.95 10.04 -37.54
C LEU C 1892 16.21 11.24 -36.94
N ARG C 1893 15.16 11.00 -36.16
CA ARG C 1893 14.46 12.11 -35.51
C ARG C 1893 15.22 12.60 -34.29
N CYS C 1894 15.56 11.68 -33.38
CA CYS C 1894 16.28 11.99 -32.16
C CYS C 1894 17.41 11.00 -31.99
N GLN C 1895 18.58 11.50 -31.59
CA GLN C 1895 19.75 10.67 -31.34
C GLN C 1895 20.10 10.70 -29.86
N ASN C 1896 20.61 9.57 -29.37
CA ASN C 1896 21.01 9.48 -27.97
C ASN C 1896 22.24 10.34 -27.66
N ASN C 1897 22.91 10.85 -28.67
CA ASN C 1897 24.10 11.68 -28.44
C ASN C 1897 23.72 12.96 -27.70
N LYS C 1898 24.75 13.72 -27.32
CA LYS C 1898 24.52 14.96 -26.60
C LYS C 1898 23.74 15.96 -27.45
N THR C 1899 24.08 16.07 -28.72
CA THR C 1899 23.44 16.99 -29.64
C THR C 1899 22.67 16.19 -30.69
N ASN C 1900 21.42 16.57 -30.94
CA ASN C 1900 20.55 15.88 -31.87
C ASN C 1900 20.10 16.84 -32.96
N TYR C 1901 20.10 16.35 -34.19
CA TYR C 1901 19.63 17.10 -35.36
C TYR C 1901 18.37 16.42 -35.89
N ASN C 1902 17.30 17.20 -36.06
CA ASN C 1902 16.01 16.66 -36.48
C ASN C 1902 15.92 16.71 -38.00
N LEU C 1903 16.36 15.63 -38.64
CA LEU C 1903 16.37 15.59 -40.11
C LEU C 1903 14.97 15.63 -40.70
N VAL C 1904 13.98 15.07 -39.99
CA VAL C 1904 12.60 15.14 -40.46
C VAL C 1904 12.15 16.59 -40.54
N CYS C 1905 12.41 17.37 -39.49
CA CYS C 1905 12.06 18.78 -39.50
C CYS C 1905 12.82 19.53 -40.58
N GLU C 1906 14.11 19.21 -40.75
CA GLU C 1906 14.89 19.87 -41.80
C GLU C 1906 14.29 19.60 -43.18
N THR C 1907 13.91 18.35 -43.44
CA THR C 1907 13.32 18.00 -44.73
C THR C 1907 11.99 18.70 -44.93
N LEU C 1908 11.16 18.75 -43.89
CA LEU C 1908 9.88 19.44 -44.01
C LEU C 1908 10.08 20.93 -44.28
N GLN C 1909 11.04 21.55 -43.61
CA GLN C 1909 11.31 22.96 -43.85
C GLN C 1909 11.82 23.18 -45.27
N PHE C 1910 12.68 22.28 -45.76
CA PHE C 1910 13.14 22.40 -47.14
C PHE C 1910 11.99 22.30 -48.12
N LEU C 1911 11.08 21.35 -47.89
CA LEU C 1911 9.92 21.21 -48.77
C LEU C 1911 9.06 22.47 -48.75
N ASP C 1912 8.80 23.00 -47.55
CA ASP C 1912 7.98 24.21 -47.44
C ASP C 1912 8.63 25.38 -48.15
N ILE C 1913 9.96 25.54 -48.00
CA ILE C 1913 10.65 26.64 -48.64
C ILE C 1913 10.62 26.49 -50.16
N MET C 1914 10.86 25.28 -50.66
CA MET C 1914 10.88 25.08 -52.10
C MET C 1914 9.49 25.15 -52.73
N CYS C 1915 8.44 24.92 -51.95
CA CYS C 1915 7.08 24.99 -52.48
C CYS C 1915 6.49 26.39 -52.42
N GLY C 1916 7.24 27.38 -51.95
CA GLY C 1916 6.78 28.75 -51.93
C GLY C 1916 6.27 29.24 -50.59
N SER C 1917 6.33 28.42 -49.55
CA SER C 1917 5.91 28.84 -48.20
C SER C 1917 4.43 29.20 -48.24
N THR C 1918 4.02 30.16 -47.41
CA THR C 1918 2.60 30.47 -47.28
C THR C 1918 2.01 31.01 -48.58
N THR C 1919 2.75 31.91 -49.25
CA THR C 1919 2.24 32.47 -50.48
C THR C 1919 2.05 31.40 -51.55
N GLY C 1920 3.00 30.46 -51.64
CA GLY C 1920 2.85 29.37 -52.59
C GLY C 1920 1.70 28.44 -52.24
N GLY C 1921 1.53 28.17 -50.95
CA GLY C 1921 0.49 27.26 -50.52
C GLY C 1921 -0.91 27.83 -50.49
N LEU C 1922 -1.04 29.16 -50.53
CA LEU C 1922 -2.35 29.80 -50.54
C LEU C 1922 -2.98 29.85 -51.92
N GLY C 1923 -2.28 29.40 -52.96
CA GLY C 1923 -2.84 29.37 -54.29
C GLY C 1923 -1.85 29.72 -55.39
N LEU C 1924 -0.62 30.10 -55.01
CA LEU C 1924 0.43 30.43 -55.95
C LEU C 1924 1.49 29.34 -56.03
N LEU C 1925 1.10 28.09 -55.79
CA LEU C 1925 2.04 26.98 -55.80
C LEU C 1925 2.65 26.76 -57.19
N GLY C 1926 1.95 27.18 -58.25
CA GLY C 1926 2.42 26.92 -59.59
C GLY C 1926 3.60 27.79 -60.01
N LEU C 1927 3.84 28.88 -59.31
CA LEU C 1927 4.92 29.81 -59.66
C LEU C 1927 6.27 29.37 -59.12
N TYR C 1928 6.32 28.31 -58.31
CA TYR C 1928 7.55 27.84 -57.71
C TYR C 1928 7.97 26.46 -58.17
N ILE C 1929 7.03 25.60 -58.56
CA ILE C 1929 7.33 24.23 -59.00
C ILE C 1929 7.58 24.28 -60.50
N ASN C 1930 8.85 24.22 -60.89
CA ASN C 1930 9.25 24.22 -62.29
C ASN C 1930 9.48 22.78 -62.75
N GLU C 1931 10.02 22.63 -63.95
CA GLU C 1931 10.28 21.32 -64.51
C GLU C 1931 11.55 20.68 -63.97
N ASP C 1932 12.40 21.43 -63.28
CA ASP C 1932 13.66 20.92 -62.75
C ASP C 1932 13.56 20.47 -61.30
N ASN C 1933 12.83 21.21 -60.47
CA ASN C 1933 12.68 20.87 -59.06
C ASN C 1933 11.54 19.90 -58.79
N VAL C 1934 10.79 19.51 -59.82
CA VAL C 1934 9.68 18.58 -59.62
C VAL C 1934 10.19 17.23 -59.11
N GLY C 1935 11.29 16.75 -59.70
CA GLY C 1935 11.86 15.49 -59.22
C GLY C 1935 12.31 15.56 -57.79
N LEU C 1936 12.94 16.68 -57.41
CA LEU C 1936 13.39 16.84 -56.02
C LEU C 1936 12.20 16.89 -55.07
N VAL C 1937 11.12 17.58 -55.47
CA VAL C 1937 9.93 17.64 -54.63
C VAL C 1937 9.33 16.25 -54.48
N ILE C 1938 9.29 15.47 -55.56
CA ILE C 1938 8.75 14.13 -55.49
C ILE C 1938 9.59 13.26 -54.57
N GLN C 1939 10.92 13.39 -54.66
CA GLN C 1939 11.79 12.62 -53.78
C GLN C 1939 11.58 13.01 -52.32
N THR C 1940 11.42 14.31 -52.05
CA THR C 1940 11.15 14.75 -50.69
C THR C 1940 9.84 14.18 -50.18
N LEU C 1941 8.80 14.17 -51.02
CA LEU C 1941 7.52 13.60 -50.61
C LEU C 1941 7.66 12.11 -50.32
N GLU C 1942 8.41 11.39 -51.15
CA GLU C 1942 8.62 9.97 -50.91
C GLU C 1942 9.37 9.74 -49.60
N THR C 1943 10.38 10.56 -49.32
CA THR C 1943 11.12 10.43 -48.07
C THR C 1943 10.22 10.69 -46.87
N LEU C 1944 9.38 11.72 -46.94
CA LEU C 1944 8.45 12.00 -45.85
C LEU C 1944 7.47 10.84 -45.67
N THR C 1945 6.97 10.28 -46.77
CA THR C 1945 6.06 9.14 -46.66
C THR C 1945 6.76 7.95 -46.01
N GLU C 1946 8.01 7.70 -46.37
CA GLU C 1946 8.75 6.59 -45.77
C GLU C 1946 8.95 6.82 -44.28
N TYR C 1947 9.26 8.06 -43.89
CA TYR C 1947 9.37 8.38 -42.46
C TYR C 1947 8.05 8.10 -41.74
N CYS C 1948 6.94 8.55 -42.33
CA CYS C 1948 5.65 8.42 -41.66
C CYS C 1948 5.23 6.97 -41.54
N GLN C 1949 5.47 6.18 -42.58
CA GLN C 1949 4.99 4.79 -42.59
C GLN C 1949 5.74 3.94 -41.58
N GLY C 1950 5.12 2.82 -41.22
CA GLY C 1950 5.69 1.87 -40.30
C GLY C 1950 4.72 1.33 -39.27
N PRO C 1951 3.82 2.18 -38.73
CA PRO C 1951 3.79 3.65 -38.72
C PRO C 1951 4.68 4.21 -37.63
N CYS C 1952 5.09 5.48 -37.73
CA CYS C 1952 5.89 6.14 -36.70
C CYS C 1952 5.06 7.28 -36.12
N HIS C 1953 4.49 7.05 -34.94
CA HIS C 1953 3.62 8.05 -34.32
C HIS C 1953 4.37 9.34 -34.04
N GLU C 1954 5.60 9.23 -33.55
CA GLU C 1954 6.38 10.42 -33.22
C GLU C 1954 6.61 11.28 -34.46
N ASN C 1955 7.04 10.65 -35.56
CA ASN C 1955 7.28 11.39 -36.80
C ASN C 1955 5.98 11.98 -37.34
N GLN C 1956 4.89 11.22 -37.30
CA GLN C 1956 3.61 11.74 -37.78
C GLN C 1956 3.20 12.97 -36.98
N THR C 1957 3.28 12.90 -35.66
CA THR C 1957 2.91 14.02 -34.81
C THR C 1957 3.81 15.22 -35.08
N CYS C 1958 5.11 14.98 -35.21
CA CYS C 1958 6.04 16.08 -35.45
C CYS C 1958 5.73 16.79 -36.76
N ILE C 1959 5.48 16.01 -37.83
CA ILE C 1959 5.18 16.62 -39.12
C ILE C 1959 3.85 17.35 -39.07
N VAL C 1960 2.85 16.79 -38.38
CA VAL C 1960 1.54 17.42 -38.32
C VAL C 1960 1.61 18.74 -37.57
N THR C 1961 2.32 18.77 -36.44
CA THR C 1961 2.34 19.93 -35.56
C THR C 1961 3.58 20.79 -35.74
N HIS C 1962 4.35 20.57 -36.81
CA HIS C 1962 5.54 21.39 -37.04
C HIS C 1962 5.16 22.85 -37.24
N GLU C 1963 6.04 23.73 -36.78
CA GLU C 1963 5.74 25.17 -36.83
C GLU C 1963 5.77 25.73 -38.24
N SER C 1964 6.37 25.01 -39.19
CA SER C 1964 6.47 25.49 -40.56
C SER C 1964 5.17 25.32 -41.34
N ASN C 1965 4.21 24.57 -40.83
CA ASN C 1965 2.91 24.37 -41.49
C ASN C 1965 3.09 23.81 -42.90
N GLY C 1966 3.92 22.76 -43.01
CA GLY C 1966 4.08 22.07 -44.27
C GLY C 1966 2.89 21.22 -44.66
N ILE C 1967 1.98 20.95 -43.71
CA ILE C 1967 0.77 20.22 -44.05
C ILE C 1967 -0.08 21.04 -45.01
N ASP C 1968 -0.08 22.36 -44.86
CA ASP C 1968 -0.79 23.22 -45.81
C ASP C 1968 -0.20 23.07 -47.21
N ILE C 1969 1.12 23.03 -47.32
CA ILE C 1969 1.76 22.84 -48.62
C ILE C 1969 1.39 21.47 -49.19
N ILE C 1970 1.40 20.44 -48.35
CA ILE C 1970 1.07 19.11 -48.81
C ILE C 1970 -0.35 19.07 -49.35
N THR C 1971 -1.29 19.69 -48.64
CA THR C 1971 -2.67 19.71 -49.07
C THR C 1971 -2.85 20.53 -50.35
N ALA C 1972 -2.11 21.63 -50.46
CA ALA C 1972 -2.18 22.44 -51.67
C ALA C 1972 -1.65 21.68 -52.88
N LEU C 1973 -0.64 20.83 -52.67
CA LEU C 1973 -0.13 20.02 -53.78
C LEU C 1973 -1.23 19.17 -54.39
N ILE C 1974 -2.26 18.82 -53.62
CA ILE C 1974 -3.37 18.03 -54.12
C ILE C 1974 -4.50 18.92 -54.62
N LEU C 1975 -4.82 19.98 -53.88
CA LEU C 1975 -5.98 20.81 -54.17
C LEU C 1975 -5.71 21.92 -55.17
N ASN C 1976 -4.49 22.04 -55.68
CA ASN C 1976 -4.15 23.08 -56.64
C ASN C 1976 -3.49 22.44 -57.86
N ASP C 1977 -3.67 23.10 -59.00
CA ASP C 1977 -3.13 22.65 -60.28
C ASP C 1977 -1.97 23.56 -60.67
N ILE C 1978 -0.85 22.95 -61.04
CA ILE C 1978 0.34 23.69 -61.47
C ILE C 1978 0.10 24.08 -62.92
N SER C 1979 -0.44 25.28 -63.15
CA SER C 1979 -0.81 25.69 -64.50
C SER C 1979 0.38 25.69 -65.46
N PRO C 1980 1.53 26.28 -65.11
CA PRO C 1980 2.65 26.27 -66.08
C PRO C 1980 3.08 24.87 -66.47
N LEU C 1981 3.06 23.92 -65.54
CA LEU C 1981 3.58 22.58 -65.80
C LEU C 1981 2.49 21.59 -66.19
N CYS C 1982 1.23 21.86 -65.86
CA CYS C 1982 0.16 20.92 -66.19
C CYS C 1982 0.01 20.74 -67.69
N LYS C 1983 0.11 21.83 -68.45
CA LYS C 1983 -0.07 21.77 -69.90
C LYS C 1983 1.17 21.32 -70.65
N TYR C 1984 2.30 21.14 -69.95
CA TYR C 1984 3.52 20.63 -70.56
C TYR C 1984 3.81 19.19 -70.18
N ARG C 1985 3.90 18.90 -68.88
CA ARG C 1985 4.22 17.56 -68.37
C ARG C 1985 3.21 17.24 -67.27
N MET C 1986 2.07 16.67 -67.68
CA MET C 1986 1.00 16.36 -66.73
C MET C 1986 1.31 15.14 -65.87
N ASP C 1987 2.11 14.21 -66.38
CA ASP C 1987 2.42 13.01 -65.61
C ASP C 1987 3.16 13.36 -64.32
N LEU C 1988 4.05 14.35 -64.37
CA LEU C 1988 4.75 14.77 -63.16
C LEU C 1988 3.78 15.34 -62.15
N VAL C 1989 2.79 16.12 -62.59
CA VAL C 1989 1.79 16.64 -61.68
C VAL C 1989 0.98 15.51 -61.06
N LEU C 1990 0.63 14.51 -61.87
CA LEU C 1990 -0.11 13.36 -61.34
C LEU C 1990 0.73 12.62 -60.29
N GLN C 1991 2.02 12.45 -60.56
CA GLN C 1991 2.89 11.80 -59.59
C GLN C 1991 2.98 12.62 -58.30
N LEU C 1992 3.06 13.93 -58.42
CA LEU C 1992 3.09 14.78 -57.22
C LEU C 1992 1.82 14.61 -56.41
N LYS C 1993 0.66 14.61 -57.08
CA LYS C 1993 -0.60 14.45 -56.37
C LYS C 1993 -0.66 13.07 -55.70
N ASP C 1994 -0.23 12.03 -56.39
CA ASP C 1994 -0.25 10.69 -55.81
C ASP C 1994 0.66 10.61 -54.60
N ASN C 1995 1.85 11.19 -54.68
CA ASN C 1995 2.78 11.16 -53.55
C ASN C 1995 2.21 11.93 -52.36
N ALA C 1996 1.59 13.09 -52.63
CA ALA C 1996 0.98 13.86 -51.54
C ALA C 1996 -0.14 13.07 -50.89
N SER C 1997 -0.98 12.42 -51.68
CA SER C 1997 -2.07 11.63 -51.13
C SER C 1997 -1.53 10.47 -50.30
N LYS C 1998 -0.49 9.79 -50.78
CA LYS C 1998 0.09 8.70 -50.03
C LYS C 1998 0.70 9.19 -48.72
N LEU C 1999 1.35 10.35 -48.74
CA LEU C 1999 1.90 10.91 -47.51
C LEU C 1999 0.78 11.23 -46.51
N LEU C 2000 -0.30 11.83 -46.99
CA LEU C 2000 -1.41 12.14 -46.10
C LEU C 2000 -2.01 10.88 -45.51
N LEU C 2001 -2.16 9.83 -46.33
CA LEU C 2001 -2.66 8.57 -45.82
C LEU C 2001 -1.72 7.98 -44.77
N ALA C 2002 -0.41 8.02 -45.03
CA ALA C 2002 0.55 7.49 -44.08
C ALA C 2002 0.55 8.28 -42.78
N LEU C 2003 0.21 9.56 -42.84
CA LEU C 2003 0.18 10.38 -41.63
C LEU C 2003 -0.92 9.97 -40.65
N MET C 2004 -1.86 9.10 -41.05
CA MET C 2004 -3.02 8.80 -40.21
C MET C 2004 -3.29 7.29 -40.12
N GLU C 2005 -2.28 6.46 -40.33
CA GLU C 2005 -2.51 5.02 -40.38
C GLU C 2005 -3.03 4.48 -39.05
N SER C 2006 -2.18 4.48 -38.03
CA SER C 2006 -2.54 3.95 -36.71
C SER C 2006 -2.91 5.10 -35.76
N ARG C 2007 -3.92 5.87 -36.17
CA ARG C 2007 -4.40 7.00 -35.39
C ARG C 2007 -5.90 6.83 -35.16
N HIS C 2008 -6.31 6.88 -33.90
CA HIS C 2008 -7.72 6.88 -33.53
C HIS C 2008 -8.23 8.26 -33.16
N ASP C 2009 -7.35 9.15 -32.69
CA ASP C 2009 -7.74 10.50 -32.35
C ASP C 2009 -7.99 11.31 -33.63
N SER C 2010 -8.69 12.44 -33.46
CA SER C 2010 -9.09 13.29 -34.57
C SER C 2010 -8.19 14.51 -34.75
N GLU C 2011 -7.08 14.59 -34.03
CA GLU C 2011 -6.22 15.77 -34.12
C GLU C 2011 -5.65 15.92 -35.53
N ASN C 2012 -5.03 14.86 -36.05
CA ASN C 2012 -4.44 14.94 -37.38
C ASN C 2012 -5.50 15.13 -38.45
N ALA C 2013 -6.64 14.44 -38.31
CA ALA C 2013 -7.72 14.58 -39.28
C ALA C 2013 -8.22 16.02 -39.34
N GLU C 2014 -8.43 16.63 -38.17
CA GLU C 2014 -8.89 18.02 -38.14
C GLU C 2014 -7.83 18.96 -38.71
N ARG C 2015 -6.56 18.74 -38.36
CA ARG C 2015 -5.50 19.60 -38.88
C ARG C 2015 -5.45 19.54 -40.41
N ILE C 2016 -5.58 18.34 -40.96
CA ILE C 2016 -5.55 18.19 -42.42
C ILE C 2016 -6.79 18.81 -43.04
N LEU C 2017 -7.96 18.59 -42.44
CA LEU C 2017 -9.20 19.13 -42.99
C LEU C 2017 -9.24 20.65 -42.92
N ILE C 2018 -8.46 21.27 -42.02
CA ILE C 2018 -8.40 22.72 -41.98
C ILE C 2018 -7.96 23.26 -43.33
N SER C 2019 -6.99 22.60 -43.97
CA SER C 2019 -6.52 23.02 -45.29
C SER C 2019 -7.29 22.36 -46.42
N LEU C 2020 -7.74 21.12 -46.24
CA LEU C 2020 -8.48 20.40 -47.27
C LEU C 2020 -9.96 20.71 -47.12
N ARG C 2021 -10.49 21.52 -48.04
CA ARG C 2021 -11.91 21.79 -48.05
C ARG C 2021 -12.65 20.64 -48.74
N PRO C 2022 -13.67 20.05 -48.12
CA PRO C 2022 -14.31 18.87 -48.73
C PRO C 2022 -14.84 19.12 -50.13
N GLN C 2023 -15.41 20.31 -50.38
CA GLN C 2023 -15.94 20.58 -51.71
C GLN C 2023 -14.84 20.55 -52.76
N GLU C 2024 -13.71 21.19 -52.46
CA GLU C 2024 -12.59 21.18 -53.40
C GLU C 2024 -12.05 19.77 -53.58
N LEU C 2025 -12.01 18.98 -52.51
CA LEU C 2025 -11.53 17.61 -52.62
C LEU C 2025 -12.42 16.79 -53.54
N VAL C 2026 -13.74 16.92 -53.39
CA VAL C 2026 -14.66 16.19 -54.26
C VAL C 2026 -14.51 16.68 -55.69
N ASP C 2027 -14.37 17.99 -55.88
CA ASP C 2027 -14.22 18.53 -57.23
C ASP C 2027 -12.98 17.99 -57.91
N VAL C 2028 -11.86 17.94 -57.19
CA VAL C 2028 -10.63 17.44 -57.79
C VAL C 2028 -10.74 15.94 -58.06
N ILE C 2029 -11.42 15.20 -57.18
CA ILE C 2029 -11.62 13.77 -57.42
C ILE C 2029 -12.41 13.57 -58.71
N LYS C 2030 -13.49 14.32 -58.88
CA LYS C 2030 -14.30 14.18 -60.09
C LYS C 2030 -13.52 14.60 -61.33
N LYS C 2031 -12.73 15.68 -61.23
CA LYS C 2031 -11.92 16.11 -62.36
C LYS C 2031 -10.91 15.04 -62.74
N ALA C 2032 -10.26 14.43 -61.75
CA ALA C 2032 -9.30 13.37 -62.03
C ALA C 2032 -9.97 12.19 -62.70
N TYR C 2033 -11.16 11.80 -62.21
CA TYR C 2033 -11.88 10.69 -62.85
C TYR C 2033 -12.22 11.02 -64.28
N LEU C 2034 -12.71 12.23 -64.54
CA LEU C 2034 -13.10 12.62 -65.89
C LEU C 2034 -11.89 12.66 -66.82
N GLN C 2035 -10.76 13.15 -66.32
CA GLN C 2035 -9.57 13.29 -67.16
C GLN C 2035 -9.12 11.93 -67.68
N GLU C 2036 -9.18 11.76 -69.00
CA GLU C 2036 -8.73 10.53 -69.65
C GLU C 2036 -7.84 10.77 -70.87
N GLU C 2037 -7.79 11.99 -71.41
CA GLU C 2037 -6.95 12.25 -72.57
C GLU C 2037 -5.48 12.02 -72.25
N GLU C 2038 -5.03 12.46 -71.07
CA GLU C 2038 -3.64 12.28 -70.69
C GLU C 2038 -3.27 10.82 -70.49
N ARG C 2039 -4.26 9.95 -70.26
CA ARG C 2039 -3.96 8.54 -70.03
C ARG C 2039 -3.24 7.92 -71.22
N GLU C 2040 -3.39 8.49 -72.41
CA GLU C 2040 -2.73 7.96 -73.60
C GLU C 2040 -1.22 7.96 -73.40
N ASN C 2041 -0.64 6.76 -73.42
CA ASN C 2041 0.82 6.59 -73.27
C ASN C 2041 1.31 7.27 -71.99
N SER C 2042 0.62 7.02 -70.89
CA SER C 2042 0.96 7.57 -69.58
C SER C 2042 1.35 6.45 -68.64
N GLU C 2043 2.47 6.62 -67.95
CA GLU C 2043 2.92 5.61 -67.00
C GLU C 2043 1.94 5.47 -65.83
N VAL C 2044 1.40 6.59 -65.37
CA VAL C 2044 0.47 6.61 -64.24
C VAL C 2044 -0.88 7.11 -64.73
N SER C 2045 -1.94 6.37 -64.42
CA SER C 2045 -3.27 6.74 -64.86
C SER C 2045 -3.90 7.73 -63.87
N PRO C 2046 -4.55 8.78 -64.36
CA PRO C 2046 -5.24 9.69 -63.43
C PRO C 2046 -6.30 9.01 -62.59
N ARG C 2047 -6.88 7.91 -63.10
CA ARG C 2047 -7.93 7.23 -62.34
C ARG C 2047 -7.40 6.65 -61.04
N GLU C 2048 -6.17 6.12 -61.06
CA GLU C 2048 -5.57 5.60 -59.82
C GLU C 2048 -5.36 6.72 -58.80
N VAL C 2049 -4.90 7.88 -59.26
CA VAL C 2049 -4.72 9.02 -58.36
C VAL C 2049 -6.05 9.45 -57.79
N GLY C 2050 -7.09 9.50 -58.63
CA GLY C 2050 -8.42 9.84 -58.13
C GLY C 2050 -8.92 8.85 -57.12
N HIS C 2051 -8.66 7.56 -57.34
CA HIS C 2051 -9.08 6.55 -56.38
C HIS C 2051 -8.34 6.70 -55.05
N ASN C 2052 -7.04 7.00 -55.10
CA ASN C 2052 -6.29 7.23 -53.86
C ASN C 2052 -6.84 8.45 -53.11
N ILE C 2053 -7.14 9.53 -53.84
CA ILE C 2053 -7.70 10.71 -53.20
C ILE C 2053 -9.07 10.40 -52.60
N TYR C 2054 -9.85 9.56 -53.28
CA TYR C 2054 -11.15 9.16 -52.75
C TYR C 2054 -10.98 8.34 -51.47
N ILE C 2055 -9.98 7.47 -51.43
CA ILE C 2055 -9.71 6.72 -50.20
C ILE C 2055 -9.32 7.67 -49.07
N LEU C 2056 -8.49 8.66 -49.38
CA LEU C 2056 -8.13 9.66 -48.37
C LEU C 2056 -9.36 10.40 -47.87
N ALA C 2057 -10.26 10.78 -48.79
CA ALA C 2057 -11.48 11.47 -48.40
C ALA C 2057 -12.35 10.59 -47.51
N LEU C 2058 -12.45 9.30 -47.85
CA LEU C 2058 -13.22 8.38 -47.01
C LEU C 2058 -12.62 8.30 -45.61
N GLN C 2059 -11.30 8.20 -45.52
CA GLN C 2059 -10.66 8.15 -44.21
C GLN C 2059 -10.91 9.43 -43.42
N LEU C 2060 -10.85 10.58 -44.09
CA LEU C 2060 -11.07 11.85 -43.40
C LEU C 2060 -12.53 12.04 -43.00
N SER C 2061 -13.47 11.43 -43.74
CA SER C 2061 -14.89 11.66 -43.50
C SER C 2061 -15.36 11.08 -42.16
N ARG C 2062 -14.56 10.24 -41.50
CA ARG C 2062 -14.99 9.68 -40.22
C ARG C 2062 -15.19 10.76 -39.17
N HIS C 2063 -14.63 11.95 -39.38
CA HIS C 2063 -14.75 13.05 -38.43
C HIS C 2063 -15.48 14.27 -38.98
N ASN C 2064 -15.63 14.38 -40.29
CA ASN C 2064 -16.32 15.51 -40.92
C ASN C 2064 -17.64 15.02 -41.51
N LYS C 2065 -18.74 15.63 -41.10
CA LYS C 2065 -20.05 15.22 -41.61
C LYS C 2065 -20.26 15.70 -43.04
N GLN C 2066 -19.82 16.92 -43.35
CA GLN C 2066 -20.04 17.47 -44.69
C GLN C 2066 -19.36 16.62 -45.76
N LEU C 2067 -18.13 16.19 -45.48
CA LEU C 2067 -17.41 15.34 -46.45
C LEU C 2067 -18.14 14.02 -46.65
N GLN C 2068 -18.66 13.43 -45.58
CA GLN C 2068 -19.43 12.19 -45.70
C GLN C 2068 -20.67 12.41 -46.56
N HIS C 2069 -21.35 13.54 -46.35
CA HIS C 2069 -22.54 13.85 -47.14
C HIS C 2069 -22.19 14.00 -48.62
N LEU C 2070 -21.08 14.68 -48.91
CA LEU C 2070 -20.70 14.92 -50.30
C LEU C 2070 -20.10 13.69 -50.97
N LEU C 2071 -19.61 12.71 -50.20
CA LEU C 2071 -19.02 11.51 -50.76
C LEU C 2071 -20.05 10.45 -51.14
N LYS C 2072 -21.32 10.68 -50.87
CA LYS C 2072 -22.35 9.72 -51.24
C LYS C 2072 -22.42 9.61 -52.76
N PRO C 2073 -22.74 8.43 -53.29
CA PRO C 2073 -22.76 8.27 -54.76
C PRO C 2073 -23.73 9.22 -55.45
N VAL C 2074 -24.87 9.50 -54.83
CA VAL C 2074 -25.85 10.40 -55.42
C VAL C 2074 -26.94 10.70 -54.39
N GLU C 2111 -20.38 5.92 -65.03
CA GLU C 2111 -20.19 7.30 -65.45
C GLU C 2111 -20.03 8.21 -64.24
N ASP C 2112 -20.59 7.80 -63.11
CA ASP C 2112 -20.51 8.59 -61.89
C ASP C 2112 -19.19 8.30 -61.18
N PRO C 2113 -18.31 9.29 -61.00
CA PRO C 2113 -17.03 9.00 -60.34
C PRO C 2113 -17.18 8.44 -58.94
N LEU C 2114 -18.06 9.04 -58.12
CA LEU C 2114 -18.22 8.56 -56.75
C LEU C 2114 -18.78 7.14 -56.73
N ALA C 2115 -19.75 6.85 -57.61
CA ALA C 2115 -20.29 5.49 -57.67
C ALA C 2115 -19.22 4.49 -58.08
N TYR C 2116 -18.41 4.84 -59.08
CA TYR C 2116 -17.36 3.93 -59.53
C TYR C 2116 -16.36 3.67 -58.42
N TYR C 2117 -15.95 4.73 -57.72
CA TYR C 2117 -14.97 4.56 -56.64
C TYR C 2117 -15.56 3.75 -55.49
N GLU C 2118 -16.83 3.98 -55.14
CA GLU C 2118 -17.47 3.20 -54.10
C GLU C 2118 -17.57 1.73 -54.48
N ASN C 2119 -17.90 1.45 -55.75
CA ASN C 2119 -17.97 0.07 -56.22
C ASN C 2119 -16.60 -0.60 -56.24
N HIS C 2120 -15.54 0.14 -56.56
CA HIS C 2120 -14.21 -0.44 -56.66
C HIS C 2120 -13.38 -0.25 -55.40
N THR C 2121 -14.00 0.22 -54.32
CA THR C 2121 -13.32 0.43 -53.04
C THR C 2121 -13.88 -0.55 -52.02
N SER C 2122 -13.00 -1.04 -51.14
CA SER C 2122 -13.37 -2.00 -50.11
C SER C 2122 -12.71 -1.62 -48.78
N GLN C 2123 -13.28 -2.12 -47.70
CA GLN C 2123 -12.79 -1.86 -46.36
C GLN C 2123 -12.87 -3.14 -45.53
N ILE C 2124 -11.96 -3.27 -44.57
CA ILE C 2124 -11.93 -4.40 -43.65
C ILE C 2124 -11.45 -3.91 -42.29
N GLU C 2125 -11.47 -4.82 -41.32
CA GLU C 2125 -10.97 -4.55 -39.97
C GLU C 2125 -9.92 -5.59 -39.61
N ILE C 2126 -8.83 -5.14 -39.00
CA ILE C 2126 -7.74 -6.04 -38.63
C ILE C 2126 -7.31 -5.75 -37.20
N VAL C 2127 -6.69 -6.75 -36.59
CA VAL C 2127 -6.16 -6.67 -35.23
C VAL C 2127 -4.65 -6.61 -35.31
N ARG C 2128 -4.06 -5.65 -34.61
CA ARG C 2128 -2.61 -5.48 -34.62
C ARG C 2128 -1.99 -6.25 -33.46
N GLN C 2129 -0.65 -6.27 -33.42
CA GLN C 2129 0.05 -7.06 -32.43
C GLN C 2129 -0.22 -6.57 -31.01
N ASP C 2130 -0.67 -5.32 -30.86
CA ASP C 2130 -1.01 -4.76 -29.57
C ASP C 2130 -2.49 -4.94 -29.20
N ARG C 2131 -3.17 -5.91 -29.83
CA ARG C 2131 -4.58 -6.19 -29.53
C ARG C 2131 -5.45 -4.95 -29.70
N SER C 2132 -5.28 -4.25 -30.82
CA SER C 2132 -6.10 -3.11 -31.19
C SER C 2132 -6.69 -3.34 -32.57
N MET C 2133 -7.98 -3.02 -32.73
CA MET C 2133 -8.66 -3.18 -34.00
C MET C 2133 -8.66 -1.86 -34.76
N GLU C 2134 -8.27 -1.91 -36.03
CA GLU C 2134 -8.28 -0.73 -36.89
C GLU C 2134 -8.84 -1.10 -38.25
N GLN C 2135 -9.43 -0.10 -38.91
CA GLN C 2135 -10.09 -0.28 -40.20
C GLN C 2135 -9.12 0.11 -41.32
N ILE C 2136 -9.02 -0.75 -42.33
CA ILE C 2136 -8.14 -0.56 -43.47
C ILE C 2136 -9.02 -0.45 -44.71
N VAL C 2137 -8.88 0.65 -45.45
CA VAL C 2137 -9.62 0.89 -46.69
C VAL C 2137 -8.64 0.79 -47.84
N PHE C 2138 -8.95 -0.07 -48.80
CA PHE C 2138 -8.06 -0.34 -49.92
C PHE C 2138 -8.89 -0.43 -51.20
N PRO C 2139 -8.27 -0.23 -52.36
CA PRO C 2139 -8.99 -0.42 -53.63
C PRO C 2139 -9.00 -1.87 -54.07
N VAL C 2140 -10.12 -2.25 -54.68
CA VAL C 2140 -10.27 -3.65 -55.14
C VAL C 2140 -9.45 -3.84 -56.41
N PRO C 2141 -8.51 -4.78 -56.44
CA PRO C 2141 -7.78 -5.04 -57.69
C PRO C 2141 -8.69 -5.62 -58.75
N GLY C 2142 -8.34 -5.35 -60.01
CA GLY C 2142 -9.20 -5.76 -61.11
C GLY C 2142 -9.34 -7.28 -61.20
N ILE C 2143 -8.29 -8.01 -60.84
CA ILE C 2143 -8.32 -9.47 -60.98
C ILE C 2143 -9.44 -10.06 -60.15
N CYS C 2144 -9.77 -9.42 -59.01
CA CYS C 2144 -10.81 -9.95 -58.13
C CYS C 2144 -12.20 -9.89 -58.75
N GLN C 2145 -12.38 -9.19 -59.87
CA GLN C 2145 -13.68 -9.09 -60.52
C GLN C 2145 -14.06 -10.33 -61.31
N PHE C 2146 -13.17 -11.31 -61.44
CA PHE C 2146 -13.42 -12.51 -62.22
C PHE C 2146 -13.74 -13.72 -61.35
N LEU C 2147 -14.23 -13.50 -60.13
CA LEU C 2147 -14.58 -14.59 -59.23
C LEU C 2147 -16.03 -15.00 -59.49
N THR C 2148 -16.25 -16.29 -59.71
CA THR C 2148 -17.57 -16.78 -60.07
C THR C 2148 -18.49 -16.83 -58.84
N GLU C 2149 -19.76 -16.48 -59.07
CA GLU C 2149 -20.74 -16.57 -58.00
C GLU C 2149 -20.98 -18.01 -57.58
N GLU C 2150 -20.86 -18.96 -58.50
CA GLU C 2150 -20.97 -20.37 -58.12
C GLU C 2150 -19.86 -20.76 -57.17
N THR C 2151 -18.63 -20.33 -57.47
CA THR C 2151 -17.51 -20.59 -56.57
C THR C 2151 -17.72 -19.92 -55.22
N LYS C 2152 -18.25 -18.70 -55.24
CA LYS C 2152 -18.55 -18.01 -53.98
C LYS C 2152 -19.55 -18.81 -53.14
N HIS C 2153 -20.63 -19.27 -53.78
CA HIS C 2153 -21.65 -20.02 -53.07
C HIS C 2153 -21.10 -21.33 -52.52
N ARG C 2154 -20.26 -22.01 -53.30
CA ARG C 2154 -19.66 -23.25 -52.82
C ARG C 2154 -18.73 -23.00 -51.64
N LEU C 2155 -17.88 -21.99 -51.74
CA LEU C 2155 -16.97 -21.67 -50.64
C LEU C 2155 -17.75 -21.27 -49.40
N PHE C 2156 -18.92 -20.65 -49.59
CA PHE C 2156 -19.75 -20.27 -48.46
C PHE C 2156 -20.39 -21.50 -47.80
N THR C 2157 -21.23 -22.21 -48.54
CA THR C 2157 -21.90 -23.39 -48.00
C THR C 2157 -21.13 -24.68 -48.30
N THR C 2158 -19.81 -24.66 -48.09
CA THR C 2158 -19.04 -25.89 -47.95
C THR C 2158 -18.07 -25.88 -46.77
N THR C 2159 -17.68 -24.72 -46.25
CA THR C 2159 -16.63 -24.67 -45.25
C THR C 2159 -17.09 -25.32 -43.93
N GLU C 2160 -16.12 -25.90 -43.22
CA GLU C 2160 -16.38 -26.58 -41.96
C GLU C 2160 -15.64 -25.86 -40.83
N GLN C 2161 -16.30 -25.71 -39.70
CA GLN C 2161 -15.69 -25.06 -38.55
C GLN C 2161 -14.62 -25.95 -37.93
N ASP C 2162 -13.61 -25.31 -37.35
CA ASP C 2162 -12.55 -26.02 -36.65
C ASP C 2162 -13.01 -26.37 -35.23
N GLU C 2163 -12.09 -26.82 -34.40
CA GLU C 2163 -12.44 -27.18 -33.03
C GLU C 2163 -12.98 -25.98 -32.26
N GLN C 2164 -12.32 -24.84 -32.37
CA GLN C 2164 -12.78 -23.64 -31.67
C GLN C 2164 -14.10 -23.15 -32.25
N GLY C 2165 -14.26 -23.21 -33.56
CA GLY C 2165 -15.48 -22.77 -34.21
C GLY C 2165 -15.27 -21.64 -35.18
N SER C 2166 -14.09 -21.57 -35.81
CA SER C 2166 -13.74 -20.52 -36.74
C SER C 2166 -13.47 -21.12 -38.11
N LYS C 2167 -14.04 -20.53 -39.15
CA LYS C 2167 -13.84 -20.94 -40.53
C LYS C 2167 -12.72 -20.18 -41.22
N VAL C 2168 -12.05 -19.28 -40.49
CA VAL C 2168 -11.04 -18.43 -41.10
C VAL C 2168 -9.88 -19.27 -41.62
N SER C 2169 -9.54 -20.34 -40.91
CA SER C 2169 -8.42 -21.19 -41.35
C SER C 2169 -8.69 -21.74 -42.75
N ASP C 2170 -9.85 -22.38 -42.94
CA ASP C 2170 -10.18 -22.95 -44.24
C ASP C 2170 -10.35 -21.86 -45.29
N PHE C 2171 -10.98 -20.74 -44.93
CA PHE C 2171 -11.17 -19.66 -45.89
C PHE C 2171 -9.83 -19.14 -46.39
N PHE C 2172 -8.86 -19.00 -45.49
CA PHE C 2172 -7.53 -18.56 -45.89
C PHE C 2172 -6.81 -19.63 -46.71
N ASP C 2173 -6.94 -20.90 -46.31
CA ASP C 2173 -6.28 -21.97 -47.04
C ASP C 2173 -6.82 -22.09 -48.47
N GLN C 2174 -8.06 -21.70 -48.70
CA GLN C 2174 -8.64 -21.72 -50.04
C GLN C 2174 -8.28 -20.50 -50.87
N SER C 2175 -7.50 -19.57 -50.30
CA SER C 2175 -7.19 -18.33 -51.01
C SER C 2175 -6.38 -18.59 -52.28
N SER C 2176 -5.40 -19.49 -52.21
CA SER C 2176 -4.60 -19.79 -53.38
C SER C 2176 -5.45 -20.38 -54.51
N PHE C 2177 -6.34 -21.31 -54.17
CA PHE C 2177 -7.22 -21.88 -55.17
C PHE C 2177 -8.13 -20.83 -55.77
N LEU C 2178 -8.65 -19.93 -54.93
CA LEU C 2178 -9.50 -18.86 -55.46
C LEU C 2178 -8.73 -17.95 -56.41
N HIS C 2179 -7.50 -17.61 -56.04
CA HIS C 2179 -6.69 -16.75 -56.91
C HIS C 2179 -6.41 -17.44 -58.23
N ASN C 2180 -6.06 -18.73 -58.20
CA ASN C 2180 -5.81 -19.46 -59.44
C ASN C 2180 -7.06 -19.51 -60.31
N GLU C 2181 -8.22 -19.75 -59.69
CA GLU C 2181 -9.46 -19.79 -60.45
C GLU C 2181 -9.76 -18.44 -61.09
N MET C 2182 -9.54 -17.35 -60.35
CA MET C 2182 -9.77 -16.02 -60.91
C MET C 2182 -8.82 -15.75 -62.07
N GLU C 2183 -7.55 -16.14 -61.93
CA GLU C 2183 -6.60 -15.97 -63.02
C GLU C 2183 -7.02 -16.75 -64.26
N TRP C 2184 -7.48 -17.99 -64.06
CA TRP C 2184 -7.94 -18.80 -65.19
C TRP C 2184 -9.16 -18.18 -65.85
N GLN C 2185 -10.09 -17.64 -65.04
CA GLN C 2185 -11.25 -16.97 -65.62
C GLN C 2185 -10.85 -15.76 -66.43
N ARG C 2186 -9.88 -14.99 -65.93
CA ARG C 2186 -9.40 -13.84 -66.69
C ARG C 2186 -8.79 -14.27 -68.01
N LYS C 2187 -8.00 -15.36 -67.99
CA LYS C 2187 -7.44 -15.87 -69.24
C LYS C 2187 -8.54 -16.33 -70.19
N LEU C 2188 -9.54 -17.04 -69.66
CA LEU C 2188 -10.62 -17.56 -70.49
C LEU C 2188 -11.50 -16.46 -71.07
N ARG C 2189 -11.53 -15.29 -70.42
CA ARG C 2189 -12.37 -14.21 -70.92
C ARG C 2189 -12.04 -13.87 -72.37
N SER C 2190 -10.80 -14.10 -72.80
CA SER C 2190 -10.43 -13.80 -74.18
C SER C 2190 -11.22 -14.65 -75.16
N MET C 2191 -11.40 -15.93 -74.86
CA MET C 2191 -12.10 -16.84 -75.77
C MET C 2191 -13.59 -16.57 -75.71
N PRO C 2192 -14.23 -16.16 -76.81
CA PRO C 2192 -15.67 -15.85 -76.75
C PRO C 2192 -16.56 -17.09 -76.63
N LEU C 2193 -16.31 -18.10 -77.48
CA LEU C 2193 -17.21 -19.24 -77.55
C LEU C 2193 -17.15 -20.07 -76.27
N ILE C 2194 -15.95 -20.42 -75.82
CA ILE C 2194 -15.81 -21.26 -74.65
C ILE C 2194 -16.32 -20.53 -73.41
N TYR C 2195 -16.00 -19.24 -73.30
CA TYR C 2195 -16.51 -18.46 -72.17
C TYR C 2195 -18.03 -18.36 -72.21
N TRP C 2196 -18.60 -18.17 -73.40
CA TRP C 2196 -20.05 -18.08 -73.52
C TRP C 2196 -20.71 -19.39 -73.08
N PHE C 2197 -20.16 -20.53 -73.50
CA PHE C 2197 -20.70 -21.80 -73.07
C PHE C 2197 -20.51 -22.03 -71.58
N SER C 2198 -19.38 -21.60 -71.02
CA SER C 2198 -19.09 -21.88 -69.62
C SER C 2198 -19.89 -20.98 -68.68
N ARG C 2199 -20.28 -19.79 -69.12
CA ARG C 2199 -21.03 -18.89 -68.25
C ARG C 2199 -22.32 -19.53 -67.77
N ARG C 2200 -22.99 -20.29 -68.63
CA ARG C 2200 -24.32 -20.84 -68.35
C ARG C 2200 -24.26 -22.30 -67.92
N MET C 2201 -23.21 -22.71 -67.21
CA MET C 2201 -23.09 -24.10 -66.79
C MET C 2201 -24.25 -24.52 -65.91
N THR C 2202 -24.68 -23.64 -64.99
CA THR C 2202 -25.80 -23.99 -64.11
C THR C 2202 -27.07 -24.22 -64.90
N LEU C 2203 -27.32 -23.38 -65.91
CA LEU C 2203 -28.53 -23.52 -66.71
C LEU C 2203 -28.56 -24.88 -67.41
N TRP C 2204 -27.43 -25.28 -68.00
CA TRP C 2204 -27.38 -26.56 -68.70
C TRP C 2204 -27.70 -27.70 -67.74
N GLY C 2205 -27.11 -27.68 -66.55
CA GLY C 2205 -27.37 -28.74 -65.58
C GLY C 2205 -28.82 -28.77 -65.14
N SER C 2206 -29.40 -27.60 -64.86
CA SER C 2206 -30.79 -27.56 -64.40
C SER C 2206 -31.73 -28.09 -65.48
N ILE C 2207 -31.53 -27.65 -66.72
CA ILE C 2207 -32.44 -28.10 -67.78
C ILE C 2207 -32.22 -29.57 -68.10
N SER C 2208 -30.98 -30.06 -67.98
CA SER C 2208 -30.75 -31.50 -68.15
C SER C 2208 -31.45 -32.30 -67.07
N PHE C 2209 -31.41 -31.81 -65.82
CA PHE C 2209 -32.15 -32.44 -64.73
C PHE C 2209 -33.64 -32.51 -65.06
N ASN C 2210 -34.22 -31.38 -65.47
CA ASN C 2210 -35.63 -31.35 -65.80
C ASN C 2210 -35.96 -32.30 -66.96
N LEU C 2211 -35.11 -32.30 -67.98
CA LEU C 2211 -35.34 -33.19 -69.13
C LEU C 2211 -35.31 -34.65 -68.71
N ALA C 2212 -34.35 -35.03 -67.87
CA ALA C 2212 -34.28 -36.41 -67.41
C ALA C 2212 -35.53 -36.78 -66.63
N VAL C 2213 -35.97 -35.91 -65.73
CA VAL C 2213 -37.18 -36.19 -64.94
C VAL C 2213 -38.37 -36.37 -65.86
N PHE C 2214 -38.54 -35.46 -66.82
CA PHE C 2214 -39.68 -35.54 -67.72
C PHE C 2214 -39.63 -36.80 -68.58
N ILE C 2215 -38.45 -37.16 -69.07
CA ILE C 2215 -38.32 -38.34 -69.91
C ILE C 2215 -38.68 -39.58 -69.12
N ASN C 2216 -38.18 -39.69 -67.89
CA ASN C 2216 -38.51 -40.86 -67.08
C ASN C 2216 -40.00 -40.93 -66.78
N ILE C 2217 -40.62 -39.78 -66.46
CA ILE C 2217 -42.05 -39.77 -66.16
C ILE C 2217 -42.85 -40.21 -67.37
N ILE C 2218 -42.51 -39.67 -68.56
CA ILE C 2218 -43.25 -40.00 -69.76
C ILE C 2218 -43.08 -41.48 -70.10
N ILE C 2219 -41.85 -42.00 -69.95
CA ILE C 2219 -41.64 -43.42 -70.21
C ILE C 2219 -42.47 -44.27 -69.27
N ALA C 2220 -42.49 -43.91 -67.99
CA ALA C 2220 -43.25 -44.69 -67.02
C ALA C 2220 -44.74 -44.67 -67.33
N PHE C 2221 -45.26 -43.51 -67.71
CA PHE C 2221 -46.69 -43.34 -67.95
C PHE C 2221 -47.15 -43.84 -69.30
N PHE C 2222 -46.24 -44.03 -70.27
CA PHE C 2222 -46.69 -44.41 -71.61
C PHE C 2222 -45.83 -45.50 -72.25
N TYR C 2223 -45.16 -46.33 -71.46
CA TYR C 2223 -44.42 -47.45 -72.02
C TYR C 2223 -45.08 -48.77 -71.61
N PRO C 2224 -45.23 -49.73 -72.54
CA PRO C 2224 -44.86 -49.70 -73.96
C PRO C 2224 -45.88 -48.93 -74.81
N TYR C 2225 -45.47 -48.52 -76.01
CA TYR C 2225 -46.36 -47.81 -76.92
C TYR C 2225 -46.21 -48.39 -78.31
N MET C 2226 -47.28 -48.27 -79.11
CA MET C 2226 -47.28 -48.78 -80.47
C MET C 2226 -48.57 -48.40 -81.19
N SER C 2230 -51.56 -49.48 -76.04
CA SER C 2230 -52.93 -49.32 -75.58
C SER C 2230 -53.24 -47.84 -75.37
N THR C 2231 -52.30 -47.12 -74.76
CA THR C 2231 -52.44 -45.69 -74.51
C THR C 2231 -53.73 -45.40 -73.76
N GLY C 2232 -54.02 -46.24 -72.76
CA GLY C 2232 -55.23 -46.04 -71.97
C GLY C 2232 -55.22 -44.72 -71.24
N VAL C 2233 -54.05 -44.32 -70.71
CA VAL C 2233 -53.95 -43.05 -70.01
C VAL C 2233 -54.16 -41.88 -70.96
N LEU C 2234 -53.92 -42.08 -72.26
CA LEU C 2234 -54.11 -40.98 -73.22
C LEU C 2234 -55.56 -40.55 -73.27
N ASP C 2235 -56.49 -41.46 -72.98
CA ASP C 2235 -57.91 -41.16 -73.00
C ASP C 2235 -58.56 -41.17 -71.63
N SER C 2236 -57.88 -41.69 -70.61
CA SER C 2236 -58.48 -41.73 -69.28
C SER C 2236 -58.71 -40.31 -68.76
N PRO C 2237 -59.80 -40.09 -68.02
CA PRO C 2237 -60.10 -38.73 -67.54
C PRO C 2237 -59.09 -38.18 -66.55
N LEU C 2238 -58.30 -39.04 -65.89
CA LEU C 2238 -57.38 -38.56 -64.88
C LEU C 2238 -56.34 -37.61 -65.47
N ILE C 2239 -55.92 -37.87 -66.71
CA ILE C 2239 -54.96 -36.98 -67.35
C ILE C 2239 -55.53 -35.57 -67.47
N SER C 2240 -56.82 -35.46 -67.79
CA SER C 2240 -57.45 -34.15 -67.86
C SER C 2240 -57.46 -33.47 -66.49
N LEU C 2241 -57.72 -34.23 -65.43
CA LEU C 2241 -57.70 -33.65 -64.09
C LEU C 2241 -56.31 -33.14 -63.74
N LEU C 2242 -55.27 -33.90 -64.07
CA LEU C 2242 -53.91 -33.44 -63.82
C LEU C 2242 -53.60 -32.20 -64.64
N PHE C 2243 -54.07 -32.16 -65.89
CA PHE C 2243 -53.85 -30.98 -66.72
C PHE C 2243 -54.52 -29.75 -66.11
N TRP C 2244 -55.75 -29.91 -65.61
CA TRP C 2244 -56.42 -28.79 -64.96
C TRP C 2244 -55.70 -28.35 -63.70
N ILE C 2245 -55.20 -29.31 -62.92
CA ILE C 2245 -54.46 -28.97 -61.70
C ILE C 2245 -53.19 -28.19 -62.04
N LEU C 2246 -52.48 -28.62 -63.08
CA LEU C 2246 -51.28 -27.91 -63.50
C LEU C 2246 -51.62 -26.51 -64.02
N ILE C 2247 -52.75 -26.39 -64.74
CA ILE C 2247 -53.17 -25.07 -65.19
C ILE C 2247 -53.45 -24.16 -64.01
N CYS C 2248 -54.12 -24.69 -62.99
CA CYS C 2248 -54.39 -23.89 -61.79
C CYS C 2248 -53.09 -23.48 -61.11
N PHE C 2249 -52.13 -24.40 -61.00
CA PHE C 2249 -50.85 -24.05 -60.41
C PHE C 2249 -50.14 -22.96 -61.20
N SER C 2250 -50.15 -23.06 -62.53
CA SER C 2250 -49.52 -22.04 -63.35
C SER C 2250 -50.21 -20.69 -63.18
N ILE C 2251 -51.55 -20.69 -63.13
CA ILE C 2251 -52.29 -19.45 -62.93
C ILE C 2251 -51.97 -18.86 -61.56
N ALA C 2252 -51.68 -19.72 -60.58
CA ALA C 2252 -51.29 -19.25 -59.25
C ALA C 2252 -49.94 -18.55 -59.23
N ALA C 2253 -49.28 -18.40 -60.37
CA ALA C 2253 -47.99 -17.71 -60.42
C ALA C 2253 -48.10 -16.26 -59.96
N LEU C 2254 -49.30 -15.69 -59.97
CA LEU C 2254 -49.46 -14.32 -59.50
C LEU C 2254 -48.95 -14.16 -58.07
N PHE C 2255 -49.05 -15.20 -57.26
CA PHE C 2255 -48.51 -15.19 -55.91
C PHE C 2255 -47.02 -15.48 -55.87
N THR C 2256 -46.41 -15.81 -57.01
CA THR C 2256 -44.98 -16.12 -57.08
C THR C 2256 -44.69 -17.43 -56.36
N LYS C 2257 -43.64 -17.45 -55.54
CA LYS C 2257 -43.18 -18.64 -54.82
C LYS C 2257 -42.50 -19.65 -55.73
N ARG C 2258 -42.22 -19.28 -56.98
CA ARG C 2258 -41.52 -20.17 -57.90
C ARG C 2258 -42.34 -21.43 -58.17
N TYR C 2259 -41.69 -22.48 -58.66
CA TYR C 2259 -42.35 -23.75 -58.98
C TYR C 2259 -43.48 -23.54 -59.97
N SER C 2260 -43.26 -22.66 -60.94
CA SER C 2260 -44.25 -22.35 -61.97
C SER C 2260 -43.80 -22.75 -63.36
N ILE C 2261 -42.51 -22.62 -63.67
CA ILE C 2261 -42.01 -23.01 -64.99
C ILE C 2261 -42.17 -24.51 -65.19
N ARG C 2262 -41.85 -25.31 -64.18
CA ARG C 2262 -41.90 -26.75 -64.33
C ARG C 2262 -43.29 -27.26 -64.68
N PRO C 2263 -44.36 -26.90 -63.98
CA PRO C 2263 -45.69 -27.34 -64.42
C PRO C 2263 -46.06 -26.83 -65.81
N LEU C 2264 -45.60 -25.63 -66.17
CA LEU C 2264 -45.85 -25.13 -67.52
C LEU C 2264 -45.17 -26.01 -68.57
N ILE C 2265 -43.93 -26.41 -68.30
CA ILE C 2265 -43.23 -27.29 -69.23
C ILE C 2265 -43.91 -28.66 -69.29
N VAL C 2266 -44.42 -29.14 -68.14
CA VAL C 2266 -45.13 -30.42 -68.14
C VAL C 2266 -46.38 -30.32 -69.01
N ALA C 2267 -47.13 -29.23 -68.89
CA ALA C 2267 -48.31 -29.04 -69.71
C ALA C 2267 -47.95 -28.95 -71.19
N LEU C 2268 -46.86 -28.25 -71.50
CA LEU C 2268 -46.41 -28.17 -72.89
C LEU C 2268 -46.07 -29.55 -73.43
N ILE C 2269 -45.37 -30.37 -72.63
CA ILE C 2269 -45.01 -31.71 -73.07
C ILE C 2269 -46.27 -32.55 -73.26
N LEU C 2270 -47.25 -32.39 -72.38
CA LEU C 2270 -48.51 -33.14 -72.53
C LEU C 2270 -49.22 -32.75 -73.82
N ARG C 2271 -49.26 -31.46 -74.12
CA ARG C 2271 -49.87 -31.02 -75.37
C ARG C 2271 -49.10 -31.56 -76.58
N SER C 2272 -47.76 -31.55 -76.50
CA SER C 2272 -46.96 -32.09 -77.60
C SER C 2272 -47.24 -33.57 -77.79
N ILE C 2273 -47.38 -34.33 -76.70
CA ILE C 2273 -47.72 -35.74 -76.80
C ILE C 2273 -49.10 -35.91 -77.44
N TYR C 2274 -50.05 -35.08 -77.04
CA TYR C 2274 -51.40 -35.19 -77.59
C TYR C 2274 -51.41 -34.93 -79.09
N TYR C 2275 -50.67 -33.91 -79.54
CA TYR C 2275 -50.70 -33.51 -80.95
C TYR C 2275 -49.78 -34.38 -81.80
N LEU C 2276 -48.47 -34.30 -81.57
CA LEU C 2276 -47.53 -35.06 -82.39
C LEU C 2276 -47.60 -36.55 -82.07
N GLY C 2277 -47.60 -36.91 -80.80
CA GLY C 2277 -47.59 -38.30 -80.37
C GLY C 2277 -46.55 -38.53 -79.30
N ILE C 2278 -46.43 -39.81 -78.91
CA ILE C 2278 -45.55 -40.20 -77.81
C ILE C 2278 -44.14 -40.45 -78.30
N GLY C 2279 -43.98 -41.23 -79.36
CA GLY C 2279 -42.68 -41.57 -79.88
C GLY C 2279 -41.89 -40.38 -80.37
N PRO C 2280 -42.52 -39.52 -81.17
CA PRO C 2280 -41.83 -38.30 -81.60
C PRO C 2280 -41.41 -37.42 -80.43
N THR C 2281 -42.28 -37.30 -79.42
CA THR C 2281 -41.93 -36.49 -78.26
C THR C 2281 -40.74 -37.10 -77.51
N LEU C 2282 -40.73 -38.42 -77.35
CA LEU C 2282 -39.61 -39.07 -76.68
C LEU C 2282 -38.32 -38.87 -77.46
N ASN C 2283 -38.37 -38.99 -78.78
CA ASN C 2283 -37.18 -38.78 -79.59
C ASN C 2283 -36.68 -37.35 -79.47
N ILE C 2284 -37.59 -36.37 -79.51
CA ILE C 2284 -37.18 -34.98 -79.37
C ILE C 2284 -36.54 -34.74 -78.01
N LEU C 2285 -37.16 -35.27 -76.95
CA LEU C 2285 -36.60 -35.10 -75.61
C LEU C 2285 -35.23 -35.75 -75.49
N GLY C 2286 -35.06 -36.93 -76.07
CA GLY C 2286 -33.76 -37.59 -76.03
C GLY C 2286 -32.69 -36.82 -76.77
N ALA C 2287 -33.02 -36.30 -77.96
CA ALA C 2287 -32.05 -35.50 -78.70
C ALA C 2287 -31.68 -34.24 -77.93
N LEU C 2288 -32.67 -33.57 -77.34
CA LEU C 2288 -32.38 -32.38 -76.55
C LEU C 2288 -31.51 -32.73 -75.34
N ASN C 2289 -31.79 -33.86 -74.69
CA ASN C 2289 -30.98 -34.27 -73.55
C ASN C 2289 -29.54 -34.55 -73.96
N LEU C 2290 -29.35 -35.22 -75.09
CA LEU C 2290 -27.99 -35.50 -75.55
C LEU C 2290 -27.25 -34.21 -75.87
N THR C 2291 -27.90 -33.29 -76.58
CA THR C 2291 -27.26 -32.00 -76.88
C THR C 2291 -26.93 -31.25 -75.59
N ASN C 2292 -27.84 -31.29 -74.62
CA ASN C 2292 -27.61 -30.60 -73.36
C ASN C 2292 -26.43 -31.22 -72.61
N LYS C 2293 -26.33 -32.55 -72.63
CA LYS C 2293 -25.19 -33.21 -71.99
C LYS C 2293 -23.88 -32.81 -72.64
N ILE C 2294 -23.87 -32.75 -73.98
CA ILE C 2294 -22.65 -32.34 -74.69
C ILE C 2294 -22.28 -30.91 -74.30
N VAL C 2295 -23.26 -30.01 -74.29
CA VAL C 2295 -22.99 -28.62 -73.95
C VAL C 2295 -22.50 -28.51 -72.51
N PHE C 2296 -23.10 -29.29 -71.61
CA PHE C 2296 -22.72 -29.23 -70.20
C PHE C 2296 -21.30 -29.72 -69.98
N VAL C 2297 -20.91 -30.81 -70.66
CA VAL C 2297 -19.55 -31.31 -70.51
C VAL C 2297 -18.55 -30.32 -71.11
N VAL C 2298 -18.91 -29.69 -72.23
CA VAL C 2298 -18.04 -28.67 -72.81
C VAL C 2298 -17.86 -27.52 -71.83
N SER C 2299 -18.96 -27.06 -71.22
CA SER C 2299 -18.88 -25.97 -70.27
C SER C 2299 -18.04 -26.35 -69.05
N PHE C 2300 -18.20 -27.57 -68.55
CA PHE C 2300 -17.41 -28.02 -67.42
C PHE C 2300 -15.93 -28.05 -67.76
N VAL C 2301 -15.59 -28.55 -68.95
CA VAL C 2301 -14.19 -28.57 -69.37
C VAL C 2301 -13.65 -27.16 -69.46
N GLY C 2302 -14.42 -26.24 -70.06
CA GLY C 2302 -13.97 -24.86 -70.15
C GLY C 2302 -13.74 -24.22 -68.79
N ASN C 2303 -14.67 -24.45 -67.86
CA ASN C 2303 -14.55 -23.86 -66.54
C ASN C 2303 -13.33 -24.42 -65.80
N ARG C 2304 -13.12 -25.74 -65.88
CA ARG C 2304 -12.01 -26.33 -65.15
C ARG C 2304 -10.67 -26.01 -65.79
N GLY C 2305 -10.66 -25.73 -67.10
CA GLY C 2305 -9.45 -25.31 -67.76
C GLY C 2305 -8.43 -26.41 -67.98
N THR C 2306 -8.85 -27.67 -68.01
CA THR C 2306 -7.94 -28.76 -68.30
C THR C 2306 -7.66 -28.92 -69.78
N PHE C 2307 -8.44 -28.28 -70.65
CA PHE C 2307 -8.24 -28.43 -72.09
C PHE C 2307 -6.96 -27.75 -72.55
N ILE C 2308 -6.57 -26.66 -71.90
CA ILE C 2308 -5.35 -25.96 -72.29
C ILE C 2308 -4.15 -26.91 -72.19
N ARG C 2309 -4.13 -27.74 -71.16
CA ARG C 2309 -3.10 -28.77 -71.02
C ARG C 2309 -3.49 -29.98 -71.86
N GLY C 2310 -2.63 -31.00 -71.87
CA GLY C 2310 -2.89 -32.17 -72.66
C GLY C 2310 -4.21 -32.83 -72.30
N TYR C 2311 -4.87 -33.40 -73.32
CA TYR C 2311 -6.17 -34.02 -73.12
C TYR C 2311 -6.10 -35.24 -72.23
N LYS C 2312 -4.91 -35.76 -71.95
CA LYS C 2312 -4.79 -36.93 -71.08
C LYS C 2312 -5.33 -36.61 -69.69
N ALA C 2313 -4.97 -35.45 -69.14
CA ALA C 2313 -5.49 -35.05 -67.84
C ALA C 2313 -7.00 -34.83 -67.89
N MET C 2314 -7.50 -34.21 -68.97
CA MET C 2314 -8.94 -34.01 -69.11
C MET C 2314 -9.69 -35.33 -69.09
N VAL C 2315 -9.19 -36.34 -69.81
CA VAL C 2315 -9.80 -37.67 -69.79
C VAL C 2315 -9.60 -38.38 -68.47
N MET C 2316 -8.52 -38.09 -67.75
CA MET C 2316 -8.23 -38.72 -66.47
C MET C 2316 -9.16 -38.20 -65.37
N ASP C 2317 -9.55 -36.93 -65.46
CA ASP C 2317 -10.36 -36.33 -64.41
C ASP C 2317 -11.61 -37.16 -64.15
N MET C 2318 -11.87 -37.43 -62.87
CA MET C 2318 -12.97 -38.31 -62.50
C MET C 2318 -14.31 -37.73 -62.95
N GLU C 2319 -14.50 -36.42 -62.77
CA GLU C 2319 -15.76 -35.80 -63.17
C GLU C 2319 -15.98 -35.91 -64.67
N PHE C 2320 -14.90 -35.79 -65.45
CA PHE C 2320 -15.03 -35.98 -66.89
C PHE C 2320 -15.46 -37.41 -67.22
N LEU C 2321 -14.91 -38.39 -66.49
CA LEU C 2321 -15.34 -39.77 -66.68
C LEU C 2321 -16.82 -39.94 -66.35
N TYR C 2322 -17.28 -39.32 -65.27
CA TYR C 2322 -18.69 -39.37 -64.91
C TYR C 2322 -19.56 -38.79 -66.03
N HIS C 2323 -19.17 -37.62 -66.54
CA HIS C 2323 -19.96 -36.97 -67.58
C HIS C 2323 -20.00 -37.81 -68.85
N VAL C 2324 -18.86 -38.35 -69.27
CA VAL C 2324 -18.83 -39.14 -70.49
C VAL C 2324 -19.61 -40.44 -70.31
N GLY C 2325 -19.53 -41.05 -69.13
CA GLY C 2325 -20.32 -42.24 -68.88
C GLY C 2325 -21.81 -41.97 -68.98
N TYR C 2326 -22.26 -40.85 -68.43
CA TYR C 2326 -23.69 -40.54 -68.52
C TYR C 2326 -24.07 -40.12 -69.94
N ILE C 2327 -23.14 -39.54 -70.71
CA ILE C 2327 -23.41 -39.28 -72.12
C ILE C 2327 -23.60 -40.60 -72.87
N LEU C 2328 -22.75 -41.58 -72.58
CA LEU C 2328 -22.91 -42.90 -73.18
C LEU C 2328 -24.26 -43.51 -72.80
N THR C 2329 -24.65 -43.36 -71.54
CA THR C 2329 -25.96 -43.84 -71.11
C THR C 2329 -27.09 -43.14 -71.87
N SER C 2330 -26.97 -41.82 -72.06
CA SER C 2330 -28.01 -41.09 -72.76
C SER C 2330 -28.12 -41.53 -74.22
N VAL C 2331 -26.99 -41.72 -74.89
CA VAL C 2331 -27.04 -42.15 -76.29
C VAL C 2331 -27.58 -43.57 -76.38
N LEU C 2332 -27.24 -44.43 -75.42
CA LEU C 2332 -27.81 -45.77 -75.38
C LEU C 2332 -29.33 -45.70 -75.23
N GLY C 2333 -29.81 -44.82 -74.35
CA GLY C 2333 -31.24 -44.65 -74.20
C GLY C 2333 -31.89 -44.14 -75.47
N LEU C 2334 -31.22 -43.23 -76.18
CA LEU C 2334 -31.78 -42.66 -77.38
C LEU C 2334 -31.85 -43.68 -78.52
N PHE C 2335 -30.84 -44.55 -78.65
CA PHE C 2335 -30.74 -45.44 -79.80
C PHE C 2335 -31.16 -46.87 -79.49
N ALA C 2336 -30.53 -47.53 -78.53
CA ALA C 2336 -30.75 -48.95 -78.32
C ALA C 2336 -32.13 -49.23 -77.77
N HIS C 2337 -32.44 -48.67 -76.60
CA HIS C 2337 -33.71 -48.94 -75.92
C HIS C 2337 -34.06 -47.77 -75.01
N GLU C 2338 -35.35 -47.45 -74.95
CA GLU C 2338 -35.79 -46.30 -74.16
C GLU C 2338 -35.52 -46.50 -72.68
N LEU C 2339 -35.68 -47.73 -72.18
CA LEU C 2339 -35.62 -47.96 -70.74
C LEU C 2339 -34.25 -47.60 -70.16
N PHE C 2340 -33.21 -47.50 -70.99
CA PHE C 2340 -31.90 -47.12 -70.48
C PHE C 2340 -31.90 -45.74 -69.84
N TYR C 2341 -32.90 -44.90 -70.17
CA TYR C 2341 -32.97 -43.58 -69.55
C TYR C 2341 -33.14 -43.68 -68.04
N SER C 2342 -33.65 -44.81 -67.54
CA SER C 2342 -33.87 -44.95 -66.10
C SER C 2342 -32.56 -44.80 -65.32
N ILE C 2343 -31.44 -45.16 -65.94
CA ILE C 2343 -30.15 -45.06 -65.24
C ILE C 2343 -29.82 -43.62 -64.89
N LEU C 2344 -30.42 -42.66 -65.60
CA LEU C 2344 -30.13 -41.26 -65.33
C LEU C 2344 -30.55 -40.86 -63.92
N LEU C 2345 -31.52 -41.57 -63.34
CA LEU C 2345 -31.98 -41.22 -61.99
C LEU C 2345 -30.87 -41.32 -60.96
N PHE C 2346 -29.83 -42.11 -61.25
CA PHE C 2346 -28.69 -42.16 -60.35
C PHE C 2346 -28.00 -40.80 -60.26
N ASP C 2347 -27.90 -40.09 -61.39
CA ASP C 2347 -27.36 -38.74 -61.38
C ASP C 2347 -28.19 -37.81 -60.50
N LEU C 2348 -29.52 -37.90 -60.62
CA LEU C 2348 -30.39 -37.09 -59.77
C LEU C 2348 -30.20 -37.43 -58.29
N ILE C 2349 -30.10 -38.73 -57.98
CA ILE C 2349 -29.91 -39.15 -56.60
C ILE C 2349 -28.61 -38.58 -56.06
N TYR C 2350 -27.53 -38.66 -56.84
CA TYR C 2350 -26.25 -38.13 -56.41
C TYR C 2350 -26.29 -36.61 -56.25
N ARG C 2351 -26.94 -35.91 -57.18
CA ARG C 2351 -27.00 -34.46 -57.10
C ARG C 2351 -27.76 -34.01 -55.86
N GLU C 2352 -28.93 -34.58 -55.61
CA GLU C 2352 -29.74 -34.16 -54.48
C GLU C 2352 -29.04 -34.53 -53.18
N GLU C 2353 -28.95 -33.56 -52.27
CA GLU C 2353 -28.23 -33.80 -51.01
C GLU C 2353 -29.00 -34.74 -50.09
N THR C 2354 -30.32 -34.52 -49.95
CA THR C 2354 -31.10 -35.33 -49.03
C THR C 2354 -31.10 -36.80 -49.45
N LEU C 2355 -31.26 -37.07 -50.75
CA LEU C 2355 -31.24 -38.44 -51.21
C LEU C 2355 -29.88 -39.08 -51.01
N PHE C 2356 -28.80 -38.33 -51.27
CA PHE C 2356 -27.46 -38.87 -51.10
C PHE C 2356 -27.12 -39.11 -49.62
N ASN C 2357 -27.83 -38.46 -48.70
CA ASN C 2357 -27.59 -38.70 -47.29
C ASN C 2357 -27.92 -40.13 -46.90
N VAL C 2358 -28.91 -40.74 -47.54
CA VAL C 2358 -29.25 -42.13 -47.26
C VAL C 2358 -28.06 -43.03 -47.61
N ILE C 2359 -27.50 -42.83 -48.79
CA ILE C 2359 -26.35 -43.64 -49.23
C ILE C 2359 -25.16 -43.36 -48.33
N LYS C 2360 -24.97 -42.12 -47.92
CA LYS C 2360 -23.87 -41.79 -47.00
C LYS C 2360 -24.03 -42.52 -45.68
N SER C 2361 -25.25 -42.54 -45.14
CA SER C 2361 -25.50 -43.23 -43.87
C SER C 2361 -25.26 -44.73 -44.02
N VAL C 2362 -25.70 -45.31 -45.13
CA VAL C 2362 -25.48 -46.74 -45.35
C VAL C 2362 -23.99 -47.03 -45.44
N THR C 2363 -23.24 -46.20 -46.17
CA THR C 2363 -21.82 -46.45 -46.37
C THR C 2363 -21.03 -46.26 -45.08
N ARG C 2364 -21.42 -45.29 -44.25
CA ARG C 2364 -20.63 -44.98 -43.06
C ARG C 2364 -20.59 -46.15 -42.09
N ASN C 2365 -21.72 -46.86 -41.92
CA ASN C 2365 -21.81 -48.01 -41.02
C ASN C 2365 -21.73 -49.31 -41.79
N GLY C 2366 -20.91 -49.34 -42.84
CA GLY C 2366 -20.84 -50.53 -43.68
C GLY C 2366 -20.33 -51.75 -42.95
N ARG C 2367 -19.24 -51.58 -42.20
CA ARG C 2367 -18.61 -52.74 -41.57
C ARG C 2367 -19.52 -53.37 -40.52
N SER C 2368 -20.18 -52.54 -39.70
CA SER C 2368 -21.09 -53.06 -38.69
C SER C 2368 -22.23 -53.83 -39.35
N ILE C 2369 -22.77 -53.29 -40.44
CA ILE C 2369 -23.85 -53.96 -41.15
C ILE C 2369 -23.38 -55.31 -41.67
N LEU C 2370 -22.19 -55.37 -42.24
CA LEU C 2370 -21.69 -56.63 -42.76
C LEU C 2370 -21.49 -57.65 -41.66
N LEU C 2371 -20.93 -57.22 -40.51
CA LEU C 2371 -20.72 -58.15 -39.42
C LEU C 2371 -22.03 -58.68 -38.86
N THR C 2372 -23.02 -57.80 -38.71
CA THR C 2372 -24.32 -58.24 -38.21
C THR C 2372 -24.99 -59.18 -39.21
N ALA C 2373 -24.84 -58.91 -40.51
CA ALA C 2373 -25.37 -59.82 -41.52
C ALA C 2373 -24.68 -61.18 -41.46
N LEU C 2374 -23.37 -61.19 -41.21
CA LEU C 2374 -22.66 -62.45 -41.04
C LEU C 2374 -23.18 -63.20 -39.82
N LEU C 2375 -23.47 -62.49 -38.73
CA LEU C 2375 -24.05 -63.15 -37.56
C LEU C 2375 -25.40 -63.75 -37.89
N ALA C 2376 -26.23 -63.01 -38.62
CA ALA C 2376 -27.53 -63.54 -39.03
C ALA C 2376 -27.35 -64.78 -39.90
N LEU C 2377 -26.38 -64.74 -40.80
CA LEU C 2377 -26.09 -65.89 -41.66
C LEU C 2377 -25.66 -67.09 -40.83
N ILE C 2378 -24.85 -66.87 -39.80
CA ILE C 2378 -24.43 -67.95 -38.91
C ILE C 2378 -25.64 -68.57 -38.23
N LEU C 2379 -26.52 -67.72 -37.69
CA LEU C 2379 -27.71 -68.23 -37.01
C LEU C 2379 -28.60 -69.01 -37.98
N VAL C 2380 -28.77 -68.49 -39.20
CA VAL C 2380 -29.56 -69.20 -40.21
C VAL C 2380 -28.94 -70.55 -40.53
N TYR C 2381 -27.61 -70.59 -40.63
CA TYR C 2381 -26.92 -71.84 -40.91
C TYR C 2381 -27.15 -72.86 -39.79
N LEU C 2382 -27.06 -72.41 -38.53
CA LEU C 2382 -27.30 -73.32 -37.41
C LEU C 2382 -28.73 -73.84 -37.42
N PHE C 2383 -29.71 -72.94 -37.64
CA PHE C 2383 -31.10 -73.38 -37.68
C PHE C 2383 -31.35 -74.33 -38.83
N SER C 2384 -30.73 -74.08 -39.99
CA SER C 2384 -30.87 -74.98 -41.13
C SER C 2384 -30.29 -76.34 -40.82
N ILE C 2385 -29.13 -76.39 -40.15
CA ILE C 2385 -28.55 -77.67 -39.78
C ILE C 2385 -29.49 -78.43 -38.86
N VAL C 2386 -30.04 -77.74 -37.86
CA VAL C 2386 -30.94 -78.39 -36.90
C VAL C 2386 -32.16 -78.94 -37.63
N GLY C 2387 -32.76 -78.13 -38.51
CA GLY C 2387 -33.93 -78.58 -39.24
C GLY C 2387 -33.64 -79.75 -40.14
N PHE C 2388 -32.51 -79.71 -40.85
CA PHE C 2388 -32.15 -80.81 -41.73
C PHE C 2388 -31.93 -82.09 -40.94
N LEU C 2389 -31.31 -81.99 -39.76
CA LEU C 2389 -31.04 -83.18 -38.97
C LEU C 2389 -32.28 -83.75 -38.30
N PHE C 2390 -33.22 -82.89 -37.89
CA PHE C 2390 -34.35 -83.34 -37.08
C PHE C 2390 -35.72 -82.98 -37.62
N LEU C 2391 -35.82 -82.10 -38.63
CA LEU C 2391 -37.10 -81.65 -39.16
C LEU C 2391 -37.07 -81.64 -40.68
N LYS C 2392 -36.51 -82.70 -41.27
CA LYS C 2392 -36.37 -82.76 -42.72
C LYS C 2392 -37.74 -82.79 -43.40
N ASP C 2393 -38.68 -83.57 -42.85
CA ASP C 2393 -39.96 -83.80 -43.49
C ASP C 2393 -40.92 -82.61 -43.39
N ASP C 2394 -40.63 -81.63 -42.53
CA ASP C 2394 -41.53 -80.50 -42.34
C ASP C 2394 -41.28 -79.37 -43.31
N PHE C 2395 -40.23 -79.45 -44.14
CA PHE C 2395 -39.92 -78.40 -45.11
C PHE C 2395 -40.59 -78.73 -46.44
N ILE C 2396 -41.90 -78.54 -46.47
CA ILE C 2396 -42.72 -78.73 -47.66
C ILE C 2396 -43.23 -77.38 -48.12
N LEU C 2397 -42.94 -77.03 -49.37
CA LEU C 2397 -43.31 -75.74 -49.93
C LEU C 2397 -44.27 -75.91 -51.09
N GLU C 2398 -45.14 -74.92 -51.26
CA GLU C 2398 -46.15 -74.91 -52.31
C GLU C 2398 -45.63 -74.12 -53.50
N VAL C 2399 -45.72 -74.71 -54.69
CA VAL C 2399 -45.20 -74.12 -55.90
C VAL C 2399 -46.28 -74.12 -56.97
N ASP C 2400 -46.42 -73.00 -57.67
CA ASP C 2400 -47.36 -72.87 -58.79
C ASP C 2400 -46.57 -73.12 -60.07
N ARG C 2401 -46.57 -74.38 -60.52
CA ARG C 2401 -45.77 -74.77 -61.67
C ARG C 2401 -46.28 -74.09 -62.92
N LEU C 2402 -45.35 -73.71 -63.80
CA LEU C 2402 -45.70 -73.06 -65.05
C LEU C 2402 -46.42 -74.05 -65.97
N PRO C 2403 -47.23 -73.54 -66.91
CA PRO C 2403 -47.95 -74.40 -67.86
C PRO C 2403 -47.02 -75.38 -68.58
N LEU C 2448 -45.01 -83.52 -60.86
CA LEU C 2448 -45.64 -82.23 -61.13
C LEU C 2448 -46.62 -81.87 -60.02
N ASP C 2449 -46.34 -82.33 -58.81
CA ASP C 2449 -47.20 -82.05 -57.67
C ASP C 2449 -47.07 -80.59 -57.25
N SER C 2450 -48.14 -80.09 -56.61
CA SER C 2450 -48.15 -78.71 -56.15
C SER C 2450 -47.24 -78.46 -54.96
N THR C 2451 -46.70 -79.51 -54.35
CA THR C 2451 -45.84 -79.40 -53.19
C THR C 2451 -44.50 -80.07 -53.46
N GLU C 2452 -43.44 -79.48 -52.90
CA GLU C 2452 -42.09 -80.00 -53.08
C GLU C 2452 -41.37 -80.00 -51.74
N ARG C 2453 -40.39 -80.88 -51.63
CA ARG C 2453 -39.53 -80.96 -50.45
C ARG C 2453 -38.36 -80.01 -50.63
N ALA C 2454 -38.30 -78.98 -49.79
CA ALA C 2454 -37.27 -77.95 -49.93
C ALA C 2454 -35.96 -78.36 -49.25
N CYS C 2455 -36.03 -78.70 -47.97
CA CYS C 2455 -34.85 -78.98 -47.17
C CYS C 2455 -34.41 -80.43 -47.37
N ASP C 2456 -33.99 -80.72 -48.60
CA ASP C 2456 -33.41 -82.03 -48.94
C ASP C 2456 -31.90 -81.99 -48.84
N THR C 2457 -31.27 -81.02 -49.50
CA THR C 2457 -29.85 -80.74 -49.31
C THR C 2457 -29.71 -79.79 -48.11
N LEU C 2458 -28.56 -79.13 -48.00
CA LEU C 2458 -28.36 -78.13 -46.95
C LEU C 2458 -28.45 -76.71 -47.49
N LEU C 2459 -27.95 -76.49 -48.71
CA LEU C 2459 -28.04 -75.17 -49.32
C LEU C 2459 -29.50 -74.77 -49.52
N MET C 2460 -30.35 -75.74 -49.88
CA MET C 2460 -31.77 -75.44 -50.04
C MET C 2460 -32.39 -75.02 -48.71
N CYS C 2461 -32.06 -75.72 -47.63
CA CYS C 2461 -32.57 -75.30 -46.32
C CYS C 2461 -32.11 -73.89 -45.99
N ILE C 2462 -30.83 -73.60 -46.22
CA ILE C 2462 -30.30 -72.28 -45.90
C ILE C 2462 -31.02 -71.21 -46.71
N VAL C 2463 -31.21 -71.45 -48.01
CA VAL C 2463 -31.85 -70.46 -48.87
C VAL C 2463 -33.30 -70.25 -48.44
N THR C 2464 -34.03 -71.34 -48.23
CA THR C 2464 -35.44 -71.22 -47.86
C THR C 2464 -35.59 -70.48 -46.53
N VAL C 2465 -34.76 -70.81 -45.55
CA VAL C 2465 -34.81 -70.09 -44.28
C VAL C 2465 -34.52 -68.61 -44.52
N MET C 2466 -33.33 -68.30 -45.04
CA MET C 2466 -32.91 -66.92 -45.20
C MET C 2466 -33.94 -66.09 -45.95
N ASN C 2467 -34.64 -66.69 -46.91
CA ASN C 2467 -35.63 -65.94 -47.67
C ASN C 2467 -36.96 -65.82 -46.91
N HIS C 2468 -37.62 -66.96 -46.67
CA HIS C 2468 -38.98 -66.93 -46.15
C HIS C 2468 -39.02 -66.48 -44.70
N GLY C 2469 -38.15 -67.02 -43.85
CA GLY C 2469 -38.19 -66.63 -42.45
C GLY C 2469 -37.93 -65.15 -42.26
N LEU C 2470 -36.99 -64.60 -43.03
CA LEU C 2470 -36.68 -63.17 -42.92
C LEU C 2470 -37.78 -62.32 -43.53
N ARG C 2471 -38.45 -62.81 -44.58
CA ARG C 2471 -39.51 -62.04 -45.22
C ARG C 2471 -40.88 -62.26 -44.57
N ASN C 2472 -40.98 -63.11 -43.55
CA ASN C 2472 -42.23 -63.37 -42.85
C ASN C 2472 -42.13 -62.87 -41.42
N GLY C 2473 -43.20 -62.20 -40.96
CA GLY C 2473 -43.18 -61.65 -39.62
C GLY C 2473 -43.08 -62.71 -38.54
N GLY C 2474 -43.76 -63.84 -38.73
CA GLY C 2474 -43.75 -64.90 -37.76
C GLY C 2474 -42.56 -65.81 -37.79
N GLY C 2475 -41.66 -65.62 -38.75
CA GLY C 2475 -40.45 -66.42 -38.84
C GLY C 2475 -40.59 -67.59 -39.78
N VAL C 2476 -39.70 -68.57 -39.59
CA VAL C 2476 -39.68 -69.76 -40.43
C VAL C 2476 -40.85 -70.68 -40.19
N GLY C 2477 -41.58 -70.49 -39.08
CA GLY C 2477 -42.66 -71.39 -38.74
C GLY C 2477 -43.93 -71.20 -39.54
N ASP C 2478 -44.01 -70.16 -40.36
CA ASP C 2478 -45.18 -69.87 -41.16
C ASP C 2478 -45.18 -70.59 -42.50
N ILE C 2479 -44.13 -71.35 -42.82
CA ILE C 2479 -44.05 -72.07 -44.08
C ILE C 2479 -44.00 -73.57 -43.81
N LEU C 2480 -43.51 -73.95 -42.64
CA LEU C 2480 -43.36 -75.36 -42.30
C LEU C 2480 -44.72 -76.02 -42.11
N ARG C 2481 -44.74 -77.34 -42.27
CA ARG C 2481 -45.96 -78.11 -42.07
C ARG C 2481 -46.51 -77.87 -40.67
N LYS C 2482 -47.81 -77.67 -40.59
CA LYS C 2482 -48.44 -77.44 -39.29
C LYS C 2482 -48.51 -78.76 -38.51
N PRO C 2483 -47.91 -78.84 -37.33
CA PRO C 2483 -47.95 -80.09 -36.57
C PRO C 2483 -49.25 -80.23 -35.78
N SER C 2484 -49.44 -81.41 -35.22
CA SER C 2484 -50.58 -81.72 -34.38
C SER C 2484 -50.12 -81.90 -32.93
N LYS C 2485 -51.07 -81.75 -32.00
CA LYS C 2485 -50.75 -81.88 -30.58
C LYS C 2485 -50.26 -83.28 -30.23
N ASP C 2486 -50.64 -84.29 -31.00
CA ASP C 2486 -50.29 -85.67 -30.69
C ASP C 2486 -48.94 -86.09 -31.23
N GLU C 2487 -48.28 -85.24 -32.02
CA GLU C 2487 -46.98 -85.59 -32.57
C GLU C 2487 -45.90 -85.48 -31.49
N SER C 2488 -44.88 -86.35 -31.62
CA SER C 2488 -43.82 -86.38 -30.63
C SER C 2488 -43.01 -85.09 -30.64
N LEU C 2489 -42.75 -84.54 -31.82
CA LEU C 2489 -41.87 -83.39 -31.97
C LEU C 2489 -42.60 -82.05 -31.92
N PHE C 2490 -43.85 -82.03 -31.44
CA PHE C 2490 -44.57 -80.77 -31.34
C PHE C 2490 -43.88 -79.79 -30.40
N PRO C 2491 -43.46 -80.18 -29.19
CA PRO C 2491 -42.70 -79.23 -28.35
C PRO C 2491 -41.42 -78.76 -29.01
N ALA C 2492 -40.73 -79.64 -29.73
CA ALA C 2492 -39.51 -79.24 -30.41
C ALA C 2492 -39.80 -78.19 -31.47
N ARG C 2493 -40.87 -78.39 -32.24
CA ARG C 2493 -41.27 -77.39 -33.23
C ARG C 2493 -41.61 -76.07 -32.58
N VAL C 2494 -42.33 -76.11 -31.46
CA VAL C 2494 -42.71 -74.88 -30.77
C VAL C 2494 -41.47 -74.13 -30.33
N VAL C 2495 -40.53 -74.84 -29.71
CA VAL C 2495 -39.30 -74.20 -29.23
C VAL C 2495 -38.50 -73.65 -30.40
N TYR C 2496 -38.39 -74.42 -31.48
CA TYR C 2496 -37.65 -73.97 -32.66
C TYR C 2496 -38.23 -72.66 -33.20
N ASP C 2497 -39.55 -72.63 -33.40
CA ASP C 2497 -40.19 -71.44 -33.95
C ASP C 2497 -40.03 -70.25 -33.02
N LEU C 2498 -40.25 -70.45 -31.71
CA LEU C 2498 -40.14 -69.33 -30.78
C LEU C 2498 -38.73 -68.79 -30.71
N LEU C 2499 -37.73 -69.68 -30.67
CA LEU C 2499 -36.35 -69.23 -30.62
C LEU C 2499 -35.99 -68.46 -31.89
N PHE C 2500 -36.39 -68.98 -33.06
CA PHE C 2500 -36.08 -68.27 -34.30
C PHE C 2500 -36.72 -66.89 -34.31
N PHE C 2501 -38.00 -66.81 -33.91
CA PHE C 2501 -38.70 -65.53 -33.91
C PHE C 2501 -38.06 -64.54 -32.95
N PHE C 2502 -37.69 -65.00 -31.75
CA PHE C 2502 -37.16 -64.08 -30.75
C PHE C 2502 -35.72 -63.66 -31.05
N ILE C 2503 -34.95 -64.52 -31.72
CA ILE C 2503 -33.53 -64.24 -31.93
C ILE C 2503 -33.27 -63.55 -33.26
N VAL C 2504 -33.78 -64.11 -34.36
CA VAL C 2504 -33.42 -63.63 -35.68
C VAL C 2504 -34.34 -62.49 -36.13
N ILE C 2505 -35.64 -62.59 -35.84
CA ILE C 2505 -36.59 -61.63 -36.38
C ILE C 2505 -36.65 -60.38 -35.52
N ILE C 2506 -36.65 -60.54 -34.20
CA ILE C 2506 -36.92 -59.41 -33.31
C ILE C 2506 -35.63 -58.66 -32.93
N ILE C 2507 -34.48 -59.32 -32.96
CA ILE C 2507 -33.24 -58.73 -32.46
C ILE C 2507 -32.27 -58.43 -33.60
N VAL C 2508 -31.82 -59.46 -34.32
CA VAL C 2508 -30.76 -59.28 -35.31
C VAL C 2508 -31.24 -58.41 -36.46
N LEU C 2509 -32.47 -58.64 -36.93
CA LEU C 2509 -32.98 -57.87 -38.06
C LEU C 2509 -33.04 -56.39 -37.74
N ASN C 2510 -33.47 -56.04 -36.53
CA ASN C 2510 -33.53 -54.64 -36.14
C ASN C 2510 -32.13 -54.08 -35.89
N LEU C 2511 -31.24 -54.89 -35.32
CA LEU C 2511 -29.88 -54.42 -35.05
C LEU C 2511 -29.13 -54.13 -36.34
N ILE C 2512 -29.43 -54.87 -37.41
CA ILE C 2512 -28.72 -54.65 -38.67
C ILE C 2512 -28.99 -53.25 -39.20
N PHE C 2513 -30.24 -52.79 -39.14
CA PHE C 2513 -30.66 -51.60 -39.85
C PHE C 2513 -31.03 -50.42 -38.97
N GLY C 2514 -30.93 -50.54 -37.64
CA GLY C 2514 -31.14 -49.38 -36.79
C GLY C 2514 -30.07 -48.32 -36.95
N VAL C 2515 -28.83 -48.75 -37.23
CA VAL C 2515 -27.72 -47.80 -37.37
C VAL C 2515 -27.97 -46.86 -38.53
N ILE C 2516 -28.55 -47.37 -39.61
CA ILE C 2516 -28.82 -46.54 -40.78
C ILE C 2516 -29.76 -45.41 -40.43
N ILE C 2517 -30.85 -45.73 -39.72
CA ILE C 2517 -31.82 -44.72 -39.33
C ILE C 2517 -31.18 -43.70 -38.38
N ASP C 2518 -30.41 -44.19 -37.41
CA ASP C 2518 -29.76 -43.30 -36.47
C ASP C 2518 -28.81 -42.33 -37.19
N THR C 2519 -28.01 -42.85 -38.11
CA THR C 2519 -27.09 -42.00 -38.85
C THR C 2519 -27.82 -41.00 -39.72
N PHE C 2520 -28.92 -41.41 -40.36
CA PHE C 2520 -29.68 -40.48 -41.18
C PHE C 2520 -30.24 -39.35 -40.32
N ALA C 2521 -30.79 -39.68 -39.15
CA ALA C 2521 -31.31 -38.64 -38.28
C ALA C 2521 -30.19 -37.70 -37.82
N ASP C 2522 -29.03 -38.26 -37.47
CA ASP C 2522 -27.92 -37.42 -37.03
C ASP C 2522 -27.47 -36.49 -38.16
N LEU C 2523 -27.40 -37.00 -39.39
CA LEU C 2523 -27.00 -36.17 -40.52
C LEU C 2523 -28.01 -35.05 -40.76
N ARG C 2524 -29.30 -35.36 -40.68
CA ARG C 2524 -30.30 -34.32 -40.84
C ARG C 2524 -30.16 -33.25 -39.76
N SER C 2525 -29.95 -33.68 -38.51
CA SER C 2525 -29.78 -32.72 -37.43
C SER C 2525 -28.55 -31.84 -37.65
N GLU C 2526 -27.44 -32.44 -38.08
CA GLU C 2526 -26.23 -31.66 -38.33
C GLU C 2526 -26.45 -30.66 -39.46
N LYS C 2527 -27.12 -31.08 -40.53
CA LYS C 2527 -27.40 -30.16 -41.63
C LYS C 2527 -28.27 -29.00 -41.15
N GLN C 2528 -29.30 -29.29 -40.36
CA GLN C 2528 -30.16 -28.22 -39.85
C GLN C 2528 -29.37 -27.27 -38.96
N LYS C 2529 -28.50 -27.81 -38.10
CA LYS C 2529 -27.68 -26.97 -37.24
C LYS C 2529 -26.76 -26.07 -38.06
N LYS C 2530 -26.12 -26.63 -39.09
CA LYS C 2530 -25.22 -25.83 -39.92
C LYS C 2530 -25.98 -24.73 -40.64
N GLU C 2531 -27.16 -25.05 -41.18
CA GLU C 2531 -27.94 -24.03 -41.87
C GLU C 2531 -28.38 -22.93 -40.91
N GLU C 2532 -28.79 -23.31 -39.69
CA GLU C 2532 -29.20 -22.30 -38.71
C GLU C 2532 -28.04 -21.41 -38.31
N ILE C 2533 -26.86 -22.00 -38.07
CA ILE C 2533 -25.73 -21.21 -37.62
C ILE C 2533 -25.16 -20.37 -38.75
N LEU C 2534 -25.36 -20.76 -40.01
CA LEU C 2534 -24.85 -19.98 -41.13
C LEU C 2534 -25.63 -18.69 -41.35
N LYS C 2535 -26.86 -18.59 -40.85
CA LYS C 2535 -27.71 -17.43 -41.07
C LYS C 2535 -27.87 -16.58 -39.82
N THR C 2536 -27.23 -16.94 -38.70
CA THR C 2536 -27.33 -16.19 -37.46
C THR C 2536 -25.97 -15.99 -36.81
N THR C 2537 -24.88 -16.08 -37.58
CA THR C 2537 -23.55 -15.92 -37.05
C THR C 2537 -22.64 -15.36 -38.14
N CYS C 2538 -21.79 -14.41 -37.76
CA CYS C 2538 -20.84 -13.83 -38.70
C CYS C 2538 -19.80 -14.85 -39.12
N PHE C 2539 -19.44 -14.84 -40.39
CA PHE C 2539 -18.47 -15.80 -40.90
C PHE C 2539 -17.09 -15.58 -40.28
N ILE C 2540 -16.70 -14.32 -40.10
CA ILE C 2540 -15.35 -14.00 -39.65
C ILE C 2540 -15.30 -13.91 -38.13
N CYS C 2541 -16.02 -12.95 -37.56
CA CYS C 2541 -15.93 -12.71 -36.12
C CYS C 2541 -16.71 -13.75 -35.32
N GLY C 2542 -17.80 -14.27 -35.86
CA GLY C 2542 -18.59 -15.28 -35.17
C GLY C 2542 -19.64 -14.74 -34.23
N LEU C 2543 -19.82 -13.43 -34.16
CA LEU C 2543 -20.84 -12.87 -33.30
C LEU C 2543 -22.24 -13.23 -33.80
N GLU C 2544 -23.18 -13.33 -32.87
CA GLU C 2544 -24.54 -13.71 -33.18
C GLU C 2544 -25.39 -12.48 -33.50
N ARG C 2545 -26.56 -12.73 -34.09
CA ARG C 2545 -27.46 -11.64 -34.45
C ARG C 2545 -27.98 -10.92 -33.22
N ASP C 2546 -28.05 -11.59 -32.07
CA ASP C 2546 -28.62 -10.97 -30.88
C ASP C 2546 -27.82 -9.75 -30.45
N LYS C 2547 -26.51 -9.74 -30.69
CA LYS C 2547 -25.70 -8.60 -30.28
C LYS C 2547 -26.13 -7.33 -31.00
N PHE C 2548 -26.41 -7.43 -32.29
CA PHE C 2548 -26.86 -6.28 -33.09
C PHE C 2548 -28.37 -6.12 -32.96
N ASP C 2549 -28.82 -5.93 -31.72
CA ASP C 2549 -30.25 -5.82 -31.44
C ASP C 2549 -30.74 -4.38 -31.61
N ASN C 2550 -30.10 -3.44 -30.91
CA ASN C 2550 -30.53 -2.04 -30.92
C ASN C 2550 -29.40 -1.10 -31.32
N LYS C 2551 -28.27 -1.62 -31.79
CA LYS C 2551 -27.16 -0.78 -32.17
C LYS C 2551 -27.45 -0.04 -33.46
N THR C 2552 -26.67 1.01 -33.72
CA THR C 2552 -26.88 1.82 -34.92
C THR C 2552 -26.67 1.03 -36.19
N VAL C 2553 -25.89 -0.05 -36.15
CA VAL C 2553 -25.60 -0.87 -37.31
C VAL C 2553 -26.23 -2.24 -37.11
N SER C 2554 -26.98 -2.69 -38.11
CA SER C 2554 -27.66 -3.98 -38.04
C SER C 2554 -26.71 -5.11 -38.43
N PHE C 2555 -27.15 -6.34 -38.18
CA PHE C 2555 -26.35 -7.51 -38.55
C PHE C 2555 -26.13 -7.57 -40.05
N GLU C 2556 -27.15 -7.20 -40.83
CA GLU C 2556 -27.00 -7.22 -42.29
C GLU C 2556 -25.90 -6.25 -42.72
N GLU C 2557 -25.91 -5.03 -42.18
CA GLU C 2557 -24.87 -4.07 -42.52
C GLU C 2557 -23.50 -4.56 -42.06
N HIS C 2558 -23.44 -5.15 -40.87
CA HIS C 2558 -22.17 -5.64 -40.36
C HIS C 2558 -21.58 -6.70 -41.27
N ILE C 2559 -22.42 -7.62 -41.76
CA ILE C 2559 -21.92 -8.67 -42.65
C ILE C 2559 -21.74 -8.21 -44.07
N LYS C 2560 -22.34 -7.08 -44.46
CA LYS C 2560 -22.24 -6.59 -45.82
C LYS C 2560 -21.03 -5.68 -46.02
N LEU C 2561 -20.75 -4.80 -45.05
CA LEU C 2561 -19.71 -3.79 -45.20
C LEU C 2561 -18.52 -4.03 -44.26
N GLU C 2562 -18.78 -4.13 -42.96
CA GLU C 2562 -17.69 -4.23 -41.98
C GLU C 2562 -16.88 -5.51 -42.16
N HIS C 2563 -17.51 -6.67 -41.92
CA HIS C 2563 -16.84 -7.97 -41.98
C HIS C 2563 -17.35 -8.72 -43.20
N ASN C 2564 -16.65 -8.54 -44.31
CA ASN C 2564 -16.97 -9.23 -45.57
C ASN C 2564 -15.83 -10.17 -45.93
N MET C 2565 -16.12 -11.48 -45.92
CA MET C 2565 -15.12 -12.47 -46.28
C MET C 2565 -14.53 -12.17 -47.65
N TRP C 2566 -15.36 -11.72 -48.59
CA TRP C 2566 -14.86 -11.40 -49.92
C TRP C 2566 -13.93 -10.19 -49.90
N ASN C 2567 -14.22 -9.21 -49.05
CA ASN C 2567 -13.30 -8.09 -48.90
C ASN C 2567 -11.97 -8.55 -48.32
N TYR C 2568 -12.01 -9.46 -47.34
CA TYR C 2568 -10.77 -10.01 -46.79
C TYR C 2568 -9.97 -10.74 -47.86
N LEU C 2569 -10.67 -11.52 -48.69
CA LEU C 2569 -9.99 -12.22 -49.79
C LEU C 2569 -9.37 -11.22 -50.76
N TYR C 2570 -10.09 -10.14 -51.07
CA TYR C 2570 -9.55 -9.12 -51.96
C TYR C 2570 -8.31 -8.49 -51.37
N PHE C 2571 -8.32 -8.22 -50.06
CA PHE C 2571 -7.14 -7.67 -49.40
C PHE C 2571 -5.97 -8.64 -49.47
N ILE C 2572 -6.24 -9.93 -49.27
CA ILE C 2572 -5.17 -10.92 -49.35
C ILE C 2572 -4.58 -10.94 -50.76
N VAL C 2573 -5.43 -10.91 -51.78
CA VAL C 2573 -4.95 -10.90 -53.16
C VAL C 2573 -4.13 -9.65 -53.43
N LEU C 2574 -4.60 -8.49 -52.94
CA LEU C 2574 -3.86 -7.25 -53.12
C LEU C 2574 -2.49 -7.33 -52.47
N VAL C 2575 -2.42 -7.89 -51.27
CA VAL C 2575 -1.13 -8.04 -50.60
C VAL C 2575 -0.22 -8.95 -51.40
N ARG C 2576 -0.76 -10.06 -51.91
CA ARG C 2576 0.07 -11.01 -52.64
C ARG C 2576 0.57 -10.44 -53.95
N VAL C 2577 -0.23 -9.61 -54.62
CA VAL C 2577 0.14 -9.10 -55.94
C VAL C 2577 0.99 -7.85 -55.85
N LYS C 2578 0.68 -6.95 -54.92
CA LYS C 2578 1.36 -5.67 -54.84
C LYS C 2578 2.83 -5.86 -54.47
N ASN C 2579 3.66 -4.97 -55.00
CA ASN C 2579 5.09 -5.04 -54.75
C ASN C 2579 5.41 -4.78 -53.29
N LYS C 2580 6.47 -5.43 -52.80
CA LYS C 2580 6.84 -5.28 -51.39
C LYS C 2580 7.23 -3.84 -51.08
N THR C 2581 7.95 -3.19 -51.98
CA THR C 2581 8.43 -1.83 -51.72
C THR C 2581 7.28 -0.86 -51.49
N ASP C 2582 6.11 -1.14 -52.07
CA ASP C 2582 4.97 -0.25 -51.97
C ASP C 2582 4.02 -0.61 -50.83
N TYR C 2583 4.34 -1.62 -50.03
CA TYR C 2583 3.48 -1.99 -48.91
C TYR C 2583 3.43 -0.86 -47.89
N THR C 2584 2.24 -0.68 -47.32
CA THR C 2584 2.07 0.24 -46.20
C THR C 2584 2.28 -0.52 -44.90
N GLY C 2585 2.03 0.13 -43.77
CA GLY C 2585 2.22 -0.49 -42.49
C GLY C 2585 1.34 -1.71 -42.28
N PRO C 2586 0.02 -1.50 -42.38
CA PRO C 2586 -0.90 -2.65 -42.25
C PRO C 2586 -0.64 -3.74 -43.28
N GLU C 2587 -0.33 -3.36 -44.52
CA GLU C 2587 -0.09 -4.37 -45.55
C GLU C 2587 1.15 -5.19 -45.22
N SER C 2588 2.22 -4.54 -44.78
CA SER C 2588 3.43 -5.27 -44.40
C SER C 2588 3.18 -6.16 -43.20
N TYR C 2589 2.41 -5.67 -42.22
CA TYR C 2589 2.09 -6.50 -41.06
C TYR C 2589 1.31 -7.75 -41.47
N VAL C 2590 0.30 -7.57 -42.35
CA VAL C 2590 -0.49 -8.71 -42.80
C VAL C 2590 0.37 -9.68 -43.61
N ALA C 2591 1.26 -9.15 -44.44
CA ALA C 2591 2.14 -10.02 -45.22
C ALA C 2591 3.06 -10.82 -44.30
N GLN C 2592 3.60 -10.18 -43.26
CA GLN C 2592 4.45 -10.89 -42.31
C GLN C 2592 3.67 -11.98 -41.58
N MET C 2593 2.45 -11.66 -41.17
CA MET C 2593 1.63 -12.67 -40.48
C MET C 2593 1.32 -13.84 -41.41
N ILE C 2594 1.01 -13.55 -42.68
CA ILE C 2594 0.75 -14.62 -43.64
C ILE C 2594 2.00 -15.48 -43.83
N LYS C 2595 3.17 -14.84 -43.95
CA LYS C 2595 4.41 -15.59 -44.13
C LYS C 2595 4.68 -16.49 -42.93
N ASN C 2596 4.44 -15.97 -41.72
CA ASN C 2596 4.60 -16.76 -40.50
C ASN C 2596 3.46 -17.75 -40.29
N LYS C 2597 2.42 -17.69 -41.11
CA LYS C 2597 1.27 -18.59 -41.00
C LYS C 2597 0.55 -18.41 -39.66
N ASN C 2598 0.24 -17.15 -39.34
CA ASN C 2598 -0.53 -16.82 -38.15
C ASN C 2598 -1.82 -16.13 -38.57
N LEU C 2599 -2.94 -16.59 -38.02
CA LEU C 2599 -4.26 -16.08 -38.37
C LEU C 2599 -4.86 -15.22 -37.26
N ASP C 2600 -4.01 -14.62 -36.42
CA ASP C 2600 -4.50 -13.79 -35.32
C ASP C 2600 -4.92 -12.40 -35.77
N TRP C 2601 -4.61 -12.00 -37.01
CA TRP C 2601 -5.00 -10.68 -37.47
C TRP C 2601 -6.48 -10.60 -37.85
N PHE C 2602 -7.14 -11.74 -38.03
CA PHE C 2602 -8.58 -11.72 -38.22
C PHE C 2602 -9.27 -11.35 -36.91
N PRO C 2603 -10.41 -10.67 -36.98
CA PRO C 2603 -11.15 -10.35 -35.75
C PRO C 2603 -11.85 -11.60 -35.21
N ARG C 2604 -11.73 -11.81 -33.90
CA ARG C 2604 -12.31 -12.97 -33.22
C ARG C 2604 -13.22 -12.47 -32.11
N MET C 2605 -14.53 -12.55 -32.32
CA MET C 2605 -15.51 -12.14 -31.32
C MET C 2605 -15.34 -10.68 -30.92
N ARG C 2606 -14.87 -9.86 -31.85
CA ARG C 2606 -14.67 -8.43 -31.60
C ARG C 2606 -15.15 -7.63 -32.79
N ALA C 2607 -15.82 -6.51 -32.51
CA ALA C 2607 -16.30 -5.62 -33.55
C ALA C 2607 -16.14 -4.18 -33.09
N MET C 2608 -15.69 -3.32 -34.00
CA MET C 2608 -15.50 -1.91 -33.66
C MET C 2608 -16.84 -1.25 -33.34
N SER C 2609 -17.90 -1.62 -34.05
CA SER C 2609 -19.20 -1.04 -33.77
C SER C 2609 -19.65 -1.35 -32.34
N LEU C 2610 -19.43 -2.59 -31.90
CA LEU C 2610 -19.80 -2.95 -30.53
C LEU C 2610 -18.88 -2.28 -29.51
N VAL C 2611 -17.58 -2.27 -29.78
CA VAL C 2611 -16.64 -1.71 -28.80
C VAL C 2611 -16.85 -0.21 -28.64
N SER C 2612 -17.32 0.47 -29.70
CA SER C 2612 -17.57 1.90 -29.59
C SER C 2612 -18.55 2.20 -28.47
N ASN C 2613 -19.55 1.34 -28.27
CA ASN C 2613 -20.52 1.52 -27.20
C ASN C 2613 -20.13 0.80 -25.92
N GLU C 2614 -19.36 -0.27 -26.01
CA GLU C 2614 -18.94 -1.03 -24.83
C GLU C 2614 -17.67 -0.47 -24.18
N GLY C 2615 -17.10 0.59 -24.74
CA GLY C 2615 -15.88 1.15 -24.16
C GLY C 2615 -16.09 1.62 -22.73
N GLU C 2616 -17.22 2.27 -22.46
CA GLU C 2616 -17.47 2.76 -21.10
C GLU C 2616 -17.53 1.61 -20.11
N GLY C 2617 -18.24 0.54 -20.46
CA GLY C 2617 -18.31 -0.61 -19.58
C GLY C 2617 -16.97 -1.31 -19.44
N GLU C 2618 -16.23 -1.42 -20.54
CA GLU C 2618 -14.94 -2.11 -20.49
C GLU C 2618 -13.96 -1.36 -19.58
N GLN C 2619 -13.96 -0.03 -19.62
CA GLN C 2619 -13.04 0.78 -18.84
C GLN C 2619 -13.52 0.90 -17.39
N ASN C 2620 -13.62 -0.25 -16.72
CA ASN C 2620 -14.01 -0.32 -15.32
C ASN C 2620 -12.88 -0.85 -14.45
N GLU C 2621 -12.37 -2.05 -14.73
CA GLU C 2621 -11.23 -2.57 -14.01
C GLU C 2621 -9.93 -1.91 -14.44
N ILE C 2622 -9.86 -1.43 -15.68
CA ILE C 2622 -8.66 -0.76 -16.16
C ILE C 2622 -8.40 0.51 -15.34
N ARG C 2623 -9.45 1.28 -15.06
CA ARG C 2623 -9.28 2.48 -14.26
C ARG C 2623 -8.80 2.15 -12.85
N ILE C 2624 -9.36 1.10 -12.25
CA ILE C 2624 -8.93 0.71 -10.89
C ILE C 2624 -7.47 0.28 -10.91
N LEU C 2625 -7.08 -0.51 -11.92
CA LEU C 2625 -5.69 -0.94 -12.01
C LEU C 2625 -4.75 0.26 -12.20
N GLN C 2626 -5.14 1.21 -13.04
CA GLN C 2626 -4.31 2.40 -13.24
C GLN C 2626 -4.19 3.20 -11.95
N ASP C 2627 -5.29 3.35 -11.21
CA ASP C 2627 -5.23 4.06 -9.93
C ASP C 2627 -4.33 3.36 -8.95
N LYS C 2628 -4.42 2.02 -8.87
CA LYS C 2628 -3.55 1.27 -7.96
C LYS C 2628 -2.09 1.43 -8.35
N LEU C 2629 -1.79 1.38 -9.66
CA LEU C 2629 -0.42 1.54 -10.11
C LEU C 2629 0.09 2.94 -9.77
N ASN C 2630 -0.74 3.97 -9.96
CA ASN C 2630 -0.33 5.33 -9.63
C ASN C 2630 -0.07 5.46 -8.13
N SER C 2631 -0.94 4.87 -7.31
CA SER C 2631 -0.72 4.91 -5.86
C SER C 2631 0.58 4.22 -5.47
N THR C 2632 0.85 3.06 -6.07
CA THR C 2632 2.09 2.36 -5.78
C THR C 2632 3.30 3.18 -6.20
N MET C 2633 3.23 3.82 -7.37
CA MET C 2633 4.34 4.65 -7.82
C MET C 2633 4.55 5.83 -6.89
N LYS C 2634 3.47 6.45 -6.44
CA LYS C 2634 3.60 7.56 -5.50
C LYS C 2634 4.21 7.11 -4.18
N LEU C 2635 3.80 5.94 -3.69
CA LEU C 2635 4.38 5.41 -2.46
C LEU C 2635 5.86 5.13 -2.63
N VAL C 2636 6.24 4.55 -3.77
CA VAL C 2636 7.65 4.27 -4.02
C VAL C 2636 8.46 5.56 -4.09
N SER C 2637 7.91 6.58 -4.75
CA SER C 2637 8.61 7.87 -4.82
C SER C 2637 8.76 8.49 -3.44
N HIS C 2638 7.72 8.41 -2.61
CA HIS C 2638 7.81 8.95 -1.26
C HIS C 2638 8.85 8.20 -0.44
N LEU C 2639 8.89 6.87 -0.57
CA LEU C 2639 9.90 6.09 0.16
C LEU C 2639 11.30 6.46 -0.30
N THR C 2640 11.50 6.63 -1.62
CA THR C 2640 12.80 7.01 -2.13
C THR C 2640 13.21 8.39 -1.61
N ALA C 2641 12.26 9.33 -1.59
CA ALA C 2641 12.57 10.66 -1.07
C ALA C 2641 12.94 10.60 0.41
N GLN C 2642 12.20 9.81 1.19
CA GLN C 2642 12.52 9.67 2.61
C GLN C 2642 13.91 9.05 2.80
N LEU C 2643 14.23 8.03 2.00
CA LEU C 2643 15.55 7.42 2.10
C LEU C 2643 16.65 8.41 1.74
N ASN C 2644 16.44 9.21 0.69
CA ASN C 2644 17.42 10.21 0.30
C ASN C 2644 17.60 11.25 1.40
N GLU C 2645 16.50 11.69 2.01
CA GLU C 2645 16.60 12.66 3.10
C GLU C 2645 17.35 12.07 4.29
N LEU C 2646 17.07 10.81 4.63
CA LEU C 2646 17.78 10.17 5.73
C LEU C 2646 19.27 10.06 5.43
N LYS C 2647 19.62 9.68 4.20
CA LYS C 2647 21.03 9.59 3.82
C LYS C 2647 21.70 10.94 3.90
N GLU C 2648 21.03 12.00 3.42
CA GLU C 2648 21.60 13.33 3.49
C GLU C 2648 21.81 13.78 4.94
N GLN C 2649 20.84 13.50 5.81
CA GLN C 2649 20.98 13.85 7.21
C GLN C 2649 22.14 13.10 7.85
N MET C 2650 22.27 11.80 7.54
CA MET C 2650 23.37 11.02 8.08
C MET C 2650 24.71 11.55 7.61
N THR C 2651 24.81 11.91 6.34
CA THR C 2651 26.05 12.43 5.77
C THR C 2651 26.40 13.78 6.41
N SER D 5 11.28 12.13 38.19
CA SER D 5 10.07 11.47 38.64
C SER D 5 9.78 10.22 37.81
N SER D 6 9.58 9.10 38.50
CA SER D 6 9.30 7.83 37.84
C SER D 6 8.49 6.95 38.76
N PHE D 7 7.83 5.96 38.16
CA PHE D 7 7.03 5.00 38.91
C PHE D 7 7.89 3.85 39.40
N LEU D 8 7.33 3.08 40.34
CA LEU D 8 8.01 1.91 40.90
C LEU D 8 7.58 0.69 40.09
N HIS D 9 8.57 -0.02 39.53
CA HIS D 9 8.33 -1.19 38.70
C HIS D 9 8.85 -2.44 39.39
N ILE D 10 8.15 -3.56 39.16
CA ILE D 10 8.59 -4.83 39.70
C ILE D 10 9.93 -5.20 39.08
N GLY D 11 10.85 -5.66 39.93
CA GLY D 11 12.20 -5.97 39.51
C GLY D 11 13.22 -4.90 39.78
N ASP D 12 12.79 -3.69 40.14
CA ASP D 12 13.72 -2.61 40.45
C ASP D 12 14.41 -2.87 41.78
N ILE D 13 15.67 -2.45 41.86
CA ILE D 13 16.46 -2.53 43.08
C ILE D 13 16.30 -1.20 43.80
N VAL D 14 15.79 -1.25 45.03
CA VAL D 14 15.47 -0.04 45.79
C VAL D 14 16.04 -0.17 47.19
N SER D 15 16.12 0.96 47.87
CA SER D 15 16.55 1.05 49.25
C SER D 15 15.44 1.66 50.09
N LEU D 16 15.31 1.20 51.32
CA LEU D 16 14.28 1.68 52.23
C LEU D 16 14.94 2.50 53.33
N TYR D 17 14.49 3.74 53.48
CA TYR D 17 15.00 4.65 54.51
C TYR D 17 13.89 4.88 55.54
N ALA D 18 14.10 4.38 56.75
CA ALA D 18 13.12 4.55 57.80
C ALA D 18 13.14 5.99 58.31
N GLU D 19 11.95 6.59 58.44
CA GLU D 19 11.80 7.93 59.03
C GLU D 19 10.72 7.83 60.10
N GLY D 20 11.12 7.47 61.31
CA GLY D 20 10.22 7.38 62.44
C GLY D 20 10.91 7.75 63.73
N SER D 21 10.78 6.89 64.74
CA SER D 21 11.49 7.12 65.99
C SER D 21 13.00 7.15 65.78
N VAL D 22 13.50 6.25 64.93
CA VAL D 22 14.91 6.19 64.57
C VAL D 22 15.01 6.26 63.05
N ASN D 23 15.90 7.12 62.55
CA ASN D 23 16.06 7.34 61.12
C ASN D 23 17.30 6.62 60.62
N GLY D 24 17.12 5.81 59.58
CA GLY D 24 18.22 5.08 58.99
C GLY D 24 17.74 4.06 58.00
N PHE D 25 18.71 3.51 57.26
CA PHE D 25 18.42 2.49 56.27
C PHE D 25 18.26 1.12 56.94
N ILE D 26 17.73 0.18 56.19
CA ILE D 26 17.58 -1.19 56.63
C ILE D 26 18.85 -1.94 56.27
N SER D 27 19.49 -2.55 57.28
CA SER D 27 20.73 -3.28 57.10
C SER D 27 20.60 -4.65 57.75
N THR D 28 21.50 -5.55 57.34
CA THR D 28 21.53 -6.91 57.85
C THR D 28 22.91 -7.22 58.38
N LEU D 29 22.97 -7.87 59.54
CA LEU D 29 24.24 -8.24 60.14
C LEU D 29 24.95 -9.26 59.26
N GLY D 30 26.28 -9.16 59.21
CA GLY D 30 27.08 -10.04 58.38
C GLY D 30 26.93 -11.50 58.75
N LEU D 31 27.73 -12.35 58.12
CA LEU D 31 27.72 -13.79 58.38
C LEU D 31 26.37 -14.39 57.98
N VAL D 32 25.92 -15.41 58.71
CA VAL D 32 24.66 -16.08 58.42
C VAL D 32 23.53 -15.54 59.31
N ASP D 33 23.75 -14.40 59.96
CA ASP D 33 22.71 -13.83 60.81
C ASP D 33 21.51 -13.42 59.97
N ASP D 34 20.32 -13.68 60.50
CA ASP D 34 19.06 -13.41 59.81
C ASP D 34 18.25 -12.33 60.54
N ARG D 35 18.92 -11.30 61.02
CA ARG D 35 18.28 -10.20 61.74
C ARG D 35 18.44 -8.92 60.93
N CYS D 36 17.33 -8.20 60.77
CA CYS D 36 17.32 -6.91 60.08
C CYS D 36 17.41 -5.79 61.11
N VAL D 37 18.33 -4.87 60.90
CA VAL D 37 18.59 -3.78 61.85
C VAL D 37 18.70 -2.47 61.09
N VAL D 38 18.57 -1.37 61.84
CA VAL D 38 18.71 -0.02 61.32
C VAL D 38 19.83 0.67 62.09
N GLU D 39 20.76 1.27 61.36
CA GLU D 39 21.92 1.93 61.97
C GLU D 39 21.87 3.42 61.67
N PRO D 40 21.31 4.25 62.54
CA PRO D 40 21.21 5.69 62.22
C PRO D 40 22.55 6.36 62.00
N ALA D 41 23.59 5.94 62.71
CA ALA D 41 24.89 6.58 62.61
C ALA D 41 25.66 6.17 61.36
N ALA D 42 25.22 5.12 60.67
CA ALA D 42 25.95 4.68 59.48
C ALA D 42 25.93 5.76 58.39
N GLY D 43 24.79 6.39 58.18
CA GLY D 43 24.68 7.41 57.17
C GLY D 43 23.25 7.89 57.03
N ASP D 44 23.07 8.81 56.07
CA ASP D 44 21.76 9.37 55.78
C ASP D 44 21.54 9.47 54.27
N LEU D 45 20.44 10.09 53.86
CA LEU D 45 20.16 10.22 52.44
C LEU D 45 21.24 11.03 51.72
N ASP D 46 21.68 12.12 52.32
CA ASP D 46 22.73 12.94 51.71
C ASP D 46 24.09 12.27 51.78
N ASN D 47 24.34 11.48 52.83
CA ASN D 47 25.62 10.80 53.03
C ASN D 47 25.33 9.32 53.29
N PRO D 48 25.14 8.54 52.23
CA PRO D 48 24.81 7.12 52.41
C PRO D 48 25.95 6.37 53.06
N PRO D 49 25.67 5.24 53.71
CA PRO D 49 26.75 4.48 54.36
C PRO D 49 27.75 3.95 53.36
N LYS D 50 28.99 3.79 53.81
CA LYS D 50 30.05 3.29 52.93
C LYS D 50 29.71 1.91 52.38
N LYS D 51 29.19 1.02 53.23
CA LYS D 51 28.79 -0.32 52.80
C LYS D 51 27.35 -0.25 52.27
N PHE D 52 27.22 0.37 51.11
CA PHE D 52 25.91 0.54 50.48
C PHE D 52 25.57 -0.63 49.55
N ARG D 53 25.70 -1.84 50.08
CA ARG D 53 25.22 -3.04 49.40
C ARG D 53 24.36 -3.93 50.29
N ASP D 54 24.44 -3.79 51.61
CA ASP D 54 23.58 -4.53 52.53
C ASP D 54 22.20 -3.91 52.66
N CYS D 55 22.00 -2.70 52.13
CA CYS D 55 20.74 -1.98 52.25
C CYS D 55 19.94 -1.98 50.95
N LEU D 56 20.28 -2.83 50.00
CA LEU D 56 19.62 -2.87 48.70
C LEU D 56 18.63 -4.04 48.67
N PHE D 57 17.41 -3.76 48.24
CA PHE D 57 16.36 -4.75 48.11
C PHE D 57 15.75 -4.68 46.72
N LYS D 58 15.22 -5.83 46.28
CA LYS D 58 14.54 -5.94 45.00
C LYS D 58 13.07 -6.24 45.24
N VAL D 59 12.21 -5.63 44.43
CA VAL D 59 10.77 -5.80 44.54
C VAL D 59 10.35 -7.00 43.70
N CYS D 60 9.59 -7.91 44.29
CA CYS D 60 9.13 -9.09 43.60
C CYS D 60 7.63 -9.27 43.81
N PRO D 61 6.94 -9.93 42.89
CA PRO D 61 5.49 -10.13 43.04
C PRO D 61 5.18 -11.23 44.06
N MET D 62 3.89 -11.37 44.35
CA MET D 62 3.45 -12.41 45.28
C MET D 62 3.79 -13.79 44.73
N ASN D 63 4.18 -14.68 45.64
CA ASN D 63 4.45 -16.07 45.31
C ASN D 63 3.53 -16.98 46.11
N ARG D 64 3.27 -18.16 45.55
CA ARG D 64 2.39 -19.14 46.17
C ARG D 64 3.23 -20.19 46.89
N TYR D 65 2.91 -20.43 48.16
CA TYR D 65 3.68 -21.36 49.00
C TYR D 65 2.78 -22.41 49.64
N SER D 66 1.59 -22.66 49.09
CA SER D 66 0.70 -23.64 49.69
C SER D 66 1.30 -25.04 49.63
N ALA D 67 1.74 -25.47 48.44
CA ALA D 67 2.31 -26.80 48.30
C ALA D 67 3.59 -26.93 49.10
N GLN D 68 4.44 -25.90 49.09
CA GLN D 68 5.67 -25.95 49.87
C GLN D 68 5.38 -26.07 51.36
N LYS D 69 4.40 -25.32 51.84
CA LYS D 69 4.04 -25.40 53.26
C LYS D 69 3.50 -26.78 53.61
N GLN D 70 2.66 -27.35 52.74
CA GLN D 70 2.16 -28.70 53.01
C GLN D 70 3.28 -29.72 53.03
N TYR D 71 4.23 -29.60 52.09
CA TYR D 71 5.36 -30.52 52.06
C TYR D 71 6.21 -30.39 53.33
N TRP D 72 6.45 -29.15 53.77
CA TRP D 72 7.21 -28.94 54.99
C TRP D 72 6.49 -29.54 56.19
N LYS D 73 5.16 -29.34 56.26
CA LYS D 73 4.40 -29.90 57.37
C LYS D 73 4.45 -31.42 57.38
N ALA D 74 4.33 -32.04 56.21
CA ALA D 74 4.41 -33.50 56.14
C ALA D 74 5.81 -33.98 56.53
N LYS D 75 6.86 -33.29 56.06
CA LYS D 75 8.22 -33.71 56.37
C LYS D 75 8.50 -33.59 57.87
N GLN D 76 8.04 -32.50 58.49
CA GLN D 76 8.22 -32.31 59.93
C GLN D 76 7.29 -33.22 60.71
N ASP D 86 3.71 -43.50 53.50
CA ASP D 86 3.94 -42.09 53.71
C ASP D 86 5.09 -41.58 52.84
N VAL D 87 5.97 -42.49 52.44
CA VAL D 87 7.12 -42.11 51.61
C VAL D 87 6.62 -41.62 50.25
N VAL D 88 5.66 -42.34 49.66
CA VAL D 88 5.13 -41.93 48.36
C VAL D 88 4.44 -40.58 48.47
N LEU D 89 3.67 -40.37 49.54
CA LEU D 89 3.00 -39.09 49.74
C LEU D 89 4.02 -37.97 49.87
N LEU D 90 5.09 -38.20 50.62
CA LEU D 90 6.12 -37.17 50.79
C LEU D 90 6.80 -36.87 49.45
N GLN D 91 7.09 -37.90 48.67
CA GLN D 91 7.73 -37.69 47.37
C GLN D 91 6.82 -36.89 46.44
N LYS D 92 5.53 -37.21 46.42
CA LYS D 92 4.60 -36.48 45.56
C LYS D 92 4.44 -35.04 46.04
N LEU D 93 4.46 -34.82 47.35
CA LEU D 93 4.42 -33.45 47.87
C LEU D 93 5.66 -32.67 47.47
N GLN D 94 6.83 -33.32 47.50
CA GLN D 94 8.05 -32.67 47.06
C GLN D 94 7.98 -32.30 45.58
N HIS D 95 7.46 -33.22 44.76
CA HIS D 95 7.30 -32.92 43.34
C HIS D 95 6.35 -31.75 43.12
N ALA D 96 5.25 -31.72 43.86
CA ALA D 96 4.30 -30.62 43.76
C ALA D 96 4.94 -29.30 44.17
N ALA D 97 5.76 -29.33 45.23
CA ALA D 97 6.44 -28.12 45.67
C ALA D 97 7.41 -27.63 44.59
N GLN D 98 8.16 -28.55 43.97
CA GLN D 98 9.06 -28.14 42.90
C GLN D 98 8.30 -27.55 41.72
N MET D 99 7.16 -28.16 41.36
CA MET D 99 6.35 -27.61 40.28
C MET D 99 5.83 -26.22 40.64
N GLU D 100 5.42 -26.04 41.89
CA GLU D 100 4.95 -24.72 42.33
C GLU D 100 6.08 -23.69 42.26
N GLN D 101 7.30 -24.09 42.63
CA GLN D 101 8.43 -23.18 42.53
C GLN D 101 8.69 -22.79 41.08
N LYS D 102 8.63 -23.75 40.17
CA LYS D 102 8.80 -23.43 38.75
C LYS D 102 7.71 -22.48 38.27
N GLN D 103 6.46 -22.74 38.68
CA GLN D 103 5.36 -21.87 38.28
C GLN D 103 5.55 -20.46 38.82
N ASN D 104 6.02 -20.34 40.07
CA ASN D 104 6.28 -19.03 40.64
C ASN D 104 7.38 -18.31 39.88
N ASP D 105 8.43 -19.03 39.50
CA ASP D 105 9.50 -18.41 38.71
C ASP D 105 8.96 -17.92 37.37
N THR D 106 8.14 -18.73 36.71
CA THR D 106 7.55 -18.32 35.43
C THR D 106 6.66 -17.11 35.61
N GLU D 107 5.86 -17.08 36.67
CA GLU D 107 4.99 -15.93 36.92
C GLU D 107 5.80 -14.68 37.18
N ASN D 108 6.90 -14.80 37.94
CA ASN D 108 7.78 -13.66 38.17
C ASN D 108 8.36 -13.15 36.85
N LYS D 109 8.82 -14.06 35.99
CA LYS D 109 9.34 -13.66 34.70
C LYS D 109 8.29 -12.94 33.86
N LYS D 110 7.05 -13.44 33.88
CA LYS D 110 5.99 -12.86 33.05
C LYS D 110 5.56 -11.50 33.59
N VAL D 111 5.51 -11.34 34.91
CA VAL D 111 5.02 -10.11 35.52
C VAL D 111 6.16 -9.12 35.67
N HIS D 112 7.38 -9.53 35.31
CA HIS D 112 8.53 -8.64 35.41
C HIS D 112 8.29 -7.36 34.63
N GLY D 113 8.63 -6.23 35.24
CA GLY D 113 8.48 -4.93 34.61
C GLY D 113 7.16 -4.24 34.84
N ASP D 114 6.20 -4.89 35.50
CA ASP D 114 4.91 -4.26 35.74
C ASP D 114 5.00 -3.22 36.84
N VAL D 115 4.11 -2.22 36.78
CA VAL D 115 4.12 -1.14 37.75
C VAL D 115 3.49 -1.60 39.05
N VAL D 116 3.97 -1.07 40.17
CA VAL D 116 3.44 -1.38 41.49
C VAL D 116 2.45 -0.31 41.89
N LYS D 117 1.28 -0.74 42.37
CA LYS D 117 0.21 0.16 42.78
C LYS D 117 -0.01 0.05 44.28
N TYR D 118 -0.44 1.15 44.89
CA TYR D 118 -0.69 1.16 46.32
C TYR D 118 -1.77 0.14 46.68
N GLY D 119 -1.60 -0.50 47.83
CA GLY D 119 -2.48 -1.56 48.26
C GLY D 119 -2.15 -2.93 47.71
N SER D 120 -1.11 -3.04 46.89
CA SER D 120 -0.74 -4.31 46.30
C SER D 120 0.25 -5.05 47.20
N VAL D 121 0.34 -6.36 46.97
CA VAL D 121 1.20 -7.24 47.76
C VAL D 121 2.51 -7.43 47.01
N ILE D 122 3.62 -7.25 47.73
CA ILE D 122 4.96 -7.40 47.16
C ILE D 122 5.84 -8.17 48.14
N GLN D 123 7.04 -8.49 47.68
CA GLN D 123 8.07 -9.11 48.50
C GLN D 123 9.38 -8.35 48.30
N LEU D 124 10.19 -8.31 49.36
CA LEU D 124 11.46 -7.60 49.35
C LEU D 124 12.58 -8.62 49.45
N LEU D 125 13.31 -8.80 48.36
CA LEU D 125 14.44 -9.72 48.31
C LEU D 125 15.73 -8.97 48.57
N HIS D 126 16.35 -9.24 49.72
CA HIS D 126 17.68 -8.73 50.05
C HIS D 126 18.67 -9.46 49.16
N MET D 127 19.34 -8.71 48.28
CA MET D 127 20.16 -9.31 47.23
C MET D 127 21.45 -9.90 47.79
N LYS D 128 22.11 -9.17 48.69
CA LYS D 128 23.40 -9.62 49.20
C LYS D 128 23.29 -11.01 49.83
N SER D 129 22.27 -11.22 50.65
CA SER D 129 22.00 -12.53 51.21
C SER D 129 21.09 -13.37 50.31
N ASN D 130 20.50 -12.77 49.28
CA ASN D 130 19.57 -13.47 48.39
C ASN D 130 18.44 -14.11 49.21
N LYS D 131 17.86 -13.34 50.12
CA LYS D 131 16.83 -13.83 51.03
C LYS D 131 15.64 -12.90 51.06
N TYR D 132 14.44 -13.46 51.10
CA TYR D 132 13.23 -12.66 51.21
C TYR D 132 13.02 -12.22 52.65
N LEU D 133 12.55 -10.98 52.82
CA LEU D 133 12.23 -10.45 54.14
C LEU D 133 10.88 -10.99 54.59
N THR D 134 10.84 -11.63 55.76
CA THR D 134 9.64 -12.30 56.24
C THR D 134 9.32 -11.83 57.65
N VAL D 135 8.04 -11.90 58.00
CA VAL D 135 7.55 -11.57 59.33
C VAL D 135 6.78 -12.78 59.86
N ASN D 136 7.16 -13.25 61.05
CA ASN D 136 6.55 -14.42 61.65
C ASN D 136 5.58 -13.97 62.74
N LYS D 137 4.33 -14.36 62.62
CA LYS D 137 3.30 -14.02 63.60
C LYS D 137 3.30 -14.97 64.80
N ARG D 138 4.07 -16.05 64.76
CA ARG D 138 4.12 -17.02 65.85
C ARG D 138 5.42 -16.96 66.63
N LEU D 139 6.20 -15.88 66.47
CA LEU D 139 7.46 -15.72 67.16
C LEU D 139 7.60 -14.28 67.64
N PRO D 140 7.68 -14.03 68.94
CA PRO D 140 7.91 -12.67 69.42
C PRO D 140 9.32 -12.20 69.13
N ALA D 141 9.48 -10.88 69.03
CA ALA D 141 10.78 -10.30 68.76
C ALA D 141 11.74 -10.57 69.92
N LEU D 142 13.03 -10.61 69.61
CA LEU D 142 14.03 -10.98 70.60
C LEU D 142 14.03 -9.99 71.77
N LEU D 143 14.00 -8.69 71.46
CA LEU D 143 14.07 -7.65 72.48
C LEU D 143 12.68 -7.16 72.89
N GLU D 144 11.91 -6.64 71.94
CA GLU D 144 10.58 -6.10 72.22
C GLU D 144 9.59 -7.26 72.23
N LYS D 145 9.29 -7.78 73.43
CA LYS D 145 8.44 -8.95 73.54
C LYS D 145 7.01 -8.69 73.09
N ASN D 146 6.60 -7.44 72.95
CA ASN D 146 5.26 -7.09 72.50
C ASN D 146 5.15 -6.96 70.99
N ALA D 147 6.23 -7.24 70.26
CA ALA D 147 6.24 -7.15 68.81
C ALA D 147 6.73 -8.47 68.23
N MET D 148 6.26 -8.77 67.01
CA MET D 148 6.63 -10.02 66.35
C MET D 148 8.00 -9.87 65.70
N ARG D 149 8.45 -10.97 65.09
CA ARG D 149 9.83 -11.11 64.65
C ARG D 149 9.94 -10.99 63.14
N VAL D 150 10.84 -10.13 62.68
CA VAL D 150 11.14 -9.95 61.26
C VAL D 150 12.53 -10.52 61.00
N THR D 151 12.62 -11.41 60.01
CA THR D 151 13.87 -12.09 59.69
C THR D 151 14.00 -12.21 58.17
N LEU D 152 15.00 -12.97 57.74
CA LEU D 152 15.25 -13.24 56.34
C LEU D 152 15.19 -14.74 56.11
N ASP D 153 14.48 -15.17 55.07
CA ASP D 153 14.32 -16.58 54.75
C ASP D 153 14.73 -16.80 53.30
N ALA D 154 15.47 -17.87 53.04
CA ALA D 154 15.93 -18.15 51.69
C ALA D 154 14.76 -18.53 50.79
N THR D 155 14.07 -19.63 51.13
CA THR D 155 12.95 -20.07 50.30
C THR D 155 11.78 -19.11 50.39
N GLY D 156 11.51 -18.57 51.58
CA GLY D 156 10.38 -17.69 51.79
C GLY D 156 9.12 -18.44 52.19
N ASN D 157 8.19 -17.69 52.76
CA ASN D 157 6.91 -18.24 53.20
C ASN D 157 5.84 -17.16 53.01
N GLU D 158 4.64 -17.42 53.54
CA GLU D 158 3.54 -16.47 53.42
C GLU D 158 3.81 -15.18 54.18
N GLY D 159 4.79 -15.16 55.08
CA GLY D 159 5.12 -13.94 55.80
C GLY D 159 5.89 -12.92 54.99
N SER D 160 6.37 -13.30 53.81
CA SER D 160 7.07 -12.35 52.96
C SER D 160 6.13 -11.36 52.30
N TRP D 161 4.84 -11.67 52.22
CA TRP D 161 3.89 -10.77 51.59
C TRP D 161 3.79 -9.47 52.38
N LEU D 162 3.78 -8.35 51.66
CA LEU D 162 3.68 -7.03 52.27
C LEU D 162 2.76 -6.16 51.43
N PHE D 163 1.67 -5.71 52.03
CA PHE D 163 0.87 -4.65 51.41
C PHE D 163 1.67 -3.35 51.41
N ILE D 164 1.71 -2.71 50.25
CA ILE D 164 2.40 -1.43 50.09
C ILE D 164 1.32 -0.36 50.21
N GLN D 165 1.12 0.15 51.45
CA GLN D 165 0.04 1.08 51.73
C GLN D 165 0.55 2.52 51.74
N PRO D 166 -0.31 3.48 51.42
CA PRO D 166 0.12 4.88 51.45
C PRO D 166 0.38 5.36 52.87
N PHE D 167 1.30 6.33 52.99
CA PHE D 167 1.54 7.05 54.22
C PHE D 167 0.99 8.46 54.18
N TRP D 168 1.09 9.13 53.04
CA TRP D 168 0.50 10.45 52.85
C TRP D 168 -0.96 10.32 52.43
N LYS D 169 -1.72 11.39 52.66
CA LYS D 169 -3.13 11.42 52.31
C LYS D 169 -3.38 11.84 50.88
N LEU D 170 -2.35 12.28 50.15
CA LEU D 170 -2.51 12.63 48.74
C LEU D 170 -2.40 11.42 47.82
N ARG D 171 -2.14 10.23 48.37
CA ARG D 171 -2.08 8.99 47.62
C ARG D 171 -3.23 8.10 48.03
N SER D 172 -3.82 7.41 47.06
CA SER D 172 -4.98 6.56 47.28
C SER D 172 -4.72 5.17 46.70
N ASN D 173 -5.46 4.20 47.21
CA ASN D 173 -5.33 2.83 46.72
C ASN D 173 -5.64 2.77 45.23
N GLY D 174 -4.86 1.97 44.51
CA GLY D 174 -4.97 1.88 43.07
C GLY D 174 -4.09 2.84 42.31
N ASP D 175 -3.44 3.78 43.00
CA ASP D 175 -2.54 4.74 42.35
C ASP D 175 -1.13 4.17 42.26
N ASN D 176 -0.45 4.52 41.19
CA ASN D 176 0.91 4.04 40.98
C ASN D 176 1.86 4.62 42.03
N VAL D 177 2.81 3.80 42.47
CA VAL D 177 3.79 4.22 43.46
C VAL D 177 4.89 5.01 42.75
N VAL D 178 5.19 6.20 43.27
CA VAL D 178 6.19 7.09 42.69
C VAL D 178 7.46 6.99 43.52
N VAL D 179 8.61 6.89 42.82
CA VAL D 179 9.89 6.82 43.50
C VAL D 179 10.05 8.01 44.44
N GLY D 180 10.70 7.77 45.57
CA GLY D 180 10.90 8.79 46.57
C GLY D 180 9.78 8.94 47.56
N ASP D 181 8.69 8.20 47.40
CA ASP D 181 7.55 8.32 48.31
C ASP D 181 7.82 7.58 49.61
N LYS D 182 7.14 8.03 50.66
CA LYS D 182 7.12 7.34 51.94
C LYS D 182 5.88 6.46 52.02
N VAL D 183 6.08 5.18 52.32
CA VAL D 183 5.04 4.17 52.29
C VAL D 183 5.04 3.40 53.60
N ILE D 184 4.09 2.50 53.74
CA ILE D 184 3.97 1.60 54.88
C ILE D 184 3.96 0.18 54.36
N LEU D 185 4.78 -0.68 54.95
CA LEU D 185 4.88 -2.09 54.55
C LEU D 185 4.14 -2.91 55.61
N ASN D 186 2.90 -3.29 55.29
CA ASN D 186 2.04 -3.98 56.26
C ASN D 186 1.99 -5.46 55.93
N PRO D 187 2.50 -6.35 56.78
CA PRO D 187 2.42 -7.78 56.47
C PRO D 187 0.97 -8.24 56.31
N VAL D 188 0.74 -9.13 55.34
CA VAL D 188 -0.60 -9.61 55.07
C VAL D 188 -1.14 -10.40 56.25
N ASN D 189 -0.32 -11.30 56.81
CA ASN D 189 -0.76 -12.19 57.87
C ASN D 189 -0.68 -11.53 59.24
N ALA D 190 0.49 -10.99 59.59
CA ALA D 190 0.64 -10.34 60.89
C ALA D 190 -0.29 -9.14 61.01
N GLY D 191 -0.39 -8.34 59.95
CA GLY D 191 -1.32 -7.22 59.94
C GLY D 191 -0.86 -6.01 60.73
N GLN D 192 0.42 -5.93 61.10
CA GLN D 192 0.94 -4.80 61.87
C GLN D 192 2.16 -4.24 61.16
N PRO D 193 2.20 -2.93 60.88
CA PRO D 193 3.28 -2.39 60.06
C PRO D 193 4.65 -2.59 60.68
N LEU D 194 5.66 -2.71 59.81
CA LEU D 194 7.04 -2.79 60.26
C LEU D 194 7.41 -1.56 61.07
N HIS D 195 8.16 -1.77 62.15
CA HIS D 195 8.55 -0.71 63.07
C HIS D 195 10.05 -0.78 63.32
N ALA D 196 10.71 0.37 63.21
CA ALA D 196 12.14 0.48 63.53
C ALA D 196 12.24 0.86 65.00
N SER D 197 12.34 -0.15 65.87
CA SER D 197 12.33 0.10 67.29
C SER D 197 13.60 0.80 67.74
N ASN D 198 13.52 1.44 68.90
CA ASN D 198 14.66 2.15 69.48
C ASN D 198 15.56 1.24 70.30
N TYR D 199 15.19 -0.02 70.47
CA TYR D 199 16.01 -0.96 71.22
C TYR D 199 17.33 -1.19 70.50
N GLU D 200 18.42 -1.26 71.27
CA GLU D 200 19.76 -1.45 70.74
C GLU D 200 20.25 -2.86 71.05
N LEU D 201 20.78 -3.53 70.03
CA LEU D 201 21.27 -4.89 70.22
C LEU D 201 22.53 -4.87 71.08
N SER D 202 22.61 -5.81 72.03
CA SER D 202 23.80 -5.88 72.88
C SER D 202 25.03 -6.28 72.07
N ASP D 203 24.87 -7.24 71.16
CA ASP D 203 26.02 -7.73 70.40
C ASP D 203 26.64 -6.62 69.55
N ASN D 204 25.80 -5.86 68.86
CA ASN D 204 26.25 -4.79 67.98
C ASN D 204 25.76 -3.44 68.49
N ALA D 205 26.69 -2.52 68.68
CA ALA D 205 26.38 -1.18 69.18
C ALA D 205 26.00 -0.26 68.03
N GLY D 206 25.07 0.65 68.30
CA GLY D 206 24.63 1.60 67.31
C GLY D 206 23.62 1.07 66.31
N CYS D 207 23.16 -0.16 66.48
CA CYS D 207 22.18 -0.77 65.59
C CYS D 207 20.85 -0.92 66.32
N LYS D 208 19.76 -0.71 65.58
CA LYS D 208 18.41 -0.75 66.13
C LYS D 208 17.61 -1.85 65.45
N GLU D 209 16.73 -2.49 66.22
CA GLU D 209 16.00 -3.65 65.72
C GLU D 209 14.82 -3.22 64.85
N VAL D 210 14.41 -4.13 63.96
CA VAL D 210 13.23 -3.98 63.13
C VAL D 210 12.27 -5.09 63.50
N ASN D 211 11.04 -4.73 63.84
CA ASN D 211 10.03 -5.69 64.27
C ASN D 211 8.70 -5.39 63.61
N SER D 212 7.64 -6.09 64.03
CA SER D 212 6.29 -5.89 63.50
C SER D 212 5.36 -5.51 64.65
N VAL D 213 4.96 -4.24 64.70
CA VAL D 213 4.04 -3.76 65.72
C VAL D 213 3.49 -2.42 65.24
N ASN D 214 2.28 -2.08 65.71
CA ASN D 214 1.66 -0.84 65.31
C ASN D 214 2.52 0.35 65.71
N CYS D 215 2.69 1.28 64.78
CA CYS D 215 3.51 2.46 65.01
C CYS D 215 3.16 3.49 63.94
N ASN D 216 3.96 4.55 63.85
CA ASN D 216 3.81 5.59 62.84
C ASN D 216 5.02 5.63 61.91
N THR D 217 5.77 4.53 61.84
CA THR D 217 6.96 4.50 61.03
C THR D 217 6.62 4.54 59.55
N SER D 218 7.45 5.23 58.77
CA SER D 218 7.31 5.31 57.33
C SER D 218 8.64 4.93 56.69
N TRP D 219 8.55 4.37 55.48
CA TRP D 219 9.73 3.95 54.73
C TRP D 219 9.77 4.71 53.41
N LYS D 220 10.80 5.54 53.24
CA LYS D 220 11.02 6.22 51.98
C LYS D 220 11.71 5.29 51.00
N ILE D 221 11.18 5.23 49.78
CA ILE D 221 11.69 4.32 48.75
C ILE D 221 12.64 5.12 47.88
N ASN D 222 13.91 4.73 47.87
CA ASN D 222 14.93 5.36 47.05
C ASN D 222 15.35 4.42 45.93
N LEU D 223 15.30 4.91 44.70
CA LEU D 223 15.62 4.09 43.53
C LEU D 223 17.13 4.00 43.36
N PHE D 224 17.63 2.78 43.18
CA PHE D 224 19.04 2.52 42.92
C PHE D 224 19.30 2.07 41.49
N MET D 225 18.48 1.17 40.96
CA MET D 225 18.62 0.70 39.60
C MET D 225 17.25 0.22 39.12
N GLN D 226 17.08 0.19 37.80
CA GLN D 226 15.81 -0.21 37.20
C GLN D 226 15.91 -1.57 36.54
N PHE D 227 14.75 -2.16 36.27
CA PHE D 227 14.72 -3.49 35.66
C PHE D 227 15.36 -3.47 34.28
N ARG D 228 15.10 -2.43 33.49
CA ARG D 228 15.71 -2.33 32.16
C ARG D 228 17.21 -2.17 32.23
N ASP D 229 17.74 -1.57 33.31
CA ASP D 229 19.17 -1.47 33.52
C ASP D 229 19.75 -2.68 34.24
N HIS D 230 18.90 -3.60 34.70
CA HIS D 230 19.36 -4.80 35.39
C HIS D 230 19.84 -5.89 34.42
N LEU D 231 20.17 -5.51 33.19
CA LEU D 231 20.68 -6.49 32.23
C LEU D 231 21.99 -7.08 32.70
N GLU D 232 22.15 -8.39 32.48
CA GLU D 232 23.37 -9.09 32.86
C GLU D 232 24.48 -8.97 31.83
N GLU D 233 24.20 -8.39 30.67
CA GLU D 233 25.17 -8.28 29.59
C GLU D 233 25.86 -6.92 29.56
N VAL D 234 25.64 -6.09 30.57
CA VAL D 234 26.21 -4.75 30.62
C VAL D 234 26.84 -4.53 31.99
N LEU D 235 27.72 -3.53 32.06
CA LEU D 235 28.39 -3.18 33.30
C LEU D 235 27.45 -2.34 34.16
N LYS D 236 27.22 -2.78 35.39
CA LYS D 236 26.30 -2.12 36.30
C LYS D 236 27.01 -1.70 37.57
N GLY D 237 26.45 -0.69 38.23
CA GLY D 237 27.00 -0.24 39.49
C GLY D 237 26.88 -1.32 40.56
N GLY D 238 27.89 -1.41 41.41
CA GLY D 238 27.92 -2.41 42.46
C GLY D 238 28.42 -3.77 42.02
N ASP D 239 28.74 -3.94 40.75
CA ASP D 239 29.24 -5.22 40.28
C ASP D 239 30.68 -5.44 40.74
N VAL D 240 31.02 -6.69 41.00
CA VAL D 240 32.35 -7.08 41.45
C VAL D 240 33.08 -7.71 40.27
N VAL D 241 34.20 -7.13 39.88
CA VAL D 241 34.94 -7.55 38.70
C VAL D 241 36.44 -7.53 39.00
N ARG D 242 37.20 -8.17 38.14
CA ARG D 242 38.66 -8.19 38.20
C ARG D 242 39.23 -7.43 37.01
N LEU D 243 40.28 -6.65 37.26
CA LEU D 243 40.94 -5.86 36.22
C LEU D 243 42.22 -6.57 35.81
N PHE D 244 42.20 -7.19 34.63
CA PHE D 244 43.32 -7.99 34.14
C PHE D 244 44.05 -7.22 33.05
N HIS D 245 45.29 -6.83 33.33
CA HIS D 245 46.17 -6.20 32.36
C HIS D 245 46.70 -7.29 31.44
N ALA D 246 46.33 -7.22 30.15
CA ALA D 246 46.66 -8.29 29.23
C ALA D 246 48.13 -8.29 28.85
N GLU D 247 48.69 -7.10 28.60
CA GLU D 247 50.08 -7.02 28.14
C GLU D 247 51.01 -7.65 29.17
N GLN D 248 50.85 -7.29 30.44
CA GLN D 248 51.59 -7.95 31.50
C GLN D 248 50.99 -9.31 31.86
N GLU D 249 49.74 -9.56 31.48
CA GLU D 249 49.04 -10.80 31.84
C GLU D 249 48.98 -10.95 33.36
N LYS D 250 48.49 -9.91 34.02
CA LYS D 250 48.46 -9.87 35.48
C LYS D 250 47.21 -9.16 35.98
N PHE D 251 46.76 -9.57 37.16
CA PHE D 251 45.57 -8.98 37.78
C PHE D 251 45.98 -7.80 38.66
N LEU D 252 45.07 -6.83 38.77
CA LEU D 252 45.30 -5.67 39.64
C LEU D 252 44.92 -6.03 41.07
N THR D 253 45.88 -5.88 42.00
CA THR D 253 45.68 -6.26 43.39
C THR D 253 46.06 -5.09 44.29
N CYS D 254 45.49 -5.10 45.50
CA CYS D 254 45.80 -4.13 46.53
C CYS D 254 46.05 -4.88 47.83
N ASP D 255 47.29 -4.81 48.32
CA ASP D 255 47.69 -5.58 49.49
C ASP D 255 48.53 -4.71 50.42
N GLU D 256 48.57 -5.11 51.68
CA GLU D 256 49.36 -4.43 52.70
C GLU D 256 50.76 -5.04 52.71
N TYR D 257 51.77 -4.25 52.33
CA TYR D 257 53.15 -4.73 52.28
C TYR D 257 53.87 -4.47 53.59
N LYS D 258 54.02 -3.19 53.97
CA LYS D 258 54.59 -2.80 55.27
C LYS D 258 53.66 -1.78 55.92
N GLY D 259 52.67 -2.26 56.66
CA GLY D 259 51.80 -1.40 57.42
C GLY D 259 51.10 -0.34 56.60
N LYS D 260 50.90 -0.61 55.31
CA LYS D 260 50.27 0.35 54.42
C LYS D 260 49.74 -0.38 53.19
N LEU D 261 48.58 0.07 52.71
CA LEU D 261 47.96 -0.53 51.53
C LEU D 261 48.59 0.01 50.27
N GLN D 262 48.98 -0.89 49.36
CA GLN D 262 49.58 -0.52 48.10
C GLN D 262 48.95 -1.33 46.97
N VAL D 263 48.74 -0.66 45.83
CA VAL D 263 48.17 -1.29 44.64
C VAL D 263 49.30 -1.65 43.69
N PHE D 264 49.12 -2.74 42.95
CA PHE D 264 50.17 -3.25 42.09
C PHE D 264 49.58 -4.34 41.19
N LEU D 265 50.45 -4.95 40.38
CA LEU D 265 50.12 -6.11 39.58
C LEU D 265 50.91 -7.30 40.12
N ARG D 266 50.20 -8.39 40.42
CA ARG D 266 50.81 -9.55 41.05
C ARG D 266 51.33 -10.50 39.98
N THR D 267 52.59 -10.93 40.13
CA THR D 267 53.21 -11.88 39.22
C THR D 267 52.92 -13.29 39.69
N THR D 268 52.51 -14.15 38.75
CA THR D 268 52.15 -15.53 39.05
C THR D 268 53.01 -16.47 38.21
N LEU D 269 53.48 -17.55 38.84
CA LEU D 269 54.25 -18.57 38.15
C LEU D 269 53.37 -19.60 37.45
N ARG D 270 52.06 -19.51 37.60
CA ARG D 270 51.16 -20.47 36.97
C ARG D 270 51.25 -20.36 35.45
N GLN D 271 51.10 -21.51 34.78
CA GLN D 271 51.12 -21.51 33.33
C GLN D 271 49.98 -20.68 32.76
N SER D 272 48.79 -20.81 33.33
CA SER D 272 47.62 -20.04 32.92
C SER D 272 47.54 -18.79 33.78
N ALA D 273 47.91 -17.65 33.20
CA ALA D 273 47.92 -16.40 33.94
C ALA D 273 46.53 -15.95 34.36
N THR D 274 45.49 -16.39 33.65
CA THR D 274 44.12 -16.00 33.96
C THR D 274 43.54 -16.79 35.13
N SER D 275 44.19 -17.86 35.56
CA SER D 275 43.72 -18.68 36.67
C SER D 275 44.28 -18.24 38.02
N ALA D 276 45.10 -17.20 38.04
CA ALA D 276 45.67 -16.69 39.30
C ALA D 276 44.71 -15.72 39.97
N THR D 277 43.53 -16.25 40.31
CA THR D 277 42.49 -15.45 40.93
C THR D 277 42.71 -15.37 42.44
N SER D 278 42.58 -14.16 42.98
CA SER D 278 42.74 -13.91 44.41
C SER D 278 41.62 -13.02 44.90
N SER D 279 41.30 -13.14 46.19
CA SER D 279 40.23 -12.34 46.77
C SER D 279 40.59 -10.87 46.86
N ASN D 280 41.88 -10.54 46.88
CA ASN D 280 42.31 -9.15 46.96
C ASN D 280 42.28 -8.44 45.62
N ALA D 281 41.98 -9.15 44.53
CA ALA D 281 41.89 -8.58 43.20
C ALA D 281 40.47 -8.19 42.82
N LEU D 282 39.52 -8.33 43.74
CA LEU D 282 38.12 -8.01 43.47
C LEU D 282 37.88 -6.52 43.71
N TRP D 283 37.30 -5.86 42.72
CA TRP D 283 37.00 -4.44 42.77
C TRP D 283 35.52 -4.21 42.50
N GLU D 284 34.94 -3.24 43.20
CA GLU D 284 33.54 -2.88 43.03
C GLU D 284 33.45 -1.63 42.18
N VAL D 285 32.58 -1.67 41.17
CA VAL D 285 32.40 -0.56 40.23
C VAL D 285 31.24 0.29 40.72
N GLU D 286 31.48 1.59 40.89
CA GLU D 286 30.47 2.54 41.33
C GLU D 286 30.34 3.63 40.27
N VAL D 287 29.12 3.84 39.79
CA VAL D 287 28.82 4.89 38.82
C VAL D 287 28.42 6.14 39.59
N VAL D 288 29.03 7.27 39.23
CA VAL D 288 28.81 8.53 39.93
C VAL D 288 27.64 9.25 39.29
N HIS D 289 26.62 9.56 40.09
CA HIS D 289 25.48 10.36 39.68
C HIS D 289 25.28 11.50 40.67
N HIS D 290 24.36 12.41 40.31
CA HIS D 290 24.04 13.51 41.22
C HIS D 290 23.43 12.98 42.51
N ASP D 291 22.54 12.01 42.41
CA ASP D 291 21.94 11.41 43.59
C ASP D 291 22.89 10.35 44.15
N PRO D 292 23.40 10.50 45.38
CA PRO D 292 24.35 9.51 45.91
C PRO D 292 23.75 8.14 46.12
N CYS D 293 22.43 8.02 46.18
CA CYS D 293 21.76 6.75 46.45
C CYS D 293 21.37 6.01 45.18
N ARG D 294 21.71 6.54 44.00
CA ARG D 294 21.34 5.94 42.73
C ARG D 294 22.59 5.46 42.00
N GLY D 295 22.48 4.31 41.35
CA GLY D 295 23.57 3.77 40.55
C GLY D 295 23.26 3.83 39.08
N GLY D 296 22.86 2.70 38.50
CA GLY D 296 22.47 2.63 37.11
C GLY D 296 23.56 2.04 36.23
N ALA D 297 23.16 1.63 35.04
CA ALA D 297 24.10 1.05 34.09
C ALA D 297 25.14 2.08 33.67
N GLY D 298 26.37 1.62 33.47
CA GLY D 298 27.44 2.52 33.12
C GLY D 298 27.40 2.95 31.66
N HIS D 299 28.01 4.10 31.40
CA HIS D 299 28.14 4.65 30.06
C HIS D 299 29.60 5.00 29.80
N TRP D 300 29.98 4.92 28.52
CA TRP D 300 31.37 5.21 28.16
C TRP D 300 31.76 6.64 28.51
N ASN D 301 30.79 7.55 28.54
CA ASN D 301 31.04 8.96 28.82
C ASN D 301 30.84 9.30 30.30
N GLY D 302 30.54 8.31 31.13
CA GLY D 302 30.30 8.55 32.54
C GLY D 302 31.56 8.51 33.36
N LEU D 303 31.38 8.66 34.68
CA LEU D 303 32.47 8.61 35.64
C LEU D 303 32.31 7.38 36.52
N TYR D 304 33.43 6.78 36.90
CA TYR D 304 33.44 5.53 37.65
C TYR D 304 34.38 5.65 38.84
N ARG D 305 34.03 4.93 39.91
CA ARG D 305 34.89 4.77 41.07
C ARG D 305 35.07 3.28 41.34
N PHE D 306 36.28 2.93 41.79
CA PHE D 306 36.62 1.54 42.09
C PHE D 306 36.95 1.42 43.57
N LYS D 307 36.27 0.50 44.25
CA LYS D 307 36.44 0.27 45.68
C LYS D 307 36.97 -1.14 45.89
N HIS D 308 37.99 -1.26 46.74
CA HIS D 308 38.54 -2.57 47.09
C HIS D 308 37.54 -3.30 47.99
N LEU D 309 36.91 -4.34 47.44
CA LEU D 309 35.85 -5.03 48.16
C LEU D 309 36.35 -5.70 49.44
N ALA D 310 37.61 -6.12 49.48
CA ALA D 310 38.15 -6.81 50.64
C ALA D 310 38.69 -5.85 51.70
N THR D 311 38.80 -4.56 51.40
CA THR D 311 39.37 -3.60 52.34
C THR D 311 38.52 -2.34 52.45
N GLY D 312 37.80 -2.00 51.38
CA GLY D 312 36.97 -0.82 51.35
C GLY D 312 37.64 0.43 50.85
N ASN D 313 38.94 0.39 50.60
CA ASN D 313 39.64 1.57 50.10
C ASN D 313 39.28 1.83 48.63
N TYR D 314 39.45 3.08 48.22
CA TYR D 314 39.13 3.51 46.87
C TYR D 314 40.41 3.78 46.10
N LEU D 315 40.44 3.31 44.85
CA LEU D 315 41.59 3.53 43.99
C LEU D 315 41.74 5.01 43.66
N ALA D 316 42.98 5.50 43.68
CA ALA D 316 43.25 6.91 43.41
C ALA D 316 44.72 7.04 43.02
N ALA D 317 45.12 8.27 42.68
CA ALA D 317 46.48 8.58 42.27
C ALA D 317 47.04 9.71 43.12
N GLU D 318 48.35 9.68 43.34
CA GLU D 318 49.04 10.69 44.12
C GLU D 318 50.37 11.02 43.46
N GLU D 319 50.94 12.15 43.88
CA GLU D 319 52.20 12.60 43.33
C GLU D 319 53.29 11.54 43.51
N ASN D 320 54.09 11.34 42.48
CA ASN D 320 55.18 10.39 42.54
C ASN D 320 56.25 10.92 43.50
N PRO D 321 56.66 10.15 44.51
CA PRO D 321 57.68 10.67 45.43
C PRO D 321 58.98 11.07 44.75
N SER D 322 59.41 10.32 43.72
CA SER D 322 60.68 10.60 43.06
C SER D 322 60.49 11.44 41.80
N TYR D 323 59.83 10.90 40.79
CA TYR D 323 59.63 11.60 39.53
C TYR D 323 60.96 11.97 38.89
N GLU D 348 61.09 9.01 38.06
CA GLU D 348 61.09 8.28 36.79
C GLU D 348 60.06 8.88 35.83
N LYS D 349 59.71 8.12 34.79
CA LYS D 349 58.74 8.57 33.82
C LYS D 349 57.35 8.76 34.42
N ILE D 350 57.06 8.12 35.55
CA ILE D 350 55.75 8.20 36.16
C ILE D 350 55.61 9.54 36.88
N LYS D 351 54.51 10.24 36.61
CA LYS D 351 54.23 11.50 37.29
C LYS D 351 53.40 11.29 38.54
N TYR D 352 52.39 10.42 38.48
CA TYR D 352 51.58 10.05 39.63
C TYR D 352 51.50 8.53 39.72
N CYS D 353 51.44 8.02 40.94
CA CYS D 353 51.38 6.59 41.20
C CYS D 353 50.05 6.23 41.83
N LEU D 354 49.46 5.14 41.37
CA LEU D 354 48.19 4.66 41.91
C LEU D 354 48.35 4.23 43.36
N VAL D 355 47.36 4.57 44.18
CA VAL D 355 47.34 4.22 45.59
C VAL D 355 45.89 3.92 45.98
N ALA D 356 45.70 3.53 47.24
CA ALA D 356 44.38 3.20 47.79
C ALA D 356 44.09 4.15 48.95
N VAL D 357 43.28 5.18 48.68
CA VAL D 357 42.91 6.15 49.71
C VAL D 357 41.79 5.57 50.56
N PRO D 358 41.63 6.01 51.81
CA PRO D 358 40.56 5.44 52.64
C PRO D 358 39.17 5.92 52.24
N HIS D 359 39.02 7.19 51.91
CA HIS D 359 37.73 7.79 51.57
C HIS D 359 37.66 8.07 50.09
N GLY D 360 36.49 7.81 49.50
CA GLY D 360 36.30 8.02 48.08
C GLY D 360 35.36 9.18 47.76
N ASN D 361 35.26 10.13 48.69
CA ASN D 361 34.42 11.30 48.49
C ASN D 361 35.14 12.43 47.77
N ASP D 362 36.44 12.30 47.53
CA ASP D 362 37.22 13.32 46.85
C ASP D 362 37.22 13.07 45.35
N ILE D 363 37.66 14.06 44.58
CA ILE D 363 37.71 13.95 43.12
C ILE D 363 38.93 13.21 42.63
N ALA D 364 39.87 12.87 43.52
CA ALA D 364 41.08 12.17 43.12
C ALA D 364 40.83 10.69 42.81
N SER D 365 39.64 10.17 43.10
CA SER D 365 39.31 8.77 42.87
C SER D 365 38.36 8.58 41.70
N LEU D 366 38.25 9.58 40.82
CA LEU D 366 37.35 9.54 39.68
C LEU D 366 38.11 9.07 38.45
N PHE D 367 37.55 8.08 37.75
CA PHE D 367 38.13 7.54 36.54
C PHE D 367 37.06 7.48 35.45
N GLU D 368 37.52 7.51 34.20
CA GLU D 368 36.65 7.38 33.04
C GLU D 368 37.25 6.36 32.08
N LEU D 369 36.37 5.67 31.35
CA LEU D 369 36.75 4.59 30.47
C LEU D 369 36.90 5.08 29.03
N ASP D 370 37.80 4.43 28.29
CA ASP D 370 38.03 4.73 26.89
C ASP D 370 38.00 3.41 26.12
N PRO D 371 37.06 3.21 25.19
CA PRO D 371 37.01 1.94 24.47
C PRO D 371 38.23 1.74 23.58
N THR D 372 38.60 0.49 23.39
CA THR D 372 39.73 0.12 22.55
C THR D 372 39.33 -0.17 21.11
N THR D 373 38.04 -0.10 20.78
CA THR D 373 37.56 -0.40 19.45
C THR D 373 36.39 0.52 19.13
N LEU D 374 35.68 0.22 18.05
CA LEU D 374 34.53 1.00 17.61
C LEU D 374 33.27 0.38 18.21
N GLN D 375 32.68 1.06 19.19
CA GLN D 375 31.49 0.58 19.86
C GLN D 375 30.23 1.14 19.19
N LYS D 376 29.08 0.57 19.57
CA LYS D 376 27.79 0.98 19.04
C LYS D 376 27.30 2.21 19.79
N THR D 377 28.02 3.33 19.57
CA THR D 377 27.70 4.59 20.23
C THR D 377 27.89 4.47 21.73
N ASP D 378 27.86 5.60 22.43
CA ASP D 378 28.04 5.63 23.89
C ASP D 378 26.72 5.29 24.59
N SER D 379 26.26 4.06 24.35
CA SER D 379 25.00 3.58 24.92
C SER D 379 25.23 2.80 26.21
N PHE D 380 26.02 1.73 26.14
CA PHE D 380 26.26 0.88 27.28
C PHE D 380 27.68 0.34 27.22
N VAL D 381 28.15 -0.17 28.35
CA VAL D 381 29.49 -0.75 28.45
C VAL D 381 29.34 -2.26 28.62
N PRO D 382 29.52 -3.05 27.56
CA PRO D 382 29.38 -4.50 27.71
C PRO D 382 30.42 -5.07 28.67
N ARG D 383 30.01 -6.11 29.41
CA ARG D 383 30.94 -6.79 30.29
C ARG D 383 31.95 -7.60 29.47
N ASN D 384 33.11 -7.85 30.08
CA ASN D 384 34.18 -8.58 29.42
C ASN D 384 34.66 -7.84 28.18
N SER D 385 34.90 -6.54 28.33
CA SER D 385 35.38 -5.68 27.26
C SER D 385 36.61 -4.93 27.71
N TYR D 386 37.61 -4.87 26.84
CA TYR D 386 38.84 -4.16 27.17
C TYR D 386 38.58 -2.66 27.24
N VAL D 387 39.17 -2.01 28.24
CA VAL D 387 39.01 -0.58 28.46
C VAL D 387 40.34 0.01 28.89
N ARG D 388 40.44 1.33 28.75
CA ARG D 388 41.58 2.11 29.22
C ARG D 388 41.10 3.11 30.26
N LEU D 389 41.87 3.25 31.33
CA LEU D 389 41.49 4.09 32.46
C LEU D 389 42.25 5.41 32.42
N ARG D 390 41.52 6.51 32.62
CA ARG D 390 42.10 7.85 32.65
C ARG D 390 41.72 8.52 33.96
N HIS D 391 42.66 9.27 34.52
CA HIS D 391 42.43 10.02 35.76
C HIS D 391 41.90 11.40 35.38
N LEU D 392 40.64 11.67 35.74
CA LEU D 392 40.00 12.90 35.31
C LEU D 392 40.67 14.12 35.92
N CYS D 393 41.05 14.05 37.19
CA CYS D 393 41.60 15.24 37.86
C CYS D 393 42.89 15.71 37.19
N THR D 394 43.78 14.78 36.85
CA THR D 394 45.05 15.12 36.23
C THR D 394 45.08 14.90 34.73
N ASN D 395 44.04 14.29 34.15
CA ASN D 395 43.98 14.02 32.73
C ASN D 395 45.20 13.21 32.27
N THR D 396 45.35 12.04 32.87
CA THR D 396 46.47 11.15 32.60
C THR D 396 45.96 9.73 32.39
N TRP D 397 46.72 8.95 31.65
CA TRP D 397 46.36 7.56 31.32
C TRP D 397 47.24 6.61 32.11
N ILE D 398 46.63 5.53 32.59
CA ILE D 398 47.31 4.56 33.43
C ILE D 398 48.15 3.61 32.57
N GLN D 399 49.25 3.13 33.13
CA GLN D 399 50.11 2.17 32.46
C GLN D 399 50.89 1.40 33.52
N SER D 400 51.46 0.28 33.10
CA SER D 400 52.21 -0.60 33.98
C SER D 400 53.71 -0.38 33.82
N THR D 401 54.45 -0.76 34.85
CA THR D 401 55.91 -0.65 34.86
C THR D 401 56.50 -1.88 35.50
N ASN D 402 57.78 -2.11 35.21
CA ASN D 402 58.51 -3.27 35.72
C ASN D 402 59.20 -3.00 37.05
N VAL D 403 59.04 -1.82 37.63
CA VAL D 403 59.69 -1.48 38.89
C VAL D 403 59.03 -2.28 40.00
N PRO D 404 59.77 -3.12 40.72
CA PRO D 404 59.13 -3.87 41.83
C PRO D 404 59.01 -3.00 43.08
N ILE D 405 57.80 -2.97 43.65
CA ILE D 405 57.59 -2.25 44.91
C ILE D 405 58.37 -2.92 46.03
N ASP D 406 58.30 -4.25 46.11
CA ASP D 406 59.00 -5.00 47.15
C ASP D 406 60.37 -5.44 46.63
N ILE D 407 61.17 -4.44 46.28
CA ILE D 407 62.49 -4.71 45.72
C ILE D 407 63.41 -5.36 46.76
N GLU D 408 63.24 -5.02 48.03
CA GLU D 408 64.11 -5.55 49.09
C GLU D 408 63.60 -6.88 49.62
N GLU D 409 63.31 -7.81 48.71
CA GLU D 409 62.88 -9.15 49.09
C GLU D 409 63.18 -10.09 47.94
N GLU D 410 63.23 -11.39 48.25
CA GLU D 410 63.41 -12.41 47.24
C GLU D 410 62.10 -12.64 46.50
N ARG D 411 62.20 -12.91 45.20
CA ARG D 411 61.03 -13.18 44.37
C ARG D 411 60.06 -12.01 44.43
N PRO D 412 60.41 -10.85 43.88
CA PRO D 412 59.44 -9.75 43.81
C PRO D 412 58.21 -10.16 43.00
N ILE D 413 57.04 -9.72 43.47
CA ILE D 413 55.79 -10.09 42.82
C ILE D 413 54.91 -8.86 42.62
N ARG D 414 55.26 -7.75 43.27
CA ARG D 414 54.46 -6.53 43.23
C ARG D 414 55.07 -5.56 42.24
N LEU D 415 54.28 -5.11 41.26
CA LEU D 415 54.73 -4.20 40.23
C LEU D 415 53.94 -2.90 40.31
N MET D 416 54.66 -1.78 40.28
CA MET D 416 54.02 -0.48 40.39
C MET D 416 53.39 -0.07 39.07
N LEU D 417 52.25 0.61 39.17
CA LEU D 417 51.60 1.25 38.04
C LEU D 417 51.77 2.76 38.16
N GLY D 418 51.54 3.46 37.05
CA GLY D 418 51.71 4.90 37.04
C GLY D 418 50.90 5.54 35.93
N THR D 419 50.54 6.81 36.15
CA THR D 419 49.79 7.58 35.16
C THR D 419 50.72 8.55 34.46
N CYS D 420 50.58 8.62 33.14
CA CYS D 420 51.39 9.50 32.31
C CYS D 420 50.50 10.38 31.45
N PRO D 421 50.95 11.58 31.10
CA PRO D 421 50.12 12.45 30.25
C PRO D 421 49.89 11.90 28.85
N THR D 422 50.76 11.01 28.39
CA THR D 422 50.68 10.48 27.03
C THR D 422 49.93 9.14 27.04
N LYS D 423 49.00 8.98 26.10
CA LYS D 423 48.20 7.77 26.03
C LYS D 423 48.98 6.64 25.36
N GLU D 424 48.80 5.44 25.88
CA GLU D 424 49.36 4.21 25.30
C GLU D 424 48.22 3.29 24.92
N ASP D 425 48.24 2.80 23.67
CA ASP D 425 47.14 1.97 23.19
C ASP D 425 47.21 0.56 23.75
N LYS D 426 48.41 0.04 24.00
CA LYS D 426 48.54 -1.32 24.49
C LYS D 426 48.17 -1.46 25.96
N GLU D 427 48.13 -0.36 26.70
CA GLU D 427 47.80 -0.39 28.13
C GLU D 427 46.28 -0.45 28.26
N ALA D 428 45.75 -1.67 28.28
CA ALA D 428 44.32 -1.91 28.39
C ALA D 428 44.05 -2.95 29.47
N PHE D 429 42.89 -2.83 30.11
CA PHE D 429 42.46 -3.74 31.16
C PHE D 429 41.18 -4.43 30.74
N ALA D 430 41.14 -5.75 30.90
CA ALA D 430 39.95 -6.53 30.68
C ALA D 430 39.18 -6.68 31.99
N ILE D 431 37.86 -6.69 31.90
CA ILE D 431 36.98 -6.79 33.04
C ILE D 431 36.48 -8.23 33.10
N VAL D 432 36.89 -8.96 34.12
CA VAL D 432 36.53 -10.37 34.28
C VAL D 432 35.47 -10.48 35.37
N SER D 433 34.41 -11.23 35.09
CA SER D 433 33.32 -11.38 36.03
C SER D 433 33.77 -12.24 37.22
N VAL D 434 33.04 -12.10 38.33
CA VAL D 434 33.38 -12.78 39.58
C VAL D 434 32.13 -13.50 40.10
N PRO D 435 32.22 -14.78 40.47
CA PRO D 435 31.02 -15.50 40.90
C PRO D 435 30.47 -14.99 42.23
N VAL D 436 29.14 -15.09 42.35
CA VAL D 436 28.48 -14.69 43.60
C VAL D 436 28.95 -15.56 44.75
N SER D 437 29.30 -16.82 44.47
CA SER D 437 29.86 -17.67 45.52
C SER D 437 31.13 -17.07 46.09
N GLU D 438 32.05 -16.64 45.22
CA GLU D 438 33.27 -16.01 45.69
C GLU D 438 32.98 -14.70 46.40
N ILE D 439 32.01 -13.92 45.90
CA ILE D 439 31.67 -12.65 46.55
C ILE D 439 31.20 -12.91 47.98
N ARG D 440 30.28 -13.85 48.16
CA ARG D 440 29.77 -14.15 49.49
C ARG D 440 30.86 -14.71 50.39
N ASP D 441 31.72 -15.57 49.84
CA ASP D 441 32.82 -16.11 50.64
C ASP D 441 33.74 -14.99 51.11
N LEU D 442 34.05 -14.04 50.24
CA LEU D 442 34.90 -12.92 50.65
C LEU D 442 34.23 -12.09 51.73
N ASP D 443 32.93 -11.82 51.58
CA ASP D 443 32.23 -11.04 52.60
C ASP D 443 32.28 -11.75 53.95
N PHE D 444 31.99 -13.05 53.95
CA PHE D 444 32.02 -13.81 55.20
C PHE D 444 33.42 -13.80 55.80
N ALA D 445 34.45 -13.98 54.97
CA ALA D 445 35.82 -14.00 55.48
C ALA D 445 36.20 -12.66 56.08
N ASN D 446 35.81 -11.56 55.43
CA ASN D 446 36.13 -10.24 55.95
C ASN D 446 35.45 -10.01 57.30
N ASP D 447 34.16 -10.38 57.40
CA ASP D 447 33.46 -10.22 58.67
C ASP D 447 34.12 -11.04 59.77
N ALA D 448 34.45 -12.30 59.46
CA ALA D 448 35.09 -13.16 60.45
C ALA D 448 36.44 -12.62 60.87
N SER D 449 37.22 -12.11 59.91
CA SER D 449 38.52 -11.56 60.23
C SER D 449 38.39 -10.35 61.15
N SER D 450 37.43 -9.47 60.86
CA SER D 450 37.23 -8.30 61.72
C SER D 450 36.85 -8.73 63.13
N MET D 451 35.91 -9.68 63.25
CA MET D 451 35.49 -10.12 64.58
C MET D 451 36.64 -10.79 65.33
N LEU D 452 37.42 -11.61 64.65
CA LEU D 452 38.56 -12.26 65.30
C LEU D 452 39.61 -11.24 65.71
N ALA D 453 39.83 -10.21 64.89
CA ALA D 453 40.77 -9.16 65.29
C ALA D 453 40.29 -8.44 66.54
N SER D 454 38.99 -8.14 66.62
CA SER D 454 38.46 -7.52 67.82
C SER D 454 38.62 -8.42 69.03
N ALA D 455 38.35 -9.72 68.87
CA ALA D 455 38.50 -10.65 69.98
C ALA D 455 39.96 -10.75 70.43
N VAL D 456 40.89 -10.76 69.47
CA VAL D 456 42.31 -10.81 69.81
C VAL D 456 42.72 -9.55 70.54
N GLU D 457 42.22 -8.39 70.10
CA GLU D 457 42.54 -7.15 70.80
C GLU D 457 42.04 -7.18 72.23
N LYS D 458 40.81 -7.67 72.44
CA LYS D 458 40.28 -7.77 73.80
C LYS D 458 41.12 -8.73 74.64
N LEU D 459 41.49 -9.88 74.07
CA LEU D 459 42.27 -10.86 74.82
C LEU D 459 43.65 -10.30 75.19
N ASN D 460 44.28 -9.57 74.26
CA ASN D 460 45.55 -8.93 74.55
C ASN D 460 45.41 -7.87 75.63
N GLU D 461 44.29 -7.12 75.60
CA GLU D 461 44.02 -6.18 76.68
C GLU D 461 43.94 -6.90 78.01
N GLY D 462 43.27 -8.05 78.05
CA GLY D 462 43.31 -8.92 79.21
C GLY D 462 41.96 -9.39 79.71
N PHE D 463 40.91 -8.60 79.50
CA PHE D 463 39.59 -8.91 80.02
C PHE D 463 38.63 -9.18 78.87
N ILE D 464 37.96 -10.33 78.93
CA ILE D 464 36.96 -10.74 77.95
C ILE D 464 35.70 -11.14 78.70
N SER D 465 34.56 -10.61 78.28
CA SER D 465 33.30 -10.92 78.94
C SER D 465 32.81 -12.29 78.51
N GLN D 466 31.86 -12.82 79.29
CA GLN D 466 31.27 -14.11 78.96
C GLN D 466 30.55 -14.07 77.62
N ASN D 467 29.81 -12.99 77.37
CA ASN D 467 29.12 -12.86 76.09
C ASN D 467 30.11 -12.80 74.93
N ASP D 468 31.19 -12.04 75.10
CA ASP D 468 32.20 -11.95 74.04
C ASP D 468 32.84 -13.31 73.80
N ARG D 469 33.13 -14.05 74.87
CA ARG D 469 33.72 -15.37 74.71
C ARG D 469 32.78 -16.31 73.98
N ARG D 470 31.49 -16.28 74.32
CA ARG D 470 30.51 -17.12 73.63
C ARG D 470 30.40 -16.74 72.16
N PHE D 471 30.42 -15.44 71.87
CA PHE D 471 30.38 -15.00 70.48
C PHE D 471 31.60 -15.49 69.71
N VAL D 472 32.78 -15.42 70.34
CA VAL D 472 34.00 -15.90 69.69
C VAL D 472 33.90 -17.39 69.42
N ILE D 473 33.38 -18.16 70.38
CA ILE D 473 33.24 -19.60 70.19
C ILE D 473 32.28 -19.89 69.03
N GLN D 474 31.16 -19.17 68.98
CA GLN D 474 30.21 -19.37 67.89
C GLN D 474 30.84 -19.01 66.55
N LEU D 475 31.61 -17.92 66.50
CA LEU D 475 32.28 -17.54 65.27
C LEU D 475 33.27 -18.60 64.83
N LEU D 476 34.01 -19.18 65.79
CA LEU D 476 34.96 -20.24 65.44
C LEU D 476 34.23 -21.47 64.90
N GLU D 477 33.10 -21.82 65.51
CA GLU D 477 32.31 -22.95 64.99
C GLU D 477 31.83 -22.66 63.57
N ASP D 478 31.36 -21.43 63.34
CA ASP D 478 30.90 -21.07 62.00
C ASP D 478 32.05 -21.14 60.99
N LEU D 479 33.24 -20.68 61.39
CA LEU D 479 34.41 -20.78 60.51
C LEU D 479 34.75 -22.23 60.21
N VAL D 480 34.68 -23.10 61.22
CA VAL D 480 34.95 -24.52 61.01
C VAL D 480 33.99 -25.09 59.98
N PHE D 481 32.70 -24.79 60.16
CA PHE D 481 31.70 -25.29 59.21
C PHE D 481 31.94 -24.75 57.81
N PHE D 482 32.24 -23.45 57.70
CA PHE D 482 32.45 -22.85 56.40
C PHE D 482 33.66 -23.47 55.69
N VAL D 483 34.76 -23.66 56.41
CA VAL D 483 35.95 -24.25 55.80
C VAL D 483 35.67 -25.70 55.40
N SER D 484 35.01 -26.46 56.28
CA SER D 484 34.71 -27.85 55.95
C SER D 484 33.76 -27.95 54.77
N ASP D 485 32.92 -26.93 54.55
CA ASP D 485 31.98 -26.90 53.43
C ASP D 485 30.95 -28.03 53.55
N VAL D 486 30.60 -28.40 54.78
CA VAL D 486 29.61 -29.45 55.02
C VAL D 486 28.38 -28.82 55.66
N PRO D 487 27.17 -29.22 55.26
CA PRO D 487 25.97 -28.65 55.90
C PRO D 487 25.95 -28.94 57.39
N ASN D 488 25.45 -27.98 58.16
CA ASN D 488 25.34 -28.11 59.61
C ASN D 488 24.04 -28.85 59.92
N ASN D 489 24.15 -30.14 60.24
CA ASN D 489 22.99 -30.98 60.54
C ASN D 489 23.03 -31.48 61.98
N GLY D 490 23.62 -30.69 62.88
CA GLY D 490 23.68 -31.04 64.28
C GLY D 490 24.84 -31.91 64.69
N GLN D 491 25.67 -32.34 63.74
CA GLN D 491 26.82 -33.16 64.10
C GLN D 491 27.84 -32.35 64.88
N ASN D 492 28.61 -33.03 65.72
CA ASN D 492 29.61 -32.36 66.54
C ASN D 492 30.61 -31.62 65.65
N VAL D 493 30.82 -30.34 65.96
CA VAL D 493 31.74 -29.54 65.17
C VAL D 493 33.17 -30.04 65.37
N LEU D 494 33.49 -30.50 66.58
CA LEU D 494 34.86 -30.90 66.90
C LEU D 494 35.28 -32.16 66.15
N ASP D 495 34.36 -32.89 65.53
CA ASP D 495 34.66 -34.11 64.79
C ASP D 495 33.90 -34.06 63.47
N ILE D 496 34.55 -33.54 62.44
CA ILE D 496 33.97 -33.45 61.09
C ILE D 496 34.96 -34.06 60.10
N MET D 497 34.46 -34.90 59.22
CA MET D 497 35.26 -35.51 58.16
C MET D 497 34.88 -34.88 56.83
N VAL D 498 35.88 -34.45 56.07
CA VAL D 498 35.68 -33.77 54.79
C VAL D 498 36.18 -34.68 53.69
N THR D 499 35.34 -34.90 52.67
CA THR D 499 35.72 -35.76 51.56
C THR D 499 36.49 -34.99 50.49
N LYS D 500 36.25 -33.69 50.35
CA LYS D 500 36.94 -32.89 49.35
C LYS D 500 37.18 -31.47 49.87
N PRO D 501 38.40 -31.14 50.27
CA PRO D 501 38.66 -29.78 50.76
C PRO D 501 38.40 -28.73 49.68
N ASN D 502 37.95 -27.56 50.13
CA ASN D 502 37.64 -26.44 49.24
C ASN D 502 38.90 -25.60 49.10
N ARG D 503 39.58 -25.74 47.96
CA ARG D 503 40.82 -25.00 47.74
C ARG D 503 40.56 -23.50 47.73
N GLU D 504 39.45 -23.07 47.11
CA GLU D 504 39.13 -21.65 47.08
C GLU D 504 38.95 -21.09 48.49
N ARG D 505 38.22 -21.81 49.35
CA ARG D 505 38.00 -21.33 50.71
C ARG D 505 39.29 -21.36 51.52
N GLN D 506 40.12 -22.38 51.32
CA GLN D 506 41.40 -22.43 52.01
C GLN D 506 42.28 -21.24 51.62
N LYS D 507 42.34 -20.94 50.32
CA LYS D 507 43.13 -19.80 49.85
C LYS D 507 42.57 -18.50 50.40
N LEU D 508 41.24 -18.36 50.45
CA LEU D 508 40.64 -17.16 51.00
C LEU D 508 41.00 -17.01 52.48
N MET D 509 40.94 -18.10 53.24
CA MET D 509 41.30 -18.05 54.65
C MET D 509 42.75 -17.64 54.82
N ARG D 510 43.64 -18.18 53.99
CA ARG D 510 45.05 -17.83 54.09
C ARG D 510 45.29 -16.36 53.75
N GLU D 511 44.64 -15.86 52.69
CA GLU D 511 44.96 -14.54 52.18
C GLU D 511 44.22 -13.42 52.88
N GLN D 512 43.16 -13.73 53.62
CA GLN D 512 42.41 -12.70 54.35
C GLN D 512 42.91 -12.51 55.77
N ASN D 513 44.03 -13.14 56.14
CA ASN D 513 44.61 -13.01 57.47
C ASN D 513 43.64 -13.52 58.55
N ILE D 514 43.16 -14.74 58.37
CA ILE D 514 42.35 -15.42 59.36
C ILE D 514 43.17 -16.42 60.15
N LEU D 515 44.07 -17.14 59.49
CA LEU D 515 44.98 -18.02 60.20
C LEU D 515 45.88 -17.24 61.15
N LYS D 516 46.27 -16.03 60.75
CA LYS D 516 47.03 -15.17 61.65
C LYS D 516 46.24 -14.84 62.90
N GLN D 517 44.95 -14.53 62.75
CA GLN D 517 44.10 -14.27 63.91
C GLN D 517 43.95 -15.51 64.77
N VAL D 518 43.84 -16.68 64.14
CA VAL D 518 43.75 -17.92 64.91
C VAL D 518 45.01 -18.14 65.74
N PHE D 519 46.17 -17.92 65.13
CA PHE D 519 47.43 -18.04 65.88
C PHE D 519 47.50 -17.03 67.00
N GLY D 520 47.05 -15.80 66.74
CA GLY D 520 47.03 -14.80 67.81
C GLY D 520 46.13 -15.20 68.96
N ILE D 521 44.97 -15.79 68.65
CA ILE D 521 44.08 -16.27 69.70
C ILE D 521 44.75 -17.38 70.49
N LEU D 522 45.42 -18.31 69.81
CA LEU D 522 46.09 -19.40 70.50
C LEU D 522 47.29 -18.92 71.31
N LYS D 523 47.87 -17.77 70.96
CA LYS D 523 49.11 -17.31 71.58
C LYS D 523 48.90 -16.30 72.70
N ALA D 524 47.86 -15.46 72.60
CA ALA D 524 47.69 -14.36 73.54
C ALA D 524 47.44 -14.85 74.98
N PRO D 525 46.55 -15.82 75.18
CA PRO D 525 46.25 -16.24 76.56
C PRO D 525 47.48 -16.68 77.34
N PHE D 526 48.42 -17.37 76.68
CA PHE D 526 49.63 -17.86 77.33
C PHE D 526 50.74 -16.82 77.21
N ARG D 527 50.51 -15.68 77.86
CA ARG D 527 51.45 -14.57 77.81
C ARG D 527 51.44 -13.80 79.13
N PRO D 534 48.87 -13.64 83.14
CA PRO D 534 48.39 -14.73 82.30
C PRO D 534 46.91 -15.04 82.52
N LEU D 535 46.09 -14.80 81.50
CA LEU D 535 44.66 -15.09 81.61
C LEU D 535 44.41 -16.56 81.85
N VAL D 536 45.11 -17.42 81.11
CA VAL D 536 44.98 -18.87 81.24
C VAL D 536 46.38 -19.48 81.15
N ARG D 537 46.63 -20.49 81.98
CA ARG D 537 47.89 -21.22 81.98
C ARG D 537 47.66 -22.64 81.49
N LEU D 538 48.68 -23.18 80.80
CA LEU D 538 48.58 -24.54 80.27
C LEU D 538 48.35 -25.57 81.36
N GLU D 539 48.74 -25.27 82.60
CA GLU D 539 48.59 -26.19 83.71
C GLU D 539 47.22 -26.10 84.39
N GLU D 540 46.37 -25.17 83.95
CA GLU D 540 45.06 -24.96 84.55
C GLU D 540 43.93 -25.13 83.54
N LEU D 541 44.20 -25.76 82.40
CA LEU D 541 43.17 -25.95 81.38
C LEU D 541 42.20 -27.06 81.71
N SER D 542 42.58 -27.97 82.62
CA SER D 542 41.68 -29.06 83.01
C SER D 542 40.52 -28.58 83.86
N ASP D 543 40.56 -27.34 84.36
CA ASP D 543 39.51 -26.83 85.22
C ASP D 543 38.23 -26.58 84.43
N GLN D 544 37.09 -26.86 85.06
CA GLN D 544 35.81 -26.59 84.42
C GLN D 544 35.63 -25.11 84.15
N LYS D 545 36.25 -24.25 84.97
CA LYS D 545 36.19 -22.81 84.73
C LYS D 545 36.84 -22.45 83.41
N ASN D 546 37.98 -23.07 83.10
CA ASN D 546 38.73 -22.80 81.88
C ASN D 546 38.34 -23.75 80.74
N ALA D 547 37.36 -24.62 80.95
CA ALA D 547 36.91 -25.50 79.88
C ALA D 547 36.53 -24.75 78.61
N PRO D 548 35.79 -23.63 78.67
CA PRO D 548 35.48 -22.92 77.42
C PRO D 548 36.71 -22.47 76.66
N TYR D 549 37.76 -22.05 77.36
CA TYR D 549 39.01 -21.71 76.68
C TYR D 549 39.60 -22.93 75.99
N GLN D 550 39.52 -24.09 76.64
CA GLN D 550 39.99 -25.33 76.01
C GLN D 550 39.20 -25.62 74.74
N HIS D 551 37.87 -25.44 74.80
CA HIS D 551 37.03 -25.66 73.62
C HIS D 551 37.40 -24.68 72.50
N MET D 552 37.66 -23.42 72.87
CA MET D 552 38.08 -22.43 71.89
C MET D 552 39.38 -22.85 71.21
N PHE D 553 40.35 -23.31 72.01
CA PHE D 553 41.62 -23.77 71.46
C PHE D 553 41.42 -24.97 70.53
N ARG D 554 40.56 -25.90 70.94
CA ARG D 554 40.27 -27.06 70.09
C ARG D 554 39.67 -26.63 68.77
N LEU D 555 38.74 -25.67 68.81
CA LEU D 555 38.14 -25.16 67.58
C LEU D 555 39.19 -24.50 66.70
N CYS D 556 40.09 -23.73 67.31
CA CYS D 556 41.15 -23.09 66.54
C CYS D 556 42.04 -24.13 65.86
N TYR D 557 42.40 -25.20 66.58
CA TYR D 557 43.23 -26.24 65.99
C TYR D 557 42.48 -26.98 64.89
N ARG D 558 41.17 -27.20 65.06
CA ARG D 558 40.39 -27.81 63.99
C ARG D 558 40.37 -26.93 62.75
N VAL D 559 40.24 -25.61 62.94
CA VAL D 559 40.30 -24.69 61.80
C VAL D 559 41.66 -24.81 61.11
N LEU D 560 42.73 -24.84 61.90
CA LEU D 560 44.07 -24.97 61.32
C LEU D 560 44.19 -26.27 60.53
N ARG D 561 43.68 -27.38 61.06
CA ARG D 561 43.75 -28.64 60.34
C ARG D 561 42.93 -28.63 59.06
N HIS D 562 41.74 -28.05 59.09
CA HIS D 562 40.89 -28.00 57.91
C HIS D 562 41.39 -27.02 56.86
N SER D 563 42.21 -26.05 57.24
CA SER D 563 42.71 -25.05 56.31
C SER D 563 44.01 -25.48 55.63
N GLN D 564 44.48 -26.70 55.87
CA GLN D 564 45.73 -27.17 55.31
C GLN D 564 45.65 -28.56 54.69
N GLU D 565 44.45 -29.09 54.46
CA GLU D 565 44.31 -30.42 53.89
C GLU D 565 44.53 -30.34 52.38
N ASP D 566 45.59 -31.00 51.90
CA ASP D 566 45.93 -31.01 50.48
C ASP D 566 46.15 -29.60 49.97
N TYR D 567 47.05 -28.88 50.64
CA TYR D 567 47.41 -27.52 50.22
C TYR D 567 48.82 -27.25 50.73
N ARG D 568 49.80 -27.32 49.82
CA ARG D 568 51.19 -27.17 50.23
C ARG D 568 51.46 -25.78 50.82
N LYS D 569 50.91 -24.74 50.20
CA LYS D 569 51.17 -23.38 50.66
C LYS D 569 50.63 -23.18 52.07
N ASN D 570 49.40 -23.62 52.32
CA ASN D 570 48.82 -23.49 53.65
C ASN D 570 49.58 -24.35 54.66
N GLN D 571 49.99 -25.54 54.24
CA GLN D 571 50.76 -26.41 55.14
C GLN D 571 52.06 -25.72 55.56
N GLU D 572 52.77 -25.12 54.61
CA GLU D 572 54.00 -24.40 54.93
C GLU D 572 53.71 -23.19 55.82
N HIS D 573 52.64 -22.46 55.52
CA HIS D 573 52.31 -21.29 56.33
C HIS D 573 52.04 -21.68 57.77
N ILE D 574 51.33 -22.79 57.98
CA ILE D 574 51.07 -23.25 59.34
C ILE D 574 52.35 -23.77 59.98
N ALA D 575 53.17 -24.50 59.23
CA ALA D 575 54.42 -25.03 59.77
C ALA D 575 55.38 -23.92 60.17
N LYS D 576 55.24 -22.72 59.58
CA LYS D 576 56.08 -21.61 60.01
C LYS D 576 55.92 -21.32 61.49
N GLN D 577 54.78 -21.67 62.09
CA GLN D 577 54.54 -21.51 63.52
C GLN D 577 54.60 -22.85 64.26
N PHE D 578 55.50 -23.74 63.83
CA PHE D 578 55.57 -25.06 64.41
C PHE D 578 55.98 -25.03 65.88
N GLY D 579 56.77 -24.03 66.28
CA GLY D 579 57.26 -23.98 67.65
C GLY D 579 56.15 -23.90 68.67
N MET D 580 55.19 -22.99 68.45
CA MET D 580 54.07 -22.86 69.39
C MET D 580 53.17 -24.09 69.33
N MET D 581 52.92 -24.62 68.12
CA MET D 581 52.10 -25.82 68.00
C MET D 581 52.70 -27.00 68.73
N GLN D 582 54.03 -27.11 68.76
CA GLN D 582 54.70 -28.15 69.53
C GLN D 582 54.74 -27.83 71.01
N SER D 583 54.93 -26.55 71.37
CA SER D 583 54.93 -26.16 72.78
C SER D 583 53.57 -26.38 73.43
N GLN D 584 52.49 -26.38 72.64
CA GLN D 584 51.14 -26.61 73.16
C GLN D 584 50.69 -28.05 72.94
N ILE D 585 51.62 -29.00 73.01
CA ILE D 585 51.30 -30.40 72.80
C ILE D 585 51.09 -31.07 74.15
N GLY D 586 50.46 -32.23 74.13
CA GLY D 586 50.21 -33.01 75.34
C GLY D 586 48.86 -32.75 75.99
N TYR D 587 48.55 -31.47 76.24
CA TYR D 587 47.28 -31.13 76.86
C TYR D 587 46.13 -31.43 75.90
N ASP D 588 44.94 -31.60 76.46
CA ASP D 588 43.76 -32.00 75.69
C ASP D 588 43.30 -30.80 74.86
N ILE D 589 44.03 -30.55 73.78
CA ILE D 589 43.71 -29.48 72.85
C ILE D 589 43.63 -29.95 71.41
N LEU D 590 44.03 -31.19 71.12
CA LEU D 590 44.07 -31.73 69.76
C LEU D 590 45.14 -31.03 68.94
N ALA D 591 46.29 -30.74 69.56
CA ALA D 591 47.42 -30.16 68.86
C ALA D 591 48.28 -31.23 68.19
N GLU D 592 48.47 -32.37 68.87
CA GLU D 592 49.21 -33.46 68.25
C GLU D 592 48.48 -33.99 67.01
N ASP D 593 47.15 -34.01 67.03
CA ASP D 593 46.41 -34.43 65.86
C ASP D 593 46.67 -33.51 64.68
N THR D 594 46.68 -32.19 64.93
CA THR D 594 46.99 -31.25 63.86
C THR D 594 48.43 -31.42 63.39
N ILE D 595 49.35 -31.67 64.32
CA ILE D 595 50.75 -31.87 63.95
C ILE D 595 50.89 -33.07 63.03
N THR D 596 50.17 -34.15 63.34
CA THR D 596 50.20 -35.34 62.49
C THR D 596 49.56 -35.07 61.13
N ALA D 597 48.39 -34.42 61.13
CA ALA D 597 47.75 -34.09 59.87
C ALA D 597 48.64 -33.23 59.00
N LEU D 598 49.51 -32.42 59.63
CA LEU D 598 50.44 -31.59 58.87
C LEU D 598 51.62 -32.42 58.36
N LEU D 599 52.39 -33.01 59.26
CA LEU D 599 53.56 -33.79 58.87
C LEU D 599 53.23 -35.26 58.70
N HIS D 600 52.13 -35.54 58.00
CA HIS D 600 51.87 -36.86 57.44
C HIS D 600 51.71 -36.88 55.93
N ASN D 601 51.38 -35.74 55.30
CA ASN D 601 51.22 -35.68 53.86
C ASN D 601 52.36 -34.95 53.15
N ASN D 602 53.10 -34.09 53.84
CA ASN D 602 54.20 -33.33 53.25
C ASN D 602 55.52 -33.93 53.74
N ARG D 603 56.23 -34.62 52.86
CA ARG D 603 57.48 -35.27 53.24
C ARG D 603 58.53 -34.25 53.63
N LYS D 604 58.61 -33.13 52.90
CA LYS D 604 59.63 -32.13 53.19
C LYS D 604 59.52 -31.64 54.63
N LEU D 605 58.33 -31.19 55.02
CA LEU D 605 58.14 -30.69 56.38
C LEU D 605 58.35 -31.78 57.41
N LEU D 606 57.94 -33.02 57.10
CA LEU D 606 58.12 -34.11 58.04
C LEU D 606 59.59 -34.28 58.41
N GLU D 607 60.46 -34.39 57.41
CA GLU D 607 61.88 -34.54 57.67
C GLU D 607 62.51 -33.27 58.24
N LYS D 608 62.00 -32.10 57.86
CA LYS D 608 62.56 -30.85 58.36
C LYS D 608 62.28 -30.69 59.85
N HIS D 609 61.10 -31.10 60.31
CA HIS D 609 60.68 -30.82 61.68
C HIS D 609 60.82 -32.01 62.62
N ILE D 610 60.31 -33.18 62.25
CA ILE D 610 60.31 -34.32 63.16
C ILE D 610 61.75 -34.75 63.40
N THR D 611 62.18 -34.75 64.65
CA THR D 611 63.53 -35.13 65.01
C THR D 611 63.57 -35.85 66.35
N LYS D 612 64.78 -36.06 66.89
CA LYS D 612 64.91 -36.81 68.13
C LYS D 612 64.18 -36.13 69.27
N THR D 613 64.20 -34.80 69.32
CA THR D 613 63.50 -34.10 70.40
C THR D 613 62.01 -34.38 70.35
N GLU D 614 61.41 -34.28 69.16
CA GLU D 614 59.98 -34.55 69.02
C GLU D 614 59.65 -36.00 69.34
N VAL D 615 60.49 -36.93 68.87
CA VAL D 615 60.23 -38.34 69.13
C VAL D 615 60.30 -38.63 70.63
N GLU D 616 61.29 -38.03 71.31
CA GLU D 616 61.40 -38.21 72.76
C GLU D 616 60.21 -37.59 73.48
N THR D 617 59.74 -36.43 73.00
CA THR D 617 58.56 -35.82 73.61
C THR D 617 57.34 -36.74 73.48
N PHE D 618 57.15 -37.32 72.30
CA PHE D 618 56.04 -38.26 72.11
C PHE D 618 56.20 -39.48 73.00
N VAL D 619 57.43 -40.00 73.12
CA VAL D 619 57.68 -41.16 73.96
C VAL D 619 57.35 -40.85 75.42
N SER D 620 57.77 -39.67 75.89
CA SER D 620 57.45 -39.27 77.26
C SER D 620 55.95 -39.12 77.45
N LEU D 621 55.25 -38.53 76.47
CA LEU D 621 53.81 -38.35 76.59
C LEU D 621 53.10 -39.70 76.66
N VAL D 622 53.50 -40.65 75.82
CA VAL D 622 52.88 -41.96 75.86
C VAL D 622 53.24 -42.70 77.15
N ARG D 623 54.46 -42.51 77.66
CA ARG D 623 54.80 -43.08 78.95
C ARG D 623 53.88 -42.54 80.05
N LYS D 624 53.62 -41.22 80.02
CA LYS D 624 52.83 -40.62 81.08
C LYS D 624 51.37 -41.03 80.99
N ASN D 625 50.79 -41.04 79.79
CA ASN D 625 49.34 -41.20 79.63
C ASN D 625 48.90 -42.59 79.21
N ARG D 626 49.63 -43.25 78.31
CA ARG D 626 49.26 -44.58 77.81
C ARG D 626 47.92 -44.54 77.06
N GLU D 627 47.76 -43.50 76.22
CA GLU D 627 46.63 -43.41 75.31
C GLU D 627 47.02 -43.97 73.95
N PRO D 628 46.26 -44.91 73.37
CA PRO D 628 46.67 -45.48 72.08
C PRO D 628 46.78 -44.46 70.96
N ARG D 629 46.14 -43.29 71.11
CA ARG D 629 46.21 -42.27 70.08
C ARG D 629 47.65 -41.82 69.85
N PHE D 630 48.45 -41.75 70.90
CA PHE D 630 49.85 -41.33 70.74
C PHE D 630 50.64 -42.35 69.93
N LEU D 631 50.43 -43.64 70.19
CA LEU D 631 51.07 -44.67 69.39
C LEU D 631 50.61 -44.61 67.95
N ASP D 632 49.31 -44.34 67.74
CA ASP D 632 48.80 -44.21 66.38
C ASP D 632 49.48 -43.06 65.66
N TYR D 633 49.65 -41.93 66.33
CA TYR D 633 50.33 -40.79 65.73
C TYR D 633 51.78 -41.11 65.43
N LEU D 634 52.46 -41.82 66.34
CA LEU D 634 53.84 -42.21 66.10
C LEU D 634 53.94 -43.12 64.87
N SER D 635 53.03 -44.07 64.74
CA SER D 635 53.03 -44.95 63.57
C SER D 635 52.77 -44.15 62.30
N ASP D 636 51.83 -43.20 62.35
CA ASP D 636 51.54 -42.38 61.18
C ASP D 636 52.75 -41.56 60.76
N LEU D 637 53.49 -41.01 61.73
CA LEU D 637 54.67 -40.21 61.41
C LEU D 637 55.73 -41.00 60.66
N CYS D 638 55.73 -42.33 60.75
CA CYS D 638 56.73 -43.14 60.09
C CYS D 638 56.52 -43.24 58.58
N VAL D 639 55.29 -43.12 58.11
CA VAL D 639 54.96 -43.31 56.70
C VAL D 639 54.20 -42.08 56.21
N SER D 640 54.56 -41.60 55.03
CA SER D 640 53.86 -40.50 54.37
C SER D 640 53.53 -40.92 52.95
N ASN D 641 52.27 -40.74 52.57
CA ASN D 641 51.80 -41.11 51.23
C ASN D 641 52.04 -42.60 50.97
N HIS D 642 51.85 -43.41 52.00
CA HIS D 642 52.01 -44.87 51.90
C HIS D 642 53.43 -45.27 51.56
N ILE D 643 54.40 -44.38 51.76
CA ILE D 643 55.81 -44.66 51.48
C ILE D 643 56.61 -44.35 52.74
N ALA D 644 57.43 -45.30 53.16
CA ALA D 644 58.21 -45.12 54.39
C ALA D 644 59.29 -44.06 54.19
N ILE D 645 59.50 -43.26 55.23
CA ILE D 645 60.53 -42.23 55.26
C ILE D 645 61.69 -42.76 56.11
N PRO D 646 62.85 -43.09 55.52
CA PRO D 646 63.90 -43.75 56.31
C PRO D 646 64.35 -42.98 57.53
N VAL D 647 64.47 -41.65 57.44
CA VAL D 647 65.03 -40.88 58.55
C VAL D 647 64.11 -40.97 59.77
N THR D 648 62.85 -40.59 59.60
CA THR D 648 61.90 -40.65 60.70
C THR D 648 61.69 -42.08 61.18
N GLN D 649 61.66 -43.04 60.25
CA GLN D 649 61.48 -44.43 60.64
C GLN D 649 62.61 -44.89 61.56
N GLU D 650 63.85 -44.61 61.17
CA GLU D 650 64.99 -45.01 61.99
C GLU D 650 64.98 -44.30 63.34
N LEU D 651 64.67 -43.00 63.35
CA LEU D 651 64.62 -42.27 64.61
C LEU D 651 63.59 -42.87 65.55
N ILE D 652 62.38 -43.10 65.05
CA ILE D 652 61.31 -43.63 65.88
C ILE D 652 61.67 -45.03 66.36
N CYS D 653 62.26 -45.86 65.49
CA CYS D 653 62.64 -47.20 65.90
C CYS D 653 63.69 -47.16 67.01
N LYS D 654 64.74 -46.36 66.82
CA LYS D 654 65.81 -46.32 67.81
C LYS D 654 65.34 -45.71 69.13
N CYS D 655 64.31 -44.85 69.09
CA CYS D 655 63.81 -44.29 70.33
C CYS D 655 62.84 -45.24 71.04
N VAL D 656 61.99 -45.94 70.28
CA VAL D 656 60.99 -46.81 70.89
C VAL D 656 61.63 -48.10 71.37
N LEU D 657 62.38 -48.79 70.51
CA LEU D 657 62.99 -50.06 70.88
C LEU D 657 64.16 -49.91 71.82
N ASP D 658 64.48 -48.70 72.24
CA ASP D 658 65.54 -48.49 73.23
C ASP D 658 65.19 -49.27 74.50
N PRO D 659 66.10 -50.09 75.02
CA PRO D 659 65.76 -50.85 76.24
C PRO D 659 65.38 -49.96 77.41
N LYS D 660 65.82 -48.70 77.43
CA LYS D 660 65.41 -47.79 78.50
C LYS D 660 63.89 -47.60 78.50
N ASN D 661 63.30 -47.45 77.32
CA ASN D 661 61.85 -47.28 77.19
C ASN D 661 61.17 -48.62 76.95
N SER D 662 61.41 -49.59 77.84
CA SER D 662 60.84 -50.93 77.71
C SER D 662 59.56 -51.12 78.49
N ASP D 663 59.13 -50.11 79.26
CA ASP D 663 57.93 -50.23 80.08
C ASP D 663 56.67 -49.74 79.37
N ILE D 664 56.79 -49.21 78.15
CA ILE D 664 55.62 -48.71 77.43
C ILE D 664 55.06 -49.73 76.44
N LEU D 665 55.81 -50.78 76.14
CA LEU D 665 55.40 -51.79 75.16
C LEU D 665 54.95 -53.05 75.88
N ILE D 666 53.81 -53.59 75.46
CA ILE D 666 53.29 -54.82 76.05
C ILE D 666 54.06 -56.01 75.49
N ARG D 667 54.62 -56.82 76.38
CA ARG D 667 55.37 -58.00 75.96
C ARG D 667 54.45 -59.20 75.85
N THR D 668 54.85 -60.16 75.00
CA THR D 668 54.08 -61.36 74.76
C THR D 668 54.98 -62.57 74.91
N GLU D 669 54.40 -63.67 75.39
CA GLU D 669 55.15 -64.91 75.58
C GLU D 669 54.23 -66.10 75.38
N LEU D 670 54.84 -67.27 75.19
CA LEU D 670 54.12 -68.51 75.00
C LEU D 670 54.43 -69.45 76.16
N ARG D 671 53.40 -70.05 76.73
CA ARG D 671 53.53 -70.93 77.88
C ARG D 671 52.81 -72.25 77.61
N PRO D 672 53.24 -73.35 78.26
CA PRO D 672 52.60 -74.64 78.06
C PRO D 672 51.24 -74.74 78.76
N GLU D 690 50.22 -74.73 73.02
CA GLU D 690 50.62 -73.70 73.99
C GLU D 690 49.61 -72.55 73.98
N GLU D 691 49.78 -71.61 74.91
CA GLU D 691 48.91 -70.46 75.03
C GLU D 691 49.75 -69.18 75.10
N VAL D 692 49.13 -68.07 74.72
CA VAL D 692 49.80 -66.77 74.63
C VAL D 692 49.40 -65.94 75.84
N TRP D 693 50.40 -65.37 76.52
CA TRP D 693 50.19 -64.49 77.65
C TRP D 693 50.82 -63.13 77.37
N LEU D 694 50.09 -62.07 77.71
CA LEU D 694 50.55 -60.70 77.55
C LEU D 694 50.85 -60.10 78.91
N THR D 695 51.98 -59.41 79.01
CA THR D 695 52.44 -58.75 80.22
C THR D 695 52.64 -57.28 79.95
N TRP D 696 52.23 -56.44 80.91
CA TRP D 696 52.36 -55.00 80.77
C TRP D 696 52.56 -54.39 82.15
N THR D 697 52.77 -53.07 82.18
CA THR D 697 52.96 -52.32 83.41
C THR D 697 51.95 -51.18 83.45
N ASP D 698 51.25 -51.06 84.57
CA ASP D 698 50.26 -50.00 84.74
C ASP D 698 50.96 -48.68 85.09
N LYS D 699 50.20 -47.59 85.09
CA LYS D 699 50.77 -46.29 85.42
C LYS D 699 51.35 -46.28 86.83
N ASN D 700 50.86 -47.15 87.71
CA ASN D 700 51.33 -47.25 89.09
C ASN D 700 52.58 -48.12 89.22
N ASN D 701 53.29 -48.38 88.12
CA ASN D 701 54.47 -49.23 88.14
C ASN D 701 54.16 -50.61 88.71
N GLU D 702 52.99 -51.14 88.37
CA GLU D 702 52.56 -52.46 88.79
C GLU D 702 52.52 -53.38 87.58
N HIS D 703 53.13 -54.56 87.72
CA HIS D 703 53.19 -55.51 86.62
C HIS D 703 51.92 -56.36 86.59
N HIS D 704 51.35 -56.52 85.40
CA HIS D 704 50.16 -57.32 85.19
C HIS D 704 50.41 -58.31 84.06
N GLU D 705 49.88 -59.52 84.22
CA GLU D 705 49.99 -60.57 83.21
C GLU D 705 48.64 -61.24 83.04
N LYS D 706 48.28 -61.55 81.80
CA LYS D 706 46.98 -62.15 81.55
C LYS D 706 46.99 -62.87 80.20
N SER D 707 46.19 -63.93 80.11
CA SER D 707 46.10 -64.69 78.88
C SER D 707 45.27 -63.95 77.84
N VAL D 708 45.64 -64.14 76.56
CA VAL D 708 44.97 -63.43 75.48
C VAL D 708 43.52 -63.88 75.38
N ARG D 709 43.25 -65.17 75.54
CA ARG D 709 41.86 -65.64 75.46
C ARG D 709 41.01 -65.04 76.56
N GLN D 710 41.53 -65.00 77.78
CA GLN D 710 40.79 -64.38 78.89
C GLN D 710 40.56 -62.90 78.62
N LEU D 711 41.59 -62.20 78.13
CA LEU D 711 41.43 -60.78 77.82
C LEU D 711 40.34 -60.57 76.78
N ALA D 712 40.34 -61.38 75.72
CA ALA D 712 39.34 -61.24 74.67
C ALA D 712 37.94 -61.54 75.20
N GLN D 713 37.81 -62.61 75.99
CA GLN D 713 36.50 -62.96 76.52
C GLN D 713 35.96 -61.87 77.43
N GLU D 714 36.81 -61.33 78.30
CA GLU D 714 36.35 -60.27 79.21
C GLU D 714 36.05 -58.99 78.45
N ALA D 715 36.82 -58.69 77.40
CA ALA D 715 36.51 -57.53 76.56
C ALA D 715 35.16 -57.68 75.88
N ARG D 716 34.89 -58.88 75.35
CA ARG D 716 33.57 -59.12 74.75
C ARG D 716 32.47 -59.01 75.79
N ALA D 717 32.75 -59.46 77.02
CA ALA D 717 31.78 -59.29 78.10
C ALA D 717 31.51 -57.82 78.37
N GLY D 718 32.55 -56.99 78.32
CA GLY D 718 32.39 -55.56 78.51
C GLY D 718 33.44 -54.92 79.40
N ASN D 719 34.48 -55.66 79.76
CA ASN D 719 35.53 -55.13 80.63
C ASN D 719 36.26 -53.99 79.92
N ALA D 720 36.10 -52.78 80.43
CA ALA D 720 36.72 -51.61 79.79
C ALA D 720 38.24 -51.70 79.87
N HIS D 721 38.79 -52.15 81.00
CA HIS D 721 40.24 -52.28 81.11
C HIS D 721 40.79 -53.25 80.08
N ASP D 722 40.15 -54.41 79.92
CA ASP D 722 40.60 -55.39 78.95
C ASP D 722 40.46 -54.85 77.52
N GLU D 723 39.36 -54.15 77.24
CA GLU D 723 39.19 -53.57 75.91
C GLU D 723 40.29 -52.56 75.63
N ASN D 724 40.62 -51.71 76.60
CA ASN D 724 41.68 -50.73 76.42
C ASN D 724 43.04 -51.41 76.21
N VAL D 725 43.30 -52.48 76.97
CA VAL D 725 44.55 -53.21 76.79
C VAL D 725 44.63 -53.81 75.40
N LEU D 726 43.53 -54.39 74.91
CA LEU D 726 43.53 -54.97 73.57
C LEU D 726 43.75 -53.89 72.52
N SER D 727 43.12 -52.73 72.68
CA SER D 727 43.33 -51.64 71.73
C SER D 727 44.78 -51.17 71.74
N TYR D 728 45.36 -51.04 72.92
CA TYR D 728 46.76 -50.64 73.03
C TYR D 728 47.67 -51.65 72.33
N TYR D 729 47.41 -52.94 72.54
CA TYR D 729 48.22 -53.96 71.89
C TYR D 729 48.06 -53.92 70.38
N ARG D 730 46.83 -53.71 69.90
CA ARG D 730 46.61 -53.62 68.46
C ARG D 730 47.39 -52.45 67.86
N TYR D 731 47.34 -51.29 68.51
CA TYR D 731 48.08 -50.15 68.00
C TYR D 731 49.58 -50.35 68.11
N GLN D 732 50.05 -51.06 69.13
CA GLN D 732 51.46 -51.40 69.21
C GLN D 732 51.89 -52.28 68.05
N LEU D 733 51.06 -53.27 67.70
CA LEU D 733 51.36 -54.11 66.55
C LEU D 733 51.36 -53.30 65.26
N LYS D 734 50.41 -52.38 65.13
CA LYS D 734 50.37 -51.51 63.96
C LYS D 734 51.65 -50.67 63.86
N LEU D 735 52.10 -50.14 65.00
CA LEU D 735 53.34 -49.36 65.00
C LEU D 735 54.53 -50.21 64.61
N PHE D 736 54.60 -51.43 65.13
CA PHE D 736 55.71 -52.32 64.77
C PHE D 736 55.70 -52.64 63.28
N ALA D 737 54.52 -52.95 62.73
CA ALA D 737 54.43 -53.26 61.31
C ALA D 737 54.82 -52.05 60.46
N ARG D 738 54.36 -50.86 60.83
CA ARG D 738 54.72 -49.67 60.07
C ARG D 738 56.21 -49.38 60.16
N MET D 739 56.82 -49.60 61.33
CA MET D 739 58.26 -49.42 61.47
C MET D 739 59.02 -50.43 60.61
N CYS D 740 58.57 -51.67 60.56
CA CYS D 740 59.21 -52.71 59.77
C CYS D 740 58.86 -52.60 58.29
N LEU D 741 57.97 -51.69 57.92
CA LEU D 741 57.64 -51.50 56.51
C LEU D 741 58.88 -51.16 55.70
N ASP D 742 58.86 -51.57 54.43
CA ASP D 742 59.97 -51.31 53.52
C ASP D 742 61.27 -51.94 54.03
N ARG D 743 61.15 -53.12 54.62
CA ARG D 743 62.30 -53.92 55.05
C ARG D 743 63.26 -53.10 55.89
N GLN D 744 62.76 -52.64 57.04
CA GLN D 744 63.59 -51.89 58.00
C GLN D 744 64.25 -52.93 58.92
N TYR D 745 65.43 -53.38 58.51
CA TYR D 745 66.09 -54.46 59.24
C TYR D 745 66.39 -54.07 60.68
N LEU D 746 66.74 -52.80 60.93
CA LEU D 746 67.07 -52.37 62.28
C LEU D 746 65.97 -52.71 63.28
N ALA D 747 64.71 -52.63 62.85
CA ALA D 747 63.58 -52.98 63.71
C ALA D 747 63.08 -54.40 63.50
N ILE D 748 63.22 -54.93 62.27
CA ILE D 748 62.78 -56.30 62.01
C ILE D 748 63.59 -57.29 62.84
N ASP D 749 64.91 -57.10 62.91
CA ASP D 749 65.75 -58.00 63.68
C ASP D 749 65.37 -57.99 65.15
N GLU D 750 64.99 -56.84 65.70
CA GLU D 750 64.60 -56.76 67.10
C GLU D 750 63.20 -57.33 67.34
N ILE D 751 62.29 -57.16 66.37
CA ILE D 751 60.91 -57.59 66.60
C ILE D 751 60.72 -59.07 66.31
N SER D 752 61.54 -59.65 65.43
CA SER D 752 61.35 -61.06 65.06
C SER D 752 61.55 -61.98 66.26
N GLN D 753 62.59 -61.73 67.05
CA GLN D 753 62.83 -62.57 68.22
C GLN D 753 61.68 -62.48 69.21
N GLN D 754 61.19 -61.26 69.46
CA GLN D 754 60.09 -61.09 70.40
C GLN D 754 58.82 -61.80 69.89
N LEU D 755 58.55 -61.69 68.59
CA LEU D 755 57.36 -62.28 67.98
C LEU D 755 57.82 -63.24 66.88
N GLY D 756 57.78 -64.54 67.16
CA GLY D 756 58.18 -65.53 66.21
C GLY D 756 57.07 -65.89 65.23
N VAL D 757 57.43 -66.73 64.27
CA VAL D 757 56.46 -67.18 63.27
C VAL D 757 55.36 -67.99 63.92
N ASP D 758 55.73 -68.90 64.83
CA ASP D 758 54.74 -69.77 65.45
C ASP D 758 53.74 -68.97 66.27
N LEU D 759 54.22 -67.98 67.04
CA LEU D 759 53.31 -67.18 67.86
C LEU D 759 52.31 -66.42 67.00
N ILE D 760 52.79 -65.80 65.93
CA ILE D 760 51.90 -65.04 65.05
C ILE D 760 50.91 -65.98 64.37
N PHE D 761 51.38 -67.16 63.95
CA PHE D 761 50.47 -68.13 63.34
C PHE D 761 49.38 -68.55 64.31
N LEU D 762 49.74 -68.82 65.56
CA LEU D 762 48.74 -69.21 66.55
C LEU D 762 47.74 -68.08 66.78
N CYS D 763 48.24 -66.85 66.93
CA CYS D 763 47.35 -65.73 67.19
C CYS D 763 46.39 -65.49 66.03
N MET D 764 46.88 -65.58 64.80
CA MET D 764 46.02 -65.32 63.65
C MET D 764 45.06 -66.48 63.40
N ALA D 765 45.46 -67.71 63.75
CA ALA D 765 44.58 -68.85 63.56
C ALA D 765 43.50 -68.90 64.63
N ASP D 766 43.78 -68.39 65.82
CA ASP D 766 42.78 -68.40 66.89
C ASP D 766 41.52 -67.66 66.43
N GLU D 767 40.37 -68.30 66.64
CA GLU D 767 39.09 -67.71 66.23
C GLU D 767 38.47 -66.84 67.31
N MET D 768 38.68 -67.19 68.58
CA MET D 768 38.07 -66.42 69.66
C MET D 768 38.57 -64.98 69.69
N LEU D 769 39.80 -64.74 69.21
CA LEU D 769 40.33 -63.39 69.20
C LEU D 769 39.58 -62.53 68.19
N PRO D 770 39.52 -61.22 68.42
CA PRO D 770 38.73 -60.35 67.53
C PRO D 770 39.34 -60.24 66.15
N PHE D 771 38.46 -59.91 65.19
CA PHE D 771 38.88 -59.80 63.80
C PHE D 771 39.92 -58.70 63.61
N ASP D 772 39.77 -57.59 64.33
CA ASP D 772 40.75 -56.51 64.21
C ASP D 772 42.12 -56.97 64.67
N LEU D 773 42.19 -57.70 65.79
CA LEU D 773 43.46 -58.21 66.28
C LEU D 773 44.05 -59.22 65.30
N ARG D 774 43.20 -60.09 64.74
CA ARG D 774 43.68 -61.05 63.77
C ARG D 774 44.24 -60.34 62.53
N ALA D 775 43.56 -59.28 62.08
CA ALA D 775 44.05 -58.53 60.94
C ALA D 775 45.38 -57.85 61.24
N SER D 776 45.54 -57.31 62.45
CA SER D 776 46.80 -56.70 62.83
C SER D 776 47.91 -57.75 62.84
N PHE D 777 47.62 -58.95 63.35
CA PHE D 777 48.61 -60.03 63.32
C PHE D 777 48.97 -60.40 61.90
N CYS D 778 47.98 -60.47 61.00
CA CYS D 778 48.25 -60.77 59.60
C CYS D 778 49.15 -59.70 58.98
N HIS D 779 48.86 -58.42 59.27
CA HIS D 779 49.67 -57.34 58.73
C HIS D 779 51.11 -57.43 59.25
N LEU D 780 51.28 -57.72 60.54
CA LEU D 780 52.62 -57.87 61.09
C LEU D 780 53.35 -59.04 60.44
N MET D 781 52.65 -60.16 60.23
CA MET D 781 53.25 -61.30 59.55
C MET D 781 53.70 -60.91 58.16
N LEU D 782 52.87 -60.15 57.43
CA LEU D 782 53.22 -59.74 56.08
C LEU D 782 54.45 -58.86 56.07
N HIS D 783 54.52 -57.89 56.99
CA HIS D 783 55.55 -56.86 56.95
C HIS D 783 56.75 -57.16 57.84
N VAL D 784 56.82 -58.34 58.45
CA VAL D 784 57.94 -58.71 59.31
C VAL D 784 58.71 -59.90 58.77
N HIS D 785 58.00 -60.99 58.44
CA HIS D 785 58.65 -62.25 58.04
C HIS D 785 58.62 -62.46 56.55
N VAL D 786 57.45 -62.34 55.91
CA VAL D 786 57.34 -62.62 54.48
C VAL D 786 58.20 -61.64 53.69
N ASP D 787 58.15 -60.35 54.05
CA ASP D 787 58.91 -59.32 53.34
C ASP D 787 60.31 -59.24 53.95
N ARG D 788 61.14 -60.22 53.59
CA ARG D 788 62.51 -60.29 54.05
C ARG D 788 63.35 -60.95 52.96
N ASP D 789 64.61 -61.28 53.30
CA ASP D 789 65.50 -62.00 52.42
C ASP D 789 65.57 -63.47 52.82
N PRO D 790 65.88 -64.38 51.88
CA PRO D 790 66.20 -64.15 50.46
C PRO D 790 64.96 -64.11 49.58
N GLN D 791 63.77 -63.92 50.17
CA GLN D 791 62.55 -63.90 49.38
C GLN D 791 62.62 -62.82 48.31
N GLU D 792 62.24 -63.18 47.08
CA GLU D 792 62.32 -62.27 45.95
C GLU D 792 61.26 -62.66 44.93
N LEU D 793 60.84 -61.69 44.13
CA LEU D 793 59.88 -61.95 43.08
C LEU D 793 60.45 -62.94 42.07
N VAL D 794 59.60 -63.84 41.59
CA VAL D 794 59.98 -64.89 40.64
C VAL D 794 59.19 -64.70 39.36
N THR D 795 59.89 -64.75 38.23
CA THR D 795 59.23 -64.61 36.94
C THR D 795 58.53 -65.91 36.57
N PRO D 796 57.21 -65.92 36.39
CA PRO D 796 56.53 -67.19 36.07
C PRO D 796 57.01 -67.83 34.77
N VAL D 797 57.40 -67.03 33.78
CA VAL D 797 57.79 -67.52 32.47
C VAL D 797 59.28 -67.30 32.29
N LYS D 798 59.99 -68.36 31.90
CA LYS D 798 61.42 -68.31 31.64
C LYS D 798 61.67 -68.62 30.17
N PHE D 799 62.36 -67.72 29.48
CA PHE D 799 62.64 -67.88 28.06
C PHE D 799 63.84 -68.78 27.77
N ALA D 800 64.65 -69.08 28.78
CA ALA D 800 65.84 -69.90 28.62
C ALA D 800 65.64 -71.22 29.38
N ARG D 801 65.83 -72.33 28.69
CA ARG D 801 65.69 -73.66 29.28
C ARG D 801 66.86 -74.51 28.86
N LEU D 802 67.23 -75.46 29.71
CA LEU D 802 68.33 -76.38 29.45
C LEU D 802 67.80 -77.67 28.85
N TRP D 803 68.45 -78.14 27.78
CA TRP D 803 67.99 -79.33 27.09
C TRP D 803 68.01 -80.55 28.01
N THR D 804 69.07 -80.69 28.80
CA THR D 804 69.18 -81.84 29.70
C THR D 804 68.13 -81.83 30.80
N GLU D 805 67.49 -80.69 31.04
CA GLU D 805 66.52 -80.55 32.12
C GLU D 805 65.08 -80.60 31.64
N ILE D 806 64.85 -81.10 30.42
CA ILE D 806 63.51 -81.22 29.86
C ILE D 806 63.09 -82.69 29.97
N PRO D 807 62.15 -83.04 30.85
CA PRO D 807 61.74 -84.44 30.96
C PRO D 807 60.99 -84.92 29.73
N THR D 808 61.07 -86.22 29.48
CA THR D 808 60.34 -86.81 28.36
C THR D 808 58.83 -86.61 28.50
N ALA D 809 58.32 -86.83 29.72
CA ALA D 809 56.90 -86.63 30.01
C ALA D 809 56.77 -85.70 31.21
N ILE D 810 55.84 -84.76 31.12
CA ILE D 810 55.65 -83.73 32.15
C ILE D 810 54.17 -83.69 32.52
N THR D 811 53.90 -83.61 33.82
CA THR D 811 52.55 -83.46 34.34
C THR D 811 52.55 -82.39 35.41
N ILE D 812 51.39 -82.17 36.02
CA ILE D 812 51.28 -81.14 37.05
C ILE D 812 52.17 -81.47 38.24
N LYS D 813 52.16 -82.74 38.66
CA LYS D 813 52.99 -83.14 39.80
C LYS D 813 54.47 -82.97 39.48
N ASP D 814 54.89 -83.37 38.27
CA ASP D 814 56.30 -83.21 37.90
C ASP D 814 56.69 -81.74 37.85
N TYR D 815 55.82 -80.88 37.32
CA TYR D 815 56.11 -79.46 37.28
C TYR D 815 56.23 -78.88 38.68
N ASP D 816 55.33 -79.29 39.59
CA ASP D 816 55.40 -78.81 40.97
C ASP D 816 56.69 -79.27 41.64
N SER D 817 57.08 -80.53 41.41
CA SER D 817 58.32 -81.04 41.98
C SER D 817 59.52 -80.29 41.44
N ASN D 818 59.52 -79.98 40.14
CA ASN D 818 60.62 -79.22 39.56
C ASN D 818 60.69 -77.82 40.17
N LEU D 819 59.54 -77.17 40.36
CA LEU D 819 59.53 -75.86 40.99
C LEU D 819 60.06 -75.94 42.42
N ASN D 820 59.65 -76.98 43.17
CA ASN D 820 60.15 -77.15 44.53
C ASN D 820 61.66 -77.35 44.55
N ALA D 821 62.18 -78.17 43.63
CA ALA D 821 63.62 -78.37 43.54
C ALA D 821 64.34 -77.07 43.19
N SER D 822 63.78 -76.29 42.27
CA SER D 822 64.38 -75.00 41.93
C SER D 822 64.40 -74.08 43.15
N ARG D 823 63.33 -74.07 43.93
CA ARG D 823 63.31 -73.26 45.14
C ARG D 823 64.46 -73.65 46.06
N ASP D 824 65.18 -72.65 46.56
CA ASP D 824 66.35 -72.91 47.39
C ASP D 824 65.94 -73.56 48.71
N ASP D 825 64.91 -73.03 49.36
CA ASP D 825 64.48 -73.56 50.65
C ASP D 825 63.95 -74.98 50.50
N LYS D 826 64.35 -75.84 51.43
CA LYS D 826 63.91 -77.23 51.42
C LYS D 826 62.67 -77.43 52.29
N LYS D 827 62.64 -76.83 53.47
CA LYS D 827 61.51 -76.91 54.39
C LYS D 827 60.78 -75.56 54.38
N ASN D 828 59.49 -75.59 54.07
CA ASN D 828 58.70 -74.36 53.99
C ASN D 828 58.29 -73.94 55.39
N LYS D 829 58.68 -72.74 55.79
CA LYS D 829 58.30 -72.19 57.09
C LYS D 829 56.94 -71.49 57.07
N PHE D 830 56.29 -71.41 55.91
CA PHE D 830 54.97 -70.80 55.78
C PHE D 830 53.91 -71.78 55.31
N ALA D 831 54.18 -73.08 55.37
CA ALA D 831 53.18 -74.06 54.92
C ALA D 831 51.92 -73.97 55.78
N ASN D 832 52.10 -73.84 57.10
CA ASN D 832 50.94 -73.68 57.98
C ASN D 832 50.20 -72.40 57.66
N THR D 833 50.93 -71.32 57.35
CA THR D 833 50.28 -70.07 56.98
C THR D 833 49.44 -70.24 55.71
N MET D 834 49.98 -70.92 54.71
CA MET D 834 49.23 -71.14 53.49
C MET D 834 48.00 -72.00 53.74
N GLU D 835 48.14 -73.03 54.57
CA GLU D 835 46.99 -73.88 54.90
C GLU D 835 45.91 -73.07 55.61
N PHE D 836 46.31 -72.22 56.56
CA PHE D 836 45.35 -71.37 57.25
C PHE D 836 44.66 -70.42 56.28
N VAL D 837 45.42 -69.85 55.35
CA VAL D 837 44.84 -68.94 54.36
C VAL D 837 43.80 -69.69 53.53
N GLU D 838 44.14 -70.91 53.09
CA GLU D 838 43.20 -71.68 52.28
C GLU D 838 41.93 -71.99 53.07
N ASP D 839 42.08 -72.39 54.34
CA ASP D 839 40.91 -72.70 55.16
C ASP D 839 40.05 -71.46 55.37
N TYR D 840 40.68 -70.31 55.63
CA TYR D 840 39.93 -69.07 55.82
C TYR D 840 39.18 -68.69 54.56
N LEU D 841 39.82 -68.81 53.40
CA LEU D 841 39.13 -68.49 52.15
C LEU D 841 37.97 -69.45 51.89
N ASN D 842 38.16 -70.74 52.20
CA ASN D 842 37.07 -71.69 52.06
C ASN D 842 35.90 -71.32 52.96
N ASN D 843 36.18 -70.95 54.22
CA ASN D 843 35.11 -70.53 55.11
C ASN D 843 34.41 -69.28 54.58
N VAL D 844 35.18 -68.33 54.05
CA VAL D 844 34.58 -67.10 53.53
C VAL D 844 33.65 -67.41 52.36
N VAL D 845 34.11 -68.25 51.43
CA VAL D 845 33.27 -68.58 50.28
C VAL D 845 32.08 -69.45 50.67
N SER D 846 32.18 -70.16 51.81
CA SER D 846 31.04 -70.97 52.25
C SER D 846 29.81 -70.11 52.50
N GLU D 847 30.00 -68.95 53.14
CA GLU D 847 28.88 -68.06 53.41
C GLU D 847 28.31 -67.52 52.10
N ALA D 848 26.99 -67.33 52.08
CA ALA D 848 26.33 -66.83 50.88
C ALA D 848 26.81 -65.43 50.52
N VAL D 849 26.96 -64.57 51.51
CA VAL D 849 27.41 -63.19 51.31
C VAL D 849 28.81 -63.08 51.94
N PRO D 850 29.88 -63.01 51.13
CA PRO D 850 31.22 -62.91 51.70
C PRO D 850 31.49 -61.55 52.36
N PHE D 851 31.18 -60.47 51.66
CA PHE D 851 31.47 -59.12 52.14
C PHE D 851 30.22 -58.56 52.81
N ALA D 852 30.00 -58.99 54.05
CA ALA D 852 28.89 -58.50 54.87
C ALA D 852 29.36 -57.77 56.11
N ASN D 853 30.24 -58.38 56.90
CA ASN D 853 30.73 -57.77 58.12
C ASN D 853 31.98 -56.94 57.82
N GLU D 854 31.94 -55.66 58.20
CA GLU D 854 33.08 -54.78 57.95
C GLU D 854 34.32 -55.25 58.72
N GLU D 855 34.13 -55.73 59.95
CA GLU D 855 35.27 -56.17 60.75
C GLU D 855 35.99 -57.34 60.08
N LYS D 856 35.23 -58.30 59.54
CA LYS D 856 35.84 -59.44 58.87
C LYS D 856 36.45 -59.05 57.54
N ASN D 857 36.01 -57.93 56.94
CA ASN D 857 36.59 -57.50 55.67
C ASN D 857 38.07 -57.14 55.83
N LYS D 858 38.43 -56.53 56.96
CA LYS D 858 39.83 -56.20 57.20
C LYS D 858 40.69 -57.47 57.23
N LEU D 859 40.22 -58.49 57.95
CA LEU D 859 40.96 -59.73 58.02
C LEU D 859 41.04 -60.40 56.65
N THR D 860 39.95 -60.37 55.89
CA THR D 860 39.96 -60.95 54.56
C THR D 860 40.97 -60.24 53.67
N PHE D 861 41.01 -58.91 53.73
CA PHE D 861 41.96 -58.16 52.92
C PHE D 861 43.40 -58.48 53.32
N GLU D 862 43.66 -58.57 54.63
CA GLU D 862 45.01 -58.91 55.07
C GLU D 862 45.42 -60.30 54.59
N VAL D 863 44.49 -61.26 54.67
CA VAL D 863 44.79 -62.62 54.22
C VAL D 863 45.07 -62.62 52.72
N VAL D 864 44.26 -61.88 51.95
CA VAL D 864 44.46 -61.84 50.51
C VAL D 864 45.81 -61.20 50.16
N SER D 865 46.18 -60.14 50.87
CA SER D 865 47.47 -59.50 50.62
C SER D 865 48.61 -60.46 50.95
N LEU D 866 48.50 -61.19 52.06
CA LEU D 866 49.53 -62.16 52.42
C LEU D 866 49.65 -63.24 51.34
N ALA D 867 48.51 -63.74 50.86
CA ALA D 867 48.54 -64.74 49.80
C ALA D 867 49.17 -64.19 48.53
N HIS D 868 48.85 -62.95 48.18
CA HIS D 868 49.44 -62.34 46.99
C HIS D 868 50.95 -62.23 47.13
N ASN D 869 51.42 -61.79 48.29
CA ASN D 869 52.86 -61.67 48.52
C ASN D 869 53.54 -63.04 48.44
N LEU D 870 52.94 -64.06 49.04
CA LEU D 870 53.53 -65.39 48.99
C LEU D 870 53.57 -65.91 47.55
N ILE D 871 52.49 -65.70 46.79
CA ILE D 871 52.46 -66.16 45.41
C ILE D 871 53.52 -65.46 44.57
N TYR D 872 53.65 -64.14 44.73
CA TYR D 872 54.65 -63.41 43.97
C TYR D 872 56.07 -63.73 44.41
N PHE D 873 56.26 -64.14 45.66
CA PHE D 873 57.56 -64.61 46.12
C PHE D 873 57.81 -66.08 45.79
N GLY D 874 56.79 -66.80 45.30
CA GLY D 874 56.99 -68.15 44.83
C GLY D 874 57.01 -69.21 45.92
N PHE D 875 55.91 -69.35 46.65
CA PHE D 875 55.78 -70.39 47.66
C PHE D 875 54.69 -71.41 47.36
N TYR D 876 53.86 -71.19 46.35
CA TYR D 876 52.79 -72.11 46.00
C TYR D 876 53.18 -73.00 44.83
N SER D 877 52.43 -74.08 44.66
CA SER D 877 52.57 -75.00 43.54
C SER D 877 51.42 -74.78 42.56
N PHE D 878 51.48 -75.47 41.43
CA PHE D 878 50.47 -75.28 40.39
C PHE D 878 49.09 -75.72 40.86
N SER D 879 49.00 -76.88 41.50
CA SER D 879 47.70 -77.35 41.99
C SER D 879 47.14 -76.43 43.06
N GLU D 880 47.99 -75.99 43.98
CA GLU D 880 47.54 -75.06 45.01
C GLU D 880 47.06 -73.75 44.40
N LEU D 881 47.77 -73.27 43.38
CA LEU D 881 47.35 -72.04 42.71
C LEU D 881 46.01 -72.22 42.02
N LEU D 882 45.79 -73.38 41.38
CA LEU D 882 44.50 -73.63 40.76
C LEU D 882 43.38 -73.67 41.79
N ARG D 883 43.61 -74.35 42.92
CA ARG D 883 42.60 -74.39 43.97
C ARG D 883 42.32 -72.99 44.50
N LEU D 884 43.36 -72.19 44.70
CA LEU D 884 43.16 -70.81 45.16
C LEU D 884 42.41 -69.99 44.12
N THR D 885 42.66 -70.21 42.84
CA THR D 885 41.91 -69.52 41.80
C THR D 885 40.43 -69.86 41.89
N ARG D 886 40.12 -71.14 42.03
CA ARG D 886 38.71 -71.53 42.16
C ARG D 886 38.08 -70.90 43.39
N THR D 887 38.79 -70.92 44.52
CA THR D 887 38.26 -70.34 45.75
C THR D 887 38.02 -68.84 45.60
N LEU D 888 38.97 -68.13 44.98
CA LEU D 888 38.82 -66.69 44.82
C LEU D 888 37.68 -66.36 43.87
N LEU D 889 37.52 -67.13 42.79
CA LEU D 889 36.40 -66.92 41.90
C LEU D 889 35.08 -67.16 42.62
N GLY D 890 35.02 -68.20 43.46
CA GLY D 890 33.82 -68.42 44.26
C GLY D 890 33.54 -67.27 45.20
N ILE D 891 34.58 -66.74 45.83
CA ILE D 891 34.41 -65.60 46.74
C ILE D 891 33.86 -64.40 45.98
N ILE D 892 34.44 -64.12 44.81
CA ILE D 892 33.99 -62.97 44.02
C ILE D 892 32.54 -63.16 43.59
N ASP D 893 32.21 -64.34 43.09
CA ASP D 893 30.85 -64.63 42.66
C ASP D 893 30.68 -66.12 42.36
N ASP D 961 33.92 -49.95 51.26
CA ASP D 961 34.00 -50.64 49.98
C ASP D 961 35.39 -50.54 49.37
N ILE D 962 36.20 -49.61 49.89
CA ILE D 962 37.57 -49.47 49.40
C ILE D 962 38.37 -50.74 49.68
N VAL D 963 38.14 -51.36 50.83
CA VAL D 963 38.79 -52.62 51.15
C VAL D 963 38.36 -53.69 50.15
N VAL D 964 37.08 -53.71 49.79
CA VAL D 964 36.57 -54.67 48.82
C VAL D 964 37.26 -54.47 47.47
N MET D 965 37.39 -53.21 47.04
CA MET D 965 38.06 -52.94 45.77
C MET D 965 39.52 -53.36 45.82
N GLU D 966 40.21 -53.10 46.93
CA GLU D 966 41.62 -53.47 47.04
C GLU D 966 41.79 -54.97 47.00
N THR D 967 40.94 -55.72 47.73
CA THR D 967 41.06 -57.18 47.68
C THR D 967 40.70 -57.73 46.31
N LYS D 968 39.75 -57.09 45.61
CA LYS D 968 39.44 -57.52 44.25
C LYS D 968 40.64 -57.29 43.34
N LEU D 969 41.34 -56.16 43.48
CA LEU D 969 42.54 -55.92 42.70
C LEU D 969 43.61 -56.96 43.01
N LYS D 970 43.79 -57.29 44.30
CA LYS D 970 44.75 -58.32 44.67
C LYS D 970 44.39 -59.66 44.03
N ILE D 971 43.11 -60.01 44.04
CA ILE D 971 42.67 -61.27 43.45
C ILE D 971 42.93 -61.27 41.94
N LEU D 972 42.69 -60.14 41.28
CA LEU D 972 42.96 -60.06 39.85
C LEU D 972 44.45 -60.23 39.56
N GLU D 973 45.30 -59.62 40.39
CA GLU D 973 46.74 -59.79 40.20
C GLU D 973 47.14 -61.26 40.39
N ILE D 974 46.57 -61.91 41.40
CA ILE D 974 46.86 -63.33 41.61
C ILE D 974 46.42 -64.14 40.40
N LEU D 975 45.24 -63.84 39.86
CA LEU D 975 44.75 -64.56 38.69
C LEU D 975 45.67 -64.37 37.50
N GLN D 976 46.15 -63.14 37.29
CA GLN D 976 47.08 -62.90 36.19
C GLN D 976 48.37 -63.70 36.36
N PHE D 977 48.91 -63.71 37.59
CA PHE D 977 50.12 -64.48 37.84
C PHE D 977 49.89 -65.97 37.57
N ILE D 978 48.74 -66.49 38.00
CA ILE D 978 48.45 -67.91 37.81
C ILE D 978 48.27 -68.22 36.33
N LEU D 979 47.67 -67.30 35.56
CA LEU D 979 47.56 -67.49 34.12
C LEU D 979 48.94 -67.53 33.47
N ASN D 980 49.85 -66.66 33.92
CA ASN D 980 51.22 -66.69 33.40
C ASN D 980 51.87 -68.03 33.73
N VAL D 981 51.65 -68.53 34.94
CA VAL D 981 52.21 -69.83 35.31
C VAL D 981 51.65 -70.94 34.42
N ARG D 982 50.35 -70.87 34.13
CA ARG D 982 49.75 -71.86 33.25
C ARG D 982 50.35 -71.79 31.85
N LEU D 983 50.58 -70.59 31.35
CA LEU D 983 51.23 -70.44 30.05
C LEU D 983 52.63 -71.03 30.06
N ASP D 984 53.38 -70.81 31.14
CA ASP D 984 54.70 -71.40 31.26
C ASP D 984 54.62 -72.93 31.27
N TYR D 985 53.62 -73.47 31.96
CA TYR D 985 53.43 -74.92 31.98
C TYR D 985 53.12 -75.45 30.58
N ARG D 986 52.30 -74.73 29.82
CA ARG D 986 52.01 -75.14 28.46
C ARG D 986 53.26 -75.13 27.60
N ILE D 987 54.09 -74.10 27.76
CA ILE D 987 55.36 -74.04 27.03
C ILE D 987 56.25 -75.23 27.40
N SER D 988 56.30 -75.56 28.69
CA SER D 988 57.09 -76.70 29.12
C SER D 988 56.57 -77.99 28.52
N TYR D 989 55.24 -78.14 28.46
CA TYR D 989 54.65 -79.33 27.85
C TYR D 989 55.02 -79.43 26.37
N LEU D 990 54.97 -78.30 25.65
CA LEU D 990 55.37 -78.32 24.25
C LEU D 990 56.83 -78.69 24.11
N LEU D 991 57.69 -78.16 24.97
CA LEU D 991 59.11 -78.53 24.93
C LEU D 991 59.30 -80.02 25.18
N SER D 992 58.58 -80.56 26.16
CA SER D 992 58.70 -81.99 26.45
C SER D 992 58.24 -82.83 25.27
N VAL D 993 57.14 -82.44 24.63
CA VAL D 993 56.65 -83.18 23.46
C VAL D 993 57.68 -83.13 22.34
N PHE D 994 58.25 -81.96 22.08
CA PHE D 994 59.26 -81.83 21.04
C PHE D 994 60.47 -82.70 21.35
N LYS D 995 60.94 -82.68 22.59
CA LYS D 995 62.09 -83.50 22.96
C LYS D 995 61.79 -84.98 22.79
N LYS D 996 60.60 -85.41 23.22
CA LYS D 996 60.24 -86.82 23.10
C LYS D 996 60.22 -87.24 21.63
N GLU D 997 59.60 -86.43 20.76
CA GLU D 997 59.56 -86.77 19.35
C GLU D 997 60.96 -86.81 18.75
N PHE D 998 61.79 -85.82 19.09
CA PHE D 998 63.13 -85.77 18.53
C PHE D 998 63.97 -86.96 18.95
N VAL D 999 63.91 -87.33 20.24
CA VAL D 999 64.69 -88.46 20.70
C VAL D 999 64.15 -89.77 20.11
N GLU D 1000 62.84 -89.89 19.96
CA GLU D 1000 62.28 -91.10 19.39
C GLU D 1000 62.66 -91.27 17.93
N VAL D 1001 62.67 -90.18 17.15
CA VAL D 1001 62.94 -90.28 15.72
C VAL D 1001 64.43 -90.24 15.38
N PHE D 1002 65.27 -89.68 16.26
CA PHE D 1002 66.71 -89.56 16.03
C PHE D 1002 67.45 -90.04 17.27
N PRO D 1003 67.47 -91.36 17.51
CA PRO D 1003 68.20 -91.96 18.64
C PRO D 1003 69.57 -91.32 18.88
N ASN D 1024 54.71 -87.25 12.54
CA ASN D 1024 55.34 -86.50 13.61
C ASN D 1024 54.73 -85.11 13.76
N LEU D 1025 54.67 -84.36 12.66
CA LEU D 1025 54.08 -83.03 12.70
C LEU D 1025 52.61 -83.10 13.11
N ASP D 1026 51.86 -84.02 12.51
CA ASP D 1026 50.45 -84.16 12.86
C ASP D 1026 50.28 -84.57 14.32
N ARG D 1027 51.12 -85.49 14.79
CA ARG D 1027 51.03 -85.93 16.18
C ARG D 1027 51.31 -84.77 17.14
N ILE D 1028 52.34 -83.98 16.84
CA ILE D 1028 52.68 -82.85 17.69
C ILE D 1028 51.56 -81.82 17.67
N GLY D 1029 51.00 -81.54 16.49
CA GLY D 1029 49.91 -80.60 16.41
C GLY D 1029 48.69 -81.06 17.20
N GLU D 1030 48.35 -82.34 17.11
CA GLU D 1030 47.23 -82.86 17.88
C GLU D 1030 47.49 -82.77 19.37
N GLN D 1031 48.71 -83.10 19.79
CA GLN D 1031 49.04 -83.02 21.21
C GLN D 1031 48.95 -81.58 21.70
N ALA D 1032 49.44 -80.62 20.90
CA ALA D 1032 49.32 -79.22 21.28
C ALA D 1032 47.86 -78.78 21.37
N GLU D 1033 47.04 -79.23 20.41
CA GLU D 1033 45.63 -78.87 20.41
C GLU D 1033 44.90 -79.45 21.61
N ALA D 1034 45.34 -80.62 22.08
CA ALA D 1034 44.63 -81.32 23.14
C ALA D 1034 44.49 -80.47 24.39
N MET D 1035 45.59 -79.81 24.80
CA MET D 1035 45.55 -79.03 26.03
C MET D 1035 44.65 -77.81 25.89
N PHE D 1036 44.58 -77.25 24.68
CA PHE D 1036 43.73 -76.08 24.44
C PHE D 1036 42.27 -76.50 24.37
N GLY D 1037 41.64 -76.70 25.53
CA GLY D 1037 40.24 -77.07 25.58
C GLY D 1037 39.32 -75.88 25.47
N SER D 1043 42.05 -80.09 30.14
CA SER D 1043 40.84 -80.14 30.96
C SER D 1043 41.17 -79.82 32.41
N MET D 1044 42.34 -80.29 32.86
CA MET D 1044 42.77 -80.04 34.24
C MET D 1044 43.41 -78.67 34.41
N LEU D 1045 43.65 -77.93 33.32
CA LEU D 1045 44.24 -76.60 33.37
C LEU D 1045 43.18 -75.50 33.35
N GLU D 1046 41.91 -75.85 33.41
CA GLU D 1046 40.84 -74.86 33.36
C GLU D 1046 40.91 -73.95 34.58
N VAL D 1047 40.60 -72.68 34.37
CA VAL D 1047 40.62 -71.71 35.46
C VAL D 1047 39.57 -72.07 36.50
N ASP D 1048 38.37 -72.43 36.06
CA ASP D 1048 37.26 -72.77 36.93
C ASP D 1048 36.70 -74.15 36.54
N ASP D 1049 35.72 -74.60 37.30
CA ASP D 1049 35.09 -75.89 37.07
C ASP D 1049 33.95 -75.82 36.06
N GLU D 1050 33.62 -74.62 35.57
CA GLU D 1050 32.54 -74.44 34.61
C GLU D 1050 33.06 -74.17 33.19
N GLY D 1051 34.33 -74.47 32.93
CA GLY D 1051 34.88 -74.25 31.61
C GLY D 1051 34.98 -72.78 31.24
N GLY D 1052 35.36 -71.93 32.19
CA GLY D 1052 35.55 -70.52 31.93
C GLY D 1052 34.30 -69.67 32.08
N ARG D 1053 33.13 -70.28 32.27
CA ARG D 1053 31.90 -69.50 32.45
C ARG D 1053 32.00 -68.62 33.69
N MET D 1054 32.46 -69.18 34.81
CA MET D 1054 32.58 -68.41 36.04
C MET D 1054 33.61 -67.30 35.88
N PHE D 1055 34.73 -67.59 35.22
CA PHE D 1055 35.75 -66.57 35.02
C PHE D 1055 35.22 -65.42 34.18
N LEU D 1056 34.52 -65.74 33.08
CA LEU D 1056 33.95 -64.69 32.24
C LEU D 1056 32.91 -63.88 33.00
N ARG D 1057 32.05 -64.54 33.77
CA ARG D 1057 31.04 -63.83 34.53
C ARG D 1057 31.67 -62.89 35.55
N VAL D 1058 32.71 -63.36 36.24
CA VAL D 1058 33.41 -62.52 37.21
C VAL D 1058 34.06 -61.34 36.52
N LEU D 1059 34.68 -61.57 35.36
CA LEU D 1059 35.30 -60.47 34.63
C LEU D 1059 34.28 -59.42 34.23
N ILE D 1060 33.13 -59.85 33.73
CA ILE D 1060 32.09 -58.90 33.32
C ILE D 1060 31.56 -58.14 34.53
N HIS D 1061 31.33 -58.85 35.64
CA HIS D 1061 30.82 -58.19 36.84
C HIS D 1061 31.81 -57.15 37.35
N LEU D 1062 33.09 -57.47 37.34
CA LEU D 1062 34.11 -56.50 37.74
C LEU D 1062 34.18 -55.32 36.77
N THR D 1063 34.07 -55.60 35.47
CA THR D 1063 34.04 -54.51 34.49
C THR D 1063 32.84 -53.60 34.70
N MET D 1064 31.73 -54.14 35.18
CA MET D 1064 30.53 -53.35 35.45
C MET D 1064 30.71 -52.40 36.63
N HIS D 1065 31.77 -52.56 37.42
CA HIS D 1065 32.00 -51.67 38.54
C HIS D 1065 32.47 -50.30 38.07
N ASP D 1066 32.43 -49.33 38.98
CA ASP D 1066 32.84 -47.96 38.69
C ASP D 1066 34.28 -47.69 39.07
N TYR D 1067 35.01 -48.68 39.59
CA TYR D 1067 36.40 -48.49 40.00
C TYR D 1067 37.29 -48.67 38.77
N ALA D 1068 37.95 -47.59 38.36
CA ALA D 1068 38.68 -47.61 37.09
C ALA D 1068 39.79 -48.67 37.05
N PRO D 1069 40.64 -48.81 38.08
CA PRO D 1069 41.64 -49.89 38.02
C PRO D 1069 41.02 -51.27 37.87
N LEU D 1070 39.94 -51.55 38.60
CA LEU D 1070 39.30 -52.85 38.48
C LEU D 1070 38.72 -53.05 37.09
N VAL D 1071 38.09 -52.02 36.53
CA VAL D 1071 37.53 -52.13 35.19
C VAL D 1071 38.64 -52.40 34.18
N SER D 1072 39.75 -51.68 34.30
CA SER D 1072 40.87 -51.87 33.37
C SER D 1072 41.43 -53.29 33.47
N GLY D 1073 41.62 -53.77 34.71
CA GLY D 1073 42.11 -55.13 34.87
C GLY D 1073 41.16 -56.16 34.32
N ALA D 1074 39.86 -55.99 34.56
CA ALA D 1074 38.88 -56.94 34.03
C ALA D 1074 38.88 -56.94 32.52
N LEU D 1075 38.95 -55.75 31.90
CA LEU D 1075 38.98 -55.68 30.45
C LEU D 1075 40.24 -56.34 29.88
N GLN D 1076 41.39 -56.10 30.53
CA GLN D 1076 42.63 -56.71 30.07
C GLN D 1076 42.54 -58.23 30.15
N LEU D 1077 42.03 -58.75 31.27
CA LEU D 1077 41.89 -60.20 31.41
C LEU D 1077 40.91 -60.76 30.40
N LEU D 1078 39.81 -60.05 30.15
CA LEU D 1078 38.83 -60.52 29.17
C LEU D 1078 39.45 -60.59 27.78
N PHE D 1079 40.22 -59.58 27.40
CA PHE D 1079 40.87 -59.60 26.09
C PHE D 1079 41.93 -60.70 26.01
N LYS D 1080 42.67 -60.93 27.09
CA LYS D 1080 43.70 -61.97 27.08
C LYS D 1080 43.11 -63.37 27.11
N HIS D 1081 41.88 -63.52 27.61
CA HIS D 1081 41.29 -64.86 27.73
C HIS D 1081 41.14 -65.52 26.36
N PHE D 1082 40.71 -64.75 25.36
CA PHE D 1082 40.47 -65.27 24.02
C PHE D 1082 41.68 -65.15 23.10
N SER D 1083 42.89 -65.13 23.68
CA SER D 1083 44.12 -65.06 22.88
C SER D 1083 45.18 -66.01 23.44
N GLN D 1084 44.76 -67.12 24.05
CA GLN D 1084 45.72 -68.05 24.64
C GLN D 1084 46.63 -68.64 23.58
N ARG D 1085 46.05 -69.07 22.45
CA ARG D 1085 46.84 -69.70 21.40
C ARG D 1085 47.84 -68.73 20.80
N GLN D 1086 47.39 -67.50 20.49
CA GLN D 1086 48.30 -66.52 19.90
C GLN D 1086 49.42 -66.17 20.87
N GLU D 1087 49.07 -65.92 22.14
CA GLU D 1087 50.08 -65.61 23.15
C GLU D 1087 51.01 -66.79 23.37
N ALA D 1088 50.46 -68.01 23.37
CA ALA D 1088 51.31 -69.19 23.54
C ALA D 1088 52.32 -69.30 22.41
N MET D 1089 51.87 -69.11 21.16
CA MET D 1089 52.79 -69.16 20.03
C MET D 1089 53.83 -68.05 20.12
N HIS D 1090 53.40 -66.84 20.48
CA HIS D 1090 54.34 -65.74 20.57
C HIS D 1090 55.41 -66.01 21.62
N THR D 1091 55.03 -66.55 22.77
CA THR D 1091 56.01 -66.87 23.80
C THR D 1091 56.89 -68.05 23.41
N PHE D 1092 56.33 -69.03 22.70
CA PHE D 1092 57.12 -70.18 22.26
C PHE D 1092 58.15 -69.77 21.22
N LYS D 1093 57.85 -68.74 20.43
CA LYS D 1093 58.80 -68.27 19.43
C LYS D 1093 60.05 -67.64 20.05
N GLN D 1094 60.04 -67.38 21.36
CA GLN D 1094 61.17 -66.74 22.03
C GLN D 1094 61.77 -67.64 23.09
N VAL D 1095 61.96 -68.92 22.75
CA VAL D 1095 62.49 -69.91 23.67
C VAL D 1095 63.92 -70.27 23.25
N GLN D 1096 64.83 -70.25 24.20
CA GLN D 1096 66.23 -70.60 23.97
C GLN D 1096 66.53 -71.92 24.67
N LEU D 1097 67.28 -72.79 24.00
CA LEU D 1097 67.53 -74.14 24.52
C LEU D 1097 68.90 -74.29 25.16
N LEU D 1098 69.90 -73.53 24.72
CA LEU D 1098 71.25 -73.59 25.28
C LEU D 1098 71.76 -75.03 25.32
N ILE D 1099 71.80 -75.64 24.14
CA ILE D 1099 72.18 -77.05 24.04
C ILE D 1099 73.68 -77.26 24.26
N SER D 1100 74.52 -76.36 23.77
CA SER D 1100 75.96 -76.56 23.84
C SER D 1100 76.46 -76.56 25.27
N ALA D 1101 77.53 -77.30 25.51
CA ALA D 1101 78.15 -77.32 26.84
C ALA D 1101 78.69 -75.94 27.21
N GLN D 1102 79.27 -75.24 26.24
CA GLN D 1102 79.72 -73.87 26.50
C GLN D 1102 78.54 -72.98 26.87
N ASP D 1103 77.40 -73.15 26.19
CA ASP D 1103 76.21 -72.38 26.52
C ASP D 1103 75.75 -72.70 27.94
N VAL D 1104 75.77 -73.97 28.34
CA VAL D 1104 75.35 -74.35 29.68
C VAL D 1104 76.28 -73.73 30.72
N GLU D 1105 77.60 -73.77 30.46
CA GLU D 1105 78.55 -73.18 31.39
C GLU D 1105 78.32 -71.68 31.52
N ASN D 1106 78.10 -71.00 30.39
CA ASN D 1106 77.83 -69.57 30.43
C ASN D 1106 76.54 -69.28 31.19
N TYR D 1107 75.52 -70.11 31.00
CA TYR D 1107 74.27 -69.93 31.73
C TYR D 1107 74.48 -70.05 33.23
N LYS D 1108 75.23 -71.08 33.66
CA LYS D 1108 75.49 -71.25 35.08
C LYS D 1108 76.27 -70.08 35.65
N VAL D 1109 77.31 -69.63 34.93
CA VAL D 1109 78.12 -68.52 35.41
C VAL D 1109 77.28 -67.27 35.52
N ILE D 1110 76.46 -66.99 34.49
CA ILE D 1110 75.62 -65.81 34.51
C ILE D 1110 74.63 -65.86 35.66
N LYS D 1111 74.02 -67.02 35.89
CA LYS D 1111 73.07 -67.15 36.99
C LYS D 1111 73.76 -66.85 38.32
N SER D 1112 74.92 -67.46 38.56
CA SER D 1112 75.61 -67.25 39.83
C SER D 1112 76.00 -65.80 40.01
N GLU D 1113 76.59 -65.18 38.98
CA GLU D 1113 77.04 -63.80 39.09
C GLU D 1113 75.86 -62.86 39.29
N LEU D 1114 74.77 -63.07 38.57
CA LEU D 1114 73.60 -62.21 38.74
C LEU D 1114 73.00 -62.35 40.13
N ASP D 1115 72.94 -63.58 40.65
CA ASP D 1115 72.42 -63.78 42.00
C ASP D 1115 73.30 -63.04 43.03
N ARG D 1116 74.62 -63.19 42.92
CA ARG D 1116 75.50 -62.52 43.86
C ARG D 1116 75.38 -61.00 43.75
N LEU D 1117 75.34 -60.48 42.52
CA LEU D 1117 75.24 -59.03 42.34
C LEU D 1117 73.91 -58.50 42.88
N ARG D 1118 72.82 -59.23 42.63
CA ARG D 1118 71.52 -58.78 43.12
C ARG D 1118 71.47 -58.80 44.64
N THR D 1119 72.03 -59.83 45.26
CA THR D 1119 72.09 -59.85 46.72
C THR D 1119 72.92 -58.68 47.25
N MET D 1120 74.05 -58.40 46.61
CA MET D 1120 74.88 -57.28 47.06
C MET D 1120 74.14 -55.96 46.91
N VAL D 1121 73.41 -55.78 45.81
CA VAL D 1121 72.64 -54.55 45.62
C VAL D 1121 71.52 -54.46 46.66
N GLU D 1122 70.83 -55.56 46.93
CA GLU D 1122 69.78 -55.56 47.94
C GLU D 1122 70.33 -55.16 49.31
N LYS D 1123 71.49 -55.70 49.67
CA LYS D 1123 72.17 -55.31 50.90
C LYS D 1123 73.09 -54.11 50.66
N SER D 1124 72.54 -53.07 50.04
CA SER D 1124 73.34 -51.93 49.61
C SER D 1124 73.72 -51.03 50.79
N GLU D 1125 72.76 -50.75 51.68
CA GLU D 1125 72.95 -49.70 52.68
C GLU D 1125 74.15 -49.95 53.58
N LEU D 1126 74.57 -51.21 53.71
CA LEU D 1126 75.65 -51.57 54.62
C LEU D 1126 77.03 -51.47 53.98
N TRP D 1127 77.11 -51.17 52.68
CA TRP D 1127 78.42 -51.01 52.04
C TRP D 1127 78.49 -49.85 51.05
N VAL D 1128 77.39 -49.13 50.80
CA VAL D 1128 77.47 -47.97 49.91
C VAL D 1128 78.43 -46.94 50.47
N ASP D 1129 78.36 -46.68 51.78
CA ASP D 1129 79.22 -45.69 52.42
C ASP D 1129 80.51 -46.34 52.90
N SER D 1166 86.23 -51.83 52.21
CA SER D 1166 85.33 -52.98 52.31
C SER D 1166 85.44 -53.86 51.06
N GLU D 1167 85.38 -55.16 51.27
CA GLU D 1167 85.47 -56.11 50.16
C GLU D 1167 84.28 -56.07 49.23
N ASN D 1168 83.19 -55.39 49.62
CA ASN D 1168 82.02 -55.33 48.75
C ASN D 1168 82.33 -54.62 47.45
N TYR D 1169 83.08 -53.51 47.50
CA TYR D 1169 83.45 -52.81 46.29
C TYR D 1169 84.29 -53.68 45.37
N GLN D 1170 85.27 -54.40 45.96
CA GLN D 1170 86.11 -55.28 45.15
C GLN D 1170 85.28 -56.40 44.52
N ILE D 1171 84.36 -56.98 45.29
CA ILE D 1171 83.52 -58.04 44.75
C ILE D 1171 82.67 -57.52 43.59
N VAL D 1172 82.08 -56.35 43.78
CA VAL D 1172 81.23 -55.77 42.73
C VAL D 1172 82.06 -55.49 41.47
N LYS D 1173 83.26 -54.91 41.65
CA LYS D 1173 84.09 -54.61 40.51
C LYS D 1173 84.49 -55.88 39.76
N GLY D 1174 84.87 -56.93 40.50
CA GLY D 1174 85.21 -58.19 39.87
C GLY D 1174 84.04 -58.79 39.12
N ILE D 1175 82.85 -58.74 39.71
CA ILE D 1175 81.66 -59.28 39.05
C ILE D 1175 81.39 -58.52 37.76
N LEU D 1176 81.47 -57.18 37.81
CA LEU D 1176 81.23 -56.38 36.62
C LEU D 1176 82.24 -56.67 35.53
N GLU D 1177 83.53 -56.77 35.90
CA GLU D 1177 84.55 -57.07 34.91
C GLU D 1177 84.33 -58.45 34.29
N ARG D 1178 83.98 -59.43 35.11
CA ARG D 1178 83.74 -60.78 34.60
C ARG D 1178 82.54 -60.80 33.65
N LEU D 1179 81.48 -60.07 33.99
CA LEU D 1179 80.32 -60.00 33.10
C LEU D 1179 80.68 -59.31 31.78
N ASN D 1180 81.48 -58.23 31.85
CA ASN D 1180 81.89 -57.56 30.62
C ASN D 1180 82.72 -58.50 29.74
N LYS D 1181 83.64 -59.25 30.33
CA LYS D 1181 84.40 -60.23 29.55
C LYS D 1181 83.49 -61.31 28.98
N MET D 1182 82.54 -61.80 29.77
CA MET D 1182 81.63 -62.84 29.30
C MET D 1182 80.78 -62.36 28.14
N CYS D 1183 80.45 -61.07 28.10
CA CYS D 1183 79.61 -60.56 27.03
C CYS D 1183 80.19 -60.93 25.66
N GLY D 1184 81.52 -60.95 25.55
CA GLY D 1184 82.18 -61.45 24.36
C GLY D 1184 82.41 -60.38 23.31
N VAL D 1185 83.28 -60.73 22.36
CA VAL D 1185 83.60 -59.88 21.22
C VAL D 1185 83.43 -60.70 19.95
N GLY D 1186 82.75 -60.13 18.96
CA GLY D 1186 82.51 -60.83 17.70
C GLY D 1186 81.02 -61.06 17.49
N GLU D 1187 80.53 -60.63 16.32
CA GLU D 1187 79.11 -60.74 16.02
C GLU D 1187 78.64 -62.19 15.94
N GLN D 1188 79.57 -63.14 15.79
CA GLN D 1188 79.16 -64.54 15.67
C GLN D 1188 78.46 -65.02 16.93
N MET D 1189 78.94 -64.60 18.11
CA MET D 1189 78.33 -64.98 19.38
C MET D 1189 77.83 -63.79 20.17
N ARG D 1190 78.02 -62.56 19.69
CA ARG D 1190 77.53 -61.39 20.41
C ARG D 1190 76.01 -61.42 20.52
N LYS D 1191 75.32 -61.79 19.44
CA LYS D 1191 73.86 -61.88 19.50
C LYS D 1191 73.42 -62.95 20.49
N LYS D 1192 74.09 -64.10 20.49
CA LYS D 1192 73.75 -65.15 21.44
C LYS D 1192 73.93 -64.68 22.88
N GLN D 1193 75.05 -64.03 23.16
CA GLN D 1193 75.30 -63.55 24.51
C GLN D 1193 74.28 -62.50 24.93
N GLN D 1194 73.94 -61.58 24.02
CA GLN D 1194 72.94 -60.57 24.34
C GLN D 1194 71.58 -61.19 24.60
N ARG D 1195 71.19 -62.18 23.79
CA ARG D 1195 69.91 -62.86 24.01
C ARG D 1195 69.91 -63.59 25.34
N LEU D 1196 71.02 -64.25 25.68
CA LEU D 1196 71.10 -64.94 26.96
C LEU D 1196 70.98 -63.96 28.12
N LEU D 1197 71.65 -62.81 28.02
CA LEU D 1197 71.55 -61.81 29.06
C LEU D 1197 70.12 -61.27 29.17
N LYS D 1198 69.47 -61.04 28.04
CA LYS D 1198 68.08 -60.58 28.06
C LYS D 1198 67.18 -61.60 28.73
N ASN D 1199 67.36 -62.88 28.42
CA ASN D 1199 66.57 -63.93 29.07
C ASN D 1199 66.87 -64.05 30.55
N MET D 1200 68.12 -63.82 30.96
CA MET D 1200 68.50 -63.86 32.37
C MET D 1200 68.13 -62.58 33.11
N ASP D 1201 67.70 -61.54 32.39
CA ASP D 1201 67.23 -60.30 33.01
C ASP D 1201 68.36 -59.59 33.78
N ALA D 1202 69.51 -59.45 33.12
CA ALA D 1202 70.60 -58.69 33.73
C ALA D 1202 70.35 -57.19 33.64
N HIS D 1203 69.57 -56.75 32.65
CA HIS D 1203 69.33 -55.32 32.48
C HIS D 1203 68.64 -54.72 33.69
N LYS D 1204 67.69 -55.45 34.27
CA LYS D 1204 67.01 -54.95 35.47
C LYS D 1204 67.99 -54.79 36.63
N VAL D 1205 68.89 -55.75 36.81
CA VAL D 1205 69.89 -55.65 37.87
C VAL D 1205 70.80 -54.46 37.64
N MET D 1206 71.22 -54.25 36.39
CA MET D 1206 72.09 -53.12 36.10
C MET D 1206 71.37 -51.80 36.34
N LEU D 1207 70.08 -51.72 35.96
CA LEU D 1207 69.32 -50.50 36.22
C LEU D 1207 69.17 -50.24 37.71
N ASP D 1208 68.93 -51.29 38.49
CA ASP D 1208 68.86 -51.13 39.95
C ASP D 1208 70.20 -50.65 40.50
N LEU D 1209 71.30 -51.22 40.01
CA LEU D 1209 72.62 -50.78 40.46
C LEU D 1209 72.86 -49.32 40.11
N LEU D 1210 72.44 -48.90 38.91
CA LEU D 1210 72.54 -47.48 38.57
C LEU D 1210 71.69 -46.61 39.49
N GLN D 1211 70.49 -47.09 39.84
CA GLN D 1211 69.61 -46.37 40.76
C GLN D 1211 70.05 -46.45 42.21
N ILE D 1212 71.08 -47.23 42.51
CA ILE D 1212 71.55 -47.35 43.89
C ILE D 1212 71.94 -45.97 44.42
N PRO D 1213 71.50 -45.58 45.62
CA PRO D 1213 71.95 -44.29 46.16
C PRO D 1213 73.44 -44.30 46.48
N TYR D 1214 74.05 -43.13 46.39
CA TYR D 1214 75.47 -42.99 46.70
C TYR D 1214 75.76 -41.52 46.96
N ASP D 1215 76.95 -41.26 47.48
CA ASP D 1215 77.43 -39.91 47.76
C ASP D 1215 78.58 -39.58 46.83
N LYS D 1216 78.55 -38.38 46.26
CA LYS D 1216 79.60 -37.96 45.34
C LYS D 1216 80.95 -37.91 46.05
N GLY D 1217 81.99 -38.36 45.35
CA GLY D 1217 83.33 -38.33 45.87
C GLY D 1217 84.00 -39.69 45.94
N ASP D 1218 83.21 -40.75 45.79
CA ASP D 1218 83.72 -42.12 45.90
C ASP D 1218 84.25 -42.55 44.54
N ALA D 1219 85.58 -42.65 44.42
CA ALA D 1219 86.19 -43.07 43.16
C ALA D 1219 85.80 -44.51 42.83
N LYS D 1220 85.74 -45.38 43.83
CA LYS D 1220 85.34 -46.76 43.59
C LYS D 1220 83.90 -46.84 43.11
N MET D 1221 83.01 -46.04 43.71
CA MET D 1221 81.63 -45.99 43.25
C MET D 1221 81.55 -45.50 41.81
N MET D 1222 82.33 -44.46 41.48
CA MET D 1222 82.35 -43.99 40.10
C MET D 1222 82.85 -45.06 39.14
N GLU D 1223 83.86 -45.82 39.56
CA GLU D 1223 84.39 -46.88 38.71
C GLU D 1223 83.34 -47.95 38.45
N ILE D 1224 82.63 -48.37 39.49
CA ILE D 1224 81.61 -49.41 39.29
C ILE D 1224 80.46 -48.87 38.44
N LEU D 1225 80.11 -47.60 38.63
CA LEU D 1225 79.08 -47.00 37.77
C LEU D 1225 79.53 -46.97 36.32
N ARG D 1226 80.80 -46.65 36.07
CA ARG D 1226 81.32 -46.65 34.71
C ARG D 1226 81.28 -48.07 34.13
N TYR D 1227 81.63 -49.07 34.94
CA TYR D 1227 81.57 -50.45 34.45
C TYR D 1227 80.15 -50.84 34.09
N THR D 1228 79.18 -50.46 34.93
CA THR D 1228 77.78 -50.76 34.62
C THR D 1228 77.33 -50.06 33.34
N HIS D 1229 77.74 -48.81 33.16
CA HIS D 1229 77.38 -48.10 31.94
C HIS D 1229 77.98 -48.77 30.71
N GLN D 1230 79.25 -49.19 30.80
CA GLN D 1230 79.87 -49.89 29.69
C GLN D 1230 79.16 -51.20 29.40
N PHE D 1231 78.77 -51.93 30.45
CA PHE D 1231 78.04 -53.18 30.24
C PHE D 1231 76.71 -52.91 29.54
N LEU D 1232 75.98 -51.88 29.96
CA LEU D 1232 74.72 -51.55 29.30
C LEU D 1232 74.95 -51.17 27.84
N GLN D 1233 75.99 -50.39 27.56
CA GLN D 1233 76.28 -49.99 26.19
C GLN D 1233 76.59 -51.22 25.33
N LYS D 1234 77.39 -52.14 25.85
CA LYS D 1234 77.70 -53.35 25.09
C LYS D 1234 76.48 -54.24 24.92
N PHE D 1235 75.61 -54.28 25.93
CA PHE D 1235 74.37 -55.06 25.82
C PHE D 1235 73.47 -54.48 24.73
N CYS D 1236 73.36 -53.16 24.65
CA CYS D 1236 72.59 -52.50 23.60
C CYS D 1236 73.54 -52.15 22.46
N ALA D 1237 73.93 -53.17 21.70
CA ALA D 1237 74.86 -53.02 20.57
C ALA D 1237 74.33 -53.87 19.42
N GLY D 1238 73.63 -53.23 18.48
CA GLY D 1238 73.11 -53.91 17.32
C GLY D 1238 71.87 -54.74 17.56
N ASN D 1239 71.28 -54.67 18.75
CA ASN D 1239 70.07 -55.43 19.09
C ASN D 1239 68.91 -54.46 19.25
N PRO D 1240 68.00 -54.38 18.27
CA PRO D 1240 66.85 -53.47 18.44
C PRO D 1240 65.99 -53.81 19.64
N GLY D 1241 65.85 -55.09 19.98
CA GLY D 1241 65.08 -55.46 21.16
C GLY D 1241 65.69 -54.91 22.43
N ASN D 1242 67.01 -55.09 22.58
CA ASN D 1242 67.69 -54.55 23.76
C ASN D 1242 67.64 -53.03 23.79
N GLN D 1243 67.78 -52.39 22.62
CA GLN D 1243 67.70 -50.95 22.56
C GLN D 1243 66.33 -50.46 23.01
N ALA D 1244 65.26 -51.13 22.55
CA ALA D 1244 63.92 -50.76 22.98
C ALA D 1244 63.72 -51.00 24.46
N LEU D 1245 64.24 -52.11 24.98
CA LEU D 1245 64.11 -52.40 26.40
C LEU D 1245 64.77 -51.30 27.23
N LEU D 1246 65.97 -50.88 26.85
CA LEU D 1246 66.64 -49.81 27.58
C LEU D 1246 65.93 -48.48 27.41
N HIS D 1247 65.43 -48.20 26.21
CA HIS D 1247 64.71 -46.95 25.98
C HIS D 1247 63.44 -46.89 26.81
N LYS D 1248 62.84 -48.05 27.11
CA LYS D 1248 61.63 -48.06 27.92
C LYS D 1248 61.88 -47.49 29.31
N HIS D 1249 63.13 -47.42 29.75
CA HIS D 1249 63.52 -46.82 31.03
C HIS D 1249 64.39 -45.60 30.79
N LEU D 1250 64.02 -44.77 29.80
CA LEU D 1250 64.87 -43.65 29.39
C LEU D 1250 65.01 -42.60 30.49
N HIS D 1251 64.02 -42.49 31.39
CA HIS D 1251 64.04 -41.40 32.35
C HIS D 1251 65.29 -41.43 33.22
N LEU D 1252 65.89 -42.61 33.43
CA LEU D 1252 67.09 -42.71 34.24
C LEU D 1252 68.25 -41.94 33.61
N PHE D 1253 68.39 -42.02 32.28
CA PHE D 1253 69.53 -41.42 31.59
C PHE D 1253 69.33 -39.95 31.26
N LEU D 1254 68.17 -39.37 31.58
CA LEU D 1254 67.92 -37.96 31.33
C LEU D 1254 68.46 -37.11 32.48
N THR D 1255 69.77 -37.23 32.69
CA THR D 1255 70.49 -36.47 33.69
C THR D 1255 71.85 -36.09 33.13
N PRO D 1256 72.43 -34.97 33.55
CA PRO D 1256 73.74 -34.59 33.03
C PRO D 1256 74.80 -35.65 33.33
N GLY D 1257 75.71 -35.84 32.39
CA GLY D 1257 76.77 -36.81 32.53
C GLY D 1257 77.25 -37.38 31.22
N LEU D 1258 78.58 -37.45 31.05
CA LEU D 1258 79.15 -37.98 29.82
C LEU D 1258 78.82 -39.46 29.66
N LEU D 1259 78.84 -40.22 30.76
CA LEU D 1259 78.48 -41.64 30.68
C LEU D 1259 77.03 -41.80 30.23
N GLU D 1260 76.13 -40.98 30.77
CA GLU D 1260 74.73 -41.05 30.36
C GLU D 1260 74.57 -40.66 28.90
N ALA D 1261 75.31 -39.64 28.45
CA ALA D 1261 75.24 -39.25 27.05
C ALA D 1261 75.72 -40.38 26.14
N GLU D 1262 76.81 -41.05 26.52
CA GLU D 1262 77.30 -42.17 25.73
C GLU D 1262 76.29 -43.31 25.72
N THR D 1263 75.66 -43.58 26.86
CA THR D 1263 74.65 -44.63 26.90
C THR D 1263 73.47 -44.30 25.99
N MET D 1264 73.03 -43.04 26.01
CA MET D 1264 71.95 -42.63 25.11
C MET D 1264 72.37 -42.79 23.65
N GLN D 1265 73.61 -42.40 23.33
CA GLN D 1265 74.09 -42.55 21.96
C GLN D 1265 74.08 -44.02 21.54
N HIS D 1266 74.55 -44.92 22.41
CA HIS D 1266 74.55 -46.33 22.08
C HIS D 1266 73.12 -46.86 21.92
N ILE D 1267 72.21 -46.41 22.79
CA ILE D 1267 70.82 -46.87 22.70
C ILE D 1267 70.19 -46.43 21.39
N PHE D 1268 70.42 -45.20 20.98
CA PHE D 1268 69.82 -44.66 19.76
C PHE D 1268 70.66 -44.92 18.51
N LEU D 1269 71.79 -45.61 18.64
CA LEU D 1269 72.65 -45.83 17.49
C LEU D 1269 72.03 -46.85 16.54
N ASN D 1270 71.97 -46.48 15.25
CA ASN D 1270 71.56 -47.39 14.19
C ASN D 1270 70.19 -48.01 14.50
N ASN D 1271 69.25 -47.18 14.92
CA ASN D 1271 67.89 -47.61 15.22
C ASN D 1271 66.93 -46.57 14.64
N TYR D 1272 66.49 -46.80 13.40
CA TYR D 1272 65.63 -45.84 12.73
C TYR D 1272 64.30 -45.68 13.47
N GLN D 1273 63.76 -46.78 13.99
CA GLN D 1273 62.48 -46.73 14.68
C GLN D 1273 62.49 -45.70 15.80
N LEU D 1274 63.50 -45.75 16.66
CA LEU D 1274 63.58 -44.80 17.76
C LEU D 1274 64.06 -43.43 17.29
N CYS D 1275 64.96 -43.39 16.30
CA CYS D 1275 65.48 -42.10 15.84
C CYS D 1275 64.37 -41.24 15.25
N SER D 1276 63.49 -41.84 14.46
CA SER D 1276 62.40 -41.07 13.84
C SER D 1276 61.35 -40.65 14.85
N GLU D 1277 61.17 -41.40 15.94
CA GLU D 1277 60.17 -41.10 16.95
C GLU D 1277 60.75 -40.45 18.18
N ILE D 1278 62.01 -40.02 18.13
CA ILE D 1278 62.62 -39.34 19.26
C ILE D 1278 61.77 -38.14 19.66
N SER D 1279 61.66 -37.90 20.96
CA SER D 1279 60.76 -36.87 21.46
C SER D 1279 61.48 -35.53 21.59
N GLU D 1280 60.74 -34.45 21.34
CA GLU D 1280 61.29 -33.11 21.44
C GLU D 1280 61.92 -32.81 22.79
N PRO D 1281 61.36 -33.23 23.92
CA PRO D 1281 62.00 -32.93 25.22
C PRO D 1281 63.41 -33.46 25.33
N VAL D 1282 63.74 -34.61 24.72
CA VAL D 1282 65.10 -35.13 24.80
C VAL D 1282 66.06 -34.17 24.11
N LEU D 1283 65.72 -33.73 22.90
CA LEU D 1283 66.57 -32.78 22.19
C LEU D 1283 66.67 -31.47 22.95
N GLN D 1284 65.56 -31.00 23.52
CA GLN D 1284 65.62 -29.76 24.30
C GLN D 1284 66.54 -29.92 25.50
N HIS D 1285 66.48 -31.06 26.18
CA HIS D 1285 67.37 -31.31 27.31
C HIS D 1285 68.82 -31.33 26.89
N PHE D 1286 69.12 -31.99 25.77
CA PHE D 1286 70.50 -32.03 25.29
C PHE D 1286 71.00 -30.63 24.94
N VAL D 1287 70.17 -29.82 24.28
CA VAL D 1287 70.58 -28.46 23.92
C VAL D 1287 70.77 -27.62 25.18
N HIS D 1288 69.89 -27.78 26.17
CA HIS D 1288 70.04 -27.04 27.42
C HIS D 1288 71.33 -27.42 28.12
N LEU D 1289 71.66 -28.72 28.14
CA LEU D 1289 72.92 -29.15 28.74
C LEU D 1289 74.11 -28.53 28.00
N LEU D 1290 74.06 -28.54 26.67
CA LEU D 1290 75.14 -27.91 25.91
C LEU D 1290 75.28 -26.44 26.26
N ALA D 1291 74.16 -25.74 26.39
CA ALA D 1291 74.20 -24.31 26.65
C ALA D 1291 74.72 -24.01 28.04
N THR D 1292 74.29 -24.78 29.04
CA THR D 1292 74.58 -24.48 30.44
C THR D 1292 75.86 -25.14 30.93
N HIS D 1293 75.90 -26.47 30.92
CA HIS D 1293 77.04 -27.19 31.49
C HIS D 1293 78.33 -26.85 30.75
N GLY D 1294 78.28 -26.83 29.43
CA GLY D 1294 79.45 -26.51 28.65
C GLY D 1294 79.36 -27.13 27.26
N ARG D 1295 80.45 -26.98 26.52
CA ARG D 1295 80.55 -27.48 25.15
C ARG D 1295 81.32 -28.80 25.19
N HIS D 1296 80.58 -29.91 25.16
CA HIS D 1296 81.14 -31.24 25.18
C HIS D 1296 80.78 -31.98 23.89
N VAL D 1297 81.71 -32.79 23.40
CA VAL D 1297 81.51 -33.47 22.12
C VAL D 1297 80.49 -34.59 22.22
N GLN D 1298 80.18 -35.07 23.42
CA GLN D 1298 79.24 -36.16 23.58
C GLN D 1298 77.85 -35.79 23.08
N TYR D 1299 77.40 -34.58 23.41
CA TYR D 1299 76.08 -34.14 22.97
C TYR D 1299 76.02 -34.02 21.45
N LEU D 1300 77.08 -33.49 20.84
CA LEU D 1300 77.10 -33.37 19.39
C LEU D 1300 77.10 -34.75 18.74
N ASP D 1301 77.85 -35.70 19.32
CA ASP D 1301 77.85 -37.06 18.78
C ASP D 1301 76.46 -37.68 18.88
N PHE D 1302 75.78 -37.48 20.01
CA PHE D 1302 74.42 -38.00 20.14
C PHE D 1302 73.49 -37.37 19.12
N LEU D 1303 73.62 -36.05 18.91
CA LEU D 1303 72.77 -35.38 17.93
C LEU D 1303 73.02 -35.92 16.53
N HIS D 1304 74.29 -36.13 16.17
CA HIS D 1304 74.60 -36.67 14.85
C HIS D 1304 74.06 -38.08 14.70
N THR D 1305 74.17 -38.90 15.75
CA THR D 1305 73.63 -40.25 15.70
C THR D 1305 72.12 -40.23 15.52
N VAL D 1306 71.44 -39.32 16.22
CA VAL D 1306 69.99 -39.20 16.06
C VAL D 1306 69.66 -38.76 14.64
N ILE D 1307 70.43 -37.82 14.09
CA ILE D 1307 70.15 -37.32 12.75
C ILE D 1307 70.28 -38.43 11.72
N LYS D 1308 71.38 -39.18 11.79
CA LYS D 1308 71.67 -40.23 10.82
C LYS D 1308 71.63 -41.59 11.50
N ALA D 1309 70.79 -42.48 10.96
CA ALA D 1309 70.66 -43.84 11.47
C ALA D 1309 70.23 -44.74 10.33
N GLU D 1310 70.93 -45.86 10.15
CA GLU D 1310 70.63 -46.81 9.09
C GLU D 1310 70.63 -46.12 7.73
N GLY D 1311 71.56 -45.21 7.53
CA GLY D 1311 71.68 -44.50 6.25
C GLY D 1311 70.68 -43.41 6.01
N LYS D 1312 69.39 -43.72 6.10
CA LYS D 1312 68.36 -42.74 5.83
C LYS D 1312 68.41 -41.60 6.84
N TYR D 1313 68.21 -40.38 6.34
CA TYR D 1313 68.20 -39.19 7.18
C TYR D 1313 66.79 -38.93 7.70
N VAL D 1314 66.71 -38.32 8.88
CA VAL D 1314 65.44 -38.00 9.51
C VAL D 1314 65.22 -36.49 9.36
N LYS D 1315 64.27 -36.12 8.48
CA LYS D 1315 64.00 -34.71 8.23
C LYS D 1315 63.52 -34.00 9.49
N LYS D 1316 62.63 -34.64 10.25
CA LYS D 1316 62.12 -34.02 11.46
C LYS D 1316 63.24 -33.72 12.44
N CYS D 1317 64.10 -34.70 12.70
CA CYS D 1317 65.22 -34.49 13.61
C CYS D 1317 66.16 -33.43 13.11
N GLN D 1318 66.48 -33.46 11.80
CA GLN D 1318 67.38 -32.46 11.24
C GLN D 1318 66.81 -31.05 11.45
N ASP D 1319 65.56 -30.84 11.08
CA ASP D 1319 64.96 -29.52 11.20
C ASP D 1319 64.89 -29.07 12.65
N MET D 1320 64.47 -29.98 13.55
CA MET D 1320 64.34 -29.62 14.96
C MET D 1320 65.69 -29.25 15.56
N ILE D 1321 66.72 -30.04 15.27
CA ILE D 1321 68.04 -29.76 15.81
C ILE D 1321 68.57 -28.44 15.25
N MET D 1322 68.39 -28.20 13.95
CA MET D 1322 68.87 -26.95 13.37
C MET D 1322 68.17 -25.76 14.01
N THR D 1323 66.85 -25.86 14.19
CA THR D 1323 66.12 -24.75 14.81
C THR D 1323 66.59 -24.52 16.24
N GLU D 1324 66.78 -25.59 17.01
CA GLU D 1324 67.24 -25.44 18.39
C GLU D 1324 68.63 -24.80 18.43
N LEU D 1325 69.53 -25.23 17.56
CA LEU D 1325 70.87 -24.64 17.52
C LEU D 1325 70.80 -23.16 17.14
N THR D 1326 69.96 -22.82 16.16
CA THR D 1326 69.82 -21.42 15.78
C THR D 1326 69.28 -20.58 16.93
N ASN D 1327 68.30 -21.10 17.65
CA ASN D 1327 67.68 -20.35 18.75
C ASN D 1327 68.58 -20.28 19.98
N ALA D 1328 69.47 -21.24 20.18
CA ALA D 1328 70.32 -21.23 21.37
C ALA D 1328 71.22 -20.00 21.40
N GLY D 1329 71.83 -19.67 20.26
CA GLY D 1329 72.70 -18.51 20.19
C GLY D 1329 74.12 -18.87 19.83
N ASP D 1330 75.07 -18.01 20.21
CA ASP D 1330 76.48 -18.21 19.90
C ASP D 1330 77.24 -18.90 21.03
N ASP D 1331 76.57 -19.25 22.13
CA ASP D 1331 77.26 -19.92 23.23
C ASP D 1331 77.48 -21.40 22.97
N VAL D 1332 76.79 -21.98 21.98
CA VAL D 1332 76.95 -23.39 21.65
C VAL D 1332 77.44 -23.49 20.20
N VAL D 1333 77.08 -22.50 19.39
CA VAL D 1333 77.50 -22.44 17.99
C VAL D 1333 78.62 -21.42 17.92
N VAL D 1334 79.85 -21.90 17.98
CA VAL D 1334 81.05 -21.06 17.96
C VAL D 1334 81.75 -21.26 16.62
N PHE D 1335 82.03 -20.16 15.93
CA PHE D 1335 82.75 -20.19 14.66
C PHE D 1335 83.87 -19.17 14.69
N TYR D 1336 85.00 -19.53 14.09
CA TYR D 1336 86.19 -18.67 14.07
C TYR D 1336 86.25 -17.96 12.73
N ASN D 1337 85.63 -16.78 12.68
CA ASN D 1337 85.61 -15.96 11.47
C ASN D 1337 86.40 -14.68 11.58
N ASP D 1338 86.45 -14.06 12.75
CA ASP D 1338 87.22 -12.85 12.95
C ASP D 1338 88.72 -13.17 12.87
N LYS D 1339 89.53 -12.12 12.81
CA LYS D 1339 90.97 -12.31 12.69
C LYS D 1339 91.55 -13.01 13.91
N ALA D 1340 91.15 -12.55 15.11
CA ALA D 1340 91.66 -13.16 16.34
C ALA D 1340 91.20 -14.62 16.46
N SER D 1341 89.93 -14.88 16.14
CA SER D 1341 89.43 -16.25 16.21
C SER D 1341 90.14 -17.15 15.21
N LEU D 1342 90.40 -16.64 14.01
CA LEU D 1342 91.13 -17.42 13.01
C LEU D 1342 92.54 -17.71 13.48
N ALA D 1343 93.21 -16.72 14.09
CA ALA D 1343 94.54 -16.95 14.63
C ALA D 1343 94.52 -18.01 15.72
N HIS D 1344 93.52 -17.96 16.61
CA HIS D 1344 93.40 -18.96 17.65
C HIS D 1344 93.18 -20.35 17.07
N LEU D 1345 92.33 -20.44 16.03
CA LEU D 1345 92.09 -21.72 15.38
C LEU D 1345 93.37 -22.25 14.74
N LEU D 1346 94.14 -21.38 14.09
CA LEU D 1346 95.41 -21.80 13.50
C LEU D 1346 96.36 -22.30 14.58
N ASP D 1347 96.42 -21.61 15.71
CA ASP D 1347 97.29 -22.05 16.80
C ASP D 1347 96.86 -23.42 17.32
N MET D 1348 95.56 -23.62 17.47
CA MET D 1348 95.06 -24.91 17.95
C MET D 1348 95.39 -26.03 16.96
N MET D 1349 95.21 -25.77 15.66
CA MET D 1349 95.53 -26.79 14.66
C MET D 1349 97.02 -27.09 14.64
N LYS D 1350 97.86 -26.06 14.78
CA LYS D 1350 99.30 -26.28 14.84
C LYS D 1350 99.67 -27.12 16.06
N ALA D 1351 99.05 -26.84 17.21
CA ALA D 1351 99.31 -27.65 18.40
C ALA D 1351 98.86 -29.09 18.20
N ALA D 1352 97.72 -29.30 17.53
CA ALA D 1352 97.17 -30.62 17.29
C ALA D 1352 97.68 -31.22 15.98
N ARG D 1353 98.85 -30.78 15.51
CA ARG D 1353 99.39 -31.29 14.26
C ARG D 1353 99.65 -32.78 14.35
N ASP D 1354 100.25 -33.24 15.45
CA ASP D 1354 100.49 -34.67 15.62
C ASP D 1354 99.17 -35.44 15.71
N GLY D 1355 98.20 -34.89 16.43
CA GLY D 1355 96.91 -35.54 16.57
C GLY D 1355 95.95 -34.63 17.30
N VAL D 1356 94.69 -35.07 17.37
CA VAL D 1356 93.61 -34.33 18.00
C VAL D 1356 93.13 -35.11 19.21
N GLU D 1357 93.06 -34.45 20.36
CA GLU D 1357 92.57 -35.09 21.57
C GLU D 1357 91.09 -35.41 21.44
N ASP D 1358 90.66 -36.46 22.15
CA ASP D 1358 89.27 -36.88 22.08
C ASP D 1358 88.34 -35.77 22.55
N HIS D 1359 88.69 -35.11 23.65
CA HIS D 1359 87.93 -33.98 24.18
C HIS D 1359 88.77 -32.73 24.00
N SER D 1360 88.41 -31.90 23.03
CA SER D 1360 89.15 -30.68 22.74
C SER D 1360 88.22 -29.70 22.03
N PRO D 1361 88.49 -28.40 22.14
CA PRO D 1361 87.69 -27.43 21.38
C PRO D 1361 87.76 -27.66 19.87
N LEU D 1362 88.91 -28.08 19.35
CA LEU D 1362 89.00 -28.39 17.93
C LEU D 1362 88.06 -29.54 17.57
N MET D 1363 88.04 -30.59 18.39
CA MET D 1363 87.12 -31.70 18.14
C MET D 1363 85.67 -31.24 18.23
N TYR D 1364 85.36 -30.38 19.19
CA TYR D 1364 84.00 -29.86 19.30
C TYR D 1364 83.61 -29.07 18.04
N HIS D 1365 84.53 -28.24 17.55
CA HIS D 1365 84.26 -27.46 16.35
C HIS D 1365 84.05 -28.38 15.14
N ILE D 1366 84.89 -29.42 15.02
CA ILE D 1366 84.73 -30.36 13.91
C ILE D 1366 83.39 -31.06 13.99
N SER D 1367 83.00 -31.50 15.19
CA SER D 1367 81.71 -32.16 15.36
C SER D 1367 80.56 -31.22 15.02
N LEU D 1368 80.66 -29.96 15.43
CA LEU D 1368 79.62 -28.99 15.11
C LEU D 1368 79.51 -28.77 13.61
N VAL D 1369 80.65 -28.68 12.92
CA VAL D 1369 80.63 -28.49 11.47
C VAL D 1369 79.99 -29.70 10.79
N ASP D 1370 80.36 -30.91 11.24
CA ASP D 1370 79.77 -32.11 10.67
C ASP D 1370 78.26 -32.15 10.91
N LEU D 1371 77.82 -31.77 12.11
CA LEU D 1371 76.40 -31.76 12.42
C LEU D 1371 75.66 -30.77 11.53
N LEU D 1372 76.22 -29.58 11.35
CA LEU D 1372 75.57 -28.59 10.48
C LEU D 1372 75.52 -29.07 9.04
N ALA D 1373 76.58 -29.73 8.57
CA ALA D 1373 76.56 -30.27 7.22
C ALA D 1373 75.49 -31.34 7.07
N ALA D 1374 75.36 -32.21 8.08
CA ALA D 1374 74.32 -33.23 8.03
C ALA D 1374 72.93 -32.60 8.02
N CYS D 1375 72.73 -31.55 8.82
CA CYS D 1375 71.43 -30.88 8.83
C CYS D 1375 71.13 -30.24 7.48
N ALA D 1376 72.14 -29.59 6.88
CA ALA D 1376 71.94 -28.96 5.58
C ALA D 1376 71.82 -29.96 4.44
N GLU D 1377 72.25 -31.20 4.65
CA GLU D 1377 72.11 -32.23 3.62
C GLU D 1377 70.67 -32.60 3.34
N GLY D 1378 69.72 -32.16 4.17
CA GLY D 1378 68.33 -32.52 3.98
C GLY D 1378 67.65 -31.73 2.87
N LYS D 1379 66.41 -31.34 3.08
CA LYS D 1379 65.58 -30.69 2.07
C LYS D 1379 64.98 -29.40 2.62
N ASN D 1380 65.82 -28.59 3.26
CA ASN D 1380 65.41 -27.31 3.81
C ASN D 1380 66.29 -26.20 3.24
N VAL D 1381 65.67 -25.09 2.89
CA VAL D 1381 66.37 -23.95 2.28
C VAL D 1381 66.91 -23.00 3.33
N TYR D 1382 66.10 -22.70 4.34
CA TYR D 1382 66.55 -21.79 5.39
C TYR D 1382 67.72 -22.39 6.17
N THR D 1383 67.74 -23.71 6.33
CA THR D 1383 68.89 -24.34 6.99
C THR D 1383 70.17 -24.10 6.20
N GLU D 1384 70.11 -24.27 4.88
CA GLU D 1384 71.28 -24.02 4.05
C GLU D 1384 71.68 -22.55 4.12
N ILE D 1385 70.71 -21.65 4.10
CA ILE D 1385 71.01 -20.22 4.19
C ILE D 1385 71.71 -19.91 5.50
N LYS D 1386 71.19 -20.45 6.60
CA LYS D 1386 71.79 -20.22 7.90
C LYS D 1386 73.20 -20.78 7.98
N CYS D 1387 73.41 -21.97 7.42
CA CYS D 1387 74.74 -22.56 7.42
C CYS D 1387 75.72 -21.71 6.62
N THR D 1388 75.29 -21.22 5.45
CA THR D 1388 76.15 -20.37 4.64
C THR D 1388 76.49 -19.08 5.36
N SER D 1389 75.49 -18.47 6.03
CA SER D 1389 75.76 -17.25 6.78
C SER D 1389 76.72 -17.52 7.92
N LEU D 1390 76.55 -18.64 8.63
CA LEU D 1390 77.43 -18.96 9.74
C LEU D 1390 78.86 -19.19 9.26
N LEU D 1391 79.04 -19.87 8.13
CA LEU D 1391 80.35 -20.21 7.61
C LEU D 1391 80.48 -19.68 6.18
N PRO D 1392 80.89 -18.43 6.01
CA PRO D 1392 81.08 -17.90 4.66
C PRO D 1392 82.17 -18.65 3.91
N LEU D 1393 82.02 -18.70 2.59
CA LEU D 1393 82.99 -19.41 1.76
C LEU D 1393 84.39 -18.81 1.87
N GLU D 1394 84.48 -17.50 2.06
CA GLU D 1394 85.79 -16.87 2.20
C GLU D 1394 86.55 -17.43 3.39
N ASP D 1395 85.86 -17.56 4.53
CA ASP D 1395 86.50 -18.14 5.70
C ASP D 1395 86.90 -19.60 5.44
N VAL D 1396 86.05 -20.34 4.74
CA VAL D 1396 86.35 -21.74 4.43
C VAL D 1396 87.64 -21.84 3.63
N VAL D 1397 87.76 -21.03 2.57
CA VAL D 1397 88.95 -21.10 1.73
C VAL D 1397 90.18 -20.62 2.50
N SER D 1398 90.02 -19.57 3.32
CA SER D 1398 91.16 -19.07 4.08
C SER D 1398 91.67 -20.13 5.04
N VAL D 1399 90.77 -20.86 5.70
CA VAL D 1399 91.19 -21.91 6.63
C VAL D 1399 91.82 -23.07 5.85
N VAL D 1400 91.20 -23.48 4.74
CA VAL D 1400 91.68 -24.67 4.03
C VAL D 1400 93.05 -24.43 3.42
N THR D 1401 93.22 -23.30 2.72
CA THR D 1401 94.46 -23.03 1.99
C THR D 1401 95.63 -22.74 2.91
N HIS D 1402 95.40 -22.47 4.19
CA HIS D 1402 96.48 -22.20 5.12
C HIS D 1402 97.39 -23.41 5.22
N GLU D 1403 98.71 -23.16 5.26
CA GLU D 1403 99.66 -24.26 5.31
C GLU D 1403 99.46 -25.11 6.57
N ASP D 1404 99.14 -24.46 7.69
CA ASP D 1404 98.89 -25.17 8.94
C ASP D 1404 97.39 -25.42 9.06
N CYS D 1405 96.96 -26.60 8.64
CA CYS D 1405 95.54 -26.97 8.70
C CYS D 1405 95.45 -28.48 8.74
N ILE D 1406 94.82 -29.02 9.79
CA ILE D 1406 94.77 -30.45 9.98
C ILE D 1406 93.81 -31.08 8.95
N THR D 1407 94.11 -32.32 8.58
CA THR D 1407 93.30 -33.00 7.57
C THR D 1407 91.86 -33.19 8.03
N GLU D 1408 91.64 -33.36 9.33
CA GLU D 1408 90.27 -33.48 9.82
C GLU D 1408 89.48 -32.21 9.55
N VAL D 1409 90.06 -31.05 9.86
CA VAL D 1409 89.40 -29.79 9.59
C VAL D 1409 89.20 -29.59 8.09
N LYS D 1410 90.21 -29.96 7.29
CA LYS D 1410 90.07 -29.85 5.85
C LYS D 1410 88.90 -30.67 5.34
N MET D 1411 88.80 -31.93 5.78
CA MET D 1411 87.70 -32.79 5.34
C MET D 1411 86.36 -32.25 5.81
N ALA D 1412 86.29 -31.78 7.06
CA ALA D 1412 85.03 -31.23 7.55
C ALA D 1412 84.59 -30.03 6.72
N TYR D 1413 85.51 -29.12 6.43
CA TYR D 1413 85.15 -27.94 5.64
C TYR D 1413 84.76 -28.33 4.22
N VAL D 1414 85.46 -29.28 3.61
CA VAL D 1414 85.11 -29.70 2.26
C VAL D 1414 83.72 -30.33 2.23
N ASN D 1415 83.42 -31.17 3.21
CA ASN D 1415 82.09 -31.77 3.28
C ASN D 1415 81.02 -30.71 3.50
N PHE D 1416 81.31 -29.72 4.35
CA PHE D 1416 80.37 -28.63 4.57
C PHE D 1416 80.10 -27.89 3.28
N VAL D 1417 81.15 -27.59 2.51
CA VAL D 1417 80.96 -26.90 1.24
C VAL D 1417 80.14 -27.74 0.28
N ASN D 1418 80.44 -29.04 0.21
CA ASN D 1418 79.72 -29.92 -0.72
C ASN D 1418 78.24 -30.00 -0.37
N HIS D 1419 77.91 -30.09 0.92
CA HIS D 1419 76.53 -30.28 1.34
C HIS D 1419 75.79 -28.97 1.60
N CYS D 1420 76.45 -27.83 1.49
CA CYS D 1420 75.81 -26.55 1.75
C CYS D 1420 75.96 -25.53 0.64
N TYR D 1421 76.88 -25.74 -0.31
CA TYR D 1421 77.06 -24.82 -1.44
C TYR D 1421 76.83 -25.49 -2.79
N VAL D 1422 77.43 -26.66 -3.01
CA VAL D 1422 77.33 -27.30 -4.32
C VAL D 1422 75.89 -27.75 -4.59
N ASP D 1423 75.26 -28.39 -3.61
CA ASP D 1423 73.92 -28.92 -3.74
C ASP D 1423 72.99 -28.13 -2.83
N THR D 1424 72.24 -27.20 -3.41
CA THR D 1424 71.31 -26.37 -2.67
C THR D 1424 70.18 -25.93 -3.57
N GLU D 1425 69.08 -25.51 -2.97
CA GLU D 1425 67.94 -24.96 -3.68
C GLU D 1425 68.02 -23.45 -3.83
N VAL D 1426 69.09 -22.83 -3.33
CA VAL D 1426 69.23 -21.38 -3.44
C VAL D 1426 69.37 -20.99 -4.90
N GLU D 1427 68.52 -20.06 -5.34
CA GLU D 1427 68.58 -19.61 -6.73
C GLU D 1427 69.91 -18.93 -7.03
N MET D 1428 70.39 -18.09 -6.11
CA MET D 1428 71.67 -17.42 -6.25
C MET D 1428 72.75 -18.30 -5.65
N LYS D 1429 73.37 -19.14 -6.48
CA LYS D 1429 74.41 -20.06 -6.04
C LYS D 1429 75.76 -19.34 -6.14
N GLU D 1430 76.34 -19.02 -4.98
CA GLU D 1430 77.60 -18.29 -4.94
C GLU D 1430 78.81 -19.18 -5.22
N ILE D 1431 78.65 -20.50 -5.15
CA ILE D 1431 79.77 -21.39 -5.39
C ILE D 1431 80.30 -21.21 -6.81
N TYR D 1432 79.41 -21.08 -7.78
CA TYR D 1432 79.79 -20.83 -9.16
C TYR D 1432 80.06 -19.34 -9.37
N THR D 1433 80.66 -19.02 -10.51
CA THR D 1433 80.98 -17.64 -10.86
C THR D 1433 81.88 -17.00 -9.79
N SER D 1434 82.81 -17.79 -9.27
CA SER D 1434 83.72 -17.29 -8.25
C SER D 1434 85.03 -18.07 -8.33
N ASN D 1435 86.10 -17.45 -7.83
CA ASN D 1435 87.42 -18.06 -7.82
C ASN D 1435 87.70 -18.88 -6.57
N HIS D 1436 86.81 -18.83 -5.57
CA HIS D 1436 87.01 -19.62 -4.37
C HIS D 1436 87.03 -21.11 -4.68
N ILE D 1437 86.11 -21.57 -5.53
CA ILE D 1437 86.08 -22.98 -5.88
C ILE D 1437 87.32 -23.37 -6.68
N TRP D 1438 87.80 -22.48 -7.54
CA TRP D 1438 89.02 -22.78 -8.29
C TRP D 1438 90.23 -22.87 -7.38
N THR D 1439 90.33 -21.97 -6.40
CA THR D 1439 91.40 -22.06 -5.42
C THR D 1439 91.30 -23.36 -4.61
N LEU D 1440 90.07 -23.76 -4.27
CA LEU D 1440 89.88 -25.01 -3.56
C LEU D 1440 90.31 -26.20 -4.41
N PHE D 1441 90.01 -26.17 -5.71
CA PHE D 1441 90.47 -27.22 -6.60
C PHE D 1441 92.00 -27.26 -6.69
N GLU D 1442 92.63 -26.08 -6.72
CA GLU D 1442 94.09 -26.03 -6.70
C GLU D 1442 94.63 -26.68 -5.43
N ASN D 1443 94.01 -26.38 -4.29
CA ASN D 1443 94.42 -27.01 -3.04
C ASN D 1443 94.22 -28.52 -3.08
N PHE D 1444 93.12 -28.96 -3.70
CA PHE D 1444 92.88 -30.40 -3.82
C PHE D 1444 93.95 -31.06 -4.68
N THR D 1445 94.36 -30.40 -5.77
CA THR D 1445 95.43 -30.96 -6.60
C THR D 1445 96.74 -31.01 -5.83
N LEU D 1446 97.03 -29.98 -5.04
CA LEU D 1446 98.23 -30.02 -4.20
C LEU D 1446 98.16 -31.18 -3.20
N ASP D 1447 96.99 -31.41 -2.61
CA ASP D 1447 96.84 -32.53 -1.68
C ASP D 1447 97.04 -33.86 -2.38
N MET D 1448 96.51 -33.99 -3.60
CA MET D 1448 96.71 -35.22 -4.37
C MET D 1448 98.19 -35.44 -4.65
N ALA D 1449 98.90 -34.38 -5.03
CA ALA D 1449 100.34 -34.50 -5.27
C ALA D 1449 101.08 -34.91 -4.01
N ARG D 1450 100.70 -34.33 -2.87
CA ARG D 1450 101.32 -34.69 -1.60
C ARG D 1450 101.06 -36.15 -1.26
N VAL D 1451 99.83 -36.63 -1.50
CA VAL D 1451 99.50 -38.02 -1.23
C VAL D 1451 100.33 -38.94 -2.11
N CYS D 1452 100.44 -38.61 -3.40
CA CYS D 1452 101.25 -39.43 -4.30
C CYS D 1452 102.72 -39.45 -3.85
N SER D 1453 103.26 -38.30 -3.47
CA SER D 1453 104.65 -38.25 -3.01
C SER D 1453 104.84 -39.10 -1.75
N LYS D 1454 103.91 -38.99 -0.81
CA LYS D 1454 104.02 -39.79 0.41
C LYS D 1454 103.94 -41.28 0.10
N ARG D 1455 103.05 -41.67 -0.80
CA ARG D 1455 102.95 -43.08 -1.17
C ARG D 1455 104.24 -43.56 -1.82
N GLU D 1456 104.83 -42.73 -2.69
CA GLU D 1456 106.11 -43.10 -3.31
C GLU D 1456 107.21 -43.22 -2.26
N LYS D 1457 107.21 -42.34 -1.26
CA LYS D 1457 108.23 -42.34 -0.22
C LYS D 1457 107.90 -43.27 0.94
N ARG D 1458 106.80 -44.03 0.85
CA ARG D 1458 106.39 -44.94 1.91
C ARG D 1458 106.05 -44.17 3.19
N VAL D 1459 105.37 -43.04 3.03
CA VAL D 1459 104.93 -42.21 4.14
C VAL D 1459 103.42 -42.07 4.06
N ALA D 1460 102.75 -43.13 3.59
CA ALA D 1460 101.31 -43.08 3.37
C ALA D 1460 100.58 -42.61 4.63
N ASP D 1461 99.68 -41.66 4.44
CA ASP D 1461 98.87 -41.12 5.53
C ASP D 1461 97.43 -41.60 5.37
N PRO D 1462 96.94 -42.51 6.23
CA PRO D 1462 95.56 -42.99 6.03
C PRO D 1462 94.52 -41.89 6.08
N THR D 1463 94.69 -40.89 6.95
CA THR D 1463 93.72 -39.80 7.03
C THR D 1463 93.68 -39.02 5.73
N LEU D 1464 94.84 -38.67 5.18
CA LEU D 1464 94.88 -37.94 3.92
C LEU D 1464 94.30 -38.77 2.78
N GLU D 1465 94.62 -40.07 2.76
CA GLU D 1465 94.07 -40.95 1.72
C GLU D 1465 92.55 -40.99 1.79
N LYS D 1466 92.01 -41.16 3.01
CA LYS D 1466 90.56 -41.20 3.18
C LYS D 1466 89.94 -39.88 2.73
N TYR D 1467 90.53 -38.76 3.14
CA TYR D 1467 90.01 -37.46 2.74
C TYR D 1467 89.97 -37.32 1.22
N VAL D 1468 91.10 -37.60 0.56
CA VAL D 1468 91.17 -37.36 -0.88
C VAL D 1468 90.25 -38.31 -1.63
N LEU D 1469 90.13 -39.56 -1.16
CA LEU D 1469 89.30 -40.54 -1.85
C LEU D 1469 87.83 -40.48 -1.47
N SER D 1470 87.46 -39.67 -0.47
CA SER D 1470 86.08 -39.57 -0.03
C SER D 1470 85.44 -38.24 -0.40
N VAL D 1471 86.05 -37.12 0.00
CA VAL D 1471 85.39 -35.82 -0.12
C VAL D 1471 85.85 -35.06 -1.36
N VAL D 1472 87.13 -35.13 -1.71
CA VAL D 1472 87.63 -34.35 -2.84
C VAL D 1472 86.97 -34.80 -4.14
N LEU D 1473 86.98 -36.11 -4.39
CA LEU D 1473 86.37 -36.62 -5.62
C LEU D 1473 84.88 -36.37 -5.65
N ASP D 1474 84.21 -36.53 -4.52
CA ASP D 1474 82.77 -36.29 -4.47
C ASP D 1474 82.46 -34.83 -4.79
N THR D 1475 83.22 -33.90 -4.22
CA THR D 1475 83.00 -32.49 -4.49
C THR D 1475 83.27 -32.17 -5.96
N ILE D 1476 84.35 -32.72 -6.52
CA ILE D 1476 84.66 -32.45 -7.92
C ILE D 1476 83.54 -32.95 -8.82
N ASN D 1477 83.08 -34.19 -8.57
CA ASN D 1477 82.01 -34.76 -9.39
C ASN D 1477 80.72 -33.95 -9.26
N ALA D 1478 80.37 -33.56 -8.03
CA ALA D 1478 79.16 -32.76 -7.84
C ALA D 1478 79.27 -31.43 -8.57
N PHE D 1479 80.44 -30.78 -8.50
CA PHE D 1479 80.60 -29.49 -9.15
C PHE D 1479 80.53 -29.60 -10.66
N PHE D 1480 81.14 -30.63 -11.22
CA PHE D 1480 81.25 -30.76 -12.67
C PHE D 1480 80.13 -31.58 -13.30
N SER D 1481 79.19 -32.09 -12.50
CA SER D 1481 78.03 -32.80 -13.01
C SER D 1481 76.74 -32.00 -12.81
N SER D 1482 76.82 -30.67 -12.92
CA SER D 1482 75.66 -29.81 -12.77
C SER D 1482 75.58 -28.86 -13.96
N PRO D 1483 74.36 -28.54 -14.41
CA PRO D 1483 74.24 -27.61 -15.55
C PRO D 1483 74.81 -26.23 -15.28
N PHE D 1484 74.75 -25.76 -14.02
CA PHE D 1484 75.23 -24.42 -13.71
C PHE D 1484 76.73 -24.27 -13.92
N SER D 1485 77.46 -25.38 -13.99
CA SER D 1485 78.91 -25.35 -14.14
C SER D 1485 79.36 -25.21 -15.59
N GLU D 1486 78.42 -25.17 -16.54
CA GLU D 1486 78.81 -25.09 -17.95
C GLU D 1486 79.55 -23.79 -18.24
N ASN D 1487 79.08 -22.68 -17.69
CA ASN D 1487 79.73 -21.38 -17.91
C ASN D 1487 80.97 -21.18 -17.05
N SER D 1488 81.16 -22.00 -16.02
CA SER D 1488 82.31 -21.81 -15.14
C SER D 1488 83.61 -22.02 -15.89
N THR D 1489 83.69 -23.04 -16.74
CA THR D 1489 84.92 -23.38 -17.46
C THR D 1489 85.04 -22.52 -18.71
N SER D 1490 85.38 -21.25 -18.49
CA SER D 1490 85.52 -20.27 -19.56
C SER D 1490 86.92 -19.67 -19.64
N LEU D 1491 87.48 -19.26 -18.51
CA LEU D 1491 88.73 -18.53 -18.52
C LEU D 1491 89.92 -19.45 -18.76
N GLN D 1492 91.03 -18.84 -19.18
CA GLN D 1492 92.26 -19.60 -19.42
C GLN D 1492 92.78 -20.22 -18.13
N THR D 1493 92.71 -19.49 -17.02
CA THR D 1493 93.11 -20.05 -15.74
C THR D 1493 92.24 -21.25 -15.38
N HIS D 1494 90.94 -21.15 -15.61
CA HIS D 1494 90.05 -22.27 -15.34
C HIS D 1494 90.39 -23.47 -16.22
N GLN D 1495 90.71 -23.22 -17.49
CA GLN D 1495 91.12 -24.31 -18.37
C GLN D 1495 92.40 -24.98 -17.88
N THR D 1496 93.37 -24.17 -17.43
CA THR D 1496 94.62 -24.73 -16.91
C THR D 1496 94.36 -25.56 -15.66
N ILE D 1497 93.48 -25.08 -14.79
CA ILE D 1497 93.14 -25.84 -13.59
C ILE D 1497 92.46 -27.15 -13.98
N VAL D 1498 91.63 -27.12 -15.02
CA VAL D 1498 90.98 -28.34 -15.49
C VAL D 1498 92.02 -29.32 -15.99
N VAL D 1499 93.02 -28.84 -16.73
CA VAL D 1499 94.08 -29.73 -17.22
C VAL D 1499 94.87 -30.31 -16.06
N GLN D 1500 95.15 -29.49 -15.05
CA GLN D 1500 95.86 -29.98 -13.86
C GLN D 1500 95.05 -31.07 -13.17
N LEU D 1501 93.73 -30.87 -13.04
CA LEU D 1501 92.88 -31.90 -12.46
C LEU D 1501 92.91 -33.17 -13.29
N LEU D 1502 92.87 -33.03 -14.62
CA LEU D 1502 92.93 -34.20 -15.49
C LEU D 1502 94.21 -35.00 -15.25
N GLN D 1503 95.36 -34.33 -15.29
CA GLN D 1503 96.62 -35.04 -15.13
C GLN D 1503 96.72 -35.66 -13.73
N SER D 1504 96.29 -34.94 -12.70
CA SER D 1504 96.35 -35.48 -11.34
C SER D 1504 95.48 -36.71 -11.21
N THR D 1505 94.26 -36.66 -11.74
CA THR D 1505 93.35 -37.78 -11.59
C THR D 1505 93.81 -38.99 -12.39
N THR D 1506 94.33 -38.77 -13.60
CA THR D 1506 94.84 -39.90 -14.38
C THR D 1506 96.06 -40.52 -13.71
N ARG D 1507 96.94 -39.70 -13.13
CA ARG D 1507 98.08 -40.24 -12.39
C ARG D 1507 97.60 -41.05 -11.19
N LEU D 1508 96.59 -40.56 -10.48
CA LEU D 1508 96.04 -41.30 -9.35
C LEU D 1508 95.48 -42.64 -9.80
N LEU D 1509 94.74 -42.66 -10.91
CA LEU D 1509 94.21 -43.91 -11.43
C LEU D 1509 95.34 -44.86 -11.82
N GLU D 1510 96.37 -44.34 -12.48
CA GLU D 1510 97.49 -45.18 -12.90
C GLU D 1510 98.21 -45.79 -11.70
N CYS D 1511 98.39 -45.01 -10.64
CA CYS D 1511 99.06 -45.53 -9.47
C CYS D 1511 98.30 -46.75 -8.93
N PRO D 1512 98.97 -47.88 -8.68
CA PRO D 1512 98.26 -49.10 -8.32
C PRO D 1512 97.85 -49.23 -6.86
N TRP D 1513 98.33 -48.34 -5.98
CA TRP D 1513 98.04 -48.48 -4.56
C TRP D 1513 96.54 -48.38 -4.27
N LEU D 1514 95.77 -47.76 -5.16
CA LEU D 1514 94.34 -47.59 -4.92
C LEU D 1514 93.65 -48.94 -4.80
N GLN D 1515 92.73 -49.04 -3.84
CA GLN D 1515 91.97 -50.26 -3.65
C GLN D 1515 90.87 -50.37 -4.69
N GLN D 1516 90.35 -51.59 -4.85
CA GLN D 1516 89.30 -51.83 -5.84
C GLN D 1516 88.03 -51.08 -5.51
N GLN D 1517 87.80 -50.77 -4.23
CA GLN D 1517 86.56 -50.12 -3.84
C GLN D 1517 86.40 -48.75 -4.49
N HIS D 1518 87.47 -47.96 -4.51
CA HIS D 1518 87.43 -46.60 -5.03
C HIS D 1518 87.66 -46.52 -6.53
N LYS D 1519 87.92 -47.65 -7.19
CA LYS D 1519 88.16 -47.63 -8.64
C LYS D 1519 86.95 -47.09 -9.38
N GLY D 1520 85.74 -47.52 -9.00
CA GLY D 1520 84.55 -47.03 -9.66
C GLY D 1520 84.37 -45.53 -9.50
N SER D 1521 84.57 -45.03 -8.28
CA SER D 1521 84.43 -43.59 -8.05
C SER D 1521 85.46 -42.81 -8.85
N VAL D 1522 86.71 -43.29 -8.87
CA VAL D 1522 87.76 -42.60 -9.61
C VAL D 1522 87.44 -42.59 -11.10
N GLU D 1523 86.97 -43.73 -11.63
CA GLU D 1523 86.62 -43.79 -13.05
C GLU D 1523 85.47 -42.85 -13.37
N ALA D 1524 84.46 -42.80 -12.51
CA ALA D 1524 83.33 -41.90 -12.75
C ALA D 1524 83.79 -40.44 -12.74
N CYS D 1525 84.63 -40.07 -11.78
CA CYS D 1525 85.13 -38.70 -11.71
C CYS D 1525 85.95 -38.37 -12.96
N ILE D 1526 86.80 -39.31 -13.40
CA ILE D 1526 87.62 -39.07 -14.58
C ILE D 1526 86.74 -38.90 -15.81
N ARG D 1527 85.72 -39.75 -15.95
CA ARG D 1527 84.83 -39.65 -17.11
C ARG D 1527 84.10 -38.32 -17.13
N THR D 1528 83.58 -37.90 -15.96
CA THR D 1528 82.87 -36.62 -15.91
C THR D 1528 83.81 -35.46 -16.24
N LEU D 1529 85.01 -35.47 -15.68
CA LEU D 1529 85.96 -34.39 -15.94
C LEU D 1529 86.36 -34.35 -17.41
N ALA D 1530 86.60 -35.52 -18.02
CA ALA D 1530 86.96 -35.57 -19.43
C ALA D 1530 85.81 -35.09 -20.31
N MET D 1531 84.57 -35.47 -19.96
CA MET D 1531 83.43 -34.99 -20.72
C MET D 1531 83.31 -33.48 -20.65
N VAL D 1532 83.49 -32.91 -19.45
CA VAL D 1532 83.43 -31.45 -19.32
C VAL D 1532 84.54 -30.79 -20.13
N ALA D 1533 85.76 -31.34 -20.07
CA ALA D 1533 86.86 -30.76 -20.82
C ALA D 1533 86.61 -30.81 -22.31
N LYS D 1534 86.09 -31.95 -22.81
CA LYS D 1534 85.79 -32.06 -24.24
C LYS D 1534 84.69 -31.10 -24.65
N GLY D 1535 83.66 -30.94 -23.81
CA GLY D 1535 82.62 -29.96 -24.10
C GLY D 1535 83.17 -28.55 -24.15
N ARG D 1536 84.11 -28.24 -23.25
CA ARG D 1536 84.75 -26.93 -23.22
C ARG D 1536 85.81 -26.77 -24.30
N ALA D 1537 86.18 -27.85 -24.99
CA ALA D 1537 87.18 -27.80 -26.06
C ALA D 1537 88.52 -27.32 -25.52
N ILE D 1538 89.05 -28.09 -24.58
CA ILE D 1538 90.34 -27.79 -23.97
C ILE D 1538 91.44 -28.53 -24.71
N LEU D 1539 92.55 -27.82 -24.98
CA LEU D 1539 93.68 -28.41 -25.70
C LEU D 1539 94.46 -29.30 -24.73
N LEU D 1540 93.96 -30.52 -24.58
CA LEU D 1540 94.61 -31.49 -23.70
C LEU D 1540 95.93 -31.96 -24.32
N PRO D 1541 96.87 -32.43 -23.50
CA PRO D 1541 98.09 -33.03 -24.06
C PRO D 1541 97.76 -34.25 -24.89
N MET D 1542 98.61 -34.52 -25.89
CA MET D 1542 98.37 -35.65 -26.79
C MET D 1542 98.36 -36.96 -26.04
N ASP D 1543 99.39 -37.21 -25.22
CA ASP D 1543 99.47 -38.46 -24.46
C ASP D 1543 98.31 -38.57 -23.46
N LEU D 1544 97.99 -37.46 -22.78
CA LEU D 1544 96.90 -37.49 -21.82
C LEU D 1544 95.58 -37.81 -22.50
N ASP D 1545 95.32 -37.19 -23.65
CA ASP D 1545 94.09 -37.45 -24.39
C ASP D 1545 94.05 -38.89 -24.87
N ALA D 1546 95.18 -39.41 -25.36
CA ALA D 1546 95.21 -40.81 -25.79
C ALA D 1546 94.90 -41.75 -24.63
N HIS D 1547 95.50 -41.49 -23.47
CA HIS D 1547 95.25 -42.34 -22.31
C HIS D 1547 93.78 -42.25 -21.88
N ILE D 1548 93.22 -41.04 -21.89
CA ILE D 1548 91.82 -40.87 -21.50
C ILE D 1548 90.91 -41.62 -22.47
N SER D 1549 91.20 -41.53 -23.77
CA SER D 1549 90.41 -42.26 -24.75
C SER D 1549 90.53 -43.76 -24.55
N SER D 1550 91.74 -44.24 -24.23
CA SER D 1550 91.92 -45.67 -23.98
C SER D 1550 91.10 -46.11 -22.77
N MET D 1551 91.12 -45.33 -21.70
CA MET D 1551 90.33 -45.68 -20.52
C MET D 1551 88.84 -45.66 -20.83
N LEU D 1552 88.38 -44.68 -21.60
CA LEU D 1552 86.97 -44.62 -21.97
C LEU D 1552 86.57 -45.84 -22.79
N SER D 1553 87.41 -46.22 -23.76
CA SER D 1553 87.11 -47.39 -24.57
C SER D 1553 87.08 -48.66 -23.71
N SER D 1554 88.03 -48.80 -22.78
CA SER D 1554 88.05 -49.95 -21.91
C SER D 1554 86.79 -50.01 -21.06
N GLY D 1555 86.37 -48.86 -20.51
CA GLY D 1555 85.16 -48.84 -19.72
C GLY D 1555 83.93 -49.17 -20.52
N ALA D 1556 83.82 -48.63 -21.73
CA ALA D 1556 82.67 -48.91 -22.57
C ALA D 1556 82.60 -50.38 -22.96
N SER D 1557 83.75 -50.97 -23.28
CA SER D 1557 83.80 -52.38 -23.67
C SER D 1557 83.43 -53.27 -22.48
N ASP D 1587 74.64 -81.90 17.32
CA ASP D 1587 73.40 -81.87 16.54
C ASP D 1587 72.57 -80.64 16.88
N TYR D 1588 73.23 -79.59 17.38
CA TYR D 1588 72.50 -78.37 17.74
C TYR D 1588 71.87 -77.74 16.50
N LYS D 1589 72.57 -77.76 15.37
CA LYS D 1589 71.99 -77.22 14.14
C LYS D 1589 70.72 -77.95 13.76
N ASN D 1590 70.76 -79.29 13.81
CA ASN D 1590 69.58 -80.08 13.47
C ASN D 1590 68.45 -79.81 14.45
N ILE D 1591 68.76 -79.73 15.74
CA ILE D 1591 67.73 -79.48 16.75
C ILE D 1591 67.07 -78.14 16.51
N ILE D 1592 67.86 -77.11 16.23
CA ILE D 1592 67.31 -75.77 15.99
C ILE D 1592 66.46 -75.76 14.73
N GLU D 1593 66.93 -76.43 13.67
CA GLU D 1593 66.16 -76.48 12.43
C GLU D 1593 64.82 -77.17 12.65
N LYS D 1594 64.82 -78.30 13.36
CA LYS D 1594 63.57 -79.00 13.62
C LYS D 1594 62.65 -78.16 14.50
N LEU D 1595 63.21 -77.45 15.47
CA LEU D 1595 62.38 -76.57 16.30
C LEU D 1595 61.74 -75.47 15.48
N GLN D 1596 62.50 -74.86 14.56
CA GLN D 1596 61.93 -73.83 13.71
C GLN D 1596 60.84 -74.40 12.81
N ASP D 1597 61.07 -75.58 12.24
CA ASP D 1597 60.04 -76.20 11.41
C ASP D 1597 58.78 -76.48 12.21
N ILE D 1598 58.94 -76.98 13.43
CA ILE D 1598 57.79 -77.25 14.29
C ILE D 1598 57.04 -75.97 14.61
N ILE D 1599 57.77 -74.89 14.89
CA ILE D 1599 57.12 -73.62 15.18
C ILE D 1599 56.32 -73.15 13.99
N THR D 1600 56.91 -73.21 12.79
CA THR D 1600 56.19 -72.77 11.60
C THR D 1600 54.94 -73.61 11.36
N ALA D 1601 55.07 -74.93 11.48
CA ALA D 1601 53.91 -75.80 11.26
C ALA D 1601 52.81 -75.52 12.28
N LEU D 1602 53.19 -75.35 13.55
CA LEU D 1602 52.19 -75.09 14.59
C LEU D 1602 51.47 -73.77 14.33
N GLU D 1603 52.22 -72.72 13.99
CA GLU D 1603 51.57 -71.44 13.70
C GLU D 1603 50.63 -71.55 12.52
N GLU D 1604 51.08 -72.21 11.44
CA GLU D 1604 50.24 -72.33 10.25
C GLU D 1604 48.97 -73.11 10.56
N ARG D 1605 49.09 -74.16 11.38
CA ARG D 1605 47.93 -74.98 11.68
C ARG D 1605 46.98 -74.30 12.65
N LEU D 1606 47.50 -73.50 13.58
CA LEU D 1606 46.68 -72.92 14.63
C LEU D 1606 46.13 -71.53 14.30
N LYS D 1607 46.62 -70.88 13.24
CA LYS D 1607 46.10 -69.56 12.91
C LYS D 1607 44.59 -69.53 12.76
N PRO D 1608 43.94 -70.45 12.03
CA PRO D 1608 42.48 -70.41 11.95
C PRO D 1608 41.81 -70.55 13.31
N LEU D 1609 42.37 -71.37 14.19
CA LEU D 1609 41.80 -71.52 15.53
C LEU D 1609 41.97 -70.23 16.33
N VAL D 1610 43.10 -69.54 16.15
CA VAL D 1610 43.28 -68.24 16.79
C VAL D 1610 42.21 -67.27 16.31
N GLN D 1611 41.95 -67.25 15.00
CA GLN D 1611 40.91 -66.37 14.47
C GLN D 1611 39.54 -66.72 15.05
N ALA D 1612 39.22 -68.01 15.12
CA ALA D 1612 37.92 -68.41 15.66
C ALA D 1612 37.78 -68.03 17.13
N GLU D 1613 38.84 -68.25 17.92
CA GLU D 1613 38.79 -67.90 19.33
C GLU D 1613 38.62 -66.39 19.51
N LEU D 1614 39.32 -65.60 18.68
CA LEU D 1614 39.14 -64.15 18.75
C LEU D 1614 37.72 -63.76 18.39
N SER D 1615 37.15 -64.39 17.36
CA SER D 1615 35.80 -64.05 16.93
C SER D 1615 34.77 -64.39 18.01
N VAL D 1616 35.02 -65.47 18.77
CA VAL D 1616 34.06 -65.87 19.79
C VAL D 1616 33.82 -64.73 20.78
N LEU D 1617 34.82 -63.90 21.02
CA LEU D 1617 34.64 -62.74 21.90
C LEU D 1617 33.56 -61.81 21.35
N VAL D 1618 33.41 -61.76 20.03
CA VAL D 1618 32.38 -60.91 19.44
C VAL D 1618 31.00 -61.34 19.91
N ASP D 1619 30.72 -62.64 19.82
CA ASP D 1619 29.43 -63.15 20.29
C ASP D 1619 29.30 -63.00 21.81
N VAL D 1620 30.40 -63.19 22.53
CA VAL D 1620 30.34 -63.05 23.98
C VAL D 1620 29.92 -61.64 24.36
N LEU D 1621 30.49 -60.63 23.70
CA LEU D 1621 30.10 -59.24 23.97
C LEU D 1621 28.72 -58.92 23.40
N HIS D 1622 28.31 -59.57 22.31
CA HIS D 1622 26.99 -59.32 21.74
C HIS D 1622 25.90 -59.81 22.67
N TRP D 1623 26.11 -60.97 23.31
CA TRP D 1623 25.13 -61.57 24.23
C TRP D 1623 25.81 -61.85 25.56
N PRO D 1624 26.05 -60.82 26.37
CA PRO D 1624 26.68 -61.05 27.68
C PRO D 1624 25.71 -61.51 28.75
N GLU D 1625 24.40 -61.25 28.60
CA GLU D 1625 23.44 -61.60 29.62
C GLU D 1625 23.20 -63.10 29.73
N LEU D 1626 23.51 -63.87 28.69
CA LEU D 1626 23.27 -65.31 28.74
C LEU D 1626 24.19 -65.99 29.76
N LEU D 1627 25.36 -65.42 30.02
CA LEU D 1627 26.26 -65.99 31.01
C LEU D 1627 25.63 -65.98 32.41
N PHE D 1628 24.96 -64.89 32.77
CA PHE D 1628 24.27 -64.82 34.04
C PHE D 1628 22.98 -65.64 34.00
N LEU D 1629 22.26 -65.66 35.11
CA LEU D 1629 21.01 -66.39 35.22
C LEU D 1629 19.84 -65.42 35.15
N GLU D 1630 18.77 -65.85 34.49
CA GLU D 1630 17.61 -64.99 34.27
C GLU D 1630 17.00 -64.57 35.61
N GLY D 1631 16.53 -63.32 35.66
CA GLY D 1631 15.91 -62.77 36.83
C GLY D 1631 16.86 -62.06 37.78
N SER D 1632 18.16 -62.12 37.54
CA SER D 1632 19.13 -61.48 38.41
C SER D 1632 19.32 -60.02 38.02
N GLU D 1633 19.83 -59.23 38.98
CA GLU D 1633 20.10 -57.83 38.71
C GLU D 1633 21.16 -57.67 37.63
N ALA D 1634 22.21 -58.50 37.68
CA ALA D 1634 23.24 -58.45 36.64
C ALA D 1634 22.65 -58.83 35.28
N TYR D 1635 21.78 -59.83 35.25
CA TYR D 1635 21.14 -60.22 34.00
C TYR D 1635 20.32 -59.07 33.44
N GLN D 1636 19.54 -58.39 34.29
CA GLN D 1636 18.74 -57.27 33.83
C GLN D 1636 19.63 -56.14 33.32
N ARG D 1637 20.73 -55.83 34.04
CA ARG D 1637 21.61 -54.77 33.60
C ARG D 1637 22.26 -55.10 32.26
N CYS D 1638 22.68 -56.34 32.08
CA CYS D 1638 23.27 -56.74 30.80
C CYS D 1638 22.24 -56.68 29.67
N GLU D 1639 21.01 -57.11 29.95
CA GLU D 1639 19.97 -57.08 28.91
C GLU D 1639 19.62 -55.65 28.54
N SER D 1640 19.66 -54.73 29.50
CA SER D 1640 19.37 -53.33 29.25
C SER D 1640 20.53 -52.61 28.56
N GLY D 1641 21.55 -53.33 28.12
CA GLY D 1641 22.67 -52.71 27.44
C GLY D 1641 23.64 -52.01 28.35
N GLY D 1642 23.62 -52.33 29.66
CA GLY D 1642 24.53 -51.66 30.58
C GLY D 1642 25.99 -51.96 30.31
N PHE D 1643 26.28 -53.20 29.89
CA PHE D 1643 27.67 -53.60 29.67
C PHE D 1643 28.31 -52.74 28.58
N LEU D 1644 27.64 -52.62 27.43
CA LEU D 1644 28.20 -51.84 26.33
C LEU D 1644 28.29 -50.36 26.70
N SER D 1645 27.29 -49.83 27.40
CA SER D 1645 27.35 -48.44 27.81
C SER D 1645 28.54 -48.17 28.72
N LYS D 1646 28.77 -49.05 29.70
CA LYS D 1646 29.90 -48.89 30.59
C LYS D 1646 31.21 -49.02 29.83
N LEU D 1647 31.30 -49.99 28.91
CA LEU D 1647 32.52 -50.15 28.14
C LEU D 1647 32.83 -48.91 27.32
N ILE D 1648 31.81 -48.36 26.65
CA ILE D 1648 32.01 -47.16 25.84
C ILE D 1648 32.41 -45.98 26.73
N GLN D 1649 31.74 -45.81 27.86
CA GLN D 1649 32.05 -44.68 28.73
C GLN D 1649 33.47 -44.78 29.27
N HIS D 1650 33.89 -45.99 29.67
CA HIS D 1650 35.24 -46.16 30.21
C HIS D 1650 36.31 -46.12 29.12
N THR D 1651 35.94 -46.36 27.86
CA THR D 1651 36.93 -46.26 26.79
C THR D 1651 37.50 -44.86 26.69
N LYS D 1652 36.64 -43.84 26.78
CA LYS D 1652 37.12 -42.47 26.74
C LYS D 1652 38.01 -42.17 27.94
N ASP D 1653 37.64 -42.66 29.12
CA ASP D 1653 38.46 -42.42 30.31
C ASP D 1653 39.83 -43.06 30.18
N LEU D 1654 39.88 -44.29 29.67
CA LEU D 1654 41.15 -45.00 29.53
C LEU D 1654 41.92 -44.61 28.27
N MET D 1655 41.32 -43.80 27.39
CA MET D 1655 42.02 -43.39 26.18
C MET D 1655 43.37 -42.74 26.51
N GLU D 1656 43.37 -41.80 27.46
CA GLU D 1656 44.61 -41.15 27.84
C GLU D 1656 45.58 -42.12 28.51
N SER D 1657 45.06 -43.01 29.35
CA SER D 1657 45.92 -43.91 30.12
C SER D 1657 46.37 -45.11 29.28
N GLU D 1658 45.42 -45.91 28.81
CA GLU D 1658 45.70 -47.15 28.10
C GLU D 1658 45.35 -46.98 26.63
N GLU D 1659 46.31 -46.47 25.86
CA GLU D 1659 46.10 -46.33 24.41
C GLU D 1659 45.93 -47.68 23.74
N LYS D 1660 46.73 -48.66 24.15
CA LYS D 1660 46.61 -50.00 23.58
C LYS D 1660 45.25 -50.60 23.89
N LEU D 1661 44.78 -50.44 25.13
CA LEU D 1661 43.46 -50.96 25.49
C LEU D 1661 42.36 -50.26 24.71
N CYS D 1662 42.48 -48.95 24.52
CA CYS D 1662 41.50 -48.23 23.71
C CYS D 1662 41.48 -48.75 22.29
N ILE D 1663 42.66 -48.99 21.71
CA ILE D 1663 42.73 -49.51 20.35
C ILE D 1663 42.09 -50.88 20.28
N LYS D 1664 42.36 -51.73 21.27
CA LYS D 1664 41.75 -53.05 21.28
C LYS D 1664 40.24 -52.97 21.37
N VAL D 1665 39.72 -52.08 22.20
CA VAL D 1665 38.27 -51.92 22.34
C VAL D 1665 37.67 -51.45 21.01
N LEU D 1666 38.33 -50.50 20.35
CA LEU D 1666 37.82 -50.01 19.08
C LEU D 1666 37.82 -51.12 18.03
N ARG D 1667 38.88 -51.93 17.99
CA ARG D 1667 38.92 -53.04 17.04
C ARG D 1667 37.83 -54.05 17.35
N THR D 1668 37.57 -54.32 18.64
CA THR D 1668 36.50 -55.24 19.00
C THR D 1668 35.15 -54.71 18.53
N LEU D 1669 34.92 -53.40 18.70
CA LEU D 1669 33.65 -52.82 18.24
C LEU D 1669 33.54 -52.93 16.72
N GLN D 1670 34.63 -52.68 16.00
CA GLN D 1670 34.60 -52.81 14.55
C GLN D 1670 34.29 -54.25 14.14
N GLN D 1671 34.91 -55.23 14.81
CA GLN D 1671 34.62 -56.63 14.51
C GLN D 1671 33.16 -56.97 14.79
N MET D 1672 32.61 -56.46 15.90
CA MET D 1672 31.21 -56.68 16.20
C MET D 1672 30.28 -56.07 15.17
N LEU D 1673 30.63 -54.89 14.64
CA LEU D 1673 29.85 -54.23 13.60
C LEU D 1673 30.07 -54.84 12.22
N LEU D 1674 31.15 -55.61 12.04
CA LEU D 1674 31.48 -56.21 10.77
C LEU D 1674 30.60 -57.43 10.52
N LYS D 1675 30.46 -57.77 9.24
CA LYS D 1675 29.64 -58.91 8.85
C LYS D 1675 30.25 -60.22 9.30
N LYS D 1676 29.41 -61.21 9.56
CA LYS D 1676 29.88 -62.52 9.96
C LYS D 1676 30.54 -63.24 8.78
N THR D 1677 31.48 -64.13 9.09
CA THR D 1677 32.23 -64.86 8.08
C THR D 1677 32.39 -66.31 8.53
N LYS D 1678 33.11 -67.08 7.70
CA LYS D 1678 33.39 -68.47 7.97
C LYS D 1678 34.90 -68.71 7.87
N TYR D 1679 35.37 -69.73 8.60
CA TYR D 1679 36.81 -70.01 8.69
C TYR D 1679 37.20 -71.39 8.18
N GLY D 1680 36.35 -72.39 8.33
CA GLY D 1680 36.67 -73.74 7.92
C GLY D 1680 36.00 -74.77 8.81
N ASP D 1681 36.22 -76.05 8.53
CA ASP D 1681 35.58 -77.10 9.33
C ASP D 1681 36.03 -77.04 10.78
N ARG D 1682 37.35 -77.04 11.01
CA ARG D 1682 37.86 -77.03 12.38
C ARG D 1682 37.51 -75.72 13.08
N GLY D 1683 37.61 -74.61 12.36
CA GLY D 1683 37.25 -73.34 12.96
C GLY D 1683 35.79 -73.28 13.38
N ASN D 1684 34.90 -73.76 12.52
CA ASN D 1684 33.48 -73.79 12.87
C ASN D 1684 33.22 -74.72 14.04
N GLN D 1685 33.88 -75.88 14.06
CA GLN D 1685 33.72 -76.79 15.18
C GLN D 1685 34.13 -76.13 16.49
N LEU D 1686 35.30 -75.49 16.49
CA LEU D 1686 35.77 -74.81 17.70
C LEU D 1686 34.81 -73.70 18.11
N ARG D 1687 34.36 -72.91 17.13
CA ARG D 1687 33.47 -71.80 17.44
C ARG D 1687 32.16 -72.29 18.06
N LYS D 1688 31.57 -73.32 17.46
CA LYS D 1688 30.30 -73.83 17.99
C LYS D 1688 30.49 -74.46 19.36
N MET D 1689 31.59 -75.18 19.56
CA MET D 1689 31.85 -75.77 20.87
C MET D 1689 31.98 -74.69 21.93
N LEU D 1690 32.75 -73.64 21.65
CA LEU D 1690 32.92 -72.57 22.62
C LEU D 1690 31.62 -71.82 22.87
N LEU D 1691 30.83 -71.57 21.81
CA LEU D 1691 29.55 -70.91 22.00
C LEU D 1691 28.62 -71.76 22.87
N GLN D 1692 28.57 -73.07 22.61
CA GLN D 1692 27.73 -73.94 23.42
C GLN D 1692 28.20 -73.95 24.88
N ASN D 1693 29.51 -73.99 25.10
CA ASN D 1693 30.03 -74.04 26.46
C ASN D 1693 29.74 -72.74 27.22
N TYR D 1694 29.95 -71.59 26.57
CA TYR D 1694 29.80 -70.32 27.26
C TYR D 1694 28.35 -69.84 27.27
N LEU D 1695 27.79 -69.56 26.10
CA LEU D 1695 26.44 -69.00 25.99
C LEU D 1695 25.45 -70.15 25.83
N GLN D 1696 25.01 -70.68 26.96
CA GLN D 1696 24.06 -71.79 26.98
C GLN D 1696 22.63 -71.29 26.83
N TRP D 1718 21.34 -57.43 5.77
CA TRP D 1718 21.80 -56.11 6.16
C TRP D 1718 20.97 -55.57 7.33
N SER D 1719 19.81 -56.18 7.55
CA SER D 1719 18.95 -55.74 8.64
C SER D 1719 19.64 -55.95 10.00
N ALA D 1720 20.33 -57.07 10.17
CA ALA D 1720 21.03 -57.31 11.42
C ALA D 1720 22.13 -56.28 11.63
N ILE D 1721 22.87 -55.94 10.57
CA ILE D 1721 23.92 -54.94 10.68
C ILE D 1721 23.32 -53.58 11.04
N ALA D 1722 22.20 -53.22 10.42
CA ALA D 1722 21.55 -51.95 10.73
C ALA D 1722 21.08 -51.93 12.18
N ALA D 1723 20.52 -53.04 12.66
CA ALA D 1723 20.07 -53.11 14.04
C ALA D 1723 21.24 -52.96 15.01
N THR D 1724 22.36 -53.63 14.72
CA THR D 1724 23.54 -53.51 15.56
C THR D 1724 24.06 -52.07 15.57
N GLN D 1725 24.08 -51.43 14.40
CA GLN D 1725 24.52 -50.03 14.33
C GLN D 1725 23.62 -49.14 15.16
N CYS D 1726 22.30 -49.34 15.07
CA CYS D 1726 21.37 -48.55 15.85
C CYS D 1726 21.58 -48.77 17.35
N ARG D 1727 21.80 -50.03 17.75
CA ARG D 1727 22.02 -50.32 19.16
C ARG D 1727 23.29 -49.65 19.66
N LEU D 1728 24.36 -49.71 18.88
CA LEU D 1728 25.60 -49.07 19.29
C LEU D 1728 25.43 -47.55 19.35
N ASP D 1729 24.68 -46.97 18.41
CA ASP D 1729 24.43 -45.53 18.46
C ASP D 1729 23.64 -45.17 19.72
N LYS D 1730 22.65 -45.98 20.08
CA LYS D 1730 21.91 -45.74 21.31
C LYS D 1730 22.84 -45.82 22.52
N GLU D 1731 23.73 -46.81 22.55
CA GLU D 1731 24.69 -46.90 23.63
C GLU D 1731 25.64 -45.72 23.67
N GLY D 1732 25.89 -45.08 22.52
CA GLY D 1732 26.70 -43.88 22.48
C GLY D 1732 28.02 -44.04 21.76
N ALA D 1733 28.03 -44.79 20.67
CA ALA D 1733 29.26 -44.95 19.89
C ALA D 1733 29.58 -43.70 19.08
N THR D 1734 28.56 -43.03 18.56
CA THR D 1734 28.80 -41.83 17.74
C THR D 1734 29.48 -40.74 18.57
N LYS D 1735 28.99 -40.49 19.78
CA LYS D 1735 29.62 -39.50 20.63
C LYS D 1735 31.04 -39.92 20.99
N LEU D 1736 31.25 -41.22 21.24
CA LEU D 1736 32.59 -41.69 21.54
C LEU D 1736 33.55 -41.39 20.39
N VAL D 1737 33.16 -41.71 19.17
CA VAL D 1737 34.04 -41.49 18.03
C VAL D 1737 34.27 -40.01 17.79
N CYS D 1738 33.22 -39.19 17.96
CA CYS D 1738 33.39 -37.75 17.79
C CYS D 1738 34.38 -37.19 18.80
N ASP D 1739 34.23 -37.59 20.08
CA ASP D 1739 35.13 -37.11 21.11
C ASP D 1739 36.55 -37.57 20.84
N LEU D 1740 36.72 -38.84 20.45
CA LEU D 1740 38.06 -39.34 20.16
C LEU D 1740 38.70 -38.56 19.01
N ILE D 1741 37.94 -38.34 17.94
CA ILE D 1741 38.48 -37.62 16.80
C ILE D 1741 38.88 -36.20 17.19
N THR D 1742 38.04 -35.52 17.97
CA THR D 1742 38.29 -34.13 18.29
C THR D 1742 39.29 -33.92 19.42
N SER D 1743 39.64 -34.97 20.18
CA SER D 1743 40.53 -34.81 21.33
C SER D 1743 41.78 -35.68 21.29
N THR D 1744 41.93 -36.54 20.30
CA THR D 1744 43.05 -37.49 20.32
C THR D 1744 44.26 -36.92 19.60
N LYS D 1745 45.45 -37.40 20.01
CA LYS D 1745 46.70 -37.08 19.36
C LYS D 1745 47.39 -38.30 18.76
N ASN D 1746 46.82 -39.49 18.91
CA ASN D 1746 47.45 -40.71 18.43
C ASN D 1746 46.90 -41.09 17.05
N GLU D 1747 47.81 -41.36 16.11
CA GLU D 1747 47.38 -41.71 14.76
C GLU D 1747 46.57 -43.00 14.75
N LYS D 1748 47.00 -44.01 15.52
CA LYS D 1748 46.26 -45.26 15.56
C LYS D 1748 44.85 -45.06 16.12
N ILE D 1749 44.73 -44.26 17.20
CA ILE D 1749 43.41 -44.00 17.77
C ILE D 1749 42.54 -43.27 16.78
N PHE D 1750 43.09 -42.27 16.09
CA PHE D 1750 42.32 -41.54 15.08
C PHE D 1750 41.85 -42.47 13.97
N GLN D 1751 42.74 -43.34 13.49
CA GLN D 1751 42.36 -44.26 12.42
C GLN D 1751 41.28 -45.23 12.88
N GLU D 1752 41.39 -45.74 14.11
CA GLU D 1752 40.38 -46.66 14.62
C GLU D 1752 39.04 -45.95 14.79
N SER D 1753 39.05 -44.70 15.26
CA SER D 1753 37.81 -43.95 15.37
C SER D 1753 37.17 -43.72 14.00
N ILE D 1754 37.98 -43.39 13.00
CA ILE D 1754 37.47 -43.20 11.65
C ILE D 1754 36.87 -44.50 11.12
N GLY D 1755 37.55 -45.62 11.34
CA GLY D 1755 37.04 -46.90 10.89
C GLY D 1755 35.73 -47.27 11.57
N LEU D 1756 35.64 -47.02 12.88
CA LEU D 1756 34.40 -47.31 13.59
C LEU D 1756 33.26 -46.44 13.08
N ALA D 1757 33.54 -45.16 12.82
CA ALA D 1757 32.51 -44.29 12.26
C ALA D 1757 32.08 -44.77 10.88
N ILE D 1758 33.03 -45.21 10.06
CA ILE D 1758 32.70 -45.73 8.74
C ILE D 1758 31.81 -46.96 8.85
N HIS D 1759 32.15 -47.86 9.78
CA HIS D 1759 31.32 -49.06 9.97
C HIS D 1759 29.93 -48.69 10.44
N LEU D 1760 29.82 -47.72 11.35
CA LEU D 1760 28.51 -47.29 11.82
C LEU D 1760 27.69 -46.70 10.69
N LEU D 1761 28.31 -45.89 9.84
CA LEU D 1761 27.61 -45.23 8.75
C LEU D 1761 27.44 -46.11 7.51
N ASP D 1762 28.01 -47.32 7.51
CA ASP D 1762 27.91 -48.18 6.34
C ASP D 1762 26.45 -48.47 6.02
N GLY D 1763 26.13 -48.47 4.73
CA GLY D 1763 24.77 -48.66 4.29
C GLY D 1763 23.91 -47.41 4.31
N GLY D 1764 24.51 -46.25 4.60
CA GLY D 1764 23.73 -45.01 4.62
C GLY D 1764 22.63 -45.01 5.66
N ASN D 1765 22.94 -45.43 6.88
CA ASN D 1765 21.92 -45.52 7.93
C ASN D 1765 21.44 -44.12 8.30
N THR D 1766 20.18 -43.84 7.99
CA THR D 1766 19.63 -42.51 8.25
C THR D 1766 19.62 -42.19 9.73
N GLU D 1767 19.42 -43.19 10.59
CA GLU D 1767 19.41 -42.94 12.03
C GLU D 1767 20.76 -42.43 12.50
N ILE D 1768 21.84 -43.10 12.10
CA ILE D 1768 23.18 -42.67 12.50
C ILE D 1768 23.52 -41.34 11.86
N GLN D 1769 23.10 -41.12 10.61
CA GLN D 1769 23.34 -39.83 9.98
C GLN D 1769 22.67 -38.71 10.75
N LYS D 1770 21.42 -38.91 11.16
CA LYS D 1770 20.71 -37.91 11.94
C LYS D 1770 21.37 -37.69 13.29
N SER D 1771 21.84 -38.78 13.93
CA SER D 1771 22.53 -38.63 15.20
C SER D 1771 23.79 -37.79 15.04
N PHE D 1772 24.58 -38.07 14.00
CA PHE D 1772 25.79 -37.28 13.77
C PHE D 1772 25.44 -35.82 13.51
N HIS D 1773 24.40 -35.56 12.70
CA HIS D 1773 24.02 -34.19 12.42
C HIS D 1773 23.59 -33.46 13.69
N ASN D 1774 22.80 -34.13 14.54
CA ASN D 1774 22.36 -33.52 15.79
C ASN D 1774 23.54 -33.21 16.69
N LEU D 1775 24.48 -34.16 16.82
CA LEU D 1775 25.65 -33.90 17.65
C LEU D 1775 26.46 -32.72 17.11
N MET D 1776 26.67 -32.68 15.80
CA MET D 1776 27.47 -31.59 15.23
C MET D 1776 26.79 -30.25 15.41
N MET D 1777 25.46 -30.19 15.23
CA MET D 1777 24.78 -28.90 15.31
C MET D 1777 24.60 -28.45 16.76
N SER D 1778 24.52 -29.38 17.71
CA SER D 1778 24.29 -29.01 19.10
C SER D 1778 25.59 -28.81 19.87
N ASP D 1779 26.46 -29.81 19.90
CA ASP D 1779 27.68 -29.72 20.68
C ASP D 1779 28.58 -28.62 20.13
N LYS D 1780 29.33 -28.01 21.04
CA LYS D 1780 30.26 -26.94 20.67
C LYS D 1780 31.59 -27.45 20.15
N LYS D 1781 31.79 -28.76 20.13
CA LYS D 1781 33.03 -29.35 19.63
C LYS D 1781 33.02 -29.54 18.12
N SER D 1782 31.93 -29.19 17.44
CA SER D 1782 31.91 -29.28 15.99
C SER D 1782 32.95 -28.38 15.36
N GLU D 1783 33.21 -27.21 15.96
CA GLU D 1783 34.27 -26.35 15.47
C GLU D 1783 35.60 -27.07 15.48
N ARG D 1784 35.94 -27.72 16.61
CA ARG D 1784 37.20 -28.45 16.69
C ARG D 1784 37.23 -29.60 15.70
N PHE D 1785 36.12 -30.31 15.56
CA PHE D 1785 36.06 -31.45 14.64
C PHE D 1785 36.35 -31.02 13.21
N PHE D 1786 35.63 -30.00 12.74
CA PHE D 1786 35.84 -29.51 11.39
C PHE D 1786 37.22 -28.91 11.22
N LYS D 1787 37.73 -28.23 12.25
CA LYS D 1787 39.07 -27.65 12.16
C LYS D 1787 40.12 -28.74 12.00
N VAL D 1788 40.01 -29.82 12.77
CA VAL D 1788 41.01 -30.89 12.67
C VAL D 1788 40.89 -31.60 11.33
N LEU D 1789 39.66 -31.82 10.84
CA LEU D 1789 39.51 -32.43 9.53
C LEU D 1789 40.14 -31.56 8.45
N HIS D 1790 39.90 -30.24 8.51
CA HIS D 1790 40.46 -29.33 7.53
C HIS D 1790 41.98 -29.31 7.60
N ASP D 1791 42.53 -29.33 8.82
CA ASP D 1791 43.98 -29.33 8.98
C ASP D 1791 44.59 -30.60 8.41
N ARG D 1792 43.98 -31.75 8.67
CA ARG D 1792 44.49 -33.00 8.12
C ARG D 1792 44.43 -32.98 6.60
N MET D 1793 43.32 -32.49 6.03
CA MET D 1793 43.21 -32.44 4.57
C MET D 1793 44.25 -31.50 3.98
N LYS D 1794 44.47 -30.35 4.60
CA LYS D 1794 45.47 -29.40 4.10
C LYS D 1794 46.87 -29.99 4.18
N ARG D 1795 47.18 -30.69 5.28
CA ARG D 1795 48.48 -31.34 5.40
C ARG D 1795 48.66 -32.40 4.32
N ALA D 1796 47.61 -33.18 4.04
CA ALA D 1796 47.69 -34.16 2.98
C ALA D 1796 47.92 -33.49 1.63
N GLN D 1797 47.21 -32.39 1.37
CA GLN D 1797 47.41 -31.67 0.11
C GLN D 1797 48.84 -31.16 -0.01
N GLN D 1798 49.38 -30.59 1.07
CA GLN D 1798 50.75 -30.08 1.04
C GLN D 1798 51.75 -31.20 0.80
N GLU D 1799 51.57 -32.34 1.46
CA GLU D 1799 52.48 -33.47 1.24
C GLU D 1799 52.39 -33.96 -0.20
N THR D 1800 51.17 -34.04 -0.76
CA THR D 1800 51.03 -34.44 -2.15
C THR D 1800 51.71 -33.47 -3.09
N LYS D 1801 51.56 -32.17 -2.83
CA LYS D 1801 52.21 -31.17 -3.66
C LYS D 1801 53.72 -31.29 -3.58
N SER D 1802 54.27 -31.50 -2.38
CA SER D 1802 55.71 -31.64 -2.23
C SER D 1802 56.21 -32.88 -2.97
N THR D 1803 55.48 -34.00 -2.86
CA THR D 1803 55.88 -35.21 -3.59
C THR D 1803 55.85 -34.97 -5.09
N VAL D 1804 54.81 -34.29 -5.59
CA VAL D 1804 54.71 -34.00 -7.00
C VAL D 1804 55.79 -32.99 -7.41
N MET D 1863 51.58 -42.19 -1.59
CA MET D 1863 52.43 -42.67 -0.51
C MET D 1863 52.51 -41.63 0.60
N GLY D 1864 52.79 -42.10 1.82
CA GLY D 1864 52.83 -41.24 2.98
C GLY D 1864 51.60 -41.45 3.84
N THR D 1865 51.79 -41.35 5.16
CA THR D 1865 50.68 -41.59 6.07
C THR D 1865 49.55 -40.58 5.86
N SER D 1866 49.90 -39.31 5.69
CA SER D 1866 48.89 -38.27 5.51
C SER D 1866 48.07 -38.52 4.24
N VAL D 1867 48.74 -38.87 3.15
CA VAL D 1867 48.02 -39.14 1.90
C VAL D 1867 47.16 -40.38 2.04
N LEU D 1868 47.69 -41.43 2.67
CA LEU D 1868 46.93 -42.67 2.80
C LEU D 1868 45.69 -42.48 3.65
N ILE D 1869 45.79 -41.73 4.76
CA ILE D 1869 44.66 -41.57 5.66
C ILE D 1869 43.57 -40.68 5.07
N MET D 1870 43.77 -40.12 3.88
CA MET D 1870 42.72 -39.33 3.26
C MET D 1870 41.55 -40.21 2.83
N GLN D 1871 41.83 -41.40 2.31
CA GLN D 1871 40.76 -42.24 1.78
C GLN D 1871 39.72 -42.59 2.84
N PRO D 1872 40.09 -43.00 4.05
CA PRO D 1872 39.06 -43.22 5.08
C PRO D 1872 38.21 -41.98 5.35
N ILE D 1873 38.82 -40.79 5.34
CA ILE D 1873 38.05 -39.58 5.58
C ILE D 1873 37.05 -39.33 4.46
N LEU D 1874 37.48 -39.52 3.20
CA LEU D 1874 36.57 -39.34 2.08
C LEU D 1874 35.44 -40.35 2.14
N ARG D 1875 35.74 -41.61 2.49
CA ARG D 1875 34.69 -42.61 2.62
C ARG D 1875 33.72 -42.24 3.73
N PHE D 1876 34.24 -41.74 4.85
CA PHE D 1876 33.37 -41.31 5.94
C PHE D 1876 32.43 -40.19 5.51
N LEU D 1877 32.97 -39.20 4.80
CA LEU D 1877 32.13 -38.11 4.32
C LEU D 1877 31.10 -38.59 3.31
N GLN D 1878 31.50 -39.51 2.42
CA GLN D 1878 30.57 -40.05 1.44
C GLN D 1878 29.42 -40.77 2.13
N LEU D 1879 29.73 -41.59 3.14
CA LEU D 1879 28.68 -42.28 3.88
C LEU D 1879 27.83 -41.30 4.66
N LEU D 1880 28.44 -40.23 5.18
CA LEU D 1880 27.67 -39.22 5.90
C LEU D 1880 26.66 -38.54 5.00
N CYS D 1881 27.04 -38.26 3.76
CA CYS D 1881 26.16 -37.61 2.79
C CYS D 1881 25.39 -38.61 1.94
N GLU D 1882 25.50 -39.90 2.23
CA GLU D 1882 24.82 -40.91 1.43
C GLU D 1882 23.31 -40.78 1.56
N ASN D 1883 22.60 -41.28 0.54
CA ASN D 1883 21.14 -41.27 0.49
C ASN D 1883 20.58 -39.86 0.37
N HIS D 1884 21.35 -38.95 -0.21
CA HIS D 1884 20.88 -37.60 -0.51
C HIS D 1884 20.39 -36.89 0.76
N ASN D 1885 21.28 -36.79 1.74
CA ASN D 1885 20.98 -36.08 2.98
C ASN D 1885 21.35 -34.62 2.78
N ARG D 1886 20.36 -33.82 2.36
CA ARG D 1886 20.62 -32.43 2.01
C ARG D 1886 21.11 -31.63 3.21
N ASP D 1887 20.59 -31.92 4.40
CA ASP D 1887 21.02 -31.21 5.60
C ASP D 1887 22.52 -31.37 5.80
N LEU D 1888 23.02 -32.60 5.77
CA LEU D 1888 24.45 -32.84 5.94
C LEU D 1888 25.25 -32.30 4.76
N GLN D 1889 24.72 -32.38 3.55
CA GLN D 1889 25.43 -31.85 2.40
C GLN D 1889 25.66 -30.35 2.55
N ASN D 1890 24.65 -29.62 3.00
CA ASN D 1890 24.81 -28.19 3.23
C ASN D 1890 25.66 -27.89 4.46
N PHE D 1891 25.56 -28.72 5.50
CA PHE D 1891 26.36 -28.50 6.70
C PHE D 1891 27.84 -28.66 6.41
N LEU D 1892 28.21 -29.66 5.62
CA LEU D 1892 29.61 -29.86 5.26
C LEU D 1892 30.16 -28.70 4.44
N ARG D 1893 29.31 -28.01 3.67
CA ARG D 1893 29.77 -26.85 2.92
C ARG D 1893 29.90 -25.63 3.82
N CYS D 1894 28.83 -25.31 4.54
CA CYS D 1894 28.80 -24.16 5.44
C CYS D 1894 28.21 -24.59 6.77
N GLN D 1895 28.82 -24.12 7.86
CA GLN D 1895 28.36 -24.42 9.20
C GLN D 1895 27.86 -23.14 9.86
N ASN D 1896 26.84 -23.29 10.71
CA ASN D 1896 26.30 -22.15 11.43
C ASN D 1896 27.27 -21.59 12.47
N ASN D 1897 28.34 -22.31 12.77
CA ASN D 1897 29.30 -21.84 13.76
C ASN D 1897 29.97 -20.55 13.29
N LYS D 1898 30.76 -19.95 14.19
CA LYS D 1898 31.44 -18.72 13.86
C LYS D 1898 32.42 -18.91 12.71
N THR D 1899 33.17 -20.01 12.72
CA THR D 1899 34.15 -20.33 11.69
C THR D 1899 33.68 -21.54 10.90
N ASN D 1900 33.73 -21.44 9.57
CA ASN D 1900 33.28 -22.49 8.68
C ASN D 1900 34.42 -22.96 7.80
N TYR D 1901 34.53 -24.28 7.63
CA TYR D 1901 35.52 -24.89 6.75
C TYR D 1901 34.79 -25.55 5.59
N ASN D 1902 35.20 -25.23 4.36
CA ASN D 1902 34.53 -25.71 3.16
C ASN D 1902 35.19 -27.01 2.72
N LEU D 1903 34.68 -28.14 3.22
CA LEU D 1903 35.27 -29.44 2.92
C LEU D 1903 35.13 -29.79 1.45
N VAL D 1904 34.06 -29.34 0.79
CA VAL D 1904 33.91 -29.58 -0.64
C VAL D 1904 35.03 -28.92 -1.42
N CYS D 1905 35.33 -27.65 -1.09
CA CYS D 1905 36.43 -26.96 -1.75
C CYS D 1905 37.76 -27.63 -1.42
N GLU D 1906 37.94 -28.07 -0.18
CA GLU D 1906 39.19 -28.75 0.17
C GLU D 1906 39.37 -30.03 -0.65
N THR D 1907 38.30 -30.81 -0.79
CA THR D 1907 38.36 -32.04 -1.57
C THR D 1907 38.65 -31.75 -3.03
N LEU D 1908 38.01 -30.73 -3.59
CA LEU D 1908 38.25 -30.38 -4.99
C LEU D 1908 39.70 -29.94 -5.19
N GLN D 1909 40.24 -29.15 -4.26
CA GLN D 1909 41.63 -28.73 -4.36
C GLN D 1909 42.57 -29.92 -4.27
N PHE D 1910 42.27 -30.86 -3.36
CA PHE D 1910 43.10 -32.05 -3.26
C PHE D 1910 43.08 -32.85 -4.56
N LEU D 1911 41.90 -33.01 -5.16
CA LEU D 1911 41.81 -33.72 -6.43
C LEU D 1911 42.60 -33.02 -7.51
N ASP D 1912 42.48 -31.70 -7.60
CA ASP D 1912 43.21 -30.95 -8.62
C ASP D 1912 44.71 -31.09 -8.43
N ILE D 1913 45.18 -31.01 -7.18
CA ILE D 1913 46.61 -31.13 -6.91
C ILE D 1913 47.11 -32.52 -7.26
N MET D 1914 46.36 -33.56 -6.87
CA MET D 1914 46.80 -34.92 -7.13
C MET D 1914 46.71 -35.29 -8.60
N CYS D 1915 45.87 -34.62 -9.38
CA CYS D 1915 45.74 -34.90 -10.80
C CYS D 1915 46.74 -34.14 -11.66
N GLY D 1916 47.61 -33.34 -11.06
CA GLY D 1916 48.64 -32.62 -11.78
C GLY D 1916 48.33 -31.17 -12.07
N SER D 1917 47.20 -30.65 -11.60
CA SER D 1917 46.86 -29.23 -11.78
C SER D 1917 46.75 -28.95 -13.28
N THR D 1918 47.08 -27.72 -13.69
CA THR D 1918 46.86 -27.31 -15.08
C THR D 1918 47.71 -28.13 -16.04
N THR D 1919 48.97 -28.38 -15.70
CA THR D 1919 49.84 -29.14 -16.60
C THR D 1919 49.31 -30.56 -16.77
N GLY D 1920 48.84 -31.17 -15.69
CA GLY D 1920 48.26 -32.51 -15.81
C GLY D 1920 46.98 -32.52 -16.60
N GLY D 1921 46.14 -31.51 -16.42
CA GLY D 1921 44.85 -31.45 -17.10
C GLY D 1921 44.92 -31.02 -18.56
N LEU D 1922 46.02 -30.41 -18.98
CA LEU D 1922 46.18 -29.98 -20.36
C LEU D 1922 46.62 -31.11 -21.29
N GLY D 1923 46.89 -32.30 -20.75
CA GLY D 1923 47.27 -33.43 -21.58
C GLY D 1923 48.33 -34.32 -20.98
N LEU D 1924 48.85 -33.93 -19.80
CA LEU D 1924 49.86 -34.70 -19.10
C LEU D 1924 49.29 -35.40 -17.87
N LEU D 1925 47.99 -35.73 -17.92
CA LEU D 1925 47.34 -36.37 -16.77
C LEU D 1925 47.92 -37.75 -16.47
N GLY D 1926 48.52 -38.40 -17.46
CA GLY D 1926 49.02 -39.76 -17.26
C GLY D 1926 50.28 -39.84 -16.44
N LEU D 1927 51.00 -38.73 -16.29
CA LEU D 1927 52.26 -38.71 -15.56
C LEU D 1927 52.06 -38.58 -14.06
N TYR D 1928 50.83 -38.37 -13.59
CA TYR D 1928 50.55 -38.20 -12.17
C TYR D 1928 49.68 -39.30 -11.57
N ILE D 1929 48.83 -39.95 -12.37
CA ILE D 1929 47.95 -40.99 -11.88
C ILE D 1929 48.70 -42.31 -12.00
N ASN D 1930 49.20 -42.81 -10.87
CA ASN D 1930 49.91 -44.08 -10.81
C ASN D 1930 48.95 -45.18 -10.38
N GLU D 1931 49.49 -46.37 -10.11
CA GLU D 1931 48.69 -47.51 -9.70
C GLU D 1931 48.29 -47.46 -8.22
N ASP D 1932 48.90 -46.58 -7.43
CA ASP D 1932 48.62 -46.48 -6.01
C ASP D 1932 47.59 -45.41 -5.67
N ASN D 1933 47.63 -44.27 -6.34
CA ASN D 1933 46.71 -43.18 -6.07
C ASN D 1933 45.43 -43.28 -6.89
N VAL D 1934 45.30 -44.30 -7.75
CA VAL D 1934 44.09 -44.45 -8.55
C VAL D 1934 42.89 -44.68 -7.65
N GLY D 1935 43.04 -45.54 -6.63
CA GLY D 1935 41.94 -45.77 -5.71
C GLY D 1935 41.53 -44.51 -4.97
N LEU D 1936 42.51 -43.73 -4.53
CA LEU D 1936 42.19 -42.49 -3.83
C LEU D 1936 41.47 -41.50 -4.75
N VAL D 1937 41.91 -41.42 -6.01
CA VAL D 1937 41.25 -40.54 -6.97
C VAL D 1937 39.81 -41.00 -7.20
N ILE D 1938 39.60 -42.32 -7.30
CA ILE D 1938 38.25 -42.84 -7.50
C ILE D 1938 37.38 -42.51 -6.29
N GLN D 1939 37.92 -42.67 -5.09
CA GLN D 1939 37.16 -42.35 -3.89
C GLN D 1939 36.81 -40.87 -3.85
N THR D 1940 37.75 -40.01 -4.23
CA THR D 1940 37.47 -38.58 -4.27
C THR D 1940 36.37 -38.25 -5.27
N LEU D 1941 36.41 -38.89 -6.44
CA LEU D 1941 35.36 -38.67 -7.43
C LEU D 1941 34.01 -39.14 -6.90
N GLU D 1942 33.97 -40.29 -6.23
CA GLU D 1942 32.72 -40.77 -5.66
C GLU D 1942 32.19 -39.80 -4.60
N THR D 1943 33.09 -39.27 -3.77
CA THR D 1943 32.66 -38.31 -2.74
C THR D 1943 32.10 -37.05 -3.38
N LEU D 1944 32.76 -36.54 -4.43
CA LEU D 1944 32.24 -35.36 -5.11
C LEU D 1944 30.89 -35.64 -5.75
N THR D 1945 30.73 -36.82 -6.35
CA THR D 1945 29.44 -37.18 -6.93
C THR D 1945 28.36 -37.23 -5.86
N GLU D 1946 28.67 -37.81 -4.70
CA GLU D 1946 27.70 -37.87 -3.62
C GLU D 1946 27.32 -36.47 -3.14
N TYR D 1947 28.31 -35.58 -3.03
CA TYR D 1947 28.00 -34.19 -2.68
C TYR D 1947 27.07 -33.56 -3.69
N CYS D 1948 27.37 -33.74 -4.98
CA CYS D 1948 26.58 -33.09 -6.03
C CYS D 1948 25.15 -33.63 -6.07
N GLN D 1949 24.99 -34.94 -5.90
CA GLN D 1949 23.69 -35.56 -6.05
C GLN D 1949 22.75 -35.14 -4.92
N GLY D 1950 21.46 -35.29 -5.19
CA GLY D 1950 20.42 -34.99 -4.22
C GLY D 1950 19.23 -34.25 -4.79
N PRO D 1951 19.45 -33.29 -5.71
CA PRO D 1951 20.69 -32.59 -6.07
C PRO D 1951 20.99 -31.45 -5.10
N CYS D 1952 22.23 -30.98 -5.01
CA CYS D 1952 22.59 -29.85 -4.16
C CYS D 1952 23.07 -28.72 -5.07
N HIS D 1953 22.20 -27.73 -5.28
CA HIS D 1953 22.53 -26.64 -6.19
C HIS D 1953 23.74 -25.85 -5.70
N GLU D 1954 23.81 -25.60 -4.40
CA GLU D 1954 24.92 -24.83 -3.85
C GLU D 1954 26.24 -25.54 -4.11
N ASN D 1955 26.30 -26.84 -3.81
CA ASN D 1955 27.54 -27.59 -4.02
C ASN D 1955 27.89 -27.66 -5.52
N GLN D 1956 26.89 -27.88 -6.36
CA GLN D 1956 27.15 -27.92 -7.79
C GLN D 1956 27.73 -26.60 -8.29
N THR D 1957 27.12 -25.48 -7.88
CA THR D 1957 27.62 -24.18 -8.30
C THR D 1957 29.03 -23.94 -7.78
N CYS D 1958 29.28 -24.29 -6.52
CA CYS D 1958 30.60 -24.08 -5.94
C CYS D 1958 31.66 -24.87 -6.67
N ILE D 1959 31.38 -26.13 -6.99
CA ILE D 1959 32.36 -26.95 -7.70
C ILE D 1959 32.56 -26.43 -9.12
N VAL D 1960 31.49 -25.99 -9.77
CA VAL D 1960 31.60 -25.51 -11.14
C VAL D 1960 32.43 -24.23 -11.20
N THR D 1961 32.19 -23.30 -10.27
CA THR D 1961 32.81 -21.99 -10.31
C THR D 1961 34.00 -21.87 -9.36
N HIS D 1962 34.50 -22.98 -8.83
CA HIS D 1962 35.64 -22.92 -7.94
C HIS D 1962 36.86 -22.37 -8.67
N GLU D 1963 37.69 -21.64 -7.94
CA GLU D 1963 38.84 -20.97 -8.54
C GLU D 1963 39.93 -21.95 -8.96
N SER D 1964 39.90 -23.18 -8.44
CA SER D 1964 40.92 -24.17 -8.78
C SER D 1964 40.73 -24.80 -10.15
N ASN D 1965 39.57 -24.61 -10.78
CA ASN D 1965 39.30 -25.15 -12.11
C ASN D 1965 39.48 -26.68 -12.13
N GLY D 1966 38.86 -27.34 -11.14
CA GLY D 1966 38.86 -28.78 -11.13
C GLY D 1966 37.94 -29.42 -12.15
N ILE D 1967 37.03 -28.62 -12.73
CA ILE D 1967 36.19 -29.13 -13.80
C ILE D 1967 37.04 -29.51 -15.01
N ASP D 1968 38.11 -28.75 -15.27
CA ASP D 1968 39.02 -29.10 -16.35
C ASP D 1968 39.67 -30.46 -16.08
N ILE D 1969 40.09 -30.71 -14.84
CA ILE D 1969 40.67 -32.00 -14.48
C ILE D 1969 39.64 -33.11 -14.66
N ILE D 1970 38.40 -32.86 -14.23
CA ILE D 1970 37.35 -33.86 -14.36
C ILE D 1970 37.12 -34.21 -15.83
N THR D 1971 37.07 -33.19 -16.69
CA THR D 1971 36.85 -33.43 -18.11
C THR D 1971 38.05 -34.13 -18.74
N ALA D 1972 39.26 -33.79 -18.31
CA ALA D 1972 40.44 -34.46 -18.83
C ALA D 1972 40.46 -35.93 -18.44
N LEU D 1973 39.95 -36.26 -17.24
CA LEU D 1973 39.88 -37.66 -16.83
C LEU D 1973 39.09 -38.49 -17.83
N ILE D 1974 38.16 -37.87 -18.55
CA ILE D 1974 37.36 -38.58 -19.55
C ILE D 1974 37.98 -38.47 -20.94
N LEU D 1975 38.47 -37.29 -21.30
CA LEU D 1975 38.96 -37.03 -22.65
C LEU D 1975 40.41 -37.41 -22.87
N ASN D 1976 41.09 -37.94 -21.85
CA ASN D 1976 42.49 -38.32 -21.97
C ASN D 1976 42.68 -39.75 -21.49
N ASP D 1977 43.66 -40.42 -22.07
CA ASP D 1977 43.98 -41.80 -21.74
C ASP D 1977 45.28 -41.85 -20.93
N ILE D 1978 45.25 -42.57 -19.81
CA ILE D 1978 46.42 -42.71 -18.96
C ILE D 1978 47.30 -43.78 -19.60
N SER D 1979 48.26 -43.35 -20.42
CA SER D 1979 49.07 -44.32 -21.17
C SER D 1979 49.83 -45.26 -20.27
N PRO D 1980 50.54 -44.81 -19.23
CA PRO D 1980 51.28 -45.76 -18.38
C PRO D 1980 50.38 -46.82 -17.75
N LEU D 1981 49.16 -46.45 -17.35
CA LEU D 1981 48.29 -47.36 -16.63
C LEU D 1981 47.28 -48.06 -17.53
N CYS D 1982 47.00 -47.51 -18.72
CA CYS D 1982 46.01 -48.13 -19.59
C CYS D 1982 46.45 -49.52 -20.03
N LYS D 1983 47.73 -49.68 -20.35
CA LYS D 1983 48.25 -50.96 -20.85
C LYS D 1983 48.54 -51.96 -19.73
N TYR D 1984 48.44 -51.55 -18.47
CA TYR D 1984 48.63 -52.44 -17.34
C TYR D 1984 47.32 -52.82 -16.65
N ARG D 1985 46.55 -51.82 -16.21
CA ARG D 1985 45.29 -52.03 -15.49
C ARG D 1985 44.25 -51.13 -16.14
N MET D 1986 43.59 -51.63 -17.18
CA MET D 1986 42.60 -50.84 -17.91
C MET D 1986 41.29 -50.70 -17.15
N ASP D 1987 40.95 -51.66 -16.29
CA ASP D 1987 39.69 -51.59 -15.56
C ASP D 1987 39.67 -50.37 -14.64
N LEU D 1988 40.81 -50.03 -14.03
CA LEU D 1988 40.86 -48.85 -13.18
C LEU D 1988 40.62 -47.58 -14.00
N VAL D 1989 41.18 -47.52 -15.22
CA VAL D 1989 40.94 -46.37 -16.08
C VAL D 1989 39.46 -46.28 -16.45
N LEU D 1990 38.84 -47.42 -16.75
CA LEU D 1990 37.42 -47.42 -17.07
C LEU D 1990 36.59 -46.95 -15.88
N GLN D 1991 36.95 -47.38 -14.67
CA GLN D 1991 36.25 -46.93 -13.47
C GLN D 1991 36.42 -45.42 -13.28
N LEU D 1992 37.62 -44.91 -13.51
CA LEU D 1992 37.84 -43.47 -13.41
C LEU D 1992 36.97 -42.71 -14.39
N LYS D 1993 36.91 -43.18 -15.64
CA LYS D 1993 36.08 -42.52 -16.64
C LYS D 1993 34.61 -42.57 -16.24
N ASP D 1994 34.14 -43.71 -15.76
CA ASP D 1994 32.74 -43.82 -15.35
C ASP D 1994 32.43 -42.89 -14.19
N ASN D 1995 33.33 -42.81 -13.20
CA ASN D 1995 33.10 -41.93 -12.07
C ASN D 1995 33.09 -40.47 -12.51
N ALA D 1996 34.00 -40.09 -13.41
CA ALA D 1996 34.01 -38.72 -13.91
C ALA D 1996 32.72 -38.39 -14.64
N SER D 1997 32.25 -39.32 -15.48
CA SER D 1997 31.00 -39.10 -16.21
C SER D 1997 29.83 -38.97 -15.26
N LYS D 1998 29.78 -39.82 -14.23
CA LYS D 1998 28.69 -39.73 -13.26
C LYS D 1998 28.73 -38.41 -12.50
N LEU D 1999 29.94 -37.96 -12.14
CA LEU D 1999 30.06 -36.66 -11.46
C LEU D 1999 29.58 -35.53 -12.36
N LEU D 2000 29.96 -35.55 -13.64
CA LEU D 2000 29.51 -34.51 -14.56
C LEU D 2000 27.99 -34.54 -14.71
N LEU D 2001 27.41 -35.73 -14.81
CA LEU D 2001 25.95 -35.83 -14.89
C LEU D 2001 25.29 -35.29 -13.62
N ALA D 2002 25.84 -35.62 -12.46
CA ALA D 2002 25.28 -35.14 -11.20
C ALA D 2002 25.39 -33.63 -11.07
N LEU D 2003 26.41 -33.04 -11.71
CA LEU D 2003 26.58 -31.59 -11.64
C LEU D 2003 25.49 -30.82 -12.37
N MET D 2004 24.64 -31.48 -13.16
CA MET D 2004 23.67 -30.77 -13.98
C MET D 2004 22.28 -31.37 -13.90
N GLU D 2005 21.95 -32.05 -12.80
CA GLU D 2005 20.67 -32.75 -12.72
C GLU D 2005 19.49 -31.79 -12.78
N SER D 2006 19.30 -30.98 -11.74
CA SER D 2006 18.19 -30.04 -11.67
C SER D 2006 18.66 -28.64 -12.06
N ARG D 2007 19.19 -28.53 -13.27
CA ARG D 2007 19.66 -27.26 -13.81
C ARG D 2007 18.97 -26.99 -15.14
N HIS D 2008 18.36 -25.81 -15.25
CA HIS D 2008 17.78 -25.35 -16.50
C HIS D 2008 18.65 -24.33 -17.21
N ASP D 2009 19.47 -23.58 -16.47
CA ASP D 2009 20.37 -22.61 -17.06
C ASP D 2009 21.52 -23.31 -17.76
N SER D 2010 22.20 -22.57 -18.63
CA SER D 2010 23.28 -23.10 -19.45
C SER D 2010 24.66 -22.78 -18.91
N GLU D 2011 24.76 -22.21 -17.71
CA GLU D 2011 26.07 -21.83 -17.18
C GLU D 2011 26.96 -23.05 -17.00
N ASN D 2012 26.47 -24.06 -16.29
CA ASN D 2012 27.28 -25.26 -16.05
C ASN D 2012 27.57 -25.98 -17.35
N ALA D 2013 26.59 -26.08 -18.24
CA ALA D 2013 26.80 -26.76 -19.52
C ALA D 2013 27.90 -26.08 -20.31
N GLU D 2014 27.86 -24.74 -20.39
CA GLU D 2014 28.90 -24.02 -21.12
C GLU D 2014 30.26 -24.18 -20.45
N ARG D 2015 30.30 -24.11 -19.13
CA ARG D 2015 31.58 -24.26 -18.44
C ARG D 2015 32.19 -25.63 -18.71
N ILE D 2016 31.36 -26.68 -18.70
CA ILE D 2016 31.86 -28.03 -18.98
C ILE D 2016 32.28 -28.15 -20.43
N LEU D 2017 31.49 -27.61 -21.36
CA LEU D 2017 31.81 -27.71 -22.77
C LEU D 2017 33.06 -26.93 -23.13
N ILE D 2018 33.44 -25.92 -22.33
CA ILE D 2018 34.68 -25.22 -22.57
C ILE D 2018 35.85 -26.19 -22.59
N SER D 2019 35.86 -27.16 -21.67
CA SER D 2019 36.91 -28.16 -21.61
C SER D 2019 36.60 -29.39 -22.46
N LEU D 2020 35.33 -29.77 -22.56
CA LEU D 2020 34.92 -30.94 -23.35
C LEU D 2020 34.70 -30.51 -24.78
N ARG D 2021 35.60 -30.88 -25.67
CA ARG D 2021 35.41 -30.62 -27.09
C ARG D 2021 34.50 -31.69 -27.69
N PRO D 2022 33.43 -31.32 -28.39
CA PRO D 2022 32.49 -32.35 -28.87
C PRO D 2022 33.14 -33.40 -29.75
N GLN D 2023 34.07 -33.01 -30.61
CA GLN D 2023 34.72 -33.98 -31.49
C GLN D 2023 35.47 -35.03 -30.67
N GLU D 2024 36.23 -34.58 -29.67
CA GLU D 2024 36.95 -35.52 -28.82
C GLU D 2024 36.00 -36.41 -28.03
N LEU D 2025 34.88 -35.84 -27.58
CA LEU D 2025 33.89 -36.63 -26.84
C LEU D 2025 33.33 -37.74 -27.72
N VAL D 2026 32.97 -37.41 -28.96
CA VAL D 2026 32.44 -38.42 -29.87
C VAL D 2026 33.50 -39.46 -30.18
N ASP D 2027 34.75 -39.02 -30.36
CA ASP D 2027 35.83 -39.97 -30.66
C ASP D 2027 36.03 -40.94 -29.50
N VAL D 2028 36.03 -40.45 -28.27
CA VAL D 2028 36.22 -41.33 -27.12
C VAL D 2028 35.02 -42.26 -26.96
N ILE D 2029 33.81 -41.77 -27.25
CA ILE D 2029 32.63 -42.64 -27.19
C ILE D 2029 32.77 -43.79 -28.17
N LYS D 2030 33.16 -43.48 -29.41
CA LYS D 2030 33.31 -44.51 -30.42
C LYS D 2030 34.43 -45.48 -30.06
N LYS D 2031 35.53 -44.95 -29.52
CA LYS D 2031 36.64 -45.83 -29.10
C LYS D 2031 36.19 -46.77 -28.00
N ALA D 2032 35.44 -46.26 -27.02
CA ALA D 2032 34.95 -47.10 -25.93
C ALA D 2032 34.01 -48.18 -26.47
N TYR D 2033 33.13 -47.82 -27.40
CA TYR D 2033 32.23 -48.81 -27.97
C TYR D 2033 33.02 -49.89 -28.71
N LEU D 2034 34.02 -49.48 -29.50
CA LEU D 2034 34.80 -50.45 -30.26
C LEU D 2034 35.60 -51.37 -29.33
N GLN D 2035 36.14 -50.82 -28.25
CA GLN D 2035 36.97 -51.60 -27.34
C GLN D 2035 36.16 -52.75 -26.75
N GLU D 2036 36.57 -53.98 -27.07
CA GLU D 2036 35.93 -55.17 -26.51
C GLU D 2036 36.92 -56.21 -26.00
N GLU D 2037 38.21 -56.11 -26.34
CA GLU D 2037 39.17 -57.10 -25.87
C GLU D 2037 39.28 -57.08 -24.35
N GLU D 2038 39.29 -55.88 -23.76
CA GLU D 2038 39.40 -55.77 -22.31
C GLU D 2038 38.18 -56.32 -21.60
N ARG D 2039 37.04 -56.44 -22.28
CA ARG D 2039 35.83 -56.93 -21.63
C ARG D 2039 36.02 -58.34 -21.08
N GLU D 2040 36.97 -59.08 -21.63
CA GLU D 2040 37.22 -60.45 -21.16
C GLU D 2040 37.59 -60.43 -19.68
N ASN D 2041 36.75 -61.06 -18.85
CA ASN D 2041 36.98 -61.15 -17.41
C ASN D 2041 37.18 -59.77 -16.80
N SER D 2042 36.28 -58.85 -17.15
CA SER D 2042 36.30 -57.49 -16.65
C SER D 2042 35.06 -57.23 -15.82
N GLU D 2043 35.25 -56.66 -14.63
CA GLU D 2043 34.11 -56.34 -13.77
C GLU D 2043 33.21 -55.29 -14.40
N VAL D 2044 33.80 -54.30 -15.06
CA VAL D 2044 33.06 -53.21 -15.68
C VAL D 2044 33.30 -53.27 -17.18
N SER D 2045 32.20 -53.23 -17.95
CA SER D 2045 32.31 -53.31 -19.41
C SER D 2045 32.55 -51.92 -19.98
N PRO D 2046 33.45 -51.77 -20.96
CA PRO D 2046 33.63 -50.47 -21.60
C PRO D 2046 32.36 -49.95 -22.27
N ARG D 2047 31.47 -50.85 -22.68
CA ARG D 2047 30.25 -50.41 -23.35
C ARG D 2047 29.37 -49.59 -22.42
N GLU D 2048 29.29 -49.98 -21.15
CA GLU D 2048 28.50 -49.20 -20.19
C GLU D 2048 29.09 -47.81 -20.00
N VAL D 2049 30.42 -47.71 -19.92
CA VAL D 2049 31.06 -46.40 -19.80
C VAL D 2049 30.77 -45.55 -21.03
N GLY D 2050 30.87 -46.17 -22.21
CA GLY D 2050 30.55 -45.44 -23.43
C GLY D 2050 29.12 -44.95 -23.46
N HIS D 2051 28.19 -45.79 -22.97
CA HIS D 2051 26.79 -45.39 -22.93
C HIS D 2051 26.58 -44.22 -21.96
N ASN D 2052 27.25 -44.25 -20.80
CA ASN D 2052 27.15 -43.14 -19.87
C ASN D 2052 27.70 -41.86 -20.48
N ILE D 2053 28.83 -41.95 -21.18
CA ILE D 2053 29.41 -40.78 -21.82
C ILE D 2053 28.48 -40.27 -22.91
N TYR D 2054 27.81 -41.17 -23.63
CA TYR D 2054 26.85 -40.76 -24.64
C TYR D 2054 25.66 -40.05 -24.02
N ILE D 2055 25.20 -40.52 -22.87
CA ILE D 2055 24.12 -39.83 -22.16
C ILE D 2055 24.56 -38.43 -21.75
N LEU D 2056 25.80 -38.31 -21.24
CA LEU D 2056 26.33 -37.00 -20.89
C LEU D 2056 26.39 -36.09 -22.11
N ALA D 2057 26.82 -36.62 -23.25
CA ALA D 2057 26.88 -35.84 -24.47
C ALA D 2057 25.49 -35.39 -24.91
N LEU D 2058 24.50 -36.28 -24.80
CA LEU D 2058 23.13 -35.88 -25.13
C LEU D 2058 22.64 -34.77 -24.23
N GLN D 2059 22.92 -34.86 -22.92
CA GLN D 2059 22.51 -33.80 -22.01
C GLN D 2059 23.20 -32.49 -22.34
N LEU D 2060 24.48 -32.54 -22.70
CA LEU D 2060 25.21 -31.32 -23.03
C LEU D 2060 24.75 -30.72 -24.37
N SER D 2061 24.27 -31.56 -25.28
CA SER D 2061 23.93 -31.11 -26.62
C SER D 2061 22.73 -30.16 -26.65
N ARG D 2062 21.98 -30.06 -25.55
CA ARG D 2062 20.82 -29.15 -25.55
C ARG D 2062 21.23 -27.71 -25.73
N HIS D 2063 22.51 -27.38 -25.52
CA HIS D 2063 23.01 -26.03 -25.65
C HIS D 2063 24.06 -25.86 -26.74
N ASN D 2064 24.68 -26.94 -27.21
CA ASN D 2064 25.69 -26.88 -28.25
C ASN D 2064 25.13 -27.51 -29.53
N LYS D 2065 25.14 -26.74 -30.62
CA LYS D 2065 24.62 -27.25 -31.88
C LYS D 2065 25.56 -28.26 -32.52
N GLN D 2066 26.87 -28.01 -32.43
CA GLN D 2066 27.84 -28.89 -33.07
C GLN D 2066 27.78 -30.30 -32.48
N LEU D 2067 27.66 -30.39 -31.15
CA LEU D 2067 27.57 -31.70 -30.51
C LEU D 2067 26.30 -32.42 -30.95
N GLN D 2068 25.18 -31.71 -31.07
CA GLN D 2068 23.96 -32.33 -31.56
C GLN D 2068 24.13 -32.84 -32.97
N HIS D 2069 24.80 -32.07 -33.83
CA HIS D 2069 25.04 -32.49 -35.21
C HIS D 2069 25.90 -33.75 -35.24
N LEU D 2070 26.95 -33.80 -34.41
CA LEU D 2070 27.86 -34.94 -34.42
C LEU D 2070 27.27 -36.16 -33.72
N LEU D 2071 26.25 -36.00 -32.87
CA LEU D 2071 25.65 -37.13 -32.17
C LEU D 2071 24.59 -37.85 -33.00
N LYS D 2072 24.29 -37.37 -34.20
CA LYS D 2072 23.32 -38.05 -35.03
C LYS D 2072 23.85 -39.43 -35.44
N PRO D 2073 22.96 -40.42 -35.60
CA PRO D 2073 23.45 -41.77 -35.91
C PRO D 2073 24.26 -41.83 -37.20
N VAL D 2074 23.89 -41.04 -38.20
CA VAL D 2074 24.61 -41.04 -39.47
C VAL D 2074 24.11 -39.89 -40.34
N GLU D 2111 26.52 -52.12 -35.49
CA GLU D 2111 27.94 -51.86 -35.70
C GLU D 2111 28.25 -50.38 -35.48
N ASP D 2112 27.25 -49.53 -35.66
CA ASP D 2112 27.43 -48.10 -35.48
C ASP D 2112 27.27 -47.75 -34.00
N PRO D 2113 28.31 -47.21 -33.35
CA PRO D 2113 28.17 -46.90 -31.91
C PRO D 2113 27.05 -45.92 -31.61
N LEU D 2114 26.95 -44.84 -32.39
CA LEU D 2114 25.91 -43.85 -32.14
C LEU D 2114 24.53 -44.44 -32.34
N ALA D 2115 24.35 -45.24 -33.39
CA ALA D 2115 23.06 -45.87 -33.61
C ALA D 2115 22.70 -46.83 -32.48
N TYR D 2116 23.67 -47.63 -32.02
CA TYR D 2116 23.40 -48.55 -30.93
C TYR D 2116 23.01 -47.80 -29.66
N TYR D 2117 23.74 -46.72 -29.34
CA TYR D 2117 23.43 -45.95 -28.14
C TYR D 2117 22.07 -45.27 -28.25
N GLU D 2118 21.74 -44.73 -29.43
CA GLU D 2118 20.44 -44.12 -29.62
C GLU D 2118 19.32 -45.15 -29.48
N ASN D 2119 19.51 -46.35 -30.03
CA ASN D 2119 18.52 -47.40 -29.89
C ASN D 2119 18.35 -47.87 -28.45
N HIS D 2120 19.45 -47.91 -27.68
CA HIS D 2120 19.40 -48.42 -26.31
C HIS D 2120 19.28 -47.30 -25.29
N THR D 2121 19.03 -46.07 -25.73
CA THR D 2121 18.87 -44.92 -24.85
C THR D 2121 17.43 -44.43 -24.91
N SER D 2122 16.91 -43.97 -23.77
CA SER D 2122 15.54 -43.49 -23.67
C SER D 2122 15.50 -42.22 -22.83
N GLN D 2123 14.44 -41.45 -23.02
CA GLN D 2123 14.23 -40.19 -22.31
C GLN D 2123 12.77 -40.07 -21.91
N ILE D 2124 12.52 -39.37 -20.81
CA ILE D 2124 11.18 -39.11 -20.32
C ILE D 2124 11.16 -37.74 -19.65
N GLU D 2125 9.96 -37.31 -19.24
CA GLU D 2125 9.77 -36.06 -18.53
C GLU D 2125 9.05 -36.34 -17.22
N ILE D 2126 9.50 -35.70 -16.14
CA ILE D 2126 8.91 -35.90 -14.83
C ILE D 2126 8.67 -34.56 -14.16
N VAL D 2127 7.74 -34.56 -13.21
CA VAL D 2127 7.40 -33.38 -12.42
C VAL D 2127 7.94 -33.58 -11.01
N ARG D 2128 8.65 -32.58 -10.51
CA ARG D 2128 9.23 -32.65 -9.18
C ARG D 2128 8.27 -32.06 -8.15
N GLN D 2129 8.64 -32.17 -6.87
CA GLN D 2129 7.75 -31.74 -5.80
C GLN D 2129 7.48 -30.24 -5.85
N ASP D 2130 8.36 -29.48 -6.52
CA ASP D 2130 8.18 -28.04 -6.67
C ASP D 2130 7.42 -27.66 -7.94
N ARG D 2131 6.67 -28.59 -8.52
CA ARG D 2131 5.87 -28.33 -9.72
C ARG D 2131 6.74 -27.80 -10.85
N SER D 2132 7.86 -28.48 -11.10
CA SER D 2132 8.74 -28.17 -12.22
C SER D 2132 8.96 -29.43 -13.05
N MET D 2133 8.91 -29.29 -14.37
CA MET D 2133 9.11 -30.41 -15.28
C MET D 2133 10.56 -30.45 -15.75
N GLU D 2134 11.17 -31.63 -15.65
CA GLU D 2134 12.54 -31.83 -16.11
C GLU D 2134 12.64 -33.14 -16.89
N GLN D 2135 13.59 -33.18 -17.81
CA GLN D 2135 13.79 -34.33 -18.69
C GLN D 2135 14.88 -35.22 -18.12
N ILE D 2136 14.61 -36.52 -18.05
CA ILE D 2136 15.54 -37.52 -17.53
C ILE D 2136 15.88 -38.47 -18.67
N VAL D 2137 17.17 -38.61 -18.94
CA VAL D 2137 17.68 -39.51 -19.98
C VAL D 2137 18.39 -40.67 -19.29
N PHE D 2138 17.97 -41.88 -19.61
CA PHE D 2138 18.47 -43.09 -18.98
C PHE D 2138 18.68 -44.16 -20.03
N PRO D 2139 19.53 -45.14 -19.75
CA PRO D 2139 19.71 -46.27 -20.68
C PRO D 2139 18.65 -47.34 -20.48
N VAL D 2140 18.24 -47.95 -21.59
CA VAL D 2140 17.20 -48.98 -21.53
C VAL D 2140 17.82 -50.27 -21.00
N PRO D 2141 17.32 -50.84 -19.90
CA PRO D 2141 17.85 -52.13 -19.44
C PRO D 2141 17.53 -53.25 -20.41
N GLY D 2142 18.40 -54.25 -20.43
CA GLY D 2142 18.25 -55.32 -21.40
C GLY D 2142 16.95 -56.10 -21.22
N ILE D 2143 16.50 -56.24 -19.98
CA ILE D 2143 15.30 -57.04 -19.72
C ILE D 2143 14.10 -56.48 -20.47
N CYS D 2144 14.07 -55.16 -20.66
CA CYS D 2144 12.93 -54.53 -21.33
C CYS D 2144 12.82 -54.90 -22.81
N GLN D 2145 13.84 -55.54 -23.38
CA GLN D 2145 13.81 -55.92 -24.78
C GLN D 2145 12.97 -57.16 -25.05
N PHE D 2146 12.46 -57.82 -24.01
CA PHE D 2146 11.70 -59.05 -24.16
C PHE D 2146 10.20 -58.83 -24.00
N LEU D 2147 9.72 -57.61 -24.23
CA LEU D 2147 8.30 -57.30 -24.12
C LEU D 2147 7.62 -57.57 -25.47
N THR D 2148 6.55 -58.35 -25.44
CA THR D 2148 5.89 -58.76 -26.67
C THR D 2148 5.04 -57.62 -27.24
N GLU D 2149 5.05 -57.53 -28.57
CA GLU D 2149 4.23 -56.53 -29.25
C GLU D 2149 2.75 -56.82 -29.06
N GLU D 2150 2.36 -58.09 -28.95
CA GLU D 2150 0.97 -58.40 -28.66
C GLU D 2150 0.57 -57.87 -27.29
N THR D 2151 1.42 -58.05 -26.29
CA THR D 2151 1.16 -57.50 -24.96
C THR D 2151 1.09 -55.98 -25.01
N LYS D 2152 1.99 -55.36 -25.79
CA LYS D 2152 1.94 -53.91 -25.93
C LYS D 2152 0.62 -53.45 -26.51
N HIS D 2153 0.17 -54.12 -27.58
CA HIS D 2153 -1.09 -53.74 -28.23
C HIS D 2153 -2.27 -53.93 -27.28
N ARG D 2154 -2.26 -55.03 -26.51
CA ARG D 2154 -3.35 -55.26 -25.56
C ARG D 2154 -3.35 -54.19 -24.47
N LEU D 2155 -2.19 -53.89 -23.90
CA LEU D 2155 -2.12 -52.87 -22.87
C LEU D 2155 -2.54 -51.51 -23.42
N PHE D 2156 -2.29 -51.27 -24.70
CA PHE D 2156 -2.69 -50.01 -25.31
C PHE D 2156 -4.20 -49.95 -25.50
N THR D 2157 -4.76 -50.85 -26.30
CA THR D 2157 -6.19 -50.87 -26.56
C THR D 2157 -6.93 -51.81 -25.61
N THR D 2158 -6.60 -51.75 -24.32
CA THR D 2158 -7.48 -52.29 -23.28
C THR D 2158 -7.69 -51.36 -22.10
N THR D 2159 -6.80 -50.39 -21.86
CA THR D 2159 -6.87 -49.59 -20.65
C THR D 2159 -8.11 -48.71 -20.64
N GLU D 2160 -8.62 -48.45 -19.44
CA GLU D 2160 -9.81 -47.64 -19.23
C GLU D 2160 -9.46 -46.39 -18.44
N GLN D 2161 -10.01 -45.25 -18.84
CA GLN D 2161 -9.76 -44.00 -18.14
C GLN D 2161 -10.46 -43.98 -16.79
N ASP D 2162 -9.86 -43.27 -15.85
CA ASP D 2162 -10.44 -43.11 -14.51
C ASP D 2162 -11.47 -41.99 -14.56
N GLU D 2163 -11.93 -41.55 -13.38
CA GLU D 2163 -12.94 -40.49 -13.33
C GLU D 2163 -12.40 -39.19 -13.94
N GLN D 2164 -11.17 -38.82 -13.58
CA GLN D 2164 -10.58 -37.60 -14.13
C GLN D 2164 -10.33 -37.74 -15.62
N GLY D 2165 -9.87 -38.91 -16.06
CA GLY D 2165 -9.58 -39.14 -17.46
C GLY D 2165 -8.14 -39.49 -17.73
N SER D 2166 -7.47 -40.11 -16.77
CA SER D 2166 -6.06 -40.48 -16.89
C SER D 2166 -5.92 -41.99 -16.80
N LYS D 2167 -5.14 -42.56 -17.72
CA LYS D 2167 -4.85 -43.99 -17.75
C LYS D 2167 -3.56 -44.33 -17.01
N VAL D 2168 -2.91 -43.34 -16.42
CA VAL D 2168 -1.61 -43.58 -15.78
C VAL D 2168 -1.76 -44.55 -14.61
N SER D 2169 -2.88 -44.47 -13.88
CA SER D 2169 -3.08 -45.36 -12.75
C SER D 2169 -3.04 -46.82 -13.19
N ASP D 2170 -3.84 -47.17 -14.21
CA ASP D 2170 -3.87 -48.55 -14.68
C ASP D 2170 -2.55 -48.94 -15.33
N PHE D 2171 -1.95 -48.02 -16.08
CA PHE D 2171 -0.67 -48.34 -16.73
C PHE D 2171 0.39 -48.66 -15.69
N PHE D 2172 0.43 -47.91 -14.59
CA PHE D 2172 1.37 -48.19 -13.52
C PHE D 2172 1.02 -49.48 -12.78
N ASP D 2173 -0.27 -49.72 -12.53
CA ASP D 2173 -0.68 -50.94 -11.85
C ASP D 2173 -0.34 -52.18 -12.65
N GLN D 2174 -0.28 -52.08 -13.97
CA GLN D 2174 0.09 -53.21 -14.81
C GLN D 2174 1.60 -53.40 -14.93
N SER D 2175 2.39 -52.54 -14.27
CA SER D 2175 3.84 -52.60 -14.42
C SER D 2175 4.40 -53.91 -13.88
N SER D 2176 3.89 -54.38 -12.73
CA SER D 2176 4.39 -55.63 -12.17
C SER D 2176 4.11 -56.81 -13.10
N PHE D 2177 2.89 -56.86 -13.67
CA PHE D 2177 2.56 -57.92 -14.61
C PHE D 2177 3.45 -57.86 -15.83
N LEU D 2178 3.70 -56.65 -16.35
CA LEU D 2178 4.58 -56.51 -17.51
C LEU D 2178 5.99 -57.00 -17.20
N HIS D 2179 6.51 -56.64 -16.01
CA HIS D 2179 7.84 -57.08 -15.63
C HIS D 2179 7.91 -58.59 -15.51
N ASN D 2180 6.89 -59.20 -14.90
CA ASN D 2180 6.87 -60.65 -14.78
C ASN D 2180 6.81 -61.33 -16.15
N GLU D 2181 6.00 -60.78 -17.06
CA GLU D 2181 5.92 -61.34 -18.40
C GLU D 2181 7.25 -61.23 -19.13
N MET D 2182 7.94 -60.09 -18.99
CA MET D 2182 9.24 -59.94 -19.64
C MET D 2182 10.25 -60.92 -19.05
N GLU D 2183 10.24 -61.11 -17.73
CA GLU D 2183 11.14 -62.07 -17.13
C GLU D 2183 10.86 -63.48 -17.63
N TRP D 2184 9.58 -63.85 -17.75
CA TRP D 2184 9.24 -65.16 -18.25
C TRP D 2184 9.67 -65.33 -19.70
N GLN D 2185 9.52 -64.28 -20.52
CA GLN D 2185 9.97 -64.35 -21.90
C GLN D 2185 11.48 -64.53 -21.97
N ARG D 2186 12.22 -63.82 -21.11
CA ARG D 2186 13.67 -63.99 -21.08
C ARG D 2186 14.05 -65.42 -20.70
N LYS D 2187 13.35 -66.00 -19.72
CA LYS D 2187 13.60 -67.39 -19.35
C LYS D 2187 13.28 -68.33 -20.51
N LEU D 2188 12.15 -68.10 -21.19
CA LEU D 2188 11.73 -68.97 -22.28
C LEU D 2188 12.66 -68.86 -23.49
N ARG D 2189 13.38 -67.74 -23.63
CA ARG D 2189 14.27 -67.58 -24.78
C ARG D 2189 15.26 -68.73 -24.88
N SER D 2190 15.63 -69.33 -23.75
CA SER D 2190 16.58 -70.44 -23.77
C SER D 2190 16.02 -71.62 -24.56
N MET D 2191 14.75 -71.94 -24.37
CA MET D 2191 14.15 -73.09 -25.04
C MET D 2191 13.91 -72.76 -26.51
N PRO D 2192 14.54 -73.47 -27.46
CA PRO D 2192 14.33 -73.14 -28.88
C PRO D 2192 12.96 -73.53 -29.41
N LEU D 2193 12.53 -74.76 -29.15
CA LEU D 2193 11.31 -75.27 -29.77
C LEU D 2193 10.08 -74.55 -29.24
N ILE D 2194 9.96 -74.45 -27.92
CA ILE D 2194 8.77 -73.82 -27.34
C ILE D 2194 8.72 -72.34 -27.70
N TYR D 2195 9.87 -71.66 -27.65
CA TYR D 2195 9.91 -70.26 -28.05
C TYR D 2195 9.55 -70.09 -29.52
N TRP D 2196 10.05 -70.99 -30.37
CA TRP D 2196 9.73 -70.91 -31.80
C TRP D 2196 8.24 -71.07 -32.03
N PHE D 2197 7.61 -72.03 -31.35
CA PHE D 2197 6.17 -72.21 -31.49
C PHE D 2197 5.41 -71.02 -30.92
N SER D 2198 5.87 -70.45 -29.81
CA SER D 2198 5.13 -69.37 -29.15
C SER D 2198 5.25 -68.05 -29.91
N ARG D 2199 6.34 -67.83 -30.63
CA ARG D 2199 6.51 -66.57 -31.35
C ARG D 2199 5.37 -66.32 -32.32
N ARG D 2200 4.89 -67.38 -32.98
CA ARG D 2200 3.90 -67.25 -34.04
C ARG D 2200 2.49 -67.57 -33.58
N MET D 2201 2.15 -67.23 -32.33
CA MET D 2201 0.83 -67.54 -31.81
C MET D 2201 -0.26 -66.85 -32.62
N THR D 2202 -0.03 -65.59 -33.00
CA THR D 2202 -1.03 -64.87 -33.79
C THR D 2202 -1.27 -65.55 -35.13
N LEU D 2203 -0.21 -66.00 -35.79
CA LEU D 2203 -0.36 -66.66 -37.08
C LEU D 2203 -1.22 -67.91 -36.97
N TRP D 2204 -0.97 -68.72 -35.94
CA TRP D 2204 -1.75 -69.94 -35.76
C TRP D 2204 -3.23 -69.61 -35.61
N GLY D 2205 -3.54 -68.61 -34.78
CA GLY D 2205 -4.94 -68.24 -34.57
C GLY D 2205 -5.59 -67.73 -35.84
N SER D 2206 -4.89 -66.87 -36.58
CA SER D 2206 -5.46 -66.31 -37.80
C SER D 2206 -5.74 -67.40 -38.82
N ILE D 2207 -4.78 -68.31 -39.02
CA ILE D 2207 -4.99 -69.36 -40.02
C ILE D 2207 -6.04 -70.35 -39.56
N SER D 2208 -6.14 -70.60 -38.25
CA SER D 2208 -7.22 -71.45 -37.75
C SER D 2208 -8.58 -70.80 -38.00
N PHE D 2209 -8.68 -69.49 -37.78
CA PHE D 2209 -9.89 -68.75 -38.10
C PHE D 2209 -10.27 -68.93 -39.56
N ASN D 2210 -9.30 -68.70 -40.45
CA ASN D 2210 -9.57 -68.83 -41.88
C ASN D 2210 -9.97 -70.25 -42.25
N LEU D 2211 -9.30 -71.25 -41.67
CA LEU D 2211 -9.63 -72.65 -41.95
C LEU D 2211 -11.04 -72.97 -41.50
N ALA D 2212 -11.44 -72.50 -40.32
CA ALA D 2212 -12.79 -72.76 -39.84
C ALA D 2212 -13.83 -72.13 -40.77
N VAL D 2213 -13.58 -70.88 -41.18
CA VAL D 2213 -14.53 -70.20 -42.07
C VAL D 2213 -14.65 -70.97 -43.37
N PHE D 2214 -13.52 -71.37 -43.96
CA PHE D 2214 -13.54 -72.08 -45.23
C PHE D 2214 -14.25 -73.43 -45.09
N ILE D 2215 -13.98 -74.15 -44.00
CA ILE D 2215 -14.59 -75.46 -43.81
C ILE D 2215 -16.10 -75.31 -43.71
N ASN D 2216 -16.57 -74.34 -42.93
CA ASN D 2216 -18.01 -74.15 -42.79
C ASN D 2216 -18.64 -73.77 -44.12
N ILE D 2217 -17.98 -72.89 -44.89
CA ILE D 2217 -18.54 -72.47 -46.17
C ILE D 2217 -18.63 -73.66 -47.12
N ILE D 2218 -17.57 -74.47 -47.19
CA ILE D 2218 -17.57 -75.62 -48.09
C ILE D 2218 -18.63 -76.62 -47.67
N ILE D 2219 -18.78 -76.87 -46.37
CA ILE D 2219 -19.81 -77.79 -45.90
C ILE D 2219 -21.18 -77.28 -46.30
N ALA D 2220 -21.43 -75.98 -46.10
CA ALA D 2220 -22.73 -75.42 -46.42
C ALA D 2220 -23.02 -75.53 -47.91
N PHE D 2221 -22.02 -75.26 -48.75
CA PHE D 2221 -22.23 -75.25 -50.19
C PHE D 2221 -22.21 -76.64 -50.84
N PHE D 2222 -21.69 -77.66 -50.15
CA PHE D 2222 -21.57 -78.97 -50.79
C PHE D 2222 -21.98 -80.13 -49.89
N TYR D 2223 -22.83 -79.90 -48.89
CA TYR D 2223 -23.32 -80.99 -48.07
C TYR D 2223 -24.82 -81.19 -48.30
N PRO D 2224 -25.29 -82.43 -48.44
CA PRO D 2224 -24.54 -83.70 -48.43
C PRO D 2224 -23.84 -83.98 -49.75
N TYR D 2225 -22.85 -84.87 -49.74
CA TYR D 2225 -22.13 -85.25 -50.95
C TYR D 2225 -21.98 -86.76 -51.00
N MET D 2226 -21.86 -87.30 -52.21
CA MET D 2226 -21.71 -88.73 -52.41
C MET D 2226 -21.49 -89.04 -53.88
N SER D 2230 -25.50 -84.75 -55.30
CA SER D 2230 -25.96 -84.12 -56.53
C SER D 2230 -24.89 -83.21 -57.12
N THR D 2231 -24.25 -82.44 -56.23
CA THR D 2231 -23.17 -81.53 -56.63
C THR D 2231 -23.63 -80.60 -57.75
N GLY D 2232 -24.87 -80.10 -57.61
CA GLY D 2232 -25.39 -79.18 -58.61
C GLY D 2232 -24.57 -77.92 -58.73
N VAL D 2233 -24.11 -77.38 -57.60
CA VAL D 2233 -23.28 -76.19 -57.62
C VAL D 2233 -21.95 -76.44 -58.30
N LEU D 2234 -21.48 -77.70 -58.31
CA LEU D 2234 -20.21 -78.01 -58.95
C LEU D 2234 -20.25 -77.70 -60.44
N ASP D 2235 -21.43 -77.77 -61.06
CA ASP D 2235 -21.60 -77.51 -62.48
C ASP D 2235 -22.38 -76.26 -62.78
N SER D 2236 -23.05 -75.67 -61.78
CA SER D 2236 -23.83 -74.47 -62.03
C SER D 2236 -22.92 -73.32 -62.46
N PRO D 2237 -23.37 -72.47 -63.37
CA PRO D 2237 -22.50 -71.37 -63.84
C PRO D 2237 -22.15 -70.34 -62.78
N LEU D 2238 -22.93 -70.25 -61.69
CA LEU D 2238 -22.67 -69.22 -60.69
C LEU D 2238 -21.29 -69.40 -60.05
N ILE D 2239 -20.85 -70.65 -59.89
CA ILE D 2239 -19.53 -70.90 -59.30
C ILE D 2239 -18.45 -70.28 -60.18
N SER D 2240 -18.62 -70.38 -61.51
CA SER D 2240 -17.65 -69.76 -62.41
C SER D 2240 -17.66 -68.24 -62.26
N LEU D 2241 -18.83 -67.64 -62.10
CA LEU D 2241 -18.91 -66.20 -61.90
C LEU D 2241 -18.20 -65.78 -60.62
N LEU D 2242 -18.40 -66.53 -59.54
CA LEU D 2242 -17.70 -66.24 -58.29
C LEU D 2242 -16.20 -66.40 -58.47
N PHE D 2243 -15.77 -67.43 -59.20
CA PHE D 2243 -14.35 -67.63 -59.45
C PHE D 2243 -13.76 -66.45 -60.21
N TRP D 2244 -14.47 -65.95 -61.22
CA TRP D 2244 -14.00 -64.79 -61.97
C TRP D 2244 -13.94 -63.56 -61.08
N ILE D 2245 -14.94 -63.37 -60.22
CA ILE D 2245 -14.95 -62.22 -59.32
C ILE D 2245 -13.76 -62.28 -58.38
N LEU D 2246 -13.46 -63.46 -57.83
CA LEU D 2246 -12.32 -63.60 -56.95
C LEU D 2246 -11.02 -63.38 -57.70
N ILE D 2247 -10.93 -63.83 -58.95
CA ILE D 2247 -9.74 -63.58 -59.76
C ILE D 2247 -9.56 -62.07 -59.96
N CYS D 2248 -10.65 -61.36 -60.24
CA CYS D 2248 -10.55 -59.90 -60.39
C CYS D 2248 -10.10 -59.25 -59.09
N PHE D 2249 -10.64 -59.69 -57.96
CA PHE D 2249 -10.21 -59.13 -56.68
C PHE D 2249 -8.73 -59.37 -56.44
N SER D 2250 -8.25 -60.59 -56.72
CA SER D 2250 -6.84 -60.89 -56.55
C SER D 2250 -5.97 -60.03 -57.46
N ILE D 2251 -6.39 -59.86 -58.71
CA ILE D 2251 -5.64 -59.02 -59.64
C ILE D 2251 -5.63 -57.58 -59.16
N ALA D 2252 -6.68 -57.15 -58.46
CA ALA D 2252 -6.74 -55.80 -57.91
C ALA D 2252 -5.74 -55.60 -56.77
N ALA D 2253 -4.92 -56.60 -56.44
CA ALA D 2253 -3.93 -56.43 -55.38
C ALA D 2253 -2.92 -55.35 -55.70
N LEU D 2254 -2.79 -54.96 -56.98
CA LEU D 2254 -1.87 -53.88 -57.32
C LEU D 2254 -2.18 -52.62 -56.54
N PHE D 2255 -3.45 -52.38 -56.23
CA PHE D 2255 -3.84 -51.24 -55.40
C PHE D 2255 -3.66 -51.50 -53.91
N THR D 2256 -3.28 -52.72 -53.52
CA THR D 2256 -3.08 -53.07 -52.13
C THR D 2256 -4.41 -53.08 -51.38
N LYS D 2257 -4.47 -52.48 -50.19
CA LYS D 2257 -5.66 -52.45 -49.34
C LYS D 2257 -5.93 -53.79 -48.67
N ARG D 2258 -4.99 -54.74 -48.78
CA ARG D 2258 -5.16 -56.05 -48.13
C ARG D 2258 -6.36 -56.80 -48.69
N TYR D 2259 -6.85 -57.78 -47.95
CA TYR D 2259 -8.00 -58.59 -48.36
C TYR D 2259 -7.74 -59.25 -49.72
N SER D 2260 -6.51 -59.71 -49.92
CA SER D 2260 -6.10 -60.36 -51.16
C SER D 2260 -5.72 -61.82 -50.97
N ILE D 2261 -5.09 -62.16 -49.84
CA ILE D 2261 -4.70 -63.54 -49.59
C ILE D 2261 -5.95 -64.41 -49.45
N ARG D 2262 -6.97 -63.93 -48.75
CA ARG D 2262 -8.16 -64.74 -48.49
C ARG D 2262 -8.86 -65.15 -49.79
N PRO D 2263 -9.17 -64.25 -50.72
CA PRO D 2263 -9.76 -64.72 -51.99
C PRO D 2263 -8.84 -65.66 -52.76
N LEU D 2264 -7.53 -65.46 -52.68
CA LEU D 2264 -6.60 -66.38 -53.34
C LEU D 2264 -6.71 -67.77 -52.74
N ILE D 2265 -6.79 -67.86 -51.41
CA ILE D 2265 -6.94 -69.16 -50.76
C ILE D 2265 -8.28 -69.78 -51.12
N VAL D 2266 -9.33 -68.96 -51.22
CA VAL D 2266 -10.63 -69.49 -51.63
C VAL D 2266 -10.57 -70.07 -53.03
N ALA D 2267 -9.91 -69.37 -53.95
CA ALA D 2267 -9.76 -69.89 -55.31
C ALA D 2267 -8.94 -71.18 -55.31
N LEU D 2268 -7.87 -71.23 -54.50
CA LEU D 2268 -7.08 -72.46 -54.42
C LEU D 2268 -7.92 -73.62 -53.91
N ILE D 2269 -8.75 -73.37 -52.89
CA ILE D 2269 -9.61 -74.42 -52.36
C ILE D 2269 -10.63 -74.86 -53.40
N LEU D 2270 -11.16 -73.91 -54.16
CA LEU D 2270 -12.11 -74.27 -55.22
C LEU D 2270 -11.45 -75.14 -56.27
N ARG D 2271 -10.23 -74.79 -56.67
CA ARG D 2271 -9.51 -75.63 -57.63
C ARG D 2271 -9.22 -77.02 -57.06
N SER D 2272 -8.85 -77.08 -55.78
CA SER D 2272 -8.61 -78.37 -55.14
C SER D 2272 -9.87 -79.22 -55.13
N ILE D 2273 -11.01 -78.59 -54.84
CA ILE D 2273 -12.28 -79.32 -54.88
C ILE D 2273 -12.56 -79.82 -56.28
N TYR D 2274 -12.32 -78.98 -57.29
CA TYR D 2274 -12.59 -79.37 -58.67
C TYR D 2274 -11.72 -80.56 -59.08
N TYR D 2275 -10.45 -80.56 -58.70
CA TYR D 2275 -9.52 -81.60 -59.14
C TYR D 2275 -9.61 -82.86 -58.28
N LEU D 2276 -9.26 -82.74 -56.99
CA LEU D 2276 -9.28 -83.91 -56.12
C LEU D 2276 -10.70 -84.33 -55.78
N GLY D 2277 -11.55 -83.38 -55.41
CA GLY D 2277 -12.90 -83.66 -55.00
C GLY D 2277 -13.25 -82.94 -53.72
N ILE D 2278 -14.46 -83.21 -53.24
CA ILE D 2278 -15.00 -82.53 -52.07
C ILE D 2278 -14.59 -83.21 -50.77
N GLY D 2279 -14.75 -84.53 -50.71
CA GLY D 2279 -14.44 -85.28 -49.52
C GLY D 2279 -12.97 -85.21 -49.14
N PRO D 2280 -12.09 -85.46 -50.11
CA PRO D 2280 -10.65 -85.31 -49.81
C PRO D 2280 -10.27 -83.92 -49.35
N THR D 2281 -10.85 -82.89 -49.97
CA THR D 2281 -10.56 -81.53 -49.55
C THR D 2281 -11.03 -81.28 -48.12
N LEU D 2282 -12.23 -81.76 -47.78
CA LEU D 2282 -12.73 -81.60 -46.42
C LEU D 2282 -11.85 -82.32 -45.42
N ASN D 2283 -11.40 -83.53 -45.75
CA ASN D 2283 -10.51 -84.26 -44.85
C ASN D 2283 -9.19 -83.53 -44.66
N ILE D 2284 -8.62 -83.00 -45.75
CA ILE D 2284 -7.37 -82.27 -45.64
C ILE D 2284 -7.55 -81.04 -44.77
N LEU D 2285 -8.64 -80.29 -44.99
CA LEU D 2285 -8.88 -79.09 -44.20
C LEU D 2285 -9.07 -79.44 -42.73
N GLY D 2286 -9.80 -80.53 -42.45
CA GLY D 2286 -9.98 -80.92 -41.06
C GLY D 2286 -8.68 -81.32 -40.38
N ALA D 2287 -7.84 -82.08 -41.08
CA ALA D 2287 -6.55 -82.45 -40.51
C ALA D 2287 -5.69 -81.22 -40.26
N LEU D 2288 -5.66 -80.29 -41.21
CA LEU D 2288 -4.91 -79.06 -41.02
C LEU D 2288 -5.44 -78.25 -39.84
N ASN D 2289 -6.77 -78.19 -39.71
CA ASN D 2289 -7.37 -77.47 -38.59
C ASN D 2289 -7.00 -78.10 -37.26
N LEU D 2290 -7.02 -79.43 -37.19
CA LEU D 2290 -6.66 -80.11 -35.94
C LEU D 2290 -5.20 -79.85 -35.58
N THR D 2291 -4.31 -79.96 -36.57
CA THR D 2291 -2.90 -79.69 -36.32
C THR D 2291 -2.70 -78.24 -35.88
N ASN D 2292 -3.41 -77.32 -36.52
CA ASN D 2292 -3.30 -75.90 -36.16
C ASN D 2292 -3.79 -75.67 -34.74
N LYS D 2293 -4.88 -76.32 -34.34
CA LYS D 2293 -5.38 -76.17 -32.98
C LYS D 2293 -4.36 -76.70 -31.98
N ILE D 2294 -3.74 -77.84 -32.28
CA ILE D 2294 -2.72 -78.40 -31.38
C ILE D 2294 -1.55 -77.41 -31.25
N VAL D 2295 -1.08 -76.88 -32.38
CA VAL D 2295 0.04 -75.95 -32.35
C VAL D 2295 -0.33 -74.70 -31.59
N PHE D 2296 -1.56 -74.20 -31.77
CA PHE D 2296 -1.99 -72.99 -31.10
C PHE D 2296 -2.07 -73.18 -29.60
N VAL D 2297 -2.60 -74.32 -29.15
CA VAL D 2297 -2.68 -74.56 -27.71
C VAL D 2297 -1.29 -74.71 -27.12
N VAL D 2298 -0.37 -75.36 -27.86
CA VAL D 2298 1.00 -75.48 -27.39
C VAL D 2298 1.63 -74.10 -27.25
N SER D 2299 1.42 -73.24 -28.25
CA SER D 2299 1.98 -71.90 -28.21
C SER D 2299 1.39 -71.09 -27.05
N PHE D 2300 0.08 -71.22 -26.82
CA PHE D 2300 -0.54 -70.52 -25.71
C PHE D 2300 0.03 -70.98 -24.38
N VAL D 2301 0.20 -72.30 -24.22
CA VAL D 2301 0.79 -72.81 -22.98
C VAL D 2301 2.20 -72.27 -22.79
N GLY D 2302 3.00 -72.28 -23.86
CA GLY D 2302 4.35 -71.77 -23.76
C GLY D 2302 4.39 -70.30 -23.38
N ASN D 2303 3.52 -69.50 -24.00
CA ASN D 2303 3.49 -68.07 -23.71
C ASN D 2303 3.07 -67.82 -22.27
N ARG D 2304 2.05 -68.52 -21.79
CA ARG D 2304 1.56 -68.28 -20.43
C ARG D 2304 2.52 -68.82 -19.39
N GLY D 2305 3.31 -69.83 -19.74
CA GLY D 2305 4.32 -70.34 -18.82
C GLY D 2305 3.79 -71.16 -17.67
N THR D 2306 2.59 -71.73 -17.80
CA THR D 2306 2.05 -72.59 -16.76
C THR D 2306 2.63 -74.00 -16.80
N PHE D 2307 3.31 -74.38 -17.89
CA PHE D 2307 3.86 -75.72 -17.99
C PHE D 2307 5.02 -75.93 -17.02
N ILE D 2308 5.80 -74.89 -16.74
CA ILE D 2308 6.92 -75.03 -15.83
C ILE D 2308 6.42 -75.51 -14.47
N ARG D 2309 5.29 -75.00 -14.02
CA ARG D 2309 4.66 -75.47 -12.80
C ARG D 2309 3.86 -76.73 -13.09
N GLY D 2310 3.26 -77.30 -12.04
CA GLY D 2310 2.52 -78.54 -12.22
C GLY D 2310 1.41 -78.40 -13.24
N TYR D 2311 1.15 -79.49 -13.96
CA TYR D 2311 0.15 -79.47 -15.02
C TYR D 2311 -1.25 -79.27 -14.48
N LYS D 2312 -1.46 -79.40 -13.17
CA LYS D 2312 -2.79 -79.19 -12.61
C LYS D 2312 -3.27 -77.77 -12.86
N ALA D 2313 -2.40 -76.78 -12.66
CA ALA D 2313 -2.77 -75.40 -12.95
C ALA D 2313 -3.01 -75.19 -14.45
N MET D 2314 -2.19 -75.80 -15.29
CA MET D 2314 -2.38 -75.68 -16.73
C MET D 2314 -3.75 -76.20 -17.15
N VAL D 2315 -4.14 -77.37 -16.62
CA VAL D 2315 -5.47 -77.92 -16.89
C VAL D 2315 -6.59 -77.11 -16.25
N MET D 2316 -6.32 -76.46 -15.12
CA MET D 2316 -7.31 -75.65 -14.42
C MET D 2316 -7.61 -74.36 -15.16
N ASP D 2317 -6.62 -73.79 -15.83
CA ASP D 2317 -6.79 -72.50 -16.49
C ASP D 2317 -7.99 -72.55 -17.43
N MET D 2318 -8.84 -71.52 -17.33
CA MET D 2318 -10.08 -71.50 -18.10
C MET D 2318 -9.80 -71.49 -19.60
N GLU D 2319 -8.81 -70.70 -20.03
CA GLU D 2319 -8.50 -70.63 -21.45
C GLU D 2319 -8.02 -71.98 -21.98
N PHE D 2320 -7.25 -72.71 -21.17
CA PHE D 2320 -6.84 -74.05 -21.56
C PHE D 2320 -8.06 -74.96 -21.73
N LEU D 2321 -9.03 -74.84 -20.84
CA LEU D 2321 -10.27 -75.62 -20.97
C LEU D 2321 -10.98 -75.27 -22.26
N TYR D 2322 -11.06 -73.98 -22.59
CA TYR D 2322 -11.67 -73.54 -23.83
C TYR D 2322 -10.98 -74.16 -25.04
N HIS D 2323 -9.64 -74.10 -25.05
CA HIS D 2323 -8.89 -74.61 -26.18
C HIS D 2323 -9.07 -76.13 -26.32
N VAL D 2324 -9.02 -76.86 -25.21
CA VAL D 2324 -9.16 -78.31 -25.30
C VAL D 2324 -10.58 -78.69 -25.70
N GLY D 2325 -11.58 -77.94 -25.23
CA GLY D 2325 -12.94 -78.21 -25.65
C GLY D 2325 -13.11 -78.02 -27.15
N TYR D 2326 -12.53 -76.95 -27.70
CA TYR D 2326 -12.64 -76.75 -29.14
C TYR D 2326 -11.81 -77.75 -29.92
N ILE D 2327 -10.72 -78.25 -29.34
CA ILE D 2327 -9.97 -79.34 -29.97
C ILE D 2327 -10.83 -80.59 -30.03
N LEU D 2328 -11.54 -80.90 -28.94
CA LEU D 2328 -12.46 -82.03 -28.95
C LEU D 2328 -13.54 -81.84 -30.00
N THR D 2329 -14.07 -80.62 -30.12
CA THR D 2329 -15.06 -80.35 -31.16
C THR D 2329 -14.48 -80.57 -32.55
N SER D 2330 -13.24 -80.13 -32.77
CA SER D 2330 -12.61 -80.29 -34.08
C SER D 2330 -12.41 -81.76 -34.42
N VAL D 2331 -11.95 -82.56 -33.46
CA VAL D 2331 -11.74 -83.97 -33.74
C VAL D 2331 -13.08 -84.67 -33.95
N LEU D 2332 -14.12 -84.27 -33.21
CA LEU D 2332 -15.44 -84.81 -33.47
C LEU D 2332 -15.90 -84.49 -34.88
N GLY D 2333 -15.68 -83.26 -35.32
CA GLY D 2333 -16.03 -82.91 -36.69
C GLY D 2333 -15.25 -83.71 -37.71
N LEU D 2334 -13.97 -83.97 -37.42
CA LEU D 2334 -13.14 -84.70 -38.37
C LEU D 2334 -13.54 -86.17 -38.46
N PHE D 2335 -13.93 -86.79 -37.35
CA PHE D 2335 -14.17 -88.23 -37.31
C PHE D 2335 -15.65 -88.59 -37.33
N ALA D 2336 -16.42 -88.13 -36.36
CA ALA D 2336 -17.80 -88.60 -36.21
C ALA D 2336 -18.69 -88.09 -37.34
N HIS D 2337 -18.80 -86.78 -37.48
CA HIS D 2337 -19.70 -86.19 -38.47
C HIS D 2337 -19.19 -84.81 -38.85
N GLU D 2338 -19.33 -84.47 -40.13
CA GLU D 2338 -18.82 -83.20 -40.62
C GLU D 2338 -19.54 -82.01 -39.99
N LEU D 2339 -20.84 -82.13 -39.76
CA LEU D 2339 -21.64 -81.00 -39.32
C LEU D 2339 -21.18 -80.45 -37.96
N PHE D 2340 -20.41 -81.24 -37.19
CA PHE D 2340 -19.91 -80.74 -35.92
C PHE D 2340 -19.01 -79.53 -36.09
N TYR D 2341 -18.45 -79.32 -37.28
CA TYR D 2341 -17.61 -78.15 -37.50
C TYR D 2341 -18.39 -76.85 -37.30
N SER D 2342 -19.72 -76.89 -37.41
CA SER D 2342 -20.51 -75.68 -37.26
C SER D 2342 -20.33 -75.07 -35.88
N ILE D 2343 -20.02 -75.88 -34.87
CA ILE D 2343 -19.85 -75.37 -33.52
C ILE D 2343 -18.67 -74.41 -33.45
N LEU D 2344 -17.74 -74.52 -34.39
CA LEU D 2344 -16.56 -73.64 -34.36
C LEU D 2344 -16.95 -72.17 -34.52
N LEU D 2345 -18.10 -71.89 -35.15
CA LEU D 2345 -18.50 -70.52 -35.37
C LEU D 2345 -18.70 -69.78 -34.05
N PHE D 2346 -18.93 -70.50 -32.96
CA PHE D 2346 -19.01 -69.86 -31.65
C PHE D 2346 -17.69 -69.20 -31.29
N ASP D 2347 -16.57 -69.87 -31.61
CA ASP D 2347 -15.25 -69.27 -31.39
C ASP D 2347 -15.09 -67.99 -32.18
N LEU D 2348 -15.52 -67.99 -33.45
CA LEU D 2348 -15.44 -66.79 -34.26
C LEU D 2348 -16.30 -65.68 -33.68
N ILE D 2349 -17.51 -66.02 -33.22
CA ILE D 2349 -18.40 -65.02 -32.63
C ILE D 2349 -17.75 -64.42 -31.39
N TYR D 2350 -17.17 -65.25 -30.54
CA TYR D 2350 -16.51 -64.75 -29.34
C TYR D 2350 -15.30 -63.89 -29.68
N ARG D 2351 -14.50 -64.31 -30.66
CA ARG D 2351 -13.31 -63.55 -31.02
C ARG D 2351 -13.68 -62.16 -31.56
N GLU D 2352 -14.63 -62.10 -32.49
CA GLU D 2352 -14.99 -60.83 -33.09
C GLU D 2352 -15.65 -59.94 -32.05
N GLU D 2353 -15.19 -58.69 -31.97
CA GLU D 2353 -15.70 -57.77 -30.95
C GLU D 2353 -17.13 -57.33 -31.26
N THR D 2354 -17.40 -56.97 -32.52
CA THR D 2354 -18.73 -56.47 -32.86
C THR D 2354 -19.79 -57.53 -32.63
N LEU D 2355 -19.52 -58.77 -33.03
CA LEU D 2355 -20.49 -59.85 -32.82
C LEU D 2355 -20.72 -60.10 -31.33
N PHE D 2356 -19.64 -60.08 -30.54
CA PHE D 2356 -19.76 -60.32 -29.11
C PHE D 2356 -20.50 -59.18 -28.40
N ASN D 2357 -20.55 -57.99 -29.01
CA ASN D 2357 -21.28 -56.89 -28.40
C ASN D 2357 -22.76 -57.19 -28.31
N VAL D 2358 -23.31 -57.94 -29.26
CA VAL D 2358 -24.73 -58.31 -29.20
C VAL D 2358 -24.98 -59.17 -27.96
N ILE D 2359 -24.14 -60.17 -27.74
CA ILE D 2359 -24.30 -61.03 -26.58
C ILE D 2359 -24.09 -60.24 -25.30
N LYS D 2360 -23.12 -59.31 -25.30
CA LYS D 2360 -22.92 -58.47 -24.12
C LYS D 2360 -24.16 -57.64 -23.82
N SER D 2361 -24.77 -57.05 -24.84
CA SER D 2361 -25.97 -56.24 -24.63
C SER D 2361 -27.11 -57.10 -24.11
N VAL D 2362 -27.27 -58.31 -24.65
CA VAL D 2362 -28.33 -59.20 -24.18
C VAL D 2362 -28.09 -59.57 -22.72
N THR D 2363 -26.84 -59.88 -22.36
CA THR D 2363 -26.55 -60.32 -21.00
C THR D 2363 -26.69 -59.18 -20.00
N ARG D 2364 -26.33 -57.96 -20.40
CA ARG D 2364 -26.34 -56.85 -19.45
C ARG D 2364 -27.74 -56.56 -18.93
N ASN D 2365 -28.75 -56.63 -19.81
CA ASN D 2365 -30.14 -56.36 -19.43
C ASN D 2365 -30.91 -57.67 -19.24
N GLY D 2366 -30.23 -58.68 -18.70
CA GLY D 2366 -30.87 -59.99 -18.57
C GLY D 2366 -32.07 -59.97 -17.64
N ARG D 2367 -31.92 -59.36 -16.47
CA ARG D 2367 -32.99 -59.40 -15.47
C ARG D 2367 -34.25 -58.69 -15.97
N SER D 2368 -34.08 -57.51 -16.58
CA SER D 2368 -35.23 -56.79 -17.10
C SER D 2368 -35.94 -57.60 -18.17
N ILE D 2369 -35.18 -58.25 -19.05
CA ILE D 2369 -35.78 -59.09 -20.09
C ILE D 2369 -36.59 -60.21 -19.45
N LEU D 2370 -36.02 -60.87 -18.44
CA LEU D 2370 -36.73 -61.98 -17.80
C LEU D 2370 -38.01 -61.50 -17.14
N LEU D 2371 -37.96 -60.36 -16.44
CA LEU D 2371 -39.16 -59.87 -15.78
C LEU D 2371 -40.24 -59.48 -16.79
N THR D 2372 -39.84 -58.83 -17.89
CA THR D 2372 -40.83 -58.48 -18.91
C THR D 2372 -41.41 -59.73 -19.56
N ALA D 2373 -40.57 -60.75 -19.78
CA ALA D 2373 -41.08 -62.01 -20.31
C ALA D 2373 -42.06 -62.67 -19.35
N LEU D 2374 -41.78 -62.59 -18.05
CA LEU D 2374 -42.72 -63.11 -17.06
C LEU D 2374 -44.04 -62.35 -17.10
N LEU D 2375 -43.98 -61.02 -17.28
CA LEU D 2375 -45.21 -60.25 -17.42
C LEU D 2375 -46.00 -60.69 -18.65
N ALA D 2376 -45.30 -60.89 -19.77
CA ALA D 2376 -45.97 -61.37 -20.96
C ALA D 2376 -46.60 -62.73 -20.73
N LEU D 2377 -45.90 -63.61 -20.00
CA LEU D 2377 -46.44 -64.93 -19.69
C LEU D 2377 -47.68 -64.81 -18.82
N ILE D 2378 -47.68 -63.88 -17.86
CA ILE D 2378 -48.85 -63.66 -17.02
C ILE D 2378 -50.03 -63.22 -17.88
N LEU D 2379 -49.80 -62.28 -18.78
CA LEU D 2379 -50.89 -61.80 -19.64
C LEU D 2379 -51.41 -62.92 -20.53
N VAL D 2380 -50.50 -63.73 -21.08
CA VAL D 2380 -50.91 -64.86 -21.91
C VAL D 2380 -51.73 -65.85 -21.09
N TYR D 2381 -51.33 -66.09 -19.84
CA TYR D 2381 -52.08 -66.99 -18.97
C TYR D 2381 -53.48 -66.47 -18.71
N LEU D 2382 -53.61 -65.17 -18.45
CA LEU D 2382 -54.93 -64.59 -18.22
C LEU D 2382 -55.80 -64.70 -19.46
N PHE D 2383 -55.25 -64.37 -20.63
CA PHE D 2383 -56.02 -64.46 -21.86
C PHE D 2383 -56.42 -65.90 -22.15
N SER D 2384 -55.53 -66.85 -21.88
CA SER D 2384 -55.85 -68.26 -22.09
C SER D 2384 -56.98 -68.69 -21.16
N ILE D 2385 -56.95 -68.25 -19.90
CA ILE D 2385 -58.02 -68.58 -18.97
C ILE D 2385 -59.35 -68.04 -19.49
N VAL D 2386 -59.34 -66.78 -19.94
CA VAL D 2386 -60.58 -66.17 -20.43
C VAL D 2386 -61.10 -66.94 -21.63
N GLY D 2387 -60.22 -67.26 -22.57
CA GLY D 2387 -60.65 -68.00 -23.76
C GLY D 2387 -61.18 -69.37 -23.43
N PHE D 2388 -60.50 -70.09 -22.53
CA PHE D 2388 -60.96 -71.42 -22.14
C PHE D 2388 -62.32 -71.35 -21.47
N LEU D 2389 -62.55 -70.33 -20.64
CA LEU D 2389 -63.82 -70.23 -19.93
C LEU D 2389 -64.96 -69.78 -20.83
N PHE D 2390 -64.69 -68.92 -21.82
CA PHE D 2390 -65.76 -68.31 -22.61
C PHE D 2390 -65.63 -68.48 -24.11
N LEU D 2391 -64.49 -68.93 -24.62
CA LEU D 2391 -64.27 -69.05 -26.06
C LEU D 2391 -63.61 -70.39 -26.39
N LYS D 2392 -64.09 -71.46 -25.75
CA LYS D 2392 -63.48 -72.77 -25.94
C LYS D 2392 -63.64 -73.25 -27.39
N ASP D 2393 -64.81 -73.04 -27.98
CA ASP D 2393 -65.12 -73.58 -29.29
C ASP D 2393 -64.43 -72.83 -30.43
N ASP D 2394 -63.89 -71.65 -30.19
CA ASP D 2394 -63.27 -70.86 -31.24
C ASP D 2394 -61.81 -71.20 -31.48
N PHE D 2395 -61.21 -72.07 -30.66
CA PHE D 2395 -59.81 -72.45 -30.82
C PHE D 2395 -59.74 -73.71 -31.68
N ILE D 2396 -59.94 -73.51 -32.98
CA ILE D 2396 -59.86 -74.56 -33.97
C ILE D 2396 -58.65 -74.28 -34.86
N LEU D 2397 -57.74 -75.24 -34.96
CA LEU D 2397 -56.51 -75.08 -35.71
C LEU D 2397 -56.45 -76.09 -36.86
N GLU D 2398 -55.80 -75.67 -37.94
CA GLU D 2398 -55.66 -76.49 -39.13
C GLU D 2398 -54.32 -77.21 -39.08
N VAL D 2399 -54.34 -78.51 -39.32
CA VAL D 2399 -53.15 -79.36 -39.23
C VAL D 2399 -53.04 -80.19 -40.50
N ASP D 2400 -51.83 -80.26 -41.04
CA ASP D 2400 -51.52 -81.08 -42.21
C ASP D 2400 -50.95 -82.40 -41.69
N ARG D 2401 -51.84 -83.38 -41.53
CA ARG D 2401 -51.44 -84.66 -40.95
C ARG D 2401 -50.48 -85.39 -41.86
N LEU D 2402 -49.50 -86.07 -41.26
CA LEU D 2402 -48.52 -86.82 -42.02
C LEU D 2402 -49.19 -88.03 -42.69
N PRO D 2403 -48.60 -88.53 -43.79
CA PRO D 2403 -49.16 -89.69 -44.50
C PRO D 2403 -49.40 -90.89 -43.57
N LEU D 2448 -59.02 -88.16 -38.11
CA LEU D 2448 -58.00 -87.73 -39.05
C LEU D 2448 -58.46 -86.48 -39.80
N ASP D 2449 -59.28 -85.66 -39.15
CA ASP D 2449 -59.78 -84.45 -39.77
C ASP D 2449 -58.69 -83.40 -39.88
N SER D 2450 -58.84 -82.50 -40.86
CA SER D 2450 -57.86 -81.44 -41.07
C SER D 2450 -57.89 -80.37 -39.99
N THR D 2451 -58.88 -80.39 -39.11
CA THR D 2451 -59.02 -79.40 -38.05
C THR D 2451 -59.07 -80.10 -36.70
N GLU D 2452 -58.48 -79.44 -35.70
CA GLU D 2452 -58.45 -79.97 -34.34
C GLU D 2452 -58.79 -78.87 -33.35
N ARG D 2453 -59.30 -79.28 -32.19
CA ARG D 2453 -59.62 -78.37 -31.10
C ARG D 2453 -58.37 -78.21 -30.25
N ALA D 2454 -57.82 -76.99 -30.21
CA ALA D 2454 -56.58 -76.73 -29.49
C ALA D 2454 -56.83 -76.47 -28.02
N CYS D 2455 -57.69 -75.49 -27.72
CA CYS D 2455 -57.90 -75.05 -26.34
C CYS D 2455 -58.93 -75.94 -25.65
N ASP D 2456 -58.53 -77.20 -25.47
CA ASP D 2456 -59.31 -78.17 -24.72
C ASP D 2456 -58.87 -78.22 -23.26
N THR D 2457 -57.57 -78.41 -23.03
CA THR D 2457 -56.99 -78.24 -21.71
C THR D 2457 -56.64 -76.78 -21.52
N LEU D 2458 -55.78 -76.47 -20.54
CA LEU D 2458 -55.32 -75.10 -20.34
C LEU D 2458 -53.89 -74.90 -20.85
N LEU D 2459 -53.04 -75.91 -20.70
CA LEU D 2459 -51.69 -75.82 -21.22
C LEU D 2459 -51.69 -75.67 -22.75
N MET D 2460 -52.63 -76.35 -23.41
CA MET D 2460 -52.74 -76.21 -24.86
C MET D 2460 -53.12 -74.79 -25.25
N CYS D 2461 -54.08 -74.18 -24.53
CA CYS D 2461 -54.43 -72.80 -24.80
C CYS D 2461 -53.23 -71.89 -24.61
N ILE D 2462 -52.51 -72.09 -23.51
CA ILE D 2462 -51.35 -71.24 -23.23
C ILE D 2462 -50.31 -71.36 -24.33
N VAL D 2463 -50.02 -72.60 -24.76
CA VAL D 2463 -49.01 -72.81 -25.77
C VAL D 2463 -49.44 -72.20 -27.10
N THR D 2464 -50.68 -72.45 -27.51
CA THR D 2464 -51.16 -71.93 -28.78
C THR D 2464 -51.13 -70.41 -28.79
N VAL D 2465 -51.59 -69.78 -27.70
CA VAL D 2465 -51.52 -68.32 -27.61
C VAL D 2465 -50.08 -67.87 -27.73
N MET D 2466 -49.23 -68.31 -26.78
CA MET D 2466 -47.85 -67.82 -26.73
C MET D 2466 -47.14 -67.99 -28.05
N ASN D 2467 -47.46 -69.04 -28.81
CA ASN D 2467 -46.79 -69.26 -30.10
C ASN D 2467 -47.42 -68.40 -31.19
N HIS D 2468 -48.69 -68.66 -31.51
CA HIS D 2468 -49.29 -68.06 -32.70
C HIS D 2468 -49.54 -66.57 -32.50
N GLY D 2469 -50.11 -66.16 -31.37
CA GLY D 2469 -50.37 -64.75 -31.16
C GLY D 2469 -49.11 -63.91 -31.20
N LEU D 2470 -48.03 -64.43 -30.61
CA LEU D 2470 -46.77 -63.68 -30.62
C LEU D 2470 -46.11 -63.71 -31.99
N ARG D 2471 -46.28 -64.79 -32.76
CA ARG D 2471 -45.68 -64.87 -34.07
C ARG D 2471 -46.55 -64.27 -35.18
N ASN D 2472 -47.73 -63.77 -34.84
CA ASN D 2472 -48.64 -63.16 -35.80
C ASN D 2472 -48.79 -61.68 -35.50
N GLY D 2473 -48.73 -60.86 -36.55
CA GLY D 2473 -48.83 -59.42 -36.36
C GLY D 2473 -50.16 -58.99 -35.77
N GLY D 2474 -51.25 -59.61 -36.22
CA GLY D 2474 -52.57 -59.26 -35.76
C GLY D 2474 -52.97 -59.84 -34.42
N GLY D 2475 -52.13 -60.68 -33.83
CA GLY D 2475 -52.41 -61.25 -32.54
C GLY D 2475 -53.05 -62.62 -32.62
N VAL D 2476 -53.69 -63.00 -31.52
CA VAL D 2476 -54.34 -64.31 -31.43
C VAL D 2476 -55.59 -64.41 -32.29
N GLY D 2477 -56.13 -63.28 -32.75
CA GLY D 2477 -57.36 -63.29 -33.51
C GLY D 2477 -57.24 -63.77 -34.94
N ASP D 2478 -56.02 -64.00 -35.43
CA ASP D 2478 -55.79 -64.44 -36.79
C ASP D 2478 -55.84 -65.96 -36.94
N ILE D 2479 -56.03 -66.70 -35.84
CA ILE D 2479 -56.09 -68.15 -35.89
C ILE D 2479 -57.47 -68.62 -35.46
N LEU D 2480 -58.14 -67.83 -34.64
CA LEU D 2480 -59.43 -68.22 -34.10
C LEU D 2480 -60.50 -68.22 -35.21
N ARG D 2481 -61.56 -68.99 -34.97
CA ARG D 2481 -62.67 -69.05 -35.91
C ARG D 2481 -63.23 -67.65 -36.16
N LYS D 2482 -63.49 -67.35 -37.42
CA LYS D 2482 -64.03 -66.04 -37.78
C LYS D 2482 -65.50 -65.98 -37.38
N PRO D 2483 -65.90 -65.04 -36.52
CA PRO D 2483 -67.30 -64.96 -36.11
C PRO D 2483 -68.14 -64.20 -37.13
N SER D 2484 -69.46 -64.25 -36.92
CA SER D 2484 -70.42 -63.54 -37.73
C SER D 2484 -71.04 -62.40 -36.94
N LYS D 2485 -71.61 -61.43 -37.65
CA LYS D 2485 -72.21 -60.28 -37.00
C LYS D 2485 -73.41 -60.67 -36.15
N ASP D 2486 -74.06 -61.79 -36.45
CA ASP D 2486 -75.27 -62.20 -35.75
C ASP D 2486 -74.98 -63.02 -34.49
N GLU D 2487 -73.73 -63.37 -34.24
CA GLU D 2487 -73.40 -64.15 -33.06
C GLU D 2487 -73.44 -63.27 -31.81
N SER D 2488 -73.82 -63.88 -30.69
CA SER D 2488 -73.95 -63.13 -29.44
C SER D 2488 -72.59 -62.62 -28.95
N LEU D 2489 -71.54 -63.42 -29.11
CA LEU D 2489 -70.24 -63.10 -28.55
C LEU D 2489 -69.33 -62.36 -29.53
N PHE D 2490 -69.90 -61.80 -30.61
CA PHE D 2490 -69.08 -61.04 -31.56
C PHE D 2490 -68.44 -59.82 -30.90
N PRO D 2491 -69.16 -58.99 -30.14
CA PRO D 2491 -68.47 -57.88 -29.45
C PRO D 2491 -67.40 -58.37 -28.49
N ALA D 2492 -67.65 -59.48 -27.79
CA ALA D 2492 -66.65 -60.02 -26.88
C ALA D 2492 -65.39 -60.42 -27.63
N ARG D 2493 -65.55 -61.08 -28.78
CA ARG D 2493 -64.40 -61.45 -29.60
C ARG D 2493 -63.65 -60.20 -30.07
N VAL D 2494 -64.39 -59.17 -30.50
CA VAL D 2494 -63.74 -57.95 -30.97
C VAL D 2494 -62.91 -57.34 -29.85
N VAL D 2495 -63.50 -57.22 -28.65
CA VAL D 2495 -62.79 -56.63 -27.53
C VAL D 2495 -61.58 -57.47 -27.16
N TYR D 2496 -61.73 -58.79 -27.14
CA TYR D 2496 -60.64 -59.69 -26.81
C TYR D 2496 -59.46 -59.48 -27.76
N ASP D 2497 -59.75 -59.51 -29.07
CA ASP D 2497 -58.68 -59.37 -30.06
C ASP D 2497 -58.02 -58.00 -29.96
N LEU D 2498 -58.81 -56.94 -29.82
CA LEU D 2498 -58.23 -55.60 -29.76
C LEU D 2498 -57.37 -55.43 -28.52
N LEU D 2499 -57.84 -55.91 -27.37
CA LEU D 2499 -57.05 -55.80 -26.14
C LEU D 2499 -55.75 -56.58 -26.27
N PHE D 2500 -55.82 -57.81 -26.79
CA PHE D 2500 -54.59 -58.59 -26.94
C PHE D 2500 -53.61 -57.88 -27.87
N PHE D 2501 -54.10 -57.37 -29.00
CA PHE D 2501 -53.21 -56.71 -29.95
C PHE D 2501 -52.58 -55.45 -29.34
N PHE D 2502 -53.37 -54.66 -28.61
CA PHE D 2502 -52.85 -53.40 -28.08
C PHE D 2502 -51.93 -53.62 -26.88
N ILE D 2503 -52.14 -54.68 -26.11
CA ILE D 2503 -51.39 -54.87 -24.88
C ILE D 2503 -50.16 -55.74 -25.09
N VAL D 2504 -50.33 -56.92 -25.69
CA VAL D 2504 -49.24 -57.89 -25.77
C VAL D 2504 -48.36 -57.65 -26.99
N ILE D 2505 -48.96 -57.32 -28.13
CA ILE D 2505 -48.20 -57.23 -29.37
C ILE D 2505 -47.52 -55.88 -29.50
N ILE D 2506 -48.21 -54.80 -29.17
CA ILE D 2506 -47.71 -53.47 -29.47
C ILE D 2506 -46.83 -52.91 -28.35
N ILE D 2507 -47.04 -53.36 -27.10
CA ILE D 2507 -46.37 -52.78 -25.94
C ILE D 2507 -45.35 -53.73 -25.35
N VAL D 2508 -45.79 -54.89 -24.86
CA VAL D 2508 -44.89 -55.78 -24.12
C VAL D 2508 -43.81 -56.33 -25.03
N LEU D 2509 -44.17 -56.72 -26.26
CA LEU D 2509 -43.20 -57.30 -27.16
C LEU D 2509 -42.07 -56.32 -27.47
N ASN D 2510 -42.42 -55.05 -27.69
CA ASN D 2510 -41.41 -54.04 -27.97
C ASN D 2510 -40.62 -53.69 -26.71
N LEU D 2511 -41.28 -53.67 -25.55
CA LEU D 2511 -40.58 -53.35 -24.31
C LEU D 2511 -39.56 -54.41 -23.95
N ILE D 2512 -39.82 -55.68 -24.32
CA ILE D 2512 -38.89 -56.74 -23.99
C ILE D 2512 -37.56 -56.52 -24.67
N PHE D 2513 -37.57 -56.14 -25.94
CA PHE D 2513 -36.36 -56.15 -26.77
C PHE D 2513 -35.85 -54.77 -27.17
N GLY D 2514 -36.50 -53.68 -26.75
CA GLY D 2514 -35.92 -52.37 -27.01
C GLY D 2514 -34.63 -52.13 -26.26
N VAL D 2515 -34.50 -52.69 -25.06
CA VAL D 2515 -33.30 -52.48 -24.25
C VAL D 2515 -32.08 -53.03 -24.96
N ILE D 2516 -32.24 -54.16 -25.65
CA ILE D 2516 -31.10 -54.77 -26.35
C ILE D 2516 -30.57 -53.82 -27.41
N ILE D 2517 -31.48 -53.25 -28.21
CA ILE D 2517 -31.06 -52.33 -29.26
C ILE D 2517 -30.41 -51.09 -28.67
N ASP D 2518 -31.01 -50.55 -27.60
CA ASP D 2518 -30.44 -49.36 -26.98
C ASP D 2518 -29.04 -49.63 -26.45
N THR D 2519 -28.85 -50.77 -25.79
CA THR D 2519 -27.53 -51.11 -25.26
C THR D 2519 -26.53 -51.32 -26.38
N PHE D 2520 -26.94 -51.96 -27.48
CA PHE D 2520 -26.03 -52.16 -28.60
C PHE D 2520 -25.59 -50.84 -29.19
N ALA D 2521 -26.53 -49.91 -29.36
CA ALA D 2521 -26.17 -48.59 -29.89
C ALA D 2521 -25.23 -47.86 -28.93
N ASP D 2522 -25.51 -47.94 -27.63
CA ASP D 2522 -24.63 -47.27 -26.66
C ASP D 2522 -23.23 -47.86 -26.69
N LEU D 2523 -23.13 -49.19 -26.79
CA LEU D 2523 -21.82 -49.82 -26.85
C LEU D 2523 -21.06 -49.40 -28.11
N ARG D 2524 -21.75 -49.35 -29.25
CA ARG D 2524 -21.09 -48.91 -30.47
C ARG D 2524 -20.59 -47.47 -30.32
N SER D 2525 -21.42 -46.60 -29.74
CA SER D 2525 -21.01 -45.21 -29.55
C SER D 2525 -19.80 -45.11 -28.62
N GLU D 2526 -19.80 -45.88 -27.54
CA GLU D 2526 -18.67 -45.86 -26.62
C GLU D 2526 -17.40 -46.36 -27.31
N LYS D 2527 -17.51 -47.43 -28.10
CA LYS D 2527 -16.33 -47.92 -28.82
C LYS D 2527 -15.80 -46.87 -29.78
N GLN D 2528 -16.70 -46.21 -30.52
CA GLN D 2528 -16.26 -45.18 -31.45
C GLN D 2528 -15.59 -44.03 -30.71
N LYS D 2529 -16.16 -43.62 -29.58
CA LYS D 2529 -15.56 -42.55 -28.79
C LYS D 2529 -14.16 -42.94 -28.30
N LYS D 2530 -14.01 -44.16 -27.80
CA LYS D 2530 -12.71 -44.60 -27.33
C LYS D 2530 -11.70 -44.64 -28.46
N GLU D 2531 -12.08 -45.15 -29.62
CA GLU D 2531 -11.17 -45.19 -30.75
C GLU D 2531 -10.77 -43.78 -31.18
N GLU D 2532 -11.72 -42.85 -31.21
CA GLU D 2532 -11.42 -41.49 -31.60
C GLU D 2532 -10.47 -40.82 -30.60
N ILE D 2533 -10.72 -41.01 -29.31
CA ILE D 2533 -9.88 -40.36 -28.29
C ILE D 2533 -8.51 -41.02 -28.20
N LEU D 2534 -8.38 -42.28 -28.60
CA LEU D 2534 -7.08 -42.94 -28.54
C LEU D 2534 -6.12 -42.45 -29.61
N LYS D 2535 -6.63 -41.85 -30.69
CA LYS D 2535 -5.80 -41.40 -31.81
C LYS D 2535 -5.65 -39.89 -31.86
N THR D 2536 -6.24 -39.15 -30.91
CA THR D 2536 -6.15 -37.69 -30.90
C THR D 2536 -5.85 -37.17 -29.50
N THR D 2537 -5.27 -37.99 -28.63
CA THR D 2537 -4.95 -37.58 -27.27
C THR D 2537 -3.74 -38.36 -26.78
N CYS D 2538 -2.84 -37.68 -26.09
CA CYS D 2538 -1.66 -38.32 -25.55
C CYS D 2538 -2.05 -39.27 -24.43
N PHE D 2539 -1.38 -40.42 -24.37
CA PHE D 2539 -1.69 -41.41 -23.36
C PHE D 2539 -1.35 -40.91 -21.96
N ILE D 2540 -0.24 -40.20 -21.82
CA ILE D 2540 0.25 -39.79 -20.51
C ILE D 2540 -0.30 -38.42 -20.13
N CYS D 2541 0.06 -37.40 -20.91
CA CYS D 2541 -0.32 -36.03 -20.55
C CYS D 2541 -1.79 -35.73 -20.87
N GLY D 2542 -2.33 -36.34 -21.92
CA GLY D 2542 -3.71 -36.14 -22.28
C GLY D 2542 -3.98 -34.96 -23.18
N LEU D 2543 -2.94 -34.25 -23.63
CA LEU D 2543 -3.13 -33.12 -24.53
C LEU D 2543 -3.65 -33.59 -25.88
N GLU D 2544 -4.41 -32.73 -26.54
CA GLU D 2544 -5.02 -33.05 -27.82
C GLU D 2544 -4.09 -32.67 -28.97
N ARG D 2545 -4.41 -33.19 -30.15
CA ARG D 2545 -3.59 -32.91 -31.33
C ARG D 2545 -3.65 -31.43 -31.72
N ASP D 2546 -4.74 -30.74 -31.36
CA ASP D 2546 -4.89 -29.35 -31.77
C ASP D 2546 -3.79 -28.46 -31.19
N LYS D 2547 -3.28 -28.80 -30.00
CA LYS D 2547 -2.23 -27.99 -29.39
C LYS D 2547 -0.98 -27.97 -30.25
N PHE D 2548 -0.59 -29.13 -30.79
CA PHE D 2548 0.59 -29.24 -31.64
C PHE D 2548 0.22 -28.90 -33.09
N ASP D 2549 -0.28 -27.67 -33.27
CA ASP D 2549 -0.74 -27.24 -34.58
C ASP D 2549 0.41 -26.65 -35.40
N ASN D 2550 1.11 -25.66 -34.85
CA ASN D 2550 2.18 -24.97 -35.56
C ASN D 2550 3.49 -24.98 -34.79
N LYS D 2551 3.58 -25.77 -33.70
CA LYS D 2551 4.80 -25.81 -32.93
C LYS D 2551 5.90 -26.57 -33.67
N THR D 2552 7.13 -26.38 -33.21
CA THR D 2552 8.27 -27.01 -33.86
C THR D 2552 8.20 -28.54 -33.78
N VAL D 2553 7.50 -29.08 -32.80
CA VAL D 2553 7.38 -30.52 -32.60
C VAL D 2553 5.93 -30.92 -32.85
N SER D 2554 5.74 -31.93 -33.70
CA SER D 2554 4.42 -32.40 -34.04
C SER D 2554 3.91 -33.37 -32.97
N PHE D 2555 2.61 -33.70 -33.07
CA PHE D 2555 2.02 -34.65 -32.13
C PHE D 2555 2.67 -36.02 -32.25
N GLU D 2556 3.00 -36.43 -33.48
CA GLU D 2556 3.66 -37.71 -33.67
C GLU D 2556 5.00 -37.76 -32.94
N GLU D 2557 5.81 -36.71 -33.10
CA GLU D 2557 7.08 -36.66 -32.39
C GLU D 2557 6.88 -36.63 -30.88
N HIS D 2558 5.89 -35.86 -30.42
CA HIS D 2558 5.63 -35.78 -28.99
C HIS D 2558 5.29 -37.14 -28.41
N ILE D 2559 4.47 -37.91 -29.11
CA ILE D 2559 4.09 -39.24 -28.61
C ILE D 2559 5.15 -40.29 -28.86
N LYS D 2560 6.09 -40.03 -29.77
CA LYS D 2560 7.13 -41.00 -30.09
C LYS D 2560 8.35 -40.87 -29.19
N LEU D 2561 8.77 -39.63 -28.89
CA LEU D 2561 10.01 -39.40 -28.17
C LEU D 2561 9.77 -38.81 -26.78
N GLU D 2562 9.05 -37.68 -26.70
CA GLU D 2562 8.88 -36.99 -25.43
C GLU D 2562 8.10 -37.82 -24.41
N HIS D 2563 6.83 -38.09 -24.70
CA HIS D 2563 5.95 -38.83 -23.79
C HIS D 2563 5.66 -40.21 -24.39
N ASN D 2564 6.51 -41.17 -24.02
CA ASN D 2564 6.35 -42.56 -24.46
C ASN D 2564 6.04 -43.43 -23.24
N MET D 2565 4.83 -44.01 -23.24
CA MET D 2565 4.44 -44.90 -22.14
C MET D 2565 5.46 -46.02 -21.96
N TRP D 2566 5.99 -46.54 -23.07
CA TRP D 2566 6.98 -47.62 -22.97
C TRP D 2566 8.28 -47.11 -22.35
N ASN D 2567 8.68 -45.87 -22.65
CA ASN D 2567 9.85 -45.30 -21.98
C ASN D 2567 9.61 -45.14 -20.50
N TYR D 2568 8.40 -44.72 -20.11
CA TYR D 2568 8.07 -44.62 -18.68
C TYR D 2568 8.14 -45.98 -18.02
N LEU D 2569 7.62 -47.01 -18.69
CA LEU D 2569 7.70 -48.36 -18.15
C LEU D 2569 9.15 -48.82 -18.00
N TYR D 2570 9.99 -48.50 -18.99
CA TYR D 2570 11.40 -48.86 -18.90
C TYR D 2570 12.06 -48.16 -17.73
N PHE D 2571 11.72 -46.89 -17.51
CA PHE D 2571 12.28 -46.18 -16.37
C PHE D 2571 11.83 -46.80 -15.05
N ILE D 2572 10.55 -47.21 -14.97
CA ILE D 2572 10.07 -47.87 -13.76
C ILE D 2572 10.83 -49.16 -13.51
N VAL D 2573 11.03 -49.95 -14.56
CA VAL D 2573 11.77 -51.20 -14.43
C VAL D 2573 13.20 -50.93 -13.99
N LEU D 2574 13.83 -49.91 -14.57
CA LEU D 2574 15.20 -49.58 -14.19
C LEU D 2574 15.27 -49.17 -12.72
N VAL D 2575 14.30 -48.38 -12.26
CA VAL D 2575 14.27 -48.00 -10.86
C VAL D 2575 14.11 -49.23 -9.96
N ARG D 2576 13.22 -50.14 -10.35
CA ARG D 2576 12.97 -51.31 -9.53
C ARG D 2576 14.16 -52.25 -9.47
N VAL D 2577 14.92 -52.35 -10.57
CA VAL D 2577 16.02 -53.32 -10.63
C VAL D 2577 17.31 -52.73 -10.07
N LYS D 2578 17.59 -51.46 -10.37
CA LYS D 2578 18.86 -50.85 -9.98
C LYS D 2578 18.98 -50.76 -8.47
N ASN D 2579 20.22 -50.88 -7.99
CA ASN D 2579 20.48 -50.85 -6.56
C ASN D 2579 20.18 -49.48 -5.99
N LYS D 2580 19.73 -49.46 -4.73
CA LYS D 2580 19.37 -48.20 -4.07
C LYS D 2580 20.58 -47.28 -3.95
N THR D 2581 21.75 -47.85 -3.62
CA THR D 2581 22.93 -47.02 -3.41
C THR D 2581 23.31 -46.24 -4.67
N ASP D 2582 22.97 -46.76 -5.84
CA ASP D 2582 23.35 -46.14 -7.11
C ASP D 2582 22.27 -45.22 -7.66
N TYR D 2583 21.17 -45.03 -6.94
CA TYR D 2583 20.12 -44.14 -7.43
C TYR D 2583 20.63 -42.71 -7.51
N THR D 2584 20.18 -41.99 -8.54
CA THR D 2584 20.45 -40.57 -8.66
C THR D 2584 19.30 -39.81 -7.97
N GLY D 2585 19.30 -38.48 -8.11
CA GLY D 2585 18.28 -37.67 -7.49
C GLY D 2585 16.90 -37.98 -8.01
N PRO D 2586 16.71 -37.84 -9.33
CA PRO D 2586 15.41 -38.17 -9.92
C PRO D 2586 14.99 -39.61 -9.68
N GLU D 2587 15.93 -40.56 -9.74
CA GLU D 2587 15.58 -41.95 -9.52
C GLU D 2587 15.12 -42.17 -8.09
N SER D 2588 15.81 -41.59 -7.11
CA SER D 2588 15.39 -41.73 -5.73
C SER D 2588 14.03 -41.07 -5.50
N TYR D 2589 13.80 -39.90 -6.10
CA TYR D 2589 12.51 -39.24 -5.97
C TYR D 2589 11.39 -40.12 -6.52
N VAL D 2590 11.61 -40.70 -7.72
CA VAL D 2590 10.59 -41.55 -8.32
C VAL D 2590 10.36 -42.80 -7.47
N ALA D 2591 11.44 -43.38 -6.94
CA ALA D 2591 11.29 -44.55 -6.08
C ALA D 2591 10.49 -44.21 -4.83
N GLN D 2592 10.76 -43.06 -4.22
CA GLN D 2592 10.00 -42.65 -3.04
C GLN D 2592 8.53 -42.44 -3.37
N MET D 2593 8.25 -41.80 -4.51
CA MET D 2593 6.86 -41.60 -4.90
C MET D 2593 6.17 -42.93 -5.15
N ILE D 2594 6.85 -43.87 -5.79
CA ILE D 2594 6.27 -45.20 -6.02
C ILE D 2594 6.00 -45.89 -4.69
N LYS D 2595 6.94 -45.81 -3.75
CA LYS D 2595 6.74 -46.45 -2.45
C LYS D 2595 5.55 -45.85 -1.72
N ASN D 2596 5.41 -44.52 -1.78
CA ASN D 2596 4.27 -43.85 -1.18
C ASN D 2596 2.99 -44.01 -2.00
N LYS D 2597 3.08 -44.59 -3.19
CA LYS D 2597 1.92 -44.81 -4.05
C LYS D 2597 1.29 -43.48 -4.48
N ASN D 2598 2.12 -42.57 -4.97
CA ASN D 2598 1.67 -41.29 -5.50
C ASN D 2598 2.05 -41.20 -6.97
N LEU D 2599 1.09 -40.83 -7.81
CA LEU D 2599 1.27 -40.76 -9.25
C LEU D 2599 1.36 -39.32 -9.75
N ASP D 2600 1.77 -38.40 -8.89
CA ASP D 2600 1.87 -36.99 -9.28
C ASP D 2600 3.11 -36.69 -10.09
N TRP D 2601 4.07 -37.61 -10.18
CA TRP D 2601 5.28 -37.36 -10.94
C TRP D 2601 5.07 -37.50 -12.44
N PHE D 2602 3.97 -38.13 -12.86
CA PHE D 2602 3.63 -38.14 -14.27
C PHE D 2602 3.18 -36.76 -14.71
N PRO D 2603 3.45 -36.37 -15.96
CA PRO D 2603 2.97 -35.07 -16.44
C PRO D 2603 1.47 -35.12 -16.71
N ARG D 2604 0.77 -34.08 -16.25
CA ARG D 2604 -0.68 -33.99 -16.40
C ARG D 2604 -1.00 -32.67 -17.10
N MET D 2605 -1.38 -32.77 -18.38
CA MET D 2605 -1.75 -31.60 -19.17
C MET D 2605 -0.62 -30.57 -19.25
N ARG D 2606 0.63 -31.04 -19.20
CA ARG D 2606 1.79 -30.18 -19.26
C ARG D 2606 2.84 -30.80 -20.17
N ALA D 2607 3.47 -29.96 -21.00
CA ALA D 2607 4.53 -30.39 -21.88
C ALA D 2607 5.61 -29.33 -21.95
N MET D 2608 6.88 -29.77 -21.91
CA MET D 2608 7.98 -28.82 -21.97
C MET D 2608 8.01 -28.09 -23.30
N SER D 2609 7.68 -28.79 -24.40
CA SER D 2609 7.65 -28.14 -25.70
C SER D 2609 6.66 -26.99 -25.72
N LEU D 2610 5.47 -27.20 -25.15
CA LEU D 2610 4.47 -26.14 -25.10
C LEU D 2610 4.89 -25.03 -24.15
N VAL D 2611 5.41 -25.39 -22.97
CA VAL D 2611 5.74 -24.36 -21.99
C VAL D 2611 6.90 -23.49 -22.48
N SER D 2612 7.78 -24.05 -23.31
CA SER D 2612 8.89 -23.25 -23.84
C SER D 2612 8.37 -22.03 -24.59
N ASN D 2613 7.25 -22.16 -25.30
CA ASN D 2613 6.65 -21.04 -26.01
C ASN D 2613 5.62 -20.29 -25.19
N GLU D 2614 4.97 -20.96 -24.24
CA GLU D 2614 3.95 -20.33 -23.40
C GLU D 2614 4.53 -19.62 -22.19
N GLY D 2615 5.85 -19.66 -21.99
CA GLY D 2615 6.44 -19.01 -20.84
C GLY D 2615 6.18 -17.52 -20.80
N GLU D 2616 6.28 -16.86 -21.96
CA GLU D 2616 6.05 -15.42 -22.01
C GLU D 2616 4.62 -15.08 -21.58
N GLY D 2617 3.64 -15.83 -22.09
CA GLY D 2617 2.27 -15.59 -21.71
C GLY D 2617 2.01 -15.93 -20.24
N GLU D 2618 2.60 -17.02 -19.76
CA GLU D 2618 2.39 -17.42 -18.38
C GLU D 2618 2.93 -16.38 -17.41
N GLN D 2619 4.08 -15.79 -17.72
CA GLN D 2619 4.72 -14.82 -16.84
C GLN D 2619 4.06 -13.44 -16.99
N ASN D 2620 2.77 -13.40 -16.69
CA ASN D 2620 2.00 -12.16 -16.72
C ASN D 2620 1.52 -11.75 -15.33
N GLU D 2621 0.77 -12.63 -14.65
CA GLU D 2621 0.36 -12.35 -13.29
C GLU D 2621 1.50 -12.54 -12.30
N ILE D 2622 2.45 -13.41 -12.63
CA ILE D 2622 3.60 -13.63 -11.74
C ILE D 2622 4.40 -12.35 -11.59
N ARG D 2623 4.62 -11.63 -12.69
CA ARG D 2623 5.37 -10.38 -12.61
C ARG D 2623 4.64 -9.36 -11.76
N ILE D 2624 3.31 -9.26 -11.92
CA ILE D 2624 2.53 -8.31 -11.13
C ILE D 2624 2.61 -8.67 -9.64
N LEU D 2625 2.49 -9.96 -9.34
CA LEU D 2625 2.58 -10.39 -7.94
C LEU D 2625 3.95 -10.09 -7.35
N GLN D 2626 5.01 -10.33 -8.12
CA GLN D 2626 6.36 -10.03 -7.65
C GLN D 2626 6.54 -8.53 -7.41
N ASP D 2627 6.01 -7.70 -8.32
CA ASP D 2627 6.11 -6.26 -8.14
C ASP D 2627 5.35 -5.82 -6.89
N LYS D 2628 4.16 -6.37 -6.67
CA LYS D 2628 3.39 -6.01 -5.48
C LYS D 2628 4.13 -6.43 -4.21
N LEU D 2629 4.72 -7.62 -4.22
CA LEU D 2629 5.48 -8.08 -3.06
C LEU D 2629 6.68 -7.19 -2.80
N ASN D 2630 7.39 -6.78 -3.87
CA ASN D 2630 8.52 -5.89 -3.71
C ASN D 2630 8.09 -4.53 -3.15
N SER D 2631 6.96 -4.01 -3.64
CA SER D 2631 6.46 -2.74 -3.12
C SER D 2631 6.09 -2.86 -1.65
N THR D 2632 5.44 -3.96 -1.27
CA THR D 2632 5.08 -4.17 0.13
C THR D 2632 6.33 -4.27 1.00
N MET D 2633 7.35 -4.99 0.53
CA MET D 2633 8.60 -5.09 1.29
C MET D 2633 9.26 -3.74 1.44
N LYS D 2634 9.27 -2.94 0.38
CA LYS D 2634 9.87 -1.61 0.47
C LYS D 2634 9.11 -0.73 1.46
N LEU D 2635 7.77 -0.81 1.43
CA LEU D 2635 6.97 -0.03 2.38
C LEU D 2635 7.25 -0.48 3.81
N VAL D 2636 7.36 -1.78 4.04
CA VAL D 2636 7.65 -2.29 5.38
C VAL D 2636 9.01 -1.81 5.84
N SER D 2637 10.01 -1.85 4.95
CA SER D 2637 11.34 -1.38 5.32
C SER D 2637 11.33 0.11 5.64
N HIS D 2638 10.60 0.90 4.85
CA HIS D 2638 10.51 2.33 5.12
C HIS D 2638 9.85 2.60 6.47
N LEU D 2639 8.78 1.85 6.77
CA LEU D 2639 8.11 2.01 8.06
C LEU D 2639 9.03 1.64 9.20
N THR D 2640 9.80 0.55 9.05
CA THR D 2640 10.74 0.16 10.09
C THR D 2640 11.82 1.21 10.29
N ALA D 2641 12.33 1.78 9.20
CA ALA D 2641 13.33 2.83 9.30
C ALA D 2641 12.77 4.06 10.00
N GLN D 2642 11.53 4.44 9.66
CA GLN D 2642 10.91 5.58 10.32
C GLN D 2642 10.72 5.32 11.81
N LEU D 2643 10.29 4.11 12.17
CA LEU D 2643 10.11 3.78 13.58
C LEU D 2643 11.45 3.81 14.32
N ASN D 2644 12.50 3.30 13.69
CA ASN D 2644 13.83 3.33 14.32
C ASN D 2644 14.31 4.76 14.51
N GLU D 2645 14.09 5.62 13.51
CA GLU D 2645 14.48 7.01 13.64
C GLU D 2645 13.71 7.70 14.75
N LEU D 2646 12.40 7.44 14.84
CA LEU D 2646 11.60 8.02 15.91
C LEU D 2646 12.08 7.56 17.27
N LYS D 2647 12.38 6.27 17.40
CA LYS D 2647 12.89 5.76 18.67
C LYS D 2647 14.22 6.39 19.03
N GLU D 2648 15.11 6.54 18.06
CA GLU D 2648 16.41 7.17 18.33
C GLU D 2648 16.22 8.62 18.75
N GLN D 2649 15.33 9.35 18.09
CA GLN D 2649 15.07 10.74 18.47
C GLN D 2649 14.51 10.83 19.87
N MET D 2650 13.57 9.92 20.21
CA MET D 2650 13.01 9.92 21.56
C MET D 2650 14.07 9.62 22.60
N THR D 2651 14.95 8.67 22.33
CA THR D 2651 16.00 8.30 23.26
C THR D 2651 16.99 9.45 23.44
ZN ZN E . -20.18 -38.36 5.00
C1 I3P F . -23.23 21.42 63.32
C2 I3P F . -21.81 20.90 63.43
C3 I3P F . -20.86 21.97 63.95
C4 I3P F . -20.71 23.13 62.97
C5 I3P F . -22.00 23.33 62.16
C6 I3P F . -23.25 22.91 62.96
O1 I3P F . -23.89 21.17 64.53
O2 I3P F . -21.80 19.77 64.27
O3 I3P F . -21.34 22.47 65.18
O4 I3P F . -19.65 22.88 62.10
O5 I3P F . -22.10 24.66 61.78
O6 I3P F . -24.39 23.26 62.22
P1 I3P F . -25.53 20.76 64.49
O11 I3P F . -25.95 20.54 65.94
O12 I3P F . -26.14 21.96 63.79
O13 I3P F . -25.55 19.46 63.66
P4 I3P F . -18.10 23.55 62.29
O41 I3P F . -18.40 24.92 62.89
O42 I3P F . -17.54 23.64 60.86
O43 I3P F . -17.32 22.60 63.19
P5 I3P F . -22.08 25.18 60.17
O51 I3P F . -21.36 26.53 60.19
O52 I3P F . -21.33 24.11 59.37
O53 I3P F . -23.56 25.30 59.85
H1 I3P F . -23.64 20.94 62.59
H2 I3P F . -21.52 20.64 62.54
H3 I3P F . -19.99 21.55 64.07
H4 I3P F . -20.54 23.94 63.48
H5 I3P F . -21.95 22.75 61.38
H6 I3P F . -23.23 23.41 63.80
HO2 I3P F . -22.56 19.74 64.66
HO3 I3P F . -21.78 21.84 65.56
HO6 I3P F . -25.08 22.95 62.59
CA CA G . -27.59 -25.39 33.10
PG ATP H . -23.98 -53.54 13.17
O1G ATP H . -22.54 -53.69 12.86
O2G ATP H . -24.25 -52.73 14.45
O3G ATP H . -24.74 -54.86 13.24
PB ATP H . -25.95 -52.85 11.02
O1B ATP H . -25.82 -54.02 10.12
O2B ATP H . -27.22 -52.81 11.86
O3B ATP H . -24.72 -52.72 12.01
PA ATP H . -26.25 -49.96 10.47
O1A ATP H . -25.30 -49.30 11.38
O2A ATP H . -27.71 -49.94 10.92
O3A ATP H . -25.87 -51.48 10.20
O5' ATP H . -26.18 -49.33 9.01
C5' ATP H . -24.92 -49.19 8.32
C4' ATP H . -25.15 -49.37 6.85
O4' ATP H . -26.13 -48.37 6.46
C3' ATP H . -23.92 -48.96 6.05
O3' ATP H . -23.21 -50.16 5.78
C2' ATP H . -24.55 -48.54 4.72
O2' ATP H . -25.09 -49.72 4.16
C1' ATP H . -25.77 -47.77 5.23
N9 ATP H . -25.43 -46.37 5.53
C8 ATP H . -25.58 -45.73 6.73
N7 ATP H . -25.19 -44.48 6.72
C5 ATP H . -24.76 -44.29 5.41
C6 ATP H . -24.23 -43.17 4.74
N6 ATP H . -24.03 -41.98 5.32
N1 ATP H . -23.90 -43.32 3.44
C2 ATP H . -24.09 -44.49 2.86
N3 ATP H . -24.59 -45.61 3.38
C4 ATP H . -24.90 -45.45 4.66
H5'1 ATP H . -24.30 -49.88 8.63
H5'2 ATP H . -24.55 -48.32 8.50
H4' ATP H . -25.44 -50.27 6.63
H3' ATP H . -23.39 -48.27 6.47
HO3' ATP H . -22.50 -49.94 5.38
H2' ATP H . -23.96 -48.04 4.13
HO2' ATP H . -24.58 -50.36 4.36
H1' ATP H . -26.50 -47.81 4.59
H8 ATP H . -25.92 -46.15 7.49
HN61 ATP H . -24.30 -41.84 6.13
HN62 ATP H . -23.64 -41.35 4.89
H2 ATP H . -23.85 -44.54 1.96
C1 PCW I . -52.84 -48.44 -1.58
C2 PCW I . -53.56 -49.22 -2.68
C3 PCW I . -52.90 -50.51 -3.11
C4 PCW I . -49.59 -46.32 -1.02
C5 PCW I . -48.56 -46.80 0.00
C6 PCW I . -46.84 -48.39 0.79
C7 PCW I . -48.78 -49.18 -0.44
C8 PCW I . -47.03 -47.97 -1.59
C11 PCW I . -53.01 -50.38 -5.46
C12 PCW I . -53.69 -50.95 -6.67
C13 PCW I . -52.73 -51.52 -7.70
C14 PCW I . -53.43 -51.91 -9.00
C15 PCW I . -52.48 -52.59 -9.97
C16 PCW I . -53.04 -52.73 -11.39
C17 PCW I . -51.95 -52.96 -12.41
C18 PCW I . -51.59 -54.44 -12.60
C19 PCW I . -52.52 -55.18 -13.50
C20 PCW I . -53.32 -54.72 -14.47
C21 PCW I . -54.24 -55.51 -15.35
C22 PCW I . -54.12 -55.13 -16.82
C23 PCW I . -55.00 -55.98 -17.73
C24 PCW I . -54.43 -57.37 -17.99
C25 PCW I . -55.50 -58.45 -18.14
C26 PCW I . -56.47 -58.19 -19.28
C27 PCW I . -57.43 -59.35 -19.52
C31 PCW I . -55.81 -49.72 -3.26
C32 PCW I . -56.78 -50.82 -2.90
C33 PCW I . -57.30 -51.56 -4.12
C34 PCW I . -58.01 -52.86 -3.75
C35 PCW I . -57.86 -53.93 -4.83
C36 PCW I . -58.55 -55.25 -4.47
C37 PCW I . -58.22 -56.37 -5.45
C38 PCW I . -58.94 -57.68 -5.13
N PCW I . -47.79 -48.07 -0.31
O2 PCW I . -54.90 -49.55 -2.30
O3 PCW I . -53.44 -50.95 -4.34
O11 PCW I . -52.18 -49.50 -5.47
O31 PCW I . -55.84 -49.07 -4.27
O1P PCW I . -52.62 -44.86 -0.33
O2P PCW I . -51.71 -45.43 -2.69
O3P PCW I . -53.21 -47.09 -1.51
O4P PCW I . -50.89 -46.74 -0.68
P PCW I . -52.14 -45.88 -1.33
H11 PCW I . -51.90 -48.50 -1.77
H12 PCW I . -52.99 -48.90 -0.74
H2 PCW I . -53.56 -48.65 -3.47
H31 PCW I . -53.04 -51.17 -2.42
H32 PCW I . -51.94 -50.36 -3.19
H41 PCW I . -49.32 -46.59 -1.91
H42 PCW I . -49.53 -45.36 -0.99
H51 PCW I . -49.03 -46.96 0.82
H52 PCW I . -47.90 -46.11 0.16
H61 PCW I . -46.46 -49.27 0.64
H62 PCW I . -47.32 -48.38 1.62
H63 PCW I . -46.13 -47.72 0.81
H71 PCW I . -48.30 -50.01 -0.58
H72 PCW I . -49.37 -49.00 -1.18
H73 PCW I . -49.30 -49.24 0.38
H81 PCW I . -46.40 -48.71 -1.66
H82 PCW I . -46.55 -47.12 -1.60
H83 PCW I . -47.65 -47.99 -2.33
H121 PCW I . -54.24 -50.26 -7.06
H122 PCW I . -54.30 -51.64 -6.36
H131 PCW I . -52.28 -52.30 -7.33
H132 PCW I . -52.03 -50.87 -7.89
H141 PCW I . -53.81 -51.12 -9.41
H142 PCW I . -54.17 -52.49 -8.79
H151 PCW I . -52.25 -53.47 -9.63
H152 PCW I . -51.65 -52.09 -10.00
H161 PCW I . -53.54 -51.93 -11.61
H162 PCW I . -53.68 -53.46 -11.41
H171 PCW I . -51.15 -52.48 -12.15
H172 PCW I . -52.22 -52.58 -13.26
H181 PCW I . -51.60 -54.86 -11.73
H182 PCW I . -50.68 -54.51 -12.92
H19 PCW I . -52.54 -56.10 -13.35
H20 PCW I . -53.32 -53.82 -14.64
H211 PCW I . -55.17 -55.42 -15.06
H212 PCW I . -54.03 -56.46 -15.25
H221 PCW I . -53.19 -55.22 -17.10
H222 PCW I . -54.34 -54.19 -16.93
H231 PCW I . -55.14 -55.51 -18.57
H232 PCW I . -55.88 -56.07 -17.32
H241 PCW I . -53.82 -57.61 -17.28
H242 PCW I . -53.89 -57.34 -18.80
H251 PCW I . -55.99 -58.52 -17.31
H252 PCW I . -55.06 -59.30 -18.28
H261 PCW I . -55.98 -58.01 -20.09
H262 PCW I . -56.99 -57.39 -19.09
H321 PCW I . -57.51 -50.42 -2.41
H322 PCW I . -56.35 -51.42 -2.28
H331 PCW I . -56.55 -51.76 -4.71
H332 PCW I . -57.91 -51.00 -4.61
H341 PCW I . -58.94 -52.69 -3.59
H342 PCW I . -57.65 -53.20 -2.91
H351 PCW I . -56.92 -54.09 -5.00
H352 PCW I . -58.25 -53.59 -5.65
H361 PCW I . -59.51 -55.12 -4.45
H362 PCW I . -58.29 -55.51 -3.57
H371 PCW I . -57.26 -56.52 -5.46
H372 PCW I . -58.45 -56.09 -6.35
C1 PCW J . -53.20 -46.29 -9.10
C2 PCW J . -53.46 -46.31 -10.59
C3 PCW J . -53.62 -47.68 -11.21
C4 PCW J . -48.95 -45.77 -6.60
C5 PCW J . -47.61 -45.40 -7.20
C6 PCW J . -48.13 -44.39 -9.42
C7 PCW J . -48.30 -43.07 -7.40
C8 PCW J . -46.13 -43.70 -8.24
C11 PCW J . -54.18 -48.69 -13.25
C12 PCW J . -54.49 -48.42 -14.70
C13 PCW J . -54.23 -49.60 -15.61
C14 PCW J . -54.35 -49.23 -17.09
C15 PCW J . -53.91 -50.36 -18.01
C16 PCW J . -52.42 -50.67 -17.94
C17 PCW J . -51.96 -51.65 -19.00
C18 PCW J . -50.49 -52.05 -18.86
C19 PCW J . -50.14 -53.20 -19.74
C20 PCW J . -50.19 -54.50 -19.44
C21 PCW J . -50.63 -55.14 -18.16
C22 PCW J . -49.46 -55.78 -17.41
C31 PCW J . -54.51 -44.40 -11.55
C32 PCW J . -55.87 -43.85 -11.92
C33 PCW J . -56.08 -43.70 -13.42
C34 PCW J . -55.18 -42.65 -14.05
C35 PCW J . -55.36 -42.52 -15.55
C36 PCW J . -55.18 -43.84 -16.30
C37 PCW J . -55.11 -43.67 -17.82
C38 PCW J . -55.66 -44.91 -18.55
C39 PCW J . -54.91 -45.22 -19.81
C40 PCW J . -55.37 -45.87 -20.87
C41 PCW J . -54.65 -46.19 -22.14
C42 PCW J . -54.43 -47.70 -22.29
C43 PCW J . -53.83 -48.10 -23.64
C44 PCW J . -53.67 -49.60 -23.80
C45 PCW J . -54.99 -50.35 -23.86
N PCW J . -47.55 -44.16 -8.07
O2 PCW J . -54.63 -45.56 -10.91
O3 PCW J . -54.05 -47.57 -12.56
O11 PCW J . -54.05 -49.79 -12.77
O31 PCW J . -53.47 -43.85 -11.79
O1P PCW J . -52.13 -46.69 -6.40
O2P PCW J . -51.48 -44.19 -6.65
O3P PCW J . -52.07 -45.55 -8.71
O4P PCW J . -49.94 -46.00 -7.58
P PCW J . -51.49 -45.60 -7.19
H11 PCW J . -53.08 -47.21 -8.79
H12 PCW J . -54.00 -45.96 -8.65
H2 PCW J . -52.67 -45.93 -11.01
H31 PCW J . -54.26 -48.19 -10.68
H32 PCW J . -52.77 -48.15 -11.16
H41 PCW J . -49.22 -45.11 -5.94
H42 PCW J . -48.78 -46.59 -6.09
H51 PCW J . -47.34 -46.14 -7.76
H52 PCW J . -46.95 -45.29 -6.51
H61 PCW J . -48.05 -43.58 -9.95
H62 PCW J . -49.07 -44.62 -9.31
H63 PCW J . -47.67 -45.12 -9.86
H71 PCW J . -48.06 -42.22 -7.80
H72 PCW J . -48.06 -43.06 -6.45
H73 PCW J . -49.25 -43.22 -7.49
H81 PCW J . -46.09 -42.96 -8.86
H82 PCW J . -45.61 -44.44 -8.57
H83 PCW J . -45.79 -43.43 -7.37
H121 PCW J . -53.97 -47.65 -14.98
H122 PCW J . -55.41 -48.14 -14.75
H131 PCW J . -54.87 -50.31 -15.42
H132 PCW J . -53.36 -49.97 -15.44
H141 PCW J . -53.82 -48.44 -17.26
H142 PCW J . -55.26 -48.98 -17.29
H151 PCW J . -54.14 -50.13 -18.93
H152 PCW J . -54.41 -51.16 -17.80
H161 PCW J . -52.20 -51.03 -17.06
H162 PCW J . -51.91 -49.85 -18.01
H171 PCW J . -52.09 -51.25 -19.89
H172 PCW J . -52.52 -52.45 -18.98
H181 PCW J . -50.34 -52.30 -17.94
H182 PCW J . -49.93 -51.29 -19.04
H19 PCW J . -49.85 -52.98 -20.59
H20 PCW J . -49.94 -55.10 -20.10
H211 PCW J . -51.32 -55.80 -18.30
H212 PCW J . -51.01 -54.46 -17.58
H321 PCW J . -55.97 -42.99 -11.48
H322 PCW J . -56.55 -44.42 -11.53
H331 PCW J . -57.01 -43.45 -13.58
H332 PCW J . -55.94 -44.55 -13.85
H341 PCW J . -54.25 -42.88 -13.86
H342 PCW J . -55.33 -41.79 -13.62
H351 PCW J . -54.74 -41.87 -15.90
H352 PCW J . -56.24 -42.17 -15.73
H361 PCW J . -55.92 -44.43 -16.08
H362 PCW J . -54.38 -44.28 -15.99
H371 PCW J . -54.20 -43.52 -18.08
H372 PCW J . -55.62 -42.90 -18.08
H381 PCW J . -56.61 -44.77 -18.73
H382 PCW J . -55.61 -45.67 -17.95
H39 PCW J . -54.03 -44.91 -19.84
H40 PCW J . -56.25 -46.17 -20.84
H411 PCW J . -53.78 -45.75 -22.14
H412 PCW J . -55.12 -45.85 -22.91
H421 PCW J . -55.29 -48.15 -22.18
H422 PCW J . -53.86 -48.02 -21.57
H431 PCW J . -52.96 -47.66 -23.74
H432 PCW J . -54.38 -47.75 -24.35
H441 PCW J . -53.15 -49.95 -23.05
H442 PCW J . -53.15 -49.78 -24.59
C1 PCW K . -72.04 -54.69 -34.46
C2 PCW K . -71.80 -54.24 -33.03
C3 PCW K . -72.61 -54.97 -31.97
C4 PCW K . -75.59 -55.03 -36.95
C5 PCW K . -76.58 -55.70 -37.89
C6 PCW K . -78.66 -56.94 -38.34
C7 PCW K . -77.35 -57.43 -36.36
C8 PCW K . -78.62 -55.38 -36.49
C11 PCW K . -74.76 -54.91 -31.03
C12 PCW K . -74.39 -54.46 -29.65
C13 PCW K . -74.28 -52.96 -29.49
C14 PCW K . -72.92 -52.41 -29.94
C15 PCW K . -72.68 -50.99 -29.44
C16 PCW K . -71.21 -50.67 -29.17
C17 PCW K . -71.01 -50.15 -27.75
C18 PCW K . -69.54 -50.06 -27.35
C19 PCW K . -69.37 -49.39 -26.03
C20 PCW K . -68.24 -48.94 -25.47
C21 PCW K . -66.86 -48.99 -26.01
C22 PCW K . -66.15 -50.30 -25.67
C23 PCW K . -66.40 -50.77 -24.24
C24 PCW K . -65.50 -51.92 -23.82
C25 PCW K . -64.07 -51.49 -23.50
C26 PCW K . -63.31 -52.51 -22.65
C27 PCW K . -61.98 -51.99 -22.12
C28 PCW K . -61.37 -52.89 -21.06
C31 PCW K . -69.92 -53.48 -31.79
C32 PCW K . -68.69 -54.03 -31.12
C33 PCW K . -67.93 -53.00 -30.30
C34 PCW K . -66.68 -53.59 -29.66
C35 PCW K . -65.99 -52.61 -28.72
C36 PCW K . -65.17 -51.54 -29.42
C37 PCW K . -63.67 -51.73 -29.26
C38 PCW K . -63.16 -51.48 -27.84
C39 PCW K . -61.66 -51.40 -27.78
C40 PCW K . -60.84 -52.08 -26.97
C41 PCW K . -59.35 -52.00 -26.91
N PCW K . -77.80 -56.34 -37.28
O2 PCW K . -70.43 -54.35 -32.66
O3 PCW K . -73.92 -54.43 -31.94
O11 PCW K . -75.69 -55.62 -31.31
O31 PCW K . -70.39 -52.40 -31.58
O1P PCW K . -75.74 -55.15 -34.00
O2P PCW K . -73.84 -56.90 -34.10
O3P PCW K . -73.38 -54.52 -34.87
O4P PCW K . -74.80 -55.97 -36.27
P PCW K . -74.51 -55.68 -34.67
H11 PCW K . -71.82 -55.64 -34.51
H12 PCW K . -71.43 -54.22 -35.04
H2 PCW K . -72.10 -53.32 -32.97
H31 PCW K . -72.16 -54.87 -31.12
H32 PCW K . -72.62 -55.91 -32.19
H41 PCW K . -76.05 -54.42 -36.36
H42 PCW K . -75.04 -54.47 -37.53
H51 PCW K . -76.10 -56.40 -38.35
H52 PCW K . -76.90 -55.07 -38.55
H61 PCW K . -79.39 -57.43 -37.92
H62 PCW K . -78.13 -57.56 -38.85
H63 PCW K . -79.01 -56.25 -38.92
H71 PCW K . -78.13 -57.90 -36.03
H72 PCW K . -76.87 -57.04 -35.62
H73 PCW K . -76.78 -58.04 -36.84
H81 PCW K . -79.45 -55.79 -36.23
H82 PCW K . -78.79 -54.60 -37.05
H83 PCW K . -78.11 -55.10 -35.72
H121 PCW K . -73.55 -54.89 -29.41
H122 PCW K . -75.05 -54.82 -29.04
H131 PCW K . -74.43 -52.71 -28.56
H132 PCW K . -74.98 -52.53 -30.01
H141 PCW K . -72.87 -52.42 -30.91
H142 PCW K . -72.22 -53.01 -29.62
H151 PCW K . -73.20 -50.85 -28.64
H152 PCW K . -73.02 -50.36 -30.10
H161 PCW K . -70.90 -50.00 -29.81
H162 PCW K . -70.67 -51.45 -29.31
H171 PCW K . -71.47 -50.72 -27.12
H172 PCW K . -71.43 -49.27 -27.66
H181 PCW K . -69.05 -49.56 -28.02
H182 PCW K . -69.16 -50.95 -27.34
H19 PCW K . -70.16 -49.28 -25.55
H20 PCW K . -68.31 -48.54 -24.63
H211 PCW K . -66.32 -48.25 -25.71
H212 PCW K . -66.89 -48.92 -26.99
H221 PCW K . -65.19 -50.21 -25.82
H222 PCW K . -66.44 -51.00 -26.28
H231 PCW K . -67.32 -51.04 -24.14
H232 PCW K . -66.27 -50.02 -23.63
H241 PCW K . -65.47 -52.58 -24.53
H242 PCW K . -65.88 -52.36 -23.04
H251 PCW K . -64.08 -50.63 -23.05
H252 PCW K . -63.59 -51.36 -24.33
H261 PCW K . -63.17 -53.32 -23.16
H262 PCW K . -63.87 -52.77 -21.89
H271 PCW K . -62.11 -51.09 -21.76
H272 PCW K . -61.37 -51.89 -22.86
H281 PCW K . -60.52 -52.56 -20.75
H282 PCW K . -61.23 -53.78 -21.40
H283 PCW K . -61.96 -52.97 -20.29
H321 PCW K . -68.12 -54.41 -31.81
H322 PCW K . -68.96 -54.78 -30.56
H331 PCW K . -68.51 -52.64 -29.62
H332 PCW K . -67.68 -52.25 -30.88
H341 PCW K . -66.05 -53.86 -30.35
H342 PCW K . -66.91 -54.39 -29.18
H351 PCW K . -65.42 -53.10 -28.10
H352 PCW K . -66.66 -52.18 -28.16
H361 PCW K . -65.41 -50.67 -29.07
H362 PCW K . -65.40 -51.53 -30.36
H371 PCW K . -63.20 -51.14 -29.87
H372 PCW K . -63.43 -52.64 -29.53
H381 PCW K . -63.49 -52.16 -27.25
H382 PCW K . -63.53 -50.64 -27.53
H39 PCW K . -61.27 -50.82 -28.39
H40 PCW K . -61.22 -52.66 -26.36
C1 PCW L . -65.30 -69.70 -14.22
C2 PCW L . -65.27 -68.61 -13.15
C3 PCW L . -63.89 -68.20 -12.67
C4 PCW L . -68.03 -73.05 -14.85
C5 PCW L . -66.68 -73.55 -15.31
C6 PCW L . -65.07 -75.36 -15.76
C7 PCW L . -66.23 -75.28 -13.65
C8 PCW L . -67.43 -75.89 -15.66
C11 PCW L . -62.14 -66.76 -13.24
C12 PCW L . -61.75 -65.56 -14.08
C13 PCW L . -60.33 -65.09 -13.85
C14 PCW L . -59.95 -63.91 -14.74
C15 PCW L . -58.53 -63.44 -14.50
C31 PCW L . -66.75 -66.80 -12.75
C32 PCW L . -67.87 -66.11 -13.47
C33 PCW L . -68.33 -64.83 -12.80
C34 PCW L . -67.19 -63.82 -12.65
C35 PCW L . -66.50 -63.52 -13.97
C36 PCW L . -65.61 -62.28 -13.92
C37 PCW L . -64.41 -62.45 -13.00
C38 PCW L . -63.50 -61.23 -12.96
C39 PCW L . -62.23 -61.50 -12.22
C40 PCW L . -61.08 -60.82 -12.27
C41 PCW L . -60.77 -59.61 -13.10
C42 PCW L . -60.62 -58.35 -12.23
C43 PCW L . -59.76 -58.57 -11.00
C44 PCW L . -59.29 -57.26 -10.36
C45 PCW L . -58.22 -56.54 -11.16
C46 PCW L . -57.56 -55.40 -10.40
C47 PCW L . -56.72 -55.88 -9.21
C48 PCW L . -55.84 -54.78 -8.64
N PCW L . -66.36 -75.01 -15.11
O2 PCW L . -65.96 -67.46 -13.60
O3 PCW L . -63.39 -67.13 -13.49
O11 PCW L . -61.42 -67.31 -12.46
O31 PCW L . -66.58 -66.77 -11.56
O1P PCW L . -68.05 -69.58 -13.18
O2P PCW L . -67.61 -71.96 -12.25
O3P PCW L . -65.91 -70.90 -13.81
O4P PCW L . -68.06 -71.65 -14.74
P PCW L . -67.48 -70.95 -13.35
H11 PCW L . -64.37 -69.91 -14.45
H12 PCW L . -65.71 -69.34 -15.01
H2 PCW L . -65.70 -68.99 -12.37
H31 PCW L . -63.30 -68.96 -12.71
H32 PCW L . -63.95 -67.90 -11.75
H41 PCW L . -68.30 -73.49 -14.04
H42 PCW L . -68.65 -73.34 -15.54
H51 PCW L . -66.01 -73.05 -14.80
H52 PCW L . -66.54 -73.36 -16.25
H61 PCW L . -64.85 -76.29 -15.57
H62 PCW L . -64.37 -74.79 -15.40
H63 PCW L . -65.13 -75.22 -16.72
H71 PCW L . -65.94 -76.19 -13.52
H72 PCW L . -67.10 -75.14 -13.22
H73 PCW L . -65.58 -74.67 -13.26
H81 PCW L . -67.14 -76.82 -15.60
H82 PCW L . -67.58 -75.64 -16.58
H83 PCW L . -68.23 -75.75 -15.15
H121 PCW L . -62.38 -64.85 -13.90
H122 PCW L . -61.87 -65.81 -15.01
H131 PCW L . -59.71 -65.81 -14.00
H132 PCW L . -60.22 -64.83 -12.92
H141 PCW L . -60.57 -63.17 -14.59
H142 PCW L . -60.06 -64.17 -15.67
H321 PCW L . -68.60 -66.73 -13.54
H322 PCW L . -67.59 -65.95 -14.39
H331 PCW L . -68.69 -65.04 -11.92
H332 PCW L . -69.04 -64.43 -13.31
H341 PCW L . -66.54 -64.16 -12.01
H342 PCW L . -67.55 -63.00 -12.27
H351 PCW L . -67.17 -63.40 -14.67
H352 PCW L . -65.96 -64.28 -14.22
H361 PCW L . -66.13 -61.51 -13.61
H362 PCW L . -65.31 -62.06 -14.81
H371 PCW L . -63.90 -63.22 -13.29
H372 PCW L . -64.72 -62.65 -12.11
H381 PCW L . -63.98 -60.48 -12.57
H382 PCW L . -63.28 -60.96 -13.87
H39 PCW L . -62.26 -62.24 -11.65
H40 PCW L . -60.39 -61.12 -11.74
H411 PCW L . -61.50 -59.46 -13.73
H412 PCW L . -59.97 -59.73 -13.61
H421 PCW L . -61.51 -58.05 -11.95
H422 PCW L . -60.25 -57.63 -12.77
H431 PCW L . -58.98 -59.10 -11.23
H432 PCW L . -60.24 -59.09 -10.35
H441 PCW L . -58.95 -57.45 -9.46
H442 PCW L . -60.06 -56.68 -10.24
H451 PCW L . -58.62 -56.19 -11.98
H452 PCW L . -57.54 -57.18 -11.44
H461 PCW L . -58.24 -54.79 -10.08
H462 PCW L . -57.00 -54.89 -11.00
H471 PCW L . -56.16 -56.62 -9.49
H472 PCW L . -57.30 -56.23 -8.52
H481 PCW L . -55.32 -55.10 -7.89
H482 PCW L . -56.37 -54.03 -8.32
H483 PCW L . -55.22 -54.44 -9.30
O12 PT5 M . -37.02 -60.71 -7.38
P1 PT5 M . -37.44 -62.15 -7.48
O13 PT5 M . -37.92 -62.44 -8.98
O11 PT5 M . -36.30 -63.06 -7.14
O6 PT5 M . -38.95 -59.66 -5.94
O1 PT5 M . -38.68 -62.40 -6.47
C1 PT5 M . -38.57 -61.89 -5.19
C6 PT5 M . -39.47 -60.65 -5.09
C2 PT5 M . -38.98 -62.98 -4.17
O2 PT5 M . -40.25 -63.47 -4.52
C3 PT5 M . -39.03 -62.43 -2.74
O3 PT5 M . -39.56 -63.42 -1.89
C4 PT5 M . -39.91 -61.16 -2.63
O4 PT5 M . -39.74 -60.63 -1.33
P4 PT5 M . -41.02 -59.92 -0.56
O41 PT5 M . -40.60 -59.48 0.83
O42 PT5 M . -41.49 -58.70 -1.35
O43 PT5 M . -42.17 -60.91 -0.45
C5 PT5 M . -39.53 -60.10 -3.66
O5 PT5 M . -40.48 -59.07 -3.62
P5 PT5 M . -39.99 -57.50 -3.97
O52 PT5 M . -40.87 -56.93 -5.07
O51 PT5 M . -40.12 -56.65 -2.72
O53 PT5 M . -38.54 -57.52 -4.42
C7 PT5 M . -39.09 -61.85 -9.40
C8 PT5 M . -40.19 -62.88 -9.37
C9 PT5 M . -41.58 -62.17 -9.16
O16 PT5 M . -40.21 -63.55 -10.60
C10 PT5 M . -39.76 -64.93 -10.54
O17 PT5 M . -38.57 -65.20 -10.80
O18 PT5 M . -42.37 -62.24 -10.35
C11 PT5 M . -43.14 -63.45 -10.47
O19 PT5 M . -43.53 -64.02 -9.50
C12 PT5 M . -40.78 -66.08 -10.16
C13 PT5 M . -40.54 -67.32 -11.06
C14 PT5 M . -40.31 -66.83 -12.57
C15 PT5 M . -40.57 -68.00 -13.57
C16 PT5 M . -41.67 -68.81 -13.57
C17 PT5 M . -41.15 -69.64 -14.78
C18 PT5 M . -41.64 -71.12 -14.74
C19 PT5 M . -41.93 -71.92 -15.79
C20 PT5 M . -42.37 -73.27 -16.38
C21 PT5 M . -41.51 -74.37 -15.70
C22 PT5 M . -41.97 -75.23 -14.74
C23 PT5 M . -40.60 -75.94 -14.53
C24 PT5 M . -40.09 -75.54 -13.11
C31 PT5 M . -43.45 -64.02 -11.90
C32 PT5 M . -44.86 -64.69 -11.98
C33 PT5 M . -44.76 -66.08 -12.70
C34 PT5 M . -46.11 -66.45 -13.40
C35 PT5 M . -46.74 -67.72 -12.73
C36 PT5 M . -47.79 -68.40 -13.69
C37 PT5 M . -47.07 -69.12 -14.88
C38 PT5 M . -48.04 -70.19 -15.52
C39 PT5 M . -48.06 -70.08 -17.10
C40 PT5 M . -46.67 -70.45 -17.70
H20 PT5 M . -40.65 -66.35 -9.11
H21 PT5 M . -41.80 -65.73 -10.33
H22 PT5 M . -39.65 -67.84 -10.71
H23 PT5 M . -41.38 -67.99 -11.00
H24 PT5 M . -41.02 -66.03 -12.79
H25 PT5 M . -39.30 -66.47 -12.69
H26 PT5 M . -39.69 -68.02 -14.20
H28 PT5 M . -42.35 -69.58 -13.89
H30 PT5 M . -41.47 -69.18 -15.72
H31 PT5 M . -40.06 -69.73 -14.79
H32 PT5 M . -41.68 -71.43 -13.68
H33 PT5 M . -42.13 -72.65 -15.02
H34 PT5 M . -43.43 -73.44 -16.18
H35 PT5 M . -42.19 -73.28 -17.47
H36 PT5 M . -40.51 -74.22 -16.11
H38 PT5 M . -41.95 -76.05 -14.02
H40 PT5 M . -40.75 -77.01 -14.57
H41 PT5 M . -39.82 -75.68 -15.26
H42 PT5 M . -39.71 -76.32 -12.43
H45 PT5 M . -43.42 -63.21 -12.62
H46 PT5 M . -42.70 -64.75 -12.18
H47 PT5 M . -45.54 -64.04 -12.54
H48 PT5 M . -45.25 -64.84 -10.98
H49 PT5 M . -44.47 -66.84 -11.99
H50 PT5 M . -43.98 -66.01 -13.46
H51 PT5 M . -45.94 -66.64 -14.45
H52 PT5 M . -46.81 -65.62 -13.30
H53 PT5 M . -45.96 -68.44 -12.49
H54 PT5 M . -47.25 -67.43 -11.81
H55 PT5 M . -48.48 -67.67 -14.07
H56 PT5 M . -48.34 -69.14 -13.12
H57 PT5 M . -46.17 -69.61 -14.53
H58 PT5 M . -46.81 -68.40 -15.64
H59 PT5 M . -47.71 -71.19 -15.24
H60 PT5 M . -49.05 -70.04 -15.13
H61 PT5 M . -48.81 -70.75 -17.50
C25 PT5 M . -40.13 -74.19 -12.69
H62 PT5 M . -48.32 -69.06 -17.39
C26 PT5 M . -39.63 -73.78 -11.28
H63 PT5 M . -45.90 -70.40 -16.93
C27 PT5 M . -39.42 -72.20 -11.22
H64 PT5 M . -46.44 -69.75 -18.50
C28 PT5 M . -38.87 -71.78 -9.81
C41 PT5 M . -46.72 -71.93 -18.31
C42 PT5 M . -45.46 -72.13 -19.21
C43 PT5 M . -45.80 -73.16 -20.39
C44 PT5 M . -44.48 -73.63 -21.10
H27 PT5 M . -40.52 -73.41 -13.39
H29 PT5 M . -40.36 -74.06 -10.53
H37 PT5 M . -38.69 -74.27 -11.06
H39 PT5 M . -38.70 -71.89 -11.99
H43 PT5 M . -40.38 -71.69 -11.40
H44 PT5 M . -37.87 -71.35 -9.91
H65 PT5 M . -39.54 -71.06 -9.35
H71 PT5 M . -47.61 -72.06 -18.90
H72 PT5 M . -46.72 -72.66 -17.51
H73 PT5 M . -44.66 -72.52 -18.61
H74 PT5 M . -45.17 -71.18 -19.64
H75 PT5 M . -46.31 -74.02 -19.98
H76 PT5 M . -46.43 -72.67 -21.12
H77 PT5 M . -44.06 -72.83 -21.67
H78 PT5 M . -43.76 -73.96 -20.36
O12 PT5 N . -59.80 -31.39 -23.35
P1 PT5 N . -61.11 -32.12 -23.46
O13 PT5 N . -60.87 -33.52 -24.20
O11 PT5 N . -61.69 -32.36 -22.09
O6 PT5 N . -60.09 -29.44 -25.10
O1 PT5 N . -62.13 -31.23 -24.35
C1 PT5 N . -62.21 -29.87 -24.07
C6 PT5 N . -61.46 -29.11 -25.18
C2 PT5 N . -63.68 -29.45 -23.99
O2 PT5 N . -64.35 -29.87 -25.17
C3 PT5 N . -63.84 -27.94 -23.84
O3 PT5 N . -65.21 -27.61 -23.92
C4 PT5 N . -63.08 -27.15 -24.92
O4 PT5 N . -63.12 -25.78 -24.59
P4 PT5 N . -63.22 -24.64 -25.79
O41 PT5 N . -63.30 -23.26 -25.17
O42 PT5 N . -61.99 -24.71 -26.68
O43 PT5 N . -64.45 -24.90 -26.62
C5 PT5 N . -61.61 -27.59 -25.03
O5 PT5 N . -61.03 -26.98 -26.15
P5 PT5 N . -59.40 -26.60 -26.11
O52 PT5 N . -58.71 -27.20 -27.31
O51 PT5 N . -59.24 -25.09 -26.14
O53 PT5 N . -58.78 -27.14 -24.84
C7 PT5 N . -60.54 -33.50 -25.54
C8 PT5 N . -61.76 -33.85 -26.35
C9 PT5 N . -61.66 -33.19 -27.75
O16 PT5 N . -61.82 -35.24 -26.50
C10 PT5 N . -62.88 -35.88 -25.74
O17 PT5 N . -62.64 -36.35 -24.62
O18 PT5 N . -61.46 -34.18 -28.78
C11 PT5 N . -62.67 -34.78 -29.26
O19 PT5 N . -63.68 -34.16 -29.29
C12 PT5 N . -64.33 -35.98 -26.37
C13 PT5 N . -64.94 -37.38 -26.07
C14 PT5 N . -63.81 -38.50 -26.31
C15 PT5 N . -64.46 -39.90 -26.51
C16 PT5 N . -65.48 -40.17 -27.39
C17 PT5 N . -65.52 -41.68 -26.97
C18 PT5 N . -66.96 -42.29 -27.11
C19 PT5 N . -67.28 -43.55 -27.44
C20 PT5 N . -68.31 -44.66 -27.71
C21 PT5 N . -69.29 -44.68 -26.48
C22 PT5 N . -70.57 -44.19 -26.51
C23 PT5 N . -70.84 -44.47 -25.01
C24 PT5 N . -70.96 -43.09 -24.30
C31 PT5 N . -62.64 -36.28 -29.76
C32 PT5 N . -63.60 -36.51 -30.96
C33 PT5 N . -64.44 -37.81 -30.72
C34 PT5 N . -64.88 -38.46 -32.08
C35 PT5 N . -66.43 -38.41 -32.25
C36 PT5 N . -66.92 -39.48 -33.32
C37 PT5 N . -66.81 -40.94 -32.74
C38 PT5 N . -67.75 -41.90 -33.57
C39 PT5 N . -66.99 -43.22 -33.96
C40 PT5 N . -66.64 -44.07 -32.70
H20 PT5 N . -64.97 -35.20 -25.96
H21 PT5 N . -64.27 -35.86 -27.46
H22 PT5 N . -65.27 -37.41 -25.03
H23 PT5 N . -65.79 -37.57 -26.72
H24 PT5 N . -63.25 -38.26 -27.20
H25 PT5 N . -63.14 -38.53 -25.45
H26 PT5 N . -63.94 -40.54 -25.83
H28 PT5 N . -66.20 -40.74 -27.93
H30 PT5 N . -64.82 -42.25 -27.60
H31 PT5 N . -65.27 -41.83 -25.93
H32 PT5 N . -67.67 -41.50 -26.85
H33 PT5 N . -68.29 -43.20 -27.30
H34 PT5 N . -68.86 -44.46 -28.62
H35 PT5 N . -67.80 -45.63 -27.78
H36 PT5 N . -68.69 -45.05 -25.67
H38 PT5 N . -71.56 -43.94 -26.15
H40 PT5 N . -71.79 -45.00 -24.93
H41 PT5 N . -70.09 -45.07 -24.50
H42 PT5 N . -71.80 -42.90 -23.61
H45 PT5 N . -61.64 -36.52 -30.06
H46 PT5 N . -62.92 -36.93 -28.94
H47 PT5 N . -63.01 -36.64 -31.86
H48 PT5 N . -64.27 -35.68 -31.08
H49 PT5 N . -65.33 -37.58 -30.12
H50 PT5 N . -63.84 -38.53 -30.17
H51 PT5 N . -64.53 -39.49 -32.12
H52 PT5 N . -64.41 -37.91 -32.90
H53 PT5 N . -66.92 -38.61 -31.29
H54 PT5 N . -66.72 -37.42 -32.58
H55 PT5 N . -66.34 -39.39 -34.22
H56 PT5 N . -67.97 -39.26 -33.54
H57 PT5 N . -67.11 -40.95 -31.69
H58 PT5 N . -65.80 -41.28 -32.83
H59 PT5 N . -68.62 -42.15 -32.97
H60 PT5 N . -68.08 -41.38 -34.47
H61 PT5 N . -67.61 -43.81 -34.62
C25 PT5 N . -69.98 -42.09 -24.54
H62 PT5 N . -66.07 -42.97 -34.50
C26 PT5 N . -70.09 -40.70 -23.84
H63 PT5 N . -66.68 -43.44 -31.81
C27 PT5 N . -68.70 -39.93 -23.97
H64 PT5 N . -65.63 -44.46 -32.82
C28 PT5 N . -68.79 -38.55 -23.21
C41 PT5 N . -67.65 -45.29 -32.56
C42 PT5 N . -67.07 -46.30 -31.53
C43 PT5 N . -67.54 -47.78 -31.88
C44 PT5 N . -67.26 -48.75 -30.68
H27 PT5 N . -69.14 -42.29 -25.24
H29 PT5 N . -70.87 -40.12 -24.30
H37 PT5 N . -70.33 -40.83 -22.79
H39 PT5 N . -67.90 -40.54 -23.53
H43 PT5 N . -68.48 -39.75 -25.03
H44 PT5 N . -68.07 -38.54 -22.39
H65 PT5 N . -68.56 -37.75 -23.91
H71 PT5 N . -67.77 -45.78 -33.51
H72 PT5 N . -68.61 -44.93 -32.22
H73 PT5 N . -67.41 -46.03 -30.54
H74 PT5 N . -65.99 -46.26 -31.56
H75 PT5 N . -68.61 -47.78 -32.08
H76 PT5 N . -67.01 -48.13 -32.76
H77 PT5 N . -66.19 -48.92 -30.59
H78 PT5 N . -67.64 -48.33 -29.76
ZN ZN O . -40.92 -11.67 -9.56
C1 I3P P . -15.57 67.91 -12.29
C2 I3P P . -15.65 67.62 -10.82
C3 I3P P . -14.67 68.48 -10.03
C4 I3P P . -13.22 68.16 -10.36
C5 I3P P . -13.10 67.67 -11.81
C6 I3P P . -14.15 68.31 -12.73
O1 I3P P . -16.50 68.92 -12.59
O2 I3P P . -16.98 67.82 -10.36
O3 I3P P . -14.91 69.85 -10.31
O4 I3P P . -12.74 67.17 -9.50
O5 I3P P . -11.83 67.98 -12.29
O6 I3P P . -13.90 67.93 -14.06
P1 I3P P . -17.34 68.86 -14.07
O11 I3P P . -18.26 70.07 -14.09
O12 I3P P . -16.20 68.87 -15.07
O13 I3P P . -18.10 67.52 -13.99
P4 I3P P . -11.78 67.48 -8.15
O41 I3P P . -10.96 68.69 -8.59
O42 I3P P . -10.93 66.23 -7.96
O43 I3P P . -12.74 67.75 -6.99
P5 I3P P . -10.69 66.81 -12.75
O51 I3P P . -9.32 67.39 -12.37
O52 I3P P . -11.04 65.53 -12.00
O53 I3P P . -10.89 66.74 -14.27
H1 I3P P . -15.81 67.09 -12.74
H2 I3P P . -15.40 66.69 -10.69
H3 I3P P . -14.81 68.31 -9.09
H4 I3P P . -12.69 68.97 -10.27
H5 I3P P . -13.24 66.72 -11.82
H6 I3P P . -14.09 69.27 -12.64
HO2 I3P P . -17.38 68.23 -10.99
HO3 I3P P . -15.73 69.93 -10.51
HO6 I3P P . -14.53 68.18 -14.56
CA CA Q . -44.02 19.80 -13.03
PG ATP R . -58.49 -11.30 -7.95
O1G ATP R . -58.06 -11.79 -6.61
O2G ATP R . -58.43 -9.77 -8.10
O3G ATP R . -59.88 -11.78 -8.36
PB ATP R . -57.59 -12.66 -10.46
O1B ATP R . -58.17 -14.00 -10.28
O2B ATP R . -58.28 -11.76 -11.48
O3B ATP R . -57.52 -11.85 -9.09
PA ATP R . -54.97 -11.75 -11.51
O1A ATP R . -54.52 -10.74 -10.54
O2A ATP R . -55.58 -11.19 -12.80
O3A ATP R . -56.04 -12.74 -10.87
O5' ATP R . -53.80 -12.73 -11.91
C5' ATP R . -53.01 -13.40 -10.91
C4' ATP R . -52.60 -14.75 -11.42
O4' ATP R . -51.88 -14.52 -12.66
C3' ATP R . -51.54 -15.38 -10.53
O3' ATP R . -52.24 -16.25 -9.65
C2' ATP R . -50.80 -16.28 -11.52
O2' ATP R . -51.74 -17.28 -11.91
C1' ATP R . -50.73 -15.35 -12.73
N9 ATP R . -49.57 -14.47 -12.65
C8 ATP R . -49.57 -13.09 -12.66
N7 ATP R . -48.39 -12.56 -12.57
C5 ATP R . -47.53 -13.65 -12.50
C6 ATP R . -46.13 -13.77 -12.39
N6 ATP R . -45.31 -12.71 -12.34
N1 ATP R . -45.60 -15.01 -12.35
C2 ATP R . -46.42 -16.06 -12.41
N3 ATP R . -47.75 -16.07 -12.51
C4 ATP R . -48.25 -14.84 -12.55
H5'1 ATP R . -53.53 -13.52 -10.09
H5'2 ATP R . -52.22 -12.87 -10.71
H4' ATP R . -53.36 -15.33 -11.55
H3' ATP R . -50.97 -14.75 -10.07
HO3' ATP R . -51.66 -16.58 -9.12
H2' ATP R . -49.96 -16.63 -11.21
HO2' ATP R . -52.21 -17.45 -11.23
H1' ATP R . -50.71 -15.86 -13.56
H8 ATP R . -50.35 -12.59 -12.72
HN61 ATP R . -45.61 -11.92 -12.43
HN62 ATP R . -44.46 -12.84 -12.21
H2 ATP R . -46.01 -16.89 -12.37
C1 PCW S . -56.56 -18.89 -39.82
C2 PCW S . -56.98 -20.15 -40.57
C3 PCW S . -57.69 -21.19 -39.75
C4 PCW S . -54.01 -17.72 -37.06
C5 PCW S . -54.53 -17.16 -35.75
C6 PCW S . -55.71 -17.40 -33.58
C7 PCW S . -56.45 -18.64 -35.53
C8 PCW S . -54.40 -19.26 -34.40
C11 PCW S . -56.62 -23.18 -40.43
C12 PCW S . -56.80 -24.44 -41.22
C13 PCW S . -56.55 -25.70 -40.42
C14 PCW S . -56.54 -26.95 -41.30
C15 PCW S . -56.43 -28.23 -40.47
C16 PCW S . -56.11 -29.47 -41.29
C17 PCW S . -55.55 -30.61 -40.44
C18 PCW S . -56.62 -31.49 -39.81
C19 PCW S . -57.16 -32.54 -40.75
C20 PCW S . -56.59 -33.09 -41.82
C21 PCW S . -57.17 -34.14 -42.72
C22 PCW S . -56.18 -35.26 -43.03
C23 PCW S . -56.78 -36.37 -43.89
C24 PCW S . -57.68 -37.32 -43.10
C25 PCW S . -58.86 -37.84 -43.91
C26 PCW S . -58.46 -38.62 -45.15
C27 PCW S . -59.63 -39.28 -45.85
C31 PCW S . -57.84 -20.66 -42.73
C32 PCW S . -59.21 -20.77 -43.32
C33 PCW S . -59.49 -22.13 -43.93
C34 PCW S . -60.97 -22.35 -44.23
C35 PCW S . -61.37 -23.81 -44.11
C36 PCW S . -62.86 -24.05 -44.38
C37 PCW S . -63.30 -25.48 -44.04
C38 PCW S . -64.77 -25.74 -44.36
N PCW S . -55.26 -18.11 -34.82
O2 PCW S . -57.82 -19.83 -41.69
O3 PCW S . -57.71 -22.44 -40.46
O11 PCW S . -55.61 -22.87 -39.84
O31 PCW S . -56.86 -21.23 -43.13
O1P PCW S . -53.97 -16.13 -40.11
O2P PCW S . -53.16 -18.56 -39.66
O3P PCW S . -55.54 -18.15 -40.45
O4P PCW S . -54.90 -17.49 -38.13
P PCW S . -54.26 -17.53 -39.65
H11 PCW S . -56.24 -19.18 -38.94
H12 PCW S . -57.35 -18.35 -39.66
H2 PCW S . -56.16 -20.56 -40.88
H31 PCW S . -58.59 -20.89 -39.59
H32 PCW S . -57.24 -21.29 -38.90
H41 PCW S . -53.78 -18.65 -36.96
H42 PCW S . -53.18 -17.24 -37.21
H51 PCW S . -55.18 -16.47 -35.97
H52 PCW S . -53.82 -16.76 -35.24
H61 PCW S . -56.29 -17.98 -33.08
H62 PCW S . -56.21 -16.61 -33.85
H63 PCW S . -54.95 -17.13 -33.06
H71 PCW S . -56.95 -19.22 -34.93
H72 PCW S . -56.16 -19.16 -36.30
H73 PCW S . -57.00 -17.91 -35.82
H81 PCW S . -54.81 -19.73 -33.67
H82 PCW S . -53.54 -18.91 -34.13
H83 PCW S . -54.29 -19.85 -35.15
H121 PCW S . -56.20 -24.40 -41.99
H122 PCW S . -57.70 -24.44 -41.58
H131 PCW S . -57.24 -25.80 -39.74
H132 PCW S . -55.71 -25.64 -39.95
H141 PCW S . -55.81 -26.91 -41.92
H142 PCW S . -57.35 -26.99 -41.82
H151 PCW S . -57.25 -28.38 -39.98
H152 PCW S . -55.73 -28.11 -39.80
H161 PCW S . -55.48 -29.25 -42.00
H162 PCW S . -56.92 -29.78 -41.74
H171 PCW S . -55.00 -30.22 -39.73
H172 PCW S . -54.94 -31.14 -40.98
H181 PCW S . -57.36 -30.93 -39.53
H182 PCW S . -56.27 -31.89 -39.01
H19 PCW S . -58.02 -32.84 -40.53
H20 PCW S . -55.74 -32.81 -42.06
H211 PCW S . -57.49 -33.75 -43.56
H212 PCW S . -57.95 -34.52 -42.29
H221 PCW S . -55.86 -35.64 -42.19
H222 PCW S . -55.40 -34.89 -43.47
H231 PCW S . -56.07 -36.87 -44.31
H232 PCW S . -57.30 -35.97 -44.61
H241 PCW S . -58.00 -36.86 -42.31
H242 PCW S . -57.15 -38.07 -42.78
H251 PCW S . -59.42 -37.10 -44.16
H252 PCW S . -59.41 -38.41 -43.34
H261 PCW S . -57.81 -39.30 -44.90
H262 PCW S . -58.01 -38.03 -45.77
H321 PCW S . -59.29 -20.08 -43.99
H322 PCW S . -59.86 -20.55 -42.63
H331 PCW S . -59.18 -22.82 -43.31
H332 PCW S . -58.98 -22.23 -44.74
H341 PCW S . -61.17 -22.04 -45.12
H342 PCW S . -61.50 -21.80 -43.62
H351 PCW S . -61.15 -24.14 -43.22
H352 PCW S . -60.85 -24.33 -44.72
H361 PCW S . -63.05 -23.88 -45.31
H362 PCW S . -63.39 -23.41 -43.87
H371 PCW S . -63.14 -25.64 -43.10
H372 PCW S . -62.75 -26.10 -44.53
C1 PCW T . -51.64 -24.41 -42.35
C2 PCW T . -51.10 -25.71 -42.93
C3 PCW T . -52.05 -26.88 -42.91
C4 PCW T . -50.97 -22.41 -37.86
C5 PCW T . -49.99 -22.90 -36.81
C6 PCW T . -48.36 -24.32 -38.03
C7 PCW T . -48.14 -21.90 -38.01
C8 PCW T . -47.67 -23.16 -36.01
C11 PCW T . -52.22 -29.09 -43.69
C12 PCW T . -51.46 -30.20 -44.37
C13 PCW T . -52.01 -31.59 -44.08
C14 PCW T . -51.10 -32.69 -44.61
C15 PCW T . -51.53 -34.07 -44.15
C16 PCW T . -51.38 -34.30 -42.65
C17 PCW T . -51.63 -35.76 -42.25
C18 PCW T . -51.60 -35.96 -40.73
C19 PCW T . -52.10 -37.31 -40.34
C20 PCW T . -53.35 -37.66 -40.04
C21 PCW T . -54.56 -36.78 -40.01
C22 PCW T . -55.08 -36.55 -38.60
C31 PCW T . -49.37 -25.55 -44.58
C32 PCW T . -49.16 -25.46 -46.06
C33 PCW T . -48.46 -26.68 -46.63
C34 PCW T . -47.02 -26.83 -46.14
C35 PCW T . -46.33 -28.08 -46.70
C36 PCW T . -47.08 -29.37 -46.41
C37 PCW T . -46.28 -30.63 -46.72
C38 PCW T . -47.18 -31.79 -47.14
C39 PCW T . -46.68 -33.13 -46.65
C40 PCW T . -46.93 -34.32 -47.18
C41 PCW T . -46.45 -35.65 -46.71
C42 PCW T . -47.60 -36.52 -46.22
C43 PCW T . -47.19 -37.94 -45.86
C44 PCW T . -48.35 -38.80 -45.41
C45 PCW T . -49.37 -39.08 -46.52
N PCW T . -48.55 -23.09 -37.22
O2 PCW T . -50.67 -25.52 -44.27
O3 PCW T . -51.52 -27.96 -43.66
O11 PCW T . -53.32 -29.20 -43.20
O31 PCW T . -48.49 -25.61 -43.75
O1P PCW T . -52.80 -22.35 -40.62
O2P PCW T . -50.37 -21.46 -40.61
O3P PCW T . -50.83 -23.84 -41.35
O4P PCW T . -51.05 -23.28 -38.96
P PCW T . -51.34 -22.59 -40.43
H11 PCW T . -52.50 -24.59 -41.95
H12 PCW T . -51.79 -23.79 -43.08
H2 PCW T . -50.36 -25.98 -42.35
H31 PCW T . -52.90 -26.60 -43.29
H32 PCW T . -52.21 -27.15 -42.00
H41 PCW T . -50.77 -21.50 -38.11
H42 PCW T . -51.83 -22.38 -37.40
H51 PCW T . -50.30 -23.78 -36.51
H52 PCW T . -49.99 -22.31 -36.04
H61 PCW T . -47.42 -24.41 -38.25
H62 PCW T . -48.87 -24.24 -38.84
H63 PCW T . -48.65 -25.10 -37.53
H71 PCW T . -47.17 -21.89 -38.07
H72 PCW T . -48.46 -21.10 -37.58
H73 PCW T . -48.51 -21.97 -38.91
H81 PCW T . -46.76 -23.35 -36.28
H82 PCW T . -48.00 -23.87 -35.43
H83 PCW T . -47.71 -22.31 -35.55
H121 PCW T . -50.53 -30.14 -44.11
H122 PCW T . -51.48 -30.02 -45.33
H131 PCW T . -52.89 -31.69 -44.48
H132 PCW T . -52.12 -31.69 -43.13
H141 PCW T . -50.19 -32.53 -44.32
H142 PCW T . -51.08 -32.66 -45.58
H151 PCW T . -51.02 -34.75 -44.63
H152 PCW T . -52.46 -34.22 -44.41
H161 PCW T . -52.00 -33.73 -42.18
H162 PCW T . -50.50 -34.04 -42.38
H171 PCW T . -50.96 -36.32 -42.66
H172 PCW T . -52.48 -36.04 -42.60
H181 PCW T . -52.16 -35.29 -40.32
H182 PCW T . -50.70 -35.81 -40.41
H19 PCW T . -51.46 -37.98 -40.31
H20 PCW T . -53.51 -38.55 -39.82
H211 PCW T . -55.28 -37.16 -40.56
H212 PCW T . -54.35 -35.92 -40.41
H321 PCW T . -48.64 -24.67 -46.24
H322 PCW T . -50.02 -25.33 -46.48
H331 PCW T . -48.46 -26.62 -47.60
H332 PCW T . -48.96 -27.48 -46.41
H341 PCW T . -47.01 -26.87 -45.18
H342 PCW T . -46.51 -26.05 -46.39
H351 PCW T . -45.43 -28.13 -46.33
H352 PCW T . -46.21 -27.98 -47.66
H361 PCW T . -47.90 -29.38 -46.93
H362 PCW T . -47.35 -29.39 -45.48
H371 PCW T . -45.75 -30.89 -45.95
H372 PCW T . -45.65 -30.44 -47.45
H381 PCW T . -47.28 -31.80 -48.11
H382 PCW T . -48.07 -31.64 -46.78
H39 PCW T . -46.14 -33.09 -45.89
H40 PCW T . -47.46 -34.34 -47.94
H411 PCW T . -45.81 -35.53 -45.99
H412 PCW T . -45.97 -36.12 -47.41
H421 PCW T . -48.29 -36.55 -46.90
H422 PCW T . -48.00 -36.10 -45.44
H431 PCW T . -46.52 -37.92 -45.15
H432 PCW T . -46.76 -38.35 -46.63
H441 PCW T . -48.81 -38.37 -44.67
H442 PCW T . -48.02 -39.64 -45.07
C1 PCW U . -53.70 -48.69 -64.15
C2 PCW U . -53.86 -47.24 -63.70
C3 PCW U . -55.16 -46.59 -64.06
C4 PCW U . -54.00 -50.67 -68.01
C5 PCW U . -54.47 -51.71 -69.01
C6 PCW U . -55.97 -52.47 -70.81
C7 PCW U . -56.82 -51.10 -69.02
C8 PCW U . -55.40 -50.12 -70.70
C11 PCW U . -56.17 -45.51 -65.90
C12 PCW U . -56.25 -44.13 -65.33
C13 PCW U . -55.00 -43.30 -65.52
C14 PCW U . -53.94 -43.57 -64.46
C15 PCW U . -52.87 -42.48 -64.43
C16 PCW U . -52.26 -42.24 -63.05
C17 PCW U . -52.36 -40.77 -62.64
C18 PCW U . -52.02 -40.53 -61.17
C19 PCW U . -51.95 -39.07 -60.86
C20 PCW U . -51.47 -38.48 -59.77
C21 PCW U . -50.86 -39.13 -58.56
C22 PCW U . -51.93 -39.51 -57.52
C23 PCW U . -53.00 -38.45 -57.32
C24 PCW U . -53.89 -38.72 -56.12
C25 PCW U . -53.23 -38.39 -54.79
C26 PCW U . -54.23 -38.19 -53.66
C27 PCW U . -53.61 -37.63 -52.39
C28 PCW U . -54.65 -37.19 -51.37
C31 PCW U . -53.16 -45.99 -61.79
C32 PCW U . -53.55 -45.79 -60.36
C33 PCW U . -52.78 -44.67 -59.67
C34 PCW U . -53.18 -44.51 -58.21
C35 PCW U . -52.55 -43.28 -57.56
C36 PCW U . -51.08 -43.48 -57.18
C37 PCW U . -50.86 -43.59 -55.67
C38 PCW U . -51.10 -42.27 -54.92
C39 PCW U . -50.61 -42.34 -53.50
C40 PCW U . -51.28 -42.03 -52.40
C41 PCW U . -50.79 -42.10 -50.98
N PCW U . -55.65 -51.35 -69.89
O2 PCW U . -53.69 -47.12 -62.29
O3 PCW U . -55.12 -46.17 -65.42
O11 PCW U . -56.94 -45.99 -66.69
O31 PCW U . -52.47 -45.25 -62.43
O1P PCW U . -55.39 -48.13 -67.46
O2P PCW U . -56.28 -49.24 -65.28
O3P PCW U . -53.79 -48.84 -65.55
O4P PCW U . -54.85 -50.60 -66.90
P PCW U . -55.21 -49.09 -66.32
H11 PCW U . -54.42 -49.20 -63.75
H12 PCW U . -52.87 -49.04 -63.81
H2 PCW U . -53.18 -46.73 -64.17
H31 PCW U . -55.30 -45.84 -63.46
H32 PCW U . -55.89 -47.21 -63.92
H41 PCW U . -53.87 -49.81 -68.45
H42 PCW U . -53.12 -50.97 -67.75
H51 PCW U . -54.73 -52.49 -68.51
H52 PCW U . -53.75 -51.96 -69.61
H61 PCW U . -56.78 -52.27 -71.31
H62 PCW U . -56.12 -53.27 -70.29
H63 PCW U . -55.23 -52.62 -71.43
H71 PCW U . -57.60 -50.95 -69.58
H72 PCW U . -56.66 -50.32 -68.47
H73 PCW U . -56.97 -51.87 -68.45
H81 PCW U . -56.12 -50.00 -71.34
H82 PCW U . -54.55 -50.23 -71.17
H83 PCW U . -55.34 -49.36 -70.11
H121 PCW U . -56.47 -44.19 -64.38
H122 PCW U . -57.03 -43.70 -65.74
H131 PCW U . -55.23 -42.35 -65.51
H132 PCW U . -54.63 -43.47 -66.39
H141 PCW U . -53.53 -44.43 -64.62
H142 PCW U . -54.37 -43.64 -63.59
H151 PCW U . -53.24 -41.66 -64.77
H152 PCW U . -52.16 -42.72 -65.04
H161 PCW U . -51.33 -42.52 -63.04
H162 PCW U . -52.71 -42.79 -62.39
H171 PCW U . -53.25 -40.44 -62.80
H172 PCW U . -51.78 -40.23 -63.22
H181 PCW U . -51.16 -40.94 -60.97
H182 PCW U . -52.67 -40.97 -60.62
H19 PCW U . -52.31 -38.51 -61.52
H20 PCW U . -51.50 -37.55 -59.72
H211 PCW U . -50.19 -38.56 -58.14
H212 PCW U . -50.39 -39.94 -58.84
H221 PCW U . -51.48 -39.69 -56.68
H222 PCW U . -52.34 -40.34 -57.79
H231 PCW U . -53.55 -38.41 -58.12
H232 PCW U . -52.59 -37.58 -57.24
H241 PCW U . -54.15 -39.65 -56.13
H242 PCW U . -54.71 -38.22 -56.22
H251 PCW U . -52.69 -37.59 -54.89
H252 PCW U . -52.61 -39.09 -54.55
H261 PCW U . -54.66 -39.04 -53.45
H262 PCW U . -54.94 -37.60 -53.96
H271 PCW U . -53.04 -36.88 -52.62
H272 PCW U . -53.02 -38.29 -51.99
H281 PCW U . -54.24 -36.84 -50.57
H282 PCW U . -55.23 -37.93 -51.11
H283 PCW U . -55.21 -36.49 -51.73
H321 PCW U . -53.40 -46.63 -59.89
H322 PCW U . -54.51 -45.62 -60.32
H331 PCW U . -52.95 -43.83 -60.15
H332 PCW U . -51.83 -44.84 -59.73
H341 PCW U . -52.93 -45.30 -57.72
H342 PCW U . -54.15 -44.44 -58.15
H351 PCW U . -53.05 -43.04 -56.77
H352 PCW U . -52.61 -42.53 -58.17
H361 PCW U . -50.56 -42.74 -57.53
H362 PCW U . -50.74 -44.28 -57.61
H371 PCW U . -49.96 -43.90 -55.50
H372 PCW U . -51.45 -44.27 -55.31
H381 PCW U . -52.03 -42.05 -54.95
H382 PCW U . -50.62 -41.57 -55.39
H39 PCW U . -49.73 -42.63 -53.41
H40 PCW U . -52.16 -41.73 -52.50
C1 PCW V . -73.08 -38.72 -49.82
C2 PCW V . -72.61 -37.28 -49.79
C3 PCW V . -72.03 -36.80 -48.47
C4 PCW V . -76.50 -40.58 -51.82
C5 PCW V . -76.32 -41.35 -50.53
C6 PCW V . -77.19 -42.76 -48.71
C7 PCW V . -78.37 -40.75 -49.35
C8 PCW V . -78.40 -42.69 -50.80
C11 PCW V . -70.03 -36.80 -47.25
C12 PCW V . -68.54 -37.01 -47.33
C13 PCW V . -67.81 -36.72 -46.04
C14 PCW V . -66.32 -36.99 -46.15
C15 PCW V . -65.59 -36.70 -44.85
C31 PCW V . -71.67 -35.92 -51.50
C32 PCW V . -71.11 -36.12 -52.88
C33 PCW V . -70.44 -34.88 -53.45
C34 PCW V . -69.31 -34.38 -52.56
C35 PCW V . -68.27 -35.46 -52.27
C36 PCW V . -66.97 -34.92 -51.69
C37 PCW V . -67.14 -34.33 -50.30
C38 PCW V . -65.84 -33.80 -49.69
C39 PCW V . -66.01 -33.41 -48.26
C40 PCW V . -65.06 -33.25 -47.34
C41 PCW V . -63.59 -33.44 -47.50
C42 PCW V . -62.84 -32.10 -47.44
C43 PCW V . -63.28 -31.21 -46.29
C44 PCW V . -62.31 -30.08 -45.99
C45 PCW V . -61.02 -30.56 -45.31
C46 PCW V . -60.18 -29.41 -44.76
C47 PCW V . -60.83 -28.69 -43.59
C48 PCW V . -59.87 -27.75 -42.87
N PCW V . -77.56 -41.89 -49.86
O2 PCW V . -71.64 -37.05 -50.80
O3 PCW V . -70.64 -37.06 -48.40
O11 PCW V . -70.62 -36.44 -46.27
O31 PCW V . -72.11 -34.88 -51.07
O1P PCW V . -74.26 -37.48 -52.22
O2P PCW V . -76.55 -37.83 -51.07
O3P PCW V . -74.47 -38.87 -50.05
O4P PCW V . -75.36 -39.80 -52.13
P PCW V . -75.18 -38.32 -51.42
H11 PCW V . -72.89 -39.11 -48.95
H12 PCW V . -72.56 -39.21 -50.48
H2 PCW V . -73.39 -36.72 -49.93
H31 PCW V . -72.49 -37.25 -47.75
H32 PCW V . -72.20 -35.85 -48.37
H41 PCW V . -77.31 -40.05 -51.80
H42 PCW V . -76.64 -41.26 -52.50
H51 PCW V . -75.92 -40.74 -49.89
H52 PCW V . -75.72 -42.10 -50.65
H61 PCW V . -78.00 -43.06 -48.26
H62 PCW V . -76.65 -42.24 -48.09
H63 PCW V . -76.69 -43.53 -49.02
H71 PCW V . -79.12 -41.10 -48.84
H72 PCW V . -78.70 -40.23 -50.10
H73 PCW V . -77.82 -40.20 -48.78
H81 PCW V . -79.13 -43.10 -50.32
H82 PCW V . -77.84 -43.36 -51.21
H83 PCW V . -78.75 -42.09 -51.48
H121 PCW V . -68.21 -36.46 -48.06
H122 PCW V . -68.39 -37.92 -47.62
H131 PCW V . -68.18 -37.27 -45.33
H132 PCW V . -67.95 -35.80 -45.78
H141 PCW V . -65.94 -36.45 -46.86
H142 PCW V . -66.17 -37.92 -46.40
H321 PCW V . -71.84 -36.39 -53.46
H322 PCW V . -70.50 -36.87 -52.86
H331 PCW V . -71.11 -34.17 -53.54
H332 PCW V . -70.11 -35.06 -54.33
H341 PCW V . -69.66 -34.05 -51.73
H342 PCW V . -68.87 -33.63 -52.99
H351 PCW V . -68.08 -35.95 -53.08
H352 PCW V . -68.65 -36.10 -51.65
H361 PCW V . -66.61 -34.25 -52.28
H362 PCW V . -66.31 -35.63 -51.66
H371 PCW V . -67.53 -34.99 -49.71
H372 PCW V . -67.79 -33.60 -50.35
H381 PCW V . -65.52 -33.07 -50.22
H382 PCW V . -65.17 -34.51 -49.76
H39 PCW V . -66.90 -33.26 -48.00
H40 PCW V . -65.33 -33.00 -46.49
H411 PCW V . -63.40 -33.85 -48.36
H412 PCW V . -63.23 -34.03 -46.83
H421 PCW V . -62.97 -31.62 -48.28
H422 PCW V . -61.89 -32.27 -47.37
H431 PCW V . -63.40 -31.75 -45.49
H432 PCW V . -64.16 -30.84 -46.49
H441 PCW V . -62.74 -29.43 -45.43
H442 PCW V . -62.09 -29.63 -46.82
H451 PCW V . -60.50 -31.06 -45.95
H452 PCW V . -61.25 -31.17 -44.60
H461 PCW V . -59.99 -28.78 -45.47
H462 PCW V . -59.31 -29.76 -44.48
H471 PCW V . -61.18 -29.34 -42.96
H472 PCW V . -61.59 -28.18 -43.91
H481 PCW V . -60.31 -27.30 -42.14
H482 PCW V . -59.52 -27.08 -43.47
H483 PCW V . -59.11 -28.24 -42.51
O12 PT5 W . -34.85 -29.20 -55.14
P1 PT5 W . -35.82 -29.52 -56.25
O13 PT5 W . -36.62 -30.84 -55.88
O11 PT5 W . -36.78 -28.37 -56.43
O6 PT5 W . -32.52 -29.79 -56.25
O1 PT5 W . -34.98 -29.76 -57.62
C1 PT5 W . -33.96 -28.88 -57.92
C6 PT5 W . -32.62 -29.56 -57.63
C2 PT5 W . -34.08 -28.46 -59.40
O2 PT5 W . -34.14 -29.61 -60.20
C3 PT5 W . -32.90 -27.59 -59.85
O3 PT5 W . -33.00 -27.38 -61.24
C4 PT5 W . -31.54 -28.25 -59.54
O4 PT5 W . -30.53 -27.30 -59.81
P4 PT5 W . -29.08 -27.81 -60.42
O41 PT5 W . -28.19 -26.60 -60.67
O42 PT5 W . -28.39 -28.75 -59.45
O43 PT5 W . -29.32 -28.54 -61.74
C5 PT5 W . -31.43 -28.70 -58.08
O5 PT5 W . -30.27 -29.46 -57.92
P5 PT5 W . -29.46 -29.40 -56.45
O52 PT5 W . -29.26 -30.81 -55.94
O51 PT5 W . -28.12 -28.73 -56.64
O53 PT5 W . -30.28 -28.61 -55.45
C7 PT5 W . -35.94 -32.04 -55.88
C8 PT5 W . -36.26 -32.79 -57.14
C9 PT5 W . -35.06 -33.72 -57.51
O16 PT5 W . -37.40 -33.57 -56.93
C10 PT5 W . -38.59 -33.11 -57.62
O17 PT5 W . -39.40 -32.37 -57.04
O18 PT5 W . -35.42 -35.10 -57.33
C11 PT5 W . -36.10 -35.70 -58.46
O19 PT5 W . -35.86 -35.33 -59.57
C12 PT5 W . -38.85 -33.56 -59.12
C13 PT5 W . -40.35 -33.89 -59.32
C14 PT5 W . -40.86 -34.74 -58.06
C15 PT5 W . -42.17 -35.51 -58.42
C16 PT5 W . -42.33 -36.30 -59.52
C17 PT5 W . -43.80 -36.66 -59.13
C18 PT5 W . -44.70 -36.91 -60.38
C19 PT5 W . -45.73 -37.77 -60.48
C20 PT5 W . -46.89 -38.42 -61.28
C21 PT5 W . -47.71 -37.25 -61.93
C22 PT5 W . -47.67 -36.92 -63.26
C23 PT5 W . -48.63 -35.72 -63.11
C24 PT5 W . -47.80 -34.42 -63.36
C31 PT5 W . -37.15 -36.83 -58.22
C32 PT5 W . -37.13 -37.91 -59.36
C33 PT5 W . -38.59 -38.21 -59.81
C34 PT5 W . -38.70 -39.68 -60.39
C35 PT5 W . -39.05 -39.64 -61.92
C36 PT5 W . -39.65 -41.02 -62.39
C37 PT5 W . -41.11 -41.22 -61.83
C38 PT5 W . -41.87 -42.30 -62.70
C39 PT5 W . -42.60 -43.36 -61.78
C40 PT5 W . -43.75 -42.69 -60.96
H20 PT5 W . -38.55 -32.76 -59.80
H21 PT5 W . -38.26 -34.46 -59.33
H22 PT5 W . -40.92 -32.96 -59.38
H23 PT5 W . -40.48 -34.46 -60.23
H24 PT5 W . -40.10 -35.47 -57.78
H25 PT5 W . -41.06 -34.07 -57.22
H26 PT5 W . -42.86 -35.27 -57.62
H28 PT5 W . -42.81 -36.98 -60.20
H30 PT5 W . -43.82 -37.54 -58.49
H31 PT5 W . -44.31 -35.83 -58.62
H32 PT5 W . -44.36 -36.24 -61.19
H33 PT5 W . -45.80 -37.38 -61.49
H34 PT5 W . -46.48 -39.06 -62.06
H35 PT5 W . -47.53 -38.99 -60.60
H36 PT5 W . -48.20 -36.78 -61.09
H38 PT5 W . -47.91 -36.39 -64.17
H40 PT5 W . -49.40 -35.79 -63.86
H41 PT5 W . -49.13 -35.62 -62.14
H42 PT5 W . -48.17 -33.64 -64.05
H45 PT5 W . -36.93 -37.32 -57.29
H46 PT5 W . -38.15 -36.40 -58.16
H47 PT5 W . -36.67 -38.81 -58.98
H48 PT5 W . -36.57 -37.54 -60.19
H49 PT5 W . -38.92 -37.50 -60.56
H50 PT5 W . -39.25 -38.14 -58.95
H51 PT5 W . -39.47 -40.22 -59.85
H52 PT5 W . -37.74 -40.18 -60.26
H53 PT5 W . -39.78 -38.85 -62.11
H54 PT5 W . -38.15 -39.43 -62.48
H55 PT5 W . -39.02 -41.84 -62.06
H56 PT5 W . -39.70 -41.01 -63.48
H57 PT5 W . -41.65 -40.28 -61.88
H58 PT5 W . -41.06 -41.56 -60.81
H59 PT5 W . -42.60 -41.80 -63.33
H60 PT5 W . -41.14 -42.81 -63.33
H61 PT5 W . -43.01 -44.14 -62.39
C25 PT5 W . -46.54 -34.26 -62.72
H62 PT5 W . -41.88 -43.80 -61.09
C26 PT5 W . -45.69 -32.98 -62.95
H63 PT5 W . -43.61 -41.60 -60.94
C27 PT5 W . -44.55 -32.87 -61.84
H64 PT5 W . -43.73 -43.07 -59.95
C28 PT5 W . -43.72 -31.55 -62.06
C41 PT5 W . -45.16 -43.03 -61.62
C42 PT5 W . -46.29 -42.66 -60.61
C43 PT5 W . -47.55 -43.62 -60.83
C44 PT5 W . -48.79 -43.07 -60.05
H27 PT5 W . -46.16 -35.05 -62.03
H29 PT5 W . -45.22 -33.03 -63.92
H37 PT5 W . -46.31 -32.10 -62.91
H39 PT5 W . -45.01 -32.86 -60.84
H43 PT5 W . -43.88 -33.74 -61.92
H44 PT5 W . -43.85 -30.90 -61.19
H65 PT5 W . -42.67 -31.80 -62.17
H71 PT5 W . -45.21 -44.09 -61.85
H72 PT5 W . -45.29 -42.46 -62.53
H73 PT5 W . -46.58 -41.64 -60.77
H74 PT5 W . -45.91 -42.78 -59.60
H75 PT5 W . -47.77 -43.69 -61.88
H76 PT5 W . -47.30 -44.62 -60.44
H77 PT5 W . -48.66 -43.18 -59.00
H78 PT5 W . -48.94 -42.02 -60.30
ZN ZN X . -18.22 -9.77 -38.38
C1 I3P Y . 58.53 22.77 -32.58
C2 I3P Y . 57.63 23.94 -32.26
C3 I3P Y . 58.33 24.93 -31.33
C4 I3P Y . 58.63 24.34 -29.96
C5 I3P Y . 58.87 22.83 -30.07
C6 I3P Y . 59.48 22.44 -31.43
O1 I3P Y . 59.24 23.08 -33.77
O2 I3P Y . 57.21 24.57 -33.45
O3 I3P Y . 59.55 25.36 -31.93
O4 I3P Y . 57.57 24.58 -29.10
O5 I3P Y . 59.72 22.43 -29.04
O6 I3P Y . 59.80 21.07 -31.40
P1 I3P Y . 59.56 21.84 -34.87
O11 I3P Y . 60.33 22.49 -36.02
O12 I3P Y . 60.35 20.86 -34.02
O13 I3P Y . 58.16 21.35 -35.28
P4 I3P Y . 57.55 25.82 -27.94
O41 I3P Y . 59.01 25.92 -27.53
O42 I3P Y . 56.66 25.32 -26.81
O43 I3P Y . 57.00 27.06 -28.64
P5 I3P Y . 59.26 21.36 -27.81
O51 I3P Y . 60.00 21.82 -26.56
O52 I3P Y . 57.73 21.45 -27.68
O53 I3P Y . 59.77 20.02 -28.33
H1 I3P Y . 57.95 22.02 -32.72
H2 I3P Y . 56.85 23.59 -31.78
H3 I3P Y . 57.73 25.69 -31.21
H4 I3P Y . 59.45 24.75 -29.62
H5 I3P Y . 58.01 22.39 -30.00
H6 I3P Y . 60.28 22.96 -31.55
HO2 I3P Y . 57.70 24.25 -34.07
HO3 I3P Y . 59.45 25.31 -32.77
HO6 I3P Y . 60.04 20.81 -32.17
CA CA Z . 9.20 2.34 -49.08
PG ATP AA . -23.88 -6.40 -54.76
O1G ATP AA . -24.73 -5.50 -53.95
O2G ATP AA . -22.49 -5.83 -55.07
O3G ATP AA . -24.54 -6.86 -56.08
PB ATP AA . -23.70 -9.34 -54.18
O1B ATP AA . -25.11 -9.76 -54.39
O2B ATP AA . -22.71 -9.74 -55.27
O3B ATP AA . -23.57 -7.77 -53.98
PA ATP AA . -21.69 -10.10 -52.14
O1A ATP AA . -21.10 -8.82 -51.71
O2A ATP AA . -20.85 -10.89 -53.14
O3A ATP AA . -23.13 -9.89 -52.80
O5' ATP AA . -22.01 -11.03 -50.90
C5' ATP AA . -22.77 -10.54 -49.78
C4' ATP AA . -23.58 -11.68 -49.20
O4' ATP AA . -22.64 -12.71 -48.86
C3' ATP AA . -24.17 -11.29 -47.86
O3' ATP AA . -25.50 -10.86 -48.13
C2' ATP AA . -24.30 -12.66 -47.19
O2' ATP AA . -25.26 -13.38 -47.94
C1' ATP AA . -22.97 -13.29 -47.60
N9 ATP AA . -21.90 -12.92 -46.67
C8 ATP AA . -20.73 -12.28 -46.98
N7 ATP AA . -19.95 -12.07 -45.95
C5 ATP AA . -20.65 -12.61 -44.89
C6 ATP AA . -20.37 -12.71 -43.51
N6 ATP AA . -19.25 -12.26 -42.95
N1 ATP AA . -21.30 -13.31 -42.73
C2 ATP AA . -22.42 -13.77 -43.29
N3 ATP AA . -22.79 -13.73 -44.57
C4 ATP AA . -21.86 -13.14 -45.32
H5'1 ATP AA . -23.36 -9.84 -50.07
H5'2 ATP AA . -22.17 -10.20 -49.10
H4' ATP AA . -24.25 -11.98 -49.83
H3' ATP AA . -23.65 -10.65 -47.36
HO3' ATP AA . -25.83 -10.60 -47.39
H2' ATP AA . -24.47 -12.63 -46.24
HO2' ATP AA . -25.85 -12.81 -48.20
H1' ATP AA . -23.05 -14.25 -47.66
H8 ATP AA . -20.51 -12.02 -47.84
HN61 ATP AA . -18.62 -11.94 -43.44
HN62 ATP AA . -19.16 -12.28 -42.09
H2 ATP AA . -23.02 -14.18 -42.71
C1 PCW BA . -16.26 -38.10 -58.53
C2 PCW BA . -17.12 -39.32 -58.82
C3 PCW BA . -18.59 -39.02 -59.07
C4 PCW BA . -15.65 -35.39 -55.74
C5 PCW BA . -15.89 -33.93 -56.06
C6 PCW BA . -17.36 -32.03 -56.64
C7 PCW BA . -17.83 -34.25 -57.50
C8 PCW BA . -18.21 -33.75 -55.16
C11 PCW BA . -19.67 -40.65 -57.77
C12 PCW BA . -20.47 -41.93 -57.85
C13 PCW BA . -21.81 -41.84 -57.16
C14 PCW BA . -22.51 -43.20 -57.06
C15 PCW BA . -23.91 -43.08 -56.48
C16 PCW BA . -24.53 -44.43 -56.09
C17 PCW BA . -25.68 -44.28 -55.12
C18 PCW BA . -27.04 -44.04 -55.79
C19 PCW BA . -27.69 -45.29 -56.29
C20 PCW BA . -27.53 -46.55 -55.87
C21 PCW BA . -28.22 -47.78 -56.40
C22 PCW BA . -28.75 -48.67 -55.28
C23 PCW BA . -29.51 -49.88 -55.80
C24 PCW BA . -30.93 -49.55 -56.27
C25 PCW BA . -31.39 -50.38 -57.45
C26 PCW BA . -31.41 -51.89 -57.18
C27 PCW BA . -32.03 -52.69 -58.31
C31 PCW BA . -16.91 -41.36 -60.01
C32 PCW BA . -17.16 -41.79 -61.43
C33 PCW BA . -18.16 -42.93 -61.52
C34 PCW BA . -18.66 -43.15 -62.95
C35 PCW BA . -20.08 -43.70 -62.99
C36 PCW BA . -20.62 -43.89 -64.40
C37 PCW BA . -22.11 -44.23 -64.43
C38 PCW BA . -22.64 -44.49 -65.83
N PCW BA . -17.31 -33.48 -56.32
O2 PCW BA . -16.64 -40.05 -59.93
O3 PCW BA . -19.36 -40.22 -58.98
O11 PCW BA . -19.35 -40.09 -56.75
O31 PCW BA . -16.94 -42.09 -59.04
O1P PCW BA . -12.99 -37.31 -56.75
O2P PCW BA . -15.01 -38.15 -55.35
O3P PCW BA . -15.05 -38.40 -57.87
O4P PCW BA . -15.29 -36.13 -56.88
P PCW BA . -14.46 -37.55 -56.61
H11 PCW BA . -16.77 -37.50 -57.96
H12 PCW BA . -16.10 -37.62 -59.36
H2 PCW BA . -17.11 -39.86 -58.01
H31 PCW BA . -18.67 -38.64 -59.96
H32 PCW BA . -18.90 -38.36 -58.43
H41 PCW BA . -16.43 -35.78 -55.29
H42 PCW BA . -14.93 -35.39 -55.08
H51 PCW BA . -15.40 -33.74 -56.87
H52 PCW BA . -15.55 -33.37 -55.36
H61 PCW BA . -18.25 -31.79 -56.94
H62 PCW BA . -16.72 -31.85 -57.34
H63 PCW BA . -17.13 -31.52 -55.84
H71 PCW BA . -18.72 -33.94 -57.71
H72 PCW BA . -17.85 -35.19 -57.29
H73 PCW BA . -17.24 -34.10 -58.26
H81 PCW BA . -19.05 -33.28 -55.28
H82 PCW BA . -17.77 -33.45 -54.36
H83 PCW BA . -18.37 -34.71 -55.10
H121 PCW BA . -19.92 -42.64 -57.47
H122 PCW BA . -20.58 -42.15 -58.78
H131 PCW BA . -22.39 -41.23 -57.63
H132 PCW BA . -21.70 -41.48 -56.25
H141 PCW BA . -21.98 -43.80 -56.52
H142 PCW BA . -22.55 -43.60 -57.95
H151 PCW BA . -24.48 -42.65 -57.12
H152 PCW BA . -23.88 -42.51 -55.70
H161 PCW BA . -23.85 -45.00 -55.70
H162 PCW BA . -24.84 -44.88 -56.90
H171 PCW BA . -25.50 -43.52 -54.52
H172 PCW BA . -25.73 -45.06 -54.55
H181 PCW BA . -26.89 -43.45 -56.55
H182 PCW BA . -27.61 -43.56 -55.19
H19 PCW BA . -28.30 -45.16 -56.98
H20 PCW BA . -26.94 -46.71 -55.17
H211 PCW BA . -27.63 -48.29 -56.97
H212 PCW BA . -28.96 -47.50 -56.95
H221 PCW BA . -29.33 -48.14 -54.70
H222 PCW BA . -28.02 -48.96 -54.72
H231 PCW BA . -29.55 -50.57 -55.11
H232 PCW BA . -29.02 -50.27 -56.54
H241 PCW BA . -30.97 -48.60 -56.49
H242 PCW BA . -31.54 -49.68 -55.53
H251 PCW BA . -30.82 -50.21 -58.21
H252 PCW BA . -32.28 -50.10 -57.71
H261 PCW BA . -31.90 -52.05 -56.36
H262 PCW BA . -30.50 -52.19 -57.02
H321 PCW BA . -16.32 -42.05 -61.82
H322 PCW BA . -17.47 -41.02 -61.93
H331 PCW BA . -18.91 -42.76 -60.94
H332 PCW BA . -17.75 -43.76 -61.21
H341 PCW BA . -18.07 -43.76 -63.41
H342 PCW BA . -18.62 -42.32 -63.44
H351 PCW BA . -20.67 -43.09 -62.50
H352 PCW BA . -20.11 -44.53 -62.51
H361 PCW BA . -20.13 -44.61 -64.83
H362 PCW BA . -20.45 -43.09 -64.93
H371 PCW BA . -22.61 -43.50 -64.02
H372 PCW BA . -22.27 -45.01 -63.88
C1 PCW CA . -18.41 -43.42 -53.22
C2 PCW CA . -19.11 -44.59 -52.55
C3 PCW CA . -20.40 -45.03 -53.19
C4 PCW CA . -18.41 -38.61 -52.01
C5 PCW CA . -18.98 -38.03 -50.73
C6 PCW CA . -19.18 -39.92 -49.14
C7 PCW CA . -17.05 -38.80 -49.46
C8 PCW CA . -18.83 -37.69 -48.28
C11 PCW CA . -22.02 -46.74 -53.04
C12 PCW CA . -22.43 -47.94 -52.23
C13 PCW CA . -23.91 -48.29 -52.37
C14 PCW CA . -24.35 -49.35 -51.39
C15 PCW CA . -25.87 -49.56 -51.40
C16 PCW CA . -26.65 -48.37 -50.86
C17 PCW CA . -28.13 -48.68 -50.68
C18 PCW CA . -28.94 -47.45 -50.25
C19 PCW CA . -30.42 -47.69 -50.35
C20 PCW CA . -31.21 -47.47 -51.39
C21 PCW CA . -30.85 -46.91 -52.72
C22 PCW CA . -31.40 -45.51 -52.93
C31 PCW CA . -17.75 -46.13 -51.32
C32 PCW CA . -16.99 -47.42 -51.48
C33 PCW CA . -17.57 -48.57 -50.68
C34 PCW CA . -17.47 -48.36 -49.17
C35 PCW CA . -18.09 -49.49 -48.36
C36 PCW CA . -19.55 -49.78 -48.73
C37 PCW CA . -20.25 -50.73 -47.76
C38 PCW CA . -21.34 -51.55 -48.45
C39 PCW CA . -22.53 -51.80 -47.57
C40 PCW CA . -23.39 -52.80 -47.66
C41 PCW CA . -24.59 -53.07 -46.81
C42 PCW CA . -25.89 -52.93 -47.59
C43 PCW CA . -27.13 -53.32 -46.81
C44 PCW CA . -28.41 -53.22 -47.62
C45 PCW CA . -28.48 -54.22 -48.77
N PCW CA . -18.52 -38.61 -49.41
O2 PCW CA . -18.24 -45.73 -52.49
O3 PCW CA . -20.85 -46.26 -52.61
O11 PCW CA . -22.64 -46.26 -53.94
O31 PCW CA . -17.89 -45.53 -50.29
O1P PCW CA . -17.74 -40.81 -54.38
O2P PCW CA . -16.25 -40.63 -52.27
O3P PCW CA . -18.11 -42.36 -52.35
O4P PCW CA . -18.70 -39.98 -52.14
P PCW CA . -17.57 -40.91 -52.90
H11 PCW CA . -18.99 -43.07 -53.91
H12 PCW CA . -17.61 -43.75 -53.66
H2 PCW CA . -19.36 -44.30 -51.66
H31 PCW CA . -20.26 -45.14 -54.14
H32 PCW CA . -21.07 -44.35 -53.08
H41 PCW CA . -17.46 -38.42 -52.07
H42 PCW CA . -18.83 -38.11 -52.72
H51 PCW CA . -19.94 -38.14 -50.76
H52 PCW CA . -18.80 -37.07 -50.68
H61 PCW CA . -18.88 -40.26 -48.28
H62 PCW CA . -18.92 -40.55 -49.83
H63 PCW CA . -20.14 -39.82 -49.14
H71 PCW CA . -16.72 -38.93 -48.56
H72 PCW CA . -16.64 -38.01 -49.84
H73 PCW CA . -16.84 -39.57 -50.00
H81 PCW CA . -18.61 -38.11 -47.44
H82 PCW CA . -19.78 -37.47 -48.31
H83 PCW CA . -18.32 -36.87 -48.39
H121 PCW CA . -22.22 -47.78 -51.30
H122 PCW CA . -21.89 -48.69 -52.51
H131 PCW CA . -24.09 -48.60 -53.28
H132 PCW CA . -24.45 -47.48 -52.25
H141 PCW CA . -24.07 -49.11 -50.49
H142 PCW CA . -23.90 -50.19 -51.59
H151 PCW CA . -26.08 -50.35 -50.87
H152 PCW CA . -26.15 -49.76 -52.29
H161 PCW CA . -26.55 -47.62 -51.46
H162 PCW CA . -26.27 -48.09 -50.01
H171 PCW CA . -28.24 -49.37 -50.01
H172 PCW CA . -28.49 -49.04 -51.50
H181 PCW CA . -28.71 -46.71 -50.84
H182 PCW CA . -28.68 -47.19 -49.36
H19 PCW CA . -30.80 -48.05 -49.57
H20 PCW CA . -32.12 -47.68 -51.29
H211 PCW CA . -31.15 -47.50 -53.44
H212 PCW CA . -29.88 -46.87 -52.79
H321 PCW CA . -16.07 -47.25 -51.20
H322 PCW CA . -16.95 -47.64 -52.42
H331 PCW CA . -17.11 -49.39 -50.91
H332 PCW CA . -18.50 -48.70 -50.92
H341 PCW CA . -17.91 -47.53 -48.93
H342 PCW CA . -16.54 -48.24 -48.91
H351 PCW CA . -18.03 -49.29 -47.42
H352 PCW CA . -17.57 -50.30 -48.49
H361 PCW CA . -19.58 -50.15 -49.62
H362 PCW CA . -20.04 -48.94 -48.76
H371 PCW CA . -20.62 -50.23 -47.03
H372 PCW CA . -19.59 -51.33 -47.37
H381 PCW CA . -20.96 -52.38 -48.76
H382 PCW CA . -21.62 -51.07 -49.24
H39 PCW CA . -22.66 -51.17 -46.90
H40 PCW CA . -23.25 -53.42 -48.34
H411 PCW CA . -24.60 -52.44 -46.07
H412 PCW CA . -24.55 -53.95 -46.41
H421 PCW CA . -25.82 -53.47 -48.40
H422 PCW CA . -25.98 -52.00 -47.89
H431 PCW CA . -27.21 -52.76 -46.02
H432 PCW CA . -27.03 -54.23 -46.48
H441 PCW CA . -28.48 -52.32 -47.98
H442 PCW CA . -29.17 -53.34 -47.04
C1 PCW DA . -30.50 -73.76 -54.78
C2 PCW DA . -29.51 -72.66 -55.14
C3 PCW DA . -29.19 -72.53 -56.61
C4 PCW DA . -30.65 -78.04 -55.51
C5 PCW DA . -31.24 -79.36 -55.95
C6 PCW DA . -31.59 -81.16 -57.61
C7 PCW DA . -31.44 -78.85 -58.32
C8 PCW DA . -29.46 -80.01 -57.56
C11 PCW DA . -27.80 -73.54 -58.21
C12 PCW DA . -26.88 -72.38 -58.48
C13 PCW DA . -25.71 -72.28 -57.52
C14 PCW DA . -26.07 -71.58 -56.21
C15 PCW DA . -24.84 -71.16 -55.42
C16 PCW DA . -25.03 -69.90 -54.59
C17 PCW DA . -23.98 -68.84 -54.91
C18 PCW DA . -24.29 -67.47 -54.30
C19 PCW DA . -23.16 -66.52 -54.50
C20 PCW DA . -22.97 -65.33 -53.92
C21 PCW DA . -23.86 -64.64 -52.92
C22 PCW DA . -24.95 -63.81 -53.61
C23 PCW DA . -24.45 -63.03 -54.82
C24 PCW DA . -25.46 -62.00 -55.33
C25 PCW DA . -25.54 -60.74 -54.48
C26 PCW DA . -26.16 -59.56 -55.21
C27 PCW DA . -26.02 -58.25 -54.45
C28 PCW DA . -26.40 -57.04 -55.30
C31 PCW DA . -29.04 -70.48 -54.33
C32 PCW DA . -29.60 -69.08 -54.42
C33 PCW DA . -28.70 -68.03 -53.78
C34 PCW DA . -29.30 -66.64 -53.87
C35 PCW DA . -28.34 -65.55 -53.38
C36 PCW DA . -28.23 -65.46 -51.86
C37 PCW DA . -28.89 -64.21 -51.28
C38 PCW DA . -28.16 -62.90 -51.62
C39 PCW DA . -28.67 -61.75 -50.82
C40 PCW DA . -29.08 -60.56 -51.28
C41 PCW DA . -29.58 -59.40 -50.48
N PCW DA . -30.92 -79.85 -57.34
O2 PCW DA . -29.95 -71.39 -54.68
O3 PCW DA . -28.24 -73.54 -56.97
O11 PCW DA . -28.10 -74.39 -59.03
O31 PCW DA . -27.92 -70.76 -53.98
O1P PCW DA . -29.13 -76.22 -57.26
O2P PCW DA . -31.28 -74.75 -57.37
O3P PCW DA . -30.07 -75.04 -55.15
O4P PCW DA . -31.31 -76.94 -56.08
P PCW DA . -30.39 -75.69 -56.61
H11 PCW DA . -31.33 -73.57 -55.25
H12 PCW DA . -30.70 -73.70 -53.84
H2 PCW DA . -28.67 -72.90 -54.73
H31 PCW DA . -28.84 -71.65 -56.78
H32 PCW DA . -30.00 -72.63 -57.12
H41 PCW DA . -29.69 -78.04 -55.67
H42 PCW DA . -30.75 -78.03 -54.54
H51 PCW DA . -32.21 -79.26 -55.92
H52 PCW DA . -30.99 -80.08 -55.34
H61 PCW DA . -31.45 -81.40 -58.54
H62 PCW DA . -32.54 -81.06 -57.45
H63 PCW DA . -31.24 -81.83 -57.02
H71 PCW DA . -31.32 -79.18 -59.22
H72 PCW DA . -30.95 -78.01 -58.22
H73 PCW DA . -32.39 -78.69 -58.15
H81 PCW DA . -29.30 -80.43 -58.42
H82 PCW DA . -29.10 -80.54 -56.85
H83 PCW DA . -29.05 -79.12 -57.55
H121 PCW DA . -27.40 -71.57 -58.45
H122 PCW DA . -26.56 -72.46 -59.39
H131 PCW DA . -24.98 -71.79 -57.94
H132 PCW DA . -25.37 -73.17 -57.33
H141 PCW DA . -26.61 -72.18 -55.66
H142 PCW DA . -26.63 -70.82 -56.40
H151 PCW DA . -24.10 -71.03 -56.04
H152 PCW DA . -24.57 -71.88 -54.83
H161 PCW DA . -24.99 -70.12 -53.64
H162 PCW DA . -25.91 -69.53 -54.74
H171 PCW DA . -23.90 -68.73 -55.87
H172 PCW DA . -23.11 -69.15 -54.61
H181 PCW DA . -24.47 -67.58 -53.36
H182 PCW DA . -25.11 -67.13 -54.70
H19 PCW DA . -22.52 -66.80 -55.10
H20 PCW DA . -22.22 -64.85 -54.15
H211 PCW DA . -23.35 -64.08 -52.33
H212 PCW DA . -24.29 -65.31 -52.37
H221 PCW DA . -25.32 -63.18 -52.96
H222 PCW DA . -25.67 -64.38 -53.88
H231 PCW DA . -24.24 -63.65 -55.53
H232 PCW DA . -23.62 -62.58 -54.60
H241 PCW DA . -26.33 -62.43 -55.37
H242 PCW DA . -25.23 -61.76 -56.25
H251 PCW DA . -24.65 -60.51 -54.17
H252 PCW DA . -26.06 -60.93 -53.68
H261 PCW DA . -27.09 -59.74 -55.38
H262 PCW DA . -25.74 -59.47 -56.08
H271 PCW DA . -25.11 -58.15 -54.13
H272 PCW DA . -26.58 -58.27 -53.67
H281 PCW DA . -26.31 -56.21 -54.81
H282 PCW DA . -27.30 -57.11 -55.63
H283 PCW DA . -25.82 -56.97 -56.09
H321 PCW DA . -30.47 -69.09 -53.98
H322 PCW DA . -29.76 -68.88 -55.35
H331 PCW DA . -27.83 -68.04 -54.22
H332 PCW DA . -28.53 -68.26 -52.85
H341 PCW DA . -30.11 -66.59 -53.33
H342 PCW DA . -29.57 -66.45 -54.77
H351 PCW DA . -28.62 -64.69 -53.73
H352 PCW DA . -27.47 -65.72 -53.75
H361 PCW DA . -27.29 -65.47 -51.60
H362 PCW DA . -28.62 -66.25 -51.46
H371 PCW DA . -28.95 -64.30 -50.31
H372 PCW DA . -29.80 -64.16 -51.60
H381 PCW DA . -28.24 -62.74 -52.57
H382 PCW DA . -27.21 -63.03 -51.43
H39 PCW DA . -28.70 -61.89 -49.90
H40 PCW DA . -29.04 -60.42 -52.19
C1 PCW EA . -33.92 -54.54 -72.09
C2 PCW EA . -32.55 -53.88 -71.95
C3 PCW EA . -32.54 -52.57 -71.21
C4 PCW EA . -35.68 -56.84 -75.37
C5 PCW EA . -36.83 -56.08 -74.74
C6 PCW EA . -39.08 -55.06 -74.84
C7 PCW EA . -37.45 -54.55 -76.54
C8 PCW EA . -38.49 -56.73 -76.48
C11 PCW EA . -32.45 -51.70 -69.04
C12 PCW EA . -32.15 -52.02 -67.60
C13 PCW EA . -32.23 -50.83 -66.68
C14 PCW EA . -31.96 -51.19 -65.22
C15 PCW EA . -32.05 -49.99 -64.29
C31 PCW EA . -30.38 -54.84 -71.76
C32 PCW EA . -29.80 -56.20 -71.50
C33 PCW EA . -28.30 -56.17 -71.27
C34 PCW EA . -27.91 -55.29 -70.10
C35 PCW EA . -28.65 -55.64 -68.80
C36 PCW EA . -28.04 -55.01 -67.56
C37 PCW EA . -28.18 -53.49 -67.55
C38 PCW EA . -27.59 -52.86 -66.29
C39 PCW EA . -27.92 -51.39 -66.21
C40 PCW EA . -27.88 -50.61 -65.13
C41 PCW EA . -27.52 -50.98 -63.73
C42 PCW EA . -26.19 -50.38 -63.29
C43 PCW EA . -26.05 -48.90 -63.65
C44 PCW EA . -24.92 -48.21 -62.91
C45 PCW EA . -25.22 -47.97 -61.44
C46 PCW EA . -24.24 -47.03 -60.76
C47 PCW EA . -24.31 -45.59 -61.27
C48 PCW EA . -23.52 -44.62 -60.40
N PCW EA . -37.96 -55.63 -75.64
O2 PCW EA . -31.64 -54.77 -71.32
O3 PCW EA . -32.36 -52.77 -69.82
O11 PCW EA . -32.74 -50.60 -69.45
O31 PCW EA . -29.81 -53.93 -72.30
O1P PCW EA . -32.19 -55.94 -74.02
O2P PCW EA . -33.68 -54.86 -75.87
O3P PCW EA . -34.36 -54.67 -73.43
O4P PCW EA . -34.55 -56.85 -74.53
P PCW EA . -33.54 -55.55 -74.53
H11 PCW EA . -34.56 -53.99 -71.62
H12 PCW EA . -33.90 -55.40 -71.64
H2 PCW EA . -32.25 -53.67 -72.85
H31 PCW EA . -33.37 -52.10 -71.39
H32 PCW EA . -31.81 -52.02 -71.56
H41 PCW EA . -35.48 -56.47 -76.26
H42 PCW EA . -36.01 -57.72 -75.51
H51 PCW EA . -36.47 -55.27 -74.35
H52 PCW EA . -37.23 -56.60 -74.03
H61 PCW EA . -39.77 -54.72 -75.44
H62 PCW EA . -38.74 -54.33 -74.30
H63 PCW EA . -39.45 -55.75 -74.26
H71 PCW EA . -38.18 -54.20 -77.06
H72 PCW EA . -36.78 -54.93 -77.15
H73 PCW EA . -37.05 -53.85 -76.02
H81 PCW EA . -39.27 -56.44 -76.97
H82 PCW EA . -38.72 -57.47 -75.90
H83 PCW EA . -37.80 -57.02 -77.10
H121 PCW EA . -31.26 -52.42 -67.56
H122 PCW EA . -32.76 -52.72 -67.32
H131 PCW EA . -33.11 -50.41 -66.74
H132 PCW EA . -31.59 -50.15 -66.95
H141 PCW EA . -31.08 -51.60 -65.14
H142 PCW EA . -32.59 -51.87 -64.94
H321 PCW EA . -30.01 -56.75 -72.26
H322 PCW EA . -30.26 -56.60 -70.74
H331 PCW EA . -27.86 -55.86 -72.07
H332 PCW EA . -27.97 -57.08 -71.11
H341 PCW EA . -28.08 -54.36 -70.31
H342 PCW EA . -26.95 -55.34 -69.95
H351 PCW EA . -28.66 -56.60 -68.70
H352 PCW EA . -29.58 -55.36 -68.88
H361 PCW EA . -27.10 -55.24 -67.50
H362 PCW EA . -28.46 -55.38 -66.77
H371 PCW EA . -29.11 -53.25 -67.63
H372 PCW EA . -27.73 -53.12 -68.33
H381 PCW EA . -26.63 -53.00 -66.26
H382 PCW EA . -27.97 -53.30 -65.51
H39 PCW EA . -28.16 -51.01 -67.02
H40 PCW EA . -28.12 -49.71 -65.24
H411 PCW EA . -27.46 -51.95 -63.66
H412 PCW EA . -28.21 -50.71 -63.10
H421 PCW EA . -25.47 -50.88 -63.72
H422 PCW EA . -26.07 -50.49 -62.34
H431 PCW EA . -26.89 -48.44 -63.47
H432 PCW EA . -25.91 -48.81 -64.61
H441 PCW EA . -24.73 -47.36 -63.34
H442 PCW EA . -24.12 -48.73 -62.99
H451 PCW EA . -25.23 -48.81 -60.97
H452 PCW EA . -26.12 -47.60 -61.35
H461 PCW EA . -23.33 -47.37 -60.88
H462 PCW EA . -24.39 -47.04 -59.80
H471 PCW EA . -25.23 -45.32 -61.32
H472 PCW EA . -23.97 -45.56 -62.18
H481 PCW EA . -23.58 -43.71 -60.75
H482 PCW EA . -22.58 -44.87 -60.36
H483 PCW EA . -23.86 -44.60 -59.49
O12 PT5 FA . -12.01 -58.59 -39.16
P1 PT5 FA . -12.10 -59.61 -40.26
O13 PT5 FA . -13.63 -59.83 -40.65
O11 PT5 FA . -11.33 -59.13 -41.46
O6 PT5 FA . -11.34 -60.06 -37.07
O1 PT5 FA . -11.49 -61.00 -39.72
C1 PT5 FA . -10.29 -60.95 -39.03
C6 PT5 FA . -10.59 -61.15 -37.53
C2 PT5 FA . -9.34 -62.04 -39.58
O2 PT5 FA . -10.00 -63.29 -39.55
C3 PT5 FA . -8.06 -62.15 -38.74
O3 PT5 FA . -7.31 -63.25 -39.21
C4 PT5 FA . -8.33 -62.33 -37.24
O4 PT5 FA . -7.11 -62.22 -36.54
P4 PT5 FA . -6.84 -63.15 -35.20
O41 PT5 FA . -5.44 -62.88 -34.68
O42 PT5 FA . -7.84 -62.80 -34.12
O43 PT5 FA . -6.98 -64.61 -35.57
C5 PT5 FA . -9.31 -61.26 -36.69
O5 PT5 FA . -9.67 -61.60 -35.39
P5 PT5 FA . -10.00 -60.37 -34.31
O52 PT5 FA . -11.36 -60.61 -33.69
O51 PT5 FA . -8.95 -60.35 -33.21
O53 PT5 FA . -9.99 -59.04 -35.03
C7 PT5 FA . -14.45 -60.46 -39.75
C8 PT5 FA . -14.64 -61.89 -40.16
C9 PT5 FA . -14.93 -62.77 -38.90
O16 PT5 FA . -15.75 -61.94 -41.02
C10 PT5 FA . -15.42 -62.22 -42.40
O17 PT5 FA . -15.28 -61.28 -43.20
O18 PT5 FA . -16.29 -63.23 -38.90
C11 PT5 FA . -16.53 -64.43 -39.66
O19 PT5 FA . -15.66 -65.25 -39.77
C12 PT5 FA . -15.25 -63.72 -42.90
C13 PT5 FA . -15.90 -63.90 -44.29
C14 PT5 FA . -17.31 -63.14 -44.30
C15 PT5 FA . -18.22 -63.69 -45.46
C16 PT5 FA . -18.47 -65.01 -45.67
C17 PT5 FA . -19.39 -64.68 -46.92
C18 PT5 FA . -19.33 -65.81 -47.99
C19 PT5 FA . -20.33 -66.20 -48.80
C20 PT5 FA . -20.90 -67.09 -49.93
C21 PT5 FA . -19.88 -67.02 -51.11
C22 PT5 FA . -19.02 -68.04 -51.46
C23 PT5 FA . -18.34 -67.24 -52.60
C24 PT5 FA . -16.88 -66.94 -52.15
C31 PT5 FA . -17.91 -64.65 -40.36
C32 PT5 FA . -18.34 -66.15 -40.37
C33 PT5 FA . -18.86 -66.54 -41.79
C34 PT5 FA . -19.88 -67.73 -41.69
C35 PT5 FA . -19.31 -69.01 -42.38
C36 PT5 FA . -20.47 -70.02 -42.76
C37 PT5 FA . -21.32 -69.48 -43.96
C38 PT5 FA . -22.10 -70.67 -44.64
C39 PT5 FA . -23.61 -70.29 -44.89
C40 PT5 FA . -23.73 -69.14 -45.94
H20 PT5 FA . -14.18 -63.97 -42.94
H21 PT5 FA . -15.75 -64.39 -42.19
H22 PT5 FA . -15.25 -63.46 -45.05
H23 PT5 FA . -16.04 -64.95 -44.51
H24 PT5 FA . -17.82 -63.31 -43.35
H25 PT5 FA . -17.16 -62.07 -44.44
H26 PT5 FA . -18.55 -62.81 -45.97
H28 PT5 FA . -18.90 -65.88 -46.14
H30 PT5 FA . -20.41 -64.53 -46.58
H31 PT5 FA . -19.04 -63.80 -47.46
H32 PT5 FA . -18.33 -66.23 -48.01
H33 PT5 FA . -19.60 -66.89 -49.19
H34 PT5 FA . -21.00 -68.11 -49.59
H35 PT5 FA . -21.87 -66.70 -50.27
H36 PT5 FA . -19.99 -66.01 -51.50
H38 PT5 FA . -18.25 -68.56 -52.01
H40 PT5 FA . -18.31 -67.87 -53.49
H41 PT5 FA . -18.82 -66.29 -52.87
H42 PT5 FA . -16.04 -67.13 -52.84
H45 PT5 FA . -18.66 -64.07 -39.83
H46 PT5 FA . -17.86 -64.28 -41.38
H47 PT5 FA . -19.14 -66.29 -39.64
H48 PT5 FA . -17.50 -66.77 -40.10
H49 PT5 FA . -18.02 -66.83 -42.42
H50 PT5 FA . -19.35 -65.69 -42.23
H51 PT5 FA . -20.81 -67.43 -42.17
H52 PT5 FA . -20.09 -67.95 -40.64
H53 PT5 FA . -18.78 -68.74 -43.28
H54 PT5 FA . -18.63 -69.51 -41.70
H55 PT5 FA . -21.12 -70.18 -41.90
H56 PT5 FA . -20.02 -70.96 -43.04
H57 PT5 FA . -20.66 -69.02 -44.70
H58 PT5 FA . -22.03 -68.75 -43.61
H59 PT5 FA . -21.63 -70.92 -45.59
H60 PT5 FA . -22.06 -71.54 -43.98
H61 PT5 FA . -24.14 -71.15 -45.25
C25 PT5 FA . -16.63 -66.42 -50.86
H62 PT5 FA . -24.06 -69.96 -43.96
C26 PT5 FA . -15.18 -66.11 -50.38
H63 PT5 FA . -22.77 -68.63 -46.05
C27 PT5 FA . -15.23 -65.20 -49.08
H64 PT5 FA . -24.49 -68.43 -45.61
C28 PT5 FA . -13.76 -64.85 -48.63
C41 PT5 FA . -24.18 -69.74 -47.35
C42 PT5 FA . -24.63 -68.56 -48.28
C43 PT5 FA . -25.74 -69.08 -49.30
C44 PT5 FA . -25.96 -68.01 -50.44
H27 PT5 FA . -17.48 -66.23 -50.16
H29 PT5 FA . -14.68 -67.04 -50.15
H37 PT5 FA . -14.64 -65.60 -51.16
H39 PT5 FA . -15.78 -64.27 -49.29
H43 PT5 FA . -15.73 -65.75 -48.26
H44 PT5 FA . -13.60 -63.78 -48.70
H65 PT5 FA . -13.61 -65.18 -47.60
H71 PT5 FA . -25.00 -70.43 -47.22
H72 PT5 FA . -23.34 -70.26 -47.81
H73 PT5 FA . -23.77 -68.20 -48.82
H74 PT5 FA . -25.04 -67.77 -47.66
H75 PT5 FA . -25.43 -70.01 -49.75
H76 PT5 FA . -26.67 -69.23 -48.77
H77 PT5 FA . -26.47 -67.15 -50.03
H78 PT5 FA . -25.01 -67.72 -50.86
ZN ZN GA . 2.46 -36.39 -23.88
C1 I3P HA . 50.91 -23.71 43.01
C2 I3P HA . 51.50 -22.77 41.97
C3 I3P HA . 52.17 -21.58 42.63
C4 I3P HA . 51.16 -20.68 43.37
C5 I3P HA . 50.00 -21.52 43.90
C6 I3P HA . 50.42 -22.95 44.25
O1 I3P HA . 51.89 -24.67 43.35
O2 I3P HA . 52.42 -23.49 41.17
O3 I3P HA . 53.14 -22.02 43.55
O4 I3P HA . 50.68 -19.70 42.49
O5 I3P HA . 49.46 -20.89 45.02
O6 I3P HA . 49.34 -23.60 44.87
P1 I3P HA . 51.40 -26.25 43.67
O11 I3P HA . 52.67 -27.03 43.99
O12 I3P HA . 50.43 -26.05 44.82
O13 I3P HA . 50.73 -26.70 42.35
P4 I3P HA . 51.25 -18.10 42.47
O41 I3P HA . 51.60 -17.85 43.93
O42 I3P HA . 50.06 -17.26 42.00
O43 I3P HA . 52.44 -18.08 41.51
P5 I3P HA . 47.89 -20.27 45.11
O51 I3P HA . 47.98 -19.02 46.00
O52 I3P HA . 47.46 -19.96 43.67
O53 I3P HA . 47.13 -21.40 45.77
H1 I3P HA . 50.14 -24.13 42.60
H2 I3P HA . 50.76 -22.45 41.43
H3 I3P HA . 52.58 -21.05 41.93
H4 I3P HA . 51.62 -20.26 44.11
H5 I3P HA . 49.33 -21.57 43.20
H6 I3P HA . 51.17 -22.89 44.87
HO2 I3P HA . 52.55 -24.23 41.56
HO3 I3P HA . 53.43 -22.78 43.28
HO6 I3P HA . 49.51 -24.43 44.97
CA CA IA . 25.60 -42.81 -3.01
PG ATP JA . 10.59 -48.58 -33.72
O1G ATP JA . 10.75 -47.35 -34.56
O2G ATP JA . 11.64 -48.72 -32.62
O3G ATP JA . 10.56 -49.88 -34.55
PB ATP JA . 7.88 -49.47 -32.77
O1B ATP JA . 7.19 -49.72 -34.07
O2B ATP JA . 8.30 -50.72 -32.01
O3B ATP JA . 9.18 -48.57 -32.96
PA ATP JA . 6.97 -48.25 -30.25
O1A ATP JA . 8.07 -47.33 -29.87
O2A ATP JA . 6.98 -49.58 -29.50
O3A ATP JA . 7.01 -48.58 -31.79
O5' ATP JA . 5.56 -47.57 -30.06
C5' ATP JA . 5.27 -46.28 -30.62
C4' ATP JA . 3.82 -46.23 -31.01
O4' ATP JA . 3.06 -46.51 -29.81
C3' ATP JA . 3.39 -44.81 -31.36
O3' ATP JA . 3.47 -44.72 -32.77
C2' ATP JA . 1.90 -44.86 -31.02
O2' ATP JA . 1.32 -45.76 -31.94
C1' ATP JA . 1.94 -45.65 -29.71
N9 ATP JA . 2.18 -44.77 -28.57
C8 ATP JA . 3.22 -44.86 -27.67
N7 ATP JA . 3.19 -43.94 -26.74
C5 ATP JA . 2.06 -43.19 -27.04
C6 ATP JA . 1.48 -42.05 -26.44
N6 ATP JA . 1.96 -41.46 -25.36
N1 ATP JA . 0.36 -41.55 -27.01
C2 ATP JA . -0.13 -42.15 -28.10
N3 ATP JA . 0.33 -43.21 -28.75
C4 ATP JA . 1.43 -43.69 -28.17
H5'1 ATP JA . 5.81 -46.13 -31.41
H5'2 ATP JA . 5.46 -45.58 -29.97
H4' ATP JA . 3.62 -46.86 -31.72
H3' ATP JA . 3.88 -44.12 -30.88
HO3' ATP JA . 3.27 -43.91 -32.97
H2' ATP JA . 1.47 -43.99 -30.97
HO2' ATP JA . 1.73 -45.65 -32.68
H1' ATP JA . 1.12 -46.15 -29.58
H8 ATP JA . 3.88 -45.51 -27.72
HN61 ATP JA . 2.65 -41.80 -24.94
HN62 ATP JA . 1.61 -40.74 -25.06
H2 ATP JA . -0.91 -41.77 -28.44
C1 PCW KA . -12.57 -67.59 -20.35
C2 PCW KA . -13.75 -68.34 -20.97
C3 PCW KA . -13.83 -68.27 -22.48
C4 PCW KA . -11.27 -63.94 -19.74
C5 PCW KA . -9.96 -63.51 -20.37
C6 PCW KA . -8.53 -62.96 -22.31
C7 PCW KA . -10.19 -64.72 -22.47
C8 PCW KA . -10.88 -62.40 -22.40
C11 PCW KA . -16.11 -67.80 -22.86
C12 PCW KA . -17.40 -68.38 -23.34
C13 PCW KA . -18.03 -67.60 -24.48
C14 PCW KA . -19.44 -68.09 -24.81
C15 PCW KA . -20.01 -67.38 -26.04
C16 PCW KA . -21.51 -67.62 -26.24
C17 PCW KA . -22.13 -66.57 -27.15
C18 PCW KA . -22.05 -66.92 -28.63
C19 PCW KA . -23.11 -67.87 -29.09
C20 PCW KA . -24.31 -68.12 -28.56
C21 PCW KA . -25.35 -69.08 -29.07
C22 PCW KA . -26.74 -68.47 -29.12
C23 PCW KA . -27.79 -69.43 -29.69
C24 PCW KA . -27.74 -69.53 -31.21
C25 PCW KA . -28.08 -70.91 -31.74
C26 PCW KA . -29.48 -71.38 -31.36
C27 PCW KA . -29.88 -72.70 -32.03
C31 PCW KA . -14.93 -70.36 -20.59
C32 PCW KA . -14.77 -71.78 -21.06
C33 PCW KA . -16.01 -72.31 -21.77
C34 PCW KA . -15.73 -73.61 -22.53
C35 PCW KA . -16.61 -73.75 -23.76
C36 PCW KA . -16.34 -75.03 -24.55
C37 PCW KA . -17.06 -75.06 -25.89
C38 PCW KA . -16.85 -76.37 -26.66
N PCW KA . -9.89 -63.39 -21.87
O2 PCW KA . -13.76 -69.71 -20.60
O3 PCW KA . -15.12 -68.68 -22.93
O11 PCW KA . -15.96 -66.67 -22.45
O31 PCW KA . -15.96 -69.86 -20.24
O1P PCW KA . -11.67 -66.00 -17.03
O2P PCW KA . -13.59 -64.96 -18.44
O3P PCW KA . -12.76 -67.28 -18.99
O4P PCW KA . -11.31 -65.33 -19.48
P PCW KA . -12.38 -65.83 -18.34
H11 PCW KA . -12.46 -66.77 -20.85
H12 PCW KA . -11.77 -68.12 -20.50
H2 PCW KA . -14.55 -67.89 -20.66
H31 PCW KA . -13.15 -68.86 -22.84
H32 PCW KA . -13.64 -67.38 -22.78
H41 PCW KA . -12.01 -63.65 -20.29
H42 PCW KA . -11.33 -63.44 -18.92
H51 PCW KA . -9.29 -64.17 -20.13
H52 PCW KA . -9.67 -62.66 -20.00
H61 PCW KA . -8.47 -63.03 -23.28
H62 PCW KA . -7.88 -63.56 -21.91
H63 PCW KA . -8.36 -62.05 -22.03
H71 PCW KA . -10.11 -64.66 -23.42
H72 PCW KA . -11.10 -64.98 -22.23
H73 PCW KA . -9.57 -65.37 -22.11
H81 PCW KA . -10.69 -62.20 -23.33
H82 PCW KA . -10.82 -61.59 -21.87
H83 PCW KA . -11.77 -62.78 -22.33
H121 PCW KA . -18.01 -68.43 -22.58
H122 PCW KA . -17.23 -69.29 -23.61
H131 PCW KA . -17.48 -67.66 -25.27
H132 PCW KA . -18.07 -66.65 -24.24
H141 PCW KA . -20.02 -67.95 -24.06
H142 PCW KA . -19.42 -69.05 -24.97
H151 PCW KA . -19.53 -67.68 -26.83
H152 PCW KA . -19.84 -66.43 -25.96
H161 PCW KA . -21.95 -67.62 -25.38
H162 PCW KA . -21.64 -68.50 -26.61
H171 PCW KA . -21.69 -65.72 -27.00
H172 PCW KA . -23.05 -66.43 -26.89
H181 PCW KA . -21.18 -67.32 -28.80
H182 PCW KA . -22.07 -66.10 -29.16
H19 PCW KA . -22.89 -68.35 -29.85
H20 PCW KA . -24.57 -67.65 -27.81
H211 PCW KA . -25.36 -69.89 -28.53
H212 PCW KA . -25.10 -69.37 -29.97
H221 PCW KA . -26.72 -67.67 -29.66
H222 PCW KA . -27.00 -68.20 -28.23
H231 PCW KA . -28.67 -69.14 -29.42
H232 PCW KA . -27.66 -70.30 -29.31
H241 PCW KA . -26.84 -69.29 -31.52
H242 PCW KA . -28.34 -68.88 -31.60
H251 PCW KA . -27.43 -71.56 -31.41
H252 PCW KA . -27.99 -70.92 -32.71
H261 PCW KA . -30.12 -70.70 -31.60
H262 PCW KA . -29.54 -71.48 -30.40
H321 PCW KA . -14.57 -72.32 -20.28
H322 PCW KA . -13.99 -71.83 -21.63
H331 PCW KA . -16.33 -71.64 -22.39
H332 PCW KA . -16.72 -72.46 -21.12
H341 PCW KA . -15.88 -74.37 -21.93
H342 PCW KA . -14.80 -73.64 -22.78
H351 PCW KA . -16.48 -72.99 -24.34
H352 PCW KA . -17.54 -73.73 -23.50
H361 PCW KA . -16.63 -75.80 -24.02
H362 PCW KA . -15.39 -75.13 -24.68
H371 PCW KA . -16.76 -74.31 -26.44
H372 PCW KA . -18.01 -74.93 -25.74
C1 PCW LA . -20.03 -65.24 -20.00
C2 PCW LA . -21.53 -65.14 -20.26
C3 PCW LA . -22.01 -65.78 -21.53
C4 PCW LA . -16.43 -61.91 -20.80
C5 PCW LA . -16.64 -60.45 -21.16
C6 PCW LA . -18.99 -59.93 -20.57
C7 PCW LA . -17.26 -59.90 -18.88
C8 PCW LA . -17.35 -58.16 -20.55
C11 PCW LA . -24.02 -66.28 -22.65
C12 PCW LA . -25.51 -66.10 -22.59
C13 PCW LA . -26.19 -66.24 -23.95
C14 PCW LA . -27.66 -65.83 -23.91
C15 PCW LA . -28.29 -65.78 -25.30
C16 PCW LA . -27.74 -64.68 -26.19
C17 PCW LA . -28.52 -64.51 -27.48
C18 PCW LA . -27.89 -63.48 -28.43
C19 PCW LA . -28.51 -63.53 -29.79
C20 PCW LA . -28.12 -64.25 -30.84
C21 PCW LA . -26.96 -65.20 -30.91
C22 PCW LA . -25.84 -64.67 -31.80
C31 PCW LA . -22.95 -64.92 -18.35
C32 PCW LA . -23.75 -65.74 -17.38
C33 PCW LA . -25.25 -65.52 -17.49
C34 PCW LA . -25.68 -64.11 -17.10
C35 PCW LA . -27.18 -63.88 -17.25
C36 PCW LA . -27.70 -64.18 -18.65
C37 PCW LA . -29.13 -63.71 -18.89
C38 PCW LA . -29.87 -64.60 -19.90
C39 PCW LA . -30.81 -63.82 -20.77
C40 PCW LA . -31.90 -64.29 -21.39
C41 PCW LA . -32.85 -63.54 -22.26
C42 PCW LA . -32.77 -64.04 -23.71
C43 PCW LA . -33.83 -63.41 -24.62
C44 PCW LA . -33.78 -63.95 -26.04
C45 PCW LA . -34.17 -65.41 -26.15
N PCW LA . -17.57 -59.62 -20.32
O2 PCW LA . -22.25 -65.70 -19.18
O3 PCW LA . -23.43 -65.80 -21.55
O11 PCW LA . -23.42 -66.78 -23.55
O31 PCW LA . -22.91 -63.72 -18.38
O1P PCW LA . -17.10 -65.10 -20.21
O2P PCW LA . -17.39 -63.30 -18.35
O3P PCW LA . -19.39 -64.00 -19.75
O4P PCW LA . -17.63 -62.64 -20.80
P PCW LA . -17.77 -63.86 -19.70
H11 PCW LA . -19.61 -65.62 -20.80
H12 PCW LA . -19.87 -65.86 -19.28
H2 PCW LA . -21.73 -64.19 -20.36
H31 PCW LA . -21.66 -66.67 -21.58
H32 PCW LA . -21.68 -65.28 -22.30
H41 PCW LA . -15.96 -61.97 -19.95
H42 PCW LA . -15.82 -62.25 -21.47
H51 PCW LA . -17.02 -60.45 -22.06
H52 PCW LA . -15.79 -59.99 -21.20
H61 PCW LA . -19.56 -59.37 -20.02
H62 PCW LA . -19.16 -60.86 -20.35
H63 PCW LA . -19.21 -59.78 -21.51
H71 PCW LA . -17.66 -59.21 -18.33
H72 PCW LA . -16.30 -59.91 -18.76
H73 PCW LA . -17.63 -60.76 -18.64
H81 PCW LA . -17.99 -57.64 -20.05
H82 PCW LA . -17.44 -57.99 -21.50
H83 PCW LA . -16.44 -57.93 -20.26
H121 PCW LA . -25.70 -65.22 -22.21
H122 PCW LA . -25.87 -66.75 -21.97
H131 PCW LA . -26.12 -67.16 -24.26
H132 PCW LA . -25.72 -65.70 -24.61
H141 PCW LA . -27.75 -64.96 -23.49
H142 PCW LA . -28.15 -66.45 -23.35
H151 PCW LA . -29.25 -65.67 -25.21
H152 PCW LA . -28.15 -66.63 -25.74
H161 PCW LA . -26.81 -64.86 -26.39
H162 PCW LA . -27.75 -63.83 -25.69
H171 PCW LA . -29.43 -64.25 -27.27
H172 PCW LA . -28.58 -65.36 -27.92
H181 PCW LA . -26.95 -63.66 -28.50
H182 PCW LA . -27.97 -62.59 -28.04
H19 PCW LA . -29.26 -62.97 -29.90
H20 PCW LA . -28.60 -64.17 -31.62
H211 PCW LA . -27.25 -66.07 -31.23
H212 PCW LA . -26.61 -65.34 -30.02
H321 PCW LA . -23.45 -65.51 -16.48
H322 PCW LA . -23.53 -66.67 -17.50
H331 PCW LA . -25.71 -66.16 -16.92
H332 PCW LA . -25.53 -65.70 -18.40
H341 PCW LA . -25.20 -63.46 -17.65
H342 PCW LA . -25.41 -63.93 -16.19
H351 PCW LA . -27.38 -62.95 -17.02
H352 PCW LA . -27.65 -64.43 -16.61
H361 PCW LA . -27.65 -65.14 -18.81
H362 PCW LA . -27.11 -63.77 -19.31
H371 PCW LA . -29.13 -62.79 -19.18
H372 PCW LA . -29.62 -63.73 -18.04
H381 PCW LA . -30.34 -65.30 -19.42
H382 PCW LA . -29.22 -65.03 -20.46
H39 PCW LA . -30.60 -62.92 -20.88
H40 PCW LA . -32.09 -65.19 -21.28
H411 PCW LA . -32.63 -62.60 -22.25
H412 PCW LA . -33.76 -63.61 -21.94
H421 PCW LA . -32.88 -64.99 -23.72
H422 PCW LA . -31.89 -63.85 -24.07
H431 PCW LA . -33.71 -62.44 -24.64
H432 PCW LA . -34.71 -63.57 -24.25
H441 PCW LA . -32.88 -63.83 -26.39
H442 PCW LA . -34.36 -63.41 -26.61
C1 PCW MA . -48.90 -79.69 -25.12
C2 PCW MA . -47.52 -79.58 -24.50
C3 PCW MA . -46.68 -80.84 -24.57
C4 PCW MA . -52.30 -82.33 -24.47
C5 PCW MA . -53.40 -83.28 -24.85
C6 PCW MA . -54.34 -85.55 -25.16
C7 PCW MA . -52.03 -85.09 -25.69
C8 PCW MA . -52.74 -85.18 -23.38
C11 PCW MA . -46.44 -82.87 -23.38
C12 PCW MA . -45.06 -82.64 -22.83
C13 PCW MA . -45.03 -81.88 -21.52
C14 PCW MA . -45.10 -80.36 -21.73
C15 PCW MA . -44.70 -79.59 -20.47
C16 PCW MA . -44.04 -78.25 -20.74
C17 PCW MA . -42.68 -78.14 -20.04
C18 PCW MA . -41.86 -76.94 -20.52
C19 PCW MA . -40.62 -76.77 -19.69
C20 PCW MA . -39.80 -75.72 -19.65
C21 PCW MA . -39.90 -74.43 -20.42
C22 PCW MA . -39.23 -74.53 -21.79
C23 PCW MA . -37.90 -75.27 -21.77
C24 PCW MA . -37.12 -75.14 -23.06
C25 PCW MA . -36.43 -73.79 -23.22
C26 PCW MA . -35.29 -73.81 -24.23
C27 PCW MA . -34.44 -72.54 -24.22
C28 PCW MA . -33.17 -72.68 -25.04
C31 PCW MA . -45.85 -77.89 -24.35
C32 PCW MA . -44.79 -77.25 -25.21
C33 PCW MA . -43.90 -76.30 -24.44
C34 PCW MA . -42.85 -75.64 -25.34
C35 PCW MA . -41.84 -74.80 -24.56
C36 PCW MA . -42.37 -73.44 -24.13
C37 PCW MA . -41.75 -72.28 -24.90
C38 PCW MA . -40.28 -72.04 -24.58
C39 PCW MA . -39.78 -70.74 -25.13
C40 PCW MA . -38.70 -70.54 -25.89
C41 PCW MA . -38.20 -69.24 -26.44
N PCW MA . -53.14 -84.76 -24.76
O2 PCW MA . -46.74 -78.54 -25.09
O3 PCW MA . -47.10 -81.73 -23.52
O11 PCW MA . -46.91 -83.94 -23.66
O31 PCW MA . -45.90 -77.83 -23.15
O1P PCW MA . -49.54 -83.16 -23.84
O2P PCW MA . -48.88 -82.34 -26.22
O3P PCW MA . -49.71 -80.66 -24.50
O4P PCW MA . -51.32 -82.24 -25.47
P PCW MA . -49.74 -82.22 -24.99
H11 PCW MA . -48.79 -79.93 -26.05
H12 PCW MA . -49.31 -78.81 -25.10
H2 PCW MA . -47.65 -79.42 -23.56
H31 PCW MA . -45.75 -80.61 -24.47
H32 PCW MA . -46.79 -81.27 -25.43
H41 PCW MA . -51.93 -82.56 -23.61
H42 PCW MA . -52.73 -81.46 -24.35
H51 PCW MA . -53.64 -83.10 -25.78
H52 PCW MA . -54.20 -83.11 -24.32
H61 PCW MA . -54.12 -86.50 -25.18
H62 PCW MA . -54.61 -85.27 -26.05
H63 PCW MA . -55.06 -85.39 -24.54
H71 PCW MA . -51.88 -86.05 -25.70
H72 PCW MA . -51.21 -84.65 -25.39
H73 PCW MA . -52.25 -84.78 -26.59
H81 PCW MA . -52.68 -86.14 -23.33
H82 PCW MA . -53.40 -84.84 -22.76
H83 PCW MA . -51.87 -84.79 -23.18
H121 PCW MA . -44.53 -82.19 -23.50
H122 PCW MA . -44.65 -83.52 -22.72
H131 PCW MA . -44.22 -82.08 -21.04
H132 PCW MA . -45.77 -82.16 -20.97
H141 PCW MA . -46.00 -80.11 -21.98
H142 PCW MA . -44.54 -80.11 -22.47
H151 PCW MA . -44.11 -80.16 -19.94
H152 PCW MA . -45.49 -79.45 -19.91
H161 PCW MA . -44.62 -77.53 -20.44
H162 PCW MA . -43.93 -78.12 -21.70
H171 PCW MA . -42.16 -78.94 -20.22
H172 PCW MA . -42.82 -78.11 -19.09
H181 PCW MA . -42.40 -76.13 -20.44
H182 PCW MA . -41.65 -77.03 -21.45
H19 PCW MA . -40.41 -77.49 -19.16
H20 PCW MA . -39.07 -75.77 -19.09
H211 PCW MA . -39.53 -73.70 -19.91
H212 PCW MA . -40.85 -74.22 -20.55
H221 PCW MA . -39.09 -73.63 -22.13
H222 PCW MA . -39.82 -74.97 -22.40
H231 PCW MA . -38.06 -76.21 -21.59
H232 PCW MA . -37.35 -74.96 -21.02
H241 PCW MA . -37.72 -75.28 -23.81
H242 PCW MA . -36.45 -75.84 -23.11
H251 PCW MA . -36.09 -73.49 -22.36
H252 PCW MA . -37.09 -73.12 -23.49
H261 PCW MA . -35.66 -73.95 -25.12
H262 PCW MA . -34.72 -74.57 -24.06
H271 PCW MA . -34.23 -72.31 -23.31
H272 PCW MA . -34.98 -71.80 -24.57
H281 PCW MA . -32.65 -71.87 -25.03
H282 PCW MA . -33.37 -72.90 -25.97
H283 PCW MA . -32.61 -73.38 -24.68
H321 PCW MA . -45.24 -76.80 -25.93
H322 PCW MA . -44.27 -77.96 -25.62
H331 PCW MA . -43.45 -76.77 -23.73
H332 PCW MA . -44.44 -75.60 -24.03
H341 PCW MA . -43.29 -75.08 -26.00
H342 PCW MA . -42.38 -76.33 -25.84
H351 PCW MA . -41.04 -74.69 -25.10
H352 PCW MA . -41.56 -75.30 -23.78
H361 PCW MA . -42.20 -73.32 -23.18
H362 PCW MA . -43.34 -73.42 -24.24
H371 PCW MA . -42.25 -71.47 -24.73
H372 PCW MA . -41.84 -72.45 -25.85
H381 PCW MA . -39.74 -72.78 -24.91
H382 PCW MA . -40.17 -72.03 -23.61
H39 PCW MA . -40.30 -70.00 -24.92
H40 PCW MA . -38.18 -71.28 -26.09
C1 PCW NA . -26.17 -85.45 -36.56
C2 PCW NA . -25.25 -85.15 -35.38
C3 PCW NA . -24.44 -83.89 -35.48
C4 PCW NA . -27.26 -89.22 -38.47
C5 PCW NA . -27.23 -88.21 -39.58
C6 PCW NA . -27.00 -87.58 -41.96
C7 PCW NA . -25.35 -89.00 -40.92
C8 PCW NA . -27.56 -89.87 -41.41
C11 PCW NA . -24.59 -81.58 -35.10
C12 PCW NA . -25.39 -80.50 -34.41
C13 PCW NA . -24.79 -79.12 -34.54
C14 PCW NA . -25.64 -78.04 -33.87
C15 PCW NA . -25.04 -76.66 -34.01
C31 PCW NA . -25.51 -85.65 -33.06
C32 PCW NA . -26.61 -86.13 -32.15
C33 PCW NA . -26.23 -86.06 -30.68
C34 PCW NA . -25.84 -84.66 -30.23
C35 PCW NA . -26.92 -83.63 -30.56
C36 PCW NA . -26.72 -82.29 -29.84
C37 PCW NA . -25.47 -81.55 -30.31
C38 PCW NA . -25.29 -80.21 -29.61
C39 PCW NA . -24.18 -79.41 -30.22
C40 PCW NA . -23.95 -78.11 -30.12
C41 PCW NA . -24.76 -77.08 -29.37
C42 PCW NA . -24.02 -76.56 -28.14
C43 PCW NA . -22.57 -76.19 -28.42
C44 PCW NA . -21.95 -75.33 -27.33
C45 PCW NA . -22.47 -73.89 -27.34
C46 PCW NA . -21.65 -72.96 -26.45
C47 PCW NA . -20.24 -72.72 -26.95
C48 PCW NA . -19.54 -71.57 -26.22
N PCW NA . -26.81 -88.67 -40.96
O2 PCW NA . -26.01 -85.10 -34.17
O3 PCW NA . -25.16 -82.77 -34.95
O11 PCW NA . -23.58 -81.40 -35.70
O31 PCW NA . -24.32 -85.76 -32.85
O1P PCW NA . -26.03 -87.98 -35.05
O2P PCW NA . -24.77 -88.93 -37.12
O3P PCW NA . -25.85 -86.64 -37.25
O4P PCW NA . -27.30 -88.62 -37.20
P PCW NA . -25.88 -88.10 -36.53
H11 PCW NA . -26.09 -84.71 -37.18
H12 PCW NA . -27.09 -85.46 -36.24
H2 PCW NA . -24.60 -85.87 -35.35
H31 PCW NA . -24.22 -83.73 -36.41
H32 PCW NA . -23.60 -84.00 -35.00
H41 PCW NA . -26.53 -89.84 -38.56
H42 PCW NA . -28.07 -89.74 -38.62
H51 PCW NA . -26.61 -87.52 -39.33
H52 PCW NA . -28.10 -87.79 -39.69
H61 PCW NA . -26.67 -87.88 -42.82
H62 PCW NA . -26.51 -86.80 -41.67
H63 PCW NA . -27.95 -87.36 -42.04
H71 PCW NA . -25.05 -89.22 -41.81
H72 PCW NA . -25.22 -89.77 -40.34
H73 PCW NA . -24.86 -88.25 -40.58
H81 PCW NA . -27.33 -90.09 -42.33
H82 PCW NA . -28.51 -89.69 -41.33
H83 PCW NA . -27.33 -90.61 -40.83
H121 PCW NA . -25.49 -80.76 -33.47
H122 PCW NA . -26.29 -80.53 -34.78
H131 PCW NA . -24.67 -78.89 -35.48
H132 PCW NA . -23.90 -79.11 -34.14
H141 PCW NA . -25.76 -78.26 -32.93
H142 PCW NA . -26.54 -78.05 -34.26
H321 PCW NA . -26.82 -87.03 -32.40
H322 PCW NA . -27.39 -85.61 -32.33
H331 PCW NA . -25.48 -86.66 -30.51
H332 PCW NA . -26.96 -86.38 -30.13
H341 PCW NA . -25.02 -84.39 -30.66
H342 PCW NA . -25.67 -84.65 -29.29
H351 PCW NA . -27.79 -83.99 -30.35
H352 PCW NA . -26.93 -83.46 -31.53
H361 PCW NA . -26.67 -82.45 -28.89
H362 PCW NA . -27.50 -81.73 -29.99
H371 PCW NA . -25.51 -81.41 -31.26
H372 PCW NA . -24.70 -82.10 -30.14
H381 PCW NA . -25.14 -80.34 -28.66
H382 PCW NA . -26.12 -79.70 -29.68
H39 PCW NA . -23.58 -79.91 -30.72
H40 PCW NA . -23.21 -77.77 -30.56
H411 PCW NA . -25.60 -77.49 -29.08
H412 PCW NA . -25.00 -76.34 -29.95
H421 PCW NA . -24.05 -77.24 -27.45
H422 PCW NA . -24.49 -75.79 -27.79
H431 PCW NA . -22.51 -75.73 -29.27
H432 PCW NA . -22.04 -77.00 -28.52
H441 PCW NA . -20.99 -75.32 -27.43
H442 PCW NA . -22.13 -75.72 -26.47
H451 PCW NA . -23.39 -73.88 -27.05
H452 PCW NA . -22.46 -73.56 -28.24
H461 PCW NA . -21.62 -73.32 -25.55
H462 PCW NA . -22.11 -72.10 -26.38
H471 PCW NA . -20.26 -72.54 -27.90
H472 PCW NA . -19.72 -73.53 -26.84
H481 PCW NA . -18.63 -71.46 -26.57
H482 PCW NA . -19.48 -71.76 -25.27
H483 PCW NA . -20.01 -70.74 -26.34
#